data_1KAT
#
_entry.id   1KAT
#
loop_
_entity.id
_entity.type
_entity.pdbx_description
1 polymer 'Vascular Endothelial Growth Factor'
2 polymer 'Phage-Derived Peptide Antagonist'
#
loop_
_entity_poly.entity_id
_entity_poly.type
_entity_poly.pdbx_seq_one_letter_code
_entity_poly.pdbx_strand_id
1 'polypeptide(L)'
;HHEVVKFMDVYQRSYCHPIETLVDIFQEYPDEIEYIFKPSCVPLMRCGGCCNDEGLECVPTEESNITMQIMRIKPHQGQH
IGEMSFLQHNKCECRPKKD
;
V,W
2 'polypeptide(L)' GGNECDIARMWEWECFERL X,Y
#
# COMPACT_ATOMS: atom_id res chain seq x y z
N HIS A 1 -19.15 1.30 -11.31
CA HIS A 1 -18.41 2.56 -11.06
C HIS A 1 -19.24 3.53 -10.21
N HIS A 2 -18.55 4.34 -9.41
CA HIS A 2 -19.23 5.31 -8.56
C HIS A 2 -19.48 6.60 -9.35
N GLU A 3 -18.48 7.49 -9.42
CA GLU A 3 -18.59 8.75 -10.17
C GLU A 3 -17.35 9.61 -9.91
N VAL A 4 -17.30 10.79 -10.52
CA VAL A 4 -16.16 11.70 -10.36
C VAL A 4 -15.96 12.08 -8.90
N VAL A 5 -14.79 11.71 -8.35
CA VAL A 5 -14.46 12.03 -6.96
C VAL A 5 -14.16 13.51 -6.80
N LYS A 6 -14.39 14.03 -5.60
CA LYS A 6 -14.15 15.44 -5.31
C LYS A 6 -12.65 15.73 -5.23
N PHE A 7 -12.23 16.82 -5.86
CA PHE A 7 -10.82 17.22 -5.89
C PHE A 7 -10.20 17.33 -4.49
N MET A 8 -10.83 18.11 -3.61
CA MET A 8 -10.35 18.30 -2.25
C MET A 8 -10.17 16.96 -1.50
N ASP A 9 -10.90 15.92 -1.92
CA ASP A 9 -10.82 14.61 -1.28
C ASP A 9 -9.65 13.79 -1.82
N VAL A 10 -9.35 13.95 -3.11
CA VAL A 10 -8.27 13.20 -3.73
C VAL A 10 -6.91 13.63 -3.16
N TYR A 11 -6.77 14.93 -2.89
CA TYR A 11 -5.53 15.47 -2.36
C TYR A 11 -5.38 15.17 -0.86
N GLN A 12 -6.44 15.41 -0.09
CA GLN A 12 -6.42 15.20 1.35
C GLN A 12 -6.17 13.73 1.70
N ARG A 13 -6.66 12.82 0.86
CA ARG A 13 -6.50 11.39 1.11
C ARG A 13 -5.25 10.80 0.44
N SER A 14 -4.69 11.50 -0.56
CA SER A 14 -3.51 11.02 -1.26
C SER A 14 -2.21 11.61 -0.70
N TYR A 15 -2.30 12.79 -0.07
CA TYR A 15 -1.12 13.46 0.49
C TYR A 15 -0.34 12.56 1.47
N CYS A 16 1.00 12.58 1.34
CA CYS A 16 1.92 11.77 2.17
C CYS A 16 1.49 11.69 3.65
N HIS A 17 0.92 10.55 4.04
CA HIS A 17 0.47 10.33 5.41
C HIS A 17 0.55 8.84 5.76
N PRO A 18 0.40 8.45 7.06
CA PRO A 18 0.46 7.05 7.47
C PRO A 18 -0.80 6.28 7.05
N ILE A 19 -0.61 5.27 6.20
CA ILE A 19 -1.72 4.44 5.72
C ILE A 19 -1.39 2.96 5.90
N GLU A 20 -2.44 2.13 6.00
CA GLU A 20 -2.26 0.69 6.17
C GLU A 20 -1.55 0.08 4.97
N THR A 21 -0.38 -0.52 5.22
CA THR A 21 0.41 -1.15 4.16
C THR A 21 0.98 -2.48 4.62
N LEU A 22 0.89 -3.49 3.76
CA LEU A 22 1.40 -4.81 4.07
C LEU A 22 2.86 -4.93 3.65
N VAL A 23 3.71 -5.39 4.58
CA VAL A 23 5.15 -5.53 4.31
C VAL A 23 5.57 -7.00 4.30
N ASP A 24 6.40 -7.36 3.32
CA ASP A 24 6.90 -8.74 3.19
C ASP A 24 7.97 -9.00 4.24
N ILE A 25 7.87 -10.15 4.90
CA ILE A 25 8.86 -10.53 5.93
C ILE A 25 10.23 -10.77 5.29
N PHE A 26 10.23 -11.45 4.15
CA PHE A 26 11.47 -11.74 3.44
C PHE A 26 12.18 -10.45 3.00
N GLN A 27 11.44 -9.35 2.88
CA GLN A 27 12.02 -8.08 2.47
C GLN A 27 12.72 -7.38 3.62
N GLU A 28 12.23 -7.61 4.85
CA GLU A 28 12.81 -6.99 6.04
C GLU A 28 13.89 -7.90 6.64
N TYR A 29 13.60 -9.19 6.71
CA TYR A 29 14.54 -10.17 7.25
C TYR A 29 15.15 -11.00 6.13
N PRO A 30 16.28 -10.55 5.51
CA PRO A 30 16.90 -11.30 4.41
C PRO A 30 17.74 -12.50 4.86
N ASP A 31 17.92 -12.68 6.17
CA ASP A 31 18.72 -13.80 6.69
C ASP A 31 17.88 -15.06 6.92
N GLU A 32 16.59 -14.87 7.20
CA GLU A 32 15.70 -16.01 7.44
C GLU A 32 15.11 -16.54 6.13
N ILE A 33 15.81 -17.51 5.53
CA ILE A 33 15.36 -18.12 4.26
C ILE A 33 14.99 -19.58 4.43
N GLU A 34 15.67 -20.26 5.35
CA GLU A 34 15.43 -21.69 5.60
C GLU A 34 14.12 -21.95 6.37
N TYR A 35 13.54 -20.92 7.00
CA TYR A 35 12.30 -21.09 7.76
C TYR A 35 11.15 -20.31 7.12
N ILE A 36 10.28 -21.01 6.40
CA ILE A 36 9.14 -20.38 5.76
C ILE A 36 8.18 -19.83 6.81
N PHE A 37 7.79 -18.57 6.65
CA PHE A 37 6.88 -17.92 7.59
C PHE A 37 5.43 -17.99 7.14
N LYS A 38 4.52 -18.16 8.11
CA LYS A 38 3.08 -18.23 7.83
C LYS A 38 2.32 -17.30 8.79
N PRO A 39 1.78 -16.13 8.33
CA PRO A 39 1.88 -15.65 6.94
C PRO A 39 3.25 -15.09 6.58
N SER A 40 3.54 -15.01 5.29
CA SER A 40 4.81 -14.51 4.81
C SER A 40 4.90 -12.96 4.85
N CYS A 41 3.79 -12.28 5.15
CA CYS A 41 3.78 -10.82 5.20
C CYS A 41 3.02 -10.34 6.44
N VAL A 42 3.20 -9.08 6.81
CA VAL A 42 2.53 -8.52 7.99
C VAL A 42 2.04 -7.08 7.74
N PRO A 43 0.85 -6.71 8.29
CA PRO A 43 0.30 -5.36 8.11
C PRO A 43 0.98 -4.34 9.03
N LEU A 44 1.55 -3.29 8.43
CA LEU A 44 2.24 -2.24 9.18
C LEU A 44 1.84 -0.87 8.68
N MET A 45 1.74 0.09 9.60
CA MET A 45 1.37 1.46 9.25
C MET A 45 2.57 2.22 8.69
N ARG A 46 2.62 2.37 7.37
CA ARG A 46 3.70 3.07 6.70
C ARG A 46 3.19 4.29 5.95
N CYS A 47 4.10 5.11 5.44
CA CYS A 47 3.73 6.32 4.69
C CYS A 47 3.65 6.00 3.20
N GLY A 48 2.56 6.43 2.56
CA GLY A 48 2.38 6.18 1.13
C GLY A 48 1.67 7.32 0.43
N GLY A 49 1.85 7.40 -0.89
CA GLY A 49 1.22 8.45 -1.68
C GLY A 49 2.22 9.27 -2.47
N CYS A 50 2.06 10.59 -2.44
CA CYS A 50 2.96 11.49 -3.16
C CYS A 50 3.11 12.82 -2.41
N CYS A 51 4.03 13.65 -2.89
CA CYS A 51 4.28 14.95 -2.25
C CYS A 51 3.61 16.09 -3.02
N ASN A 52 3.81 17.31 -2.53
CA ASN A 52 3.22 18.50 -3.15
C ASN A 52 3.95 18.89 -4.43
N ASP A 53 5.27 18.64 -4.46
CA ASP A 53 6.10 18.99 -5.62
C ASP A 53 6.86 17.77 -6.14
N GLU A 54 7.36 17.87 -7.36
CA GLU A 54 8.10 16.78 -7.99
C GLU A 54 9.47 16.59 -7.32
N GLY A 55 10.05 17.70 -6.84
CA GLY A 55 11.35 17.65 -6.20
C GLY A 55 11.32 17.20 -4.74
N LEU A 56 10.16 16.75 -4.24
CA LEU A 56 10.05 16.28 -2.86
C LEU A 56 9.99 14.76 -2.82
N GLU A 57 9.90 14.21 -1.61
CA GLU A 57 9.83 12.77 -1.43
C GLU A 57 9.10 12.42 -0.13
N CYS A 58 8.15 11.49 -0.23
CA CYS A 58 7.38 11.06 0.94
C CYS A 58 8.19 10.08 1.79
N VAL A 59 8.69 10.57 2.93
CA VAL A 59 9.49 9.75 3.84
C VAL A 59 9.02 9.92 5.29
N PRO A 60 9.35 8.96 6.19
CA PRO A 60 8.93 9.05 7.60
C PRO A 60 9.88 9.89 8.44
N THR A 61 9.34 10.48 9.51
CA THR A 61 10.13 11.32 10.42
C THR A 61 10.33 10.61 11.76
N GLU A 62 9.37 9.78 12.16
CA GLU A 62 9.45 9.04 13.42
C GLU A 62 9.24 7.55 13.16
N GLU A 63 9.58 6.70 14.12
CA GLU A 63 9.43 5.25 13.95
C GLU A 63 8.99 4.55 15.24
N SER A 64 8.82 3.22 15.15
CA SER A 64 8.42 2.42 16.29
C SER A 64 8.47 0.93 15.95
N ASN A 65 8.37 0.08 16.97
CA ASN A 65 8.40 -1.38 16.78
C ASN A 65 7.07 -2.03 17.15
N ILE A 66 6.75 -3.14 16.51
CA ILE A 66 5.51 -3.86 16.77
C ILE A 66 5.73 -5.38 16.75
N THR A 67 5.40 -6.04 17.85
CA THR A 67 5.56 -7.49 17.95
C THR A 67 4.38 -8.22 17.32
N MET A 68 4.65 -9.34 16.64
CA MET A 68 3.61 -10.11 16.00
C MET A 68 3.87 -11.61 16.14
N GLN A 69 2.82 -12.41 15.95
CA GLN A 69 2.94 -13.87 16.05
C GLN A 69 3.11 -14.48 14.66
N ILE A 70 4.23 -15.17 14.46
CA ILE A 70 4.51 -15.81 13.16
C ILE A 70 4.83 -17.29 13.32
N MET A 71 4.31 -18.10 12.41
CA MET A 71 4.54 -19.54 12.44
C MET A 71 5.66 -19.95 11.49
N ARG A 72 6.82 -20.28 12.06
CA ARG A 72 7.98 -20.68 11.26
C ARG A 72 7.91 -22.19 10.95
N ILE A 73 7.92 -22.53 9.66
CA ILE A 73 7.84 -23.92 9.23
C ILE A 73 9.03 -24.29 8.33
N LYS A 74 9.65 -25.45 8.62
CA LYS A 74 10.80 -25.92 7.85
C LYS A 74 10.49 -27.23 7.11
N PRO A 75 10.94 -27.39 5.84
CA PRO A 75 10.68 -28.62 5.07
C PRO A 75 11.26 -29.87 5.74
N HIS A 76 10.46 -30.95 5.74
CA HIS A 76 10.85 -32.23 6.34
C HIS A 76 11.06 -32.17 7.87
N GLN A 77 10.70 -31.05 8.51
CA GLN A 77 10.88 -30.91 9.96
C GLN A 77 9.51 -30.66 10.64
N GLY A 78 9.32 -29.56 11.43
CA GLY A 78 8.04 -29.32 12.08
C GLY A 78 7.57 -27.87 11.92
N GLN A 79 6.78 -27.39 12.87
CA GLN A 79 6.27 -26.02 12.85
C GLN A 79 6.38 -25.42 14.24
N HIS A 80 6.31 -24.10 14.35
CA HIS A 80 6.42 -23.43 15.65
C HIS A 80 6.00 -21.95 15.56
N ILE A 81 5.46 -21.44 16.67
CA ILE A 81 5.03 -20.04 16.75
C ILE A 81 6.10 -19.21 17.45
N GLY A 82 6.48 -18.09 16.84
CA GLY A 82 7.49 -17.22 17.41
C GLY A 82 7.07 -15.76 17.42
N GLU A 83 7.77 -14.95 18.23
CA GLU A 83 7.48 -13.54 18.32
C GLU A 83 8.45 -12.73 17.46
N MET A 84 7.90 -11.94 16.54
CA MET A 84 8.73 -11.13 15.64
C MET A 84 8.31 -9.66 15.71
N SER A 85 9.30 -8.78 15.91
CA SER A 85 9.05 -7.35 15.99
C SER A 85 9.44 -6.66 14.69
N PHE A 86 8.54 -5.82 14.18
CA PHE A 86 8.78 -5.09 12.92
C PHE A 86 8.75 -3.59 13.18
N LEU A 87 9.40 -2.83 12.30
CA LEU A 87 9.46 -1.38 12.43
C LEU A 87 8.36 -0.71 11.60
N GLN A 88 7.67 0.27 12.20
CA GLN A 88 6.61 1.00 11.51
C GLN A 88 6.89 2.49 11.49
N HIS A 89 6.09 3.25 10.75
CA HIS A 89 6.23 4.69 10.64
C HIS A 89 5.13 5.40 11.43
N ASN A 90 5.54 6.24 12.38
CA ASN A 90 4.59 6.97 13.21
C ASN A 90 4.22 8.32 12.59
N LYS A 91 5.24 9.03 12.10
CA LYS A 91 5.04 10.34 11.50
C LYS A 91 5.58 10.38 10.07
N CYS A 92 4.92 11.13 9.20
CA CYS A 92 5.34 11.27 7.81
C CYS A 92 5.51 12.73 7.43
N GLU A 93 6.36 13.03 6.44
CA GLU A 93 6.59 14.39 6.01
C GLU A 93 7.33 14.41 4.67
N CYS A 94 7.14 15.48 3.91
CA CYS A 94 7.78 15.63 2.59
C CYS A 94 9.04 16.49 2.68
N ARG A 95 10.09 16.06 1.98
CA ARG A 95 11.36 16.80 1.97
C ARG A 95 12.02 16.70 0.59
N PRO A 96 12.89 17.66 0.20
CA PRO A 96 13.56 17.63 -1.10
C PRO A 96 14.38 16.36 -1.31
N LYS A 97 14.33 15.82 -2.52
CA LYS A 97 15.06 14.60 -2.85
C LYS A 97 16.56 14.82 -2.74
N LYS A 98 17.31 13.73 -2.54
CA LYS A 98 18.77 13.79 -2.43
C LYS A 98 19.42 13.01 -3.57
N ASP A 99 19.30 11.68 -3.53
CA ASP A 99 19.88 10.82 -4.55
C ASP A 99 18.80 10.30 -5.50
N HIS B 1 4.49 0.91 21.45
CA HIS B 1 4.20 -0.46 20.95
C HIS B 1 2.82 -0.94 21.42
N HIS B 2 2.17 -1.76 20.59
CA HIS B 2 0.83 -2.27 20.92
C HIS B 2 0.86 -3.75 21.33
N GLU B 3 1.98 -4.18 21.90
CA GLU B 3 2.13 -5.58 22.35
C GLU B 3 2.11 -6.57 21.18
N VAL B 4 2.12 -7.87 21.52
CA VAL B 4 2.10 -8.94 20.52
C VAL B 4 0.71 -9.06 19.90
N VAL B 5 0.65 -9.04 18.58
CA VAL B 5 -0.62 -9.15 17.86
C VAL B 5 -1.08 -10.61 17.79
N LYS B 6 -2.38 -10.83 17.67
CA LYS B 6 -2.94 -12.17 17.60
C LYS B 6 -2.64 -12.81 16.24
N PHE B 7 -2.23 -14.07 16.27
CA PHE B 7 -1.88 -14.82 15.05
C PHE B 7 -3.01 -14.81 14.01
N MET B 8 -4.19 -15.25 14.42
CA MET B 8 -5.35 -15.31 13.53
C MET B 8 -5.66 -13.96 12.89
N ASP B 9 -5.26 -12.87 13.53
CA ASP B 9 -5.52 -11.53 13.02
C ASP B 9 -4.49 -11.12 11.97
N VAL B 10 -3.25 -11.55 12.16
CA VAL B 10 -2.17 -11.22 11.22
C VAL B 10 -2.40 -11.85 9.86
N TYR B 11 -2.95 -13.07 9.87
CA TYR B 11 -3.21 -13.80 8.63
C TYR B 11 -4.46 -13.25 7.92
N GLN B 12 -5.52 -13.01 8.69
CA GLN B 12 -6.77 -12.50 8.14
C GLN B 12 -6.58 -11.12 7.49
N ARG B 13 -5.80 -10.27 8.14
CA ARG B 13 -5.56 -8.91 7.65
C ARG B 13 -4.45 -8.85 6.60
N SER B 14 -3.59 -9.87 6.54
CA SER B 14 -2.49 -9.88 5.58
C SER B 14 -2.80 -10.68 4.30
N TYR B 15 -3.71 -11.64 4.40
CA TYR B 15 -4.08 -12.49 3.25
C TYR B 15 -4.55 -11.66 2.05
N CYS B 16 -4.04 -12.02 0.85
CA CYS B 16 -4.35 -11.34 -0.43
C CYS B 16 -5.82 -10.90 -0.55
N HIS B 17 -6.05 -9.60 -0.35
CA HIS B 17 -7.40 -9.02 -0.44
C HIS B 17 -7.33 -7.56 -0.88
N PRO B 18 -8.47 -6.92 -1.26
CA PRO B 18 -8.48 -5.53 -1.70
C PRO B 18 -8.27 -4.55 -0.53
N ILE B 19 -7.18 -3.78 -0.61
CA ILE B 19 -6.86 -2.80 0.42
C ILE B 19 -6.56 -1.43 -0.20
N GLU B 20 -6.76 -0.38 0.59
CA GLU B 20 -6.52 0.98 0.12
C GLU B 20 -5.05 1.19 -0.24
N THR B 21 -4.78 1.53 -1.50
CA THR B 21 -3.42 1.76 -1.96
C THR B 21 -3.34 2.95 -2.91
N LEU B 22 -2.34 3.80 -2.71
CA LEU B 22 -2.14 4.98 -3.54
C LEU B 22 -1.29 4.64 -4.76
N VAL B 23 -1.78 5.02 -5.94
CA VAL B 23 -1.06 4.74 -7.19
C VAL B 23 -0.57 6.03 -7.85
N ASP B 24 0.65 5.99 -8.38
CA ASP B 24 1.24 7.16 -9.04
C ASP B 24 0.66 7.34 -10.44
N ILE B 25 0.30 8.57 -10.78
CA ILE B 25 -0.28 8.86 -12.10
C ILE B 25 0.77 8.64 -13.19
N PHE B 26 2.00 9.08 -12.93
CA PHE B 26 3.09 8.91 -13.89
C PHE B 26 3.38 7.43 -14.17
N GLN B 27 3.00 6.54 -13.25
CA GLN B 27 3.24 5.11 -13.43
C GLN B 27 2.18 4.48 -14.33
N GLU B 28 0.96 5.04 -14.33
CA GLU B 28 -0.12 4.53 -15.15
C GLU B 28 -0.16 5.24 -16.50
N TYR B 29 0.01 6.55 -16.49
CA TYR B 29 0.01 7.34 -17.72
C TYR B 29 1.42 7.77 -18.10
N PRO B 30 2.18 6.94 -18.88
CA PRO B 30 3.54 7.30 -19.28
C PRO B 30 3.61 8.33 -20.41
N ASP B 31 2.47 8.65 -21.04
CA ASP B 31 2.45 9.63 -22.13
C ASP B 31 2.03 11.02 -21.66
N GLU B 32 2.20 11.30 -20.37
CA GLU B 32 1.84 12.62 -19.82
C GLU B 32 2.97 13.11 -18.91
N ILE B 33 3.97 13.76 -19.51
CA ILE B 33 5.13 14.27 -18.77
C ILE B 33 5.19 15.79 -18.77
N GLU B 34 4.68 16.40 -19.84
CA GLU B 34 4.72 17.86 -19.96
C GLU B 34 3.69 18.57 -19.07
N TYR B 35 2.69 17.84 -18.55
CA TYR B 35 1.65 18.45 -17.71
C TYR B 35 1.72 17.92 -16.28
N ILE B 36 2.30 18.72 -15.38
CA ILE B 36 2.40 18.34 -13.96
C ILE B 36 1.01 18.14 -13.35
N PHE B 37 0.80 16.99 -12.72
CA PHE B 37 -0.50 16.68 -12.12
C PHE B 37 -0.53 17.03 -10.63
N LYS B 38 -1.65 17.60 -10.19
CA LYS B 38 -1.82 17.97 -8.79
C LYS B 38 -3.16 17.44 -8.26
N PRO B 39 -3.19 16.37 -7.39
CA PRO B 39 -2.00 15.66 -6.90
C PRO B 39 -1.41 14.71 -7.94
N SER B 40 -0.14 14.35 -7.75
CA SER B 40 0.55 13.46 -8.67
C SER B 40 0.16 11.98 -8.46
N CYS B 41 -0.62 11.68 -7.41
CA CYS B 41 -1.04 10.30 -7.14
C CYS B 41 -2.53 10.26 -6.81
N VAL B 42 -3.12 9.06 -6.86
CA VAL B 42 -4.54 8.90 -6.57
C VAL B 42 -4.82 7.61 -5.78
N PRO B 43 -5.75 7.64 -4.79
CA PRO B 43 -6.07 6.44 -3.99
C PRO B 43 -6.96 5.47 -4.75
N LEU B 44 -6.50 4.23 -4.88
CA LEU B 44 -7.26 3.19 -5.59
C LEU B 44 -7.24 1.89 -4.80
N MET B 45 -8.36 1.17 -4.85
CA MET B 45 -8.48 -0.11 -4.15
C MET B 45 -7.81 -1.23 -4.93
N ARG B 46 -6.61 -1.62 -4.50
CA ARG B 46 -5.86 -2.69 -5.16
C ARG B 46 -5.60 -3.84 -4.20
N CYS B 47 -5.09 -4.95 -4.73
CA CYS B 47 -4.80 -6.13 -3.90
C CYS B 47 -3.36 -6.08 -3.40
N GLY B 48 -3.20 -6.31 -2.09
CA GLY B 48 -1.86 -6.29 -1.50
C GLY B 48 -1.69 -7.32 -0.40
N GLY B 49 -0.44 -7.67 -0.10
CA GLY B 49 -0.15 -8.65 0.94
C GLY B 49 0.68 -9.81 0.42
N CYS B 50 0.25 -11.03 0.74
CA CYS B 50 0.95 -12.23 0.32
C CYS B 50 -0.02 -13.41 0.18
N CYS B 51 0.45 -14.50 -0.43
CA CYS B 51 -0.38 -15.69 -0.63
C CYS B 51 -0.13 -16.73 0.47
N ASN B 52 -0.83 -17.86 0.35
CA ASN B 52 -0.71 -18.95 1.33
C ASN B 52 0.58 -19.74 1.14
N ASP B 53 1.04 -19.85 -0.11
CA ASP B 53 2.26 -20.59 -0.42
C ASP B 53 3.26 -19.72 -1.17
N GLU B 54 4.52 -20.18 -1.21
CA GLU B 54 5.58 -19.44 -1.88
C GLU B 54 5.42 -19.50 -3.40
N GLY B 55 4.85 -20.59 -3.90
CA GLY B 55 4.65 -20.75 -5.33
C GLY B 55 3.41 -20.05 -5.88
N LEU B 56 2.72 -19.25 -5.05
CA LEU B 56 1.53 -18.53 -5.50
C LEU B 56 1.86 -17.06 -5.73
N GLU B 57 0.84 -16.29 -6.14
CA GLU B 57 1.02 -14.87 -6.39
C GLU B 57 -0.31 -14.13 -6.22
N CYS B 58 -0.28 -13.04 -5.47
CA CYS B 58 -1.47 -12.24 -5.22
C CYS B 58 -1.77 -11.35 -6.43
N VAL B 59 -2.81 -11.71 -7.18
CA VAL B 59 -3.20 -10.97 -8.37
C VAL B 59 -4.72 -10.74 -8.40
N PRO B 60 -5.22 -9.75 -9.18
CA PRO B 60 -6.66 -9.47 -9.25
C PRO B 60 -7.38 -10.37 -10.26
N THR B 61 -8.67 -10.61 -10.02
CA THR B 61 -9.48 -11.44 -10.91
C THR B 61 -10.49 -10.59 -11.67
N GLU B 62 -10.93 -9.49 -11.07
CA GLU B 62 -11.88 -8.58 -11.70
C GLU B 62 -11.33 -7.15 -11.67
N GLU B 63 -11.91 -6.25 -12.48
CA GLU B 63 -11.43 -4.87 -12.52
C GLU B 63 -12.58 -3.87 -12.68
N SER B 64 -12.21 -2.57 -12.70
CA SER B 64 -13.20 -1.50 -12.85
C SER B 64 -12.50 -0.16 -13.04
N ASN B 65 -13.27 0.86 -13.45
CA ASN B 65 -12.72 2.20 -13.66
C ASN B 65 -13.30 3.20 -12.67
N ILE B 66 -12.51 4.23 -12.34
CA ILE B 66 -12.94 5.27 -11.40
C ILE B 66 -12.46 6.65 -11.87
N THR B 67 -13.41 7.56 -12.08
CA THR B 67 -13.08 8.92 -12.52
C THR B 67 -12.66 9.79 -11.34
N MET B 68 -11.69 10.68 -11.58
CA MET B 68 -11.20 11.57 -10.52
C MET B 68 -10.90 12.95 -11.09
N GLN B 69 -10.81 13.94 -10.20
CA GLN B 69 -10.52 15.31 -10.59
C GLN B 69 -9.03 15.60 -10.42
N ILE B 70 -8.36 15.95 -11.51
CA ILE B 70 -6.91 16.26 -11.46
C ILE B 70 -6.62 17.62 -12.06
N MET B 71 -5.75 18.38 -11.41
CA MET B 71 -5.37 19.70 -11.88
C MET B 71 -4.06 19.65 -12.66
N ARG B 72 -4.16 19.72 -13.99
CA ARG B 72 -2.98 19.67 -14.85
C ARG B 72 -2.35 21.06 -14.98
N ILE B 73 -1.04 21.13 -14.71
CA ILE B 73 -0.31 22.39 -14.79
C ILE B 73 0.87 22.28 -15.77
N LYS B 74 1.31 23.41 -16.28
CA LYS B 74 2.43 23.45 -17.23
C LYS B 74 3.36 24.65 -16.97
N PRO B 75 4.70 24.45 -16.96
CA PRO B 75 5.64 25.56 -16.71
C PRO B 75 5.48 26.71 -17.71
N HIS B 76 5.51 27.94 -17.19
CA HIS B 76 5.39 29.16 -18.00
C HIS B 76 4.01 29.31 -18.67
N GLN B 77 3.05 28.44 -18.35
CA GLN B 77 1.72 28.52 -18.97
C GLN B 77 0.63 28.72 -17.86
N GLY B 78 -0.39 27.84 -17.74
CA GLY B 78 -1.42 28.04 -16.70
C GLY B 78 -1.77 26.74 -15.99
N GLN B 79 -3.03 26.65 -15.53
CA GLN B 79 -3.51 25.46 -14.83
C GLN B 79 -4.92 25.12 -15.31
N HIS B 80 -5.41 23.92 -14.97
CA HIS B 80 -6.75 23.50 -15.39
C HIS B 80 -7.16 22.19 -14.71
N ILE B 81 -8.47 22.04 -14.49
CA ILE B 81 -9.02 20.84 -13.88
C ILE B 81 -9.56 19.91 -14.95
N GLY B 82 -9.17 18.63 -14.89
CA GLY B 82 -9.64 17.66 -15.88
C GLY B 82 -10.13 16.37 -15.24
N GLU B 83 -10.86 15.57 -16.02
CA GLU B 83 -11.39 14.31 -15.53
C GLU B 83 -10.50 13.15 -15.98
N MET B 84 -10.02 12.35 -15.03
CA MET B 84 -9.16 11.21 -15.34
C MET B 84 -9.69 9.94 -14.71
N SER B 85 -9.84 8.89 -15.51
CA SER B 85 -10.34 7.61 -15.03
C SER B 85 -9.20 6.60 -14.87
N PHE B 86 -9.14 5.95 -13.71
CA PHE B 86 -8.11 4.97 -13.42
C PHE B 86 -8.73 3.59 -13.20
N LEU B 87 -7.91 2.54 -13.36
CA LEU B 87 -8.39 1.18 -13.19
C LEU B 87 -8.11 0.66 -11.78
N GLN B 88 -9.09 0.02 -11.17
CA GLN B 88 -8.95 -0.52 -9.81
C GLN B 88 -9.24 -2.03 -9.81
N HIS B 89 -8.95 -2.68 -8.68
CA HIS B 89 -9.19 -4.12 -8.53
C HIS B 89 -10.42 -4.37 -7.68
N ASN B 90 -11.38 -5.11 -8.23
CA ASN B 90 -12.61 -5.42 -7.52
C ASN B 90 -12.48 -6.72 -6.72
N LYS B 91 -11.91 -7.74 -7.34
CA LYS B 91 -11.72 -9.04 -6.70
C LYS B 91 -10.26 -9.47 -6.74
N CYS B 92 -9.83 -10.19 -5.70
CA CYS B 92 -8.45 -10.67 -5.61
C CYS B 92 -8.43 -12.20 -5.45
N GLU B 93 -7.32 -12.84 -5.80
CA GLU B 93 -7.20 -14.29 -5.68
C GLU B 93 -5.75 -14.72 -5.90
N CYS B 94 -5.36 -15.83 -5.27
CA CYS B 94 -4.01 -16.35 -5.39
C CYS B 94 -3.94 -17.47 -6.45
N ARG B 95 -2.87 -17.46 -7.22
CA ARG B 95 -2.67 -18.47 -8.27
C ARG B 95 -1.18 -18.79 -8.43
N PRO B 96 -0.82 -20.01 -8.93
CA PRO B 96 0.58 -20.38 -9.11
C PRO B 96 1.34 -19.42 -10.02
N LYS B 97 2.58 -19.11 -9.66
CA LYS B 97 3.41 -18.20 -10.42
C LYS B 97 3.70 -18.75 -11.81
N LYS B 98 3.88 -17.84 -12.78
CA LYS B 98 4.17 -18.22 -14.16
C LYS B 98 5.60 -17.86 -14.54
N ASP B 99 5.87 -16.56 -14.67
CA ASP B 99 7.20 -16.08 -15.01
C ASP B 99 7.92 -15.54 -13.79
N GLY C 1 -13.75 -30.58 7.80
CA GLY C 1 -14.35 -31.87 8.23
C GLY C 1 -13.69 -33.07 7.57
N GLY C 2 -13.09 -32.86 6.39
CA GLY C 2 -12.44 -33.95 5.68
C GLY C 2 -11.09 -33.55 5.11
N ASN C 3 -11.08 -33.01 3.89
CA ASN C 3 -9.86 -32.60 3.24
C ASN C 3 -10.15 -31.54 2.16
N GLU C 4 -10.93 -30.54 2.54
CA GLU C 4 -11.30 -29.46 1.62
C GLU C 4 -10.43 -28.21 1.85
N CYS C 5 -9.14 -28.44 2.11
CA CYS C 5 -8.21 -27.34 2.33
C CYS C 5 -7.62 -26.83 1.02
N ASP C 6 -8.25 -25.81 0.44
CA ASP C 6 -7.79 -25.23 -0.81
C ASP C 6 -6.57 -24.35 -0.58
N ILE C 7 -5.55 -24.50 -1.43
CA ILE C 7 -4.32 -23.72 -1.30
C ILE C 7 -4.58 -22.22 -1.43
N ALA C 8 -5.47 -21.84 -2.33
CA ALA C 8 -5.78 -20.43 -2.56
C ALA C 8 -7.04 -20.00 -1.81
N ARG C 9 -7.27 -20.58 -0.64
CA ARG C 9 -8.43 -20.25 0.19
C ARG C 9 -7.99 -20.05 1.64
N MET C 10 -8.84 -19.37 2.42
CA MET C 10 -8.54 -19.09 3.83
C MET C 10 -8.23 -20.38 4.62
N TRP C 11 -6.95 -20.68 4.76
CA TRP C 11 -6.51 -21.87 5.48
C TRP C 11 -6.82 -21.76 6.98
N GLU C 12 -7.98 -22.28 7.38
CA GLU C 12 -8.40 -22.23 8.78
C GLU C 12 -7.39 -22.98 9.67
N TRP C 13 -7.72 -23.16 10.95
CA TRP C 13 -6.83 -23.84 11.90
C TRP C 13 -6.46 -25.26 11.44
N GLU C 14 -7.48 -26.09 11.19
CA GLU C 14 -7.26 -27.48 10.76
C GLU C 14 -6.29 -27.60 9.58
N CYS C 15 -6.41 -26.70 8.61
CA CYS C 15 -5.54 -26.72 7.44
C CYS C 15 -4.12 -26.32 7.83
N PHE C 16 -4.00 -25.41 8.79
CA PHE C 16 -2.68 -24.96 9.25
C PHE C 16 -1.95 -26.09 9.98
N GLU C 17 -2.70 -26.87 10.75
CA GLU C 17 -2.14 -27.98 11.51
C GLU C 17 -1.56 -29.03 10.57
N ARG C 18 -2.24 -29.25 9.45
CA ARG C 18 -1.82 -30.24 8.46
C ARG C 18 -1.51 -29.56 7.12
N LEU C 19 -0.42 -28.81 7.10
CA LEU C 19 0.00 -28.09 5.90
C LEU C 19 0.90 -28.96 5.03
N GLY D 1 -3.76 34.23 4.78
CA GLY D 1 -4.09 35.61 4.29
C GLY D 1 -2.85 36.44 4.06
N GLY D 2 -1.79 35.82 3.53
CA GLY D 2 -0.56 36.53 3.26
C GLY D 2 0.33 35.81 2.27
N ASN D 3 1.24 34.99 2.78
CA ASN D 3 2.16 34.23 1.93
C ASN D 3 2.82 33.11 2.72
N GLU D 4 2.03 32.44 3.56
CA GLU D 4 2.54 31.34 4.38
C GLU D 4 2.21 29.99 3.73
N CYS D 5 2.48 29.88 2.42
CA CYS D 5 2.23 28.64 1.69
C CYS D 5 3.47 27.75 1.69
N ASP D 6 3.62 26.95 2.73
CA ASP D 6 4.76 26.04 2.86
C ASP D 6 4.66 24.92 1.81
N ILE D 7 5.78 24.63 1.15
CA ILE D 7 5.81 23.59 0.12
C ILE D 7 5.48 22.20 0.68
N ALA D 8 5.96 21.92 1.90
CA ALA D 8 5.71 20.63 2.53
C ALA D 8 4.55 20.72 3.53
N ARG D 9 3.57 21.57 3.22
CA ARG D 9 2.39 21.76 4.06
C ARG D 9 1.12 21.67 3.23
N MET D 10 0.01 21.29 3.87
CA MET D 10 -1.29 21.17 3.18
C MET D 10 -1.65 22.45 2.40
N TRP D 11 -1.32 22.45 1.11
CA TRP D 11 -1.60 23.59 0.23
C TRP D 11 -3.10 23.81 0.06
N GLU D 12 -3.67 24.69 0.87
CA GLU D 12 -5.10 24.99 0.80
C GLU D 12 -5.45 25.58 -0.57
N TRP D 13 -6.69 26.06 -0.73
CA TRP D 13 -7.15 26.63 -2.00
C TRP D 13 -6.27 27.79 -2.46
N GLU D 14 -6.12 28.81 -1.61
CA GLU D 14 -5.32 30.01 -1.93
C GLU D 14 -3.91 29.65 -2.41
N CYS D 15 -3.32 28.62 -1.81
CA CYS D 15 -1.97 28.19 -2.19
C CYS D 15 -2.00 27.52 -3.56
N PHE D 16 -3.09 26.83 -3.87
CA PHE D 16 -3.23 26.16 -5.16
C PHE D 16 -3.41 27.16 -6.29
N GLU D 17 -4.14 28.24 -6.01
CA GLU D 17 -4.40 29.27 -7.01
C GLU D 17 -3.09 29.96 -7.42
N ARG D 18 -2.25 30.26 -6.44
CA ARG D 18 -0.96 30.91 -6.70
C ARG D 18 0.20 29.94 -6.42
N LEU D 19 0.31 28.91 -7.26
CA LEU D 19 1.36 27.91 -7.11
C LEU D 19 2.64 28.36 -7.79
N HIS A 1 -19.12 14.38 -8.31
CA HIS A 1 -20.49 14.87 -8.60
C HIS A 1 -21.47 13.70 -8.75
N HIS A 2 -21.27 12.90 -9.79
CA HIS A 2 -22.13 11.74 -10.06
C HIS A 2 -21.36 10.44 -9.86
N GLU A 3 -20.16 10.40 -10.42
CA GLU A 3 -19.29 9.23 -10.30
C GLU A 3 -17.81 9.61 -10.29
N VAL A 4 -17.51 10.87 -9.95
CA VAL A 4 -16.13 11.36 -9.91
C VAL A 4 -15.76 11.77 -8.49
N VAL A 5 -14.48 11.61 -8.13
CA VAL A 5 -14.01 11.98 -6.81
C VAL A 5 -13.69 13.47 -6.75
N LYS A 6 -14.13 14.13 -5.67
CA LYS A 6 -13.89 15.56 -5.49
C LYS A 6 -12.40 15.85 -5.36
N PHE A 7 -11.96 16.93 -6.01
CA PHE A 7 -10.55 17.34 -5.99
C PHE A 7 -9.99 17.45 -4.56
N MET A 8 -10.66 18.24 -3.72
CA MET A 8 -10.22 18.44 -2.33
C MET A 8 -10.07 17.11 -1.58
N ASP A 9 -10.84 16.11 -1.99
CA ASP A 9 -10.79 14.79 -1.33
C ASP A 9 -9.59 13.98 -1.81
N VAL A 10 -9.23 14.14 -3.08
CA VAL A 10 -8.09 13.42 -3.65
C VAL A 10 -6.78 13.87 -3.04
N TYR A 11 -6.63 15.18 -2.87
CA TYR A 11 -5.41 15.75 -2.29
C TYR A 11 -5.28 15.43 -0.81
N GLN A 12 -6.39 15.55 -0.08
CA GLN A 12 -6.39 15.28 1.36
C GLN A 12 -6.06 13.81 1.66
N ARG A 13 -6.58 12.91 0.83
CA ARG A 13 -6.36 11.48 1.03
C ARG A 13 -5.10 10.96 0.32
N SER A 14 -4.54 11.74 -0.61
CA SER A 14 -3.35 11.31 -1.34
C SER A 14 -2.06 11.89 -0.76
N TYR A 15 -2.15 13.05 -0.13
CA TYR A 15 -0.99 13.72 0.47
C TYR A 15 -0.25 12.81 1.45
N CYS A 16 1.09 12.81 1.35
CA CYS A 16 1.99 11.99 2.22
C CYS A 16 1.51 11.88 3.68
N HIS A 17 0.89 10.75 4.00
CA HIS A 17 0.38 10.49 5.35
C HIS A 17 0.47 9.00 5.67
N PRO A 18 0.26 8.58 6.95
CA PRO A 18 0.32 7.16 7.32
C PRO A 18 -0.86 6.36 6.79
N ILE A 19 -0.57 5.32 6.02
CA ILE A 19 -1.61 4.47 5.43
C ILE A 19 -1.29 2.99 5.66
N GLU A 20 -2.32 2.19 5.89
CA GLU A 20 -2.13 0.76 6.14
C GLU A 20 -1.56 0.06 4.90
N THR A 21 -0.42 -0.61 5.08
CA THR A 21 0.22 -1.31 3.98
C THR A 21 0.83 -2.62 4.45
N LEU A 22 0.75 -3.65 3.61
CA LEU A 22 1.29 -4.96 3.93
C LEU A 22 2.75 -5.06 3.51
N VAL A 23 3.62 -5.38 4.47
CA VAL A 23 5.05 -5.50 4.20
C VAL A 23 5.49 -6.96 4.20
N ASP A 24 6.37 -7.31 3.26
CA ASP A 24 6.88 -8.68 3.16
C ASP A 24 7.93 -8.93 4.23
N ILE A 25 7.84 -10.10 4.87
CA ILE A 25 8.78 -10.46 5.93
C ILE A 25 10.18 -10.65 5.35
N PHE A 26 10.26 -11.15 4.13
CA PHE A 26 11.56 -11.37 3.48
C PHE A 26 12.31 -10.04 3.28
N GLN A 27 11.57 -8.95 3.13
CA GLN A 27 12.17 -7.64 2.93
C GLN A 27 12.80 -7.10 4.22
N GLU A 28 12.25 -7.50 5.36
CA GLU A 28 12.76 -7.05 6.66
C GLU A 28 13.80 -8.03 7.20
N TYR A 29 13.55 -9.32 6.97
CA TYR A 29 14.44 -10.38 7.43
C TYR A 29 15.06 -11.10 6.21
N PRO A 30 16.05 -10.47 5.52
CA PRO A 30 16.68 -11.08 4.33
C PRO A 30 17.61 -12.25 4.66
N ASP A 31 18.04 -12.35 5.92
CA ASP A 31 18.94 -13.42 6.34
C ASP A 31 18.19 -14.70 6.70
N GLU A 32 16.94 -14.55 7.15
CA GLU A 32 16.13 -15.70 7.53
C GLU A 32 15.29 -16.20 6.34
N ILE A 33 15.85 -17.16 5.60
CA ILE A 33 15.16 -17.72 4.44
C ILE A 33 14.87 -19.22 4.60
N GLU A 34 15.81 -19.92 5.24
CA GLU A 34 15.67 -21.37 5.46
C GLU A 34 14.39 -21.73 6.23
N TYR A 35 13.81 -20.75 6.93
CA TYR A 35 12.58 -20.99 7.70
C TYR A 35 11.41 -20.25 7.06
N ILE A 36 10.55 -20.99 6.36
CA ILE A 36 9.38 -20.40 5.70
C ILE A 36 8.43 -19.82 6.76
N PHE A 37 8.04 -18.57 6.56
CA PHE A 37 7.15 -17.88 7.50
C PHE A 37 5.70 -17.95 7.02
N LYS A 38 4.78 -18.16 7.97
CA LYS A 38 3.37 -18.24 7.65
C LYS A 38 2.56 -17.36 8.61
N PRO A 39 1.97 -16.21 8.16
CA PRO A 39 2.04 -15.72 6.76
C PRO A 39 3.39 -15.12 6.42
N SER A 40 3.63 -14.96 5.12
CA SER A 40 4.89 -14.39 4.64
C SER A 40 4.90 -12.86 4.67
N CYS A 41 3.77 -12.22 5.03
CA CYS A 41 3.71 -10.77 5.09
C CYS A 41 2.94 -10.31 6.33
N VAL A 42 3.14 -9.06 6.73
CA VAL A 42 2.48 -8.52 7.91
C VAL A 42 1.95 -7.11 7.67
N PRO A 43 0.73 -6.76 8.20
CA PRO A 43 0.16 -5.43 8.01
C PRO A 43 0.82 -4.39 8.91
N LEU A 44 1.25 -3.29 8.32
CA LEU A 44 1.91 -2.22 9.07
C LEU A 44 1.52 -0.85 8.54
N MET A 45 1.49 0.14 9.44
CA MET A 45 1.14 1.51 9.05
C MET A 45 2.38 2.24 8.54
N ARG A 46 2.46 2.39 7.22
CA ARG A 46 3.60 3.07 6.59
C ARG A 46 3.13 4.27 5.77
N CYS A 47 4.06 5.17 5.46
CA CYS A 47 3.74 6.37 4.69
C CYS A 47 3.67 6.05 3.20
N GLY A 48 2.59 6.51 2.54
CA GLY A 48 2.43 6.27 1.12
C GLY A 48 1.72 7.41 0.42
N GLY A 49 1.96 7.55 -0.89
CA GLY A 49 1.33 8.60 -1.66
C GLY A 49 2.33 9.39 -2.50
N CYS A 50 2.23 10.72 -2.43
CA CYS A 50 3.12 11.59 -3.19
C CYS A 50 3.24 12.96 -2.51
N CYS A 51 4.15 13.79 -3.04
CA CYS A 51 4.38 15.13 -2.49
C CYS A 51 3.78 16.22 -3.39
N ASN A 52 3.97 17.47 -3.01
CA ASN A 52 3.45 18.60 -3.76
C ASN A 52 4.26 18.86 -5.03
N ASP A 53 5.56 18.55 -5.00
CA ASP A 53 6.43 18.78 -6.14
C ASP A 53 7.32 17.57 -6.41
N GLU A 54 7.97 17.57 -7.58
CA GLU A 54 8.85 16.46 -7.96
C GLU A 54 10.13 16.47 -7.14
N GLY A 55 10.56 17.66 -6.71
CA GLY A 55 11.77 17.78 -5.93
C GLY A 55 11.62 17.36 -4.46
N LEU A 56 10.43 16.91 -4.06
CA LEU A 56 10.20 16.49 -2.68
C LEU A 56 10.19 14.96 -2.59
N GLU A 57 9.98 14.43 -1.38
CA GLU A 57 9.93 13.00 -1.16
C GLU A 57 9.16 12.67 0.10
N CYS A 58 8.24 11.71 0.00
CA CYS A 58 7.43 11.29 1.14
C CYS A 58 8.21 10.33 2.04
N VAL A 59 8.63 10.84 3.21
CA VAL A 59 9.39 10.02 4.16
C VAL A 59 8.83 10.16 5.58
N PRO A 60 9.10 9.18 6.48
CA PRO A 60 8.59 9.24 7.86
C PRO A 60 9.46 10.11 8.77
N THR A 61 8.83 10.71 9.78
CA THR A 61 9.56 11.56 10.73
C THR A 61 9.78 10.84 12.06
N GLU A 62 8.85 9.97 12.42
CA GLU A 62 8.94 9.21 13.67
C GLU A 62 8.69 7.73 13.39
N GLU A 63 9.25 6.85 14.23
CA GLU A 63 9.09 5.41 14.04
C GLU A 63 8.67 4.68 15.33
N SER A 64 8.53 3.37 15.23
CA SER A 64 8.13 2.53 16.37
C SER A 64 8.28 1.05 16.02
N ASN A 65 8.01 0.19 16.99
CA ASN A 65 8.10 -1.27 16.78
C ASN A 65 6.80 -1.97 17.13
N ILE A 66 6.57 -3.13 16.51
CA ILE A 66 5.36 -3.91 16.77
C ILE A 66 5.65 -5.40 16.64
N THR A 67 5.29 -6.17 17.68
CA THR A 67 5.51 -7.60 17.68
C THR A 67 4.33 -8.34 17.06
N MET A 68 4.60 -9.48 16.44
CA MET A 68 3.56 -10.28 15.80
C MET A 68 3.88 -11.77 15.89
N GLN A 69 2.86 -12.60 15.72
CA GLN A 69 3.03 -14.04 15.79
C GLN A 69 3.21 -14.63 14.38
N ILE A 70 4.32 -15.33 14.18
CA ILE A 70 4.61 -15.95 12.88
C ILE A 70 4.96 -17.43 13.04
N MET A 71 4.51 -18.26 12.10
CA MET A 71 4.77 -19.68 12.15
C MET A 71 5.95 -20.04 11.25
N ARG A 72 7.04 -20.49 11.85
CA ARG A 72 8.23 -20.87 11.10
C ARG A 72 8.22 -22.37 10.77
N ILE A 73 8.24 -22.68 9.47
CA ILE A 73 8.23 -24.07 9.02
C ILE A 73 9.50 -24.38 8.23
N LYS A 74 10.18 -25.48 8.58
CA LYS A 74 11.42 -25.88 7.90
C LYS A 74 11.25 -27.27 7.25
N PRO A 75 11.65 -27.44 5.96
CA PRO A 75 11.52 -28.73 5.29
C PRO A 75 12.30 -29.85 5.98
N HIS A 76 11.69 -31.04 6.06
CA HIS A 76 12.30 -32.23 6.69
C HIS A 76 12.30 -32.18 8.22
N GLN A 77 11.82 -31.08 8.82
CA GLN A 77 11.79 -30.95 10.28
C GLN A 77 10.35 -30.69 10.79
N GLY A 78 10.05 -29.52 11.41
CA GLY A 78 8.69 -29.26 11.87
C GLY A 78 8.33 -27.78 11.82
N GLN A 79 7.29 -27.39 12.55
CA GLN A 79 6.84 -25.99 12.57
C GLN A 79 6.66 -25.51 14.00
N HIS A 80 6.73 -24.19 14.19
CA HIS A 80 6.58 -23.61 15.52
C HIS A 80 6.27 -22.11 15.42
N ILE A 81 5.62 -21.57 16.46
CA ILE A 81 5.27 -20.15 16.48
C ILE A 81 6.40 -19.34 17.12
N GLY A 82 6.71 -18.20 16.51
CA GLY A 82 7.77 -17.33 17.01
C GLY A 82 7.35 -15.88 17.02
N GLU A 83 8.05 -15.07 17.82
CA GLU A 83 7.76 -13.65 17.91
C GLU A 83 8.67 -12.84 16.98
N MET A 84 8.06 -11.97 16.18
CA MET A 84 8.81 -11.15 15.24
C MET A 84 8.38 -9.69 15.35
N SER A 85 9.35 -8.81 15.59
CA SER A 85 9.08 -7.38 15.72
C SER A 85 9.30 -6.68 14.38
N PHE A 86 8.45 -5.69 14.09
CA PHE A 86 8.56 -4.93 12.85
C PHE A 86 8.49 -3.43 13.13
N LEU A 87 9.10 -2.64 12.24
CA LEU A 87 9.12 -1.20 12.39
C LEU A 87 7.92 -0.56 11.71
N GLN A 88 7.28 0.40 12.39
CA GLN A 88 6.11 1.09 11.84
C GLN A 88 6.35 2.59 11.82
N HIS A 89 5.81 3.26 10.81
CA HIS A 89 5.96 4.72 10.69
C HIS A 89 4.81 5.43 11.38
N ASN A 90 5.14 6.30 12.32
CA ASN A 90 4.14 7.05 13.09
C ASN A 90 3.72 8.33 12.38
N LYS A 91 4.69 9.17 12.03
CA LYS A 91 4.42 10.44 11.36
C LYS A 91 5.05 10.47 9.97
N CYS A 92 4.46 11.26 9.07
CA CYS A 92 4.96 11.37 7.70
C CYS A 92 4.99 12.83 7.26
N GLU A 93 5.95 13.16 6.40
CA GLU A 93 6.09 14.52 5.89
C GLU A 93 7.01 14.55 4.67
N CYS A 94 6.82 15.53 3.79
CA CYS A 94 7.64 15.64 2.58
C CYS A 94 8.80 16.59 2.80
N ARG A 95 9.91 16.35 2.10
CA ARG A 95 11.10 17.19 2.21
C ARG A 95 11.93 17.12 0.92
N PRO A 96 12.77 18.14 0.63
CA PRO A 96 13.59 18.14 -0.59
C PRO A 96 14.52 16.93 -0.67
N LYS A 97 14.71 16.42 -1.88
CA LYS A 97 15.57 15.26 -2.09
C LYS A 97 17.04 15.64 -1.93
N LYS A 98 17.91 14.64 -2.03
CA LYS A 98 19.35 14.87 -1.91
C LYS A 98 20.10 14.04 -2.98
N ASP A 99 20.01 12.72 -2.88
CA ASP A 99 20.65 11.84 -3.85
C ASP A 99 20.29 10.38 -3.59
N HIS B 1 -1.48 -10.66 23.07
CA HIS B 1 -1.54 -10.75 24.55
C HIS B 1 -1.11 -9.44 25.19
N HIS B 2 0.18 -9.10 25.03
CA HIS B 2 0.73 -7.87 25.58
C HIS B 2 1.54 -7.14 24.50
N GLU B 3 0.88 -6.23 23.80
CA GLU B 3 1.50 -5.45 22.72
C GLU B 3 1.83 -6.31 21.49
N VAL B 4 1.38 -7.57 21.46
CA VAL B 4 1.64 -8.45 20.31
C VAL B 4 0.35 -8.72 19.54
N VAL B 5 0.45 -8.84 18.22
CA VAL B 5 -0.72 -9.11 17.38
C VAL B 5 -1.03 -10.60 17.35
N LYS B 6 -2.32 -10.94 17.46
CA LYS B 6 -2.76 -12.33 17.45
C LYS B 6 -2.51 -12.97 16.08
N PHE B 7 -2.04 -14.21 16.10
CA PHE B 7 -1.75 -14.97 14.87
C PHE B 7 -2.93 -14.96 13.88
N MET B 8 -4.09 -15.40 14.36
CA MET B 8 -5.30 -15.46 13.52
C MET B 8 -5.64 -14.11 12.89
N ASP B 9 -5.22 -13.03 13.55
CA ASP B 9 -5.49 -11.68 13.05
C ASP B 9 -4.50 -11.28 11.95
N VAL B 10 -3.27 -11.76 12.06
CA VAL B 10 -2.23 -11.44 11.09
C VAL B 10 -2.52 -12.11 9.75
N TYR B 11 -2.96 -13.36 9.79
CA TYR B 11 -3.27 -14.12 8.59
C TYR B 11 -4.53 -13.60 7.89
N GLN B 12 -5.57 -13.34 8.66
CA GLN B 12 -6.83 -12.86 8.11
C GLN B 12 -6.68 -11.47 7.48
N ARG B 13 -5.84 -10.63 8.06
CA ARG B 13 -5.64 -9.27 7.56
C ARG B 13 -4.49 -9.18 6.53
N SER B 14 -3.63 -10.20 6.48
CA SER B 14 -2.49 -10.18 5.55
C SER B 14 -2.80 -10.96 4.26
N TYR B 15 -3.70 -11.93 4.34
CA TYR B 15 -4.07 -12.75 3.18
C TYR B 15 -4.54 -11.89 1.99
N CYS B 16 -4.09 -12.25 0.78
CA CYS B 16 -4.42 -11.53 -0.47
C CYS B 16 -5.88 -11.05 -0.52
N HIS B 17 -6.07 -9.76 -0.28
CA HIS B 17 -7.40 -9.14 -0.31
C HIS B 17 -7.30 -7.68 -0.76
N PRO B 18 -8.44 -7.00 -1.06
CA PRO B 18 -8.43 -5.60 -1.51
C PRO B 18 -8.08 -4.64 -0.36
N ILE B 19 -7.01 -3.87 -0.55
CA ILE B 19 -6.56 -2.91 0.45
C ILE B 19 -6.31 -1.54 -0.20
N GLU B 20 -6.62 -0.47 0.54
CA GLU B 20 -6.44 0.88 0.03
C GLU B 20 -4.97 1.19 -0.22
N THR B 21 -4.64 1.57 -1.45
CA THR B 21 -3.26 1.88 -1.82
C THR B 21 -3.21 3.09 -2.76
N LEU B 22 -2.20 3.94 -2.58
CA LEU B 22 -2.03 5.12 -3.41
C LEU B 22 -1.19 4.79 -4.64
N VAL B 23 -1.75 5.05 -5.82
CA VAL B 23 -1.05 4.77 -7.08
C VAL B 23 -0.55 6.04 -7.74
N ASP B 24 0.65 5.97 -8.31
CA ASP B 24 1.24 7.12 -8.99
C ASP B 24 0.62 7.31 -10.37
N ILE B 25 0.29 8.55 -10.70
CA ILE B 25 -0.33 8.85 -11.99
C ILE B 25 0.65 8.58 -13.13
N PHE B 26 1.93 8.82 -12.89
CA PHE B 26 2.96 8.60 -13.90
C PHE B 26 3.04 7.12 -14.29
N GLN B 27 2.70 6.23 -13.36
CA GLN B 27 2.74 4.80 -13.62
C GLN B 27 1.59 4.36 -14.54
N GLU B 28 0.47 5.08 -14.48
CA GLU B 28 -0.69 4.76 -15.31
C GLU B 28 -0.65 5.53 -16.62
N TYR B 29 -0.18 6.78 -16.55
CA TYR B 29 -0.08 7.63 -17.72
C TYR B 29 1.41 7.95 -18.02
N PRO B 30 2.17 6.98 -18.59
CA PRO B 30 3.60 7.20 -18.88
C PRO B 30 3.85 8.13 -20.07
N ASP B 31 2.83 8.35 -20.90
CA ASP B 31 2.98 9.22 -22.07
C ASP B 31 2.72 10.69 -21.72
N GLU B 32 1.91 10.94 -20.70
CA GLU B 32 1.60 12.30 -20.28
C GLU B 32 2.56 12.77 -19.20
N ILE B 33 3.64 13.44 -19.61
CA ILE B 33 4.64 13.94 -18.67
C ILE B 33 4.77 15.47 -18.73
N GLU B 34 4.65 16.02 -19.94
CA GLU B 34 4.77 17.48 -20.15
C GLU B 34 3.76 18.27 -19.30
N TYR B 35 2.70 17.62 -18.83
CA TYR B 35 1.69 18.30 -18.02
C TYR B 35 1.74 17.81 -16.58
N ILE B 36 2.30 18.62 -15.69
CA ILE B 36 2.41 18.26 -14.28
C ILE B 36 1.03 18.05 -13.65
N PHE B 37 0.85 16.90 -13.00
CA PHE B 37 -0.41 16.56 -12.37
C PHE B 37 -0.38 16.90 -10.87
N LYS B 38 -1.47 17.47 -10.37
CA LYS B 38 -1.58 17.83 -8.97
C LYS B 38 -2.93 17.38 -8.38
N PRO B 39 -2.98 16.37 -7.46
CA PRO B 39 -1.80 15.63 -6.95
C PRO B 39 -1.22 14.65 -7.96
N SER B 40 0.03 14.27 -7.76
CA SER B 40 0.70 13.32 -8.65
C SER B 40 0.30 11.85 -8.39
N CYS B 41 -0.53 11.61 -7.37
CA CYS B 41 -0.97 10.24 -7.05
C CYS B 41 -2.45 10.23 -6.69
N VAL B 42 -3.07 9.05 -6.78
CA VAL B 42 -4.50 8.91 -6.47
C VAL B 42 -4.77 7.65 -5.64
N PRO B 43 -5.69 7.72 -4.63
CA PRO B 43 -6.01 6.56 -3.80
C PRO B 43 -6.92 5.58 -4.53
N LEU B 44 -6.50 4.32 -4.58
CA LEU B 44 -7.28 3.28 -5.25
C LEU B 44 -7.24 1.97 -4.46
N MET B 45 -8.32 1.20 -4.56
CA MET B 45 -8.42 -0.07 -3.87
C MET B 45 -7.77 -1.18 -4.69
N ARG B 46 -6.54 -1.55 -4.31
CA ARG B 46 -5.80 -2.59 -5.02
C ARG B 46 -5.49 -3.77 -4.10
N CYS B 47 -5.12 -4.90 -4.69
CA CYS B 47 -4.80 -6.10 -3.93
C CYS B 47 -3.37 -6.07 -3.42
N GLY B 48 -3.19 -6.36 -2.13
CA GLY B 48 -1.86 -6.37 -1.54
C GLY B 48 -1.71 -7.41 -0.45
N GLY B 49 -0.46 -7.82 -0.18
CA GLY B 49 -0.21 -8.81 0.86
C GLY B 49 0.67 -9.95 0.38
N CYS B 50 0.22 -11.19 0.63
CA CYS B 50 0.98 -12.37 0.22
C CYS B 50 0.06 -13.59 0.14
N CYS B 51 0.61 -14.70 -0.37
CA CYS B 51 -0.16 -15.94 -0.52
C CYS B 51 0.26 -16.97 0.52
N ASN B 52 -0.36 -18.16 0.45
CA ASN B 52 -0.07 -19.24 1.39
C ASN B 52 1.26 -19.93 1.09
N ASP B 53 1.67 -19.93 -0.17
CA ASP B 53 2.92 -20.57 -0.57
C ASP B 53 3.71 -19.70 -1.52
N GLU B 54 5.00 -20.04 -1.70
CA GLU B 54 5.87 -19.29 -2.59
C GLU B 54 5.48 -19.47 -4.06
N GLY B 55 4.90 -20.63 -4.38
CA GLY B 55 4.50 -20.93 -5.74
C GLY B 55 3.20 -20.23 -6.17
N LEU B 56 2.61 -19.42 -5.28
CA LEU B 56 1.37 -18.70 -5.62
C LEU B 56 1.66 -17.24 -5.91
N GLU B 57 0.61 -16.48 -6.20
CA GLU B 57 0.76 -15.06 -6.48
C GLU B 57 -0.55 -14.33 -6.25
N CYS B 58 -0.48 -13.19 -5.55
CA CYS B 58 -1.67 -12.39 -5.26
C CYS B 58 -2.04 -11.52 -6.46
N VAL B 59 -3.12 -11.89 -7.16
CA VAL B 59 -3.57 -11.15 -8.33
C VAL B 59 -5.08 -10.88 -8.26
N PRO B 60 -5.59 -9.86 -8.99
CA PRO B 60 -7.02 -9.53 -8.98
C PRO B 60 -7.82 -10.41 -9.94
N THR B 61 -9.10 -10.65 -9.60
CA THR B 61 -9.96 -11.48 -10.44
C THR B 61 -10.95 -10.62 -11.22
N GLU B 62 -11.34 -9.48 -10.64
CA GLU B 62 -12.29 -8.57 -11.28
C GLU B 62 -11.75 -7.14 -11.20
N GLU B 63 -12.14 -6.28 -12.15
CA GLU B 63 -11.65 -4.91 -12.18
C GLU B 63 -12.80 -3.89 -12.35
N SER B 64 -12.42 -2.61 -12.41
CA SER B 64 -13.39 -1.52 -12.58
C SER B 64 -12.66 -0.20 -12.85
N ASN B 65 -13.43 0.86 -13.10
CA ASN B 65 -12.85 2.18 -13.37
C ASN B 65 -13.37 3.23 -12.40
N ILE B 66 -12.58 4.29 -12.20
CA ILE B 66 -12.96 5.37 -11.31
C ILE B 66 -12.38 6.71 -11.78
N THR B 67 -13.25 7.69 -11.96
CA THR B 67 -12.83 9.01 -12.43
C THR B 67 -12.42 9.91 -11.26
N MET B 68 -11.50 10.82 -11.50
CA MET B 68 -11.03 11.74 -10.47
C MET B 68 -10.63 13.09 -11.06
N GLN B 69 -10.58 14.11 -10.20
CA GLN B 69 -10.22 15.46 -10.63
C GLN B 69 -8.73 15.72 -10.42
N ILE B 70 -8.03 16.06 -11.51
CA ILE B 70 -6.59 16.35 -11.45
C ILE B 70 -6.28 17.69 -12.09
N MET B 71 -5.33 18.42 -11.51
CA MET B 71 -4.92 19.72 -12.03
C MET B 71 -3.68 19.60 -12.91
N ARG B 72 -3.84 19.89 -14.20
CA ARG B 72 -2.74 19.82 -15.14
C ARG B 72 -2.06 21.19 -15.28
N ILE B 73 -0.79 21.26 -14.90
CA ILE B 73 -0.02 22.50 -14.99
C ILE B 73 1.17 22.34 -15.94
N LYS B 74 1.31 23.27 -16.88
CA LYS B 74 2.40 23.24 -17.85
C LYS B 74 3.30 24.47 -17.72
N PRO B 75 4.65 24.31 -17.69
CA PRO B 75 5.57 25.46 -17.57
C PRO B 75 5.42 26.46 -18.71
N HIS B 76 5.48 27.75 -18.37
CA HIS B 76 5.36 28.86 -19.35
C HIS B 76 3.93 29.08 -19.87
N GLN B 77 2.96 28.26 -19.42
CA GLN B 77 1.57 28.41 -19.86
C GLN B 77 0.63 28.61 -18.64
N GLY B 78 -0.34 27.71 -18.38
CA GLY B 78 -1.22 27.88 -17.23
C GLY B 78 -1.59 26.57 -16.57
N GLN B 79 -2.77 26.51 -15.96
CA GLN B 79 -3.25 25.31 -15.29
C GLN B 79 -4.74 25.13 -15.50
N HIS B 80 -5.23 23.90 -15.32
CA HIS B 80 -6.65 23.61 -15.50
C HIS B 80 -7.00 22.24 -14.92
N ILE B 81 -8.27 22.06 -14.56
CA ILE B 81 -8.74 20.80 -13.99
C ILE B 81 -9.20 19.85 -15.11
N GLY B 82 -8.82 18.58 -14.99
CA GLY B 82 -9.20 17.59 -15.98
C GLY B 82 -9.68 16.30 -15.36
N GLU B 83 -10.41 15.51 -16.13
CA GLU B 83 -10.94 14.25 -15.65
C GLU B 83 -10.01 13.09 -16.02
N MET B 84 -9.64 12.28 -15.03
CA MET B 84 -8.76 11.15 -15.26
C MET B 84 -9.35 9.88 -14.65
N SER B 85 -9.51 8.86 -15.48
CA SER B 85 -10.06 7.59 -15.03
C SER B 85 -8.94 6.62 -14.67
N PHE B 86 -9.15 5.83 -13.62
CA PHE B 86 -8.17 4.87 -13.17
C PHE B 86 -8.81 3.50 -12.94
N LEU B 87 -8.01 2.45 -13.08
CA LEU B 87 -8.51 1.08 -12.91
C LEU B 87 -8.31 0.62 -11.47
N GLN B 88 -9.35 -0.01 -10.90
CA GLN B 88 -9.29 -0.51 -9.54
C GLN B 88 -9.56 -2.01 -9.51
N HIS B 89 -9.09 -2.68 -8.46
CA HIS B 89 -9.30 -4.12 -8.31
C HIS B 89 -10.45 -4.39 -7.34
N ASN B 90 -11.44 -5.14 -7.81
CA ASN B 90 -12.62 -5.46 -7.00
C ASN B 90 -12.39 -6.71 -6.14
N LYS B 91 -12.02 -7.81 -6.79
CA LYS B 91 -11.78 -9.07 -6.08
C LYS B 91 -10.33 -9.51 -6.21
N CYS B 92 -9.84 -10.24 -5.21
CA CYS B 92 -8.46 -10.72 -5.20
C CYS B 92 -8.41 -12.20 -4.80
N GLU B 93 -7.41 -12.91 -5.33
CA GLU B 93 -7.25 -14.33 -5.02
C GLU B 93 -5.85 -14.82 -5.40
N CYS B 94 -5.41 -15.93 -4.79
CA CYS B 94 -4.09 -16.49 -5.07
C CYS B 94 -4.18 -17.62 -6.10
N ARG B 95 -3.16 -17.69 -6.96
CA ARG B 95 -3.10 -18.74 -7.99
C ARG B 95 -1.65 -19.08 -8.33
N PRO B 96 -1.35 -20.31 -8.81
CA PRO B 96 0.02 -20.71 -9.16
C PRO B 96 0.66 -19.78 -10.20
N LYS B 97 1.95 -19.54 -10.05
CA LYS B 97 2.68 -18.68 -10.98
C LYS B 97 2.75 -19.31 -12.36
N LYS B 98 3.24 -18.54 -13.33
CA LYS B 98 3.35 -19.03 -14.70
C LYS B 98 4.31 -18.16 -15.52
N ASP B 99 5.41 -17.74 -14.91
CA ASP B 99 6.41 -16.90 -15.59
C ASP B 99 5.79 -15.55 -15.94
N GLY C 1 -9.23 -40.25 0.37
CA GLY C 1 -8.85 -38.84 0.60
C GLY C 1 -9.71 -38.16 1.65
N GLY C 2 -10.27 -37.01 1.32
CA GLY C 2 -11.11 -36.28 2.24
C GLY C 2 -10.33 -35.26 3.05
N ASN C 3 -11.00 -34.18 3.47
CA ASN C 3 -10.36 -33.13 4.25
C ASN C 3 -9.21 -32.49 3.47
N GLU C 4 -9.45 -32.20 2.19
CA GLU C 4 -8.45 -31.59 1.33
C GLU C 4 -8.43 -30.08 1.49
N CYS C 5 -7.33 -29.55 2.02
CA CYS C 5 -7.17 -28.12 2.23
C CYS C 5 -6.66 -27.44 0.96
N ASP C 6 -7.47 -26.55 0.39
CA ASP C 6 -7.09 -25.83 -0.82
C ASP C 6 -5.92 -24.89 -0.52
N ILE C 7 -4.85 -25.01 -1.31
CA ILE C 7 -3.65 -24.20 -1.10
C ILE C 7 -3.95 -22.70 -1.21
N ALA C 8 -4.87 -22.34 -2.10
CA ALA C 8 -5.24 -20.93 -2.30
C ALA C 8 -6.54 -20.59 -1.56
N ARG C 9 -6.72 -21.20 -0.39
CA ARG C 9 -7.93 -20.98 0.43
C ARG C 9 -7.57 -20.81 1.90
N MET C 10 -8.47 -20.15 2.64
CA MET C 10 -8.27 -19.89 4.07
C MET C 10 -7.89 -21.15 4.86
N TRP C 11 -6.58 -21.35 5.04
CA TRP C 11 -6.06 -22.50 5.79
C TRP C 11 -6.38 -22.40 7.28
N GLU C 12 -7.54 -22.91 7.69
CA GLU C 12 -7.96 -22.89 9.10
C GLU C 12 -6.94 -23.58 9.99
N TRP C 13 -7.25 -23.72 11.28
CA TRP C 13 -6.33 -24.35 12.24
C TRP C 13 -5.89 -25.76 11.80
N GLU C 14 -6.86 -26.62 11.46
CA GLU C 14 -6.57 -27.99 11.04
C GLU C 14 -5.55 -28.04 9.89
N CYS C 15 -5.75 -27.20 8.88
CA CYS C 15 -4.85 -27.15 7.73
C CYS C 15 -3.46 -26.69 8.16
N PHE C 16 -3.40 -25.83 9.19
CA PHE C 16 -2.14 -25.32 9.70
C PHE C 16 -1.35 -26.45 10.37
N GLU C 17 -2.06 -27.26 11.15
CA GLU C 17 -1.44 -28.38 11.86
C GLU C 17 -0.85 -29.40 10.89
N ARG C 18 -1.43 -29.51 9.69
CA ARG C 18 -0.96 -30.46 8.70
C ARG C 18 0.29 -29.99 7.94
N LEU C 19 0.85 -28.83 8.32
CA LEU C 19 2.05 -28.31 7.65
C LEU C 19 3.24 -29.22 7.90
N GLY D 1 7.17 40.26 1.17
CA GLY D 1 6.68 38.85 1.19
C GLY D 1 5.86 38.54 2.43
N GLY D 2 4.74 37.85 2.24
CA GLY D 2 3.88 37.50 3.35
C GLY D 2 3.30 36.10 3.23
N ASN D 3 2.23 35.97 2.47
CA ASN D 3 1.58 34.67 2.26
C ASN D 3 2.52 33.69 1.57
N GLU D 4 3.35 33.03 2.35
CA GLU D 4 4.31 32.06 1.82
C GLU D 4 3.79 30.63 2.00
N CYS D 5 3.44 29.98 0.89
CA CYS D 5 2.94 28.62 0.94
C CYS D 5 4.09 27.61 1.04
N ASP D 6 4.14 26.89 2.16
CA ASP D 6 5.19 25.89 2.38
C ASP D 6 5.03 24.76 1.36
N ILE D 7 6.09 24.50 0.60
CA ILE D 7 6.07 23.46 -0.43
C ILE D 7 5.69 22.09 0.14
N ALA D 8 6.12 21.80 1.36
CA ALA D 8 5.83 20.52 2.00
C ALA D 8 4.71 20.66 3.03
N ARG D 9 3.71 21.48 2.70
CA ARG D 9 2.57 21.71 3.59
C ARG D 9 1.26 21.73 2.81
N MET D 10 0.15 21.43 3.49
CA MET D 10 -1.19 21.39 2.87
C MET D 10 -1.47 22.64 2.03
N TRP D 11 -1.22 22.54 0.73
CA TRP D 11 -1.47 23.65 -0.19
C TRP D 11 -2.96 23.89 -0.39
N GLU D 12 -3.54 24.76 0.46
CA GLU D 12 -4.96 25.08 0.38
C GLU D 12 -5.31 25.67 -1.00
N TRP D 13 -6.56 26.13 -1.16
CA TRP D 13 -7.01 26.69 -2.45
C TRP D 13 -6.09 27.82 -2.94
N GLU D 14 -5.85 28.83 -2.11
CA GLU D 14 -5.00 29.98 -2.49
C GLU D 14 -3.66 29.53 -3.09
N CYS D 15 -3.00 28.57 -2.44
CA CYS D 15 -1.71 28.07 -2.92
C CYS D 15 -1.88 27.36 -4.26
N PHE D 16 -3.03 26.72 -4.45
CA PHE D 16 -3.32 26.02 -5.71
C PHE D 16 -3.46 27.02 -6.85
N GLU D 17 -4.06 28.17 -6.56
CA GLU D 17 -4.26 29.21 -7.56
C GLU D 17 -2.94 29.87 -7.96
N ARG D 18 -1.96 29.86 -7.06
CA ARG D 18 -0.66 30.47 -7.34
C ARG D 18 0.28 29.55 -8.14
N LEU D 19 -0.22 28.42 -8.62
CA LEU D 19 0.61 27.49 -9.40
C LEU D 19 0.90 28.05 -10.78
N HIS A 1 -25.15 8.23 -8.63
CA HIS A 1 -24.42 7.22 -7.82
C HIS A 1 -23.06 7.74 -7.37
N HIS A 2 -22.17 7.96 -8.34
CA HIS A 2 -20.83 8.46 -8.05
C HIS A 2 -20.06 8.71 -9.35
N GLU A 3 -20.27 9.89 -9.94
CA GLU A 3 -19.62 10.24 -11.19
C GLU A 3 -18.10 10.38 -11.03
N VAL A 4 -17.66 11.49 -10.43
CA VAL A 4 -16.23 11.74 -10.22
C VAL A 4 -15.94 12.08 -8.76
N VAL A 5 -14.74 11.72 -8.30
CA VAL A 5 -14.34 12.00 -6.92
C VAL A 5 -14.04 13.48 -6.74
N LYS A 6 -14.27 13.98 -5.53
CA LYS A 6 -14.03 15.40 -5.23
C LYS A 6 -12.54 15.70 -5.16
N PHE A 7 -12.13 16.81 -5.79
CA PHE A 7 -10.73 17.24 -5.81
C PHE A 7 -10.10 17.29 -4.42
N MET A 8 -10.71 18.08 -3.53
CA MET A 8 -10.21 18.24 -2.15
C MET A 8 -10.02 16.90 -1.44
N ASP A 9 -10.74 15.87 -1.86
CA ASP A 9 -10.63 14.55 -1.25
C ASP A 9 -9.45 13.76 -1.81
N VAL A 10 -9.15 13.97 -3.08
CA VAL A 10 -8.04 13.27 -3.73
C VAL A 10 -6.70 13.73 -3.16
N TYR A 11 -6.57 15.02 -2.94
CA TYR A 11 -5.34 15.60 -2.41
C TYR A 11 -5.17 15.28 -0.92
N GLN A 12 -6.26 15.38 -0.18
CA GLN A 12 -6.23 15.11 1.25
C GLN A 12 -5.90 13.64 1.55
N ARG A 13 -6.41 12.74 0.72
CA ARG A 13 -6.17 11.32 0.90
C ARG A 13 -4.92 10.82 0.17
N SER A 14 -4.35 11.64 -0.72
CA SER A 14 -3.16 11.24 -1.47
C SER A 14 -1.87 11.80 -0.86
N TYR A 15 -1.98 12.96 -0.21
CA TYR A 15 -0.83 13.61 0.41
C TYR A 15 -0.12 12.70 1.42
N CYS A 16 1.23 12.69 1.37
CA CYS A 16 2.08 11.86 2.25
C CYS A 16 1.56 11.75 3.70
N HIS A 17 0.98 10.59 4.03
CA HIS A 17 0.45 10.34 5.36
C HIS A 17 0.52 8.85 5.69
N PRO A 18 0.28 8.44 6.97
CA PRO A 18 0.34 7.02 7.35
C PRO A 18 -0.85 6.23 6.80
N ILE A 19 -0.55 5.18 6.03
CA ILE A 19 -1.59 4.34 5.44
C ILE A 19 -1.26 2.86 5.64
N GLU A 20 -2.28 2.04 5.82
CA GLU A 20 -2.10 0.60 6.03
C GLU A 20 -1.44 -0.04 4.82
N THR A 21 -0.22 -0.54 5.02
CA THR A 21 0.52 -1.19 3.93
C THR A 21 1.09 -2.53 4.38
N LEU A 22 0.96 -3.54 3.53
CA LEU A 22 1.46 -4.88 3.82
C LEU A 22 2.93 -4.98 3.45
N VAL A 23 3.75 -5.48 4.38
CA VAL A 23 5.20 -5.61 4.15
C VAL A 23 5.63 -7.08 4.15
N ASP A 24 6.51 -7.43 3.21
CA ASP A 24 7.01 -8.79 3.11
C ASP A 24 8.08 -9.05 4.16
N ILE A 25 7.99 -10.19 4.84
CA ILE A 25 8.95 -10.54 5.87
C ILE A 25 10.33 -10.76 5.25
N PHE A 26 10.35 -11.36 4.07
CA PHE A 26 11.61 -11.61 3.36
C PHE A 26 12.29 -10.30 2.98
N GLN A 27 11.51 -9.23 2.80
CA GLN A 27 12.06 -7.93 2.44
C GLN A 27 12.79 -7.29 3.62
N GLU A 28 12.33 -7.58 4.84
CA GLU A 28 12.94 -7.03 6.03
C GLU A 28 14.05 -7.95 6.53
N TYR A 29 13.81 -9.25 6.45
CA TYR A 29 14.79 -10.26 6.88
C TYR A 29 15.20 -11.15 5.70
N PRO A 30 16.08 -10.66 4.78
CA PRO A 30 16.51 -11.45 3.62
C PRO A 30 17.52 -12.54 3.93
N ASP A 31 18.02 -12.59 5.18
CA ASP A 31 19.00 -13.60 5.57
C ASP A 31 18.33 -14.89 6.06
N GLU A 32 17.09 -14.79 6.53
CA GLU A 32 16.37 -15.96 7.02
C GLU A 32 15.54 -16.60 5.91
N ILE A 33 16.07 -17.66 5.31
CA ILE A 33 15.39 -18.36 4.22
C ILE A 33 14.99 -19.78 4.62
N GLU A 34 15.83 -20.43 5.42
CA GLU A 34 15.57 -21.80 5.86
C GLU A 34 14.29 -21.93 6.70
N TYR A 35 13.78 -20.82 7.22
CA TYR A 35 12.57 -20.86 8.04
C TYR A 35 11.41 -20.14 7.35
N ILE A 36 10.57 -20.89 6.65
CA ILE A 36 9.41 -20.31 5.96
C ILE A 36 8.46 -19.66 6.96
N PHE A 37 8.07 -18.41 6.69
CA PHE A 37 7.17 -17.68 7.57
C PHE A 37 5.72 -17.80 7.11
N LYS A 38 4.82 -18.03 8.06
CA LYS A 38 3.38 -18.15 7.77
C LYS A 38 2.58 -17.26 8.74
N PRO A 39 1.97 -16.13 8.28
CA PRO A 39 2.00 -15.66 6.87
C PRO A 39 3.36 -15.10 6.46
N SER A 40 3.63 -15.13 5.16
CA SER A 40 4.89 -14.63 4.62
C SER A 40 4.97 -13.09 4.65
N CYS A 41 3.86 -12.41 4.94
CA CYS A 41 3.84 -10.95 4.98
C CYS A 41 3.08 -10.46 6.21
N VAL A 42 3.25 -9.19 6.58
CA VAL A 42 2.57 -8.63 7.75
C VAL A 42 2.04 -7.22 7.49
N PRO A 43 0.86 -6.85 8.04
CA PRO A 43 0.30 -5.51 7.85
C PRO A 43 0.91 -4.47 8.78
N LEU A 44 1.55 -3.46 8.21
CA LEU A 44 2.19 -2.40 8.99
C LEU A 44 1.76 -1.02 8.50
N MET A 45 1.72 -0.06 9.42
CA MET A 45 1.33 1.31 9.09
C MET A 45 2.54 2.11 8.60
N ARG A 46 2.63 2.29 7.28
CA ARG A 46 3.72 3.05 6.69
C ARG A 46 3.20 4.22 5.87
N CYS A 47 4.09 5.16 5.56
CA CYS A 47 3.73 6.34 4.78
C CYS A 47 3.74 6.03 3.29
N GLY A 48 2.71 6.47 2.58
CA GLY A 48 2.63 6.23 1.14
C GLY A 48 1.93 7.36 0.41
N GLY A 49 2.16 7.43 -0.91
CA GLY A 49 1.54 8.48 -1.72
C GLY A 49 2.57 9.33 -2.46
N CYS A 50 2.34 10.64 -2.48
CA CYS A 50 3.24 11.56 -3.15
C CYS A 50 3.34 12.88 -2.38
N CYS A 51 4.26 13.75 -2.81
CA CYS A 51 4.46 15.05 -2.15
C CYS A 51 3.79 16.18 -2.93
N ASN A 52 3.96 17.41 -2.42
CA ASN A 52 3.38 18.59 -3.04
C ASN A 52 4.13 18.99 -4.32
N ASP A 53 5.44 18.79 -4.34
CA ASP A 53 6.25 19.15 -5.51
C ASP A 53 7.12 17.98 -5.96
N GLU A 54 7.72 18.12 -7.14
CA GLU A 54 8.58 17.08 -7.70
C GLU A 54 9.87 16.96 -6.90
N GLY A 55 10.35 18.09 -6.37
CA GLY A 55 11.58 18.10 -5.60
C GLY A 55 11.42 17.66 -4.15
N LEU A 56 10.24 17.14 -3.77
CA LEU A 56 10.01 16.68 -2.40
C LEU A 56 9.98 15.16 -2.35
N GLU A 57 9.98 14.61 -1.14
CA GLU A 57 9.95 13.16 -0.97
C GLU A 57 9.18 12.76 0.28
N CYS A 58 8.27 11.80 0.13
CA CYS A 58 7.46 11.31 1.24
C CYS A 58 8.29 10.42 2.15
N VAL A 59 8.68 10.95 3.32
CA VAL A 59 9.48 10.20 4.28
C VAL A 59 8.89 10.31 5.69
N PRO A 60 9.17 9.35 6.59
CA PRO A 60 8.63 9.37 7.96
C PRO A 60 9.48 10.21 8.92
N THR A 61 8.82 10.81 9.91
CA THR A 61 9.52 11.63 10.90
C THR A 61 9.68 10.89 12.23
N GLU A 62 8.75 9.97 12.51
CA GLU A 62 8.82 9.19 13.75
C GLU A 62 8.54 7.71 13.45
N GLU A 63 9.21 6.82 14.18
CA GLU A 63 9.06 5.38 13.97
C GLU A 63 8.61 4.67 15.25
N SER A 64 8.45 3.34 15.14
CA SER A 64 8.03 2.52 16.27
C SER A 64 8.11 1.04 15.91
N ASN A 65 8.06 0.17 16.93
CA ASN A 65 8.12 -1.28 16.71
C ASN A 65 6.81 -1.96 17.09
N ILE A 66 6.54 -3.09 16.46
CA ILE A 66 5.32 -3.84 16.71
C ILE A 66 5.58 -5.36 16.59
N THR A 67 5.27 -6.10 17.65
CA THR A 67 5.50 -7.54 17.66
C THR A 67 4.29 -8.28 17.08
N MET A 68 4.57 -9.34 16.32
CA MET A 68 3.52 -10.14 15.70
C MET A 68 3.83 -11.62 15.77
N GLN A 69 2.79 -12.44 15.85
CA GLN A 69 2.96 -13.89 15.93
C GLN A 69 3.12 -14.50 14.53
N ILE A 70 4.25 -15.16 14.29
CA ILE A 70 4.52 -15.79 13.00
C ILE A 70 4.84 -17.27 13.18
N MET A 71 4.34 -18.10 12.25
CA MET A 71 4.58 -19.54 12.30
C MET A 71 5.83 -19.92 11.49
N ARG A 72 6.91 -20.23 12.20
CA ARG A 72 8.16 -20.61 11.55
C ARG A 72 8.15 -22.10 11.20
N ILE A 73 8.13 -22.41 9.90
CA ILE A 73 8.12 -23.79 9.44
C ILE A 73 9.45 -24.16 8.79
N LYS A 74 9.79 -25.45 8.81
CA LYS A 74 11.03 -25.94 8.22
C LYS A 74 10.73 -27.08 7.23
N PRO A 75 11.53 -27.22 6.14
CA PRO A 75 11.30 -28.27 5.14
C PRO A 75 11.32 -29.69 5.73
N HIS A 76 10.14 -30.28 5.89
CA HIS A 76 10.01 -31.64 6.43
C HIS A 76 10.65 -31.76 7.82
N GLN A 77 10.62 -30.68 8.60
CA GLN A 77 11.21 -30.68 9.95
C GLN A 77 10.19 -30.31 11.05
N GLY A 78 9.18 -29.50 10.70
CA GLY A 78 8.18 -29.11 11.68
C GLY A 78 7.76 -27.65 11.57
N GLN A 79 7.16 -27.12 12.64
CA GLN A 79 6.70 -25.74 12.66
C GLN A 79 6.40 -25.29 14.10
N HIS A 80 6.47 -23.98 14.33
CA HIS A 80 6.20 -23.42 15.65
C HIS A 80 5.93 -21.92 15.57
N ILE A 81 5.29 -21.39 16.63
CA ILE A 81 4.96 -19.96 16.68
C ILE A 81 6.10 -19.17 17.33
N GLY A 82 6.48 -18.06 16.69
CA GLY A 82 7.55 -17.22 17.22
C GLY A 82 7.16 -15.75 17.26
N GLU A 83 7.92 -14.97 18.02
CA GLU A 83 7.64 -13.54 18.15
C GLU A 83 8.63 -12.73 17.30
N MET A 84 8.09 -11.88 16.43
CA MET A 84 8.92 -11.05 15.56
C MET A 84 8.45 -9.60 15.58
N SER A 85 9.40 -8.69 15.80
CA SER A 85 9.08 -7.27 15.83
C SER A 85 9.38 -6.61 14.50
N PHE A 86 8.56 -5.61 14.14
CA PHE A 86 8.74 -4.90 12.88
C PHE A 86 8.64 -3.38 13.11
N LEU A 87 9.40 -2.62 12.33
CA LEU A 87 9.41 -1.17 12.46
C LEU A 87 8.35 -0.55 11.54
N GLN A 88 7.56 0.38 12.09
CA GLN A 88 6.50 1.05 11.32
C GLN A 88 6.71 2.57 11.37
N HIS A 89 5.91 3.30 10.61
CA HIS A 89 5.99 4.76 10.57
C HIS A 89 4.82 5.40 11.32
N ASN A 90 5.15 6.21 12.32
CA ASN A 90 4.14 6.89 13.12
C ASN A 90 3.66 8.18 12.46
N LYS A 91 4.61 9.08 12.19
CA LYS A 91 4.28 10.35 11.55
C LYS A 91 4.93 10.44 10.16
N CYS A 92 4.32 11.22 9.27
CA CYS A 92 4.84 11.38 7.91
C CYS A 92 4.96 12.87 7.55
N GLU A 93 5.90 13.19 6.68
CA GLU A 93 6.11 14.57 6.25
C GLU A 93 6.95 14.62 4.97
N CYS A 94 6.80 15.71 4.20
CA CYS A 94 7.54 15.88 2.96
C CYS A 94 8.80 16.72 3.16
N ARG A 95 9.89 16.32 2.50
CA ARG A 95 11.15 17.05 2.59
C ARG A 95 11.85 17.09 1.22
N PRO A 96 12.83 18.02 1.01
CA PRO A 96 13.53 18.11 -0.27
C PRO A 96 14.36 16.86 -0.57
N LYS A 97 14.24 16.36 -1.80
CA LYS A 97 14.98 15.17 -2.22
C LYS A 97 16.49 15.34 -2.11
N LYS A 98 17.16 14.27 -1.70
CA LYS A 98 18.61 14.25 -1.57
C LYS A 98 19.12 12.82 -1.79
N ASP A 99 20.37 12.55 -1.42
CA ASP A 99 20.94 11.21 -1.59
C ASP A 99 22.22 11.06 -0.78
N HIS B 1 -1.07 -3.41 27.54
CA HIS B 1 -1.42 -2.45 26.45
C HIS B 1 -1.74 -3.19 25.15
N HIS B 2 -0.85 -4.10 24.74
CA HIS B 2 -1.05 -4.87 23.52
C HIS B 2 -0.03 -6.01 23.40
N GLU B 3 1.22 -5.72 23.73
CA GLU B 3 2.29 -6.72 23.67
C GLU B 3 2.49 -7.26 22.24
N VAL B 4 1.75 -8.32 21.87
CA VAL B 4 1.88 -8.90 20.53
C VAL B 4 0.53 -9.04 19.84
N VAL B 5 0.53 -9.00 18.51
CA VAL B 5 -0.69 -9.13 17.72
C VAL B 5 -1.14 -10.59 17.66
N LYS B 6 -2.44 -10.81 17.50
CA LYS B 6 -2.99 -12.16 17.44
C LYS B 6 -2.72 -12.81 16.08
N PHE B 7 -2.26 -14.07 16.10
CA PHE B 7 -1.94 -14.83 14.87
C PHE B 7 -3.09 -14.79 13.86
N MET B 8 -4.28 -15.21 14.28
CA MET B 8 -5.45 -15.24 13.39
C MET B 8 -5.73 -13.89 12.73
N ASP B 9 -5.29 -12.81 13.36
CA ASP B 9 -5.51 -11.46 12.83
C ASP B 9 -4.46 -11.10 11.78
N VAL B 10 -3.24 -11.59 11.97
CA VAL B 10 -2.15 -11.32 11.04
C VAL B 10 -2.39 -11.97 9.69
N TYR B 11 -2.89 -13.20 9.71
CA TYR B 11 -3.16 -13.94 8.49
C TYR B 11 -4.41 -13.41 7.78
N GLN B 12 -5.46 -13.15 8.55
CA GLN B 12 -6.71 -12.65 7.98
C GLN B 12 -6.54 -11.28 7.32
N ARG B 13 -5.68 -10.44 7.91
CA ARG B 13 -5.44 -9.11 7.39
C ARG B 13 -4.29 -9.06 6.36
N SER B 14 -3.47 -10.11 6.30
CA SER B 14 -2.34 -10.15 5.37
C SER B 14 -2.66 -10.91 4.09
N TYR B 15 -3.59 -11.86 4.17
CA TYR B 15 -3.98 -12.67 3.01
C TYR B 15 -4.46 -11.79 1.84
N CYS B 16 -4.04 -12.13 0.62
CA CYS B 16 -4.39 -11.40 -0.62
C CYS B 16 -5.85 -10.91 -0.65
N HIS B 17 -6.04 -9.61 -0.42
CA HIS B 17 -7.37 -9.00 -0.44
C HIS B 17 -7.29 -7.54 -0.86
N PRO B 18 -8.43 -6.87 -1.17
CA PRO B 18 -8.42 -5.47 -1.58
C PRO B 18 -8.09 -4.52 -0.44
N ILE B 19 -7.00 -3.75 -0.61
CA ILE B 19 -6.56 -2.80 0.39
C ILE B 19 -6.28 -1.43 -0.24
N GLU B 20 -6.54 -0.36 0.51
CA GLU B 20 -6.32 0.99 0.01
C GLU B 20 -4.85 1.23 -0.30
N THR B 21 -4.54 1.48 -1.56
CA THR B 21 -3.16 1.73 -2.00
C THR B 21 -3.08 2.93 -2.93
N LEU B 22 -2.09 3.78 -2.69
CA LEU B 22 -1.90 4.98 -3.51
C LEU B 22 -1.09 4.64 -4.76
N VAL B 23 -1.60 5.07 -5.92
CA VAL B 23 -0.93 4.80 -7.20
C VAL B 23 -0.45 6.09 -7.86
N ASP B 24 0.77 6.03 -8.41
CA ASP B 24 1.36 7.18 -9.08
C ASP B 24 0.75 7.35 -10.47
N ILE B 25 0.38 8.58 -10.81
CA ILE B 25 -0.22 8.87 -12.12
C ILE B 25 0.81 8.61 -13.23
N PHE B 26 2.05 8.99 -12.98
CA PHE B 26 3.13 8.80 -13.94
C PHE B 26 3.36 7.31 -14.21
N GLN B 27 3.04 6.46 -13.23
CA GLN B 27 3.21 5.01 -13.37
C GLN B 27 2.19 4.42 -14.34
N GLU B 28 1.00 5.02 -14.37
CA GLU B 28 -0.07 4.56 -15.26
C GLU B 28 0.02 5.25 -16.61
N TYR B 29 0.35 6.54 -16.59
CA TYR B 29 0.48 7.32 -17.82
C TYR B 29 1.91 7.88 -17.97
N PRO B 30 2.89 7.04 -18.37
CA PRO B 30 4.29 7.49 -18.51
C PRO B 30 4.56 8.33 -19.77
N ASP B 31 3.55 8.49 -20.63
CA ASP B 31 3.71 9.27 -21.86
C ASP B 31 3.39 10.75 -21.64
N GLU B 32 2.56 11.05 -20.64
CA GLU B 32 2.18 12.43 -20.35
C GLU B 32 3.14 13.03 -19.31
N ILE B 33 4.12 13.79 -19.79
CA ILE B 33 5.11 14.43 -18.91
C ILE B 33 4.99 15.96 -18.92
N GLU B 34 4.64 16.50 -20.08
CA GLU B 34 4.51 17.95 -20.24
C GLU B 34 3.40 18.55 -19.35
N TYR B 35 2.49 17.71 -18.86
CA TYR B 35 1.39 18.21 -18.02
C TYR B 35 1.50 17.68 -16.58
N ILE B 36 2.11 18.47 -15.70
CA ILE B 36 2.27 18.08 -14.30
C ILE B 36 0.91 17.88 -13.64
N PHE B 37 0.73 16.73 -12.98
CA PHE B 37 -0.54 16.41 -12.33
C PHE B 37 -0.52 16.81 -10.85
N LYS B 38 -1.60 17.44 -10.40
CA LYS B 38 -1.74 17.86 -9.01
C LYS B 38 -3.06 17.34 -8.42
N PRO B 39 -3.04 16.32 -7.50
CA PRO B 39 -1.83 15.67 -6.99
C PRO B 39 -1.19 14.72 -8.00
N SER B 40 0.09 14.41 -7.79
CA SER B 40 0.82 13.52 -8.69
C SER B 40 0.42 12.05 -8.49
N CYS B 41 -0.35 11.73 -7.45
CA CYS B 41 -0.78 10.36 -7.20
C CYS B 41 -2.25 10.32 -6.82
N VAL B 42 -2.85 9.12 -6.86
CA VAL B 42 -4.28 8.97 -6.54
C VAL B 42 -4.53 7.70 -5.70
N PRO B 43 -5.49 7.74 -4.73
CA PRO B 43 -5.79 6.59 -3.90
C PRO B 43 -6.74 5.60 -4.60
N LEU B 44 -6.28 4.38 -4.81
CA LEU B 44 -7.07 3.35 -5.47
C LEU B 44 -7.09 2.05 -4.67
N MET B 45 -8.18 1.30 -4.78
CA MET B 45 -8.33 0.05 -4.06
C MET B 45 -7.74 -1.11 -4.87
N ARG B 46 -6.52 -1.53 -4.51
CA ARG B 46 -5.84 -2.63 -5.20
C ARG B 46 -5.55 -3.77 -4.23
N CYS B 47 -5.15 -4.92 -4.80
CA CYS B 47 -4.84 -6.10 -3.99
C CYS B 47 -3.39 -6.08 -3.53
N GLY B 48 -3.17 -6.38 -2.24
CA GLY B 48 -1.82 -6.40 -1.71
C GLY B 48 -1.64 -7.43 -0.61
N GLY B 49 -0.39 -7.84 -0.38
CA GLY B 49 -0.10 -8.83 0.65
C GLY B 49 0.67 -10.03 0.12
N CYS B 50 0.29 -11.21 0.57
CA CYS B 50 0.94 -12.45 0.13
C CYS B 50 -0.07 -13.60 0.02
N CYS B 51 0.39 -14.74 -0.47
CA CYS B 51 -0.49 -15.90 -0.66
C CYS B 51 -0.21 -17.00 0.37
N ASN B 52 -0.95 -18.11 0.26
CA ASN B 52 -0.82 -19.24 1.18
C ASN B 52 0.51 -19.99 0.98
N ASP B 53 0.95 -20.09 -0.27
CA ASP B 53 2.18 -20.81 -0.59
C ASP B 53 3.13 -19.97 -1.44
N GLU B 54 4.37 -20.45 -1.56
CA GLU B 54 5.38 -19.75 -2.35
C GLU B 54 5.07 -19.82 -3.84
N GLY B 55 4.44 -20.92 -4.26
CA GLY B 55 4.09 -21.10 -5.66
C GLY B 55 2.81 -20.38 -6.10
N LEU B 56 2.24 -19.55 -5.22
CA LEU B 56 1.02 -18.81 -5.55
C LEU B 56 1.34 -17.34 -5.79
N GLU B 57 0.36 -16.59 -6.29
CA GLU B 57 0.56 -15.17 -6.56
C GLU B 57 -0.73 -14.38 -6.32
N CYS B 58 -0.60 -13.24 -5.65
CA CYS B 58 -1.74 -12.38 -5.35
C CYS B 58 -2.13 -11.56 -6.59
N VAL B 59 -3.22 -11.97 -7.24
CA VAL B 59 -3.70 -11.27 -8.43
C VAL B 59 -5.20 -10.97 -8.34
N PRO B 60 -5.72 -9.96 -9.08
CA PRO B 60 -7.14 -9.61 -9.03
C PRO B 60 -7.99 -10.47 -9.97
N THR B 61 -9.25 -10.69 -9.59
CA THR B 61 -10.16 -11.49 -10.39
C THR B 61 -11.16 -10.60 -11.14
N GLU B 62 -11.48 -9.44 -10.56
CA GLU B 62 -12.40 -8.51 -11.18
C GLU B 62 -11.85 -7.09 -11.10
N GLU B 63 -12.11 -6.27 -12.12
CA GLU B 63 -11.61 -4.89 -12.14
C GLU B 63 -12.73 -3.87 -12.28
N SER B 64 -12.35 -2.59 -12.32
CA SER B 64 -13.32 -1.50 -12.45
C SER B 64 -12.60 -0.17 -12.67
N ASN B 65 -13.34 0.85 -13.08
CA ASN B 65 -12.76 2.17 -13.34
C ASN B 65 -13.32 3.22 -12.37
N ILE B 66 -12.52 4.26 -12.12
CA ILE B 66 -12.93 5.33 -11.21
C ILE B 66 -12.35 6.67 -11.67
N THR B 67 -13.24 7.63 -11.93
CA THR B 67 -12.82 8.96 -12.40
C THR B 67 -12.47 9.85 -11.22
N MET B 68 -11.42 10.67 -11.39
CA MET B 68 -10.98 11.57 -10.34
C MET B 68 -10.60 12.94 -10.92
N GLN B 69 -10.76 13.99 -10.12
CA GLN B 69 -10.43 15.34 -10.55
C GLN B 69 -8.95 15.65 -10.32
N ILE B 70 -8.23 15.94 -11.40
CA ILE B 70 -6.81 16.25 -11.32
C ILE B 70 -6.51 17.62 -11.94
N MET B 71 -5.57 18.34 -11.34
CA MET B 71 -5.19 19.66 -11.84
C MET B 71 -4.00 19.58 -12.79
N ARG B 72 -4.26 19.74 -14.09
CA ARG B 72 -3.21 19.67 -15.10
C ARG B 72 -2.53 21.02 -15.26
N ILE B 73 -1.27 21.11 -14.83
CA ILE B 73 -0.51 22.36 -14.93
C ILE B 73 0.56 22.25 -16.02
N LYS B 74 1.00 23.40 -16.54
CA LYS B 74 2.02 23.45 -17.59
C LYS B 74 3.16 24.39 -17.18
N PRO B 75 4.42 24.12 -17.61
CA PRO B 75 5.57 24.97 -17.25
C PRO B 75 5.43 26.43 -17.70
N HIS B 76 5.28 27.32 -16.74
CA HIS B 76 5.17 28.75 -17.01
C HIS B 76 4.01 29.09 -17.95
N GLN B 77 2.93 28.30 -17.89
CA GLN B 77 1.75 28.54 -18.71
C GLN B 77 0.50 28.64 -17.81
N GLY B 78 -0.34 27.57 -17.73
CA GLY B 78 -1.53 27.64 -16.89
C GLY B 78 -1.86 26.34 -16.20
N GLN B 79 -3.07 26.26 -15.65
CA GLN B 79 -3.54 25.06 -14.96
C GLN B 79 -5.05 24.95 -15.07
N HIS B 80 -5.56 23.72 -15.02
CA HIS B 80 -7.00 23.49 -15.11
C HIS B 80 -7.37 22.11 -14.58
N ILE B 81 -8.64 21.95 -14.20
CA ILE B 81 -9.13 20.68 -13.68
C ILE B 81 -9.58 19.76 -14.80
N GLY B 82 -9.12 18.51 -14.78
CA GLY B 82 -9.49 17.55 -15.80
C GLY B 82 -10.01 16.25 -15.21
N GLU B 83 -10.69 15.46 -16.03
CA GLU B 83 -11.25 14.18 -15.59
C GLU B 83 -10.38 13.02 -16.07
N MET B 84 -9.89 12.22 -15.12
CA MET B 84 -9.03 11.08 -15.44
C MET B 84 -9.56 9.82 -14.77
N SER B 85 -9.70 8.76 -15.56
CA SER B 85 -10.18 7.48 -15.04
C SER B 85 -9.02 6.54 -14.74
N PHE B 86 -9.16 5.76 -13.68
CA PHE B 86 -8.13 4.81 -13.29
C PHE B 86 -8.75 3.43 -13.03
N LEU B 87 -7.99 2.38 -13.30
CA LEU B 87 -8.48 1.01 -13.10
C LEU B 87 -8.10 0.51 -11.71
N GLN B 88 -9.06 -0.08 -11.00
CA GLN B 88 -8.82 -0.60 -9.65
C GLN B 88 -9.18 -2.09 -9.60
N HIS B 89 -8.91 -2.73 -8.46
CA HIS B 89 -9.21 -4.14 -8.28
C HIS B 89 -10.40 -4.34 -7.34
N ASN B 90 -11.43 -5.02 -7.84
CA ASN B 90 -12.64 -5.26 -7.06
C ASN B 90 -12.47 -6.49 -6.16
N LYS B 91 -12.15 -7.62 -6.78
CA LYS B 91 -11.96 -8.87 -6.03
C LYS B 91 -10.52 -9.36 -6.18
N CYS B 92 -10.04 -10.10 -5.19
CA CYS B 92 -8.67 -10.64 -5.21
C CYS B 92 -8.67 -12.14 -4.93
N GLU B 93 -7.67 -12.84 -5.45
CA GLU B 93 -7.56 -14.28 -5.26
C GLU B 93 -6.15 -14.78 -5.59
N CYS B 94 -5.76 -15.90 -4.98
CA CYS B 94 -4.43 -16.46 -5.21
C CYS B 94 -4.45 -17.55 -6.29
N ARG B 95 -3.44 -17.56 -7.14
CA ARG B 95 -3.33 -18.53 -8.22
C ARG B 95 -1.87 -18.98 -8.38
N PRO B 96 -1.60 -20.13 -9.06
CA PRO B 96 -0.24 -20.62 -9.25
C PRO B 96 0.58 -19.70 -10.15
N LYS B 97 1.83 -19.43 -9.74
CA LYS B 97 2.72 -18.56 -10.51
C LYS B 97 3.00 -19.13 -11.90
N LYS B 98 2.99 -18.26 -12.91
CA LYS B 98 3.24 -18.68 -14.29
C LYS B 98 3.26 -17.49 -15.24
N ASP B 99 4.45 -17.10 -15.70
CA ASP B 99 4.59 -15.97 -16.60
C ASP B 99 4.10 -16.33 -18.00
N GLY C 1 -13.66 -36.65 4.16
CA GLY C 1 -14.97 -36.22 4.74
C GLY C 1 -15.42 -34.86 4.21
N GLY C 2 -14.50 -33.90 4.19
CA GLY C 2 -14.81 -32.57 3.70
C GLY C 2 -13.59 -31.81 3.25
N ASN C 3 -13.52 -31.52 1.95
CA ASN C 3 -12.39 -30.79 1.39
C ASN C 3 -12.60 -29.28 1.52
N GLU C 4 -12.08 -28.71 2.61
CA GLU C 4 -12.23 -27.27 2.87
C GLU C 4 -10.88 -26.55 2.93
N CYS C 5 -9.80 -27.27 3.20
CA CYS C 5 -8.47 -26.67 3.30
C CYS C 5 -7.78 -26.63 1.92
N ASP C 6 -8.26 -25.74 1.04
CA ASP C 6 -7.67 -25.59 -0.29
C ASP C 6 -6.42 -24.72 -0.20
N ILE C 7 -5.48 -24.92 -1.14
CA ILE C 7 -4.23 -24.16 -1.14
C ILE C 7 -4.48 -22.65 -1.28
N ALA C 8 -5.39 -22.26 -2.17
CA ALA C 8 -5.71 -20.85 -2.38
C ALA C 8 -6.98 -20.44 -1.61
N ARG C 9 -7.19 -21.05 -0.44
CA ARG C 9 -8.34 -20.76 0.40
C ARG C 9 -7.91 -20.48 1.83
N MET C 10 -8.72 -19.71 2.56
CA MET C 10 -8.41 -19.34 3.95
C MET C 10 -8.09 -20.55 4.83
N TRP C 11 -6.79 -20.84 4.96
CA TRP C 11 -6.32 -21.96 5.79
C TRP C 11 -6.56 -21.71 7.28
N GLU C 12 -7.75 -22.07 7.76
CA GLU C 12 -8.09 -21.90 9.18
C GLU C 12 -7.11 -22.67 10.08
N TRP C 13 -7.49 -22.88 11.35
CA TRP C 13 -6.63 -23.60 12.30
C TRP C 13 -6.27 -25.01 11.81
N GLU C 14 -7.29 -25.83 11.55
CA GLU C 14 -7.06 -27.21 11.09
C GLU C 14 -6.18 -27.26 9.84
N CYS C 15 -6.32 -26.26 8.97
CA CYS C 15 -5.53 -26.19 7.74
C CYS C 15 -4.07 -25.90 8.07
N PHE C 16 -3.84 -25.11 9.12
CA PHE C 16 -2.48 -24.77 9.54
C PHE C 16 -1.75 -26.01 10.00
N GLU C 17 -2.47 -26.94 10.62
CA GLU C 17 -1.88 -28.18 11.11
C GLU C 17 -1.64 -29.17 9.98
N ARG C 18 -2.41 -29.07 8.90
CA ARG C 18 -2.27 -29.98 7.76
C ARG C 18 -1.35 -29.41 6.69
N LEU C 19 -0.44 -28.51 7.06
CA LEU C 19 0.49 -27.93 6.11
C LEU C 19 1.47 -28.96 5.60
N GLY D 1 1.67 39.02 4.80
CA GLY D 1 0.65 39.05 5.88
C GLY D 1 0.63 37.78 6.70
N GLY D 2 0.68 36.63 6.02
CA GLY D 2 0.66 35.36 6.70
C GLY D 2 1.24 34.24 5.85
N ASN D 3 2.38 33.71 6.26
CA ASN D 3 3.04 32.63 5.53
C ASN D 3 2.48 31.27 5.96
N GLU D 4 1.45 30.81 5.24
CA GLU D 4 0.81 29.54 5.55
C GLU D 4 0.92 28.52 4.40
N CYS D 5 1.14 29.01 3.18
CA CYS D 5 1.25 28.11 2.02
C CYS D 5 2.69 27.63 1.82
N ASP D 6 3.16 26.76 2.72
CA ASP D 6 4.51 26.22 2.63
C ASP D 6 4.54 25.08 1.61
N ILE D 7 5.70 24.85 1.01
CA ILE D 7 5.84 23.80 -0.01
C ILE D 7 5.50 22.42 0.55
N ALA D 8 6.00 22.12 1.76
CA ALA D 8 5.74 20.82 2.38
C ALA D 8 4.60 20.91 3.40
N ARG D 9 3.62 21.75 3.10
CA ARG D 9 2.46 21.93 3.97
C ARG D 9 1.17 21.81 3.16
N MET D 10 0.07 21.46 3.82
CA MET D 10 -1.22 21.27 3.15
C MET D 10 -1.64 22.51 2.34
N TRP D 11 -1.34 22.48 1.03
CA TRP D 11 -1.69 23.58 0.13
C TRP D 11 -3.20 23.68 -0.08
N GLU D 12 -3.87 24.42 0.79
CA GLU D 12 -5.33 24.61 0.69
C GLU D 12 -5.71 25.26 -0.66
N TRP D 13 -6.92 25.79 -0.75
CA TRP D 13 -7.39 26.42 -1.99
C TRP D 13 -6.49 27.58 -2.45
N GLU D 14 -6.29 28.56 -1.57
CA GLU D 14 -5.47 29.72 -1.88
C GLU D 14 -4.06 29.33 -2.32
N CYS D 15 -3.54 28.26 -1.72
CA CYS D 15 -2.20 27.77 -2.06
C CYS D 15 -2.19 27.18 -3.47
N PHE D 16 -3.30 26.56 -3.85
CA PHE D 16 -3.42 25.95 -5.18
C PHE D 16 -3.33 27.03 -6.26
N GLU D 17 -3.87 28.21 -5.95
CA GLU D 17 -3.84 29.32 -6.89
C GLU D 17 -2.46 29.97 -6.94
N ARG D 18 -1.71 29.87 -5.84
CA ARG D 18 -0.37 30.46 -5.76
C ARG D 18 0.72 29.45 -6.12
N LEU D 19 0.39 28.47 -6.95
CA LEU D 19 1.36 27.45 -7.37
C LEU D 19 2.44 28.06 -8.27
N HIS A 1 -21.67 8.88 -16.41
CA HIS A 1 -20.68 8.55 -15.35
C HIS A 1 -20.71 9.58 -14.22
N HIS A 2 -21.27 9.17 -13.08
CA HIS A 2 -21.39 10.05 -11.92
C HIS A 2 -20.60 9.48 -10.73
N GLU A 3 -19.46 8.85 -11.04
CA GLU A 3 -18.61 8.25 -10.01
C GLU A 3 -17.26 8.97 -9.93
N VAL A 4 -17.28 10.28 -10.13
CA VAL A 4 -16.06 11.08 -10.08
C VAL A 4 -15.74 11.50 -8.64
N VAL A 5 -14.47 11.46 -8.29
CA VAL A 5 -14.03 11.84 -6.94
C VAL A 5 -13.76 13.34 -6.86
N LYS A 6 -14.15 13.94 -5.74
CA LYS A 6 -13.95 15.38 -5.54
C LYS A 6 -12.46 15.71 -5.45
N PHE A 7 -12.08 16.85 -6.04
CA PHE A 7 -10.68 17.29 -6.05
C PHE A 7 -10.09 17.38 -4.65
N MET A 8 -10.72 18.15 -3.77
CA MET A 8 -10.26 18.33 -2.40
C MET A 8 -10.08 17.01 -1.65
N ASP A 9 -10.79 15.97 -2.09
CA ASP A 9 -10.71 14.65 -1.45
C ASP A 9 -9.49 13.87 -1.95
N VAL A 10 -9.16 14.04 -3.23
CA VAL A 10 -8.03 13.33 -3.82
C VAL A 10 -6.71 13.80 -3.22
N TYR A 11 -6.63 15.11 -2.96
CA TYR A 11 -5.42 15.71 -2.39
C TYR A 11 -5.29 15.38 -0.91
N GLN A 12 -6.39 15.51 -0.17
CA GLN A 12 -6.40 15.24 1.26
C GLN A 12 -6.09 13.78 1.57
N ARG A 13 -6.68 12.87 0.79
CA ARG A 13 -6.48 11.44 0.99
C ARG A 13 -5.17 10.93 0.40
N SER A 14 -4.60 11.67 -0.56
CA SER A 14 -3.35 11.24 -1.21
C SER A 14 -2.11 11.86 -0.57
N TYR A 15 -2.27 13.02 0.06
CA TYR A 15 -1.14 13.73 0.70
C TYR A 15 -0.38 12.82 1.68
N CYS A 16 0.97 12.84 1.57
CA CYS A 16 1.88 12.04 2.43
C CYS A 16 1.42 11.90 3.89
N HIS A 17 0.78 10.76 4.19
CA HIS A 17 0.30 10.48 5.54
C HIS A 17 0.40 8.97 5.84
N PRO A 18 0.28 8.55 7.12
CA PRO A 18 0.38 7.13 7.48
C PRO A 18 -0.81 6.32 6.98
N ILE A 19 -0.53 5.27 6.20
CA ILE A 19 -1.58 4.42 5.64
C ILE A 19 -1.26 2.94 5.85
N GLU A 20 -2.30 2.13 6.02
CA GLU A 20 -2.12 0.69 6.24
C GLU A 20 -1.56 0.02 4.99
N THR A 21 -0.38 -0.62 5.13
CA THR A 21 0.25 -1.30 4.02
C THR A 21 0.87 -2.62 4.46
N LEU A 22 0.70 -3.65 3.63
CA LEU A 22 1.24 -4.97 3.92
C LEU A 22 2.70 -5.07 3.46
N VAL A 23 3.57 -5.52 4.35
CA VAL A 23 4.99 -5.64 4.03
C VAL A 23 5.44 -7.10 4.04
N ASP A 24 6.24 -7.47 3.05
CA ASP A 24 6.75 -8.84 2.93
C ASP A 24 7.84 -9.09 3.98
N ILE A 25 7.77 -10.24 4.65
CA ILE A 25 8.75 -10.59 5.67
C ILE A 25 10.13 -10.78 5.04
N PHE A 26 10.16 -11.39 3.86
CA PHE A 26 11.40 -11.64 3.14
C PHE A 26 12.12 -10.33 2.81
N GLN A 27 11.37 -9.24 2.68
CA GLN A 27 11.94 -7.94 2.35
C GLN A 27 12.60 -7.29 3.57
N GLU A 28 12.07 -7.60 4.76
CA GLU A 28 12.62 -7.05 5.99
C GLU A 28 13.73 -7.94 6.55
N TYR A 29 13.51 -9.26 6.47
CA TYR A 29 14.49 -10.23 6.95
C TYR A 29 15.13 -10.97 5.75
N PRO A 30 16.23 -10.43 5.16
CA PRO A 30 16.87 -11.06 4.01
C PRO A 30 17.74 -12.26 4.37
N ASP A 31 18.15 -12.36 5.64
CA ASP A 31 19.00 -13.47 6.08
C ASP A 31 18.18 -14.64 6.66
N GLU A 32 16.90 -14.72 6.30
CA GLU A 32 16.03 -15.80 6.78
C GLU A 32 15.19 -16.35 5.63
N ILE A 33 15.69 -17.37 4.94
CA ILE A 33 14.96 -17.97 3.82
C ILE A 33 14.64 -19.44 4.10
N GLU A 34 15.60 -20.16 4.67
CA GLU A 34 15.42 -21.58 4.97
C GLU A 34 14.24 -21.83 5.91
N TYR A 35 13.78 -20.80 6.63
CA TYR A 35 12.67 -20.95 7.57
C TYR A 35 11.39 -20.35 6.98
N ILE A 36 10.54 -21.21 6.41
CA ILE A 36 9.28 -20.76 5.82
C ILE A 36 8.39 -20.11 6.86
N PHE A 37 7.97 -18.87 6.58
CA PHE A 37 7.11 -18.12 7.50
C PHE A 37 5.65 -18.15 7.04
N LYS A 38 4.73 -18.27 7.99
CA LYS A 38 3.30 -18.30 7.68
C LYS A 38 2.53 -17.38 8.65
N PRO A 39 1.94 -16.24 8.18
CA PRO A 39 1.98 -15.78 6.78
C PRO A 39 3.33 -15.20 6.38
N SER A 40 3.55 -15.08 5.07
CA SER A 40 4.81 -14.55 4.55
C SER A 40 4.86 -13.00 4.57
N CYS A 41 3.73 -12.35 4.92
CA CYS A 41 3.70 -10.89 4.97
C CYS A 41 2.96 -10.42 6.23
N VAL A 42 3.15 -9.16 6.60
CA VAL A 42 2.50 -8.60 7.79
C VAL A 42 1.99 -7.18 7.55
N PRO A 43 0.81 -6.80 8.10
CA PRO A 43 0.26 -5.45 7.92
C PRO A 43 0.94 -4.43 8.84
N LEU A 44 1.52 -3.40 8.24
CA LEU A 44 2.21 -2.35 9.00
C LEU A 44 1.78 -0.97 8.54
N MET A 45 1.82 0.00 9.46
CA MET A 45 1.44 1.37 9.15
C MET A 45 2.64 2.16 8.62
N ARG A 46 2.69 2.34 7.31
CA ARG A 46 3.78 3.08 6.67
C ARG A 46 3.25 4.29 5.92
N CYS A 47 4.17 5.17 5.53
CA CYS A 47 3.79 6.38 4.79
C CYS A 47 3.66 6.10 3.30
N GLY A 48 2.60 6.60 2.70
CA GLY A 48 2.37 6.39 1.27
C GLY A 48 1.69 7.58 0.61
N GLY A 49 1.90 7.72 -0.71
CA GLY A 49 1.29 8.81 -1.45
C GLY A 49 2.30 9.59 -2.27
N CYS A 50 2.22 10.92 -2.20
CA CYS A 50 3.13 11.79 -2.93
C CYS A 50 3.20 13.18 -2.30
N CYS A 51 4.19 13.97 -2.73
CA CYS A 51 4.37 15.31 -2.20
C CYS A 51 3.74 16.36 -3.12
N ASN A 52 3.89 17.64 -2.75
CA ASN A 52 3.32 18.74 -3.53
C ASN A 52 4.19 19.13 -4.72
N ASP A 53 5.50 18.93 -4.60
CA ASP A 53 6.43 19.30 -5.68
C ASP A 53 7.30 18.11 -6.09
N GLU A 54 7.94 18.24 -7.26
CA GLU A 54 8.80 17.19 -7.78
C GLU A 54 10.08 17.04 -6.95
N GLY A 55 10.55 18.15 -6.38
CA GLY A 55 11.77 18.13 -5.59
C GLY A 55 11.57 17.76 -4.12
N LEU A 56 10.42 17.16 -3.79
CA LEU A 56 10.13 16.75 -2.41
C LEU A 56 10.09 15.22 -2.32
N GLU A 57 9.90 14.70 -1.11
CA GLU A 57 9.84 13.25 -0.91
C GLU A 57 9.04 12.92 0.36
N CYS A 58 8.18 11.91 0.25
CA CYS A 58 7.36 11.48 1.39
C CYS A 58 8.16 10.55 2.29
N VAL A 59 8.60 11.07 3.45
CA VAL A 59 9.38 10.29 4.40
C VAL A 59 8.78 10.36 5.80
N PRO A 60 9.12 9.41 6.71
CA PRO A 60 8.58 9.40 8.07
C PRO A 60 9.39 10.26 9.04
N THR A 61 8.71 10.86 10.01
CA THR A 61 9.38 11.70 11.01
C THR A 61 9.53 10.96 12.34
N GLU A 62 8.62 10.01 12.60
CA GLU A 62 8.67 9.23 13.84
C GLU A 62 8.43 7.76 13.54
N GLU A 63 9.28 6.89 14.08
CA GLU A 63 9.16 5.44 13.83
C GLU A 63 8.79 4.69 15.11
N SER A 64 8.61 3.38 14.98
CA SER A 64 8.27 2.52 16.11
C SER A 64 8.31 1.04 15.70
N ASN A 65 8.29 0.16 16.70
CA ASN A 65 8.34 -1.28 16.45
C ASN A 65 7.04 -1.97 16.85
N ILE A 66 6.76 -3.11 16.25
CA ILE A 66 5.55 -3.86 16.54
C ILE A 66 5.81 -5.37 16.44
N THR A 67 5.49 -6.09 17.52
CA THR A 67 5.70 -7.54 17.56
C THR A 67 4.51 -8.28 16.93
N MET A 68 4.79 -9.43 16.32
CA MET A 68 3.75 -10.23 15.68
C MET A 68 4.02 -11.71 15.85
N GLN A 69 2.97 -12.52 15.70
CA GLN A 69 3.08 -13.96 15.82
C GLN A 69 3.20 -14.62 14.45
N ILE A 70 4.29 -15.36 14.23
CA ILE A 70 4.52 -16.03 12.94
C ILE A 70 4.83 -17.51 13.14
N MET A 71 4.35 -18.33 12.21
CA MET A 71 4.58 -19.78 12.27
C MET A 71 5.83 -20.14 11.47
N ARG A 72 6.90 -20.49 12.17
CA ARG A 72 8.16 -20.85 11.52
C ARG A 72 8.21 -22.35 11.20
N ILE A 73 8.23 -22.67 9.90
CA ILE A 73 8.27 -24.06 9.45
C ILE A 73 9.64 -24.38 8.83
N LYS A 74 10.01 -25.66 8.87
CA LYS A 74 11.29 -26.11 8.31
C LYS A 74 11.10 -27.42 7.52
N PRO A 75 11.75 -27.56 6.34
CA PRO A 75 11.61 -28.79 5.53
C PRO A 75 12.02 -30.05 6.29
N HIS A 76 11.19 -31.08 6.19
CA HIS A 76 11.46 -32.36 6.85
C HIS A 76 11.50 -32.26 8.38
N GLN A 77 11.04 -31.15 8.95
CA GLN A 77 11.04 -30.96 10.41
C GLN A 77 9.60 -30.68 10.92
N GLY A 78 9.31 -29.50 11.50
CA GLY A 78 7.97 -29.22 11.99
C GLY A 78 7.62 -27.74 11.89
N GLN A 79 6.83 -27.25 12.85
CA GLN A 79 6.42 -25.84 12.87
C GLN A 79 6.36 -25.33 14.30
N HIS A 80 6.51 -24.02 14.48
CA HIS A 80 6.47 -23.42 15.80
C HIS A 80 6.18 -21.91 15.72
N ILE A 81 5.48 -21.40 16.72
CA ILE A 81 5.14 -19.98 16.77
C ILE A 81 6.31 -19.17 17.33
N GLY A 82 6.62 -18.06 16.66
CA GLY A 82 7.72 -17.20 17.09
C GLY A 82 7.34 -15.74 17.13
N GLU A 83 8.09 -14.95 17.88
CA GLU A 83 7.84 -13.51 18.00
C GLU A 83 8.79 -12.72 17.12
N MET A 84 8.23 -11.92 16.20
CA MET A 84 9.03 -11.11 15.30
C MET A 84 8.54 -9.66 15.31
N SER A 85 9.47 -8.73 15.53
CA SER A 85 9.15 -7.31 15.57
C SER A 85 9.47 -6.63 14.24
N PHE A 86 8.64 -5.67 13.86
CA PHE A 86 8.83 -4.94 12.61
C PHE A 86 8.74 -3.43 12.84
N LEU A 87 9.44 -2.66 12.03
CA LEU A 87 9.45 -1.21 12.16
C LEU A 87 8.35 -0.60 11.30
N GLN A 88 7.59 0.35 11.86
CA GLN A 88 6.51 1.02 11.14
C GLN A 88 6.70 2.54 11.23
N HIS A 89 5.92 3.29 10.44
CA HIS A 89 6.00 4.74 10.45
C HIS A 89 4.83 5.35 11.20
N ASN A 90 5.14 6.16 12.22
CA ASN A 90 4.12 6.81 13.03
C ASN A 90 3.63 8.10 12.39
N LYS A 91 4.57 9.00 12.10
CA LYS A 91 4.25 10.29 11.48
C LYS A 91 4.93 10.40 10.12
N CYS A 92 4.37 11.25 9.25
CA CYS A 92 4.93 11.44 7.90
C CYS A 92 4.99 12.93 7.55
N GLU A 93 5.85 13.27 6.59
CA GLU A 93 6.01 14.65 6.15
C GLU A 93 6.84 14.74 4.87
N CYS A 94 6.73 15.86 4.15
CA CYS A 94 7.48 16.06 2.91
C CYS A 94 8.70 16.95 3.15
N ARG A 95 9.81 16.61 2.51
CA ARG A 95 11.05 17.38 2.65
C ARG A 95 11.80 17.44 1.31
N PRO A 96 12.76 18.38 1.13
CA PRO A 96 13.53 18.51 -0.12
C PRO A 96 14.40 17.28 -0.39
N LYS A 97 14.29 16.75 -1.62
CA LYS A 97 15.06 15.57 -2.02
C LYS A 97 16.56 15.86 -1.97
N LYS A 98 17.34 14.79 -1.91
CA LYS A 98 18.80 14.91 -1.86
C LYS A 98 19.40 14.77 -3.25
N ASP A 99 20.15 15.77 -3.68
CA ASP A 99 20.79 15.76 -4.99
C ASP A 99 22.25 15.38 -4.89
N HIS B 1 6.73 -5.89 27.16
CA HIS B 1 6.13 -5.64 25.83
C HIS B 1 4.83 -6.41 25.67
N HIS B 2 3.70 -5.70 25.73
CA HIS B 2 2.38 -6.31 25.59
C HIS B 2 1.65 -5.75 24.36
N GLU B 3 2.41 -5.50 23.30
CA GLU B 3 1.84 -4.96 22.06
C GLU B 3 1.98 -5.97 20.91
N VAL B 4 1.86 -7.25 21.23
CA VAL B 4 1.97 -8.30 20.22
C VAL B 4 0.62 -8.53 19.53
N VAL B 5 0.67 -8.76 18.22
CA VAL B 5 -0.54 -8.99 17.44
C VAL B 5 -0.91 -10.47 17.44
N LYS B 6 -2.21 -10.76 17.48
CA LYS B 6 -2.69 -12.13 17.48
C LYS B 6 -2.44 -12.80 16.13
N PHE B 7 -2.06 -14.08 16.18
CA PHE B 7 -1.75 -14.86 14.98
C PHE B 7 -2.90 -14.85 13.97
N MET B 8 -4.09 -15.25 14.42
CA MET B 8 -5.28 -15.30 13.55
C MET B 8 -5.59 -13.95 12.90
N ASP B 9 -5.11 -12.86 13.51
CA ASP B 9 -5.36 -11.51 12.98
C ASP B 9 -4.35 -11.16 11.88
N VAL B 10 -3.11 -11.63 12.04
CA VAL B 10 -2.07 -11.36 11.07
C VAL B 10 -2.36 -12.04 9.73
N TYR B 11 -2.88 -13.26 9.80
CA TYR B 11 -3.21 -14.02 8.60
C TYR B 11 -4.47 -13.47 7.93
N GLN B 12 -5.51 -13.22 8.73
CA GLN B 12 -6.77 -12.71 8.20
C GLN B 12 -6.61 -11.33 7.56
N ARG B 13 -5.80 -10.47 8.18
CA ARG B 13 -5.57 -9.12 7.68
C ARG B 13 -4.51 -9.06 6.58
N SER B 14 -3.64 -10.07 6.52
CA SER B 14 -2.57 -10.08 5.51
C SER B 14 -2.95 -10.89 4.25
N TYR B 15 -3.88 -11.83 4.39
CA TYR B 15 -4.31 -12.67 3.26
C TYR B 15 -4.77 -11.83 2.06
N CYS B 16 -4.28 -12.18 0.85
CA CYS B 16 -4.61 -11.49 -0.42
C CYS B 16 -6.07 -11.00 -0.49
N HIS B 17 -6.26 -9.71 -0.23
CA HIS B 17 -7.59 -9.09 -0.27
C HIS B 17 -7.47 -7.63 -0.75
N PRO B 18 -8.59 -6.97 -1.12
CA PRO B 18 -8.55 -5.57 -1.60
C PRO B 18 -8.19 -4.61 -0.47
N ILE B 19 -7.12 -3.84 -0.68
CA ILE B 19 -6.65 -2.86 0.30
C ILE B 19 -6.40 -1.50 -0.34
N GLU B 20 -6.75 -0.44 0.37
CA GLU B 20 -6.57 0.92 -0.13
C GLU B 20 -5.09 1.24 -0.31
N THR B 21 -4.70 1.60 -1.53
CA THR B 21 -3.31 1.92 -1.84
C THR B 21 -3.21 3.10 -2.79
N LEU B 22 -2.24 3.99 -2.53
CA LEU B 22 -2.02 5.16 -3.36
C LEU B 22 -1.14 4.80 -4.57
N VAL B 23 -1.60 5.16 -5.77
CA VAL B 23 -0.85 4.86 -6.98
C VAL B 23 -0.38 6.15 -7.66
N ASP B 24 0.87 6.12 -8.14
CA ASP B 24 1.45 7.28 -8.82
C ASP B 24 0.85 7.44 -10.22
N ILE B 25 0.49 8.67 -10.57
CA ILE B 25 -0.10 8.94 -11.88
C ILE B 25 0.93 8.69 -12.98
N PHE B 26 2.19 9.03 -12.71
CA PHE B 26 3.26 8.83 -13.69
C PHE B 26 3.45 7.34 -14.02
N GLN B 27 3.10 6.46 -13.07
CA GLN B 27 3.24 5.03 -13.27
C GLN B 27 2.15 4.47 -14.19
N GLU B 28 0.98 5.10 -14.16
CA GLU B 28 -0.15 4.66 -14.99
C GLU B 28 -0.18 5.41 -16.31
N TYR B 29 0.24 6.67 -16.28
CA TYR B 29 0.28 7.52 -17.47
C TYR B 29 1.75 7.80 -17.85
N PRO B 30 2.42 6.87 -18.58
CA PRO B 30 3.83 7.06 -18.95
C PRO B 30 4.06 8.02 -20.12
N ASP B 31 3.02 8.23 -20.93
CA ASP B 31 3.13 9.12 -22.09
C ASP B 31 2.66 10.55 -21.77
N GLU B 32 2.72 10.93 -20.49
CA GLU B 32 2.31 12.27 -20.08
C GLU B 32 3.21 12.79 -18.96
N ILE B 33 4.28 13.51 -19.34
CA ILE B 33 5.22 14.06 -18.36
C ILE B 33 5.23 15.59 -18.40
N GLU B 34 5.16 16.14 -19.61
CA GLU B 34 5.18 17.60 -19.79
C GLU B 34 4.02 18.29 -19.07
N TYR B 35 2.97 17.55 -18.73
CA TYR B 35 1.81 18.13 -18.04
C TYR B 35 1.83 17.78 -16.54
N ILE B 36 2.35 18.71 -15.73
CA ILE B 36 2.42 18.49 -14.28
C ILE B 36 1.03 18.28 -13.68
N PHE B 37 0.86 17.15 -12.99
CA PHE B 37 -0.43 16.81 -12.38
C PHE B 37 -0.41 17.11 -10.88
N LYS B 38 -1.52 17.65 -10.38
CA LYS B 38 -1.65 17.97 -8.96
C LYS B 38 -3.00 17.48 -8.40
N PRO B 39 -3.03 16.47 -7.50
CA PRO B 39 -1.85 15.77 -6.96
C PRO B 39 -1.22 14.82 -7.96
N SER B 40 0.03 14.42 -7.69
CA SER B 40 0.75 13.51 -8.58
C SER B 40 0.38 12.03 -8.33
N CYS B 41 -0.41 11.74 -7.29
CA CYS B 41 -0.83 10.37 -7.00
C CYS B 41 -2.32 10.32 -6.69
N VAL B 42 -2.91 9.12 -6.75
CA VAL B 42 -4.34 8.96 -6.47
C VAL B 42 -4.62 7.68 -5.66
N PRO B 43 -5.56 7.72 -4.69
CA PRO B 43 -5.89 6.54 -3.89
C PRO B 43 -6.79 5.56 -4.64
N LEU B 44 -6.31 4.32 -4.81
CA LEU B 44 -7.08 3.29 -5.52
C LEU B 44 -7.13 2.01 -4.71
N MET B 45 -8.19 1.23 -4.90
CA MET B 45 -8.36 -0.04 -4.20
C MET B 45 -7.71 -1.18 -4.98
N ARG B 46 -6.51 -1.59 -4.54
CA ARG B 46 -5.79 -2.67 -5.21
C ARG B 46 -5.54 -3.83 -4.24
N CYS B 47 -5.14 -4.98 -4.79
CA CYS B 47 -4.88 -6.15 -3.98
C CYS B 47 -3.46 -6.11 -3.41
N GLY B 48 -3.33 -6.40 -2.12
CA GLY B 48 -2.03 -6.38 -1.47
C GLY B 48 -1.90 -7.45 -0.40
N GLY B 49 -0.66 -7.88 -0.16
CA GLY B 49 -0.41 -8.90 0.86
C GLY B 49 0.46 -10.05 0.34
N CYS B 50 0.03 -11.28 0.61
CA CYS B 50 0.77 -12.45 0.18
C CYS B 50 -0.15 -13.69 0.10
N CYS B 51 0.38 -14.78 -0.44
CA CYS B 51 -0.39 -16.01 -0.58
C CYS B 51 -0.02 -17.02 0.50
N ASN B 52 -0.65 -18.20 0.45
CA ASN B 52 -0.39 -19.25 1.43
C ASN B 52 0.87 -20.05 1.12
N ASP B 53 1.20 -20.18 -0.16
CA ASP B 53 2.37 -20.95 -0.58
C ASP B 53 3.31 -20.12 -1.45
N GLU B 54 4.54 -20.60 -1.62
CA GLU B 54 5.55 -19.91 -2.42
C GLU B 54 5.19 -19.94 -3.91
N GLY B 55 4.50 -21.01 -4.33
CA GLY B 55 4.14 -21.15 -5.73
C GLY B 55 2.80 -20.49 -6.10
N LEU B 56 2.33 -19.55 -5.27
CA LEU B 56 1.08 -18.84 -5.55
C LEU B 56 1.37 -17.37 -5.83
N GLU B 57 0.31 -16.62 -6.18
CA GLU B 57 0.48 -15.19 -6.46
C GLU B 57 -0.83 -14.45 -6.23
N CYS B 58 -0.75 -13.32 -5.53
CA CYS B 58 -1.93 -12.51 -5.23
C CYS B 58 -2.31 -11.67 -6.45
N VAL B 59 -3.39 -12.07 -7.13
CA VAL B 59 -3.87 -11.35 -8.32
C VAL B 59 -5.37 -11.03 -8.21
N PRO B 60 -5.89 -10.06 -9.00
CA PRO B 60 -7.31 -9.70 -8.95
C PRO B 60 -8.16 -10.54 -9.89
N THR B 61 -9.41 -10.78 -9.49
CA THR B 61 -10.34 -11.56 -10.30
C THR B 61 -11.36 -10.66 -11.01
N GLU B 62 -11.62 -9.47 -10.44
CA GLU B 62 -12.56 -8.53 -11.03
C GLU B 62 -11.98 -7.11 -10.97
N GLU B 63 -12.01 -6.41 -12.10
CA GLU B 63 -11.47 -5.05 -12.17
C GLU B 63 -12.56 -4.02 -12.40
N SER B 64 -12.17 -2.75 -12.43
CA SER B 64 -13.11 -1.65 -12.64
C SER B 64 -12.36 -0.32 -12.82
N ASN B 65 -13.07 0.70 -13.28
CA ASN B 65 -12.47 2.03 -13.50
C ASN B 65 -13.07 3.06 -12.55
N ILE B 66 -12.30 4.12 -12.29
CA ILE B 66 -12.74 5.19 -11.40
C ILE B 66 -12.20 6.55 -11.88
N THR B 67 -13.12 7.50 -12.09
CA THR B 67 -12.74 8.83 -12.55
C THR B 67 -12.31 9.71 -11.38
N MET B 68 -11.37 10.62 -11.65
CA MET B 68 -10.86 11.52 -10.62
C MET B 68 -10.58 12.90 -11.19
N GLN B 69 -10.57 13.91 -10.32
CA GLN B 69 -10.30 15.29 -10.73
C GLN B 69 -8.83 15.64 -10.48
N ILE B 70 -8.14 16.06 -11.54
CA ILE B 70 -6.73 16.42 -11.44
C ILE B 70 -6.46 17.79 -12.05
N MET B 71 -5.54 18.53 -11.45
CA MET B 71 -5.17 19.86 -11.94
C MET B 71 -3.97 19.76 -12.88
N ARG B 72 -4.22 19.96 -14.17
CA ARG B 72 -3.17 19.88 -15.18
C ARG B 72 -2.48 21.24 -15.38
N ILE B 73 -1.20 21.29 -15.04
CA ILE B 73 -0.41 22.53 -15.17
C ILE B 73 0.64 22.39 -16.28
N LYS B 74 1.03 23.51 -16.86
CA LYS B 74 2.04 23.52 -17.93
C LYS B 74 3.02 24.68 -17.73
N PRO B 75 4.35 24.45 -17.94
CA PRO B 75 5.36 25.51 -17.75
C PRO B 75 5.08 26.73 -18.62
N HIS B 76 5.15 27.92 -18.02
CA HIS B 76 4.93 29.19 -18.72
C HIS B 76 3.50 29.32 -19.26
N GLN B 77 2.58 28.44 -18.84
CA GLN B 77 1.19 28.50 -19.31
C GLN B 77 0.23 28.69 -18.10
N GLY B 78 -0.70 27.75 -17.83
CA GLY B 78 -1.61 27.91 -16.69
C GLY B 78 -2.00 26.59 -16.05
N GLN B 79 -3.23 26.50 -15.57
CA GLN B 79 -3.72 25.27 -14.94
C GLN B 79 -5.19 25.05 -15.28
N HIS B 80 -5.62 23.80 -15.24
CA HIS B 80 -7.01 23.46 -15.54
C HIS B 80 -7.38 22.09 -14.98
N ILE B 81 -8.64 21.95 -14.55
CA ILE B 81 -9.11 20.69 -14.00
C ILE B 81 -9.48 19.72 -15.12
N GLY B 82 -9.02 18.47 -15.00
CA GLY B 82 -9.30 17.47 -16.01
C GLY B 82 -9.81 16.16 -15.40
N GLU B 83 -10.47 15.36 -16.22
CA GLU B 83 -11.01 14.08 -15.77
C GLU B 83 -10.13 12.91 -16.24
N MET B 84 -9.59 12.16 -15.28
CA MET B 84 -8.73 11.02 -15.58
C MET B 84 -9.22 9.79 -14.84
N SER B 85 -9.41 8.70 -15.58
CA SER B 85 -9.88 7.45 -15.01
C SER B 85 -8.72 6.54 -14.65
N PHE B 86 -8.94 5.65 -13.69
CA PHE B 86 -7.91 4.71 -13.25
C PHE B 86 -8.52 3.34 -12.98
N LEU B 87 -7.75 2.29 -13.25
CA LEU B 87 -8.21 0.93 -13.04
C LEU B 87 -7.89 0.45 -11.63
N GLN B 88 -8.87 -0.14 -10.95
CA GLN B 88 -8.68 -0.64 -9.58
C GLN B 88 -9.07 -2.12 -9.51
N HIS B 89 -8.74 -2.77 -8.40
CA HIS B 89 -9.06 -4.18 -8.22
C HIS B 89 -10.26 -4.35 -7.28
N ASN B 90 -11.30 -5.02 -7.78
CA ASN B 90 -12.51 -5.25 -7.00
C ASN B 90 -12.36 -6.47 -6.09
N LYS B 91 -12.05 -7.61 -6.70
CA LYS B 91 -11.88 -8.86 -5.95
C LYS B 91 -10.45 -9.38 -6.09
N CYS B 92 -10.00 -10.17 -5.11
CA CYS B 92 -8.63 -10.72 -5.14
C CYS B 92 -8.64 -12.22 -4.83
N GLU B 93 -7.60 -12.92 -5.28
CA GLU B 93 -7.48 -14.35 -5.05
C GLU B 93 -6.08 -14.84 -5.40
N CYS B 94 -5.68 -15.98 -4.83
CA CYS B 94 -4.36 -16.55 -5.09
C CYS B 94 -4.46 -17.69 -6.12
N ARG B 95 -3.46 -17.77 -7.00
CA ARG B 95 -3.44 -18.82 -8.03
C ARG B 95 -2.01 -19.32 -8.26
N PRO B 96 -1.82 -20.50 -8.90
CA PRO B 96 -0.48 -21.05 -9.16
C PRO B 96 0.35 -20.15 -10.07
N LYS B 97 1.57 -19.84 -9.64
CA LYS B 97 2.46 -18.97 -10.42
C LYS B 97 2.78 -19.57 -11.78
N LYS B 98 3.15 -18.70 -12.72
CA LYS B 98 3.48 -19.14 -14.07
C LYS B 98 4.98 -19.39 -14.20
N ASP B 99 5.34 -20.61 -14.57
CA ASP B 99 6.74 -20.98 -14.73
C ASP B 99 7.15 -20.98 -16.20
N GLY C 1 -19.44 -29.41 8.68
CA GLY C 1 -18.00 -29.71 8.85
C GLY C 1 -17.13 -29.09 7.78
N GLY C 2 -16.12 -29.82 7.34
CA GLY C 2 -15.23 -29.32 6.29
C GLY C 2 -14.52 -30.44 5.54
N ASN C 3 -13.38 -30.86 6.06
CA ASN C 3 -12.60 -31.93 5.44
C ASN C 3 -12.16 -31.55 4.03
N GLU C 4 -11.90 -30.26 3.82
CA GLU C 4 -11.48 -29.76 2.52
C GLU C 4 -10.67 -28.48 2.67
N CYS C 5 -9.35 -28.61 2.74
CA CYS C 5 -8.46 -27.46 2.89
C CYS C 5 -7.85 -27.06 1.54
N ASP C 6 -8.42 -26.02 0.93
CA ASP C 6 -7.92 -25.54 -0.36
C ASP C 6 -6.70 -24.64 -0.15
N ILE C 7 -5.67 -24.83 -0.97
CA ILE C 7 -4.43 -24.06 -0.86
C ILE C 7 -4.69 -22.56 -1.02
N ALA C 8 -5.60 -22.19 -1.92
CA ALA C 8 -5.92 -20.78 -2.17
C ALA C 8 -7.19 -20.37 -1.40
N ARG C 9 -7.32 -20.87 -0.18
CA ARG C 9 -8.49 -20.57 0.65
C ARG C 9 -8.07 -20.34 2.11
N MET C 10 -8.92 -19.65 2.87
CA MET C 10 -8.66 -19.35 4.28
C MET C 10 -8.35 -20.61 5.09
N TRP C 11 -7.07 -20.96 5.18
CA TRP C 11 -6.64 -22.14 5.93
C TRP C 11 -6.85 -21.95 7.44
N GLU C 12 -8.03 -22.35 7.92
CA GLU C 12 -8.36 -22.23 9.35
C GLU C 12 -7.37 -23.02 10.21
N TRP C 13 -7.73 -23.26 11.48
CA TRP C 13 -6.86 -23.99 12.40
C TRP C 13 -6.51 -25.39 11.88
N GLU C 14 -7.53 -26.21 11.59
CA GLU C 14 -7.32 -27.58 11.10
C GLU C 14 -6.37 -27.63 9.89
N CYS C 15 -6.52 -26.68 8.98
CA CYS C 15 -5.67 -26.61 7.79
C CYS C 15 -4.23 -26.31 8.18
N PHE C 16 -4.05 -25.49 9.22
CA PHE C 16 -2.73 -25.12 9.69
C PHE C 16 -1.99 -26.32 10.27
N GLU C 17 -2.73 -27.28 10.80
CA GLU C 17 -2.13 -28.48 11.38
C GLU C 17 -1.59 -29.41 10.31
N ARG C 18 -2.39 -29.68 9.29
CA ARG C 18 -2.00 -30.56 8.20
C ARG C 18 -1.44 -29.76 7.02
N LEU C 19 -0.42 -28.95 7.29
CA LEU C 19 0.20 -28.12 6.26
C LEU C 19 1.08 -28.98 5.36
N GLY D 1 -6.63 34.30 9.88
CA GLY D 1 -6.30 34.31 8.42
C GLY D 1 -5.22 33.31 8.08
N GLY D 2 -4.34 33.69 7.15
CA GLY D 2 -3.26 32.82 6.74
C GLY D 2 -2.08 33.59 6.14
N ASN D 3 -2.13 33.81 4.83
CA ASN D 3 -1.08 34.54 4.12
C ASN D 3 0.26 33.82 4.24
N GLU D 4 0.22 32.49 4.29
CA GLU D 4 1.43 31.69 4.41
C GLU D 4 1.21 30.29 3.84
N CYS D 5 1.54 30.11 2.57
CA CYS D 5 1.38 28.83 1.90
C CYS D 5 2.71 28.06 1.85
N ASP D 6 2.87 27.10 2.75
CA ASP D 6 4.10 26.30 2.81
C ASP D 6 4.04 25.17 1.78
N ILE D 7 5.14 24.97 1.06
CA ILE D 7 5.22 23.95 0.03
C ILE D 7 4.93 22.54 0.58
N ALA D 8 5.43 22.26 1.78
CA ALA D 8 5.22 20.96 2.42
C ALA D 8 4.05 21.01 3.41
N ARG D 9 2.99 21.74 3.04
CA ARG D 9 1.81 21.87 3.89
C ARG D 9 0.53 21.82 3.06
N MET D 10 -0.58 21.47 3.71
CA MET D 10 -1.90 21.37 3.07
C MET D 10 -2.25 22.65 2.31
N TRP D 11 -1.92 22.68 1.02
CA TRP D 11 -2.21 23.83 0.17
C TRP D 11 -3.71 23.95 -0.09
N GLU D 12 -4.39 24.70 0.78
CA GLU D 12 -5.84 24.90 0.65
C GLU D 12 -6.19 25.57 -0.70
N TRP D 13 -7.39 26.12 -0.81
CA TRP D 13 -7.84 26.76 -2.04
C TRP D 13 -6.92 27.92 -2.46
N GLU D 14 -6.75 28.91 -1.57
CA GLU D 14 -5.92 30.08 -1.84
C GLU D 14 -4.52 29.70 -2.33
N CYS D 15 -3.95 28.65 -1.74
CA CYS D 15 -2.61 28.19 -2.12
C CYS D 15 -2.64 27.61 -3.53
N PHE D 16 -3.75 26.97 -3.90
CA PHE D 16 -3.90 26.39 -5.22
C PHE D 16 -3.94 27.47 -6.31
N GLU D 17 -4.42 28.65 -5.95
CA GLU D 17 -4.52 29.77 -6.90
C GLU D 17 -3.14 30.33 -7.23
N ARG D 18 -2.36 30.61 -6.19
CA ARG D 18 -1.02 31.17 -6.37
C ARG D 18 0.03 30.06 -6.36
N LEU D 19 -0.12 29.09 -7.26
CA LEU D 19 0.82 27.98 -7.36
C LEU D 19 2.11 28.42 -8.04
N HIS A 1 -21.17 2.96 -12.94
CA HIS A 1 -20.07 3.37 -13.86
C HIS A 1 -20.14 4.88 -14.14
N HIS A 2 -20.00 5.67 -13.08
CA HIS A 2 -20.05 7.12 -13.20
C HIS A 2 -19.57 7.78 -11.89
N GLU A 3 -19.97 9.04 -11.64
CA GLU A 3 -19.57 9.75 -10.43
C GLU A 3 -18.06 9.97 -10.38
N VAL A 4 -17.65 11.16 -9.94
CA VAL A 4 -16.23 11.51 -9.83
C VAL A 4 -15.87 11.83 -8.40
N VAL A 5 -14.64 11.45 -8.00
CA VAL A 5 -14.17 11.70 -6.65
C VAL A 5 -13.86 13.19 -6.46
N LYS A 6 -14.18 13.70 -5.26
CA LYS A 6 -13.94 15.10 -4.95
C LYS A 6 -12.44 15.42 -4.96
N PHE A 7 -12.09 16.59 -5.49
CA PHE A 7 -10.69 17.01 -5.58
C PHE A 7 -10.04 17.08 -4.18
N MET A 8 -10.62 17.88 -3.29
CA MET A 8 -10.10 18.05 -1.93
C MET A 8 -9.89 16.72 -1.21
N ASP A 9 -10.63 15.68 -1.61
CA ASP A 9 -10.51 14.36 -0.98
C ASP A 9 -9.35 13.59 -1.56
N VAL A 10 -9.07 13.79 -2.86
CA VAL A 10 -7.97 13.10 -3.53
C VAL A 10 -6.63 13.62 -3.03
N TYR A 11 -6.53 14.94 -2.86
CA TYR A 11 -5.30 15.56 -2.41
C TYR A 11 -5.05 15.29 -0.93
N GLN A 12 -6.12 15.34 -0.13
CA GLN A 12 -6.01 15.12 1.31
C GLN A 12 -5.72 13.65 1.64
N ARG A 13 -6.29 12.75 0.85
CA ARG A 13 -6.10 11.31 1.07
C ARG A 13 -4.87 10.75 0.33
N SER A 14 -4.33 11.50 -0.64
CA SER A 14 -3.16 11.03 -1.39
C SER A 14 -1.86 11.65 -0.89
N TYR A 15 -1.94 12.84 -0.28
CA TYR A 15 -0.76 13.54 0.24
C TYR A 15 0.01 12.68 1.27
N CYS A 16 1.34 12.72 1.20
CA CYS A 16 2.24 11.94 2.09
C CYS A 16 1.76 11.87 3.55
N HIS A 17 1.19 10.73 3.92
CA HIS A 17 0.70 10.50 5.29
C HIS A 17 0.72 9.01 5.65
N PRO A 18 0.52 8.65 6.95
CA PRO A 18 0.53 7.25 7.38
C PRO A 18 -0.65 6.46 6.81
N ILE A 19 -0.35 5.46 5.99
CA ILE A 19 -1.38 4.62 5.38
C ILE A 19 -1.07 3.14 5.61
N GLU A 20 -2.09 2.36 5.92
CA GLU A 20 -1.93 0.93 6.19
C GLU A 20 -1.39 0.20 4.95
N THR A 21 -0.18 -0.35 5.07
CA THR A 21 0.44 -1.06 3.96
C THR A 21 1.01 -2.40 4.43
N LEU A 22 0.88 -3.42 3.58
CA LEU A 22 1.40 -4.74 3.90
C LEU A 22 2.87 -4.85 3.51
N VAL A 23 3.71 -5.28 4.46
CA VAL A 23 5.14 -5.41 4.23
C VAL A 23 5.59 -6.88 4.24
N ASP A 24 6.39 -7.26 3.26
CA ASP A 24 6.91 -8.62 3.16
C ASP A 24 7.94 -8.88 4.26
N ILE A 25 7.84 -10.04 4.92
CA ILE A 25 8.77 -10.39 5.99
C ILE A 25 10.18 -10.61 5.44
N PHE A 26 10.26 -11.19 4.24
CA PHE A 26 11.56 -11.44 3.62
C PHE A 26 12.31 -10.13 3.35
N GLN A 27 11.59 -9.02 3.22
CA GLN A 27 12.21 -7.73 2.96
C GLN A 27 12.77 -7.11 4.24
N GLU A 28 12.19 -7.46 5.39
CA GLU A 28 12.65 -6.93 6.68
C GLU A 28 13.68 -7.87 7.30
N TYR A 29 13.45 -9.17 7.15
CA TYR A 29 14.36 -10.19 7.69
C TYR A 29 15.14 -10.85 6.55
N PRO A 30 16.22 -10.20 6.04
CA PRO A 30 17.01 -10.75 4.93
C PRO A 30 17.91 -11.93 5.33
N ASP A 31 18.23 -12.02 6.62
CA ASP A 31 19.09 -13.09 7.12
C ASP A 31 18.28 -14.24 7.74
N GLU A 32 17.02 -14.39 7.32
CA GLU A 32 16.17 -15.45 7.85
C GLU A 32 15.29 -16.05 6.75
N ILE A 33 15.80 -17.11 6.11
CA ILE A 33 15.08 -17.79 5.03
C ILE A 33 14.78 -19.26 5.37
N GLU A 34 15.70 -19.90 6.08
CA GLU A 34 15.54 -21.31 6.45
C GLU A 34 14.24 -21.58 7.22
N TYR A 35 13.66 -20.54 7.82
CA TYR A 35 12.42 -20.69 8.58
C TYR A 35 11.23 -20.04 7.86
N ILE A 36 10.47 -20.85 7.12
CA ILE A 36 9.32 -20.35 6.37
C ILE A 36 8.31 -19.65 7.30
N PHE A 37 8.08 -18.37 7.05
CA PHE A 37 7.16 -17.59 7.87
C PHE A 37 5.74 -17.62 7.32
N LYS A 38 4.77 -17.80 8.19
CA LYS A 38 3.35 -17.84 7.81
C LYS A 38 2.51 -16.95 8.74
N PRO A 39 1.90 -15.84 8.24
CA PRO A 39 1.95 -15.39 6.84
C PRO A 39 3.31 -14.81 6.46
N SER A 40 3.61 -14.81 5.16
CA SER A 40 4.87 -14.27 4.67
C SER A 40 4.91 -12.73 4.67
N CYS A 41 3.80 -12.08 5.02
CA CYS A 41 3.76 -10.62 5.05
C CYS A 41 2.96 -10.13 6.27
N VAL A 42 3.13 -8.87 6.65
CA VAL A 42 2.44 -8.32 7.81
C VAL A 42 1.94 -6.89 7.54
N PRO A 43 0.74 -6.51 8.07
CA PRO A 43 0.20 -5.16 7.86
C PRO A 43 0.81 -4.14 8.82
N LEU A 44 1.48 -3.13 8.27
CA LEU A 44 2.11 -2.09 9.07
C LEU A 44 1.72 -0.70 8.55
N MET A 45 1.65 0.26 9.46
CA MET A 45 1.30 1.63 9.10
C MET A 45 2.52 2.38 8.58
N ARG A 46 2.65 2.45 7.26
CA ARG A 46 3.78 3.13 6.62
C ARG A 46 3.29 4.33 5.81
N CYS A 47 4.21 5.25 5.52
CA CYS A 47 3.88 6.44 4.74
C CYS A 47 3.85 6.13 3.26
N GLY A 48 2.78 6.55 2.59
CA GLY A 48 2.64 6.31 1.16
C GLY A 48 1.91 7.45 0.45
N GLY A 49 2.06 7.50 -0.87
CA GLY A 49 1.42 8.55 -1.66
C GLY A 49 2.40 9.37 -2.46
N CYS A 50 2.26 10.70 -2.41
CA CYS A 50 3.15 11.59 -3.14
C CYS A 50 3.19 12.97 -2.48
N CYS A 51 4.25 13.72 -2.77
CA CYS A 51 4.41 15.07 -2.19
C CYS A 51 3.87 16.15 -3.13
N ASN A 52 4.00 17.41 -2.70
CA ASN A 52 3.51 18.54 -3.49
C ASN A 52 4.39 18.84 -4.70
N ASP A 53 5.68 18.55 -4.60
CA ASP A 53 6.62 18.82 -5.69
C ASP A 53 7.47 17.59 -6.02
N GLU A 54 8.04 17.59 -7.22
CA GLU A 54 8.88 16.49 -7.68
C GLU A 54 10.21 16.47 -6.93
N GLY A 55 10.68 17.65 -6.52
CA GLY A 55 11.94 17.75 -5.81
C GLY A 55 11.87 17.35 -4.33
N LEU A 56 10.69 16.90 -3.87
CA LEU A 56 10.53 16.48 -2.47
C LEU A 56 10.52 14.97 -2.38
N GLU A 57 10.40 14.43 -1.16
CA GLU A 57 10.37 12.99 -0.96
C GLU A 57 9.54 12.64 0.27
N CYS A 58 8.63 11.68 0.09
CA CYS A 58 7.77 11.25 1.19
C CYS A 58 8.51 10.27 2.10
N VAL A 59 8.93 10.76 3.27
CA VAL A 59 9.66 9.94 4.23
C VAL A 59 9.09 10.11 5.64
N PRO A 60 9.33 9.16 6.57
CA PRO A 60 8.82 9.24 7.94
C PRO A 60 9.69 10.11 8.84
N THR A 61 9.08 10.71 9.86
CA THR A 61 9.80 11.55 10.81
C THR A 61 10.02 10.84 12.14
N GLU A 62 9.10 9.93 12.49
CA GLU A 62 9.21 9.17 13.73
C GLU A 62 8.86 7.71 13.46
N GLU A 63 9.60 6.78 14.07
CA GLU A 63 9.37 5.35 13.87
C GLU A 63 8.96 4.63 15.15
N SER A 64 8.75 3.32 15.04
CA SER A 64 8.35 2.50 16.19
C SER A 64 8.37 1.01 15.80
N ASN A 65 8.32 0.14 16.80
CA ASN A 65 8.34 -1.31 16.56
C ASN A 65 7.04 -1.95 17.02
N ILE A 66 6.70 -3.08 16.40
CA ILE A 66 5.48 -3.81 16.75
C ILE A 66 5.69 -5.32 16.65
N THR A 67 5.24 -6.05 17.66
CA THR A 67 5.39 -7.50 17.69
C THR A 67 4.17 -8.18 17.07
N MET A 68 4.39 -9.35 16.46
CA MET A 68 3.31 -10.10 15.82
C MET A 68 3.57 -11.60 15.91
N GLN A 69 2.49 -12.38 15.83
CA GLN A 69 2.59 -13.83 15.89
C GLN A 69 2.77 -14.42 14.49
N ILE A 70 3.91 -15.06 14.25
CA ILE A 70 4.20 -15.66 12.95
C ILE A 70 4.54 -17.14 13.10
N MET A 71 4.03 -17.97 12.18
CA MET A 71 4.30 -19.40 12.21
C MET A 71 5.63 -19.72 11.54
N ARG A 72 6.58 -20.22 12.33
CA ARG A 72 7.90 -20.57 11.81
C ARG A 72 7.99 -22.06 11.49
N ILE A 73 8.09 -22.38 10.21
CA ILE A 73 8.19 -23.77 9.76
C ILE A 73 9.60 -24.05 9.23
N LYS A 74 10.15 -25.22 9.57
CA LYS A 74 11.49 -25.61 9.13
C LYS A 74 11.51 -27.02 8.55
N PRO A 75 12.10 -27.24 7.34
CA PRO A 75 12.15 -28.57 6.73
C PRO A 75 12.89 -29.59 7.61
N HIS A 76 12.39 -30.84 7.59
CA HIS A 76 12.95 -31.96 8.37
C HIS A 76 12.63 -31.90 9.87
N GLN A 77 11.96 -30.84 10.33
CA GLN A 77 11.60 -30.69 11.75
C GLN A 77 10.07 -30.52 11.87
N GLY A 78 9.55 -29.39 12.37
CA GLY A 78 8.10 -29.22 12.46
C GLY A 78 7.66 -27.78 12.23
N GLN A 79 6.74 -27.32 13.05
CA GLN A 79 6.23 -25.95 12.95
C GLN A 79 5.82 -25.44 14.33
N HIS A 80 5.84 -24.12 14.50
CA HIS A 80 5.49 -23.51 15.78
C HIS A 80 5.24 -22.02 15.62
N ILE A 81 4.76 -21.38 16.68
CA ILE A 81 4.48 -19.96 16.67
C ILE A 81 5.65 -19.18 17.26
N GLY A 82 6.03 -18.10 16.58
CA GLY A 82 7.14 -17.27 17.05
C GLY A 82 6.77 -15.80 17.12
N GLU A 83 7.56 -15.03 17.86
CA GLU A 83 7.32 -13.60 17.99
C GLU A 83 8.28 -12.80 17.12
N MET A 84 7.73 -12.01 16.20
CA MET A 84 8.54 -11.21 15.29
C MET A 84 8.23 -9.73 15.45
N SER A 85 9.29 -8.93 15.56
CA SER A 85 9.14 -7.48 15.73
C SER A 85 9.41 -6.76 14.41
N PHE A 86 8.51 -5.85 14.04
CA PHE A 86 8.65 -5.09 12.80
C PHE A 86 8.60 -3.60 13.08
N LEU A 87 9.29 -2.82 12.25
CA LEU A 87 9.32 -1.37 12.41
C LEU A 87 8.29 -0.71 11.50
N GLN A 88 7.53 0.25 12.05
CA GLN A 88 6.50 0.96 11.28
C GLN A 88 6.76 2.46 11.36
N HIS A 89 6.01 3.24 10.58
CA HIS A 89 6.16 4.70 10.58
C HIS A 89 5.02 5.37 11.35
N ASN A 90 5.40 6.20 12.31
CA ASN A 90 4.41 6.91 13.14
C ASN A 90 3.98 8.21 12.49
N LYS A 91 4.95 9.07 12.17
CA LYS A 91 4.68 10.36 11.55
C LYS A 91 5.31 10.45 10.17
N CYS A 92 4.70 11.23 9.27
CA CYS A 92 5.20 11.39 7.91
C CYS A 92 5.37 12.87 7.57
N GLU A 93 6.20 13.16 6.57
CA GLU A 93 6.45 14.54 6.15
C GLU A 93 7.22 14.59 4.83
N CYS A 94 7.10 15.71 4.11
CA CYS A 94 7.78 15.88 2.83
C CYS A 94 9.00 16.79 2.98
N ARG A 95 10.15 16.36 2.46
CA ARG A 95 11.37 17.16 2.53
C ARG A 95 12.16 17.05 1.21
N PRO A 96 12.96 18.09 0.84
CA PRO A 96 13.73 18.09 -0.40
C PRO A 96 14.65 16.87 -0.54
N LYS A 97 14.74 16.34 -1.76
CA LYS A 97 15.60 15.19 -2.04
C LYS A 97 17.07 15.60 -2.03
N LYS A 98 17.95 14.62 -2.25
CA LYS A 98 19.39 14.88 -2.26
C LYS A 98 19.91 15.12 -3.69
N ASP A 99 19.25 14.51 -4.68
CA ASP A 99 19.65 14.66 -6.08
C ASP A 99 21.08 14.18 -6.31
N HIS B 1 4.97 0.20 24.53
CA HIS B 1 6.02 -0.64 23.90
C HIS B 1 5.87 -2.10 24.32
N HIS B 2 4.74 -2.70 23.98
CA HIS B 2 4.47 -4.08 24.33
C HIS B 2 3.25 -4.61 23.54
N GLU B 3 2.59 -5.67 24.03
CA GLU B 3 1.42 -6.24 23.35
C GLU B 3 1.81 -6.83 21.98
N VAL B 4 1.21 -7.97 21.66
CA VAL B 4 1.46 -8.63 20.38
C VAL B 4 0.17 -8.78 19.58
N VAL B 5 0.27 -8.66 18.26
CA VAL B 5 -0.90 -8.79 17.39
C VAL B 5 -1.35 -10.24 17.30
N LYS B 6 -2.67 -10.44 17.26
CA LYS B 6 -3.23 -11.78 17.18
C LYS B 6 -2.87 -12.46 15.86
N PHE B 7 -2.54 -13.76 15.93
CA PHE B 7 -2.16 -14.53 14.75
C PHE B 7 -3.26 -14.51 13.69
N MET B 8 -4.47 -14.94 14.07
CA MET B 8 -5.61 -15.00 13.15
C MET B 8 -5.87 -13.66 12.46
N ASP B 9 -5.53 -12.56 13.12
CA ASP B 9 -5.74 -11.22 12.56
C ASP B 9 -4.65 -10.88 11.55
N VAL B 10 -3.44 -11.37 11.78
CA VAL B 10 -2.32 -11.12 10.88
C VAL B 10 -2.51 -11.87 9.57
N TYR B 11 -2.98 -13.11 9.68
CA TYR B 11 -3.20 -13.96 8.52
C TYR B 11 -4.45 -13.53 7.75
N GLN B 12 -5.47 -13.09 8.47
CA GLN B 12 -6.73 -12.66 7.85
C GLN B 12 -6.59 -11.28 7.20
N ARG B 13 -5.76 -10.43 7.78
CA ARG B 13 -5.55 -9.08 7.26
C ARG B 13 -4.39 -8.98 6.28
N SER B 14 -3.50 -9.99 6.26
CA SER B 14 -2.34 -9.97 5.36
C SER B 14 -2.59 -10.80 4.09
N TYR B 15 -3.47 -11.79 4.17
CA TYR B 15 -3.78 -12.65 3.02
C TYR B 15 -4.28 -11.82 1.81
N CYS B 16 -3.84 -12.21 0.60
CA CYS B 16 -4.19 -11.52 -0.66
C CYS B 16 -5.67 -11.09 -0.73
N HIS B 17 -5.91 -9.80 -0.51
CA HIS B 17 -7.27 -9.24 -0.56
C HIS B 17 -7.23 -7.76 -0.97
N PRO B 18 -8.41 -7.16 -1.30
CA PRO B 18 -8.46 -5.75 -1.72
C PRO B 18 -8.11 -4.79 -0.58
N ILE B 19 -7.00 -4.08 -0.73
CA ILE B 19 -6.54 -3.13 0.29
C ILE B 19 -6.29 -1.76 -0.35
N GLU B 20 -6.67 -0.70 0.36
CA GLU B 20 -6.51 0.67 -0.14
C GLU B 20 -5.04 1.02 -0.35
N THR B 21 -4.66 1.26 -1.60
CA THR B 21 -3.28 1.60 -1.94
C THR B 21 -3.22 2.81 -2.86
N LEU B 22 -2.22 3.67 -2.63
CA LEU B 22 -2.03 4.87 -3.45
C LEU B 22 -1.23 4.54 -4.71
N VAL B 23 -1.75 4.93 -5.87
CA VAL B 23 -1.08 4.65 -7.14
C VAL B 23 -0.61 5.94 -7.81
N ASP B 24 0.63 5.92 -8.29
CA ASP B 24 1.21 7.08 -8.98
C ASP B 24 0.56 7.26 -10.35
N ILE B 25 0.20 8.50 -10.69
CA ILE B 25 -0.44 8.78 -11.97
C ILE B 25 0.54 8.54 -13.12
N PHE B 26 1.80 8.90 -12.90
CA PHE B 26 2.83 8.71 -13.93
C PHE B 26 3.00 7.23 -14.30
N GLN B 27 2.64 6.32 -13.37
CA GLN B 27 2.76 4.89 -13.63
C GLN B 27 1.60 4.37 -14.48
N GLU B 28 0.44 5.04 -14.40
CA GLU B 28 -0.72 4.63 -15.18
C GLU B 28 -0.77 5.38 -16.51
N TYR B 29 -0.41 6.65 -16.48
CA TYR B 29 -0.40 7.49 -17.68
C TYR B 29 1.06 7.75 -18.12
N PRO B 30 1.71 6.78 -18.83
CA PRO B 30 3.09 6.94 -19.27
C PRO B 30 3.26 7.90 -20.46
N ASP B 31 2.18 8.14 -21.20
CA ASP B 31 2.23 9.04 -22.36
C ASP B 31 1.70 10.44 -22.03
N GLU B 32 1.74 10.81 -20.75
CA GLU B 32 1.25 12.13 -20.32
C GLU B 32 2.15 12.73 -19.25
N ILE B 33 3.16 13.50 -19.69
CA ILE B 33 4.10 14.13 -18.77
C ILE B 33 4.06 15.66 -18.88
N GLU B 34 3.82 16.18 -20.09
CA GLU B 34 3.77 17.63 -20.32
C GLU B 34 2.75 18.33 -19.42
N TYR B 35 1.77 17.60 -18.89
CA TYR B 35 0.75 18.18 -18.02
C TYR B 35 0.92 17.71 -16.57
N ILE B 36 1.58 18.52 -15.76
CA ILE B 36 1.82 18.17 -14.35
C ILE B 36 0.49 17.94 -13.62
N PHE B 37 0.31 16.72 -13.10
CA PHE B 37 -0.92 16.37 -12.39
C PHE B 37 -0.79 16.66 -10.90
N LYS B 38 -1.84 17.25 -10.33
CA LYS B 38 -1.87 17.59 -8.91
C LYS B 38 -3.20 17.13 -8.28
N PRO B 39 -3.21 16.13 -7.34
CA PRO B 39 -2.00 15.44 -6.84
C PRO B 39 -1.41 14.47 -7.88
N SER B 40 -0.13 14.18 -7.72
CA SER B 40 0.56 13.27 -8.63
C SER B 40 0.20 11.79 -8.40
N CYS B 41 -0.58 11.50 -7.35
CA CYS B 41 -0.97 10.11 -7.05
C CYS B 41 -2.45 10.06 -6.64
N VAL B 42 -3.05 8.88 -6.70
CA VAL B 42 -4.46 8.72 -6.35
C VAL B 42 -4.71 7.44 -5.55
N PRO B 43 -5.63 7.46 -4.55
CA PRO B 43 -5.94 6.28 -3.74
C PRO B 43 -6.90 5.32 -4.45
N LEU B 44 -6.44 4.10 -4.71
CA LEU B 44 -7.26 3.09 -5.37
C LEU B 44 -7.24 1.78 -4.59
N MET B 45 -8.34 1.03 -4.67
CA MET B 45 -8.44 -0.25 -3.99
C MET B 45 -7.79 -1.36 -4.81
N ARG B 46 -6.54 -1.69 -4.47
CA ARG B 46 -5.80 -2.72 -5.17
C ARG B 46 -5.49 -3.89 -4.26
N CYS B 47 -5.13 -5.04 -4.84
CA CYS B 47 -4.81 -6.22 -4.08
C CYS B 47 -3.37 -6.17 -3.57
N GLY B 48 -3.18 -6.44 -2.28
CA GLY B 48 -1.86 -6.42 -1.69
C GLY B 48 -1.71 -7.44 -0.57
N GLY B 49 -0.46 -7.80 -0.26
CA GLY B 49 -0.19 -8.78 0.78
C GLY B 49 0.66 -9.94 0.30
N CYS B 50 0.23 -11.16 0.62
CA CYS B 50 0.96 -12.35 0.20
C CYS B 50 0.02 -13.57 0.18
N CYS B 51 0.43 -14.61 -0.55
CA CYS B 51 -0.37 -15.82 -0.67
C CYS B 51 0.07 -16.88 0.35
N ASN B 52 -0.60 -18.04 0.31
CA ASN B 52 -0.31 -19.14 1.23
C ASN B 52 1.01 -19.84 0.90
N ASP B 53 1.38 -19.86 -0.38
CA ASP B 53 2.60 -20.53 -0.81
C ASP B 53 3.46 -19.64 -1.70
N GLU B 54 4.73 -19.99 -1.83
CA GLU B 54 5.66 -19.22 -2.65
C GLU B 54 5.36 -19.40 -4.14
N GLY B 55 4.82 -20.58 -4.49
CA GLY B 55 4.49 -20.86 -5.88
C GLY B 55 3.21 -20.20 -6.38
N LEU B 56 2.55 -19.41 -5.52
CA LEU B 56 1.31 -18.72 -5.91
C LEU B 56 1.60 -17.25 -6.20
N GLU B 57 0.57 -16.51 -6.62
CA GLU B 57 0.73 -15.09 -6.91
C GLU B 57 -0.55 -14.33 -6.62
N CYS B 58 -0.42 -13.20 -5.92
CA CYS B 58 -1.57 -12.38 -5.58
C CYS B 58 -1.97 -11.49 -6.75
N VAL B 59 -3.06 -11.85 -7.43
CA VAL B 59 -3.54 -11.09 -8.58
C VAL B 59 -5.06 -10.87 -8.50
N PRO B 60 -5.61 -9.87 -9.23
CA PRO B 60 -7.05 -9.60 -9.19
C PRO B 60 -7.85 -10.48 -10.15
N THR B 61 -9.12 -10.71 -9.82
CA THR B 61 -9.98 -11.54 -10.66
C THR B 61 -10.98 -10.68 -11.43
N GLU B 62 -11.35 -9.53 -10.87
CA GLU B 62 -12.28 -8.61 -11.51
C GLU B 62 -11.77 -7.17 -11.36
N GLU B 63 -11.88 -6.37 -12.41
CA GLU B 63 -11.40 -4.99 -12.39
C GLU B 63 -12.54 -3.98 -12.58
N SER B 64 -12.18 -2.70 -12.57
CA SER B 64 -13.14 -1.61 -12.74
C SER B 64 -12.43 -0.27 -12.89
N ASN B 65 -13.15 0.74 -13.37
CA ASN B 65 -12.57 2.08 -13.56
C ASN B 65 -13.22 3.10 -12.64
N ILE B 66 -12.47 4.15 -12.30
CA ILE B 66 -12.97 5.20 -11.42
C ILE B 66 -12.42 6.57 -11.86
N THR B 67 -13.31 7.56 -11.96
CA THR B 67 -12.91 8.91 -12.36
C THR B 67 -12.57 9.76 -11.15
N MET B 68 -11.62 10.68 -11.33
CA MET B 68 -11.19 11.55 -10.24
C MET B 68 -10.83 12.94 -10.75
N GLN B 69 -10.88 13.93 -9.88
CA GLN B 69 -10.55 15.31 -10.24
C GLN B 69 -9.06 15.59 -10.01
N ILE B 70 -8.34 15.91 -11.08
CA ILE B 70 -6.90 16.20 -10.98
C ILE B 70 -6.58 17.54 -11.62
N MET B 71 -5.67 18.28 -10.99
CA MET B 71 -5.26 19.59 -11.49
C MET B 71 -4.20 19.45 -12.58
N ARG B 72 -4.57 19.78 -13.81
CA ARG B 72 -3.65 19.69 -14.94
C ARG B 72 -2.96 21.02 -15.20
N ILE B 73 -1.67 21.09 -14.86
CA ILE B 73 -0.88 22.31 -15.06
C ILE B 73 0.06 22.15 -16.25
N LYS B 74 0.19 23.21 -17.05
CA LYS B 74 1.06 23.19 -18.22
C LYS B 74 1.92 24.46 -18.29
N PRO B 75 3.26 24.35 -18.42
CA PRO B 75 4.14 25.53 -18.49
C PRO B 75 3.76 26.48 -19.63
N HIS B 76 3.83 27.79 -19.35
CA HIS B 76 3.52 28.86 -20.31
C HIS B 76 2.02 29.04 -20.60
N GLN B 77 1.14 28.18 -20.05
CA GLN B 77 -0.30 28.28 -20.30
C GLN B 77 -1.10 28.57 -19.04
N GLY B 78 -0.79 27.85 -17.95
CA GLY B 78 -1.49 28.03 -16.70
C GLY B 78 -1.86 26.73 -16.00
N GLN B 79 -3.10 26.64 -15.52
CA GLN B 79 -3.56 25.44 -14.81
C GLN B 79 -5.09 25.34 -14.86
N HIS B 80 -5.60 24.13 -14.61
CA HIS B 80 -7.05 23.89 -14.61
C HIS B 80 -7.37 22.51 -14.06
N ILE B 81 -8.66 22.20 -13.93
CA ILE B 81 -9.11 20.91 -13.40
C ILE B 81 -9.50 19.96 -14.55
N GLY B 82 -9.05 18.71 -14.43
CA GLY B 82 -9.34 17.71 -15.44
C GLY B 82 -9.90 16.42 -14.86
N GLU B 83 -10.52 15.61 -15.71
CA GLU B 83 -11.11 14.34 -15.28
C GLU B 83 -10.23 13.18 -15.75
N MET B 84 -9.76 12.38 -14.80
CA MET B 84 -8.90 11.23 -15.11
C MET B 84 -9.50 9.94 -14.58
N SER B 85 -9.51 8.92 -15.44
CA SER B 85 -10.06 7.62 -15.05
C SER B 85 -8.93 6.64 -14.73
N PHE B 86 -9.08 5.92 -13.63
CA PHE B 86 -8.08 4.94 -13.20
C PHE B 86 -8.71 3.58 -12.97
N LEU B 87 -7.92 2.53 -13.18
CA LEU B 87 -8.41 1.16 -13.01
C LEU B 87 -8.05 0.64 -11.62
N GLN B 88 -9.02 0.02 -10.94
CA GLN B 88 -8.78 -0.53 -9.60
C GLN B 88 -9.17 -2.01 -9.59
N HIS B 89 -8.82 -2.72 -8.53
CA HIS B 89 -9.13 -4.14 -8.42
C HIS B 89 -10.34 -4.37 -7.51
N ASN B 90 -11.33 -5.10 -8.03
CA ASN B 90 -12.56 -5.38 -7.28
C ASN B 90 -12.40 -6.64 -6.43
N LYS B 91 -12.00 -7.74 -7.06
CA LYS B 91 -11.82 -9.01 -6.36
C LYS B 91 -10.38 -9.50 -6.48
N CYS B 92 -9.91 -10.23 -5.47
CA CYS B 92 -8.53 -10.75 -5.46
C CYS B 92 -8.54 -12.26 -5.22
N GLU B 93 -7.46 -12.92 -5.62
CA GLU B 93 -7.33 -14.37 -5.43
C GLU B 93 -5.90 -14.85 -5.68
N CYS B 94 -5.57 -16.03 -5.16
CA CYS B 94 -4.23 -16.60 -5.32
C CYS B 94 -4.23 -17.73 -6.35
N ARG B 95 -3.30 -17.68 -7.29
CA ARG B 95 -3.18 -18.71 -8.33
C ARG B 95 -1.71 -19.04 -8.62
N PRO B 96 -1.38 -20.27 -9.08
CA PRO B 96 0.00 -20.66 -9.37
C PRO B 96 0.71 -19.74 -10.37
N LYS B 97 1.98 -19.44 -10.09
CA LYS B 97 2.77 -18.57 -10.95
C LYS B 97 3.14 -19.26 -12.26
N LYS B 98 3.79 -18.52 -13.15
CA LYS B 98 4.22 -19.06 -14.44
C LYS B 98 5.75 -19.16 -14.51
N ASP B 99 6.34 -19.85 -13.53
CA ASP B 99 7.79 -20.02 -13.49
C ASP B 99 8.30 -20.81 -14.69
N GLY C 1 -11.08 -25.16 5.45
CA GLY C 1 -12.43 -24.53 5.33
C GLY C 1 -13.55 -25.47 5.71
N GLY C 2 -13.29 -26.33 6.69
CA GLY C 2 -14.31 -27.28 7.14
C GLY C 2 -13.83 -28.72 7.05
N ASN C 3 -13.30 -29.10 5.90
CA ASN C 3 -12.80 -30.46 5.69
C ASN C 3 -11.68 -30.47 4.65
N GLU C 4 -11.92 -29.81 3.52
CA GLU C 4 -10.94 -29.76 2.44
C GLU C 4 -10.06 -28.51 2.57
N CYS C 5 -8.80 -28.71 2.91
CA CYS C 5 -7.85 -27.61 3.05
C CYS C 5 -7.16 -27.32 1.72
N ASP C 6 -7.74 -26.41 0.93
CA ASP C 6 -7.18 -26.05 -0.37
C ASP C 6 -6.06 -25.01 -0.21
N ILE C 7 -5.09 -25.04 -1.11
CA ILE C 7 -3.96 -24.13 -1.07
C ILE C 7 -4.39 -22.66 -1.15
N ALA C 8 -5.31 -22.35 -2.07
CA ALA C 8 -5.79 -20.98 -2.24
C ALA C 8 -7.04 -20.67 -1.40
N ARG C 9 -7.22 -21.41 -0.30
CA ARG C 9 -8.37 -21.19 0.59
C ARG C 9 -7.90 -20.97 2.03
N MET C 10 -8.68 -20.20 2.80
CA MET C 10 -8.35 -19.89 4.19
C MET C 10 -8.00 -21.14 5.01
N TRP C 11 -6.70 -21.40 5.16
CA TRP C 11 -6.21 -22.55 5.93
C TRP C 11 -6.47 -22.37 7.44
N GLU C 12 -7.64 -22.83 7.90
CA GLU C 12 -7.99 -22.71 9.32
C GLU C 12 -6.94 -23.37 10.22
N TRP C 13 -7.24 -23.48 11.52
CA TRP C 13 -6.31 -24.08 12.49
C TRP C 13 -5.86 -25.49 12.09
N GLU C 14 -6.82 -26.37 11.79
CA GLU C 14 -6.49 -27.75 11.40
C GLU C 14 -5.57 -27.78 10.18
N CYS C 15 -5.85 -26.94 9.18
CA CYS C 15 -5.04 -26.88 7.98
C CYS C 15 -3.63 -26.36 8.31
N PHE C 16 -3.51 -25.57 9.37
CA PHE C 16 -2.22 -25.01 9.78
C PHE C 16 -1.30 -26.09 10.38
N GLU C 17 -1.88 -27.08 11.06
CA GLU C 17 -1.10 -28.15 11.68
C GLU C 17 -0.64 -29.15 10.62
N ARG C 18 -1.45 -29.34 9.57
CA ARG C 18 -1.12 -30.26 8.48
C ARG C 18 -0.96 -29.50 7.17
N LEU C 19 0.10 -28.70 7.09
CA LEU C 19 0.37 -27.91 5.89
C LEU C 19 1.05 -28.75 4.82
N GLY D 1 -1.99 27.53 4.23
CA GLY D 1 -2.48 27.19 5.60
C GLY D 1 -2.98 28.42 6.36
N GLY D 2 -3.50 29.40 5.61
CA GLY D 2 -4.00 30.62 6.23
C GLY D 2 -3.45 31.86 5.57
N ASN D 3 -2.13 31.91 5.40
CA ASN D 3 -1.47 33.06 4.78
C ASN D 3 -0.19 32.62 4.08
N GLU D 4 0.64 31.85 4.78
CA GLU D 4 1.90 31.38 4.22
C GLU D 4 1.74 29.99 3.57
N CYS D 5 1.83 29.95 2.25
CA CYS D 5 1.70 28.69 1.51
C CYS D 5 3.06 28.01 1.38
N ASP D 6 3.40 27.16 2.35
CA ASP D 6 4.68 26.45 2.33
C ASP D 6 4.61 25.22 1.42
N ILE D 7 5.75 24.87 0.80
CA ILE D 7 5.82 23.73 -0.10
C ILE D 7 5.42 22.42 0.58
N ALA D 8 5.92 22.18 1.79
CA ALA D 8 5.62 20.94 2.53
C ALA D 8 4.39 21.09 3.45
N ARG D 9 3.50 22.02 3.14
CA ARG D 9 2.29 22.24 3.94
C ARG D 9 1.04 22.15 3.05
N MET D 10 -0.08 21.76 3.66
CA MET D 10 -1.36 21.63 2.93
C MET D 10 -1.71 22.88 2.12
N TRP D 11 -1.40 22.83 0.82
CA TRP D 11 -1.68 23.94 -0.08
C TRP D 11 -3.19 24.10 -0.33
N GLU D 12 -3.85 24.89 0.51
CA GLU D 12 -5.31 25.11 0.37
C GLU D 12 -5.66 25.66 -1.03
N TRP D 13 -6.92 26.07 -1.20
CA TRP D 13 -7.40 26.59 -2.49
C TRP D 13 -6.55 27.75 -3.01
N GLU D 14 -6.34 28.78 -2.18
CA GLU D 14 -5.54 29.95 -2.58
C GLU D 14 -4.14 29.55 -3.02
N CYS D 15 -3.52 28.61 -2.31
CA CYS D 15 -2.18 28.15 -2.65
C CYS D 15 -2.20 27.38 -3.99
N PHE D 16 -3.34 26.76 -4.32
CA PHE D 16 -3.47 26.00 -5.55
C PHE D 16 -3.49 26.91 -6.78
N GLU D 17 -4.08 28.10 -6.64
CA GLU D 17 -4.14 29.04 -7.75
C GLU D 17 -2.79 29.71 -7.99
N ARG D 18 -2.03 29.91 -6.91
CA ARG D 18 -0.71 30.53 -7.00
C ARG D 18 0.38 29.53 -6.58
N LEU D 19 0.58 28.51 -7.39
CA LEU D 19 1.57 27.48 -7.12
C LEU D 19 2.97 27.95 -7.52
N HIS A 1 -20.67 1.96 -12.03
CA HIS A 1 -19.96 2.92 -11.15
C HIS A 1 -19.59 4.19 -11.91
N HIS A 2 -20.27 5.28 -11.60
CA HIS A 2 -20.02 6.57 -12.24
C HIS A 2 -20.08 7.70 -11.23
N GLU A 3 -18.96 7.97 -10.57
CA GLU A 3 -18.90 9.02 -9.57
C GLU A 3 -17.53 9.70 -9.58
N VAL A 4 -17.49 10.96 -9.99
CA VAL A 4 -16.25 11.72 -10.05
C VAL A 4 -15.84 12.17 -8.65
N VAL A 5 -14.63 11.79 -8.24
CA VAL A 5 -14.13 12.17 -6.91
C VAL A 5 -13.81 13.66 -6.85
N LYS A 6 -14.08 14.27 -5.71
CA LYS A 6 -13.82 15.69 -5.52
C LYS A 6 -12.32 15.97 -5.43
N PHE A 7 -11.88 17.07 -6.05
CA PHE A 7 -10.47 17.47 -6.07
C PHE A 7 -9.86 17.52 -4.66
N MET A 8 -10.48 18.29 -3.78
CA MET A 8 -10.00 18.44 -2.40
C MET A 8 -9.85 17.09 -1.68
N ASP A 9 -10.58 16.07 -2.14
CA ASP A 9 -10.51 14.74 -1.53
C ASP A 9 -9.35 13.92 -2.09
N VAL A 10 -9.07 14.10 -3.38
CA VAL A 10 -7.98 13.37 -4.03
C VAL A 10 -6.62 13.81 -3.49
N TYR A 11 -6.51 15.11 -3.20
CA TYR A 11 -5.27 15.68 -2.69
C TYR A 11 -5.10 15.39 -1.20
N GLN A 12 -6.18 15.54 -0.44
CA GLN A 12 -6.16 15.32 1.00
C GLN A 12 -5.88 13.85 1.33
N ARG A 13 -6.35 12.95 0.48
CA ARG A 13 -6.17 11.52 0.69
C ARG A 13 -4.90 10.99 0.02
N SER A 14 -4.34 11.73 -0.94
CA SER A 14 -3.15 11.30 -1.65
C SER A 14 -1.86 11.85 -1.01
N TYR A 15 -1.97 12.99 -0.32
CA TYR A 15 -0.80 13.61 0.31
C TYR A 15 -0.14 12.67 1.32
N CYS A 16 1.20 12.68 1.35
CA CYS A 16 2.02 11.84 2.26
C CYS A 16 1.41 11.69 3.67
N HIS A 17 0.84 10.51 3.93
CA HIS A 17 0.24 10.23 5.24
C HIS A 17 0.35 8.73 5.57
N PRO A 18 0.07 8.31 6.83
CA PRO A 18 0.16 6.90 7.23
C PRO A 18 -1.01 6.06 6.69
N ILE A 19 -0.69 5.13 5.79
CA ILE A 19 -1.69 4.26 5.19
C ILE A 19 -1.32 2.78 5.40
N GLU A 20 -2.34 1.92 5.43
CA GLU A 20 -2.12 0.49 5.64
C GLU A 20 -1.33 -0.12 4.48
N THR A 21 -0.20 -0.74 4.82
CA THR A 21 0.66 -1.36 3.82
C THR A 21 1.22 -2.69 4.31
N LEU A 22 1.14 -3.72 3.47
CA LEU A 22 1.66 -5.04 3.80
C LEU A 22 3.14 -5.15 3.42
N VAL A 23 3.95 -5.65 4.34
CA VAL A 23 5.40 -5.79 4.10
C VAL A 23 5.84 -7.25 4.11
N ASP A 24 6.79 -7.56 3.23
CA ASP A 24 7.33 -8.93 3.13
C ASP A 24 8.33 -9.17 4.26
N ILE A 25 8.17 -10.30 4.96
CA ILE A 25 9.07 -10.65 6.06
C ILE A 25 10.47 -10.94 5.54
N PHE A 26 10.56 -11.54 4.36
CA PHE A 26 11.85 -11.87 3.74
C PHE A 26 12.67 -10.60 3.47
N GLN A 27 11.98 -9.47 3.27
CA GLN A 27 12.65 -8.20 3.02
C GLN A 27 13.17 -7.58 4.33
N GLU A 28 12.53 -7.92 5.45
CA GLU A 28 12.95 -7.41 6.75
C GLU A 28 13.99 -8.33 7.40
N TYR A 29 13.96 -9.62 7.04
CA TYR A 29 14.92 -10.58 7.58
C TYR A 29 15.48 -11.48 6.48
N PRO A 30 16.57 -11.06 5.78
CA PRO A 30 17.16 -11.85 4.70
C PRO A 30 18.07 -13.00 5.19
N ASP A 31 18.26 -13.13 6.50
CA ASP A 31 19.12 -14.18 7.05
C ASP A 31 18.33 -15.46 7.32
N GLU A 32 17.05 -15.30 7.65
CA GLU A 32 16.20 -16.45 7.94
C GLU A 32 15.60 -17.01 6.66
N ILE A 33 16.30 -17.96 6.05
CA ILE A 33 15.84 -18.58 4.80
C ILE A 33 15.47 -20.05 5.02
N GLU A 34 16.24 -20.72 5.88
CA GLU A 34 16.02 -22.12 6.18
C GLU A 34 14.67 -22.38 6.87
N TYR A 35 14.05 -21.33 7.42
CA TYR A 35 12.76 -21.47 8.10
C TYR A 35 11.69 -20.62 7.41
N ILE A 36 10.83 -21.26 6.63
CA ILE A 36 9.77 -20.56 5.93
C ILE A 36 8.78 -19.96 6.93
N PHE A 37 8.43 -18.70 6.74
CA PHE A 37 7.51 -18.00 7.64
C PHE A 37 6.07 -18.02 7.10
N LYS A 38 5.12 -18.19 8.02
CA LYS A 38 3.70 -18.21 7.65
C LYS A 38 2.89 -17.35 8.64
N PRO A 39 2.26 -16.22 8.20
CA PRO A 39 2.28 -15.73 6.81
C PRO A 39 3.62 -15.13 6.40
N SER A 40 3.89 -15.13 5.10
CA SER A 40 5.13 -14.58 4.57
C SER A 40 5.18 -13.04 4.63
N CYS A 41 4.05 -12.39 4.92
CA CYS A 41 3.99 -10.94 4.99
C CYS A 41 3.21 -10.49 6.23
N VAL A 42 3.37 -9.23 6.62
CA VAL A 42 2.68 -8.70 7.81
C VAL A 42 2.11 -7.30 7.54
N PRO A 43 0.93 -6.96 8.12
CA PRO A 43 0.34 -5.64 7.92
C PRO A 43 0.94 -4.58 8.83
N LEU A 44 1.49 -3.53 8.23
CA LEU A 44 2.10 -2.44 9.00
C LEU A 44 1.66 -1.09 8.48
N MET A 45 1.47 -0.14 9.39
CA MET A 45 1.06 1.21 9.02
C MET A 45 2.26 2.03 8.57
N ARG A 46 2.44 2.13 7.25
CA ARG A 46 3.57 2.87 6.68
C ARG A 46 3.08 4.10 5.92
N CYS A 47 4.02 4.92 5.43
CA CYS A 47 3.67 6.12 4.69
C CYS A 47 3.71 5.87 3.19
N GLY A 48 2.69 6.36 2.49
CA GLY A 48 2.61 6.17 1.04
C GLY A 48 1.92 7.33 0.34
N GLY A 49 2.16 7.46 -0.97
CA GLY A 49 1.54 8.51 -1.75
C GLY A 49 2.55 9.31 -2.57
N CYS A 50 2.43 10.63 -2.50
CA CYS A 50 3.32 11.52 -3.24
C CYS A 50 3.43 12.89 -2.56
N CYS A 51 4.38 13.70 -3.01
CA CYS A 51 4.60 15.03 -2.44
C CYS A 51 4.06 16.14 -3.35
N ASN A 52 4.23 17.38 -2.92
CA ASN A 52 3.74 18.54 -3.68
C ASN A 52 4.61 18.83 -4.90
N ASP A 53 5.91 18.52 -4.81
CA ASP A 53 6.83 18.77 -5.91
C ASP A 53 7.74 17.57 -6.17
N GLU A 54 8.46 17.62 -7.29
CA GLU A 54 9.37 16.55 -7.67
C GLU A 54 10.60 16.51 -6.76
N GLY A 55 10.97 17.68 -6.23
CA GLY A 55 12.14 17.76 -5.35
C GLY A 55 11.87 17.34 -3.91
N LEU A 56 10.68 16.82 -3.63
CA LEU A 56 10.33 16.38 -2.27
C LEU A 56 10.28 14.87 -2.20
N GLU A 57 10.04 14.32 -1.01
CA GLU A 57 9.97 12.88 -0.82
C GLU A 57 9.12 12.54 0.41
N CYS A 58 8.23 11.56 0.24
CA CYS A 58 7.37 11.13 1.34
C CYS A 58 8.11 10.20 2.28
N VAL A 59 8.44 10.69 3.47
CA VAL A 59 9.16 9.90 4.47
C VAL A 59 8.54 10.07 5.86
N PRO A 60 8.79 9.14 6.81
CA PRO A 60 8.23 9.22 8.16
C PRO A 60 9.07 10.09 9.10
N THR A 61 8.41 10.72 10.06
CA THR A 61 9.10 11.58 11.02
C THR A 61 9.24 10.88 12.38
N GLU A 62 8.30 10.00 12.71
CA GLU A 62 8.33 9.26 13.96
C GLU A 62 8.04 7.78 13.70
N GLU A 63 8.71 6.89 14.44
CA GLU A 63 8.53 5.45 14.25
C GLU A 63 8.07 4.74 15.52
N SER A 64 7.90 3.42 15.42
CA SER A 64 7.46 2.60 16.54
C SER A 64 7.64 1.11 16.23
N ASN A 65 7.66 0.28 17.28
CA ASN A 65 7.84 -1.16 17.11
C ASN A 65 6.53 -1.91 17.38
N ILE A 66 6.38 -3.08 16.76
CA ILE A 66 5.18 -3.90 16.93
C ILE A 66 5.52 -5.39 16.88
N THR A 67 5.10 -6.13 17.91
CA THR A 67 5.36 -7.57 17.98
C THR A 67 4.25 -8.35 17.28
N MET A 68 4.62 -9.45 16.64
CA MET A 68 3.65 -10.29 15.94
C MET A 68 4.03 -11.77 16.04
N GLN A 69 3.04 -12.64 15.85
CA GLN A 69 3.26 -14.08 15.91
C GLN A 69 3.38 -14.67 14.50
N ILE A 70 4.50 -15.35 14.24
CA ILE A 70 4.73 -15.96 12.93
C ILE A 70 5.06 -17.44 13.08
N MET A 71 4.61 -18.24 12.11
CA MET A 71 4.84 -19.68 12.13
C MET A 71 6.05 -20.07 11.29
N ARG A 72 7.07 -20.64 11.95
CA ARG A 72 8.28 -21.07 11.26
C ARG A 72 8.23 -22.57 10.96
N ILE A 73 8.32 -22.91 9.68
CA ILE A 73 8.26 -24.32 9.24
C ILE A 73 9.55 -24.72 8.53
N LYS A 74 9.89 -26.01 8.60
CA LYS A 74 11.10 -26.54 7.95
C LYS A 74 10.74 -27.74 7.06
N PRO A 75 11.39 -27.92 5.89
CA PRO A 75 11.08 -29.04 4.99
C PRO A 75 11.24 -30.40 5.65
N HIS A 76 10.19 -31.22 5.57
CA HIS A 76 10.20 -32.56 6.14
C HIS A 76 10.49 -32.56 7.65
N GLN A 77 10.20 -31.44 8.32
CA GLN A 77 10.43 -31.33 9.76
C GLN A 77 9.11 -30.98 10.50
N GLY A 78 8.98 -29.80 11.14
CA GLY A 78 7.74 -29.46 11.84
C GLY A 78 7.41 -27.97 11.78
N GLN A 79 6.58 -27.50 12.72
CA GLN A 79 6.19 -26.10 12.76
C GLN A 79 6.32 -25.56 14.19
N HIS A 80 6.39 -24.23 14.31
CA HIS A 80 6.51 -23.59 15.61
C HIS A 80 6.22 -22.10 15.51
N ILE A 81 5.62 -21.53 16.54
CA ILE A 81 5.28 -20.11 16.56
C ILE A 81 6.39 -19.29 17.22
N GLY A 82 6.71 -18.15 16.62
CA GLY A 82 7.77 -17.29 17.16
C GLY A 82 7.36 -15.81 17.15
N GLU A 83 8.07 -15.01 17.94
CA GLU A 83 7.78 -13.59 18.02
C GLU A 83 8.72 -12.78 17.13
N MET A 84 8.15 -11.84 16.37
CA MET A 84 8.92 -11.00 15.47
C MET A 84 8.45 -9.56 15.55
N SER A 85 9.36 -8.66 15.92
CA SER A 85 9.05 -7.25 16.04
C SER A 85 9.32 -6.53 14.71
N PHE A 86 8.43 -5.62 14.33
CA PHE A 86 8.58 -4.87 13.09
C PHE A 86 8.50 -3.37 13.36
N LEU A 87 9.06 -2.58 12.44
CA LEU A 87 9.04 -1.13 12.58
C LEU A 87 7.91 -0.53 11.77
N GLN A 88 7.14 0.38 12.40
CA GLN A 88 6.02 1.03 11.73
C GLN A 88 6.22 2.54 11.71
N HIS A 89 5.44 3.24 10.89
CA HIS A 89 5.54 4.69 10.78
C HIS A 89 4.36 5.38 11.48
N ASN A 90 4.69 6.24 12.45
CA ASN A 90 3.67 6.95 13.22
C ASN A 90 3.20 8.20 12.47
N LYS A 91 4.13 9.09 12.14
CA LYS A 91 3.82 10.32 11.41
C LYS A 91 4.54 10.35 10.06
N CYS A 92 3.96 11.08 9.11
CA CYS A 92 4.54 11.18 7.77
C CYS A 92 4.56 12.65 7.31
N GLU A 93 5.58 13.02 6.52
CA GLU A 93 5.70 14.39 6.03
C GLU A 93 6.69 14.45 4.86
N CYS A 94 6.53 15.46 4.00
CA CYS A 94 7.41 15.62 2.85
C CYS A 94 8.61 16.52 3.15
N ARG A 95 9.74 16.22 2.55
CA ARG A 95 10.96 17.01 2.74
C ARG A 95 11.85 16.96 1.48
N PRO A 96 12.66 18.00 1.21
CA PRO A 96 13.53 18.04 0.02
C PRO A 96 14.47 16.82 -0.06
N LYS A 97 14.65 16.31 -1.28
CA LYS A 97 15.51 15.15 -1.51
C LYS A 97 16.99 15.54 -1.39
N LYS A 98 17.74 14.76 -0.62
CA LYS A 98 19.16 15.01 -0.41
C LYS A 98 19.96 13.70 -0.47
N ASP A 99 19.78 12.96 -1.57
CA ASP A 99 20.47 11.68 -1.77
C ASP A 99 20.10 10.67 -0.69
N HIS B 1 4.60 1.05 23.54
CA HIS B 1 3.76 0.13 22.73
C HIS B 1 4.26 -1.31 22.86
N HIS B 2 3.51 -2.12 23.61
CA HIS B 2 3.87 -3.52 23.81
C HIS B 2 2.63 -4.41 23.74
N GLU B 3 2.28 -4.81 22.52
CA GLU B 3 1.11 -5.66 22.30
C GLU B 3 1.34 -6.64 21.16
N VAL B 4 1.42 -7.93 21.49
CA VAL B 4 1.64 -8.96 20.49
C VAL B 4 0.35 -9.24 19.72
N VAL B 5 0.41 -9.11 18.39
CA VAL B 5 -0.75 -9.36 17.54
C VAL B 5 -1.08 -10.84 17.49
N LYS B 6 -2.37 -11.15 17.45
CA LYS B 6 -2.82 -12.54 17.41
C LYS B 6 -2.54 -13.17 16.04
N PHE B 7 -2.09 -14.43 16.05
CA PHE B 7 -1.76 -15.17 14.82
C PHE B 7 -2.90 -15.11 13.80
N MET B 8 -4.09 -15.54 14.19
CA MET B 8 -5.26 -15.57 13.30
C MET B 8 -5.54 -14.20 12.67
N ASP B 9 -5.08 -13.13 13.32
CA ASP B 9 -5.30 -11.77 12.81
C ASP B 9 -4.25 -11.39 11.78
N VAL B 10 -3.02 -11.85 11.99
CA VAL B 10 -1.92 -11.54 11.07
C VAL B 10 -2.13 -12.21 9.72
N TYR B 11 -2.69 -13.41 9.75
CA TYR B 11 -2.94 -14.17 8.52
C TYR B 11 -4.19 -13.66 7.79
N GLN B 12 -5.24 -13.39 8.55
CA GLN B 12 -6.49 -12.92 7.98
C GLN B 12 -6.34 -11.52 7.36
N ARG B 13 -5.53 -10.69 8.01
CA ARG B 13 -5.31 -9.33 7.53
C ARG B 13 -4.20 -9.24 6.47
N SER B 14 -3.32 -10.24 6.41
CA SER B 14 -2.23 -10.23 5.44
C SER B 14 -2.57 -10.97 4.15
N TYR B 15 -3.50 -11.93 4.23
CA TYR B 15 -3.91 -12.71 3.07
C TYR B 15 -4.43 -11.81 1.93
N CYS B 16 -4.05 -12.15 0.68
CA CYS B 16 -4.44 -11.40 -0.54
C CYS B 16 -5.88 -10.86 -0.49
N HIS B 17 -6.01 -9.55 -0.24
CA HIS B 17 -7.31 -8.90 -0.18
C HIS B 17 -7.21 -7.44 -0.67
N PRO B 18 -8.35 -6.75 -0.91
CA PRO B 18 -8.33 -5.35 -1.37
C PRO B 18 -7.95 -4.38 -0.26
N ILE B 19 -6.81 -3.70 -0.43
CA ILE B 19 -6.32 -2.73 0.54
C ILE B 19 -6.05 -1.38 -0.13
N GLU B 20 -6.16 -0.30 0.64
CA GLU B 20 -5.94 1.05 0.11
C GLU B 20 -4.51 1.23 -0.35
N THR B 21 -4.34 1.58 -1.63
CA THR B 21 -3.01 1.78 -2.20
C THR B 21 -2.97 3.01 -3.10
N LEU B 22 -1.95 3.86 -2.90
CA LEU B 22 -1.78 5.06 -3.70
C LEU B 22 -0.96 4.75 -4.96
N VAL B 23 -1.48 5.16 -6.11
CA VAL B 23 -0.80 4.90 -7.39
C VAL B 23 -0.32 6.19 -8.06
N ASP B 24 0.86 6.10 -8.68
CA ASP B 24 1.44 7.25 -9.39
C ASP B 24 0.76 7.44 -10.74
N ILE B 25 0.35 8.67 -11.04
CA ILE B 25 -0.33 8.95 -12.30
C ILE B 25 0.64 8.79 -13.48
N PHE B 26 1.90 9.17 -13.27
CA PHE B 26 2.91 9.05 -14.31
C PHE B 26 3.09 7.58 -14.74
N GLN B 27 2.80 6.66 -13.83
CA GLN B 27 2.93 5.23 -14.14
C GLN B 27 1.74 4.74 -14.98
N GLU B 28 0.59 5.40 -14.83
CA GLU B 28 -0.60 5.04 -15.59
C GLU B 28 -0.65 5.76 -16.94
N TYR B 29 -0.10 6.97 -16.96
CA TYR B 29 -0.07 7.78 -18.19
C TYR B 29 1.35 8.30 -18.47
N PRO B 30 2.19 7.51 -19.18
CA PRO B 30 3.57 7.94 -19.48
C PRO B 30 3.68 8.89 -20.68
N ASP B 31 2.56 9.18 -21.35
CA ASP B 31 2.57 10.07 -22.52
C ASP B 31 2.40 11.54 -22.11
N GLU B 32 1.68 11.76 -21.01
CA GLU B 32 1.44 13.12 -20.52
C GLU B 32 2.59 13.58 -19.63
N ILE B 33 3.60 14.20 -20.23
CA ILE B 33 4.76 14.69 -19.49
C ILE B 33 4.82 16.22 -19.49
N GLU B 34 4.42 16.81 -20.61
CA GLU B 34 4.42 18.26 -20.76
C GLU B 34 3.46 18.95 -19.78
N TYR B 35 2.51 18.21 -19.22
CA TYR B 35 1.55 18.78 -18.28
C TYR B 35 1.64 18.12 -16.91
N ILE B 36 2.28 18.79 -15.96
CA ILE B 36 2.44 18.25 -14.61
C ILE B 36 1.08 18.11 -13.94
N PHE B 37 0.84 16.95 -13.33
CA PHE B 37 -0.44 16.69 -12.67
C PHE B 37 -0.36 16.94 -11.17
N LYS B 38 -1.45 17.49 -10.62
CA LYS B 38 -1.53 17.78 -9.19
C LYS B 38 -2.88 17.32 -8.63
N PRO B 39 -2.94 16.32 -7.71
CA PRO B 39 -1.76 15.61 -7.15
C PRO B 39 -1.14 14.64 -8.15
N SER B 40 0.14 14.36 -7.96
CA SER B 40 0.87 13.46 -8.85
C SER B 40 0.45 11.98 -8.66
N CYS B 41 -0.29 11.68 -7.59
CA CYS B 41 -0.74 10.32 -7.33
C CYS B 41 -2.22 10.30 -6.95
N VAL B 42 -2.85 9.13 -7.01
CA VAL B 42 -4.28 9.00 -6.67
C VAL B 42 -4.53 7.77 -5.80
N PRO B 43 -5.50 7.83 -4.84
CA PRO B 43 -5.80 6.69 -3.98
C PRO B 43 -6.74 5.69 -4.66
N LEU B 44 -6.28 4.45 -4.79
CA LEU B 44 -7.07 3.40 -5.42
C LEU B 44 -7.05 2.12 -4.59
N MET B 45 -8.18 1.42 -4.56
CA MET B 45 -8.29 0.18 -3.80
C MET B 45 -7.73 -0.99 -4.62
N ARG B 46 -6.48 -1.36 -4.34
CA ARG B 46 -5.81 -2.44 -5.05
C ARG B 46 -5.55 -3.62 -4.12
N CYS B 47 -5.07 -4.73 -4.68
CA CYS B 47 -4.78 -5.93 -3.90
C CYS B 47 -3.32 -5.96 -3.47
N GLY B 48 -3.09 -6.30 -2.21
CA GLY B 48 -1.74 -6.35 -1.67
C GLY B 48 -1.57 -7.41 -0.60
N GLY B 49 -0.32 -7.83 -0.35
CA GLY B 49 -0.04 -8.83 0.66
C GLY B 49 0.80 -9.99 0.13
N CYS B 50 0.40 -11.20 0.50
CA CYS B 50 1.12 -12.41 0.08
C CYS B 50 0.18 -13.61 0.00
N CYS B 51 0.66 -14.69 -0.61
CA CYS B 51 -0.14 -15.91 -0.76
C CYS B 51 0.28 -16.98 0.24
N ASN B 52 -0.38 -18.15 0.16
CA ASN B 52 -0.09 -19.25 1.07
C ASN B 52 1.22 -19.96 0.71
N ASP B 53 1.56 -19.98 -0.57
CA ASP B 53 2.78 -20.65 -1.03
C ASP B 53 3.59 -19.78 -1.99
N GLU B 54 4.82 -20.18 -2.25
CA GLU B 54 5.71 -19.44 -3.15
C GLU B 54 5.23 -19.56 -4.60
N GLY B 55 4.58 -20.67 -4.93
CA GLY B 55 4.10 -20.88 -6.29
C GLY B 55 2.79 -20.16 -6.61
N LEU B 56 2.29 -19.33 -5.68
CA LEU B 56 1.05 -18.57 -5.91
C LEU B 56 1.35 -17.10 -6.15
N GLU B 57 0.30 -16.32 -6.41
CA GLU B 57 0.46 -14.88 -6.65
C GLU B 57 -0.82 -14.14 -6.34
N CYS B 58 -0.70 -13.01 -5.65
CA CYS B 58 -1.85 -12.19 -5.29
C CYS B 58 -2.27 -11.31 -6.47
N VAL B 59 -3.39 -11.66 -7.10
CA VAL B 59 -3.89 -10.90 -8.24
C VAL B 59 -5.41 -10.65 -8.12
N PRO B 60 -5.97 -9.65 -8.84
CA PRO B 60 -7.40 -9.34 -8.77
C PRO B 60 -8.24 -10.22 -9.70
N THR B 61 -9.48 -10.48 -9.29
CA THR B 61 -10.38 -11.30 -10.10
C THR B 61 -11.40 -10.44 -10.83
N GLU B 62 -11.79 -9.32 -10.22
CA GLU B 62 -12.75 -8.40 -10.82
C GLU B 62 -12.22 -6.96 -10.73
N GLU B 63 -12.54 -6.12 -11.72
CA GLU B 63 -12.05 -4.73 -11.73
C GLU B 63 -13.18 -3.72 -11.87
N SER B 64 -12.80 -2.45 -11.93
CA SER B 64 -13.76 -1.35 -12.07
C SER B 64 -13.04 -0.04 -12.39
N ASN B 65 -13.80 0.95 -12.88
CA ASN B 65 -13.23 2.25 -13.24
C ASN B 65 -13.69 3.33 -12.26
N ILE B 66 -12.87 4.37 -12.12
CA ILE B 66 -13.18 5.47 -11.22
C ILE B 66 -12.65 6.80 -11.76
N THR B 67 -13.54 7.77 -11.90
CA THR B 67 -13.18 9.10 -12.42
C THR B 67 -12.68 10.00 -11.29
N MET B 68 -11.70 10.84 -11.59
CA MET B 68 -11.13 11.74 -10.60
C MET B 68 -10.76 13.09 -11.23
N GLN B 69 -10.63 14.12 -10.39
CA GLN B 69 -10.27 15.45 -10.85
C GLN B 69 -8.80 15.73 -10.60
N ILE B 70 -8.05 16.04 -11.66
CA ILE B 70 -6.62 16.34 -11.55
C ILE B 70 -6.30 17.70 -12.16
N MET B 71 -5.33 18.39 -11.57
CA MET B 71 -4.93 19.71 -12.06
C MET B 71 -3.71 19.63 -12.96
N ARG B 72 -3.87 20.05 -14.22
CA ARG B 72 -2.78 20.04 -15.19
C ARG B 72 -2.15 21.42 -15.28
N ILE B 73 -0.85 21.51 -15.01
CA ILE B 73 -0.12 22.78 -15.06
C ILE B 73 1.02 22.72 -16.07
N LYS B 74 1.37 23.88 -16.63
CA LYS B 74 2.46 23.98 -17.61
C LYS B 74 3.47 25.06 -17.17
N PRO B 75 4.79 24.86 -17.41
CA PRO B 75 5.81 25.84 -17.01
C PRO B 75 5.59 27.22 -17.62
N HIS B 76 5.55 28.24 -16.76
CA HIS B 76 5.37 29.63 -17.20
C HIS B 76 4.06 29.82 -17.97
N GLN B 77 3.07 28.95 -17.74
CA GLN B 77 1.77 29.05 -18.42
C GLN B 77 0.63 29.17 -17.38
N GLY B 78 -0.29 28.18 -17.28
CA GLY B 78 -1.38 28.28 -16.31
C GLY B 78 -1.79 26.94 -15.74
N GLN B 79 -3.00 26.87 -15.18
CA GLN B 79 -3.52 25.63 -14.59
C GLN B 79 -4.93 25.34 -15.10
N HIS B 80 -5.36 24.09 -14.97
CA HIS B 80 -6.68 23.68 -15.40
C HIS B 80 -7.04 22.30 -14.83
N ILE B 81 -8.31 22.10 -14.54
CA ILE B 81 -8.78 20.82 -13.99
C ILE B 81 -9.25 19.88 -15.10
N GLY B 82 -8.89 18.61 -15.00
CA GLY B 82 -9.28 17.63 -15.99
C GLY B 82 -9.77 16.33 -15.36
N GLU B 83 -10.49 15.53 -16.14
CA GLU B 83 -11.02 14.26 -15.66
C GLU B 83 -10.12 13.09 -16.08
N MET B 84 -9.82 12.21 -15.13
CA MET B 84 -8.98 11.05 -15.41
C MET B 84 -9.55 9.81 -14.74
N SER B 85 -9.84 8.78 -15.55
CA SER B 85 -10.39 7.53 -15.05
C SER B 85 -9.26 6.55 -14.73
N PHE B 86 -9.40 5.84 -13.62
CA PHE B 86 -8.40 4.87 -13.19
C PHE B 86 -9.05 3.51 -12.94
N LEU B 87 -8.25 2.45 -13.01
CA LEU B 87 -8.74 1.09 -12.78
C LEU B 87 -8.49 0.65 -11.34
N GLN B 88 -9.51 0.09 -10.70
CA GLN B 88 -9.39 -0.38 -9.33
C GLN B 88 -9.69 -1.88 -9.24
N HIS B 89 -9.32 -2.50 -8.12
CA HIS B 89 -9.56 -3.93 -7.92
C HIS B 89 -10.70 -4.17 -6.93
N ASN B 90 -11.71 -4.89 -7.38
CA ASN B 90 -12.87 -5.19 -6.54
C ASN B 90 -12.60 -6.39 -5.64
N LYS B 91 -12.27 -7.53 -6.25
CA LYS B 91 -11.98 -8.76 -5.51
C LYS B 91 -10.54 -9.21 -5.73
N CYS B 92 -9.99 -9.94 -4.77
CA CYS B 92 -8.62 -10.43 -4.85
C CYS B 92 -8.55 -11.91 -4.46
N GLU B 93 -7.63 -12.65 -5.08
CA GLU B 93 -7.48 -14.07 -4.78
C GLU B 93 -6.12 -14.60 -5.29
N CYS B 94 -5.63 -15.69 -4.69
CA CYS B 94 -4.34 -16.26 -5.08
C CYS B 94 -4.50 -17.35 -6.13
N ARG B 95 -3.52 -17.43 -7.03
CA ARG B 95 -3.54 -18.44 -8.10
C ARG B 95 -2.10 -18.82 -8.50
N PRO B 96 -1.86 -20.06 -8.98
CA PRO B 96 -0.52 -20.52 -9.37
C PRO B 96 0.14 -19.59 -10.41
N LYS B 97 1.43 -19.36 -10.25
CA LYS B 97 2.18 -18.50 -11.16
C LYS B 97 2.41 -19.20 -12.50
N LYS B 98 2.12 -18.48 -13.59
CA LYS B 98 2.29 -19.02 -14.94
C LYS B 98 2.84 -17.94 -15.88
N ASP B 99 3.98 -17.35 -15.51
CA ASP B 99 4.61 -16.31 -16.31
C ASP B 99 3.70 -15.08 -16.44
N GLY C 1 -17.81 -36.82 4.87
CA GLY C 1 -17.23 -36.16 3.67
C GLY C 1 -17.55 -34.68 3.62
N GLY C 2 -16.69 -33.91 2.95
CA GLY C 2 -16.88 -32.47 2.83
C GLY C 2 -15.76 -31.68 3.48
N ASN C 3 -14.52 -32.02 3.12
CA ASN C 3 -13.36 -31.33 3.68
C ASN C 3 -12.18 -31.39 2.70
N GLU C 4 -11.66 -30.23 2.34
CA GLU C 4 -10.55 -30.15 1.41
C GLU C 4 -9.79 -28.82 1.57
N CYS C 5 -8.57 -28.89 2.06
CA CYS C 5 -7.75 -27.70 2.28
C CYS C 5 -7.14 -27.24 0.96
N ASP C 6 -7.75 -26.23 0.34
CA ASP C 6 -7.25 -25.69 -0.93
C ASP C 6 -6.03 -24.80 -0.68
N ILE C 7 -5.03 -24.92 -1.55
CA ILE C 7 -3.80 -24.14 -1.42
C ILE C 7 -4.06 -22.63 -1.54
N ALA C 8 -4.99 -22.25 -2.42
CA ALA C 8 -5.32 -20.84 -2.61
C ALA C 8 -6.57 -20.44 -1.83
N ARG C 9 -6.77 -21.07 -0.68
CA ARG C 9 -7.92 -20.77 0.17
C ARG C 9 -7.47 -20.59 1.63
N MET C 10 -8.30 -19.90 2.43
CA MET C 10 -7.96 -19.63 3.83
C MET C 10 -7.71 -20.93 4.61
N TRP C 11 -6.42 -21.24 4.79
CA TRP C 11 -6.01 -22.44 5.51
C TRP C 11 -6.31 -22.33 7.01
N GLU C 12 -7.51 -22.76 7.40
CA GLU C 12 -7.94 -22.72 8.82
C GLU C 12 -6.95 -23.47 9.71
N TRP C 13 -7.31 -23.67 10.99
CA TRP C 13 -6.45 -24.36 11.95
C TRP C 13 -6.04 -25.76 11.45
N GLU C 14 -7.01 -26.62 11.16
CA GLU C 14 -6.75 -27.98 10.69
C GLU C 14 -5.79 -28.01 9.49
N CYS C 15 -5.99 -27.09 8.55
CA CYS C 15 -5.14 -27.02 7.36
C CYS C 15 -3.72 -26.64 7.75
N PHE C 16 -3.58 -25.81 8.77
CA PHE C 16 -2.27 -25.38 9.25
C PHE C 16 -1.48 -26.56 9.83
N GLU C 17 -2.21 -27.51 10.42
CA GLU C 17 -1.59 -28.69 11.02
C GLU C 17 -1.13 -29.67 9.95
N ARG C 18 -1.83 -29.69 8.82
CA ARG C 18 -1.49 -30.60 7.72
C ARG C 18 -0.63 -29.90 6.66
N LEU C 19 0.15 -28.91 7.08
CA LEU C 19 1.01 -28.18 6.15
C LEU C 19 2.11 -29.08 5.60
N GLY D 1 -0.75 40.24 8.02
CA GLY D 1 0.37 39.25 8.07
C GLY D 1 -0.07 37.91 8.63
N GLY D 2 0.61 36.85 8.21
CA GLY D 2 0.28 35.50 8.67
C GLY D 2 -0.15 34.59 7.54
N ASN D 3 0.66 34.53 6.48
CA ASN D 3 0.35 33.70 5.33
C ASN D 3 1.64 33.31 4.60
N GLU D 4 1.84 32.00 4.45
CA GLU D 4 3.03 31.49 3.76
C GLU D 4 2.80 30.08 3.23
N CYS D 5 2.76 29.95 1.91
CA CYS D 5 2.54 28.65 1.28
C CYS D 5 3.82 27.81 1.30
N ASP D 6 3.90 26.87 2.23
CA ASP D 6 5.07 25.99 2.35
C ASP D 6 5.01 24.89 1.30
N ILE D 7 6.15 24.61 0.66
CA ILE D 7 6.23 23.60 -0.38
C ILE D 7 5.89 22.20 0.16
N ALA D 8 6.32 21.92 1.40
CA ALA D 8 6.06 20.62 2.02
C ALA D 8 4.87 20.71 2.98
N ARG D 9 3.88 21.51 2.60
CA ARG D 9 2.68 21.69 3.42
C ARG D 9 1.43 21.65 2.53
N MET D 10 0.28 21.33 3.13
CA MET D 10 -0.99 21.24 2.39
C MET D 10 -1.30 22.54 1.66
N TRP D 11 -1.00 22.56 0.36
CA TRP D 11 -1.24 23.73 -0.49
C TRP D 11 -2.74 23.95 -0.72
N GLU D 12 -3.37 24.73 0.17
CA GLU D 12 -4.80 25.03 0.06
C GLU D 12 -5.13 25.66 -1.30
N TRP D 13 -6.37 26.15 -1.46
CA TRP D 13 -6.82 26.76 -2.72
C TRP D 13 -5.91 27.91 -3.18
N GLU D 14 -5.70 28.89 -2.29
CA GLU D 14 -4.86 30.06 -2.62
C GLU D 14 -3.46 29.64 -3.09
N CYS D 15 -2.86 28.66 -2.42
CA CYS D 15 -1.54 28.18 -2.77
C CYS D 15 -1.55 27.54 -4.16
N PHE D 16 -2.66 26.88 -4.48
CA PHE D 16 -2.81 26.21 -5.77
C PHE D 16 -2.81 27.23 -6.91
N GLU D 17 -3.33 28.42 -6.63
CA GLU D 17 -3.39 29.49 -7.63
C GLU D 17 -2.02 30.13 -7.83
N ARG D 18 -1.21 30.15 -6.79
CA ARG D 18 0.13 30.75 -6.86
C ARG D 18 1.21 29.69 -7.13
N LEU D 19 0.83 28.62 -7.82
CA LEU D 19 1.77 27.54 -8.14
C LEU D 19 2.84 28.03 -9.12
N HIS A 1 -23.43 12.68 -8.28
CA HIS A 1 -22.07 12.38 -7.78
C HIS A 1 -21.79 10.87 -7.86
N HIS A 2 -20.71 10.42 -7.20
CA HIS A 2 -20.28 9.00 -7.21
C HIS A 2 -19.61 8.59 -8.53
N GLU A 3 -19.51 9.50 -9.50
CA GLU A 3 -18.86 9.17 -10.78
C GLU A 3 -17.44 9.70 -10.75
N VAL A 4 -17.32 11.03 -10.67
CA VAL A 4 -16.03 11.69 -10.60
C VAL A 4 -15.75 12.15 -9.18
N VAL A 5 -14.56 11.82 -8.66
CA VAL A 5 -14.19 12.21 -7.30
C VAL A 5 -13.88 13.70 -7.21
N LYS A 6 -14.07 14.27 -6.03
CA LYS A 6 -13.82 15.69 -5.81
C LYS A 6 -12.33 15.98 -5.72
N PHE A 7 -11.90 17.08 -6.34
CA PHE A 7 -10.50 17.50 -6.35
C PHE A 7 -9.89 17.60 -4.95
N MET A 8 -10.52 18.40 -4.09
CA MET A 8 -10.04 18.59 -2.72
C MET A 8 -9.94 17.27 -1.94
N ASP A 9 -10.71 16.26 -2.34
CA ASP A 9 -10.70 14.96 -1.66
C ASP A 9 -9.53 14.10 -2.14
N VAL A 10 -9.17 14.24 -3.41
CA VAL A 10 -8.06 13.45 -3.98
C VAL A 10 -6.73 13.84 -3.36
N TYR A 11 -6.52 15.14 -3.19
CA TYR A 11 -5.27 15.64 -2.62
C TYR A 11 -5.21 15.39 -1.11
N GLN A 12 -6.33 15.60 -0.43
CA GLN A 12 -6.39 15.42 1.01
C GLN A 12 -6.16 13.95 1.40
N ARG A 13 -6.58 13.04 0.52
CA ARG A 13 -6.42 11.60 0.78
C ARG A 13 -5.14 11.03 0.15
N SER A 14 -4.49 11.77 -0.76
CA SER A 14 -3.28 11.28 -1.41
C SER A 14 -2.00 11.84 -0.79
N TYR A 15 -2.09 13.00 -0.11
CA TYR A 15 -0.93 13.63 0.53
C TYR A 15 -0.19 12.66 1.47
N CYS A 16 1.16 12.63 1.35
CA CYS A 16 2.04 11.76 2.17
C CYS A 16 1.61 11.69 3.66
N HIS A 17 0.97 10.58 4.03
CA HIS A 17 0.51 10.38 5.41
C HIS A 17 0.52 8.89 5.74
N PRO A 18 0.35 8.50 7.04
CA PRO A 18 0.36 7.09 7.44
C PRO A 18 -0.88 6.34 6.96
N ILE A 19 -0.67 5.21 6.29
CA ILE A 19 -1.77 4.40 5.78
C ILE A 19 -1.47 2.90 5.99
N GLU A 20 -2.52 2.12 6.22
CA GLU A 20 -2.38 0.68 6.43
C GLU A 20 -1.81 0.01 5.18
N THR A 21 -0.64 -0.62 5.31
CA THR A 21 0.01 -1.28 4.20
C THR A 21 0.65 -2.59 4.63
N LEU A 22 0.60 -3.59 3.75
CA LEU A 22 1.18 -4.90 4.03
C LEU A 22 2.66 -4.93 3.64
N VAL A 23 3.49 -5.51 4.51
CA VAL A 23 4.93 -5.59 4.25
C VAL A 23 5.40 -7.04 4.27
N ASP A 24 6.29 -7.38 3.32
CA ASP A 24 6.82 -8.73 3.22
C ASP A 24 7.85 -8.97 4.32
N ILE A 25 7.74 -10.12 5.00
CA ILE A 25 8.66 -10.46 6.07
C ILE A 25 10.07 -10.67 5.52
N PHE A 26 10.16 -11.28 4.34
CA PHE A 26 11.45 -11.52 3.71
C PHE A 26 12.18 -10.20 3.39
N GLN A 27 11.41 -9.13 3.16
CA GLN A 27 11.98 -7.83 2.85
C GLN A 27 12.62 -7.19 4.09
N GLU A 28 12.06 -7.48 5.26
CA GLU A 28 12.58 -6.92 6.51
C GLU A 28 13.64 -7.84 7.11
N TYR A 29 13.41 -9.15 6.99
CA TYR A 29 14.34 -10.15 7.50
C TYR A 29 15.12 -10.81 6.34
N PRO A 30 16.17 -10.12 5.80
CA PRO A 30 16.96 -10.67 4.68
C PRO A 30 17.88 -11.82 5.09
N ASP A 31 18.19 -11.93 6.38
CA ASP A 31 19.07 -12.99 6.87
C ASP A 31 18.28 -14.23 7.33
N GLU A 32 17.05 -14.40 6.85
CA GLU A 32 16.23 -15.54 7.22
C GLU A 32 15.55 -16.13 5.98
N ILE A 33 16.21 -17.08 5.33
CA ILE A 33 15.67 -17.72 4.14
C ILE A 33 15.30 -19.18 4.41
N GLU A 34 16.15 -19.87 5.16
CA GLU A 34 15.92 -21.28 5.48
C GLU A 34 14.70 -21.48 6.40
N TYR A 35 14.25 -20.42 7.07
CA TYR A 35 13.09 -20.52 7.98
C TYR A 35 11.83 -19.95 7.32
N ILE A 36 11.06 -20.82 6.67
CA ILE A 36 9.81 -20.40 6.01
C ILE A 36 8.83 -19.78 7.02
N PHE A 37 8.40 -18.56 6.75
CA PHE A 37 7.47 -17.86 7.63
C PHE A 37 6.04 -17.97 7.14
N LYS A 38 5.11 -18.23 8.07
CA LYS A 38 3.70 -18.34 7.75
C LYS A 38 2.87 -17.48 8.73
N PRO A 39 2.20 -16.38 8.28
CA PRO A 39 2.20 -15.90 6.89
C PRO A 39 3.53 -15.28 6.47
N SER A 40 3.73 -15.18 5.16
CA SER A 40 4.96 -14.61 4.61
C SER A 40 4.97 -13.06 4.67
N CYS A 41 3.80 -12.44 4.90
CA CYS A 41 3.70 -10.99 4.98
C CYS A 41 2.92 -10.57 6.23
N VAL A 42 3.10 -9.32 6.65
CA VAL A 42 2.41 -8.81 7.84
C VAL A 42 1.87 -7.38 7.64
N PRO A 43 0.72 -7.02 8.25
CA PRO A 43 0.15 -5.68 8.12
C PRO A 43 0.85 -4.68 9.03
N LEU A 44 1.30 -3.56 8.45
CA LEU A 44 1.98 -2.53 9.22
C LEU A 44 1.59 -1.13 8.74
N MET A 45 1.70 -0.15 9.64
CA MET A 45 1.37 1.23 9.33
C MET A 45 2.57 1.94 8.71
N ARG A 46 2.52 2.22 7.41
CA ARG A 46 3.62 2.89 6.72
C ARG A 46 3.12 4.14 5.99
N CYS A 47 4.07 4.96 5.53
CA CYS A 47 3.72 6.18 4.80
C CYS A 47 3.68 5.93 3.30
N GLY A 48 2.64 6.43 2.64
CA GLY A 48 2.50 6.26 1.21
C GLY A 48 1.82 7.44 0.54
N GLY A 49 2.04 7.58 -0.79
CA GLY A 49 1.44 8.68 -1.52
C GLY A 49 2.45 9.46 -2.36
N CYS A 50 2.41 10.79 -2.25
CA CYS A 50 3.32 11.65 -3.01
C CYS A 50 3.40 13.04 -2.38
N CYS A 51 4.34 13.85 -2.88
CA CYS A 51 4.54 15.21 -2.38
C CYS A 51 4.07 16.26 -3.40
N ASN A 52 4.26 17.53 -3.07
CA ASN A 52 3.85 18.63 -3.94
C ASN A 52 4.82 18.88 -5.09
N ASP A 53 6.10 18.53 -4.88
CA ASP A 53 7.12 18.76 -5.91
C ASP A 53 7.99 17.52 -6.13
N GLU A 54 8.65 17.48 -7.29
CA GLU A 54 9.52 16.36 -7.65
C GLU A 54 10.78 16.36 -6.79
N GLY A 55 11.21 17.55 -6.35
CA GLY A 55 12.40 17.66 -5.53
C GLY A 55 12.20 17.27 -4.07
N LEU A 56 10.98 16.82 -3.70
CA LEU A 56 10.71 16.41 -2.32
C LEU A 56 10.64 14.89 -2.24
N GLU A 57 10.35 14.37 -1.06
CA GLU A 57 10.27 12.92 -0.85
C GLU A 57 9.41 12.59 0.37
N CYS A 58 8.55 11.58 0.22
CA CYS A 58 7.68 11.15 1.31
C CYS A 58 8.44 10.21 2.25
N VAL A 59 8.80 10.72 3.43
CA VAL A 59 9.54 9.93 4.42
C VAL A 59 8.92 10.06 5.82
N PRO A 60 9.22 9.11 6.75
CA PRO A 60 8.67 9.16 8.11
C PRO A 60 9.50 10.04 9.05
N THR A 61 8.83 10.67 10.01
CA THR A 61 9.51 11.53 10.98
C THR A 61 9.65 10.85 12.33
N GLU A 62 8.69 9.99 12.66
CA GLU A 62 8.72 9.25 13.93
C GLU A 62 8.37 7.79 13.68
N GLU A 63 9.14 6.87 14.28
CA GLU A 63 8.92 5.44 14.08
C GLU A 63 8.48 4.71 15.35
N SER A 64 8.29 3.40 15.23
CA SER A 64 7.87 2.57 16.37
C SER A 64 8.10 1.09 16.05
N ASN A 65 7.77 0.22 17.01
CA ASN A 65 7.93 -1.22 16.84
C ASN A 65 6.67 -1.97 17.24
N ILE A 66 6.49 -3.16 16.67
CA ILE A 66 5.31 -3.97 16.96
C ILE A 66 5.64 -5.47 16.82
N THR A 67 5.36 -6.23 17.88
CA THR A 67 5.62 -7.67 17.88
C THR A 67 4.45 -8.43 17.26
N MET A 68 4.74 -9.57 16.65
CA MET A 68 3.70 -10.39 16.02
C MET A 68 4.05 -11.88 16.10
N GLN A 69 3.06 -12.71 15.86
CA GLN A 69 3.24 -14.17 15.89
C GLN A 69 3.41 -14.71 14.47
N ILE A 70 4.53 -15.39 14.22
CA ILE A 70 4.79 -15.98 12.90
C ILE A 70 5.19 -17.45 13.01
N MET A 71 4.82 -18.23 12.01
CA MET A 71 5.13 -19.65 11.99
C MET A 71 6.46 -19.92 11.27
N ARG A 72 7.46 -20.33 12.03
CA ARG A 72 8.78 -20.62 11.46
C ARG A 72 8.92 -22.13 11.18
N ILE A 73 9.04 -22.48 9.90
CA ILE A 73 9.19 -23.88 9.51
C ILE A 73 10.62 -24.14 9.03
N LYS A 74 11.13 -25.34 9.34
CA LYS A 74 12.49 -25.72 8.96
C LYS A 74 12.51 -27.08 8.22
N PRO A 75 13.09 -27.14 6.98
CA PRO A 75 13.14 -28.41 6.23
C PRO A 75 13.96 -29.47 6.97
N HIS A 76 13.38 -30.68 7.08
CA HIS A 76 14.02 -31.83 7.78
C HIS A 76 13.85 -31.76 9.31
N GLN A 77 13.32 -30.64 9.84
CA GLN A 77 13.12 -30.48 11.28
C GLN A 77 11.59 -30.40 11.55
N GLY A 78 11.10 -29.37 12.29
CA GLY A 78 9.66 -29.27 12.52
C GLY A 78 9.13 -27.87 12.24
N GLN A 79 8.04 -27.50 12.90
CA GLN A 79 7.44 -26.19 12.74
C GLN A 79 6.96 -25.68 14.10
N HIS A 80 6.92 -24.36 14.27
CA HIS A 80 6.50 -23.77 15.53
C HIS A 80 6.20 -22.28 15.39
N ILE A 81 5.73 -21.67 16.48
CA ILE A 81 5.41 -20.24 16.48
C ILE A 81 6.53 -19.43 17.12
N GLY A 82 6.85 -18.29 16.50
CA GLY A 82 7.90 -17.43 16.99
C GLY A 82 7.50 -15.96 16.99
N GLU A 83 8.16 -15.16 17.81
CA GLU A 83 7.87 -13.74 17.90
C GLU A 83 8.72 -12.95 16.91
N MET A 84 8.11 -11.98 16.25
CA MET A 84 8.81 -11.14 15.28
C MET A 84 8.38 -9.70 15.39
N SER A 85 9.33 -8.81 15.65
CA SER A 85 9.05 -7.38 15.78
C SER A 85 9.27 -6.68 14.45
N PHE A 86 8.43 -5.68 14.16
CA PHE A 86 8.52 -4.92 12.92
C PHE A 86 8.48 -3.42 13.21
N LEU A 87 9.11 -2.64 12.34
CA LEU A 87 9.14 -1.19 12.50
C LEU A 87 8.00 -0.55 11.72
N GLN A 88 7.28 0.39 12.35
CA GLN A 88 6.17 1.07 11.70
C GLN A 88 6.42 2.58 11.67
N HIS A 89 5.61 3.30 10.88
CA HIS A 89 5.74 4.75 10.76
C HIS A 89 4.61 5.45 11.50
N ASN A 90 4.97 6.32 12.44
CA ASN A 90 3.99 7.05 13.23
C ASN A 90 3.56 8.33 12.52
N LYS A 91 4.53 9.17 12.15
CA LYS A 91 4.25 10.43 11.46
C LYS A 91 4.98 10.49 10.11
N CYS A 92 4.40 11.22 9.16
CA CYS A 92 5.00 11.35 7.83
C CYS A 92 5.08 12.82 7.42
N GLU A 93 6.01 13.15 6.53
CA GLU A 93 6.19 14.52 6.06
C GLU A 93 7.03 14.56 4.79
N CYS A 94 6.89 15.64 4.02
CA CYS A 94 7.64 15.79 2.77
C CYS A 94 8.82 16.75 2.96
N ARG A 95 9.98 16.38 2.42
CA ARG A 95 11.18 17.20 2.53
C ARG A 95 12.10 16.99 1.31
N PRO A 96 13.00 17.96 1.00
CA PRO A 96 13.91 17.83 -0.15
C PRO A 96 14.75 16.55 -0.10
N LYS A 97 14.97 15.96 -1.28
CA LYS A 97 15.76 14.73 -1.37
C LYS A 97 17.20 14.97 -0.94
N LYS A 98 17.89 13.87 -0.59
CA LYS A 98 19.29 13.95 -0.18
C LYS A 98 20.21 14.09 -1.39
N ASP A 99 20.54 15.32 -1.74
CA ASP A 99 21.39 15.60 -2.89
C ASP A 99 22.77 16.09 -2.44
N HIS B 1 -2.07 -7.48 26.16
CA HIS B 1 -2.21 -8.16 24.83
C HIS B 1 -1.78 -7.25 23.68
N HIS B 2 -1.92 -5.93 23.88
CA HIS B 2 -1.54 -4.95 22.86
C HIS B 2 -0.09 -5.11 22.39
N GLU B 3 0.75 -5.74 23.21
CA GLU B 3 2.16 -5.94 22.86
C GLU B 3 2.31 -6.80 21.61
N VAL B 4 1.99 -8.09 21.73
CA VAL B 4 2.09 -9.02 20.62
C VAL B 4 0.73 -9.23 19.94
N VAL B 5 0.73 -9.25 18.61
CA VAL B 5 -0.48 -9.46 17.85
C VAL B 5 -0.85 -10.93 17.79
N LYS B 6 -2.13 -11.23 17.60
CA LYS B 6 -2.60 -12.61 17.54
C LYS B 6 -2.32 -13.22 16.18
N PHE B 7 -1.87 -14.48 16.19
CA PHE B 7 -1.54 -15.21 14.96
C PHE B 7 -2.70 -15.21 13.94
N MET B 8 -3.87 -15.65 14.36
CA MET B 8 -5.04 -15.71 13.49
C MET B 8 -5.40 -14.34 12.89
N ASP B 9 -5.00 -13.26 13.57
CA ASP B 9 -5.29 -11.92 13.09
C ASP B 9 -4.30 -11.47 12.02
N VAL B 10 -3.04 -11.90 12.16
CA VAL B 10 -1.99 -11.54 11.20
C VAL B 10 -2.26 -12.14 9.82
N TYR B 11 -2.71 -13.39 9.80
CA TYR B 11 -2.99 -14.08 8.55
C TYR B 11 -4.29 -13.60 7.92
N GLN B 12 -5.31 -13.40 8.76
CA GLN B 12 -6.61 -12.95 8.29
C GLN B 12 -6.54 -11.55 7.69
N ARG B 13 -5.63 -10.73 8.21
CA ARG B 13 -5.47 -9.36 7.72
C ARG B 13 -4.39 -9.22 6.64
N SER B 14 -3.53 -10.24 6.50
CA SER B 14 -2.45 -10.19 5.50
C SER B 14 -2.80 -10.93 4.20
N TYR B 15 -3.73 -11.88 4.27
CA TYR B 15 -4.13 -12.67 3.09
C TYR B 15 -4.55 -11.77 1.92
N CYS B 16 -4.06 -12.10 0.70
CA CYS B 16 -4.35 -11.36 -0.54
C CYS B 16 -5.83 -10.92 -0.64
N HIS B 17 -6.06 -9.62 -0.42
CA HIS B 17 -7.41 -9.05 -0.50
C HIS B 17 -7.33 -7.56 -0.85
N PRO B 18 -8.48 -6.91 -1.19
CA PRO B 18 -8.51 -5.50 -1.56
C PRO B 18 -8.25 -4.57 -0.36
N ILE B 19 -7.32 -3.64 -0.54
CA ILE B 19 -6.96 -2.69 0.51
C ILE B 19 -6.72 -1.30 -0.11
N GLU B 20 -7.03 -0.25 0.65
CA GLU B 20 -6.84 1.12 0.20
C GLU B 20 -5.35 1.40 -0.04
N THR B 21 -4.99 1.67 -1.30
CA THR B 21 -3.60 1.93 -1.65
C THR B 21 -3.49 3.12 -2.61
N LEU B 22 -2.43 3.91 -2.44
CA LEU B 22 -2.19 5.07 -3.29
C LEU B 22 -1.40 4.67 -4.53
N VAL B 23 -1.80 5.19 -5.69
CA VAL B 23 -1.13 4.88 -6.96
C VAL B 23 -0.64 6.15 -7.64
N ASP B 24 0.56 6.09 -8.21
CA ASP B 24 1.14 7.22 -8.91
C ASP B 24 0.50 7.39 -10.29
N ILE B 25 0.13 8.63 -10.61
CA ILE B 25 -0.51 8.92 -11.89
C ILE B 25 0.47 8.68 -13.04
N PHE B 26 1.74 9.01 -12.83
CA PHE B 26 2.77 8.82 -13.84
C PHE B 26 2.95 7.33 -14.17
N GLN B 27 2.65 6.47 -13.20
CA GLN B 27 2.80 5.02 -13.40
C GLN B 27 1.68 4.48 -14.30
N GLU B 28 0.50 5.10 -14.22
CA GLU B 28 -0.64 4.67 -15.03
C GLU B 28 -0.64 5.38 -16.38
N TYR B 29 -0.28 6.67 -16.36
CA TYR B 29 -0.22 7.48 -17.57
C TYR B 29 1.24 7.70 -18.01
N PRO B 30 1.88 6.69 -18.67
CA PRO B 30 3.28 6.83 -19.10
C PRO B 30 3.47 7.78 -20.28
N ASP B 31 2.40 8.03 -21.04
CA ASP B 31 2.48 8.93 -22.20
C ASP B 31 2.11 10.37 -21.84
N GLU B 32 2.23 10.74 -20.56
CA GLU B 32 1.93 12.10 -20.12
C GLU B 32 3.00 12.60 -19.17
N ILE B 33 4.03 13.25 -19.72
CA ILE B 33 5.14 13.78 -18.92
C ILE B 33 5.14 15.31 -18.93
N GLU B 34 4.87 15.89 -20.09
CA GLU B 34 4.84 17.34 -20.24
C GLU B 34 3.69 17.99 -19.46
N TYR B 35 2.68 17.21 -19.08
CA TYR B 35 1.54 17.74 -18.34
C TYR B 35 1.62 17.39 -16.86
N ILE B 36 2.19 18.31 -16.06
CA ILE B 36 2.34 18.09 -14.62
C ILE B 36 0.97 17.91 -13.96
N PHE B 37 0.80 16.80 -13.24
CA PHE B 37 -0.47 16.52 -12.57
C PHE B 37 -0.41 16.90 -11.10
N LYS B 38 -1.47 17.55 -10.62
CA LYS B 38 -1.57 17.97 -9.23
C LYS B 38 -2.93 17.55 -8.64
N PRO B 39 -3.00 16.58 -7.68
CA PRO B 39 -1.85 15.86 -7.12
C PRO B 39 -1.22 14.89 -8.10
N SER B 40 0.02 14.49 -7.82
CA SER B 40 0.75 13.55 -8.67
C SER B 40 0.31 12.09 -8.45
N CYS B 41 -0.38 11.82 -7.33
CA CYS B 41 -0.84 10.45 -7.04
C CYS B 41 -2.32 10.48 -6.64
N VAL B 42 -2.97 9.32 -6.74
CA VAL B 42 -4.40 9.23 -6.41
C VAL B 42 -4.71 7.96 -5.60
N PRO B 43 -5.70 8.01 -4.66
CA PRO B 43 -6.06 6.84 -3.86
C PRO B 43 -6.97 5.89 -4.63
N LEU B 44 -6.59 4.62 -4.68
CA LEU B 44 -7.35 3.61 -5.39
C LEU B 44 -7.42 2.30 -4.60
N MET B 45 -8.46 1.52 -4.86
CA MET B 45 -8.65 0.24 -4.18
C MET B 45 -7.89 -0.86 -4.89
N ARG B 46 -6.70 -1.19 -4.38
CA ARG B 46 -5.87 -2.25 -4.97
C ARG B 46 -5.61 -3.35 -3.95
N CYS B 47 -5.24 -4.53 -4.44
CA CYS B 47 -4.99 -5.67 -3.57
C CYS B 47 -3.51 -5.80 -3.23
N GLY B 48 -3.23 -6.19 -1.98
CA GLY B 48 -1.87 -6.35 -1.54
C GLY B 48 -1.73 -7.44 -0.48
N GLY B 49 -0.49 -7.88 -0.24
CA GLY B 49 -0.24 -8.91 0.76
C GLY B 49 0.62 -10.05 0.23
N CYS B 50 0.17 -11.28 0.47
CA CYS B 50 0.91 -12.46 0.01
C CYS B 50 0.01 -13.70 -0.02
N CYS B 51 0.50 -14.77 -0.64
CA CYS B 51 -0.26 -16.03 -0.75
C CYS B 51 0.29 -17.08 0.23
N ASN B 52 -0.28 -18.28 0.17
CA ASN B 52 0.14 -19.36 1.05
C ASN B 52 1.45 -20.01 0.62
N ASP B 53 1.76 -19.95 -0.67
CA ASP B 53 2.99 -20.57 -1.19
C ASP B 53 3.72 -19.65 -2.16
N GLU B 54 4.99 -19.97 -2.42
CA GLU B 54 5.82 -19.18 -3.33
C GLU B 54 5.38 -19.38 -4.78
N GLY B 55 4.83 -20.56 -5.08
CA GLY B 55 4.38 -20.85 -6.43
C GLY B 55 3.07 -20.18 -6.82
N LEU B 56 2.47 -19.38 -5.92
CA LEU B 56 1.21 -18.69 -6.21
C LEU B 56 1.48 -17.21 -6.45
N GLU B 57 0.42 -16.44 -6.68
CA GLU B 57 0.56 -15.01 -6.93
C GLU B 57 -0.75 -14.27 -6.64
N CYS B 58 -0.64 -13.14 -5.98
CA CYS B 58 -1.81 -12.32 -5.63
C CYS B 58 -2.21 -11.45 -6.83
N VAL B 59 -3.30 -11.82 -7.48
CA VAL B 59 -3.79 -11.07 -8.65
C VAL B 59 -5.29 -10.77 -8.55
N PRO B 60 -5.82 -9.78 -9.32
CA PRO B 60 -7.24 -9.42 -9.27
C PRO B 60 -8.09 -10.29 -10.21
N THR B 61 -9.32 -10.58 -9.78
CA THR B 61 -10.24 -11.39 -10.57
C THR B 61 -11.31 -10.53 -11.24
N GLU B 62 -11.66 -9.41 -10.61
CA GLU B 62 -12.67 -8.50 -11.15
C GLU B 62 -12.17 -7.05 -10.99
N GLU B 63 -12.24 -6.27 -12.06
CA GLU B 63 -11.76 -4.88 -12.04
C GLU B 63 -12.89 -3.87 -12.23
N SER B 64 -12.52 -2.58 -12.23
CA SER B 64 -13.48 -1.49 -12.40
C SER B 64 -12.76 -0.19 -12.74
N ASN B 65 -13.52 0.88 -12.90
CA ASN B 65 -12.94 2.19 -13.24
C ASN B 65 -13.49 3.29 -12.32
N ILE B 66 -12.72 4.36 -12.17
CA ILE B 66 -13.13 5.48 -11.33
C ILE B 66 -12.54 6.79 -11.83
N THR B 67 -13.41 7.76 -12.10
CA THR B 67 -12.98 9.06 -12.58
C THR B 67 -12.57 9.97 -11.43
N MET B 68 -11.62 10.87 -11.68
CA MET B 68 -11.14 11.79 -10.65
C MET B 68 -10.74 13.13 -11.26
N GLN B 69 -10.61 14.14 -10.40
CA GLN B 69 -10.23 15.48 -10.84
C GLN B 69 -8.74 15.72 -10.61
N ILE B 70 -8.01 16.04 -11.68
CA ILE B 70 -6.57 16.30 -11.59
C ILE B 70 -6.21 17.62 -12.26
N MET B 71 -5.22 18.31 -11.70
CA MET B 71 -4.76 19.58 -12.25
C MET B 71 -3.65 19.38 -13.27
N ARG B 72 -3.94 19.63 -14.53
CA ARG B 72 -2.96 19.48 -15.60
C ARG B 72 -2.29 20.81 -15.91
N ILE B 73 -1.02 20.94 -15.54
CA ILE B 73 -0.26 22.16 -15.79
C ILE B 73 0.65 21.99 -17.01
N LYS B 74 0.74 23.04 -17.83
CA LYS B 74 1.57 23.00 -19.03
C LYS B 74 2.57 24.18 -19.03
N PRO B 75 3.90 23.94 -19.14
CA PRO B 75 4.89 25.03 -19.13
C PRO B 75 4.67 25.99 -20.30
N HIS B 76 4.64 27.30 -20.00
CA HIS B 76 4.44 28.37 -21.01
C HIS B 76 2.98 28.54 -21.46
N GLN B 77 2.06 27.65 -21.02
CA GLN B 77 0.65 27.73 -21.43
C GLN B 77 -0.28 28.07 -20.26
N GLY B 78 -0.03 27.49 -19.09
CA GLY B 78 -0.85 27.75 -17.91
C GLY B 78 -1.19 26.51 -17.10
N GLN B 79 -2.43 26.44 -16.61
CA GLN B 79 -2.88 25.30 -15.82
C GLN B 79 -4.42 25.23 -15.79
N HIS B 80 -4.95 24.02 -15.56
CA HIS B 80 -6.40 23.83 -15.51
C HIS B 80 -6.76 22.47 -14.91
N ILE B 81 -8.06 22.22 -14.76
CA ILE B 81 -8.54 20.95 -14.20
C ILE B 81 -9.00 20.00 -15.31
N GLY B 82 -8.66 18.72 -15.15
CA GLY B 82 -9.04 17.70 -16.12
C GLY B 82 -9.51 16.42 -15.47
N GLU B 83 -10.27 15.62 -16.21
CA GLU B 83 -10.78 14.36 -15.69
C GLU B 83 -9.83 13.22 -16.03
N MET B 84 -9.67 12.29 -15.09
CA MET B 84 -8.79 11.14 -15.28
C MET B 84 -9.38 9.89 -14.64
N SER B 85 -9.56 8.85 -15.46
CA SER B 85 -10.09 7.58 -14.97
C SER B 85 -8.99 6.62 -14.59
N PHE B 86 -9.22 5.83 -13.55
CA PHE B 86 -8.23 4.86 -13.08
C PHE B 86 -8.88 3.49 -12.86
N LEU B 87 -8.09 2.44 -13.00
CA LEU B 87 -8.59 1.08 -12.82
C LEU B 87 -8.33 0.59 -11.40
N GLN B 88 -9.35 0.00 -10.79
CA GLN B 88 -9.23 -0.51 -9.41
C GLN B 88 -9.52 -2.01 -9.35
N HIS B 89 -9.23 -2.63 -8.21
CA HIS B 89 -9.45 -4.06 -8.03
C HIS B 89 -10.67 -4.32 -7.13
N ASN B 90 -11.64 -5.06 -7.65
CA ASN B 90 -12.85 -5.38 -6.92
C ASN B 90 -12.66 -6.66 -6.10
N LYS B 91 -12.27 -7.74 -6.76
CA LYS B 91 -12.05 -9.03 -6.10
C LYS B 91 -10.65 -9.54 -6.42
N CYS B 92 -10.09 -10.34 -5.52
CA CYS B 92 -8.74 -10.87 -5.70
C CYS B 92 -8.62 -12.29 -5.17
N GLU B 93 -7.67 -13.05 -5.72
CA GLU B 93 -7.46 -14.43 -5.31
C GLU B 93 -6.03 -14.89 -5.64
N CYS B 94 -5.59 -15.98 -5.03
CA CYS B 94 -4.25 -16.51 -5.27
C CYS B 94 -4.30 -17.68 -6.25
N ARG B 95 -3.37 -17.68 -7.20
CA ARG B 95 -3.29 -18.74 -8.20
C ARG B 95 -1.85 -18.98 -8.65
N PRO B 96 -1.53 -20.18 -9.22
CA PRO B 96 -0.16 -20.48 -9.67
C PRO B 96 0.37 -19.46 -10.67
N LYS B 97 1.66 -19.14 -10.57
CA LYS B 97 2.30 -18.18 -11.47
C LYS B 97 2.27 -18.68 -12.91
N LYS B 98 2.45 -17.76 -13.85
CA LYS B 98 2.46 -18.10 -15.27
C LYS B 98 3.83 -18.61 -15.70
N ASP B 99 3.94 -19.91 -15.93
CA ASP B 99 5.20 -20.50 -16.36
C ASP B 99 4.98 -21.53 -17.47
N GLY C 1 -20.47 -33.89 1.66
CA GLY C 1 -19.56 -32.72 1.50
C GLY C 1 -18.16 -32.98 2.01
N GLY C 2 -17.44 -31.91 2.35
CA GLY C 2 -16.09 -32.05 2.87
C GLY C 2 -15.26 -30.80 2.65
N ASN C 3 -14.62 -30.32 3.73
CA ASN C 3 -13.80 -29.12 3.65
C ASN C 3 -12.33 -29.49 3.37
N GLU C 4 -11.93 -29.34 2.12
CA GLU C 4 -10.56 -29.66 1.72
C GLU C 4 -9.63 -28.45 1.90
N CYS C 5 -8.38 -28.73 2.25
CA CYS C 5 -7.39 -27.66 2.45
C CYS C 5 -6.70 -27.31 1.13
N ASP C 6 -7.31 -26.40 0.37
CA ASP C 6 -6.74 -25.98 -0.91
C ASP C 6 -5.59 -25.01 -0.69
N ILE C 7 -4.59 -25.06 -1.57
CA ILE C 7 -3.42 -24.20 -1.45
C ILE C 7 -3.81 -22.72 -1.51
N ALA C 8 -4.70 -22.36 -2.45
CA ALA C 8 -5.15 -20.96 -2.60
C ALA C 8 -6.44 -20.68 -1.82
N ARG C 9 -6.64 -21.39 -0.71
CA ARG C 9 -7.82 -21.20 0.13
C ARG C 9 -7.40 -21.01 1.59
N MET C 10 -8.20 -20.29 2.37
CA MET C 10 -7.90 -20.01 3.78
C MET C 10 -7.58 -21.27 4.58
N TRP C 11 -6.29 -21.55 4.73
CA TRP C 11 -5.81 -22.72 5.46
C TRP C 11 -6.10 -22.60 6.96
N GLU C 12 -7.28 -23.08 7.37
CA GLU C 12 -7.69 -23.03 8.79
C GLU C 12 -6.66 -23.72 9.70
N TRP C 13 -7.03 -23.95 10.95
CA TRP C 13 -6.14 -24.59 11.93
C TRP C 13 -5.68 -25.98 11.46
N GLU C 14 -6.64 -26.85 11.13
CA GLU C 14 -6.32 -28.21 10.68
C GLU C 14 -5.33 -28.23 9.51
N CYS C 15 -5.48 -27.29 8.57
CA CYS C 15 -4.58 -27.20 7.43
C CYS C 15 -3.19 -26.74 7.87
N PHE C 16 -3.16 -25.88 8.89
CA PHE C 16 -1.90 -25.37 9.42
C PHE C 16 -1.11 -26.47 10.13
N GLU C 17 -1.82 -27.41 10.74
CA GLU C 17 -1.19 -28.51 11.45
C GLU C 17 -0.47 -29.45 10.49
N ARG C 18 -1.17 -29.87 9.44
CA ARG C 18 -0.58 -30.77 8.45
C ARG C 18 -0.09 -30.00 7.23
N LEU C 19 1.00 -29.25 7.42
CA LEU C 19 1.59 -28.47 6.34
C LEU C 19 2.67 -29.26 5.60
N GLY D 1 -0.75 37.43 12.65
CA GLY D 1 -0.33 36.13 12.06
C GLY D 1 -0.44 36.13 10.54
N GLY D 2 -0.62 34.94 9.97
CA GLY D 2 -0.74 34.81 8.52
C GLY D 2 -0.53 33.38 8.05
N ASN D 3 -1.37 32.95 7.10
CA ASN D 3 -1.26 31.60 6.56
C ASN D 3 -0.41 31.58 5.30
N GLU D 4 0.84 31.13 5.44
CA GLU D 4 1.76 31.07 4.32
C GLU D 4 1.64 29.74 3.58
N CYS D 5 1.90 29.76 2.28
CA CYS D 5 1.82 28.56 1.46
C CYS D 5 3.18 27.87 1.38
N ASP D 6 3.43 26.94 2.31
CA ASP D 6 4.69 26.20 2.34
C ASP D 6 4.65 25.04 1.34
N ILE D 7 5.81 24.71 0.75
CA ILE D 7 5.88 23.63 -0.22
C ILE D 7 5.46 22.29 0.39
N ALA D 8 5.92 22.01 1.61
CA ALA D 8 5.59 20.75 2.29
C ALA D 8 4.36 20.89 3.20
N ARG D 9 3.46 21.82 2.85
CA ARG D 9 2.25 22.04 3.64
C ARG D 9 1.02 22.01 2.73
N MET D 10 -0.14 21.66 3.29
CA MET D 10 -1.38 21.54 2.51
C MET D 10 -1.69 22.81 1.71
N TRP D 11 -1.32 22.79 0.43
CA TRP D 11 -1.53 23.93 -0.47
C TRP D 11 -3.03 24.10 -0.77
N GLU D 12 -3.71 24.91 0.06
CA GLU D 12 -5.14 25.16 -0.12
C GLU D 12 -5.44 25.74 -1.51
N TRP D 13 -6.66 26.26 -1.70
CA TRP D 13 -7.08 26.82 -2.97
C TRP D 13 -6.17 27.98 -3.42
N GLU D 14 -6.02 29.00 -2.55
CA GLU D 14 -5.19 30.17 -2.86
C GLU D 14 -3.77 29.78 -3.29
N CYS D 15 -3.19 28.78 -2.62
CA CYS D 15 -1.85 28.32 -2.96
C CYS D 15 -1.85 27.62 -4.32
N PHE D 16 -2.95 26.94 -4.63
CA PHE D 16 -3.09 26.24 -5.90
C PHE D 16 -3.19 27.23 -7.07
N GLU D 17 -3.80 28.37 -6.81
CA GLU D 17 -3.96 29.40 -7.85
C GLU D 17 -2.62 29.99 -8.26
N ARG D 18 -1.82 30.39 -7.28
CA ARG D 18 -0.51 30.99 -7.55
C ARG D 18 0.60 29.94 -7.42
N LEU D 19 0.63 28.99 -8.35
CA LEU D 19 1.64 27.94 -8.35
C LEU D 19 2.87 28.35 -9.16
N HIS A 1 -24.04 4.85 -8.43
CA HIS A 1 -23.84 5.72 -7.26
C HIS A 1 -22.51 6.47 -7.34
N HIS A 2 -21.43 5.73 -7.55
CA HIS A 2 -20.11 6.31 -7.65
C HIS A 2 -19.87 6.87 -9.06
N GLU A 3 -19.16 7.98 -9.15
CA GLU A 3 -18.88 8.61 -10.45
C GLU A 3 -17.51 9.34 -10.43
N VAL A 4 -17.47 10.68 -10.45
CA VAL A 4 -16.19 11.40 -10.42
C VAL A 4 -15.87 11.88 -9.00
N VAL A 5 -14.62 11.67 -8.58
CA VAL A 5 -14.18 12.06 -7.24
C VAL A 5 -13.91 13.56 -7.17
N LYS A 6 -14.09 14.14 -6.00
CA LYS A 6 -13.86 15.57 -5.80
C LYS A 6 -12.37 15.89 -5.81
N PHE A 7 -12.03 17.04 -6.39
CA PHE A 7 -10.63 17.47 -6.49
C PHE A 7 -9.98 17.59 -5.10
N MET A 8 -10.57 18.41 -4.25
CA MET A 8 -10.05 18.63 -2.90
C MET A 8 -9.96 17.32 -2.10
N ASP A 9 -10.77 16.33 -2.45
CA ASP A 9 -10.77 15.05 -1.75
C ASP A 9 -9.59 14.19 -2.17
N VAL A 10 -9.20 14.30 -3.45
CA VAL A 10 -8.09 13.53 -3.99
C VAL A 10 -6.76 13.97 -3.36
N TYR A 11 -6.57 15.27 -3.25
CA TYR A 11 -5.35 15.83 -2.67
C TYR A 11 -5.27 15.57 -1.17
N GLN A 12 -6.39 15.73 -0.48
CA GLN A 12 -6.44 15.52 0.96
C GLN A 12 -6.17 14.07 1.34
N ARG A 13 -6.68 13.15 0.53
CA ARG A 13 -6.50 11.72 0.79
C ARG A 13 -5.25 11.14 0.12
N SER A 14 -4.63 11.89 -0.80
CA SER A 14 -3.44 11.40 -1.51
C SER A 14 -2.14 11.93 -0.87
N TYR A 15 -2.22 13.07 -0.19
CA TYR A 15 -1.04 13.68 0.44
C TYR A 15 -0.39 12.73 1.45
N CYS A 16 0.95 12.73 1.49
CA CYS A 16 1.75 11.88 2.38
C CYS A 16 1.15 11.74 3.80
N HIS A 17 0.63 10.55 4.10
CA HIS A 17 0.03 10.27 5.41
C HIS A 17 0.17 8.77 5.74
N PRO A 18 -0.06 8.37 7.02
CA PRO A 18 0.06 6.96 7.42
C PRO A 18 -1.12 6.12 6.92
N ILE A 19 -0.84 5.24 5.96
CA ILE A 19 -1.86 4.38 5.38
C ILE A 19 -1.52 2.90 5.61
N GLU A 20 -2.56 2.07 5.76
CA GLU A 20 -2.37 0.64 6.00
C GLU A 20 -1.68 -0.02 4.81
N THR A 21 -0.55 -0.67 5.07
CA THR A 21 0.20 -1.35 4.01
C THR A 21 0.79 -2.66 4.50
N LEU A 22 0.71 -3.69 3.64
CA LEU A 22 1.26 -5.00 3.97
C LEU A 22 2.71 -5.10 3.52
N VAL A 23 3.60 -5.47 4.44
CA VAL A 23 5.03 -5.59 4.13
C VAL A 23 5.47 -7.04 4.12
N ASP A 24 6.36 -7.38 3.18
CA ASP A 24 6.88 -8.73 3.08
C ASP A 24 7.91 -9.01 4.16
N ILE A 25 7.85 -10.20 4.76
CA ILE A 25 8.79 -10.58 5.80
C ILE A 25 10.20 -10.70 5.25
N PHE A 26 10.30 -11.20 4.02
CA PHE A 26 11.59 -11.37 3.37
C PHE A 26 12.29 -10.02 3.14
N GLN A 27 11.51 -8.95 3.02
CA GLN A 27 12.06 -7.62 2.81
C GLN A 27 12.70 -7.07 4.08
N GLU A 28 12.16 -7.46 5.24
CA GLU A 28 12.69 -7.00 6.51
C GLU A 28 13.77 -7.97 7.03
N TYR A 29 13.53 -9.26 6.84
CA TYR A 29 14.47 -10.28 7.27
C TYR A 29 15.13 -10.94 6.04
N PRO A 30 16.08 -10.24 5.36
CA PRO A 30 16.74 -10.78 4.17
C PRO A 30 17.71 -11.92 4.48
N ASP A 31 18.19 -11.99 5.71
CA ASP A 31 19.15 -13.02 6.11
C ASP A 31 18.46 -14.28 6.65
N GLU A 32 17.14 -14.41 6.42
CA GLU A 32 16.40 -15.59 6.90
C GLU A 32 15.46 -16.10 5.81
N ILE A 33 15.92 -17.11 5.07
CA ILE A 33 15.13 -17.70 3.99
C ILE A 33 14.81 -19.17 4.26
N GLU A 34 15.77 -19.89 4.82
CA GLU A 34 15.59 -21.31 5.13
C GLU A 34 14.41 -21.58 6.06
N TYR A 35 13.95 -20.54 6.78
CA TYR A 35 12.83 -20.70 7.70
C TYR A 35 11.55 -20.13 7.10
N ILE A 36 10.73 -21.01 6.51
CA ILE A 36 9.48 -20.60 5.88
C ILE A 36 8.54 -19.95 6.91
N PHE A 37 8.16 -18.70 6.66
CA PHE A 37 7.27 -17.97 7.57
C PHE A 37 5.83 -18.02 7.07
N LYS A 38 4.90 -18.22 8.02
CA LYS A 38 3.48 -18.29 7.70
C LYS A 38 2.67 -17.35 8.61
N PRO A 39 2.04 -16.25 8.10
CA PRO A 39 2.05 -15.86 6.68
C PRO A 39 3.39 -15.28 6.25
N SER A 40 3.54 -15.07 4.94
CA SER A 40 4.78 -14.52 4.38
C SER A 40 4.79 -12.98 4.37
N CYS A 41 3.83 -12.34 5.05
CA CYS A 41 3.76 -10.89 5.09
C CYS A 41 3.02 -10.43 6.35
N VAL A 42 3.23 -9.18 6.74
CA VAL A 42 2.58 -8.64 7.94
C VAL A 42 2.01 -7.24 7.71
N PRO A 43 0.82 -6.91 8.27
CA PRO A 43 0.20 -5.60 8.10
C PRO A 43 0.83 -4.55 9.02
N LEU A 44 1.33 -3.47 8.41
CA LEU A 44 1.97 -2.40 9.17
C LEU A 44 1.52 -1.03 8.68
N MET A 45 1.45 -0.07 9.60
CA MET A 45 1.03 1.29 9.25
C MET A 45 2.22 2.09 8.71
N ARG A 46 2.30 2.20 7.39
CA ARG A 46 3.40 2.93 6.75
C ARG A 46 2.87 4.14 6.00
N CYS A 47 3.79 4.99 5.53
CA CYS A 47 3.42 6.20 4.80
C CYS A 47 3.44 5.94 3.30
N GLY A 48 2.42 6.42 2.60
CA GLY A 48 2.34 6.24 1.16
C GLY A 48 1.63 7.37 0.45
N GLY A 49 1.90 7.52 -0.85
CA GLY A 49 1.29 8.59 -1.64
C GLY A 49 2.29 9.38 -2.44
N CYS A 50 2.20 10.71 -2.36
CA CYS A 50 3.10 11.59 -3.09
C CYS A 50 3.21 12.95 -2.41
N CYS A 51 4.19 13.75 -2.81
CA CYS A 51 4.41 15.07 -2.23
C CYS A 51 3.87 16.18 -3.11
N ASN A 52 4.03 17.43 -2.67
CA ASN A 52 3.55 18.59 -3.40
C ASN A 52 4.37 18.89 -4.64
N ASP A 53 5.67 18.59 -4.60
CA ASP A 53 6.56 18.87 -5.73
C ASP A 53 7.47 17.68 -6.04
N GLU A 54 8.16 17.76 -7.18
CA GLU A 54 9.07 16.70 -7.61
C GLU A 54 10.30 16.64 -6.71
N GLY A 55 10.69 17.78 -6.13
CA GLY A 55 11.84 17.82 -5.26
C GLY A 55 11.58 17.39 -3.82
N LEU A 56 10.39 16.82 -3.55
CA LEU A 56 10.05 16.36 -2.21
C LEU A 56 9.88 14.84 -2.19
N GLU A 57 9.84 14.27 -1.00
CA GLU A 57 9.69 12.82 -0.86
C GLU A 57 8.87 12.47 0.37
N CYS A 58 7.91 11.56 0.20
CA CYS A 58 7.05 11.11 1.29
C CYS A 58 7.81 10.13 2.18
N VAL A 59 8.22 10.60 3.36
CA VAL A 59 8.96 9.77 4.30
C VAL A 59 8.43 9.96 5.73
N PRO A 60 8.70 9.00 6.66
CA PRO A 60 8.22 9.10 8.03
C PRO A 60 9.13 9.96 8.91
N THR A 61 8.55 10.57 9.94
CA THR A 61 9.31 11.41 10.87
C THR A 61 9.52 10.70 12.20
N GLU A 62 8.57 9.83 12.57
CA GLU A 62 8.65 9.07 13.82
C GLU A 62 8.45 7.58 13.52
N GLU A 63 9.09 6.71 14.29
CA GLU A 63 8.98 5.26 14.08
C GLU A 63 8.63 4.51 15.36
N SER A 64 8.48 3.20 15.24
CA SER A 64 8.14 2.35 16.37
C SER A 64 8.14 0.88 15.96
N ASN A 65 8.53 0.00 16.88
CA ASN A 65 8.58 -1.43 16.60
C ASN A 65 7.29 -2.13 17.04
N ILE A 66 7.01 -3.27 16.43
CA ILE A 66 5.80 -4.03 16.76
C ILE A 66 6.06 -5.53 16.64
N THR A 67 5.75 -6.27 17.71
CA THR A 67 5.95 -7.72 17.73
C THR A 67 4.75 -8.44 17.16
N MET A 68 5.00 -9.55 16.47
CA MET A 68 3.93 -10.35 15.87
C MET A 68 4.24 -11.84 15.96
N GLN A 69 3.19 -12.65 15.88
CA GLN A 69 3.35 -14.10 15.94
C GLN A 69 3.50 -14.69 14.54
N ILE A 70 4.63 -15.37 14.32
CA ILE A 70 4.90 -15.99 13.02
C ILE A 70 5.25 -17.46 13.19
N MET A 71 4.76 -18.28 12.25
CA MET A 71 5.02 -19.72 12.29
C MET A 71 6.24 -20.07 11.42
N ARG A 72 7.33 -20.40 12.09
CA ARG A 72 8.57 -20.76 11.40
C ARG A 72 8.61 -22.25 11.07
N ILE A 73 8.37 -22.58 9.80
CA ILE A 73 8.39 -23.96 9.35
C ILE A 73 9.71 -24.28 8.64
N LYS A 74 10.34 -25.39 9.02
CA LYS A 74 11.60 -25.81 8.43
C LYS A 74 11.46 -27.18 7.75
N PRO A 75 11.92 -27.34 6.48
CA PRO A 75 11.81 -28.62 5.78
C PRO A 75 12.59 -29.73 6.50
N HIS A 76 11.91 -30.87 6.76
CA HIS A 76 12.50 -32.03 7.44
C HIS A 76 12.64 -31.86 8.97
N GLN A 77 12.32 -30.68 9.50
CA GLN A 77 12.43 -30.43 10.96
C GLN A 77 11.07 -30.27 11.65
N GLY A 78 10.16 -29.54 11.01
CA GLY A 78 8.84 -29.32 11.59
C GLY A 78 8.37 -27.88 11.49
N GLN A 79 7.71 -27.38 12.53
CA GLN A 79 7.20 -26.02 12.57
C GLN A 79 7.07 -25.53 14.01
N HIS A 80 7.17 -24.22 14.22
CA HIS A 80 7.08 -23.65 15.56
C HIS A 80 6.72 -22.16 15.51
N ILE A 81 6.06 -21.66 16.55
CA ILE A 81 5.66 -20.26 16.62
C ILE A 81 6.77 -19.42 17.24
N GLY A 82 7.06 -18.27 16.61
CA GLY A 82 8.10 -17.39 17.11
C GLY A 82 7.68 -15.93 17.12
N GLU A 83 8.40 -15.11 17.89
CA GLU A 83 8.10 -13.69 17.99
C GLU A 83 9.03 -12.89 17.08
N MET A 84 8.44 -12.07 16.22
CA MET A 84 9.21 -11.25 15.29
C MET A 84 8.75 -9.80 15.32
N SER A 85 9.69 -8.88 15.54
CA SER A 85 9.38 -7.47 15.61
C SER A 85 9.54 -6.81 14.24
N PHE A 86 8.72 -5.80 13.97
CA PHE A 86 8.76 -5.08 12.71
C PHE A 86 8.71 -3.57 12.94
N LEU A 87 9.24 -2.81 12.00
CA LEU A 87 9.26 -1.35 12.12
C LEU A 87 8.02 -0.73 11.47
N GLN A 88 7.39 0.22 12.16
CA GLN A 88 6.20 0.89 11.66
C GLN A 88 6.42 2.40 11.65
N HIS A 89 5.62 3.11 10.86
CA HIS A 89 5.72 4.57 10.77
C HIS A 89 4.59 5.25 11.53
N ASN A 90 4.96 6.09 12.50
CA ASN A 90 3.98 6.80 13.32
C ASN A 90 3.53 8.10 12.66
N LYS A 91 4.50 8.92 12.26
CA LYS A 91 4.21 10.21 11.62
C LYS A 91 4.81 10.26 10.21
N CYS A 92 4.16 11.02 9.33
CA CYS A 92 4.62 11.16 7.95
C CYS A 92 4.71 12.64 7.56
N GLU A 93 5.64 12.97 6.66
CA GLU A 93 5.83 14.35 6.22
C GLU A 93 6.72 14.42 4.98
N CYS A 94 6.59 15.50 4.21
CA CYS A 94 7.38 15.68 2.99
C CYS A 94 8.66 16.49 3.28
N ARG A 95 9.78 16.03 2.74
CA ARG A 95 11.05 16.71 2.93
C ARG A 95 11.88 16.67 1.64
N PRO A 96 12.77 17.68 1.39
CA PRO A 96 13.58 17.72 0.18
C PRO A 96 14.48 16.49 0.03
N LYS A 97 14.57 15.97 -1.19
CA LYS A 97 15.40 14.79 -1.47
C LYS A 97 16.87 15.05 -1.17
N LYS A 98 17.66 13.98 -1.05
CA LYS A 98 19.09 14.10 -0.74
C LYS A 98 19.98 13.86 -1.96
N ASP A 99 19.66 14.53 -3.07
CA ASP A 99 20.44 14.40 -4.30
C ASP A 99 20.45 12.95 -4.81
N HIS B 1 -0.34 -0.16 25.91
CA HIS B 1 -1.62 -0.80 25.50
C HIS B 1 -1.39 -1.85 24.42
N HIS B 2 -0.71 -1.45 23.35
CA HIS B 2 -0.42 -2.36 22.24
C HIS B 2 0.73 -3.30 22.61
N GLU B 3 0.67 -4.52 22.08
CA GLU B 3 1.71 -5.52 22.36
C GLU B 3 1.77 -6.55 21.21
N VAL B 4 2.22 -7.78 21.51
CA VAL B 4 2.31 -8.83 20.47
C VAL B 4 0.95 -9.11 19.83
N VAL B 5 0.91 -9.07 18.50
CA VAL B 5 -0.33 -9.31 17.76
C VAL B 5 -0.68 -10.80 17.75
N LYS B 6 -1.96 -11.12 17.57
CA LYS B 6 -2.40 -12.50 17.56
C LYS B 6 -2.12 -13.16 16.20
N PHE B 7 -1.76 -14.45 16.25
CA PHE B 7 -1.45 -15.21 15.04
C PHE B 7 -2.60 -15.20 14.05
N MET B 8 -3.77 -15.67 14.49
CA MET B 8 -4.97 -15.73 13.63
C MET B 8 -5.31 -14.37 13.02
N ASP B 9 -4.92 -13.28 13.68
CA ASP B 9 -5.21 -11.94 13.21
C ASP B 9 -4.24 -11.51 12.09
N VAL B 10 -3.00 -11.96 12.20
CA VAL B 10 -1.97 -11.61 11.21
C VAL B 10 -2.28 -12.27 9.86
N TYR B 11 -2.65 -13.54 9.89
CA TYR B 11 -2.96 -14.28 8.67
C TYR B 11 -4.25 -13.78 8.02
N GLN B 12 -5.26 -13.49 8.85
CA GLN B 12 -6.54 -13.02 8.37
C GLN B 12 -6.42 -11.63 7.73
N ARG B 13 -5.65 -10.76 8.36
CA ARG B 13 -5.47 -9.40 7.86
C ARG B 13 -4.31 -9.27 6.85
N SER B 14 -3.56 -10.35 6.62
CA SER B 14 -2.43 -10.31 5.68
C SER B 14 -2.74 -11.02 4.36
N TYR B 15 -3.68 -11.96 4.39
CA TYR B 15 -4.06 -12.71 3.18
C TYR B 15 -4.55 -11.78 2.06
N CYS B 16 -4.19 -12.12 0.82
CA CYS B 16 -4.56 -11.32 -0.38
C CYS B 16 -6.02 -10.81 -0.34
N HIS B 17 -6.17 -9.50 -0.12
CA HIS B 17 -7.49 -8.86 -0.07
C HIS B 17 -7.39 -7.41 -0.56
N PRO B 18 -8.54 -6.74 -0.86
CA PRO B 18 -8.55 -5.36 -1.33
C PRO B 18 -8.21 -4.36 -0.23
N ILE B 19 -7.04 -3.74 -0.33
CA ILE B 19 -6.58 -2.77 0.66
C ILE B 19 -6.33 -1.40 0.01
N GLU B 20 -6.54 -0.33 0.77
CA GLU B 20 -6.36 1.03 0.26
C GLU B 20 -4.90 1.27 -0.10
N THR B 21 -4.67 1.64 -1.36
CA THR B 21 -3.31 1.90 -1.83
C THR B 21 -3.26 3.10 -2.77
N LEU B 22 -2.26 3.96 -2.57
CA LEU B 22 -2.07 5.14 -3.40
C LEU B 22 -1.20 4.80 -4.60
N VAL B 23 -1.70 5.10 -5.81
CA VAL B 23 -0.98 4.81 -7.04
C VAL B 23 -0.48 6.09 -7.70
N ASP B 24 0.72 6.04 -8.26
CA ASP B 24 1.31 7.19 -8.93
C ASP B 24 0.69 7.38 -10.31
N ILE B 25 0.41 8.63 -10.67
CA ILE B 25 -0.19 8.94 -11.96
C ILE B 25 0.78 8.61 -13.09
N PHE B 26 2.06 8.84 -12.85
CA PHE B 26 3.08 8.57 -13.85
C PHE B 26 3.16 7.07 -14.19
N GLN B 27 2.78 6.23 -13.22
CA GLN B 27 2.80 4.78 -13.43
C GLN B 27 1.68 4.32 -14.36
N GLU B 28 0.56 5.04 -14.33
CA GLU B 28 -0.59 4.70 -15.16
C GLU B 28 -0.50 5.43 -16.50
N TYR B 29 -0.08 6.69 -16.45
CA TYR B 29 0.05 7.50 -17.65
C TYR B 29 1.54 7.76 -17.96
N PRO B 30 2.28 6.74 -18.49
CA PRO B 30 3.69 6.88 -18.79
C PRO B 30 3.97 7.78 -20.00
N ASP B 31 2.98 7.94 -20.87
CA ASP B 31 3.14 8.77 -22.07
C ASP B 31 2.75 10.23 -21.83
N GLU B 32 2.63 10.65 -20.57
CA GLU B 32 2.26 12.02 -20.25
C GLU B 32 3.12 12.56 -19.11
N ILE B 33 4.18 13.28 -19.46
CA ILE B 33 5.10 13.85 -18.46
C ILE B 33 5.12 15.38 -18.52
N GLU B 34 5.07 15.93 -19.72
CA GLU B 34 5.10 17.38 -19.91
C GLU B 34 3.96 18.09 -19.17
N TYR B 35 2.90 17.36 -18.82
CA TYR B 35 1.76 17.95 -18.11
C TYR B 35 1.80 17.61 -16.63
N ILE B 36 2.32 18.54 -15.82
CA ILE B 36 2.41 18.34 -14.38
C ILE B 36 1.03 18.14 -13.76
N PHE B 37 0.85 17.00 -13.08
CA PHE B 37 -0.43 16.68 -12.45
C PHE B 37 -0.40 17.01 -10.96
N LYS B 38 -1.50 17.56 -10.46
CA LYS B 38 -1.61 17.91 -9.03
C LYS B 38 -2.93 17.38 -8.45
N PRO B 39 -2.90 16.39 -7.50
CA PRO B 39 -1.67 15.77 -6.96
C PRO B 39 -1.02 14.81 -7.94
N SER B 40 0.19 14.35 -7.61
CA SER B 40 0.93 13.43 -8.46
C SER B 40 0.56 11.96 -8.20
N CYS B 41 -0.49 11.70 -7.41
CA CYS B 41 -0.91 10.34 -7.11
C CYS B 41 -2.41 10.31 -6.77
N VAL B 42 -3.02 9.13 -6.90
CA VAL B 42 -4.45 8.99 -6.61
C VAL B 42 -4.74 7.76 -5.76
N PRO B 43 -5.70 7.84 -4.79
CA PRO B 43 -6.03 6.70 -3.94
C PRO B 43 -6.95 5.71 -4.65
N LEU B 44 -6.52 4.45 -4.72
CA LEU B 44 -7.30 3.41 -5.37
C LEU B 44 -7.31 2.12 -4.54
N MET B 45 -8.43 1.39 -4.60
CA MET B 45 -8.56 0.14 -3.87
C MET B 45 -7.91 -1.01 -4.64
N ARG B 46 -6.68 -1.35 -4.26
CA ARG B 46 -5.95 -2.42 -4.92
C ARG B 46 -5.71 -3.59 -3.96
N CYS B 47 -5.24 -4.71 -4.51
CA CYS B 47 -4.96 -5.90 -3.70
C CYS B 47 -3.51 -5.92 -3.26
N GLY B 48 -3.27 -6.27 -1.99
CA GLY B 48 -1.92 -6.32 -1.47
C GLY B 48 -1.75 -7.38 -0.39
N GLY B 49 -0.51 -7.79 -0.15
CA GLY B 49 -0.22 -8.79 0.87
C GLY B 49 0.61 -9.95 0.32
N CYS B 50 0.22 -11.17 0.69
CA CYS B 50 0.92 -12.36 0.24
C CYS B 50 -0.03 -13.56 0.14
N CYS B 51 0.43 -14.63 -0.50
CA CYS B 51 -0.40 -15.83 -0.67
C CYS B 51 -0.04 -16.92 0.34
N ASN B 52 -0.71 -18.06 0.24
CA ASN B 52 -0.49 -19.18 1.14
C ASN B 52 0.82 -19.92 0.87
N ASP B 53 1.22 -19.97 -0.41
CA ASP B 53 2.45 -20.67 -0.79
C ASP B 53 3.34 -19.81 -1.69
N GLU B 54 4.55 -20.29 -1.92
CA GLU B 54 5.51 -19.58 -2.77
C GLU B 54 5.09 -19.62 -4.24
N GLY B 55 4.38 -20.68 -4.63
CA GLY B 55 3.94 -20.81 -6.02
C GLY B 55 2.64 -20.09 -6.33
N LEU B 56 2.18 -19.22 -5.43
CA LEU B 56 0.94 -18.46 -5.65
C LEU B 56 1.25 -16.98 -5.80
N GLU B 57 0.28 -16.21 -6.27
CA GLU B 57 0.47 -14.76 -6.45
C GLU B 57 -0.81 -14.00 -6.16
N CYS B 58 -0.68 -12.91 -5.40
CA CYS B 58 -1.82 -12.07 -5.05
C CYS B 58 -2.20 -11.17 -6.22
N VAL B 59 -3.30 -11.52 -6.90
CA VAL B 59 -3.75 -10.74 -8.06
C VAL B 59 -5.27 -10.54 -8.01
N PRO B 60 -5.81 -9.52 -8.73
CA PRO B 60 -7.26 -9.25 -8.73
C PRO B 60 -8.03 -10.15 -9.69
N THR B 61 -9.29 -10.40 -9.36
CA THR B 61 -10.15 -11.23 -10.20
C THR B 61 -11.14 -10.38 -10.99
N GLU B 62 -11.56 -9.26 -10.40
CA GLU B 62 -12.49 -8.34 -11.05
C GLU B 62 -11.92 -6.92 -11.01
N GLU B 63 -12.20 -6.11 -12.04
CA GLU B 63 -11.69 -4.76 -12.11
C GLU B 63 -12.79 -3.72 -12.34
N SER B 64 -12.39 -2.45 -12.41
CA SER B 64 -13.34 -1.36 -12.62
C SER B 64 -12.59 -0.04 -12.78
N ASN B 65 -13.14 0.88 -13.58
CA ASN B 65 -12.51 2.17 -13.79
C ASN B 65 -13.12 3.23 -12.88
N ILE B 66 -12.35 4.28 -12.62
CA ILE B 66 -12.81 5.37 -11.74
C ILE B 66 -12.26 6.71 -12.21
N THR B 67 -13.16 7.68 -12.41
CA THR B 67 -12.78 9.01 -12.86
C THR B 67 -12.41 9.90 -11.67
N MET B 68 -11.43 10.77 -11.87
CA MET B 68 -10.97 11.68 -10.83
C MET B 68 -10.60 13.05 -11.40
N GLN B 69 -10.61 14.06 -10.55
CA GLN B 69 -10.27 15.41 -10.96
C GLN B 69 -8.79 15.70 -10.74
N ILE B 70 -8.08 16.06 -11.81
CA ILE B 70 -6.65 16.35 -11.74
C ILE B 70 -6.34 17.70 -12.37
N MET B 71 -5.40 18.43 -11.78
CA MET B 71 -4.99 19.74 -12.29
C MET B 71 -3.77 19.61 -13.18
N ARG B 72 -3.97 19.82 -14.48
CA ARG B 72 -2.89 19.72 -15.46
C ARG B 72 -2.19 21.08 -15.63
N ILE B 73 -1.02 21.21 -15.03
CA ILE B 73 -0.23 22.44 -15.13
C ILE B 73 0.93 22.27 -16.10
N LYS B 74 1.02 23.14 -17.11
CA LYS B 74 2.10 23.05 -18.10
C LYS B 74 3.02 24.28 -18.04
N PRO B 75 4.36 24.10 -18.11
CA PRO B 75 5.31 25.22 -18.06
C PRO B 75 5.13 26.20 -19.24
N HIS B 76 5.13 27.50 -18.92
CA HIS B 76 4.97 28.58 -19.93
C HIS B 76 3.53 28.75 -20.42
N GLN B 77 2.60 27.89 -19.99
CA GLN B 77 1.20 27.99 -20.41
C GLN B 77 0.31 28.23 -19.17
N GLY B 78 -0.67 27.36 -18.86
CA GLY B 78 -1.49 27.57 -17.68
C GLY B 78 -1.95 26.27 -17.05
N GLN B 79 -2.75 26.39 -15.98
CA GLN B 79 -3.26 25.21 -15.28
C GLN B 79 -4.74 25.02 -15.59
N HIS B 80 -5.19 23.77 -15.66
CA HIS B 80 -6.57 23.47 -15.97
C HIS B 80 -6.99 22.13 -15.37
N ILE B 81 -8.27 22.02 -14.99
CA ILE B 81 -8.79 20.79 -14.41
C ILE B 81 -9.23 19.82 -15.50
N GLY B 82 -8.82 18.55 -15.37
CA GLY B 82 -9.17 17.55 -16.35
C GLY B 82 -9.66 16.25 -15.72
N GLU B 83 -10.39 15.45 -16.49
CA GLU B 83 -10.92 14.18 -16.01
C GLU B 83 -10.00 13.03 -16.42
N MET B 84 -9.54 12.27 -15.43
CA MET B 84 -8.65 11.14 -15.69
C MET B 84 -9.18 9.87 -15.01
N SER B 85 -9.35 8.82 -15.80
CA SER B 85 -9.84 7.55 -15.27
C SER B 85 -8.69 6.64 -14.85
N PHE B 86 -8.94 5.83 -13.83
CA PHE B 86 -7.93 4.91 -13.32
C PHE B 86 -8.54 3.53 -13.07
N LEU B 87 -7.70 2.51 -13.11
CA LEU B 87 -8.16 1.13 -12.91
C LEU B 87 -8.08 0.74 -11.44
N GLN B 88 -9.13 0.10 -10.93
CA GLN B 88 -9.19 -0.34 -9.53
C GLN B 88 -9.50 -1.84 -9.46
N HIS B 89 -9.16 -2.45 -8.33
CA HIS B 89 -9.42 -3.88 -8.14
C HIS B 89 -10.62 -4.10 -7.23
N ASN B 90 -11.62 -4.81 -7.74
CA ASN B 90 -12.85 -5.08 -6.99
C ASN B 90 -12.68 -6.33 -6.13
N LYS B 91 -12.23 -7.43 -6.75
CA LYS B 91 -12.04 -8.68 -6.04
C LYS B 91 -10.58 -9.12 -6.08
N CYS B 92 -10.15 -9.85 -5.04
CA CYS B 92 -8.77 -10.33 -4.96
C CYS B 92 -8.74 -11.83 -4.64
N GLU B 93 -7.74 -12.53 -5.18
CA GLU B 93 -7.60 -13.96 -4.94
C GLU B 93 -6.21 -14.45 -5.33
N CYS B 94 -5.82 -15.61 -4.78
CA CYS B 94 -4.51 -16.19 -5.06
C CYS B 94 -4.61 -17.23 -6.17
N ARG B 95 -3.70 -17.16 -7.13
CA ARG B 95 -3.68 -18.12 -8.25
C ARG B 95 -2.25 -18.57 -8.55
N PRO B 96 -2.05 -19.80 -9.09
CA PRO B 96 -0.71 -20.31 -9.40
C PRO B 96 0.05 -19.40 -10.36
N LYS B 97 1.31 -19.14 -10.04
CA LYS B 97 2.15 -18.28 -10.88
C LYS B 97 2.34 -18.89 -12.26
N LYS B 98 2.68 -18.04 -13.22
CA LYS B 98 2.93 -18.48 -14.59
C LYS B 98 4.41 -18.89 -14.70
N ASP B 99 4.96 -18.95 -15.91
CA ASP B 99 6.36 -19.34 -16.10
C ASP B 99 7.24 -18.11 -16.27
N GLY C 1 -13.68 -39.09 7.51
CA GLY C 1 -13.11 -37.76 7.20
C GLY C 1 -13.46 -37.29 5.80
N GLY C 2 -12.69 -36.33 5.29
CA GLY C 2 -12.94 -35.81 3.95
C GLY C 2 -12.86 -34.30 3.87
N ASN C 3 -11.83 -33.72 4.49
CA ASN C 3 -11.63 -32.27 4.49
C ASN C 3 -10.36 -31.91 3.75
N GLU C 4 -10.51 -31.52 2.48
CA GLU C 4 -9.37 -31.15 1.65
C GLU C 4 -9.07 -29.65 1.75
N CYS C 5 -7.83 -29.33 2.14
CA CYS C 5 -7.43 -27.93 2.27
C CYS C 5 -6.88 -27.39 0.95
N ASP C 6 -7.62 -26.46 0.34
CA ASP C 6 -7.20 -25.87 -0.92
C ASP C 6 -6.03 -24.90 -0.70
N ILE C 7 -5.09 -24.90 -1.63
CA ILE C 7 -3.92 -24.03 -1.53
C ILE C 7 -4.30 -22.54 -1.56
N ALA C 8 -5.27 -22.20 -2.40
CA ALA C 8 -5.73 -20.81 -2.53
C ALA C 8 -6.95 -20.52 -1.65
N ARG C 9 -7.08 -21.25 -0.54
CA ARG C 9 -8.20 -21.05 0.39
C ARG C 9 -7.68 -20.83 1.81
N MET C 10 -8.44 -20.07 2.60
CA MET C 10 -8.05 -19.78 3.99
C MET C 10 -7.68 -21.03 4.79
N TRP C 11 -6.39 -21.27 4.93
CA TRP C 11 -5.89 -22.43 5.68
C TRP C 11 -6.15 -22.28 7.17
N GLU C 12 -7.31 -22.77 7.63
CA GLU C 12 -7.67 -22.70 9.04
C GLU C 12 -6.64 -23.40 9.93
N TRP C 13 -6.94 -23.57 11.21
CA TRP C 13 -6.03 -24.20 12.16
C TRP C 13 -5.62 -25.61 11.71
N GLU C 14 -6.60 -26.47 11.44
CA GLU C 14 -6.34 -27.85 11.01
C GLU C 14 -5.40 -27.90 9.79
N CYS C 15 -5.67 -27.07 8.79
CA CYS C 15 -4.86 -27.03 7.58
C CYS C 15 -3.44 -26.59 7.89
N PHE C 16 -3.28 -25.72 8.89
CA PHE C 16 -1.97 -25.23 9.29
C PHE C 16 -1.12 -26.37 9.85
N GLU C 17 -1.77 -27.29 10.54
CA GLU C 17 -1.08 -28.44 11.14
C GLU C 17 -0.69 -29.46 10.08
N ARG C 18 -1.46 -29.53 8.99
CA ARG C 18 -1.18 -30.48 7.92
C ARG C 18 -0.08 -30.00 6.95
N LEU C 19 0.58 -28.87 7.26
CA LEU C 19 1.64 -28.34 6.39
C LEU C 19 2.83 -29.30 6.34
N GLY D 1 -0.49 42.23 3.21
CA GLY D 1 -0.65 40.86 2.62
C GLY D 1 0.07 39.80 3.43
N GLY D 2 1.03 39.12 2.79
CA GLY D 2 1.79 38.08 3.45
C GLY D 2 1.32 36.69 3.03
N ASN D 3 1.22 35.78 4.00
CA ASN D 3 0.78 34.42 3.72
C ASN D 3 1.72 33.71 2.74
N GLU D 4 2.77 33.10 3.27
CA GLU D 4 3.74 32.38 2.44
C GLU D 4 3.41 30.89 2.39
N CYS D 5 3.11 30.39 1.18
CA CYS D 5 2.77 28.97 1.01
C CYS D 5 4.02 28.10 1.01
N ASP D 6 4.16 27.27 2.04
CA ASP D 6 5.31 26.38 2.17
C ASP D 6 5.17 25.19 1.21
N ILE D 7 6.28 24.77 0.62
CA ILE D 7 6.27 23.65 -0.33
C ILE D 7 5.82 22.34 0.35
N ALA D 8 6.28 22.11 1.58
CA ALA D 8 5.91 20.89 2.32
C ALA D 8 4.70 21.11 3.23
N ARG D 9 3.84 22.07 2.88
CA ARG D 9 2.64 22.37 3.67
C ARG D 9 1.39 22.27 2.80
N MET D 10 0.27 21.89 3.40
CA MET D 10 -1.00 21.74 2.67
C MET D 10 -1.34 22.98 1.85
N TRP D 11 -1.10 22.90 0.55
CA TRP D 11 -1.38 24.01 -0.37
C TRP D 11 -2.89 24.22 -0.55
N GLU D 12 -3.47 25.07 0.30
CA GLU D 12 -4.90 25.37 0.23
C GLU D 12 -5.30 25.92 -1.14
N TRP D 13 -6.54 26.38 -1.28
CA TRP D 13 -7.03 26.92 -2.55
C TRP D 13 -6.16 28.07 -3.08
N GLU D 14 -5.91 29.08 -2.24
CA GLU D 14 -5.09 30.22 -2.64
C GLU D 14 -3.71 29.80 -3.15
N CYS D 15 -3.07 28.87 -2.44
CA CYS D 15 -1.75 28.40 -2.82
C CYS D 15 -1.81 27.66 -4.16
N PHE D 16 -2.92 26.99 -4.42
CA PHE D 16 -3.11 26.24 -5.67
C PHE D 16 -3.13 27.20 -6.86
N GLU D 17 -3.69 28.39 -6.64
CA GLU D 17 -3.78 29.39 -7.69
C GLU D 17 -2.43 30.07 -7.95
N ARG D 18 -1.59 30.12 -6.93
CA ARG D 18 -0.27 30.75 -7.05
C ARG D 18 0.78 29.82 -7.69
N LEU D 19 0.37 28.64 -8.16
CA LEU D 19 1.30 27.71 -8.79
C LEU D 19 1.88 28.28 -10.08
N HIS A 1 -23.65 6.01 -16.18
CA HIS A 1 -22.91 6.10 -14.90
C HIS A 1 -21.64 6.94 -15.06
N HIS A 2 -21.52 7.98 -14.24
CA HIS A 2 -20.36 8.86 -14.28
C HIS A 2 -20.04 9.38 -12.87
N GLU A 3 -19.35 8.56 -12.08
CA GLU A 3 -18.98 8.93 -10.72
C GLU A 3 -17.55 9.48 -10.66
N VAL A 4 -17.42 10.78 -10.51
CA VAL A 4 -16.11 11.43 -10.44
C VAL A 4 -15.80 11.85 -9.00
N VAL A 5 -14.55 11.62 -8.58
CA VAL A 5 -14.13 11.98 -7.23
C VAL A 5 -13.85 13.48 -7.15
N LYS A 6 -14.17 14.08 -6.00
CA LYS A 6 -13.96 15.51 -5.80
C LYS A 6 -12.47 15.84 -5.65
N PHE A 7 -12.04 16.92 -6.28
CA PHE A 7 -10.64 17.37 -6.24
C PHE A 7 -10.10 17.46 -4.81
N MET A 8 -10.78 18.23 -3.97
CA MET A 8 -10.36 18.42 -2.57
C MET A 8 -10.20 17.08 -1.84
N ASP A 9 -10.91 16.05 -2.28
CA ASP A 9 -10.84 14.73 -1.64
C ASP A 9 -9.62 13.94 -2.12
N VAL A 10 -9.26 14.12 -3.39
CA VAL A 10 -8.11 13.41 -3.95
C VAL A 10 -6.81 13.88 -3.31
N TYR A 11 -6.69 15.20 -3.11
CA TYR A 11 -5.49 15.78 -2.52
C TYR A 11 -5.39 15.47 -1.03
N GLN A 12 -6.51 15.57 -0.34
CA GLN A 12 -6.54 15.32 1.10
C GLN A 12 -6.24 13.85 1.43
N ARG A 13 -6.66 12.96 0.55
CA ARG A 13 -6.46 11.52 0.76
C ARG A 13 -5.16 11.01 0.11
N SER A 14 -4.57 11.79 -0.80
CA SER A 14 -3.35 11.37 -1.48
C SER A 14 -2.09 11.95 -0.84
N TYR A 15 -2.21 13.09 -0.16
CA TYR A 15 -1.08 13.75 0.50
C TYR A 15 -0.35 12.79 1.46
N CYS A 16 1.00 12.79 1.38
CA CYS A 16 1.87 11.93 2.22
C CYS A 16 1.40 11.84 3.69
N HIS A 17 0.75 10.73 4.02
CA HIS A 17 0.24 10.50 5.38
C HIS A 17 0.31 9.01 5.72
N PRO A 18 0.14 8.62 7.01
CA PRO A 18 0.20 7.20 7.42
C PRO A 18 -1.00 6.42 6.92
N ILE A 19 -0.73 5.35 6.17
CA ILE A 19 -1.78 4.51 5.61
C ILE A 19 -1.46 3.02 5.81
N GLU A 20 -2.50 2.20 5.96
CA GLU A 20 -2.33 0.77 6.16
C GLU A 20 -1.72 0.10 4.94
N THR A 21 -0.57 -0.54 5.14
CA THR A 21 0.12 -1.21 4.03
C THR A 21 0.74 -2.54 4.50
N LEU A 22 0.62 -3.57 3.65
CA LEU A 22 1.16 -4.88 3.95
C LEU A 22 2.63 -4.96 3.51
N VAL A 23 3.48 -5.47 4.39
CA VAL A 23 4.91 -5.59 4.08
C VAL A 23 5.36 -7.05 4.08
N ASP A 24 6.30 -7.37 3.19
CA ASP A 24 6.83 -8.72 3.08
C ASP A 24 7.87 -8.98 4.17
N ILE A 25 7.81 -10.16 4.78
CA ILE A 25 8.75 -10.52 5.84
C ILE A 25 10.16 -10.65 5.27
N PHE A 26 10.26 -11.19 4.05
CA PHE A 26 11.55 -11.36 3.40
C PHE A 26 12.25 -10.02 3.16
N GLN A 27 11.46 -8.95 3.02
CA GLN A 27 12.01 -7.62 2.78
C GLN A 27 12.67 -7.05 4.04
N GLU A 28 12.15 -7.43 5.20
CA GLU A 28 12.68 -6.96 6.48
C GLU A 28 13.77 -7.91 6.96
N TYR A 29 13.52 -9.20 6.82
CA TYR A 29 14.47 -10.23 7.22
C TYR A 29 15.10 -10.89 5.98
N PRO A 30 16.09 -10.24 5.32
CA PRO A 30 16.71 -10.79 4.11
C PRO A 30 17.65 -11.96 4.39
N ASP A 31 18.14 -12.06 5.62
CA ASP A 31 19.06 -13.14 5.99
C ASP A 31 18.34 -14.37 6.55
N GLU A 32 17.03 -14.50 6.26
CA GLU A 32 16.26 -15.64 6.74
C GLU A 32 15.37 -16.19 5.62
N ILE A 33 15.87 -17.20 4.90
CA ILE A 33 15.12 -17.81 3.81
C ILE A 33 14.83 -19.28 4.09
N GLU A 34 15.81 -19.98 4.65
CA GLU A 34 15.66 -21.40 4.96
C GLU A 34 14.51 -21.66 5.94
N TYR A 35 14.07 -20.62 6.67
CA TYR A 35 12.97 -20.78 7.63
C TYR A 35 11.68 -20.22 7.04
N ILE A 36 10.85 -21.10 6.47
CA ILE A 36 9.58 -20.70 5.88
C ILE A 36 8.66 -20.05 6.93
N PHE A 37 8.18 -18.85 6.62
CA PHE A 37 7.31 -18.12 7.54
C PHE A 37 5.85 -18.16 7.08
N LYS A 38 4.94 -18.37 8.03
CA LYS A 38 3.51 -18.43 7.75
C LYS A 38 2.74 -17.52 8.71
N PRO A 39 2.12 -16.39 8.25
CA PRO A 39 2.12 -15.94 6.84
C PRO A 39 3.47 -15.38 6.40
N SER A 40 3.62 -15.15 5.10
CA SER A 40 4.87 -14.62 4.54
C SER A 40 4.93 -13.08 4.58
N CYS A 41 3.82 -12.42 4.94
CA CYS A 41 3.79 -10.96 5.00
C CYS A 41 3.06 -10.49 6.26
N VAL A 42 3.25 -9.22 6.64
CA VAL A 42 2.60 -8.68 7.83
C VAL A 42 2.06 -7.28 7.59
N PRO A 43 0.88 -6.92 8.17
CA PRO A 43 0.28 -5.60 7.99
C PRO A 43 0.92 -4.55 8.90
N LEU A 44 1.41 -3.47 8.31
CA LEU A 44 2.05 -2.39 9.07
C LEU A 44 1.62 -1.02 8.55
N MET A 45 1.52 -0.06 9.46
CA MET A 45 1.12 1.29 9.09
C MET A 45 2.34 2.11 8.65
N ARG A 46 2.45 2.34 7.34
CA ARG A 46 3.56 3.10 6.78
C ARG A 46 3.06 4.32 6.01
N CYS A 47 4.00 5.17 5.58
CA CYS A 47 3.64 6.38 4.83
C CYS A 47 3.60 6.10 3.33
N GLY A 48 2.55 6.56 2.67
CA GLY A 48 2.42 6.35 1.23
C GLY A 48 1.71 7.50 0.53
N GLY A 49 1.98 7.64 -0.77
CA GLY A 49 1.36 8.70 -1.55
C GLY A 49 2.37 9.54 -2.31
N CYS A 50 2.16 10.85 -2.32
CA CYS A 50 3.06 11.77 -3.01
C CYS A 50 3.17 13.10 -2.26
N CYS A 51 4.06 13.98 -2.72
CA CYS A 51 4.26 15.28 -2.08
C CYS A 51 3.62 16.43 -2.87
N ASN A 52 3.78 17.65 -2.36
CA ASN A 52 3.23 18.84 -3.01
C ASN A 52 3.98 19.20 -4.28
N ASP A 53 5.31 18.98 -4.28
CA ASP A 53 6.14 19.32 -5.43
C ASP A 53 7.01 18.15 -5.86
N GLU A 54 7.64 18.29 -7.03
CA GLU A 54 8.51 17.25 -7.56
C GLU A 54 9.82 17.15 -6.75
N GLY A 55 10.27 18.29 -6.23
CA GLY A 55 11.50 18.31 -5.46
C GLY A 55 11.36 17.85 -4.01
N LEU A 56 10.18 17.33 -3.63
CA LEU A 56 9.96 16.87 -2.27
C LEU A 56 10.05 15.34 -2.19
N GLU A 57 9.94 14.80 -0.99
CA GLU A 57 10.01 13.35 -0.80
C GLU A 57 9.20 12.90 0.42
N CYS A 58 8.25 12.00 0.18
CA CYS A 58 7.41 11.47 1.25
C CYS A 58 8.20 10.51 2.13
N VAL A 59 8.65 11.00 3.29
CA VAL A 59 9.43 10.19 4.23
C VAL A 59 8.85 10.28 5.64
N PRO A 60 9.16 9.29 6.53
CA PRO A 60 8.64 9.30 7.90
C PRO A 60 9.48 10.13 8.85
N THR A 61 8.84 10.73 9.85
CA THR A 61 9.53 11.56 10.83
C THR A 61 9.69 10.83 12.17
N GLU A 62 8.77 9.92 12.47
CA GLU A 62 8.82 9.15 13.71
C GLU A 62 8.52 7.67 13.42
N GLU A 63 9.27 6.77 14.06
CA GLU A 63 9.10 5.33 13.85
C GLU A 63 8.67 4.61 15.13
N SER A 64 8.49 3.29 15.01
CA SER A 64 8.09 2.46 16.15
C SER A 64 8.18 0.97 15.79
N ASN A 65 8.19 0.11 16.81
CA ASN A 65 8.28 -1.33 16.59
C ASN A 65 6.99 -2.04 16.99
N ILE A 66 6.74 -3.19 16.39
CA ILE A 66 5.54 -3.96 16.67
C ILE A 66 5.81 -5.47 16.54
N THR A 67 5.53 -6.21 17.59
CA THR A 67 5.75 -7.66 17.60
C THR A 67 4.56 -8.39 16.99
N MET A 68 4.81 -9.57 16.42
CA MET A 68 3.76 -10.36 15.81
C MET A 68 4.07 -11.85 15.91
N GLN A 69 3.03 -12.67 15.80
CA GLN A 69 3.19 -14.12 15.87
C GLN A 69 3.31 -14.74 14.48
N ILE A 70 4.39 -15.47 14.25
CA ILE A 70 4.62 -16.12 12.96
C ILE A 70 4.95 -17.60 13.14
N MET A 71 4.48 -18.43 12.22
CA MET A 71 4.74 -19.87 12.27
C MET A 71 5.97 -20.23 11.44
N ARG A 72 7.04 -20.59 12.13
CA ARG A 72 8.28 -20.96 11.46
C ARG A 72 8.33 -22.47 11.18
N ILE A 73 8.50 -22.82 9.90
CA ILE A 73 8.56 -24.23 9.48
C ILE A 73 9.85 -24.52 8.73
N LYS A 74 10.54 -25.60 9.10
CA LYS A 74 11.81 -25.97 8.48
C LYS A 74 11.68 -27.29 7.69
N PRO A 75 12.24 -27.38 6.46
CA PRO A 75 12.17 -28.61 5.67
C PRO A 75 12.82 -29.79 6.39
N HIS A 76 12.17 -30.95 6.33
CA HIS A 76 12.65 -32.18 6.99
C HIS A 76 12.60 -32.12 8.52
N GLN A 77 12.07 -31.03 9.10
CA GLN A 77 11.98 -30.88 10.54
C GLN A 77 10.50 -30.70 10.98
N GLY A 78 10.14 -29.64 11.73
CA GLY A 78 8.75 -29.45 12.13
C GLY A 78 8.31 -28.00 11.98
N GLN A 79 7.66 -27.47 13.02
CA GLN A 79 7.19 -26.09 13.01
C GLN A 79 7.12 -25.53 14.42
N HIS A 80 7.11 -24.20 14.53
CA HIS A 80 7.06 -23.55 15.83
C HIS A 80 6.67 -22.07 15.70
N ILE A 81 5.91 -21.57 16.67
CA ILE A 81 5.49 -20.17 16.66
C ILE A 81 6.60 -19.29 17.23
N GLY A 82 6.92 -18.20 16.54
CA GLY A 82 7.97 -17.31 16.99
C GLY A 82 7.54 -15.85 16.98
N GLU A 83 8.21 -15.03 17.79
CA GLU A 83 7.89 -13.61 17.86
C GLU A 83 8.82 -12.81 16.95
N MET A 84 8.23 -12.01 16.08
CA MET A 84 9.01 -11.19 15.15
C MET A 84 8.58 -9.72 15.25
N SER A 85 9.56 -8.85 15.47
CA SER A 85 9.29 -7.42 15.59
C SER A 85 9.50 -6.72 14.25
N PHE A 86 8.68 -5.71 13.98
CA PHE A 86 8.77 -4.96 12.73
C PHE A 86 8.68 -3.46 12.99
N LEU A 87 9.37 -2.69 12.16
CA LEU A 87 9.37 -1.23 12.30
C LEU A 87 8.31 -0.60 11.41
N GLN A 88 7.53 0.32 11.98
CA GLN A 88 6.47 1.01 11.22
C GLN A 88 6.69 2.52 11.28
N HIS A 89 5.87 3.27 10.56
CA HIS A 89 5.98 4.73 10.54
C HIS A 89 4.84 5.37 11.34
N ASN A 90 5.22 6.16 12.34
CA ASN A 90 4.25 6.84 13.20
C ASN A 90 3.79 8.15 12.59
N LYS A 91 4.74 8.98 12.19
CA LYS A 91 4.44 10.28 11.59
C LYS A 91 5.00 10.36 10.18
N CYS A 92 4.35 11.18 9.33
CA CYS A 92 4.79 11.34 7.94
C CYS A 92 4.80 12.82 7.54
N GLU A 93 5.79 13.19 6.72
CA GLU A 93 5.92 14.57 6.27
C GLU A 93 6.76 14.65 4.99
N CYS A 94 6.62 15.75 4.26
CA CYS A 94 7.37 15.95 3.01
C CYS A 94 8.59 16.86 3.25
N ARG A 95 9.74 16.46 2.71
CA ARG A 95 10.98 17.24 2.86
C ARG A 95 11.67 17.40 1.49
N PRO A 96 12.57 18.40 1.33
CA PRO A 96 13.27 18.62 0.06
C PRO A 96 14.27 17.51 -0.23
N LYS A 97 14.36 17.13 -1.51
CA LYS A 97 15.26 16.05 -1.93
C LYS A 97 16.71 16.41 -1.64
N LYS A 98 17.39 15.54 -0.90
CA LYS A 98 18.80 15.74 -0.56
C LYS A 98 19.71 15.13 -1.63
N ASP A 99 20.92 15.67 -1.74
CA ASP A 99 21.89 15.18 -2.72
C ASP A 99 23.25 14.95 -2.08
N HIS B 1 6.53 -2.77 28.42
CA HIS B 1 5.54 -2.81 27.31
C HIS B 1 5.84 -3.94 26.34
N HIS B 2 4.87 -4.81 26.12
CA HIS B 2 5.03 -5.95 25.22
C HIS B 2 3.70 -6.28 24.54
N GLU B 3 3.37 -5.52 23.49
CA GLU B 3 2.13 -5.72 22.75
C GLU B 3 2.36 -6.58 21.51
N VAL B 4 1.96 -7.84 21.58
CA VAL B 4 2.10 -8.76 20.45
C VAL B 4 0.77 -8.99 19.75
N VAL B 5 0.80 -9.03 18.41
CA VAL B 5 -0.42 -9.24 17.62
C VAL B 5 -0.78 -10.72 17.59
N LYS B 6 -2.08 -11.01 17.63
CA LYS B 6 -2.56 -12.39 17.62
C LYS B 6 -2.33 -13.02 16.25
N PHE B 7 -1.90 -14.29 16.24
CA PHE B 7 -1.62 -15.03 15.01
C PHE B 7 -2.82 -15.00 14.04
N MET B 8 -3.98 -15.43 14.53
CA MET B 8 -5.21 -15.47 13.72
C MET B 8 -5.51 -14.11 13.06
N ASP B 9 -5.06 -13.03 13.68
CA ASP B 9 -5.30 -11.68 13.16
C ASP B 9 -4.31 -11.32 12.05
N VAL B 10 -3.07 -11.80 12.18
CA VAL B 10 -2.04 -11.52 11.19
C VAL B 10 -2.35 -12.19 9.84
N TYR B 11 -2.84 -13.42 9.92
CA TYR B 11 -3.18 -14.18 8.72
C TYR B 11 -4.45 -13.66 8.06
N GLN B 12 -5.44 -13.31 8.88
CA GLN B 12 -6.71 -12.81 8.37
C GLN B 12 -6.56 -11.44 7.72
N ARG B 13 -5.66 -10.63 8.27
CA ARG B 13 -5.43 -9.28 7.76
C ARG B 13 -4.34 -9.23 6.68
N SER B 14 -3.51 -10.27 6.59
CA SER B 14 -2.43 -10.30 5.62
C SER B 14 -2.80 -11.04 4.33
N TYR B 15 -3.73 -11.99 4.43
CA TYR B 15 -4.16 -12.77 3.27
C TYR B 15 -4.62 -11.89 2.10
N CYS B 16 -4.15 -12.22 0.88
CA CYS B 16 -4.48 -11.48 -0.35
C CYS B 16 -5.95 -11.02 -0.41
N HIS B 17 -6.16 -9.72 -0.15
CA HIS B 17 -7.49 -9.13 -0.18
C HIS B 17 -7.43 -7.66 -0.63
N PRO B 18 -8.56 -7.02 -0.98
CA PRO B 18 -8.58 -5.62 -1.42
C PRO B 18 -8.27 -4.66 -0.27
N ILE B 19 -7.24 -3.83 -0.46
CA ILE B 19 -6.83 -2.87 0.55
C ILE B 19 -6.55 -1.50 -0.07
N GLU B 20 -6.78 -0.44 0.71
CA GLU B 20 -6.58 0.93 0.21
C GLU B 20 -5.10 1.19 -0.05
N THR B 21 -4.78 1.56 -1.29
CA THR B 21 -3.39 1.83 -1.67
C THR B 21 -3.30 3.02 -2.63
N LEU B 22 -2.31 3.87 -2.42
CA LEU B 22 -2.11 5.03 -3.27
C LEU B 22 -1.26 4.67 -4.49
N VAL B 23 -1.68 5.13 -5.67
CA VAL B 23 -0.96 4.83 -6.91
C VAL B 23 -0.48 6.11 -7.59
N ASP B 24 0.71 6.04 -8.19
CA ASP B 24 1.29 7.19 -8.88
C ASP B 24 0.66 7.36 -10.26
N ILE B 25 0.36 8.61 -10.62
CA ILE B 25 -0.25 8.90 -11.91
C ILE B 25 0.72 8.58 -13.04
N PHE B 26 1.99 8.85 -12.81
CA PHE B 26 3.03 8.59 -13.82
C PHE B 26 3.12 7.09 -14.14
N GLN B 27 2.75 6.25 -13.17
CA GLN B 27 2.82 4.79 -13.36
C GLN B 27 1.71 4.31 -14.30
N GLU B 28 0.57 4.99 -14.27
CA GLU B 28 -0.56 4.63 -15.12
C GLU B 28 -0.47 5.35 -16.46
N TYR B 29 -0.09 6.63 -16.41
CA TYR B 29 0.05 7.44 -17.61
C TYR B 29 1.54 7.72 -17.87
N PRO B 30 2.29 6.74 -18.45
CA PRO B 30 3.73 6.91 -18.71
C PRO B 30 4.02 7.85 -19.89
N ASP B 31 3.05 8.03 -20.77
CA ASP B 31 3.23 8.91 -21.93
C ASP B 31 2.81 10.35 -21.67
N GLU B 32 2.73 10.74 -20.39
CA GLU B 32 2.34 12.10 -20.03
C GLU B 32 3.25 12.65 -18.93
N ILE B 33 4.31 13.37 -19.34
CA ILE B 33 5.26 13.95 -18.39
C ILE B 33 5.27 15.47 -18.47
N GLU B 34 5.21 15.99 -19.69
CA GLU B 34 5.23 17.44 -19.92
C GLU B 34 4.06 18.14 -19.21
N TYR B 35 3.00 17.40 -18.89
CA TYR B 35 1.84 17.99 -18.21
C TYR B 35 1.87 17.66 -16.72
N ILE B 36 2.37 18.61 -15.92
CA ILE B 36 2.46 18.42 -14.47
C ILE B 36 1.07 18.22 -13.86
N PHE B 37 0.90 17.12 -13.13
CA PHE B 37 -0.38 16.79 -12.50
C PHE B 37 -0.37 17.14 -11.02
N LYS B 38 -1.47 17.70 -10.54
CA LYS B 38 -1.62 18.08 -9.14
C LYS B 38 -2.95 17.55 -8.58
N PRO B 39 -2.96 16.55 -7.66
CA PRO B 39 -1.76 15.89 -7.11
C PRO B 39 -1.10 14.94 -8.11
N SER B 40 0.08 14.45 -7.75
CA SER B 40 0.83 13.53 -8.61
C SER B 40 0.45 12.06 -8.40
N CYS B 41 -0.38 11.77 -7.38
CA CYS B 41 -0.80 10.40 -7.11
C CYS B 41 -2.29 10.36 -6.76
N VAL B 42 -2.89 9.16 -6.85
CA VAL B 42 -4.33 9.01 -6.56
C VAL B 42 -4.60 7.77 -5.71
N PRO B 43 -5.58 7.82 -4.77
CA PRO B 43 -5.92 6.67 -3.93
C PRO B 43 -6.83 5.68 -4.64
N LEU B 44 -6.42 4.42 -4.69
CA LEU B 44 -7.21 3.39 -5.35
C LEU B 44 -7.19 2.09 -4.54
N MET B 45 -8.30 1.36 -4.59
CA MET B 45 -8.42 0.10 -3.86
C MET B 45 -7.85 -1.05 -4.69
N ARG B 46 -6.66 -1.52 -4.31
CA ARG B 46 -6.00 -2.62 -5.01
C ARG B 46 -5.73 -3.78 -4.08
N CYS B 47 -5.30 -4.91 -4.65
CA CYS B 47 -5.00 -6.10 -3.87
C CYS B 47 -3.55 -6.08 -3.38
N GLY B 48 -3.35 -6.38 -2.09
CA GLY B 48 -2.01 -6.38 -1.53
C GLY B 48 -1.84 -7.44 -0.44
N GLY B 49 -0.59 -7.85 -0.22
CA GLY B 49 -0.29 -8.85 0.79
C GLY B 49 0.48 -10.03 0.24
N CYS B 50 0.14 -11.23 0.69
CA CYS B 50 0.81 -12.45 0.25
C CYS B 50 -0.17 -13.62 0.16
N CYS B 51 0.27 -14.72 -0.42
CA CYS B 51 -0.58 -15.90 -0.56
C CYS B 51 -0.29 -16.93 0.53
N ASN B 52 -0.99 -18.07 0.46
CA ASN B 52 -0.83 -19.13 1.44
C ASN B 52 0.47 -19.92 1.23
N ASP B 53 0.88 -20.07 -0.03
CA ASP B 53 2.09 -20.81 -0.35
C ASP B 53 3.02 -20.01 -1.25
N GLU B 54 4.24 -20.51 -1.44
CA GLU B 54 5.24 -19.83 -2.26
C GLU B 54 4.88 -19.93 -3.75
N GLY B 55 4.26 -21.04 -4.14
CA GLY B 55 3.88 -21.24 -5.53
C GLY B 55 2.61 -20.53 -5.96
N LEU B 56 2.05 -19.68 -5.09
CA LEU B 56 0.83 -18.94 -5.42
C LEU B 56 1.16 -17.50 -5.79
N GLU B 57 0.15 -16.74 -6.20
CA GLU B 57 0.34 -15.34 -6.58
C GLU B 57 -0.91 -14.51 -6.32
N CYS B 58 -0.75 -13.44 -5.54
CA CYS B 58 -1.85 -12.56 -5.21
C CYS B 58 -2.20 -11.67 -6.41
N VAL B 59 -3.25 -12.05 -7.15
CA VAL B 59 -3.68 -11.29 -8.33
C VAL B 59 -5.17 -10.97 -8.26
N PRO B 60 -5.66 -9.96 -9.02
CA PRO B 60 -7.08 -9.58 -9.01
C PRO B 60 -7.92 -10.43 -9.98
N THR B 61 -9.18 -10.66 -9.61
CA THR B 61 -10.08 -11.44 -10.44
C THR B 61 -11.09 -10.56 -11.17
N GLU B 62 -11.41 -9.40 -10.57
CA GLU B 62 -12.36 -8.47 -11.17
C GLU B 62 -11.82 -7.04 -11.07
N GLU B 63 -11.98 -6.25 -12.14
CA GLU B 63 -11.48 -4.88 -12.16
C GLU B 63 -12.60 -3.85 -12.34
N SER B 64 -12.22 -2.57 -12.37
CA SER B 64 -13.18 -1.48 -12.53
C SER B 64 -12.46 -0.16 -12.77
N ASN B 65 -13.19 0.84 -13.26
CA ASN B 65 -12.62 2.15 -13.54
C ASN B 65 -13.17 3.21 -12.59
N ILE B 66 -12.40 4.27 -12.38
CA ILE B 66 -12.80 5.36 -11.49
C ILE B 66 -12.23 6.70 -11.96
N THR B 67 -13.13 7.67 -12.17
CA THR B 67 -12.72 9.00 -12.62
C THR B 67 -12.33 9.89 -11.45
N MET B 68 -11.43 10.84 -11.69
CA MET B 68 -10.98 11.76 -10.65
C MET B 68 -10.62 13.12 -11.24
N GLN B 69 -10.58 14.13 -10.38
CA GLN B 69 -10.25 15.49 -10.81
C GLN B 69 -8.78 15.80 -10.57
N ILE B 70 -8.07 16.18 -11.63
CA ILE B 70 -6.65 16.51 -11.52
C ILE B 70 -6.37 17.86 -12.16
N MET B 71 -5.41 18.60 -11.57
CA MET B 71 -5.05 19.92 -12.08
C MET B 71 -3.82 19.84 -12.99
N ARG B 72 -4.04 20.04 -14.29
CA ARG B 72 -2.96 19.98 -15.26
C ARG B 72 -2.33 21.36 -15.44
N ILE B 73 -1.01 21.45 -15.20
CA ILE B 73 -0.28 22.71 -15.33
C ILE B 73 0.88 22.55 -16.32
N LYS B 74 0.95 23.42 -17.33
CA LYS B 74 2.00 23.35 -18.34
C LYS B 74 3.01 24.50 -18.18
N PRO B 75 4.35 24.22 -18.29
CA PRO B 75 5.36 25.27 -18.16
C PRO B 75 5.19 26.36 -19.22
N HIS B 76 5.34 27.61 -18.80
CA HIS B 76 5.19 28.78 -19.69
C HIS B 76 3.74 29.02 -20.15
N GLN B 77 2.78 28.23 -19.66
CA GLN B 77 1.38 28.37 -20.06
C GLN B 77 0.50 28.64 -18.81
N GLY B 78 -0.56 27.85 -18.55
CA GLY B 78 -1.38 28.08 -17.37
C GLY B 78 -1.73 26.80 -16.65
N GLN B 79 -3.00 26.62 -16.31
CA GLN B 79 -3.45 25.41 -15.61
C GLN B 79 -4.93 25.16 -15.89
N HIS B 80 -5.36 23.91 -15.73
CA HIS B 80 -6.75 23.55 -15.97
C HIS B 80 -7.10 22.21 -15.31
N ILE B 81 -8.36 22.07 -14.89
CA ILE B 81 -8.82 20.84 -14.26
C ILE B 81 -9.26 19.84 -15.33
N GLY B 82 -8.80 18.59 -15.20
CA GLY B 82 -9.15 17.57 -16.17
C GLY B 82 -9.60 16.28 -15.51
N GLU B 83 -10.36 15.47 -16.26
CA GLU B 83 -10.87 14.20 -15.75
C GLU B 83 -9.95 13.06 -16.17
N MET B 84 -9.50 12.28 -15.19
CA MET B 84 -8.62 11.15 -15.44
C MET B 84 -9.17 9.89 -14.81
N SER B 85 -9.33 8.84 -15.62
CA SER B 85 -9.86 7.56 -15.13
C SER B 85 -8.72 6.63 -14.74
N PHE B 86 -8.97 5.77 -13.77
CA PHE B 86 -7.98 4.81 -13.30
C PHE B 86 -8.62 3.45 -13.06
N LEU B 87 -7.83 2.40 -13.24
CA LEU B 87 -8.31 1.04 -13.04
C LEU B 87 -8.00 0.55 -11.63
N GLN B 88 -9.00 -0.06 -10.96
CA GLN B 88 -8.82 -0.57 -9.61
C GLN B 88 -9.14 -2.06 -9.57
N HIS B 89 -8.91 -2.69 -8.42
CA HIS B 89 -9.19 -4.12 -8.25
C HIS B 89 -10.41 -4.32 -7.36
N ASN B 90 -11.41 -4.99 -7.89
CA ASN B 90 -12.66 -5.24 -7.16
C ASN B 90 -12.55 -6.50 -6.31
N LYS B 91 -12.10 -7.59 -6.92
CA LYS B 91 -11.96 -8.86 -6.22
C LYS B 91 -10.50 -9.34 -6.24
N CYS B 92 -10.11 -10.11 -5.23
CA CYS B 92 -8.74 -10.62 -5.14
C CYS B 92 -8.73 -12.09 -4.73
N GLU B 93 -7.78 -12.85 -5.28
CA GLU B 93 -7.66 -14.28 -4.98
C GLU B 93 -6.25 -14.80 -5.28
N CYS B 94 -5.94 -15.98 -4.74
CA CYS B 94 -4.62 -16.59 -4.96
C CYS B 94 -4.69 -17.70 -6.01
N ARG B 95 -3.77 -17.66 -6.97
CA ARG B 95 -3.72 -18.67 -8.03
C ARG B 95 -2.30 -19.22 -8.19
N PRO B 96 -2.12 -20.43 -8.79
CA PRO B 96 -0.79 -21.02 -8.97
C PRO B 96 0.05 -20.26 -10.01
N LYS B 97 1.34 -20.11 -9.71
CA LYS B 97 2.26 -19.39 -10.60
C LYS B 97 2.33 -20.04 -11.98
N LYS B 98 2.03 -19.25 -13.01
CA LYS B 98 2.08 -19.74 -14.38
C LYS B 98 3.47 -19.56 -14.98
N ASP B 99 3.80 -20.38 -15.98
CA ASP B 99 5.10 -20.31 -16.63
C ASP B 99 4.95 -20.32 -18.15
N GLY C 1 -14.56 -25.30 7.06
CA GLY C 1 -13.59 -26.42 7.16
C GLY C 1 -14.28 -27.77 7.32
N GLY C 2 -13.48 -28.83 7.41
CA GLY C 2 -14.03 -30.17 7.58
C GLY C 2 -13.02 -31.25 7.28
N ASN C 3 -12.50 -31.26 6.05
CA ASN C 3 -11.53 -32.27 5.64
C ASN C 3 -10.68 -31.76 4.46
N GLU C 4 -11.35 -31.19 3.47
CA GLU C 4 -10.66 -30.67 2.28
C GLU C 4 -10.13 -29.26 2.53
N CYS C 5 -8.80 -29.15 2.63
CA CYS C 5 -8.15 -27.86 2.85
C CYS C 5 -7.55 -27.32 1.56
N ASP C 6 -8.27 -26.41 0.90
CA ASP C 6 -7.80 -25.83 -0.35
C ASP C 6 -6.60 -24.92 -0.11
N ILE C 7 -5.64 -24.94 -1.04
CA ILE C 7 -4.43 -24.14 -0.90
C ILE C 7 -4.75 -22.64 -0.97
N ALA C 8 -5.71 -22.27 -1.82
CA ALA C 8 -6.12 -20.88 -1.97
C ALA C 8 -7.34 -20.54 -1.10
N ARG C 9 -7.51 -21.26 0.01
CA ARG C 9 -8.63 -21.04 0.91
C ARG C 9 -8.13 -20.83 2.35
N MET C 10 -8.90 -20.09 3.14
CA MET C 10 -8.53 -19.80 4.54
C MET C 10 -8.18 -21.07 5.31
N TRP C 11 -6.88 -21.35 5.42
CA TRP C 11 -6.39 -22.52 6.15
C TRP C 11 -6.65 -22.39 7.65
N GLU C 12 -7.78 -22.91 8.11
CA GLU C 12 -8.14 -22.86 9.52
C GLU C 12 -7.08 -23.52 10.39
N TRP C 13 -7.41 -23.76 11.67
CA TRP C 13 -6.47 -24.38 12.60
C TRP C 13 -6.09 -25.80 12.17
N GLU C 14 -7.08 -26.65 11.93
CA GLU C 14 -6.84 -28.03 11.51
C GLU C 14 -5.95 -28.12 10.27
N CYS C 15 -6.22 -27.27 9.29
CA CYS C 15 -5.44 -27.27 8.05
C CYS C 15 -4.01 -26.82 8.31
N PHE C 16 -3.82 -25.95 9.30
CA PHE C 16 -2.50 -25.46 9.65
C PHE C 16 -1.62 -26.60 10.16
N GLU C 17 -2.16 -27.38 11.09
CA GLU C 17 -1.43 -28.51 11.66
C GLU C 17 -1.18 -29.59 10.60
N ARG C 18 -2.01 -29.63 9.55
CA ARG C 18 -1.86 -30.63 8.49
C ARG C 18 -0.96 -30.14 7.36
N LEU C 19 -0.12 -29.14 7.62
CA LEU C 19 0.78 -28.60 6.59
C LEU C 19 1.82 -29.63 6.19
N GLY D 1 -4.84 28.67 6.54
CA GLY D 1 -4.25 29.52 5.46
C GLY D 1 -4.32 31.00 5.79
N GLY D 2 -3.92 31.84 4.84
CA GLY D 2 -3.94 33.27 5.06
C GLY D 2 -3.06 34.02 4.06
N ASN D 3 -1.78 33.71 4.05
CA ASN D 3 -0.84 34.35 3.14
C ASN D 3 0.39 33.48 2.89
N GLU D 4 0.95 32.92 3.96
CA GLU D 4 2.12 32.07 3.85
C GLU D 4 1.73 30.63 3.52
N CYS D 5 2.05 30.19 2.30
CA CYS D 5 1.73 28.84 1.85
C CYS D 5 3.00 27.97 1.84
N ASP D 6 3.17 27.16 2.88
CA ASP D 6 4.33 26.29 2.97
C ASP D 6 4.27 25.18 1.92
N ILE D 7 5.42 24.83 1.34
CA ILE D 7 5.49 23.81 0.31
C ILE D 7 5.11 22.43 0.86
N ALA D 8 5.49 22.17 2.11
CA ALA D 8 5.18 20.90 2.76
C ALA D 8 3.95 21.02 3.67
N ARG D 9 3.02 21.88 3.29
CA ARG D 9 1.80 22.10 4.06
C ARG D 9 0.58 22.06 3.14
N MET D 10 -0.57 21.65 3.68
CA MET D 10 -1.82 21.55 2.90
C MET D 10 -2.12 22.82 2.09
N TRP D 11 -1.76 22.78 0.81
CA TRP D 11 -1.98 23.89 -0.10
C TRP D 11 -3.48 24.09 -0.39
N GLU D 12 -4.14 24.92 0.42
CA GLU D 12 -5.57 25.19 0.25
C GLU D 12 -5.87 25.73 -1.15
N TRP D 13 -7.11 26.21 -1.35
CA TRP D 13 -7.53 26.73 -2.65
C TRP D 13 -6.66 27.93 -3.10
N GLU D 14 -6.55 28.94 -2.24
CA GLU D 14 -5.77 30.14 -2.58
C GLU D 14 -4.33 29.79 -2.95
N CYS D 15 -3.69 28.92 -2.17
CA CYS D 15 -2.31 28.52 -2.43
C CYS D 15 -2.20 27.79 -3.77
N PHE D 16 -3.26 27.08 -4.16
CA PHE D 16 -3.27 26.35 -5.42
C PHE D 16 -3.19 27.30 -6.61
N GLU D 17 -4.03 28.33 -6.59
CA GLU D 17 -4.05 29.32 -7.67
C GLU D 17 -2.75 30.13 -7.72
N ARG D 18 -2.03 30.20 -6.60
CA ARG D 18 -0.77 30.94 -6.55
C ARG D 18 0.44 30.04 -6.77
N LEU D 19 0.25 28.97 -7.54
CA LEU D 19 1.33 28.03 -7.82
C LEU D 19 2.35 28.65 -8.78
N HIS A 1 -24.13 6.21 -7.16
CA HIS A 1 -23.14 5.13 -6.98
C HIS A 1 -21.86 5.67 -6.33
N HIS A 2 -21.06 6.40 -7.11
CA HIS A 2 -19.81 6.99 -6.60
C HIS A 2 -19.50 8.29 -7.33
N GLU A 3 -19.58 8.26 -8.66
CA GLU A 3 -19.34 9.45 -9.48
C GLU A 3 -17.94 10.02 -9.26
N VAL A 4 -17.58 11.00 -10.11
CA VAL A 4 -16.27 11.66 -10.06
C VAL A 4 -15.94 12.18 -8.65
N VAL A 5 -14.73 11.86 -8.18
CA VAL A 5 -14.28 12.28 -6.86
C VAL A 5 -13.97 13.78 -6.85
N LYS A 6 -14.14 14.41 -5.69
CA LYS A 6 -13.88 15.85 -5.55
C LYS A 6 -12.37 16.12 -5.56
N PHE A 7 -11.98 17.23 -6.19
CA PHE A 7 -10.57 17.61 -6.28
C PHE A 7 -9.92 17.74 -4.91
N MET A 8 -10.51 18.58 -4.05
CA MET A 8 -9.99 18.81 -2.70
C MET A 8 -9.92 17.50 -1.89
N ASP A 9 -10.75 16.52 -2.25
CA ASP A 9 -10.79 15.24 -1.53
C ASP A 9 -9.64 14.33 -1.98
N VAL A 10 -9.32 14.39 -3.27
CA VAL A 10 -8.26 13.57 -3.83
C VAL A 10 -6.89 13.97 -3.26
N TYR A 11 -6.73 15.26 -2.98
CA TYR A 11 -5.48 15.78 -2.42
C TYR A 11 -5.32 15.42 -0.95
N GLN A 12 -6.38 15.67 -0.17
CA GLN A 12 -6.36 15.40 1.26
C GLN A 12 -6.07 13.93 1.58
N ARG A 13 -6.56 13.03 0.72
CA ARG A 13 -6.36 11.60 0.92
C ARG A 13 -5.11 11.07 0.21
N SER A 14 -4.56 11.83 -0.74
CA SER A 14 -3.40 11.39 -1.49
C SER A 14 -2.08 11.96 -0.92
N TYR A 15 -2.16 13.11 -0.26
CA TYR A 15 -0.97 13.75 0.32
C TYR A 15 -0.26 12.82 1.31
N CYS A 16 1.09 12.79 1.25
CA CYS A 16 1.95 11.95 2.11
C CYS A 16 1.45 11.86 3.57
N HIS A 17 0.86 10.71 3.91
CA HIS A 17 0.35 10.47 5.26
C HIS A 17 0.43 8.97 5.60
N PRO A 18 0.22 8.57 6.87
CA PRO A 18 0.27 7.16 7.27
C PRO A 18 -0.94 6.37 6.80
N ILE A 19 -0.69 5.33 6.00
CA ILE A 19 -1.76 4.48 5.47
C ILE A 19 -1.44 3.00 5.71
N GLU A 20 -2.47 2.20 5.95
CA GLU A 20 -2.30 0.77 6.20
C GLU A 20 -1.72 0.08 4.98
N THR A 21 -0.58 -0.59 5.15
CA THR A 21 0.07 -1.30 4.05
C THR A 21 0.68 -2.61 4.52
N LEU A 22 0.63 -3.62 3.66
CA LEU A 22 1.19 -4.93 3.98
C LEU A 22 2.65 -5.01 3.56
N VAL A 23 3.51 -5.47 4.46
CA VAL A 23 4.94 -5.58 4.19
C VAL A 23 5.39 -7.04 4.17
N ASP A 24 6.23 -7.39 3.20
CA ASP A 24 6.76 -8.74 3.07
C ASP A 24 7.84 -9.01 4.12
N ILE A 25 7.76 -10.15 4.78
CA ILE A 25 8.74 -10.51 5.81
C ILE A 25 10.12 -10.72 5.18
N PHE A 26 10.15 -11.29 3.97
CA PHE A 26 11.40 -11.54 3.27
C PHE A 26 12.16 -10.23 3.00
N GLN A 27 11.42 -9.12 2.87
CA GLN A 27 12.02 -7.82 2.62
C GLN A 27 12.64 -7.23 3.89
N GLU A 28 12.08 -7.60 5.05
CA GLU A 28 12.59 -7.11 6.33
C GLU A 28 13.68 -8.04 6.85
N TYR A 29 13.51 -9.32 6.60
CA TYR A 29 14.48 -10.33 7.03
C TYR A 29 15.01 -11.12 5.82
N PRO A 30 15.94 -10.53 5.02
CA PRO A 30 16.48 -11.21 3.82
C PRO A 30 17.43 -12.37 4.14
N ASP A 31 17.89 -12.46 5.39
CA ASP A 31 18.81 -13.52 5.79
C ASP A 31 18.06 -14.81 6.16
N GLU A 32 16.81 -14.67 6.61
CA GLU A 32 16.00 -15.84 6.99
C GLU A 32 15.19 -16.36 5.80
N ILE A 33 15.74 -17.37 5.12
CA ILE A 33 15.09 -17.95 3.95
C ILE A 33 14.77 -19.44 4.19
N GLU A 34 15.71 -20.15 4.80
CA GLU A 34 15.54 -21.58 5.08
C GLU A 34 14.36 -21.85 6.01
N TYR A 35 13.90 -20.83 6.74
CA TYR A 35 12.77 -21.00 7.66
C TYR A 35 11.52 -20.29 7.13
N ILE A 36 10.62 -21.05 6.52
CA ILE A 36 9.38 -20.49 5.97
C ILE A 36 8.54 -19.85 7.06
N PHE A 37 8.08 -18.62 6.82
CA PHE A 37 7.26 -17.90 7.79
C PHE A 37 5.78 -17.93 7.38
N LYS A 38 4.91 -18.12 8.37
CA LYS A 38 3.46 -18.16 8.13
C LYS A 38 2.73 -17.18 9.06
N PRO A 39 2.10 -16.08 8.56
CA PRO A 39 2.04 -15.71 7.13
C PRO A 39 3.36 -15.16 6.62
N SER A 40 3.53 -15.15 5.30
CA SER A 40 4.74 -14.63 4.68
C SER A 40 4.83 -13.10 4.73
N CYS A 41 3.71 -12.42 5.03
CA CYS A 41 3.69 -10.96 5.11
C CYS A 41 2.94 -10.50 6.35
N VAL A 42 3.11 -9.23 6.73
CA VAL A 42 2.45 -8.69 7.92
C VAL A 42 1.92 -7.27 7.66
N PRO A 43 0.75 -6.90 8.24
CA PRO A 43 0.19 -5.56 8.06
C PRO A 43 0.85 -4.52 8.97
N LEU A 44 1.33 -3.43 8.36
CA LEU A 44 2.00 -2.38 9.11
C LEU A 44 1.60 -1.00 8.60
N MET A 45 1.48 -0.04 9.52
CA MET A 45 1.12 1.33 9.16
C MET A 45 2.34 2.08 8.63
N ARG A 46 2.42 2.22 7.31
CA ARG A 46 3.55 2.91 6.69
C ARG A 46 3.08 4.17 5.97
N CYS A 47 4.03 4.90 5.38
CA CYS A 47 3.71 6.14 4.67
C CYS A 47 3.64 5.89 3.16
N GLY A 48 2.58 6.40 2.53
CA GLY A 48 2.40 6.22 1.10
C GLY A 48 1.70 7.40 0.45
N GLY A 49 1.90 7.54 -0.87
CA GLY A 49 1.28 8.63 -1.61
C GLY A 49 2.26 9.41 -2.47
N CYS A 50 2.25 10.73 -2.32
CA CYS A 50 3.15 11.60 -3.08
C CYS A 50 3.30 12.96 -2.42
N CYS A 51 4.17 13.80 -2.98
CA CYS A 51 4.43 15.13 -2.44
C CYS A 51 3.82 16.21 -3.34
N ASN A 52 4.02 17.47 -2.95
CA ASN A 52 3.48 18.60 -3.71
C ASN A 52 4.36 18.97 -4.90
N ASP A 53 5.67 18.72 -4.79
CA ASP A 53 6.61 19.06 -5.87
C ASP A 53 7.43 17.83 -6.28
N GLU A 54 8.07 17.94 -7.45
CA GLU A 54 8.89 16.86 -7.98
C GLU A 54 10.17 16.67 -7.17
N GLY A 55 10.66 17.76 -6.57
CA GLY A 55 11.89 17.70 -5.80
C GLY A 55 11.70 17.28 -4.34
N LEU A 56 10.53 16.72 -4.01
CA LEU A 56 10.25 16.28 -2.64
C LEU A 56 10.13 14.76 -2.61
N GLU A 57 10.03 14.19 -1.41
CA GLU A 57 9.91 12.75 -1.25
C GLU A 57 9.13 12.41 0.03
N CYS A 58 8.16 11.52 -0.10
CA CYS A 58 7.35 11.11 1.04
C CYS A 58 8.13 10.13 1.93
N VAL A 59 8.55 10.61 3.09
CA VAL A 59 9.32 9.79 4.03
C VAL A 59 8.76 9.92 5.46
N PRO A 60 9.06 8.96 6.36
CA PRO A 60 8.54 9.00 7.75
C PRO A 60 9.41 9.87 8.67
N THR A 61 8.76 10.48 9.66
CA THR A 61 9.46 11.33 10.62
C THR A 61 9.57 10.64 11.98
N GLU A 62 8.61 9.76 12.29
CA GLU A 62 8.61 9.03 13.55
C GLU A 62 8.31 7.55 13.28
N GLU A 63 8.97 6.66 14.02
CA GLU A 63 8.78 5.22 13.81
C GLU A 63 8.50 4.48 15.12
N SER A 64 8.39 3.15 15.03
CA SER A 64 8.13 2.30 16.19
C SER A 64 8.14 0.83 15.80
N ASN A 65 8.23 -0.06 16.80
CA ASN A 65 8.24 -1.50 16.55
C ASN A 65 6.95 -2.15 17.02
N ILE A 66 6.59 -3.27 16.37
CA ILE A 66 5.37 -3.99 16.71
C ILE A 66 5.61 -5.51 16.65
N THR A 67 5.38 -6.18 17.77
CA THR A 67 5.57 -7.62 17.85
C THR A 67 4.37 -8.37 17.26
N MET A 68 4.63 -9.50 16.62
CA MET A 68 3.58 -10.31 16.02
C MET A 68 3.92 -11.80 16.10
N GLN A 69 2.91 -12.64 15.99
CA GLN A 69 3.11 -14.09 16.06
C GLN A 69 3.27 -14.69 14.66
N ILE A 70 4.38 -15.39 14.45
CA ILE A 70 4.66 -16.01 13.15
C ILE A 70 5.02 -17.48 13.33
N MET A 71 4.63 -18.30 12.36
CA MET A 71 4.90 -19.74 12.41
C MET A 71 6.17 -20.06 11.62
N ARG A 72 7.23 -20.41 12.35
CA ARG A 72 8.50 -20.74 11.72
C ARG A 72 8.56 -22.24 11.38
N ILE A 73 8.42 -22.55 10.10
CA ILE A 73 8.43 -23.94 9.64
C ILE A 73 9.74 -24.28 8.93
N LYS A 74 10.15 -25.55 9.01
CA LYS A 74 11.40 -26.01 8.39
C LYS A 74 11.20 -27.37 7.71
N PRO A 75 11.52 -27.52 6.39
CA PRO A 75 11.36 -28.81 5.69
C PRO A 75 12.17 -29.92 6.35
N HIS A 76 11.54 -31.09 6.51
CA HIS A 76 12.17 -32.28 7.14
C HIS A 76 12.22 -32.18 8.68
N GLN A 77 11.80 -31.05 9.27
CA GLN A 77 11.82 -30.87 10.72
C GLN A 77 10.38 -30.61 11.24
N GLY A 78 10.10 -29.48 11.93
CA GLY A 78 8.75 -29.22 12.43
C GLY A 78 8.38 -27.75 12.38
N GLN A 79 7.30 -27.38 13.06
CA GLN A 79 6.84 -25.99 13.11
C GLN A 79 7.01 -25.42 14.52
N HIS A 80 7.04 -24.09 14.62
CA HIS A 80 7.19 -23.44 15.91
C HIS A 80 6.83 -21.95 15.83
N ILE A 81 6.02 -21.48 16.78
CA ILE A 81 5.60 -20.09 16.80
C ILE A 81 6.71 -19.21 17.38
N GLY A 82 7.00 -18.09 16.71
CA GLY A 82 8.04 -17.19 17.17
C GLY A 82 7.60 -15.74 17.17
N GLU A 83 8.27 -14.92 17.98
CA GLU A 83 7.94 -13.50 18.07
C GLU A 83 8.85 -12.67 17.18
N MET A 84 8.27 -12.00 16.20
CA MET A 84 9.03 -11.17 15.27
C MET A 84 8.51 -9.73 15.29
N SER A 85 9.38 -8.80 15.67
CA SER A 85 9.00 -7.39 15.73
C SER A 85 9.29 -6.71 14.41
N PHE A 86 8.39 -5.83 13.99
CA PHE A 86 8.54 -5.10 12.73
C PHE A 86 8.43 -3.60 12.97
N LEU A 87 9.12 -2.83 12.13
CA LEU A 87 9.11 -1.38 12.26
C LEU A 87 8.03 -0.76 11.38
N GLN A 88 7.22 0.12 11.96
CA GLN A 88 6.15 0.80 11.21
C GLN A 88 6.34 2.32 11.33
N HIS A 89 5.73 3.07 10.43
CA HIS A 89 5.86 4.52 10.43
C HIS A 89 4.71 5.19 11.18
N ASN A 90 5.05 6.01 12.17
CA ASN A 90 4.07 6.71 12.97
C ASN A 90 3.65 8.03 12.32
N LYS A 91 4.64 8.86 11.98
CA LYS A 91 4.38 10.15 11.34
C LYS A 91 5.04 10.21 9.96
N CYS A 92 4.43 10.99 9.05
CA CYS A 92 4.95 11.14 7.70
C CYS A 92 5.10 12.62 7.35
N GLU A 93 5.97 12.93 6.39
CA GLU A 93 6.20 14.31 5.98
C GLU A 93 7.03 14.37 4.70
N CYS A 94 6.86 15.44 3.92
CA CYS A 94 7.59 15.61 2.66
C CYS A 94 8.90 16.37 2.88
N ARG A 95 9.99 15.83 2.35
CA ARG A 95 11.31 16.46 2.46
C ARG A 95 11.99 16.55 1.09
N PRO A 96 12.98 17.46 0.91
CA PRO A 96 13.67 17.62 -0.38
C PRO A 96 14.56 16.42 -0.70
N LYS A 97 14.48 15.95 -1.95
CA LYS A 97 15.27 14.80 -2.40
C LYS A 97 16.77 15.05 -2.25
N LYS A 98 17.54 13.97 -2.15
CA LYS A 98 18.99 14.07 -2.00
C LYS A 98 19.69 13.29 -3.11
N ASP A 99 19.59 11.96 -3.06
CA ASP A 99 20.20 11.10 -4.07
C ASP A 99 19.31 9.90 -4.36
N HIS B 1 -2.07 -0.85 26.13
CA HIS B 1 -1.43 -0.50 24.84
C HIS B 1 -1.56 -1.64 23.83
N HIS B 2 -0.80 -1.57 22.75
CA HIS B 2 -0.83 -2.60 21.71
C HIS B 2 0.14 -3.73 22.02
N GLU B 3 -0.40 -4.88 22.40
CA GLU B 3 0.42 -6.04 22.73
C GLU B 3 0.64 -6.92 21.48
N VAL B 4 1.33 -8.05 21.66
CA VAL B 4 1.61 -8.96 20.55
C VAL B 4 0.33 -9.36 19.80
N VAL B 5 0.31 -9.08 18.49
CA VAL B 5 -0.85 -9.39 17.65
C VAL B 5 -1.11 -10.89 17.62
N LYS B 6 -2.39 -11.27 17.53
CA LYS B 6 -2.77 -12.67 17.49
C LYS B 6 -2.38 -13.31 16.16
N PHE B 7 -2.02 -14.59 16.20
CA PHE B 7 -1.62 -15.33 15.01
C PHE B 7 -2.73 -15.35 13.95
N MET B 8 -3.89 -15.85 14.33
CA MET B 8 -5.05 -15.94 13.43
C MET B 8 -5.45 -14.57 12.87
N ASP B 9 -5.13 -13.49 13.59
CA ASP B 9 -5.47 -12.14 13.16
C ASP B 9 -4.51 -11.63 12.10
N VAL B 10 -3.24 -11.99 12.24
CA VAL B 10 -2.20 -11.57 11.31
C VAL B 10 -2.41 -12.22 9.93
N TYR B 11 -2.95 -13.43 9.92
CA TYR B 11 -3.20 -14.15 8.67
C TYR B 11 -4.41 -13.58 7.94
N GLN B 12 -5.53 -13.45 8.65
CA GLN B 12 -6.76 -12.93 8.06
C GLN B 12 -6.59 -11.53 7.46
N ARG B 13 -5.79 -10.70 8.10
CA ARG B 13 -5.55 -9.33 7.64
C ARG B 13 -4.43 -9.24 6.60
N SER B 14 -3.55 -10.24 6.55
CA SER B 14 -2.41 -10.22 5.62
C SER B 14 -2.70 -11.00 4.32
N TYR B 15 -3.60 -11.99 4.39
CA TYR B 15 -3.93 -12.80 3.21
C TYR B 15 -4.44 -11.93 2.05
N CYS B 16 -4.00 -12.27 0.83
CA CYS B 16 -4.37 -11.54 -0.42
C CYS B 16 -5.82 -11.06 -0.44
N HIS B 17 -6.02 -9.77 -0.25
CA HIS B 17 -7.35 -9.15 -0.27
C HIS B 17 -7.26 -7.69 -0.70
N PRO B 18 -8.40 -7.01 -1.00
CA PRO B 18 -8.40 -5.62 -1.43
C PRO B 18 -8.10 -4.65 -0.27
N ILE B 19 -7.06 -3.83 -0.45
CA ILE B 19 -6.66 -2.86 0.56
C ILE B 19 -6.42 -1.48 -0.08
N GLU B 20 -6.76 -0.42 0.65
CA GLU B 20 -6.59 0.94 0.15
C GLU B 20 -5.10 1.24 -0.09
N THR B 21 -4.78 1.63 -1.32
CA THR B 21 -3.39 1.93 -1.68
C THR B 21 -3.33 3.13 -2.63
N LEU B 22 -2.30 3.95 -2.47
CA LEU B 22 -2.11 5.12 -3.32
C LEU B 22 -1.26 4.77 -4.54
N VAL B 23 -1.75 5.13 -5.72
CA VAL B 23 -1.03 4.84 -6.97
C VAL B 23 -0.54 6.12 -7.63
N ASP B 24 0.70 6.08 -8.15
CA ASP B 24 1.29 7.23 -8.82
C ASP B 24 0.71 7.39 -10.22
N ILE B 25 0.36 8.63 -10.57
CA ILE B 25 -0.21 8.90 -11.89
C ILE B 25 0.82 8.65 -12.99
N PHE B 26 2.08 8.98 -12.71
CA PHE B 26 3.16 8.78 -13.67
C PHE B 26 3.31 7.30 -14.04
N GLN B 27 2.94 6.41 -13.12
CA GLN B 27 3.03 4.97 -13.37
C GLN B 27 1.89 4.49 -14.27
N GLU B 28 0.74 5.16 -14.18
CA GLU B 28 -0.42 4.79 -14.99
C GLU B 28 -0.36 5.49 -16.35
N TYR B 29 0.15 6.72 -16.35
CA TYR B 29 0.27 7.51 -17.57
C TYR B 29 1.74 7.92 -17.79
N PRO B 30 2.61 6.99 -18.27
CA PRO B 30 4.03 7.29 -18.49
C PRO B 30 4.29 8.21 -19.69
N ASP B 31 3.30 8.39 -20.55
CA ASP B 31 3.46 9.23 -21.74
C ASP B 31 3.21 10.72 -21.41
N GLU B 32 2.42 10.99 -20.37
CA GLU B 32 2.13 12.37 -19.96
C GLU B 32 3.13 12.85 -18.92
N ILE B 33 4.15 13.57 -19.38
CA ILE B 33 5.19 14.10 -18.48
C ILE B 33 5.24 15.62 -18.53
N GLU B 34 5.12 16.17 -19.73
CA GLU B 34 5.16 17.63 -19.91
C GLU B 34 4.01 18.34 -19.19
N TYR B 35 2.95 17.61 -18.84
CA TYR B 35 1.81 18.20 -18.13
C TYR B 35 1.77 17.74 -16.68
N ILE B 36 2.28 18.58 -15.78
CA ILE B 36 2.29 18.27 -14.35
C ILE B 36 0.87 18.06 -13.81
N PHE B 37 0.66 16.97 -13.09
CA PHE B 37 -0.65 16.65 -12.52
C PHE B 37 -0.68 16.96 -11.03
N LYS B 38 -1.79 17.53 -10.57
CA LYS B 38 -1.96 17.88 -9.16
C LYS B 38 -3.30 17.32 -8.61
N PRO B 39 -3.29 16.34 -7.67
CA PRO B 39 -2.09 15.74 -7.06
C PRO B 39 -1.38 14.78 -8.02
N SER B 40 -0.11 14.49 -7.71
CA SER B 40 0.68 13.59 -8.54
C SER B 40 0.28 12.13 -8.36
N CYS B 41 -0.50 11.82 -7.32
CA CYS B 41 -0.94 10.44 -7.08
C CYS B 41 -2.43 10.41 -6.73
N VAL B 42 -3.04 9.23 -6.80
CA VAL B 42 -4.47 9.08 -6.49
C VAL B 42 -4.74 7.82 -5.66
N PRO B 43 -5.70 7.87 -4.70
CA PRO B 43 -6.03 6.71 -3.88
C PRO B 43 -6.92 5.71 -4.61
N LEU B 44 -6.49 4.45 -4.66
CA LEU B 44 -7.25 3.40 -5.34
C LEU B 44 -7.23 2.11 -4.55
N MET B 45 -8.34 1.36 -4.61
CA MET B 45 -8.45 0.09 -3.90
C MET B 45 -7.81 -1.02 -4.72
N ARG B 46 -6.58 -1.41 -4.33
CA ARG B 46 -5.84 -2.47 -5.03
C ARG B 46 -5.62 -3.67 -4.11
N CYS B 47 -5.07 -4.74 -4.68
CA CYS B 47 -4.79 -5.95 -3.92
C CYS B 47 -3.36 -5.95 -3.40
N GLY B 48 -3.19 -6.29 -2.13
CA GLY B 48 -1.86 -6.33 -1.54
C GLY B 48 -1.73 -7.39 -0.46
N GLY B 49 -0.50 -7.80 -0.17
CA GLY B 49 -0.24 -8.80 0.85
C GLY B 49 0.64 -9.94 0.36
N CYS B 50 0.19 -11.16 0.57
CA CYS B 50 0.95 -12.35 0.16
C CYS B 50 0.03 -13.57 0.02
N CYS B 51 0.60 -14.67 -0.48
CA CYS B 51 -0.17 -15.90 -0.66
C CYS B 51 0.20 -16.95 0.40
N ASN B 52 -0.41 -18.13 0.29
CA ASN B 52 -0.16 -19.21 1.24
C ASN B 52 1.13 -19.98 0.92
N ASP B 53 1.48 -20.04 -0.36
CA ASP B 53 2.68 -20.77 -0.78
C ASP B 53 3.61 -19.88 -1.61
N GLU B 54 4.84 -20.36 -1.80
CA GLU B 54 5.84 -19.62 -2.56
C GLU B 54 5.52 -19.62 -4.06
N GLY B 55 4.84 -20.68 -4.52
CA GLY B 55 4.50 -20.79 -5.92
C GLY B 55 3.20 -20.08 -6.31
N LEU B 56 2.67 -19.23 -5.43
CA LEU B 56 1.44 -18.49 -5.71
C LEU B 56 1.74 -17.00 -5.89
N GLU B 57 0.73 -16.24 -6.29
CA GLU B 57 0.90 -14.80 -6.49
C GLU B 57 -0.43 -14.07 -6.28
N CYS B 58 -0.40 -13.02 -5.46
CA CYS B 58 -1.59 -12.23 -5.18
C CYS B 58 -1.94 -11.34 -6.37
N VAL B 59 -3.01 -11.69 -7.08
CA VAL B 59 -3.46 -10.93 -8.25
C VAL B 59 -4.96 -10.66 -8.19
N PRO B 60 -5.47 -9.65 -8.94
CA PRO B 60 -6.91 -9.33 -8.92
C PRO B 60 -7.73 -10.20 -9.87
N THR B 61 -8.98 -10.45 -9.49
CA THR B 61 -9.88 -11.27 -10.31
C THR B 61 -10.93 -10.39 -11.00
N GLU B 62 -11.29 -9.26 -10.36
CA GLU B 62 -12.26 -8.34 -10.93
C GLU B 62 -11.72 -6.91 -10.83
N GLU B 63 -11.99 -6.10 -11.86
CA GLU B 63 -11.49 -4.72 -11.89
C GLU B 63 -12.61 -3.70 -12.17
N SER B 64 -12.22 -2.43 -12.26
CA SER B 64 -13.16 -1.35 -12.54
C SER B 64 -12.43 -0.01 -12.69
N ASN B 65 -13.12 0.97 -13.25
CA ASN B 65 -12.53 2.30 -13.46
C ASN B 65 -13.17 3.33 -12.53
N ILE B 66 -12.41 4.37 -12.19
CA ILE B 66 -12.89 5.42 -11.31
C ILE B 66 -12.39 6.79 -11.76
N THR B 67 -13.32 7.70 -12.06
CA THR B 67 -12.97 9.04 -12.52
C THR B 67 -12.60 9.94 -11.35
N MET B 68 -11.64 10.84 -11.57
CA MET B 68 -11.19 11.76 -10.53
C MET B 68 -10.79 13.10 -11.15
N GLN B 69 -10.81 14.15 -10.33
CA GLN B 69 -10.44 15.48 -10.79
C GLN B 69 -8.95 15.75 -10.57
N ILE B 70 -8.26 16.11 -11.65
CA ILE B 70 -6.82 16.39 -11.59
C ILE B 70 -6.52 17.75 -12.23
N MET B 71 -5.54 18.45 -11.68
CA MET B 71 -5.16 19.76 -12.20
C MET B 71 -3.96 19.64 -13.16
N ARG B 72 -4.22 19.88 -14.44
CA ARG B 72 -3.18 19.79 -15.46
C ARG B 72 -2.49 21.15 -15.62
N ILE B 73 -1.24 21.25 -15.15
CA ILE B 73 -0.48 22.50 -15.23
C ILE B 73 0.71 22.36 -16.19
N LYS B 74 0.88 23.37 -17.05
CA LYS B 74 1.98 23.38 -18.03
C LYS B 74 2.86 24.62 -17.85
N PRO B 75 4.22 24.47 -17.77
CA PRO B 75 5.12 25.61 -17.60
C PRO B 75 5.01 26.61 -18.75
N HIS B 76 4.99 27.90 -18.41
CA HIS B 76 4.88 29.00 -19.40
C HIS B 76 3.45 29.19 -19.94
N GLN B 77 2.50 28.31 -19.55
CA GLN B 77 1.12 28.41 -20.03
C GLN B 77 0.15 28.61 -18.82
N GLY B 78 -0.86 27.74 -18.61
CA GLY B 78 -1.77 27.92 -17.48
C GLY B 78 -2.22 26.59 -16.88
N GLN B 79 -3.21 26.65 -15.98
CA GLN B 79 -3.73 25.45 -15.34
C GLN B 79 -5.11 25.09 -15.90
N HIS B 80 -5.53 23.85 -15.69
CA HIS B 80 -6.83 23.38 -16.17
C HIS B 80 -7.20 22.04 -15.54
N ILE B 81 -8.44 21.95 -15.05
CA ILE B 81 -8.92 20.72 -14.43
C ILE B 81 -9.33 19.71 -15.51
N GLY B 82 -8.91 18.45 -15.32
CA GLY B 82 -9.24 17.41 -16.28
C GLY B 82 -9.74 16.14 -15.62
N GLU B 83 -10.51 15.35 -16.37
CA GLU B 83 -11.04 14.10 -15.86
C GLU B 83 -10.16 12.92 -16.25
N MET B 84 -9.59 12.25 -15.26
CA MET B 84 -8.73 11.09 -15.50
C MET B 84 -9.24 9.87 -14.76
N SER B 85 -9.58 8.83 -15.51
CA SER B 85 -10.09 7.60 -14.93
C SER B 85 -8.95 6.64 -14.62
N PHE B 86 -9.06 5.94 -13.50
CA PHE B 86 -8.02 4.99 -13.09
C PHE B 86 -8.64 3.63 -12.80
N LEU B 87 -7.85 2.57 -13.02
CA LEU B 87 -8.32 1.21 -12.79
C LEU B 87 -7.99 0.75 -11.37
N GLN B 88 -8.98 0.19 -10.68
CA GLN B 88 -8.79 -0.31 -9.31
C GLN B 88 -9.22 -1.78 -9.27
N HIS B 89 -8.70 -2.52 -8.28
CA HIS B 89 -9.04 -3.94 -8.15
C HIS B 89 -10.22 -4.14 -7.20
N ASN B 90 -11.25 -4.82 -7.69
CA ASN B 90 -12.45 -5.10 -6.89
C ASN B 90 -12.29 -6.38 -6.09
N LYS B 91 -11.91 -7.46 -6.77
CA LYS B 91 -11.73 -8.76 -6.12
C LYS B 91 -10.27 -9.22 -6.22
N CYS B 92 -9.83 -9.98 -5.23
CA CYS B 92 -8.45 -10.49 -5.20
C CYS B 92 -8.45 -12.00 -4.96
N GLU B 93 -7.40 -12.67 -5.43
CA GLU B 93 -7.28 -14.12 -5.26
C GLU B 93 -5.87 -14.58 -5.60
N CYS B 94 -5.43 -15.67 -4.97
CA CYS B 94 -4.09 -16.21 -5.21
C CYS B 94 -4.10 -17.24 -6.35
N ARG B 95 -3.14 -17.11 -7.26
CA ARG B 95 -3.03 -18.03 -8.40
C ARG B 95 -1.59 -18.52 -8.54
N PRO B 96 -1.35 -19.66 -9.24
CA PRO B 96 0.01 -20.21 -9.42
C PRO B 96 0.86 -19.33 -10.33
N LYS B 97 2.11 -19.09 -9.94
CA LYS B 97 3.02 -18.26 -10.71
C LYS B 97 3.24 -18.81 -12.12
N LYS B 98 3.57 -17.92 -13.06
CA LYS B 98 3.81 -18.31 -14.45
C LYS B 98 5.24 -17.96 -14.87
N ASP B 99 5.53 -16.67 -14.98
CA ASP B 99 6.85 -16.20 -15.38
C ASP B 99 7.51 -15.42 -14.25
N GLY C 1 -11.68 -29.98 -8.67
CA GLY C 1 -10.98 -29.04 -7.77
C GLY C 1 -11.66 -28.90 -6.41
N GLY C 2 -10.90 -29.13 -5.34
CA GLY C 2 -11.45 -29.03 -4.00
C GLY C 2 -10.74 -29.93 -3.00
N ASN C 3 -11.14 -31.20 -2.97
CA ASN C 3 -10.55 -32.18 -2.06
C ASN C 3 -10.85 -31.83 -0.60
N GLU C 4 -10.08 -30.90 -0.03
CA GLU C 4 -10.29 -30.49 1.37
C GLU C 4 -9.64 -29.14 1.66
N CYS C 5 -8.30 -29.10 1.61
CA CYS C 5 -7.56 -27.87 1.88
C CYS C 5 -7.05 -27.23 0.59
N ASP C 6 -7.70 -26.16 0.16
CA ASP C 6 -7.30 -25.46 -1.05
C ASP C 6 -6.09 -24.57 -0.77
N ILE C 7 -5.04 -24.72 -1.58
CA ILE C 7 -3.81 -23.96 -1.42
C ILE C 7 -4.06 -22.45 -1.53
N ALA C 8 -4.98 -22.05 -2.42
CA ALA C 8 -5.28 -20.64 -2.62
C ALA C 8 -6.54 -20.23 -1.85
N ARG C 9 -6.71 -20.79 -0.67
CA ARG C 9 -7.86 -20.47 0.18
C ARG C 9 -7.43 -20.40 1.65
N MET C 10 -8.27 -19.77 2.48
CA MET C 10 -7.98 -19.59 3.90
C MET C 10 -7.61 -20.92 4.60
N TRP C 11 -6.30 -21.17 4.71
CA TRP C 11 -5.80 -22.38 5.34
C TRP C 11 -6.05 -22.37 6.85
N GLU C 12 -7.21 -22.90 7.27
CA GLU C 12 -7.57 -22.94 8.69
C GLU C 12 -6.52 -23.67 9.52
N TRP C 13 -6.85 -23.99 10.78
CA TRP C 13 -5.93 -24.67 11.68
C TRP C 13 -5.48 -26.03 11.13
N GLU C 14 -6.44 -26.87 10.74
CA GLU C 14 -6.15 -28.22 10.22
C GLU C 14 -5.15 -28.16 9.04
N CYS C 15 -5.46 -27.35 8.03
CA CYS C 15 -4.58 -27.22 6.86
C CYS C 15 -3.20 -26.71 7.27
N PHE C 16 -3.17 -25.85 8.29
CA PHE C 16 -1.91 -25.31 8.80
C PHE C 16 -1.12 -26.42 9.48
N GLU C 17 -1.84 -27.30 10.18
CA GLU C 17 -1.21 -28.41 10.88
C GLU C 17 -0.54 -29.37 9.88
N ARG C 18 -1.04 -29.41 8.64
CA ARG C 18 -0.48 -30.29 7.63
C ARG C 18 0.58 -29.58 6.76
N LEU C 19 1.25 -28.57 7.34
CA LEU C 19 2.27 -27.82 6.62
C LEU C 19 3.59 -28.58 6.60
N GLY D 1 11.92 29.95 8.92
CA GLY D 1 10.98 29.05 8.22
C GLY D 1 9.55 29.57 8.27
N GLY D 2 8.86 29.49 7.13
CA GLY D 2 7.47 29.95 7.06
C GLY D 2 7.36 31.30 6.38
N ASN D 3 6.27 31.51 5.66
CA ASN D 3 6.04 32.76 4.96
C ASN D 3 4.54 32.95 4.68
N GLU D 4 3.93 31.95 4.05
CA GLU D 4 2.51 32.00 3.75
C GLU D 4 2.04 30.65 3.19
N CYS D 5 2.75 30.13 2.20
CA CYS D 5 2.40 28.85 1.58
C CYS D 5 3.58 27.89 1.64
N ASP D 6 3.54 26.98 2.61
CA ASP D 6 4.62 26.00 2.77
C ASP D 6 4.54 24.92 1.68
N ILE D 7 5.66 24.67 1.03
CA ILE D 7 5.71 23.68 -0.05
C ILE D 7 5.39 22.28 0.47
N ALA D 8 5.85 21.95 1.68
CA ALA D 8 5.61 20.64 2.28
C ALA D 8 4.43 20.68 3.24
N ARG D 9 3.43 21.50 2.93
CA ARG D 9 2.24 21.62 3.77
C ARG D 9 0.97 21.69 2.90
N MET D 10 -0.18 21.44 3.51
CA MET D 10 -1.47 21.46 2.80
C MET D 10 -1.69 22.74 2.00
N TRP D 11 -1.36 22.69 0.71
CA TRP D 11 -1.52 23.83 -0.19
C TRP D 11 -3.00 24.13 -0.46
N GLU D 12 -3.60 24.99 0.37
CA GLU D 12 -5.01 25.36 0.22
C GLU D 12 -5.30 25.94 -1.17
N TRP D 13 -6.48 26.53 -1.34
CA TRP D 13 -6.89 27.09 -2.62
C TRP D 13 -5.94 28.19 -3.10
N GLU D 14 -5.66 29.17 -2.22
CA GLU D 14 -4.77 30.29 -2.56
C GLU D 14 -3.40 29.81 -3.04
N CYS D 15 -2.79 28.89 -2.29
CA CYS D 15 -1.48 28.36 -2.67
C CYS D 15 -1.55 27.64 -4.01
N PHE D 16 -2.67 26.97 -4.26
CA PHE D 16 -2.88 26.27 -5.52
C PHE D 16 -3.03 27.29 -6.64
N GLU D 17 -3.69 28.39 -6.34
CA GLU D 17 -3.90 29.46 -7.32
C GLU D 17 -2.56 30.05 -7.79
N ARG D 18 -1.54 29.99 -6.93
CA ARG D 18 -0.22 30.52 -7.26
C ARG D 18 0.70 29.44 -7.83
N LEU D 19 0.13 28.41 -8.46
CA LEU D 19 0.91 27.33 -9.04
C LEU D 19 1.46 27.74 -10.40
N HIS A 1 -23.65 5.63 -7.98
CA HIS A 1 -22.49 5.34 -7.10
C HIS A 1 -21.19 5.28 -7.92
N HIS A 2 -20.07 5.52 -7.25
CA HIS A 2 -18.76 5.51 -7.91
C HIS A 2 -18.69 6.58 -9.01
N GLU A 3 -19.00 7.81 -8.63
CA GLU A 3 -18.96 8.93 -9.58
C GLU A 3 -17.62 9.65 -9.52
N VAL A 4 -17.52 10.80 -10.19
CA VAL A 4 -16.28 11.56 -10.20
C VAL A 4 -15.94 12.07 -8.80
N VAL A 5 -14.75 11.72 -8.31
CA VAL A 5 -14.30 12.12 -6.99
C VAL A 5 -14.03 13.63 -6.95
N LYS A 6 -14.31 14.25 -5.80
CA LYS A 6 -14.09 15.68 -5.63
C LYS A 6 -12.60 16.00 -5.55
N PHE A 7 -12.21 17.12 -6.18
CA PHE A 7 -10.80 17.55 -6.21
C PHE A 7 -10.17 17.61 -4.82
N MET A 8 -10.79 18.37 -3.93
CA MET A 8 -10.28 18.53 -2.56
C MET A 8 -10.12 17.20 -1.83
N ASP A 9 -10.88 16.20 -2.22
CA ASP A 9 -10.81 14.87 -1.58
C ASP A 9 -9.63 14.06 -2.10
N VAL A 10 -9.30 14.23 -3.37
CA VAL A 10 -8.20 13.51 -3.99
C VAL A 10 -6.85 13.96 -3.41
N TYR A 11 -6.76 15.25 -3.09
CA TYR A 11 -5.53 15.83 -2.53
C TYR A 11 -5.38 15.49 -1.05
N GLN A 12 -6.49 15.56 -0.31
CA GLN A 12 -6.47 15.29 1.12
C GLN A 12 -6.14 13.82 1.42
N ARG A 13 -6.64 12.92 0.58
CA ARG A 13 -6.42 11.49 0.78
C ARG A 13 -5.15 10.97 0.07
N SER A 14 -4.61 11.75 -0.87
CA SER A 14 -3.41 11.33 -1.61
C SER A 14 -2.12 11.92 -1.01
N TYR A 15 -2.24 13.06 -0.35
CA TYR A 15 -1.07 13.72 0.25
C TYR A 15 -0.36 12.81 1.26
N CYS A 16 0.98 12.85 1.25
CA CYS A 16 1.83 12.04 2.16
C CYS A 16 1.27 11.92 3.59
N HIS A 17 0.75 10.73 3.90
CA HIS A 17 0.20 10.45 5.23
C HIS A 17 0.30 8.95 5.56
N PRO A 18 0.06 8.54 6.82
CA PRO A 18 0.15 7.13 7.21
C PRO A 18 -1.03 6.31 6.68
N ILE A 19 -0.72 5.23 5.96
CA ILE A 19 -1.74 4.36 5.39
C ILE A 19 -1.38 2.88 5.59
N GLU A 20 -2.40 2.05 5.80
CA GLU A 20 -2.20 0.63 6.03
C GLU A 20 -1.58 -0.04 4.80
N THR A 21 -0.43 -0.68 5.00
CA THR A 21 0.26 -1.35 3.91
C THR A 21 0.88 -2.67 4.36
N LEU A 22 0.80 -3.69 3.50
CA LEU A 22 1.36 -5.01 3.81
C LEU A 22 2.84 -5.07 3.39
N VAL A 23 3.67 -5.61 4.27
CA VAL A 23 5.11 -5.74 4.01
C VAL A 23 5.54 -7.19 4.01
N ASP A 24 6.45 -7.54 3.09
CA ASP A 24 6.97 -8.90 2.98
C ASP A 24 8.01 -9.15 4.08
N ILE A 25 7.92 -10.31 4.74
CA ILE A 25 8.86 -10.65 5.80
C ILE A 25 10.25 -10.87 5.23
N PHE A 26 10.32 -11.49 4.05
CA PHE A 26 11.61 -11.76 3.40
C PHE A 26 12.36 -10.46 3.10
N GLN A 27 11.62 -9.35 2.94
CA GLN A 27 12.24 -8.06 2.65
C GLN A 27 12.87 -7.44 3.89
N GLU A 28 12.33 -7.77 5.06
CA GLU A 28 12.86 -7.25 6.32
C GLU A 28 13.91 -8.19 6.90
N TYR A 29 13.65 -9.49 6.81
CA TYR A 29 14.57 -10.51 7.30
C TYR A 29 15.20 -11.26 6.12
N PRO A 30 16.27 -10.72 5.48
CA PRO A 30 16.91 -11.36 4.33
C PRO A 30 17.93 -12.45 4.71
N ASP A 31 18.33 -12.48 5.98
CA ASP A 31 19.31 -13.47 6.45
C ASP A 31 18.68 -14.82 6.84
N GLU A 32 17.33 -14.88 6.91
CA GLU A 32 16.64 -16.12 7.28
C GLU A 32 15.69 -16.55 6.17
N ILE A 33 16.13 -17.51 5.35
CA ILE A 33 15.32 -18.02 4.24
C ILE A 33 14.94 -19.48 4.45
N GLU A 34 15.82 -20.25 5.09
CA GLU A 34 15.57 -21.66 5.34
C GLU A 34 14.33 -21.92 6.21
N TYR A 35 13.83 -20.88 6.89
CA TYR A 35 12.66 -21.03 7.77
C TYR A 35 11.44 -20.35 7.16
N ILE A 36 10.58 -21.13 6.50
CA ILE A 36 9.35 -20.60 5.89
C ILE A 36 8.45 -19.97 6.94
N PHE A 37 7.97 -18.76 6.65
CA PHE A 37 7.10 -18.02 7.57
C PHE A 37 5.64 -18.05 7.13
N LYS A 38 4.73 -18.25 8.09
CA LYS A 38 3.30 -18.28 7.82
C LYS A 38 2.55 -17.39 8.82
N PRO A 39 1.94 -16.25 8.39
CA PRO A 39 1.95 -15.75 6.99
C PRO A 39 3.29 -15.18 6.57
N SER A 40 3.56 -15.22 5.27
CA SER A 40 4.81 -14.70 4.73
C SER A 40 4.86 -13.16 4.73
N CYS A 41 3.75 -12.50 5.03
CA CYS A 41 3.71 -11.04 5.06
C CYS A 41 2.96 -10.56 6.30
N VAL A 42 3.14 -9.28 6.66
CA VAL A 42 2.48 -8.71 7.83
C VAL A 42 1.94 -7.30 7.56
N PRO A 43 0.79 -6.92 8.17
CA PRO A 43 0.22 -5.58 7.98
C PRO A 43 0.89 -4.53 8.86
N LEU A 44 1.37 -3.46 8.22
CA LEU A 44 2.04 -2.39 8.95
C LEU A 44 1.64 -1.02 8.42
N MET A 45 1.51 -0.05 9.32
CA MET A 45 1.13 1.30 8.94
C MET A 45 2.34 2.05 8.40
N ARG A 46 2.40 2.20 7.07
CA ARG A 46 3.51 2.89 6.42
C ARG A 46 3.02 4.13 5.68
N CYS A 47 3.95 5.02 5.37
CA CYS A 47 3.63 6.25 4.66
C CYS A 47 3.59 6.00 3.15
N GLY A 48 2.56 6.51 2.49
CA GLY A 48 2.42 6.33 1.06
C GLY A 48 1.75 7.51 0.38
N GLY A 49 2.00 7.68 -0.92
CA GLY A 49 1.40 8.77 -1.67
C GLY A 49 2.41 9.58 -2.46
N CYS A 50 2.28 10.91 -2.41
CA CYS A 50 3.18 11.80 -3.12
C CYS A 50 3.26 13.17 -2.45
N CYS A 51 4.18 14.01 -2.91
CA CYS A 51 4.37 15.35 -2.35
C CYS A 51 3.78 16.43 -3.25
N ASN A 52 3.93 17.69 -2.83
CA ASN A 52 3.40 18.82 -3.58
C ASN A 52 4.28 19.18 -4.78
N ASP A 53 5.58 18.93 -4.65
CA ASP A 53 6.52 19.25 -5.72
C ASP A 53 7.37 18.04 -6.10
N GLU A 54 7.99 18.11 -7.28
CA GLU A 54 8.83 17.02 -7.77
C GLU A 54 10.11 16.90 -6.94
N GLY A 55 10.55 18.02 -6.38
CA GLY A 55 11.77 18.01 -5.57
C GLY A 55 11.56 17.61 -4.12
N LEU A 56 10.37 17.09 -3.80
CA LEU A 56 10.07 16.66 -2.42
C LEU A 56 9.90 15.15 -2.38
N GLU A 57 9.97 14.57 -1.19
CA GLU A 57 9.83 13.13 -1.04
C GLU A 57 9.02 12.77 0.21
N CYS A 58 8.10 11.82 0.05
CA CYS A 58 7.26 11.37 1.16
C CYS A 58 8.03 10.37 2.03
N VAL A 59 8.48 10.83 3.19
CA VAL A 59 9.24 9.99 4.11
C VAL A 59 8.70 10.11 5.53
N PRO A 60 8.97 9.11 6.43
CA PRO A 60 8.48 9.16 7.81
C PRO A 60 9.35 10.01 8.72
N THR A 61 8.73 10.59 9.74
CA THR A 61 9.46 11.42 10.70
C THR A 61 9.62 10.70 12.04
N GLU A 62 8.69 9.80 12.36
CA GLU A 62 8.75 9.03 13.60
C GLU A 62 8.45 7.56 13.32
N GLU A 63 9.23 6.66 13.91
CA GLU A 63 9.05 5.23 13.69
C GLU A 63 8.65 4.50 14.98
N SER A 64 8.48 3.18 14.87
CA SER A 64 8.10 2.35 16.02
C SER A 64 8.18 0.87 15.67
N ASN A 65 8.16 0.03 16.71
CA ASN A 65 8.23 -1.43 16.51
C ASN A 65 6.92 -2.10 16.90
N ILE A 66 6.62 -3.24 16.27
CA ILE A 66 5.40 -3.98 16.55
C ILE A 66 5.65 -5.49 16.53
N THR A 67 5.36 -6.16 17.65
CA THR A 67 5.56 -7.60 17.76
C THR A 67 4.38 -8.36 17.17
N MET A 68 4.68 -9.49 16.55
CA MET A 68 3.64 -10.32 15.93
C MET A 68 3.96 -11.81 16.06
N GLN A 69 2.95 -12.65 15.93
CA GLN A 69 3.12 -14.09 16.02
C GLN A 69 3.20 -14.72 14.63
N ILE A 70 4.35 -15.32 14.32
CA ILE A 70 4.56 -15.96 13.02
C ILE A 70 4.89 -17.44 13.19
N MET A 71 4.38 -18.27 12.28
CA MET A 71 4.62 -19.71 12.34
C MET A 71 5.84 -20.08 11.50
N ARG A 72 6.93 -20.43 12.16
CA ARG A 72 8.16 -20.82 11.48
C ARG A 72 8.17 -22.31 11.17
N ILE A 73 8.26 -22.65 9.88
CA ILE A 73 8.27 -24.04 9.44
C ILE A 73 9.61 -24.39 8.80
N LYS A 74 10.13 -25.57 9.10
CA LYS A 74 11.41 -26.02 8.55
C LYS A 74 11.31 -27.47 8.04
N PRO A 75 11.71 -27.77 6.78
CA PRO A 75 11.62 -29.13 6.23
C PRO A 75 12.39 -30.16 7.06
N HIS A 76 11.74 -31.32 7.27
CA HIS A 76 12.32 -32.45 8.04
C HIS A 76 12.31 -32.25 9.56
N GLN A 77 11.92 -31.07 10.05
CA GLN A 77 11.92 -30.80 11.49
C GLN A 77 10.51 -30.59 12.04
N GLY A 78 9.70 -29.80 11.34
CA GLY A 78 8.34 -29.53 11.79
C GLY A 78 7.96 -28.07 11.69
N GLN A 79 7.15 -27.60 12.64
CA GLN A 79 6.71 -26.20 12.65
C GLN A 79 6.52 -25.71 14.09
N HIS A 80 6.58 -24.39 14.27
CA HIS A 80 6.42 -23.80 15.61
C HIS A 80 6.07 -22.31 15.49
N ILE A 81 5.64 -21.72 16.60
CA ILE A 81 5.28 -20.30 16.64
C ILE A 81 6.43 -19.46 17.16
N GLY A 82 6.62 -18.27 16.58
CA GLY A 82 7.69 -17.39 17.00
C GLY A 82 7.28 -15.92 16.98
N GLU A 83 8.00 -15.09 17.72
CA GLU A 83 7.71 -13.67 17.79
C GLU A 83 8.72 -12.86 16.98
N MET A 84 8.21 -12.00 16.10
CA MET A 84 9.07 -11.15 15.27
C MET A 84 8.54 -9.72 15.26
N SER A 85 9.41 -8.77 15.59
CA SER A 85 9.04 -7.37 15.64
C SER A 85 9.31 -6.68 14.30
N PHE A 86 8.38 -5.83 13.87
CA PHE A 86 8.51 -5.11 12.61
C PHE A 86 8.48 -3.61 12.87
N LEU A 87 9.10 -2.85 11.97
CA LEU A 87 9.15 -1.40 12.10
C LEU A 87 8.03 -0.74 11.29
N GLN A 88 7.32 0.21 11.91
CA GLN A 88 6.23 0.91 11.24
C GLN A 88 6.46 2.42 11.26
N HIS A 89 5.68 3.15 10.48
CA HIS A 89 5.79 4.61 10.42
C HIS A 89 4.65 5.27 11.19
N ASN A 90 5.02 6.09 12.16
CA ASN A 90 4.02 6.79 12.99
C ASN A 90 3.60 8.11 12.36
N LYS A 91 4.59 8.92 11.98
CA LYS A 91 4.33 10.22 11.36
C LYS A 91 4.94 10.30 9.97
N CYS A 92 4.31 11.09 9.09
CA CYS A 92 4.80 11.25 7.71
C CYS A 92 4.91 12.73 7.36
N GLU A 93 5.83 13.07 6.44
CA GLU A 93 6.02 14.44 6.02
C GLU A 93 6.85 14.52 4.74
N CYS A 94 6.74 15.64 4.02
CA CYS A 94 7.48 15.84 2.78
C CYS A 94 8.68 16.76 2.98
N ARG A 95 9.81 16.41 2.37
CA ARG A 95 11.03 17.22 2.49
C ARG A 95 11.87 17.14 1.21
N PRO A 96 12.76 18.14 0.95
CA PRO A 96 13.60 18.14 -0.27
C PRO A 96 14.49 16.90 -0.40
N LYS A 97 14.56 16.35 -1.60
CA LYS A 97 15.36 15.16 -1.87
C LYS A 97 16.85 15.45 -1.70
N LYS A 98 17.58 14.51 -1.11
CA LYS A 98 19.03 14.65 -0.90
C LYS A 98 19.75 13.36 -1.30
N ASP A 99 19.29 12.74 -2.39
CA ASP A 99 19.90 11.50 -2.89
C ASP A 99 21.37 11.70 -3.24
N HIS B 1 -0.44 0.12 24.79
CA HIS B 1 -1.47 -0.84 24.30
C HIS B 1 -0.92 -1.70 23.16
N HIS B 2 0.03 -1.16 22.40
CA HIS B 2 0.63 -1.89 21.29
C HIS B 2 1.35 -3.14 21.78
N GLU B 3 0.60 -4.23 21.93
CA GLU B 3 1.17 -5.49 22.39
C GLU B 3 1.31 -6.50 21.25
N VAL B 4 1.68 -7.73 21.58
CA VAL B 4 1.86 -8.77 20.57
C VAL B 4 0.53 -9.09 19.90
N VAL B 5 0.49 -8.96 18.56
CA VAL B 5 -0.71 -9.24 17.80
C VAL B 5 -1.04 -10.73 17.82
N LYS B 6 -2.32 -11.06 17.70
CA LYS B 6 -2.76 -12.45 17.69
C LYS B 6 -2.46 -13.11 16.34
N PHE B 7 -2.06 -14.38 16.37
CA PHE B 7 -1.72 -15.12 15.16
C PHE B 7 -2.85 -15.09 14.12
N MET B 8 -4.04 -15.53 14.53
CA MET B 8 -5.20 -15.57 13.65
C MET B 8 -5.51 -14.21 13.00
N ASP B 9 -5.11 -13.12 13.66
CA ASP B 9 -5.36 -11.77 13.15
C ASP B 9 -4.34 -11.37 12.10
N VAL B 10 -3.10 -11.83 12.26
CA VAL B 10 -2.03 -11.51 11.32
C VAL B 10 -2.28 -12.17 9.97
N TYR B 11 -2.85 -13.37 9.99
CA TYR B 11 -3.15 -14.11 8.77
C TYR B 11 -4.40 -13.56 8.07
N GLN B 12 -5.43 -13.28 8.85
CA GLN B 12 -6.69 -12.77 8.30
C GLN B 12 -6.51 -11.39 7.65
N ARG B 13 -5.65 -10.57 8.23
CA ARG B 13 -5.42 -9.22 7.72
C ARG B 13 -4.27 -9.17 6.70
N SER B 14 -3.44 -10.21 6.64
CA SER B 14 -2.31 -10.23 5.70
C SER B 14 -2.64 -10.99 4.42
N TYR B 15 -3.55 -11.96 4.50
CA TYR B 15 -3.94 -12.76 3.34
C TYR B 15 -4.45 -11.89 2.19
N CYS B 16 -4.05 -12.25 0.95
CA CYS B 16 -4.44 -11.52 -0.28
C CYS B 16 -5.89 -11.02 -0.27
N HIS B 17 -6.05 -9.71 -0.09
CA HIS B 17 -7.37 -9.08 -0.08
C HIS B 17 -7.28 -7.62 -0.55
N PRO B 18 -8.42 -6.95 -0.84
CA PRO B 18 -8.41 -5.56 -1.30
C PRO B 18 -8.05 -4.58 -0.18
N ILE B 19 -7.02 -3.76 -0.43
CA ILE B 19 -6.57 -2.78 0.56
C ILE B 19 -6.31 -1.43 -0.11
N GLU B 20 -6.59 -0.34 0.61
CA GLU B 20 -6.39 1.01 0.09
C GLU B 20 -4.92 1.29 -0.17
N THR B 21 -4.60 1.64 -1.41
CA THR B 21 -3.21 1.92 -1.79
C THR B 21 -3.13 3.12 -2.75
N LEU B 22 -2.11 3.93 -2.57
CA LEU B 22 -1.91 5.11 -3.42
C LEU B 22 -1.07 4.74 -4.66
N VAL B 23 -1.50 5.21 -5.82
CA VAL B 23 -0.79 4.92 -7.08
C VAL B 23 -0.32 6.20 -7.75
N ASP B 24 0.88 6.16 -8.33
CA ASP B 24 1.46 7.31 -9.02
C ASP B 24 0.82 7.48 -10.39
N ILE B 25 0.45 8.71 -10.72
CA ILE B 25 -0.18 9.01 -12.02
C ILE B 25 0.81 8.77 -13.16
N PHE B 26 2.08 9.14 -12.94
CA PHE B 26 3.12 8.96 -13.94
C PHE B 26 3.31 7.48 -14.32
N GLN B 27 2.95 6.58 -13.40
CA GLN B 27 3.09 5.15 -13.64
C GLN B 27 1.96 4.62 -14.53
N GLU B 28 0.80 5.28 -14.47
CA GLU B 28 -0.35 4.87 -15.28
C GLU B 28 -0.34 5.60 -16.62
N TYR B 29 -0.02 6.88 -16.57
CA TYR B 29 0.05 7.71 -17.78
C TYR B 29 1.50 8.07 -18.09
N PRO B 30 2.27 7.19 -18.76
CA PRO B 30 3.68 7.44 -19.07
C PRO B 30 3.90 8.31 -20.33
N ASP B 31 2.87 8.44 -21.16
CA ASP B 31 2.98 9.23 -22.40
C ASP B 31 2.74 10.73 -22.17
N GLU B 32 2.35 11.14 -20.96
CA GLU B 32 2.11 12.56 -20.66
C GLU B 32 2.97 13.01 -19.49
N ILE B 33 4.07 13.70 -19.79
CA ILE B 33 4.98 14.19 -18.76
C ILE B 33 5.03 15.72 -18.73
N GLU B 34 4.89 16.34 -19.90
CA GLU B 34 4.94 17.79 -20.01
C GLU B 34 3.82 18.48 -19.21
N TYR B 35 2.79 17.74 -18.80
CA TYR B 35 1.68 18.31 -18.03
C TYR B 35 1.71 17.86 -16.58
N ILE B 36 2.24 18.71 -15.70
CA ILE B 36 2.33 18.40 -14.28
C ILE B 36 0.93 18.19 -13.68
N PHE B 37 0.77 17.10 -12.93
CA PHE B 37 -0.52 16.77 -12.32
C PHE B 37 -0.52 17.10 -10.83
N LYS B 38 -1.63 17.66 -10.35
CA LYS B 38 -1.78 18.02 -8.94
C LYS B 38 -3.14 17.53 -8.40
N PRO B 39 -3.19 16.51 -7.49
CA PRO B 39 -2.01 15.80 -6.94
C PRO B 39 -1.38 14.84 -7.95
N SER B 40 -0.09 14.56 -7.74
CA SER B 40 0.64 13.66 -8.62
C SER B 40 0.27 12.18 -8.41
N CYS B 41 -0.50 11.88 -7.35
CA CYS B 41 -0.91 10.51 -7.08
C CYS B 41 -2.39 10.45 -6.72
N VAL B 42 -2.98 9.25 -6.79
CA VAL B 42 -4.41 9.08 -6.48
C VAL B 42 -4.66 7.82 -5.65
N PRO B 43 -5.65 7.85 -4.71
CA PRO B 43 -5.95 6.68 -3.88
C PRO B 43 -6.83 5.67 -4.61
N LEU B 44 -6.36 4.42 -4.66
CA LEU B 44 -7.10 3.36 -5.34
C LEU B 44 -7.06 2.07 -4.53
N MET B 45 -8.17 1.32 -4.57
CA MET B 45 -8.26 0.06 -3.86
C MET B 45 -7.58 -1.05 -4.64
N ARG B 46 -6.38 -1.43 -4.21
CA ARG B 46 -5.61 -2.47 -4.88
C ARG B 46 -5.36 -3.65 -3.95
N CYS B 47 -5.11 -4.82 -4.54
CA CYS B 47 -4.84 -6.03 -3.77
C CYS B 47 -3.38 -6.04 -3.30
N GLY B 48 -3.18 -6.38 -2.02
CA GLY B 48 -1.85 -6.44 -1.47
C GLY B 48 -1.70 -7.52 -0.42
N GLY B 49 -0.46 -7.97 -0.19
CA GLY B 49 -0.20 -8.99 0.80
C GLY B 49 0.63 -10.15 0.26
N CYS B 50 0.23 -11.38 0.63
CA CYS B 50 0.94 -12.57 0.18
C CYS B 50 -0.02 -13.77 0.11
N CYS B 51 0.49 -14.90 -0.41
CA CYS B 51 -0.32 -16.11 -0.55
C CYS B 51 0.07 -17.16 0.50
N ASN B 52 -0.58 -18.31 0.43
CA ASN B 52 -0.32 -19.40 1.38
C ASN B 52 0.97 -20.16 1.03
N ASP B 53 1.29 -20.23 -0.27
CA ASP B 53 2.48 -20.95 -0.71
C ASP B 53 3.37 -20.07 -1.57
N GLU B 54 4.63 -20.49 -1.73
CA GLU B 54 5.59 -19.73 -2.53
C GLU B 54 5.23 -19.78 -4.01
N GLY B 55 4.57 -20.87 -4.43
CA GLY B 55 4.18 -21.00 -5.82
C GLY B 55 2.86 -20.31 -6.18
N LEU B 56 2.34 -19.48 -5.29
CA LEU B 56 1.10 -18.75 -5.54
C LEU B 56 1.38 -17.26 -5.67
N GLU B 57 0.43 -16.51 -6.23
CA GLU B 57 0.61 -15.07 -6.40
C GLU B 57 -0.70 -14.32 -6.14
N CYS B 58 -0.59 -13.22 -5.39
CA CYS B 58 -1.74 -12.40 -5.06
C CYS B 58 -2.08 -11.47 -6.23
N VAL B 59 -3.11 -11.83 -6.99
CA VAL B 59 -3.54 -11.05 -8.16
C VAL B 59 -5.05 -10.77 -8.11
N PRO B 60 -5.54 -9.73 -8.84
CA PRO B 60 -6.97 -9.41 -8.84
C PRO B 60 -7.77 -10.27 -9.81
N THR B 61 -9.03 -10.52 -9.46
CA THR B 61 -9.92 -11.33 -10.30
C THR B 61 -10.92 -10.46 -11.04
N GLU B 62 -11.27 -9.31 -10.45
CA GLU B 62 -12.22 -8.38 -11.07
C GLU B 62 -11.68 -6.95 -10.96
N GLU B 63 -11.80 -6.18 -12.04
CA GLU B 63 -11.29 -4.81 -12.06
C GLU B 63 -12.43 -3.79 -12.27
N SER B 64 -12.05 -2.52 -12.32
CA SER B 64 -13.01 -1.43 -12.51
C SER B 64 -12.30 -0.09 -12.72
N ASN B 65 -13.04 0.89 -13.23
CA ASN B 65 -12.49 2.23 -13.47
C ASN B 65 -13.07 3.25 -12.51
N ILE B 66 -12.30 4.29 -12.22
CA ILE B 66 -12.74 5.35 -11.31
C ILE B 66 -12.27 6.72 -11.81
N THR B 67 -13.22 7.63 -11.99
CA THR B 67 -12.92 8.97 -12.47
C THR B 67 -12.53 9.89 -11.32
N MET B 68 -11.58 10.80 -11.58
CA MET B 68 -11.12 11.74 -10.55
C MET B 68 -10.77 13.08 -11.17
N GLN B 69 -10.77 14.12 -10.35
CA GLN B 69 -10.45 15.47 -10.81
C GLN B 69 -8.98 15.81 -10.51
N ILE B 70 -8.21 16.07 -11.56
CA ILE B 70 -6.79 16.41 -11.42
C ILE B 70 -6.50 17.78 -12.04
N MET B 71 -5.56 18.51 -11.44
CA MET B 71 -5.19 19.83 -11.96
C MET B 71 -3.97 19.74 -12.86
N ARG B 72 -4.18 19.95 -14.16
CA ARG B 72 -3.10 19.90 -15.14
C ARG B 72 -2.45 21.27 -15.31
N ILE B 73 -1.16 21.36 -15.02
CA ILE B 73 -0.43 22.62 -15.15
C ILE B 73 0.69 22.49 -16.20
N LYS B 74 0.84 23.52 -17.02
CA LYS B 74 1.87 23.51 -18.07
C LYS B 74 2.70 24.81 -18.04
N PRO B 75 4.05 24.73 -18.07
CA PRO B 75 4.90 25.94 -18.04
C PRO B 75 4.64 26.89 -19.20
N HIS B 76 4.62 28.19 -18.89
CA HIS B 76 4.37 29.27 -19.87
C HIS B 76 2.89 29.43 -20.27
N GLN B 77 2.02 28.53 -19.79
CA GLN B 77 0.60 28.59 -20.11
C GLN B 77 -0.20 28.82 -18.80
N GLY B 78 -1.15 27.92 -18.43
CA GLY B 78 -1.89 28.12 -17.18
C GLY B 78 -2.27 26.81 -16.51
N GLN B 79 -3.25 26.85 -15.63
CA GLN B 79 -3.72 25.65 -14.93
C GLN B 79 -5.16 25.35 -15.34
N HIS B 80 -5.58 24.10 -15.16
CA HIS B 80 -6.95 23.71 -15.51
C HIS B 80 -7.26 22.32 -14.93
N ILE B 81 -8.54 22.10 -14.63
CA ILE B 81 -8.98 20.83 -14.08
C ILE B 81 -9.34 19.84 -15.18
N GLY B 82 -8.96 18.59 -15.00
CA GLY B 82 -9.23 17.56 -15.99
C GLY B 82 -9.70 16.25 -15.34
N GLU B 83 -10.38 15.42 -16.12
CA GLU B 83 -10.88 14.14 -15.61
C GLU B 83 -10.03 12.99 -16.12
N MET B 84 -9.50 12.20 -15.18
CA MET B 84 -8.68 11.04 -15.52
C MET B 84 -9.18 9.80 -14.80
N SER B 85 -9.47 8.76 -15.56
CA SER B 85 -9.97 7.51 -14.97
C SER B 85 -8.82 6.57 -14.65
N PHE B 86 -8.92 5.89 -13.51
CA PHE B 86 -7.90 4.94 -13.07
C PHE B 86 -8.51 3.56 -12.85
N LEU B 87 -7.69 2.52 -13.00
CA LEU B 87 -8.15 1.16 -12.82
C LEU B 87 -7.89 0.68 -11.39
N GLN B 88 -8.90 0.06 -10.78
CA GLN B 88 -8.77 -0.44 -9.40
C GLN B 88 -9.12 -1.93 -9.35
N HIS B 89 -8.78 -2.57 -8.23
CA HIS B 89 -9.05 -4.00 -8.05
C HIS B 89 -10.26 -4.20 -7.12
N ASN B 90 -11.27 -4.88 -7.64
CA ASN B 90 -12.49 -5.14 -6.87
C ASN B 90 -12.36 -6.41 -6.04
N LYS B 91 -11.97 -7.51 -6.68
CA LYS B 91 -11.81 -8.79 -5.99
C LYS B 91 -10.37 -9.27 -6.08
N CYS B 92 -9.93 -10.04 -5.07
CA CYS B 92 -8.57 -10.56 -5.04
C CYS B 92 -8.56 -12.07 -4.77
N GLU B 93 -7.51 -12.75 -5.22
CA GLU B 93 -7.39 -14.19 -5.03
C GLU B 93 -5.98 -14.67 -5.34
N CYS B 94 -5.63 -15.84 -4.82
CA CYS B 94 -4.31 -16.42 -5.03
C CYS B 94 -4.36 -17.56 -6.05
N ARG B 95 -3.38 -17.60 -6.95
CA ARG B 95 -3.32 -18.65 -7.97
C ARG B 95 -1.88 -19.00 -8.33
N PRO B 96 -1.62 -20.21 -8.88
CA PRO B 96 -0.24 -20.63 -9.24
C PRO B 96 0.45 -19.67 -10.21
N LYS B 97 1.70 -19.35 -9.92
CA LYS B 97 2.48 -18.45 -10.76
C LYS B 97 2.72 -19.05 -12.14
N LYS B 98 2.64 -18.20 -13.17
CA LYS B 98 2.87 -18.64 -14.54
C LYS B 98 4.27 -18.22 -15.01
N ASP B 99 4.47 -16.91 -15.20
CA ASP B 99 5.76 -16.37 -15.62
C ASP B 99 6.28 -17.05 -16.89
N GLY C 1 -15.86 -34.88 2.83
CA GLY C 1 -15.30 -36.00 3.65
C GLY C 1 -15.00 -35.59 5.08
N GLY C 2 -14.30 -34.48 5.24
CA GLY C 2 -13.94 -34.00 6.56
C GLY C 2 -13.73 -32.50 6.59
N ASN C 3 -12.64 -32.05 5.97
CA ASN C 3 -12.31 -30.64 5.91
C ASN C 3 -11.48 -30.34 4.67
N GLU C 4 -12.07 -29.60 3.73
CA GLU C 4 -11.37 -29.25 2.50
C GLU C 4 -10.41 -28.09 2.72
N CYS C 5 -9.12 -28.40 2.78
CA CYS C 5 -8.10 -27.37 2.98
C CYS C 5 -7.53 -26.92 1.64
N ASP C 6 -8.14 -25.89 1.05
CA ASP C 6 -7.70 -25.36 -0.22
C ASP C 6 -6.43 -24.52 -0.05
N ILE C 7 -5.49 -24.68 -0.97
CA ILE C 7 -4.23 -23.94 -0.92
C ILE C 7 -4.47 -22.43 -1.03
N ALA C 8 -5.41 -22.04 -1.89
CA ALA C 8 -5.73 -20.63 -2.08
C ALA C 8 -6.98 -20.23 -1.29
N ARG C 9 -7.15 -20.85 -0.11
CA ARG C 9 -8.30 -20.56 0.74
C ARG C 9 -7.86 -20.42 2.21
N MET C 10 -8.70 -19.76 3.00
CA MET C 10 -8.41 -19.53 4.43
C MET C 10 -8.09 -20.82 5.17
N TRP C 11 -6.80 -21.12 5.30
CA TRP C 11 -6.35 -22.32 6.02
C TRP C 11 -6.59 -22.19 7.52
N GLU C 12 -7.77 -22.62 7.97
CA GLU C 12 -8.12 -22.56 9.40
C GLU C 12 -7.10 -23.30 10.27
N TRP C 13 -7.41 -23.44 11.56
CA TRP C 13 -6.51 -24.11 12.51
C TRP C 13 -6.12 -25.52 12.04
N GLU C 14 -7.11 -26.37 11.78
CA GLU C 14 -6.86 -27.75 11.35
C GLU C 14 -5.94 -27.82 10.12
N CYS C 15 -6.18 -26.94 9.15
CA CYS C 15 -5.36 -26.91 7.93
C CYS C 15 -3.92 -26.52 8.26
N PHE C 16 -3.76 -25.65 9.27
CA PHE C 16 -2.44 -25.20 9.69
C PHE C 16 -1.63 -26.37 10.24
N GLU C 17 -2.32 -27.28 10.92
CA GLU C 17 -1.67 -28.45 11.51
C GLU C 17 -1.27 -29.45 10.42
N ARG C 18 -2.00 -29.46 9.31
CA ARG C 18 -1.71 -30.39 8.22
C ARG C 18 -0.54 -29.93 7.33
N LEU C 19 0.12 -28.82 7.69
CA LEU C 19 1.25 -28.33 6.89
C LEU C 19 2.40 -29.33 6.90
N GLY D 1 0.98 37.17 7.30
CA GLY D 1 0.34 38.44 6.86
C GLY D 1 -0.52 38.28 5.61
N GLY D 2 -1.00 37.05 5.37
CA GLY D 2 -1.82 36.79 4.20
C GLY D 2 -1.76 35.35 3.73
N ASN D 3 -2.12 34.43 4.61
CA ASN D 3 -2.11 33.01 4.30
C ASN D 3 -0.71 32.52 3.92
N GLU D 4 -0.17 31.63 4.74
CA GLU D 4 1.16 31.07 4.49
C GLU D 4 1.07 29.76 3.72
N CYS D 5 1.41 29.80 2.44
CA CYS D 5 1.36 28.61 1.60
C CYS D 5 2.69 27.85 1.65
N ASP D 6 2.75 26.85 2.52
CA ASP D 6 3.96 26.03 2.66
C ASP D 6 3.99 24.94 1.59
N ILE D 7 5.18 24.71 1.02
CA ILE D 7 5.35 23.70 -0.03
C ILE D 7 5.02 22.30 0.50
N ALA D 8 5.46 21.99 1.72
CA ALA D 8 5.20 20.69 2.33
C ALA D 8 3.99 20.76 3.28
N ARG D 9 3.00 21.56 2.93
CA ARG D 9 1.79 21.72 3.75
C ARG D 9 0.54 21.71 2.88
N MET D 10 -0.60 21.38 3.49
CA MET D 10 -1.88 21.32 2.79
C MET D 10 -2.19 22.61 2.01
N TRP D 11 -1.85 22.61 0.73
CA TRP D 11 -2.10 23.77 -0.15
C TRP D 11 -3.61 23.94 -0.41
N GLU D 12 -4.29 24.67 0.46
CA GLU D 12 -5.73 24.93 0.32
C GLU D 12 -6.06 25.54 -1.05
N TRP D 13 -7.33 25.95 -1.23
CA TRP D 13 -7.78 26.54 -2.50
C TRP D 13 -6.92 27.73 -2.93
N GLU D 14 -6.78 28.74 -2.08
CA GLU D 14 -6.00 29.93 -2.40
C GLU D 14 -4.57 29.59 -2.85
N CYS D 15 -3.93 28.66 -2.16
CA CYS D 15 -2.57 28.24 -2.51
C CYS D 15 -2.55 27.58 -3.88
N PHE D 16 -3.63 26.86 -4.22
CA PHE D 16 -3.72 26.19 -5.50
C PHE D 16 -3.74 27.20 -6.64
N GLU D 17 -4.38 28.35 -6.40
CA GLU D 17 -4.46 29.41 -7.39
C GLU D 17 -3.12 30.10 -7.58
N ARG D 18 -2.30 30.11 -6.52
CA ARG D 18 -0.98 30.75 -6.59
C ARG D 18 0.08 29.89 -7.29
N LEU D 19 -0.31 28.72 -7.83
CA LEU D 19 0.64 27.85 -8.52
C LEU D 19 1.17 28.51 -9.79
N HIS A 1 -23.87 12.91 -8.66
CA HIS A 1 -24.33 11.65 -9.31
C HIS A 1 -23.17 10.65 -9.44
N HIS A 2 -22.24 10.69 -8.48
CA HIS A 2 -21.07 9.79 -8.45
C HIS A 2 -20.38 9.66 -9.83
N GLU A 3 -20.18 10.78 -10.50
CA GLU A 3 -19.52 10.81 -11.80
C GLU A 3 -18.01 10.85 -11.64
N VAL A 4 -17.52 11.92 -10.99
CA VAL A 4 -16.08 12.08 -10.74
C VAL A 4 -15.82 12.39 -9.27
N VAL A 5 -14.65 11.99 -8.78
CA VAL A 5 -14.28 12.23 -7.38
C VAL A 5 -13.90 13.69 -7.16
N LYS A 6 -14.22 14.20 -5.97
CA LYS A 6 -13.92 15.59 -5.63
C LYS A 6 -12.41 15.84 -5.60
N PHE A 7 -11.99 16.94 -6.25
CA PHE A 7 -10.57 17.31 -6.32
C PHE A 7 -9.94 17.42 -4.94
N MET A 8 -10.54 18.25 -4.07
CA MET A 8 -10.01 18.47 -2.72
C MET A 8 -9.93 17.17 -1.92
N ASP A 9 -10.75 16.18 -2.28
CA ASP A 9 -10.76 14.90 -1.58
C ASP A 9 -9.61 14.01 -2.04
N VAL A 10 -9.25 14.12 -3.31
CA VAL A 10 -8.16 13.32 -3.87
C VAL A 10 -6.82 13.68 -3.23
N TYR A 11 -6.58 14.98 -3.08
CA TYR A 11 -5.34 15.47 -2.49
C TYR A 11 -5.27 15.15 -1.00
N GLN A 12 -6.35 15.40 -0.29
CA GLN A 12 -6.40 15.16 1.15
C GLN A 12 -6.15 13.68 1.50
N ARG A 13 -6.63 12.78 0.64
CA ARG A 13 -6.48 11.35 0.88
C ARG A 13 -5.23 10.76 0.23
N SER A 14 -4.58 11.51 -0.68
CA SER A 14 -3.39 11.01 -1.37
C SER A 14 -2.08 11.59 -0.79
N TYR A 15 -2.17 12.76 -0.16
CA TYR A 15 -0.98 13.42 0.41
C TYR A 15 -0.24 12.50 1.40
N CYS A 16 1.09 12.52 1.34
CA CYS A 16 1.97 11.70 2.21
C CYS A 16 1.48 11.62 3.66
N HIS A 17 0.79 10.52 3.99
CA HIS A 17 0.27 10.30 5.33
C HIS A 17 0.37 8.82 5.71
N PRO A 18 0.23 8.45 7.01
CA PRO A 18 0.31 7.05 7.44
C PRO A 18 -0.91 6.23 7.02
N ILE A 19 -0.69 5.24 6.15
CA ILE A 19 -1.77 4.40 5.66
C ILE A 19 -1.44 2.92 5.87
N GLU A 20 -2.48 2.11 6.09
CA GLU A 20 -2.29 0.67 6.31
C GLU A 20 -1.70 0.01 5.08
N THR A 21 -0.48 -0.52 5.22
CA THR A 21 0.21 -1.18 4.10
C THR A 21 0.82 -2.51 4.55
N LEU A 22 0.73 -3.51 3.69
CA LEU A 22 1.29 -4.82 3.99
C LEU A 22 2.75 -4.91 3.55
N VAL A 23 3.61 -5.42 4.45
CA VAL A 23 5.04 -5.55 4.15
C VAL A 23 5.48 -7.02 4.17
N ASP A 24 6.30 -7.38 3.19
CA ASP A 24 6.81 -8.75 3.08
C ASP A 24 7.88 -9.02 4.15
N ILE A 25 7.80 -10.18 4.80
CA ILE A 25 8.76 -10.54 5.84
C ILE A 25 10.15 -10.72 5.24
N PHE A 26 10.20 -11.31 4.05
CA PHE A 26 11.47 -11.54 3.37
C PHE A 26 12.19 -10.23 3.05
N GLN A 27 11.43 -9.15 2.91
CA GLN A 27 12.01 -7.83 2.60
C GLN A 27 12.71 -7.25 3.83
N GLU A 28 12.23 -7.60 5.01
CA GLU A 28 12.82 -7.11 6.27
C GLU A 28 13.86 -8.08 6.79
N TYR A 29 13.58 -9.38 6.66
CA TYR A 29 14.49 -10.42 7.11
C TYR A 29 15.07 -11.16 5.89
N PRO A 30 16.02 -10.54 5.13
CA PRO A 30 16.60 -11.18 3.94
C PRO A 30 17.58 -12.31 4.26
N ASP A 31 18.05 -12.38 5.50
CA ASP A 31 19.00 -13.42 5.90
C ASP A 31 18.29 -14.66 6.49
N GLU A 32 17.00 -14.81 6.24
CA GLU A 32 16.24 -15.96 6.74
C GLU A 32 15.36 -16.55 5.63
N ILE A 33 15.85 -17.60 4.97
CA ILE A 33 15.10 -18.24 3.89
C ILE A 33 14.78 -19.69 4.21
N GLU A 34 15.74 -20.40 4.82
CA GLU A 34 15.56 -21.82 5.15
C GLU A 34 14.36 -22.04 6.08
N TYR A 35 13.90 -21.00 6.77
CA TYR A 35 12.75 -21.13 7.68
C TYR A 35 11.51 -20.46 7.08
N ILE A 36 10.66 -21.27 6.46
CA ILE A 36 9.43 -20.77 5.85
C ILE A 36 8.54 -20.06 6.88
N PHE A 37 8.20 -18.81 6.61
CA PHE A 37 7.36 -18.03 7.52
C PHE A 37 5.90 -18.07 7.06
N LYS A 38 5.00 -18.26 8.03
CA LYS A 38 3.57 -18.30 7.74
C LYS A 38 2.79 -17.39 8.70
N PRO A 39 2.21 -16.24 8.25
CA PRO A 39 2.23 -15.78 6.84
C PRO A 39 3.59 -15.23 6.42
N SER A 40 3.74 -15.00 5.11
CA SER A 40 4.99 -14.47 4.57
C SER A 40 5.05 -12.93 4.60
N CYS A 41 3.95 -12.27 4.92
CA CYS A 41 3.92 -10.81 4.99
C CYS A 41 3.11 -10.36 6.22
N VAL A 42 3.30 -9.11 6.64
CA VAL A 42 2.58 -8.60 7.82
C VAL A 42 2.05 -7.18 7.59
N PRO A 43 0.88 -6.83 8.20
CA PRO A 43 0.30 -5.49 8.04
C PRO A 43 0.96 -4.45 8.96
N LEU A 44 1.51 -3.40 8.36
CA LEU A 44 2.17 -2.34 9.11
C LEU A 44 1.75 -0.97 8.61
N MET A 45 1.60 -0.02 9.54
CA MET A 45 1.21 1.34 9.18
C MET A 45 2.41 2.13 8.64
N ARG A 46 2.50 2.24 7.32
CA ARG A 46 3.59 2.96 6.69
C ARG A 46 3.09 4.18 5.93
N CYS A 47 4.02 5.00 5.44
CA CYS A 47 3.67 6.21 4.70
C CYS A 47 3.58 5.94 3.21
N GLY A 48 2.51 6.41 2.58
CA GLY A 48 2.33 6.20 1.15
C GLY A 48 1.64 7.37 0.47
N GLY A 49 1.85 7.50 -0.84
CA GLY A 49 1.24 8.58 -1.60
C GLY A 49 2.25 9.41 -2.36
N CYS A 50 2.09 10.72 -2.34
CA CYS A 50 2.99 11.63 -3.04
C CYS A 50 3.09 12.98 -2.31
N CYS A 51 3.86 13.91 -2.89
CA CYS A 51 4.05 15.23 -2.29
C CYS A 51 3.54 16.34 -3.20
N ASN A 52 3.70 17.59 -2.76
CA ASN A 52 3.24 18.76 -3.52
C ASN A 52 4.11 19.01 -4.76
N ASP A 53 5.40 18.69 -4.67
CA ASP A 53 6.33 18.91 -5.78
C ASP A 53 7.12 17.65 -6.13
N GLU A 54 7.69 17.65 -7.33
CA GLU A 54 8.49 16.51 -7.79
C GLU A 54 9.82 16.42 -7.05
N GLY A 55 10.34 17.59 -6.62
CA GLY A 55 11.60 17.62 -5.91
C GLY A 55 11.53 17.18 -4.45
N LEU A 56 10.36 16.74 -3.99
CA LEU A 56 10.19 16.29 -2.60
C LEU A 56 10.12 14.77 -2.54
N GLU A 57 9.93 14.24 -1.33
CA GLU A 57 9.83 12.80 -1.15
C GLU A 57 9.03 12.47 0.11
N CYS A 58 8.19 11.45 0.03
CA CYS A 58 7.36 11.02 1.15
C CYS A 58 8.17 10.12 2.10
N VAL A 59 8.53 10.65 3.27
CA VAL A 59 9.29 9.90 4.26
C VAL A 59 8.67 10.04 5.65
N PRO A 60 8.96 9.10 6.59
CA PRO A 60 8.41 9.16 7.95
C PRO A 60 9.24 10.02 8.89
N THR A 61 8.58 10.63 9.87
CA THR A 61 9.27 11.48 10.83
C THR A 61 9.50 10.74 12.15
N GLU A 62 8.58 9.85 12.50
CA GLU A 62 8.68 9.06 13.73
C GLU A 62 8.47 7.58 13.43
N GLU A 63 8.99 6.70 14.29
CA GLU A 63 8.85 5.26 14.08
C GLU A 63 8.42 4.54 15.36
N SER A 64 8.27 3.21 15.24
CA SER A 64 7.87 2.38 16.37
C SER A 64 7.96 0.90 16.00
N ASN A 65 8.16 0.05 17.00
CA ASN A 65 8.26 -1.40 16.77
C ASN A 65 6.97 -2.10 17.16
N ILE A 66 6.72 -3.26 16.55
CA ILE A 66 5.51 -4.02 16.82
C ILE A 66 5.77 -5.52 16.65
N THR A 67 5.59 -6.27 17.74
CA THR A 67 5.81 -7.71 17.73
C THR A 67 4.61 -8.44 17.14
N MET A 68 4.87 -9.47 16.33
CA MET A 68 3.80 -10.25 15.71
C MET A 68 4.11 -11.74 15.80
N GLN A 69 3.06 -12.56 15.72
CA GLN A 69 3.22 -14.01 15.77
C GLN A 69 3.37 -14.59 14.37
N ILE A 70 4.49 -15.28 14.14
CA ILE A 70 4.76 -15.90 12.85
C ILE A 70 5.07 -17.39 13.01
N MET A 71 4.62 -18.19 12.05
CA MET A 71 4.84 -19.63 12.10
C MET A 71 6.11 -20.00 11.32
N ARG A 72 7.11 -20.48 12.05
CA ARG A 72 8.39 -20.88 11.44
C ARG A 72 8.38 -22.38 11.14
N ILE A 73 8.53 -22.72 9.85
CA ILE A 73 8.55 -24.12 9.43
C ILE A 73 9.86 -24.46 8.71
N LYS A 74 10.19 -25.75 8.65
CA LYS A 74 11.42 -26.20 8.01
C LYS A 74 11.20 -27.50 7.22
N PRO A 75 11.65 -27.59 5.95
CA PRO A 75 11.48 -28.80 5.14
C PRO A 75 12.13 -30.02 5.79
N HIS A 76 11.35 -31.11 5.90
CA HIS A 76 11.82 -32.36 6.50
C HIS A 76 12.03 -32.25 8.03
N GLN A 77 11.72 -31.11 8.64
CA GLN A 77 11.90 -30.91 10.08
C GLN A 77 10.53 -30.74 10.77
N GLY A 78 10.32 -29.69 11.61
CA GLY A 78 9.03 -29.50 12.27
C GLY A 78 8.47 -28.11 12.08
N GLN A 79 7.62 -27.67 12.99
CA GLN A 79 7.01 -26.34 12.93
C GLN A 79 6.96 -25.73 14.33
N HIS A 80 6.83 -24.40 14.39
CA HIS A 80 6.77 -23.71 15.68
C HIS A 80 6.46 -22.23 15.50
N ILE A 81 5.85 -21.63 16.53
CA ILE A 81 5.51 -20.21 16.50
C ILE A 81 6.67 -19.37 17.02
N GLY A 82 6.86 -18.19 16.44
CA GLY A 82 7.94 -17.31 16.86
C GLY A 82 7.52 -15.86 16.89
N GLU A 83 8.21 -15.06 17.72
CA GLU A 83 7.90 -13.65 17.85
C GLU A 83 8.87 -12.81 17.01
N MET A 84 8.33 -12.02 16.09
CA MET A 84 9.13 -11.17 15.23
C MET A 84 8.72 -9.71 15.36
N SER A 85 9.69 -8.84 15.63
CA SER A 85 9.42 -7.42 15.79
C SER A 85 9.58 -6.71 14.45
N PHE A 86 8.67 -5.79 14.16
CA PHE A 86 8.71 -5.03 12.92
C PHE A 86 8.62 -3.53 13.18
N LEU A 87 9.29 -2.75 12.34
CA LEU A 87 9.28 -1.30 12.48
C LEU A 87 8.23 -0.68 11.55
N GLN A 88 7.43 0.24 12.10
CA GLN A 88 6.39 0.91 11.32
C GLN A 88 6.52 2.43 11.47
N HIS A 89 5.80 3.17 10.63
CA HIS A 89 5.86 4.63 10.65
C HIS A 89 4.67 5.26 11.37
N ASN A 90 4.98 6.10 12.37
CA ASN A 90 3.94 6.77 13.14
C ASN A 90 3.48 8.05 12.45
N LYS A 91 4.43 8.94 12.15
CA LYS A 91 4.13 10.20 11.48
C LYS A 91 4.83 10.27 10.12
N CYS A 92 4.26 11.05 9.20
CA CYS A 92 4.84 11.21 7.87
C CYS A 92 4.96 12.69 7.50
N GLU A 93 5.84 13.00 6.55
CA GLU A 93 6.06 14.37 6.11
C GLU A 93 6.86 14.43 4.80
N CYS A 94 6.72 15.53 4.07
CA CYS A 94 7.42 15.71 2.80
C CYS A 94 8.68 16.56 2.97
N ARG A 95 9.74 16.20 2.25
CA ARG A 95 11.00 16.94 2.31
C ARG A 95 11.77 16.82 1.00
N PRO A 96 12.62 17.81 0.63
CA PRO A 96 13.39 17.76 -0.62
C PRO A 96 14.32 16.55 -0.68
N LYS A 97 14.53 16.03 -1.90
CA LYS A 97 15.39 14.87 -2.10
C LYS A 97 16.87 15.25 -2.01
N LYS A 98 17.63 14.47 -1.25
CA LYS A 98 19.07 14.71 -1.07
C LYS A 98 19.88 13.45 -1.42
N ASP A 99 19.57 12.85 -2.57
CA ASP A 99 20.26 11.64 -3.02
C ASP A 99 20.05 10.48 -2.05
N HIS B 1 -2.39 -7.79 27.54
CA HIS B 1 -1.45 -6.66 27.76
C HIS B 1 -0.69 -6.31 26.46
N HIS B 2 -1.43 -6.26 25.35
CA HIS B 2 -0.84 -5.96 24.02
C HIS B 2 0.33 -6.91 23.71
N GLU B 3 1.56 -6.51 24.07
CA GLU B 3 2.76 -7.35 23.85
C GLU B 3 2.95 -7.78 22.38
N VAL B 4 2.21 -8.82 21.95
CA VAL B 4 2.32 -9.33 20.59
C VAL B 4 0.94 -9.42 19.94
N VAL B 5 0.90 -9.32 18.61
CA VAL B 5 -0.36 -9.40 17.87
C VAL B 5 -0.83 -10.85 17.76
N LYS B 6 -2.14 -11.04 17.63
CA LYS B 6 -2.72 -12.37 17.53
C LYS B 6 -2.37 -13.01 16.17
N PHE B 7 -1.95 -14.27 16.20
CA PHE B 7 -1.57 -15.00 14.99
C PHE B 7 -2.70 -15.02 13.96
N MET B 8 -3.86 -15.51 14.37
CA MET B 8 -5.02 -15.60 13.47
C MET B 8 -5.41 -14.23 12.91
N ASP B 9 -5.10 -13.16 13.63
CA ASP B 9 -5.44 -11.81 13.18
C ASP B 9 -4.47 -11.32 12.11
N VAL B 10 -3.21 -11.74 12.21
CA VAL B 10 -2.20 -11.35 11.25
C VAL B 10 -2.53 -11.89 9.86
N TYR B 11 -2.73 -13.20 9.77
CA TYR B 11 -3.05 -13.84 8.50
C TYR B 11 -4.36 -13.31 7.90
N GLN B 12 -5.37 -13.12 8.75
CA GLN B 12 -6.68 -12.62 8.29
C GLN B 12 -6.54 -11.23 7.67
N ARG B 13 -5.73 -10.37 8.28
CA ARG B 13 -5.53 -9.01 7.78
C ARG B 13 -4.34 -8.91 6.80
N SER B 14 -3.67 -10.04 6.50
CA SER B 14 -2.52 -10.00 5.60
C SER B 14 -2.77 -10.76 4.29
N TYR B 15 -3.68 -11.72 4.31
CA TYR B 15 -3.99 -12.52 3.12
C TYR B 15 -4.47 -11.64 1.95
N CYS B 16 -4.02 -11.99 0.74
CA CYS B 16 -4.38 -11.26 -0.50
C CYS B 16 -5.84 -10.79 -0.55
N HIS B 17 -6.07 -9.53 -0.22
CA HIS B 17 -7.41 -8.94 -0.22
C HIS B 17 -7.36 -7.48 -0.70
N PRO B 18 -8.50 -6.88 -1.09
CA PRO B 18 -8.54 -5.49 -1.56
C PRO B 18 -8.31 -4.49 -0.43
N ILE B 19 -7.21 -3.75 -0.51
CA ILE B 19 -6.86 -2.75 0.51
C ILE B 19 -6.60 -1.39 -0.13
N GLU B 20 -6.89 -0.33 0.61
CA GLU B 20 -6.70 1.04 0.11
C GLU B 20 -5.22 1.31 -0.14
N THR B 21 -4.86 1.51 -1.40
CA THR B 21 -3.48 1.78 -1.78
C THR B 21 -3.38 2.97 -2.73
N LEU B 22 -2.36 3.79 -2.55
CA LEU B 22 -2.15 4.96 -3.39
C LEU B 22 -1.31 4.60 -4.62
N VAL B 23 -1.73 5.09 -5.79
CA VAL B 23 -1.01 4.82 -7.04
C VAL B 23 -0.52 6.11 -7.69
N ASP B 24 0.71 6.06 -8.20
CA ASP B 24 1.31 7.22 -8.87
C ASP B 24 0.72 7.41 -10.26
N ILE B 25 0.37 8.65 -10.60
CA ILE B 25 -0.21 8.96 -11.91
C ILE B 25 0.80 8.69 -13.01
N PHE B 26 2.06 9.02 -12.75
CA PHE B 26 3.13 8.81 -13.72
C PHE B 26 3.30 7.33 -14.06
N GLN B 27 2.95 6.45 -13.12
CA GLN B 27 3.07 5.01 -13.33
C GLN B 27 1.98 4.50 -14.28
N GLU B 28 0.82 5.16 -14.28
CA GLU B 28 -0.28 4.76 -15.14
C GLU B 28 -0.23 5.51 -16.47
N TYR B 29 0.13 6.77 -16.41
CA TYR B 29 0.24 7.61 -17.61
C TYR B 29 1.71 7.99 -17.86
N PRO B 30 2.54 7.04 -18.35
CA PRO B 30 3.97 7.30 -18.60
C PRO B 30 4.23 8.19 -19.83
N ASP B 31 3.22 8.35 -20.69
CA ASP B 31 3.37 9.17 -21.90
C ASP B 31 2.94 10.63 -21.67
N GLU B 32 2.82 11.06 -20.42
CA GLU B 32 2.42 12.43 -20.10
C GLU B 32 3.32 13.00 -19.01
N ILE B 33 4.35 13.75 -19.40
CA ILE B 33 5.28 14.36 -18.45
C ILE B 33 5.25 15.88 -18.51
N GLU B 34 5.16 16.42 -19.72
CA GLU B 34 5.14 17.87 -19.92
C GLU B 34 3.99 18.56 -19.16
N TYR B 35 2.96 17.80 -18.81
CA TYR B 35 1.81 18.36 -18.09
C TYR B 35 1.82 17.93 -16.62
N ILE B 36 2.34 18.80 -15.76
CA ILE B 36 2.42 18.51 -14.33
C ILE B 36 1.03 18.27 -13.73
N PHE B 37 0.86 17.11 -13.10
CA PHE B 37 -0.42 16.74 -12.49
C PHE B 37 -0.42 17.06 -11.00
N LYS B 38 -1.53 17.61 -10.51
CA LYS B 38 -1.67 17.95 -9.10
C LYS B 38 -3.03 17.47 -8.56
N PRO B 39 -3.09 16.46 -7.64
CA PRO B 39 -1.91 15.77 -7.06
C PRO B 39 -1.24 14.82 -8.06
N SER B 40 -0.04 14.37 -7.72
CA SER B 40 0.72 13.46 -8.57
C SER B 40 0.32 11.98 -8.36
N CYS B 41 -0.51 11.69 -7.35
CA CYS B 41 -0.93 10.32 -7.08
C CYS B 41 -2.43 10.27 -6.76
N VAL B 42 -3.02 9.09 -6.85
CA VAL B 42 -4.45 8.92 -6.57
C VAL B 42 -4.73 7.66 -5.74
N PRO B 43 -5.68 7.72 -4.77
CA PRO B 43 -6.03 6.56 -3.95
C PRO B 43 -6.93 5.57 -4.68
N LEU B 44 -6.47 4.34 -4.82
CA LEU B 44 -7.23 3.29 -5.49
C LEU B 44 -7.23 2.00 -4.69
N MET B 45 -8.35 1.29 -4.71
CA MET B 45 -8.47 0.03 -3.99
C MET B 45 -7.81 -1.11 -4.77
N ARG B 46 -6.59 -1.47 -4.38
CA ARG B 46 -5.85 -2.53 -5.04
C ARG B 46 -5.61 -3.71 -4.10
N CYS B 47 -5.09 -4.80 -4.64
CA CYS B 47 -4.81 -6.00 -3.86
C CYS B 47 -3.38 -5.96 -3.31
N GLY B 48 -3.24 -6.27 -2.01
CA GLY B 48 -1.93 -6.27 -1.39
C GLY B 48 -1.78 -7.35 -0.33
N GLY B 49 -0.54 -7.79 -0.10
CA GLY B 49 -0.28 -8.81 0.89
C GLY B 49 0.50 -9.99 0.33
N CYS B 50 0.09 -11.20 0.68
CA CYS B 50 0.76 -12.41 0.18
C CYS B 50 -0.18 -13.61 0.22
N CYS B 51 0.33 -14.77 -0.20
CA CYS B 51 -0.48 -15.99 -0.24
C CYS B 51 0.02 -17.05 0.75
N ASN B 52 -0.63 -18.21 0.75
CA ASN B 52 -0.28 -19.30 1.67
C ASN B 52 1.06 -19.95 1.30
N ASP B 53 1.43 -19.91 0.03
CA ASP B 53 2.68 -20.53 -0.41
C ASP B 53 3.49 -19.59 -1.31
N GLU B 54 4.77 -19.92 -1.47
CA GLU B 54 5.67 -19.13 -2.30
C GLU B 54 5.35 -19.29 -3.79
N GLY B 55 4.81 -20.45 -4.15
CA GLY B 55 4.48 -20.72 -5.55
C GLY B 55 3.22 -20.02 -6.04
N LEU B 56 2.57 -19.23 -5.19
CA LEU B 56 1.35 -18.51 -5.58
C LEU B 56 1.65 -17.03 -5.80
N GLU B 57 0.61 -16.26 -6.12
CA GLU B 57 0.77 -14.83 -6.36
C GLU B 57 -0.55 -14.09 -6.12
N CYS B 58 -0.47 -12.92 -5.52
CA CYS B 58 -1.65 -12.11 -5.22
C CYS B 58 -2.06 -11.29 -6.44
N VAL B 59 -3.17 -11.68 -7.08
CA VAL B 59 -3.67 -10.98 -8.26
C VAL B 59 -5.18 -10.72 -8.15
N PRO B 60 -5.73 -9.73 -8.89
CA PRO B 60 -7.16 -9.42 -8.84
C PRO B 60 -7.99 -10.28 -9.79
N THR B 61 -9.26 -10.51 -9.43
CA THR B 61 -10.15 -11.31 -10.25
C THR B 61 -11.12 -10.43 -11.03
N GLU B 62 -11.48 -9.29 -10.44
CA GLU B 62 -12.39 -8.35 -11.09
C GLU B 62 -11.80 -6.94 -11.05
N GLU B 63 -12.24 -6.09 -11.98
CA GLU B 63 -11.73 -4.71 -12.05
C GLU B 63 -12.85 -3.69 -12.21
N SER B 64 -12.47 -2.42 -12.28
CA SER B 64 -13.42 -1.32 -12.44
C SER B 64 -12.69 0.01 -12.62
N ASN B 65 -13.34 0.95 -13.30
CA ASN B 65 -12.74 2.26 -13.55
C ASN B 65 -13.31 3.31 -12.61
N ILE B 66 -12.54 4.37 -12.37
CA ILE B 66 -12.95 5.44 -11.48
C ILE B 66 -12.36 6.78 -11.93
N THR B 67 -13.24 7.72 -12.28
CA THR B 67 -12.81 9.04 -12.74
C THR B 67 -12.47 9.95 -11.56
N MET B 68 -11.41 10.74 -11.71
CA MET B 68 -10.98 11.65 -10.65
C MET B 68 -10.59 13.01 -11.23
N GLN B 69 -10.56 14.03 -10.38
CA GLN B 69 -10.21 15.38 -10.81
C GLN B 69 -8.72 15.64 -10.59
N ILE B 70 -8.01 15.94 -11.67
CA ILE B 70 -6.57 16.23 -11.60
C ILE B 70 -6.27 17.59 -12.23
N MET B 71 -5.31 18.31 -11.66
CA MET B 71 -4.93 19.62 -12.16
C MET B 71 -3.73 19.53 -13.10
N ARG B 72 -3.94 19.89 -14.36
CA ARG B 72 -2.87 19.87 -15.36
C ARG B 72 -2.23 21.25 -15.48
N ILE B 73 -0.92 21.32 -15.22
CA ILE B 73 -0.19 22.58 -15.29
C ILE B 73 1.00 22.47 -16.26
N LYS B 74 1.25 23.54 -17.02
CA LYS B 74 2.34 23.56 -17.99
C LYS B 74 3.31 24.73 -17.71
N PRO B 75 4.64 24.49 -17.71
CA PRO B 75 5.62 25.56 -17.45
C PRO B 75 5.51 26.70 -18.46
N HIS B 76 5.44 27.93 -17.95
CA HIS B 76 5.34 29.15 -18.78
C HIS B 76 3.98 29.26 -19.50
N GLN B 77 3.03 28.35 -19.22
CA GLN B 77 1.73 28.37 -19.88
C GLN B 77 0.61 28.62 -18.83
N GLY B 78 -0.47 27.82 -18.78
CA GLY B 78 -1.52 28.04 -17.79
C GLY B 78 -1.89 26.76 -17.05
N GLN B 79 -2.92 26.81 -16.20
CA GLN B 79 -3.37 25.64 -15.44
C GLN B 79 -4.81 25.31 -15.81
N HIS B 80 -5.27 24.10 -15.47
CA HIS B 80 -6.63 23.68 -15.76
C HIS B 80 -6.94 22.32 -15.16
N ILE B 81 -8.22 22.10 -14.84
CA ILE B 81 -8.66 20.83 -14.26
C ILE B 81 -9.06 19.84 -15.36
N GLY B 82 -8.74 18.57 -15.14
CA GLY B 82 -9.06 17.54 -16.12
C GLY B 82 -9.56 16.26 -15.49
N GLU B 83 -10.30 15.47 -16.25
CA GLU B 83 -10.84 14.21 -15.77
C GLU B 83 -10.00 13.03 -16.24
N MET B 84 -9.47 12.25 -15.28
CA MET B 84 -8.65 11.09 -15.60
C MET B 84 -9.23 9.83 -14.98
N SER B 85 -9.46 8.82 -15.80
CA SER B 85 -10.01 7.55 -15.33
C SER B 85 -8.90 6.60 -14.92
N PHE B 86 -9.13 5.87 -13.82
CA PHE B 86 -8.15 4.92 -13.32
C PHE B 86 -8.79 3.57 -13.06
N LEU B 87 -8.02 2.51 -13.25
CA LEU B 87 -8.51 1.15 -13.03
C LEU B 87 -8.11 0.66 -11.63
N GLN B 88 -9.07 0.08 -10.91
CA GLN B 88 -8.83 -0.43 -9.56
C GLN B 88 -9.31 -1.88 -9.47
N HIS B 89 -8.90 -2.57 -8.40
CA HIS B 89 -9.26 -3.97 -8.21
C HIS B 89 -10.44 -4.15 -7.25
N ASN B 90 -11.47 -4.84 -7.71
CA ASN B 90 -12.66 -5.10 -6.91
C ASN B 90 -12.48 -6.33 -6.02
N LYS B 91 -12.12 -7.45 -6.65
CA LYS B 91 -11.91 -8.71 -5.91
C LYS B 91 -10.47 -9.20 -6.08
N CYS B 92 -9.98 -9.96 -5.10
CA CYS B 92 -8.62 -10.50 -5.14
C CYS B 92 -8.63 -12.00 -4.85
N GLU B 93 -7.57 -12.68 -5.28
CA GLU B 93 -7.46 -14.13 -5.08
C GLU B 93 -6.03 -14.62 -5.34
N CYS B 94 -5.70 -15.80 -4.80
CA CYS B 94 -4.36 -16.37 -4.98
C CYS B 94 -4.35 -17.43 -6.08
N ARG B 95 -3.29 -17.45 -6.88
CA ARG B 95 -3.14 -18.42 -7.96
C ARG B 95 -1.67 -18.72 -8.24
N PRO B 96 -1.32 -19.95 -8.72
CA PRO B 96 0.07 -20.31 -9.01
C PRO B 96 0.71 -19.38 -10.04
N LYS B 97 2.00 -19.14 -9.88
CA LYS B 97 2.75 -18.27 -10.78
C LYS B 97 3.01 -18.95 -12.11
N LYS B 98 2.78 -18.23 -13.21
CA LYS B 98 3.01 -18.77 -14.55
C LYS B 98 4.41 -18.41 -15.03
N ASP B 99 4.64 -17.12 -15.24
CA ASP B 99 5.94 -16.64 -15.71
C ASP B 99 5.98 -15.11 -15.72
N GLY C 1 -20.32 -30.23 1.83
CA GLY C 1 -19.02 -30.56 1.18
C GLY C 1 -18.24 -29.33 0.78
N GLY C 2 -17.72 -28.60 1.76
CA GLY C 2 -16.96 -27.40 1.49
C GLY C 2 -16.16 -26.93 2.71
N ASN C 3 -15.11 -27.68 3.04
CA ASN C 3 -14.27 -27.34 4.18
C ASN C 3 -12.90 -27.99 4.05
N GLU C 4 -12.42 -28.13 2.82
CA GLU C 4 -11.12 -28.73 2.56
C GLU C 4 -10.01 -27.70 2.67
N CYS C 5 -8.83 -28.13 3.14
CA CYS C 5 -7.69 -27.23 3.29
C CYS C 5 -7.05 -26.94 1.95
N ASP C 6 -7.65 -26.03 1.19
CA ASP C 6 -7.13 -25.65 -0.12
C ASP C 6 -5.90 -24.76 0.03
N ILE C 7 -4.96 -24.89 -0.89
CA ILE C 7 -3.72 -24.11 -0.84
C ILE C 7 -4.00 -22.61 -0.96
N ALA C 8 -4.90 -22.23 -1.86
CA ALA C 8 -5.25 -20.82 -2.07
C ALA C 8 -6.52 -20.43 -1.31
N ARG C 9 -6.74 -21.06 -0.15
CA ARG C 9 -7.91 -20.78 0.68
C ARG C 9 -7.52 -20.61 2.15
N MET C 10 -8.36 -19.92 2.91
CA MET C 10 -8.12 -19.66 4.33
C MET C 10 -7.82 -20.95 5.12
N TRP C 11 -6.54 -21.24 5.30
CA TRP C 11 -6.11 -22.42 6.05
C TRP C 11 -6.41 -22.28 7.55
N GLU C 12 -7.61 -22.71 7.96
CA GLU C 12 -8.03 -22.65 9.36
C GLU C 12 -7.02 -23.34 10.29
N TRP C 13 -7.38 -23.48 11.58
CA TRP C 13 -6.50 -24.11 12.57
C TRP C 13 -6.01 -25.49 12.12
N GLU C 14 -6.95 -26.38 11.76
CA GLU C 14 -6.61 -27.74 11.33
C GLU C 14 -5.60 -27.74 10.17
N CYS C 15 -5.76 -26.79 9.26
CA CYS C 15 -4.86 -26.68 8.11
C CYS C 15 -3.48 -26.18 8.57
N PHE C 16 -3.47 -25.34 9.58
CA PHE C 16 -2.23 -24.78 10.12
C PHE C 16 -1.35 -25.88 10.70
N GLU C 17 -1.99 -26.90 11.26
CA GLU C 17 -1.25 -28.02 11.86
C GLU C 17 -0.62 -28.90 10.78
N ARG C 18 -1.41 -29.24 9.77
CA ARG C 18 -0.94 -30.07 8.67
C ARG C 18 -0.63 -29.21 7.45
N LEU C 19 0.39 -28.35 7.57
CA LEU C 19 0.80 -27.47 6.49
C LEU C 19 1.76 -28.19 5.55
N GLY D 1 0.01 34.36 12.74
CA GLY D 1 1.12 34.12 11.77
C GLY D 1 1.34 32.64 11.51
N GLY D 2 0.45 32.04 10.73
CA GLY D 2 0.56 30.62 10.41
C GLY D 2 -0.42 30.20 9.33
N ASN D 3 -0.20 30.69 8.11
CA ASN D 3 -1.07 30.35 6.99
C ASN D 3 -0.35 30.61 5.66
N GLU D 4 0.94 30.36 5.64
CA GLU D 4 1.75 30.57 4.43
C GLU D 4 1.73 29.32 3.54
N CYS D 5 1.76 29.53 2.23
CA CYS D 5 1.75 28.42 1.28
C CYS D 5 3.11 27.73 1.23
N ASP D 6 3.39 26.90 2.24
CA ASP D 6 4.65 26.17 2.31
C ASP D 6 4.65 25.02 1.30
N ILE D 7 5.82 24.73 0.73
CA ILE D 7 5.93 23.67 -0.26
C ILE D 7 5.53 22.30 0.30
N ALA D 8 5.95 22.01 1.53
CA ALA D 8 5.63 20.74 2.18
C ALA D 8 4.44 20.89 3.14
N ARG D 9 3.51 21.76 2.78
CA ARG D 9 2.34 22.03 3.61
C ARG D 9 1.06 22.02 2.75
N MET D 10 -0.07 21.61 3.35
CA MET D 10 -1.37 21.55 2.65
C MET D 10 -1.68 22.82 1.85
N TRP D 11 -1.37 22.80 0.57
CA TRP D 11 -1.60 23.95 -0.32
C TRP D 11 -3.11 24.15 -0.56
N GLU D 12 -3.73 24.97 0.29
CA GLU D 12 -5.16 25.27 0.18
C GLU D 12 -5.50 25.84 -1.22
N TRP D 13 -6.74 26.33 -1.39
CA TRP D 13 -7.19 26.89 -2.67
C TRP D 13 -6.24 27.98 -3.19
N GLU D 14 -5.95 28.97 -2.34
CA GLU D 14 -5.08 30.08 -2.74
C GLU D 14 -3.72 29.60 -3.23
N CYS D 15 -3.18 28.57 -2.57
CA CYS D 15 -1.89 28.01 -2.96
C CYS D 15 -2.00 27.27 -4.29
N PHE D 16 -3.16 26.66 -4.51
CA PHE D 16 -3.40 25.92 -5.75
C PHE D 16 -3.38 26.83 -6.96
N GLU D 17 -3.78 28.08 -6.78
CA GLU D 17 -3.78 29.06 -7.86
C GLU D 17 -2.37 29.52 -8.19
N ARG D 18 -1.61 29.84 -7.15
CA ARG D 18 -0.23 30.29 -7.34
C ARG D 18 0.75 29.16 -7.02
N LEU D 19 0.69 28.10 -7.83
CA LEU D 19 1.57 26.94 -7.64
C LEU D 19 2.93 27.19 -8.30
N HIS A 1 -25.15 10.42 -6.34
CA HIS A 1 -24.96 9.33 -7.34
C HIS A 1 -23.83 9.64 -8.30
N HIS A 2 -22.84 10.43 -7.84
CA HIS A 2 -21.71 10.80 -8.68
C HIS A 2 -20.52 9.89 -8.39
N GLU A 3 -19.93 9.35 -9.45
CA GLU A 3 -18.79 8.44 -9.32
C GLU A 3 -17.45 9.19 -9.30
N VAL A 4 -17.43 10.46 -9.70
CA VAL A 4 -16.19 11.24 -9.71
C VAL A 4 -15.82 11.71 -8.30
N VAL A 5 -14.53 11.61 -7.97
CA VAL A 5 -14.05 12.01 -6.65
C VAL A 5 -13.77 13.52 -6.62
N LYS A 6 -14.11 14.16 -5.50
CA LYS A 6 -13.90 15.59 -5.34
C LYS A 6 -12.40 15.91 -5.27
N PHE A 7 -12.01 17.01 -5.92
CA PHE A 7 -10.61 17.45 -5.96
C PHE A 7 -9.97 17.53 -4.57
N MET A 8 -10.60 18.30 -3.67
CA MET A 8 -10.08 18.49 -2.32
C MET A 8 -9.89 17.17 -1.57
N ASP A 9 -10.66 16.15 -1.94
CA ASP A 9 -10.57 14.84 -1.28
C ASP A 9 -9.39 14.02 -1.81
N VAL A 10 -9.08 14.16 -3.08
CA VAL A 10 -7.97 13.41 -3.69
C VAL A 10 -6.63 13.86 -3.13
N TYR A 11 -6.46 15.17 -2.98
CA TYR A 11 -5.21 15.74 -2.46
C TYR A 11 -5.04 15.44 -0.97
N GLN A 12 -6.11 15.58 -0.19
CA GLN A 12 -6.06 15.35 1.24
C GLN A 12 -5.78 13.87 1.59
N ARG A 13 -6.28 12.96 0.76
CA ARG A 13 -6.10 11.52 1.01
C ARG A 13 -4.88 10.96 0.28
N SER A 14 -4.37 11.66 -0.73
CA SER A 14 -3.21 11.18 -1.49
C SER A 14 -1.89 11.78 -0.96
N TYR A 15 -1.97 12.94 -0.33
CA TYR A 15 -0.78 13.60 0.21
C TYR A 15 -0.07 12.73 1.24
N CYS A 16 1.28 12.78 1.24
CA CYS A 16 2.13 11.99 2.17
C CYS A 16 1.55 11.88 3.59
N HIS A 17 1.01 10.70 3.90
CA HIS A 17 0.43 10.43 5.22
C HIS A 17 0.57 8.94 5.56
N PRO A 18 0.39 8.53 6.85
CA PRO A 18 0.51 7.13 7.25
C PRO A 18 -0.71 6.31 6.82
N ILE A 19 -0.49 5.35 5.91
CA ILE A 19 -1.57 4.50 5.42
C ILE A 19 -1.22 3.02 5.62
N GLU A 20 -2.25 2.19 5.74
CA GLU A 20 -2.05 0.75 5.96
C GLU A 20 -1.39 0.10 4.75
N THR A 21 -0.22 -0.51 4.97
CA THR A 21 0.52 -1.16 3.90
C THR A 21 1.08 -2.51 4.36
N LEU A 22 0.98 -3.51 3.48
CA LEU A 22 1.49 -4.84 3.79
C LEU A 22 2.98 -4.94 3.44
N VAL A 23 3.78 -5.46 4.36
CA VAL A 23 5.22 -5.60 4.15
C VAL A 23 5.66 -7.06 4.16
N ASP A 24 6.51 -7.43 3.21
CA ASP A 24 7.02 -8.79 3.10
C ASP A 24 8.06 -9.05 4.20
N ILE A 25 7.96 -10.21 4.85
CA ILE A 25 8.89 -10.56 5.93
C ILE A 25 10.30 -10.76 5.37
N PHE A 26 10.38 -11.34 4.17
CA PHE A 26 11.68 -11.58 3.54
C PHE A 26 12.42 -10.26 3.28
N GLN A 27 11.66 -9.16 3.13
CA GLN A 27 12.27 -7.85 2.88
C GLN A 27 12.88 -7.27 4.15
N GLU A 28 12.34 -7.65 5.31
CA GLU A 28 12.85 -7.16 6.59
C GLU A 28 13.90 -8.11 7.14
N TYR A 29 13.65 -9.41 6.99
CA TYR A 29 14.57 -10.44 7.45
C TYR A 29 15.20 -11.17 6.25
N PRO A 30 16.21 -10.57 5.57
CA PRO A 30 16.84 -11.20 4.40
C PRO A 30 17.80 -12.35 4.75
N ASP A 31 18.23 -12.42 5.99
CA ASP A 31 19.17 -13.47 6.42
C ASP A 31 18.45 -14.76 6.81
N GLU A 32 17.15 -14.70 7.10
CA GLU A 32 16.39 -15.89 7.48
C GLU A 32 15.60 -16.44 6.31
N ILE A 33 16.15 -17.47 5.65
CA ILE A 33 15.49 -18.10 4.51
C ILE A 33 15.12 -19.55 4.82
N GLU A 34 16.02 -20.25 5.50
CA GLU A 34 15.80 -21.65 5.86
C GLU A 34 14.57 -21.85 6.77
N TYR A 35 14.07 -20.77 7.38
CA TYR A 35 12.90 -20.86 8.26
C TYR A 35 11.69 -20.23 7.59
N ILE A 36 10.88 -21.07 6.93
CA ILE A 36 9.69 -20.59 6.24
C ILE A 36 8.71 -19.93 7.22
N PHE A 37 8.29 -18.71 6.91
CA PHE A 37 7.37 -17.95 7.76
C PHE A 37 5.94 -18.00 7.23
N LYS A 38 4.98 -18.19 8.13
CA LYS A 38 3.57 -18.25 7.77
C LYS A 38 2.76 -17.33 8.69
N PRO A 39 2.16 -16.21 8.20
CA PRO A 39 2.21 -15.77 6.79
C PRO A 39 3.59 -15.24 6.38
N SER A 40 3.78 -15.04 5.08
CA SER A 40 5.05 -14.54 4.57
C SER A 40 5.15 -13.01 4.61
N CYS A 41 4.03 -12.32 4.90
CA CYS A 41 4.02 -10.86 4.97
C CYS A 41 3.21 -10.41 6.17
N VAL A 42 3.35 -9.13 6.55
CA VAL A 42 2.62 -8.60 7.71
C VAL A 42 2.09 -7.18 7.45
N PRO A 43 0.91 -6.82 7.99
CA PRO A 43 0.33 -5.48 7.79
C PRO A 43 0.93 -4.45 8.75
N LEU A 44 1.50 -3.39 8.17
CA LEU A 44 2.10 -2.33 8.98
C LEU A 44 1.71 -0.96 8.45
N MET A 45 1.66 0.02 9.34
CA MET A 45 1.30 1.39 8.96
C MET A 45 2.53 2.16 8.51
N ARG A 46 2.65 2.35 7.19
CA ARG A 46 3.79 3.07 6.61
C ARG A 46 3.32 4.32 5.87
N CYS A 47 4.29 5.10 5.38
CA CYS A 47 3.97 6.32 4.64
C CYS A 47 3.90 6.03 3.15
N GLY A 48 2.84 6.51 2.49
CA GLY A 48 2.68 6.30 1.07
C GLY A 48 1.96 7.45 0.39
N GLY A 49 2.15 7.56 -0.93
CA GLY A 49 1.50 8.62 -1.70
C GLY A 49 2.48 9.41 -2.55
N CYS A 50 2.38 10.73 -2.48
CA CYS A 50 3.27 11.61 -3.26
C CYS A 50 3.37 12.99 -2.61
N CYS A 51 4.31 13.79 -3.11
CA CYS A 51 4.53 15.14 -2.58
C CYS A 51 3.95 16.20 -3.53
N ASN A 52 4.13 17.47 -3.17
CA ASN A 52 3.60 18.57 -3.97
C ASN A 52 4.49 18.88 -5.18
N ASP A 53 5.79 18.61 -5.06
CA ASP A 53 6.73 18.89 -6.15
C ASP A 53 7.70 17.73 -6.37
N GLU A 54 8.45 17.79 -7.47
CA GLU A 54 9.42 16.76 -7.82
C GLU A 54 10.60 16.76 -6.85
N GLY A 55 10.92 17.94 -6.30
CA GLY A 55 12.04 18.05 -5.36
C GLY A 55 11.70 17.64 -3.93
N LEU A 56 10.52 17.05 -3.71
CA LEU A 56 10.13 16.62 -2.36
C LEU A 56 10.09 15.09 -2.28
N GLU A 57 10.11 14.55 -1.06
CA GLU A 57 10.07 13.11 -0.87
C GLU A 57 9.27 12.76 0.38
N CYS A 58 8.39 11.77 0.26
CA CYS A 58 7.56 11.33 1.38
C CYS A 58 8.34 10.39 2.30
N VAL A 59 8.72 10.89 3.47
CA VAL A 59 9.47 10.11 4.44
C VAL A 59 8.85 10.22 5.84
N PRO A 60 9.17 9.29 6.78
CA PRO A 60 8.61 9.32 8.13
C PRO A 60 9.44 10.17 9.09
N THR A 61 8.79 10.77 10.08
CA THR A 61 9.46 11.61 11.06
C THR A 61 9.60 10.89 12.40
N GLU A 62 8.70 9.95 12.68
CA GLU A 62 8.75 9.19 13.93
C GLU A 62 8.46 7.71 13.62
N GLU A 63 9.04 6.81 14.42
CA GLU A 63 8.85 5.37 14.20
C GLU A 63 8.45 4.64 15.48
N SER A 64 8.23 3.32 15.34
CA SER A 64 7.85 2.48 16.48
C SER A 64 7.80 1.02 16.06
N ASN A 65 8.17 0.12 16.98
CA ASN A 65 8.17 -1.31 16.68
C ASN A 65 6.86 -1.97 17.10
N ILE A 66 6.56 -3.10 16.47
CA ILE A 66 5.33 -3.84 16.77
C ILE A 66 5.58 -5.35 16.68
N THR A 67 5.08 -6.10 17.66
CA THR A 67 5.26 -7.55 17.70
C THR A 67 4.10 -8.27 17.00
N MET A 68 4.39 -9.43 16.45
CA MET A 68 3.38 -10.23 15.76
C MET A 68 3.66 -11.72 15.91
N GLN A 69 2.62 -12.53 15.77
CA GLN A 69 2.75 -13.98 15.89
C GLN A 69 2.87 -14.63 14.50
N ILE A 70 4.00 -15.31 14.27
CA ILE A 70 4.24 -15.98 12.99
C ILE A 70 4.55 -17.46 13.19
N MET A 71 4.14 -18.29 12.24
CA MET A 71 4.39 -19.72 12.32
C MET A 71 5.69 -20.08 11.60
N ARG A 72 6.70 -20.45 12.37
CA ARG A 72 8.01 -20.81 11.82
C ARG A 72 8.08 -22.30 11.51
N ILE A 73 8.40 -22.62 10.25
CA ILE A 73 8.51 -24.01 9.81
C ILE A 73 9.91 -24.30 9.27
N LYS A 74 10.30 -25.58 9.30
CA LYS A 74 11.63 -25.99 8.82
C LYS A 74 11.56 -27.33 8.07
N PRO A 75 12.15 -27.43 6.84
CA PRO A 75 12.13 -28.70 6.09
C PRO A 75 12.85 -29.82 6.85
N HIS A 76 12.21 -30.99 6.91
CA HIS A 76 12.77 -32.17 7.62
C HIS A 76 12.65 -32.06 9.15
N GLN A 77 12.12 -30.94 9.67
CA GLN A 77 11.99 -30.76 11.12
C GLN A 77 10.48 -30.57 11.48
N GLY A 78 10.08 -29.45 12.11
CA GLY A 78 8.66 -29.26 12.44
C GLY A 78 8.21 -27.82 12.25
N GLN A 79 7.30 -27.37 13.11
CA GLN A 79 6.78 -26.01 13.05
C GLN A 79 6.35 -25.53 14.43
N HIS A 80 6.38 -24.22 14.62
CA HIS A 80 6.00 -23.63 15.91
C HIS A 80 5.71 -22.14 15.77
N ILE A 81 5.07 -21.57 16.78
CA ILE A 81 4.75 -20.13 16.77
C ILE A 81 5.87 -19.32 17.37
N GLY A 82 6.24 -18.23 16.70
CA GLY A 82 7.31 -17.37 17.19
C GLY A 82 6.92 -15.90 17.17
N GLU A 83 7.68 -15.08 17.89
CA GLU A 83 7.41 -13.65 17.98
C GLU A 83 8.41 -12.86 17.12
N MET A 84 7.89 -11.98 16.27
CA MET A 84 8.75 -11.17 15.40
C MET A 84 8.32 -9.71 15.47
N SER A 85 9.27 -8.82 15.72
CA SER A 85 8.99 -7.40 15.81
C SER A 85 9.25 -6.72 14.47
N PHE A 86 8.44 -5.69 14.17
CA PHE A 86 8.59 -4.96 12.91
C PHE A 86 8.49 -3.46 13.17
N LEU A 87 9.24 -2.69 12.39
CA LEU A 87 9.23 -1.23 12.52
C LEU A 87 8.15 -0.60 11.66
N GLN A 88 7.40 0.34 12.22
CA GLN A 88 6.33 1.02 11.50
C GLN A 88 6.55 2.52 11.51
N HIS A 89 5.74 3.26 10.75
CA HIS A 89 5.86 4.71 10.67
C HIS A 89 4.66 5.39 11.34
N ASN A 90 4.97 6.28 12.29
CA ASN A 90 3.93 7.00 13.03
C ASN A 90 3.52 8.28 12.32
N LYS A 91 4.49 9.14 12.04
CA LYS A 91 4.21 10.42 11.36
C LYS A 91 4.92 10.46 10.01
N CYS A 92 4.38 11.25 9.08
CA CYS A 92 4.98 11.38 7.74
C CYS A 92 4.88 12.81 7.22
N GLU A 93 5.83 13.19 6.36
CA GLU A 93 5.84 14.53 5.79
C GLU A 93 6.82 14.60 4.60
N CYS A 94 6.71 15.66 3.80
CA CYS A 94 7.59 15.83 2.64
C CYS A 94 8.79 16.74 2.99
N ARG A 95 9.94 16.44 2.39
CA ARG A 95 11.15 17.23 2.63
C ARG A 95 11.89 17.50 1.31
N PRO A 96 12.53 18.70 1.14
CA PRO A 96 13.25 19.03 -0.09
C PRO A 96 14.48 18.16 -0.31
N LYS A 97 14.79 17.91 -1.60
CA LYS A 97 15.96 17.10 -1.97
C LYS A 97 17.14 18.01 -2.33
N LYS A 98 18.22 17.95 -1.55
CA LYS A 98 19.40 18.76 -1.81
C LYS A 98 20.52 18.44 -0.81
N ASP A 99 20.66 17.17 -0.47
CA ASP A 99 21.68 16.73 0.46
C ASP A 99 21.86 15.22 0.41
N HIS B 1 -4.09 -4.79 27.24
CA HIS B 1 -2.85 -3.98 27.21
C HIS B 1 -1.70 -4.73 26.54
N HIS B 2 -2.03 -5.63 25.61
CA HIS B 2 -1.02 -6.40 24.90
C HIS B 2 -0.72 -5.79 23.54
N GLU B 3 0.57 -5.60 23.27
CA GLU B 3 1.01 -5.00 22.00
C GLU B 3 1.20 -6.05 20.90
N VAL B 4 1.27 -7.34 21.25
CA VAL B 4 1.44 -8.40 20.26
C VAL B 4 0.14 -8.70 19.52
N VAL B 5 0.23 -8.84 18.20
CA VAL B 5 -0.95 -9.12 17.38
C VAL B 5 -1.24 -10.62 17.38
N LYS B 6 -2.53 -10.97 17.47
CA LYS B 6 -2.95 -12.37 17.48
C LYS B 6 -2.67 -13.02 16.13
N PHE B 7 -2.25 -14.29 16.17
CA PHE B 7 -1.93 -15.06 14.96
C PHE B 7 -3.06 -15.03 13.92
N MET B 8 -4.26 -15.45 14.33
CA MET B 8 -5.42 -15.49 13.44
C MET B 8 -5.71 -14.13 12.78
N ASP B 9 -5.44 -13.04 13.49
CA ASP B 9 -5.69 -11.70 12.96
C ASP B 9 -4.68 -11.30 11.88
N VAL B 10 -3.44 -11.76 12.03
CA VAL B 10 -2.39 -11.45 11.06
C VAL B 10 -2.68 -12.09 9.70
N TYR B 11 -2.83 -13.41 9.71
CA TYR B 11 -3.10 -14.18 8.49
C TYR B 11 -4.36 -13.70 7.76
N GLN B 12 -5.41 -13.35 8.52
CA GLN B 12 -6.67 -12.90 7.94
C GLN B 12 -6.54 -11.52 7.29
N ARG B 13 -5.78 -10.63 7.92
CA ARG B 13 -5.60 -9.27 7.41
C ARG B 13 -4.41 -9.16 6.43
N SER B 14 -3.53 -10.17 6.41
CA SER B 14 -2.36 -10.13 5.52
C SER B 14 -2.60 -10.89 4.21
N TYR B 15 -3.47 -11.90 4.26
CA TYR B 15 -3.77 -12.72 3.09
C TYR B 15 -4.29 -11.86 1.91
N CYS B 16 -3.90 -12.24 0.69
CA CYS B 16 -4.29 -11.53 -0.55
C CYS B 16 -5.75 -11.04 -0.54
N HIS B 17 -5.92 -9.73 -0.33
CA HIS B 17 -7.24 -9.11 -0.31
C HIS B 17 -7.16 -7.65 -0.81
N PRO B 18 -8.30 -7.01 -1.15
CA PRO B 18 -8.30 -5.63 -1.65
C PRO B 18 -8.07 -4.62 -0.53
N ILE B 19 -6.92 -3.93 -0.58
CA ILE B 19 -6.57 -2.94 0.43
C ILE B 19 -6.30 -1.57 -0.23
N GLU B 20 -6.52 -0.50 0.53
CA GLU B 20 -6.32 0.86 0.03
C GLU B 20 -4.83 1.11 -0.27
N THR B 21 -4.54 1.45 -1.52
CA THR B 21 -3.17 1.71 -1.94
C THR B 21 -3.09 2.92 -2.89
N LEU B 22 -2.10 3.77 -2.68
CA LEU B 22 -1.91 4.95 -3.51
C LEU B 22 -1.11 4.60 -4.76
N VAL B 23 -1.59 5.05 -5.92
CA VAL B 23 -0.93 4.78 -7.19
C VAL B 23 -0.47 6.07 -7.87
N ASP B 24 0.75 6.02 -8.40
CA ASP B 24 1.33 7.19 -9.08
C ASP B 24 0.68 7.38 -10.45
N ILE B 25 0.35 8.62 -10.80
CA ILE B 25 -0.29 8.91 -12.08
C ILE B 25 0.68 8.65 -13.22
N PHE B 26 1.96 8.96 -13.01
CA PHE B 26 2.98 8.76 -14.03
C PHE B 26 3.12 7.27 -14.38
N GLN B 27 2.74 6.38 -13.46
CA GLN B 27 2.83 4.95 -13.69
C GLN B 27 1.69 4.46 -14.60
N GLU B 28 0.55 5.15 -14.54
CA GLU B 28 -0.60 4.78 -15.35
C GLU B 28 -0.58 5.53 -16.68
N TYR B 29 -0.23 6.81 -16.63
CA TYR B 29 -0.17 7.65 -17.82
C TYR B 29 1.30 7.98 -18.15
N PRO B 30 2.06 7.05 -18.77
CA PRO B 30 3.47 7.28 -19.10
C PRO B 30 3.68 8.19 -20.32
N ASP B 31 2.64 8.35 -21.14
CA ASP B 31 2.74 9.18 -22.34
C ASP B 31 2.29 10.63 -22.08
N GLU B 32 2.30 11.06 -20.81
CA GLU B 32 1.90 12.42 -20.46
C GLU B 32 2.86 13.00 -19.41
N ILE B 33 3.87 13.72 -19.88
CA ILE B 33 4.86 14.33 -19.00
C ILE B 33 4.79 15.86 -19.03
N GLU B 34 4.57 16.40 -20.23
CA GLU B 34 4.49 17.84 -20.42
C GLU B 34 3.33 18.48 -19.62
N TYR B 35 2.37 17.66 -19.18
CA TYR B 35 1.24 18.17 -18.41
C TYR B 35 1.35 17.75 -16.94
N ILE B 36 1.95 18.61 -16.12
CA ILE B 36 2.12 18.33 -14.70
C ILE B 36 0.76 18.13 -14.01
N PHE B 37 0.63 17.00 -13.30
CA PHE B 37 -0.62 16.67 -12.62
C PHE B 37 -0.52 16.97 -11.12
N LYS B 38 -1.59 17.54 -10.57
CA LYS B 38 -1.64 17.88 -9.15
C LYS B 38 -2.97 17.40 -8.53
N PRO B 39 -2.96 16.40 -7.58
CA PRO B 39 -1.75 15.74 -7.07
C PRO B 39 -1.14 14.78 -8.09
N SER B 40 0.09 14.33 -7.81
CA SER B 40 0.79 13.41 -8.70
C SER B 40 0.40 11.94 -8.46
N CYS B 41 -0.43 11.66 -7.44
CA CYS B 41 -0.84 10.29 -7.14
C CYS B 41 -2.32 10.26 -6.77
N VAL B 42 -2.92 9.07 -6.83
CA VAL B 42 -4.34 8.91 -6.50
C VAL B 42 -4.59 7.64 -5.67
N PRO B 43 -5.55 7.66 -4.71
CA PRO B 43 -5.85 6.49 -3.89
C PRO B 43 -6.79 5.52 -4.60
N LEU B 44 -6.34 4.27 -4.75
CA LEU B 44 -7.13 3.24 -5.42
C LEU B 44 -7.09 1.93 -4.64
N MET B 45 -8.20 1.19 -4.66
CA MET B 45 -8.29 -0.09 -3.96
C MET B 45 -7.69 -1.21 -4.81
N ARG B 46 -6.48 -1.63 -4.46
CA ARG B 46 -5.80 -2.70 -5.20
C ARG B 46 -5.53 -3.90 -4.30
N CYS B 47 -5.02 -4.97 -4.89
CA CYS B 47 -4.71 -6.19 -4.14
C CYS B 47 -3.27 -6.16 -3.64
N GLY B 48 -3.09 -6.44 -2.35
CA GLY B 48 -1.75 -6.44 -1.77
C GLY B 48 -1.58 -7.47 -0.67
N GLY B 49 -0.34 -7.85 -0.41
CA GLY B 49 -0.05 -8.84 0.62
C GLY B 49 0.79 -9.99 0.10
N CYS B 50 0.41 -11.21 0.46
CA CYS B 50 1.13 -12.40 0.03
C CYS B 50 0.22 -13.63 0.01
N CYS B 51 0.74 -14.74 -0.54
CA CYS B 51 -0.02 -15.99 -0.62
C CYS B 51 0.45 -16.99 0.43
N ASN B 52 -0.14 -18.18 0.41
CA ASN B 52 0.20 -19.24 1.37
C ASN B 52 1.51 -19.95 1.01
N ASP B 53 1.83 -19.99 -0.28
CA ASP B 53 3.05 -20.67 -0.73
C ASP B 53 3.81 -19.84 -1.77
N GLU B 54 5.02 -20.29 -2.09
CA GLU B 54 5.86 -19.61 -3.07
C GLU B 54 5.29 -19.75 -4.48
N GLY B 55 4.60 -20.86 -4.73
CA GLY B 55 4.04 -21.10 -6.06
C GLY B 55 2.73 -20.38 -6.33
N LEU B 56 2.31 -19.48 -5.43
CA LEU B 56 1.06 -18.74 -5.62
C LEU B 56 1.35 -17.26 -5.87
N GLU B 57 0.38 -16.53 -6.41
CA GLU B 57 0.54 -15.11 -6.67
C GLU B 57 -0.75 -14.35 -6.40
N CYS B 58 -0.64 -13.19 -5.76
CA CYS B 58 -1.81 -12.37 -5.43
C CYS B 58 -2.21 -11.52 -6.63
N VAL B 59 -3.32 -11.90 -7.28
CA VAL B 59 -3.82 -11.17 -8.45
C VAL B 59 -5.32 -10.89 -8.33
N PRO B 60 -5.87 -9.93 -9.10
CA PRO B 60 -7.30 -9.60 -9.05
C PRO B 60 -8.14 -10.44 -9.99
N THR B 61 -9.40 -10.66 -9.62
CA THR B 61 -10.31 -11.46 -10.43
C THR B 61 -11.33 -10.58 -11.16
N GLU B 62 -11.64 -9.41 -10.58
CA GLU B 62 -12.57 -8.47 -11.18
C GLU B 62 -12.01 -7.06 -11.08
N GLU B 63 -12.38 -6.18 -12.03
CA GLU B 63 -11.88 -4.81 -12.04
C GLU B 63 -12.99 -3.78 -12.24
N SER B 64 -12.62 -2.50 -12.23
CA SER B 64 -13.57 -1.41 -12.41
C SER B 64 -12.82 -0.08 -12.48
N ASN B 65 -13.34 0.85 -13.29
CA ASN B 65 -12.72 2.16 -13.45
C ASN B 65 -13.33 3.20 -12.49
N ILE B 66 -12.57 4.24 -12.20
CA ILE B 66 -13.03 5.31 -11.31
C ILE B 66 -12.51 6.66 -11.77
N THR B 67 -13.39 7.65 -11.81
CA THR B 67 -13.03 9.00 -12.24
C THR B 67 -12.56 9.85 -11.07
N MET B 68 -11.64 10.78 -11.35
CA MET B 68 -11.11 11.67 -10.31
C MET B 68 -10.82 13.07 -10.88
N GLN B 69 -10.75 14.05 -10.00
CA GLN B 69 -10.46 15.43 -10.40
C GLN B 69 -8.99 15.77 -10.16
N ILE B 70 -8.28 16.07 -11.25
CA ILE B 70 -6.85 16.42 -11.16
C ILE B 70 -6.59 17.80 -11.77
N MET B 71 -5.62 18.51 -11.21
CA MET B 71 -5.26 19.84 -11.71
C MET B 71 -4.14 19.73 -12.74
N ARG B 72 -4.47 19.99 -14.00
CA ARG B 72 -3.50 19.92 -15.09
C ARG B 72 -2.81 21.26 -15.29
N ILE B 73 -1.48 21.26 -15.26
CA ILE B 73 -0.70 22.48 -15.46
C ILE B 73 0.29 22.31 -16.61
N LYS B 74 0.70 23.45 -17.21
CA LYS B 74 1.63 23.42 -18.34
C LYS B 74 2.62 24.59 -18.26
N PRO B 75 3.96 24.34 -18.37
CA PRO B 75 4.96 25.42 -18.32
C PRO B 75 4.77 26.42 -19.46
N HIS B 76 4.63 27.71 -19.11
CA HIS B 76 4.42 28.83 -20.07
C HIS B 76 2.94 29.09 -20.34
N GLN B 77 2.11 28.06 -20.19
CA GLN B 77 0.66 28.18 -20.41
C GLN B 77 -0.06 28.46 -19.07
N GLY B 78 -1.08 27.65 -18.68
CA GLY B 78 -1.76 27.90 -17.41
C GLY B 78 -2.09 26.62 -16.67
N GLN B 79 -3.27 26.57 -16.06
CA GLN B 79 -3.70 25.39 -15.31
C GLN B 79 -5.22 25.29 -15.29
N HIS B 80 -5.72 24.06 -15.13
CA HIS B 80 -7.16 23.83 -15.11
C HIS B 80 -7.48 22.45 -14.55
N ILE B 81 -8.73 22.24 -14.18
CA ILE B 81 -9.18 20.95 -13.63
C ILE B 81 -9.60 20.00 -14.75
N GLY B 82 -9.16 18.75 -14.65
CA GLY B 82 -9.49 17.75 -15.65
C GLY B 82 -9.97 16.46 -15.03
N GLU B 83 -10.62 15.62 -15.85
CA GLU B 83 -11.13 14.33 -15.38
C GLU B 83 -10.26 13.18 -15.88
N MET B 84 -9.79 12.36 -14.95
CA MET B 84 -8.96 11.21 -15.30
C MET B 84 -9.48 9.93 -14.64
N SER B 85 -9.67 8.89 -15.46
CA SER B 85 -10.18 7.62 -14.96
C SER B 85 -9.02 6.68 -14.61
N PHE B 86 -9.24 5.85 -13.60
CA PHE B 86 -8.23 4.89 -13.17
C PHE B 86 -8.86 3.53 -12.91
N LEU B 87 -8.10 2.47 -13.19
CA LEU B 87 -8.58 1.11 -12.98
C LEU B 87 -8.27 0.62 -11.58
N GLN B 88 -9.24 0.00 -10.91
CA GLN B 88 -9.05 -0.51 -9.55
C GLN B 88 -9.36 -2.00 -9.51
N HIS B 89 -9.07 -2.63 -8.38
CA HIS B 89 -9.33 -4.06 -8.20
C HIS B 89 -10.46 -4.30 -7.21
N ASN B 90 -11.47 -5.06 -7.66
CA ASN B 90 -12.63 -5.35 -6.82
C ASN B 90 -12.41 -6.60 -5.97
N LYS B 91 -12.08 -7.72 -6.62
CA LYS B 91 -11.85 -8.97 -5.93
C LYS B 91 -10.41 -9.43 -6.11
N CYS B 92 -9.90 -10.21 -5.15
CA CYS B 92 -8.52 -10.70 -5.21
C CYS B 92 -8.43 -12.13 -4.69
N GLU B 93 -7.44 -12.88 -5.21
CA GLU B 93 -7.23 -14.26 -4.78
C GLU B 93 -5.87 -14.78 -5.27
N CYS B 94 -5.42 -15.90 -4.71
CA CYS B 94 -4.14 -16.48 -5.09
C CYS B 94 -4.32 -17.59 -6.14
N ARG B 95 -3.36 -17.69 -7.07
CA ARG B 95 -3.41 -18.71 -8.12
C ARG B 95 -2.04 -19.38 -8.30
N PRO B 96 -1.99 -20.69 -8.63
CA PRO B 96 -0.72 -21.41 -8.81
C PRO B 96 0.07 -20.93 -10.04
N LYS B 97 1.40 -20.98 -9.94
CA LYS B 97 2.28 -20.57 -11.03
C LYS B 97 2.74 -21.79 -11.84
N LYS B 98 2.33 -21.88 -13.10
CA LYS B 98 2.74 -22.99 -13.96
C LYS B 98 2.21 -22.79 -15.39
N ASP B 99 2.26 -21.55 -15.86
CA ASP B 99 1.79 -21.23 -17.21
C ASP B 99 2.24 -19.83 -17.62
N GLY C 1 -3.18 -28.39 -1.37
CA GLY C 1 -2.48 -29.49 -0.66
C GLY C 1 -2.95 -30.86 -1.11
N GLY C 2 -4.26 -31.10 -1.03
CA GLY C 2 -4.81 -32.38 -1.45
C GLY C 2 -6.27 -32.27 -1.88
N ASN C 3 -7.15 -31.94 -0.93
CA ASN C 3 -8.56 -31.81 -1.23
C ASN C 3 -9.31 -31.15 -0.07
N GLU C 4 -8.99 -31.57 1.15
CA GLU C 4 -9.64 -31.03 2.34
C GLU C 4 -9.25 -29.56 2.56
N CYS C 5 -7.97 -29.25 2.37
CA CYS C 5 -7.48 -27.89 2.53
C CYS C 5 -6.86 -27.35 1.24
N ASP C 6 -7.56 -26.44 0.59
CA ASP C 6 -7.07 -25.84 -0.65
C ASP C 6 -5.91 -24.90 -0.34
N ILE C 7 -4.85 -24.99 -1.15
CA ILE C 7 -3.67 -24.17 -0.95
C ILE C 7 -3.97 -22.67 -1.09
N ALA C 8 -4.84 -22.32 -2.02
CA ALA C 8 -5.21 -20.92 -2.25
C ALA C 8 -6.49 -20.52 -1.50
N ARG C 9 -6.71 -21.13 -0.34
CA ARG C 9 -7.90 -20.83 0.48
C ARG C 9 -7.48 -20.56 1.93
N MET C 10 -8.33 -19.81 2.66
CA MET C 10 -8.05 -19.47 4.06
C MET C 10 -7.78 -20.72 4.90
N TRP C 11 -6.50 -21.04 5.08
CA TRP C 11 -6.08 -22.20 5.85
C TRP C 11 -6.42 -22.04 7.33
N GLU C 12 -7.60 -22.53 7.73
CA GLU C 12 -8.04 -22.44 9.12
C GLU C 12 -7.08 -23.22 10.04
N TRP C 13 -7.48 -23.43 11.30
CA TRP C 13 -6.64 -24.14 12.26
C TRP C 13 -6.20 -25.52 11.78
N GLU C 14 -7.17 -26.37 11.41
CA GLU C 14 -6.88 -27.73 10.95
C GLU C 14 -5.85 -27.77 9.82
N CYS C 15 -6.00 -26.85 8.86
CA CYS C 15 -5.08 -26.78 7.73
C CYS C 15 -3.69 -26.37 8.19
N PHE C 16 -3.64 -25.53 9.21
CA PHE C 16 -2.37 -25.05 9.76
C PHE C 16 -1.61 -26.19 10.44
N GLU C 17 -2.36 -27.12 11.03
CA GLU C 17 -1.76 -28.26 11.72
C GLU C 17 -1.02 -29.18 10.75
N ARG C 18 -1.73 -29.60 9.70
CA ARG C 18 -1.14 -30.50 8.70
C ARG C 18 -0.51 -29.69 7.56
N LEU C 19 0.50 -28.90 7.89
CA LEU C 19 1.19 -28.08 6.89
C LEU C 19 2.27 -28.90 6.18
N GLY D 1 7.45 27.68 -1.42
CA GLY D 1 7.30 28.68 -2.52
C GLY D 1 7.95 30.01 -2.20
N GLY D 2 7.56 30.59 -1.07
CA GLY D 2 8.12 31.87 -0.65
C GLY D 2 8.06 32.07 0.86
N ASN D 3 6.84 32.15 1.40
CA ASN D 3 6.67 32.34 2.83
C ASN D 3 5.21 32.11 3.24
N GLU D 4 4.28 32.64 2.44
CA GLU D 4 2.86 32.49 2.74
C GLU D 4 2.41 31.04 2.58
N CYS D 5 2.87 30.39 1.51
CA CYS D 5 2.52 28.99 1.24
C CYS D 5 3.76 28.11 1.20
N ASP D 6 3.93 27.27 2.22
CA ASP D 6 5.07 26.37 2.29
C ASP D 6 4.89 25.22 1.29
N ILE D 7 5.96 24.90 0.56
CA ILE D 7 5.91 23.85 -0.44
C ILE D 7 5.56 22.48 0.17
N ALA D 8 6.10 22.19 1.36
CA ALA D 8 5.84 20.92 2.02
C ALA D 8 4.68 21.01 3.03
N ARG D 9 3.70 21.86 2.73
CA ARG D 9 2.53 22.02 3.60
C ARG D 9 1.25 21.92 2.78
N MET D 10 0.14 21.55 3.43
CA MET D 10 -1.15 21.40 2.76
C MET D 10 -1.55 22.68 2.00
N TRP D 11 -1.25 22.69 0.70
CA TRP D 11 -1.56 23.85 -0.14
C TRP D 11 -3.07 24.04 -0.30
N GLU D 12 -3.65 24.86 0.57
CA GLU D 12 -5.09 25.15 0.53
C GLU D 12 -5.46 25.80 -0.81
N TRP D 13 -6.69 26.35 -0.90
CA TRP D 13 -7.17 26.98 -2.13
C TRP D 13 -6.23 28.09 -2.63
N GLU D 14 -5.97 29.08 -1.78
CA GLU D 14 -5.11 30.22 -2.13
C GLU D 14 -3.75 29.77 -2.69
N CYS D 15 -3.16 28.76 -2.06
CA CYS D 15 -1.86 28.26 -2.50
C CYS D 15 -1.98 27.59 -3.86
N PHE D 16 -3.13 26.96 -4.11
CA PHE D 16 -3.38 26.29 -5.39
C PHE D 16 -3.51 27.30 -6.53
N GLU D 17 -4.04 28.48 -6.21
CA GLU D 17 -4.23 29.53 -7.20
C GLU D 17 -2.89 30.05 -7.72
N ARG D 18 -2.01 30.44 -6.80
CA ARG D 18 -0.70 30.96 -7.16
C ARG D 18 0.34 29.83 -7.21
N LEU D 19 0.14 28.89 -8.12
CA LEU D 19 1.05 27.75 -8.28
C LEU D 19 2.21 28.13 -9.18
N HIS A 1 -20.92 12.77 -13.63
CA HIS A 1 -22.19 12.07 -13.95
C HIS A 1 -22.09 10.58 -13.67
N HIS A 2 -20.91 10.01 -13.86
CA HIS A 2 -20.69 8.59 -13.63
C HIS A 2 -20.27 8.33 -12.19
N GLU A 3 -19.04 8.71 -11.84
CA GLU A 3 -18.53 8.52 -10.49
C GLU A 3 -17.20 9.25 -10.30
N VAL A 4 -17.24 10.58 -10.39
CA VAL A 4 -16.04 11.40 -10.23
C VAL A 4 -15.82 11.76 -8.76
N VAL A 5 -14.58 11.61 -8.29
CA VAL A 5 -14.23 11.92 -6.91
C VAL A 5 -13.92 13.42 -6.75
N LYS A 6 -14.26 13.97 -5.60
CA LYS A 6 -14.02 15.39 -5.33
C LYS A 6 -12.52 15.67 -5.30
N PHE A 7 -12.12 16.80 -5.90
CA PHE A 7 -10.71 17.20 -5.97
C PHE A 7 -10.07 17.28 -4.59
N MET A 8 -10.67 18.05 -3.68
CA MET A 8 -10.13 18.22 -2.33
C MET A 8 -9.98 16.88 -1.59
N ASP A 9 -10.76 15.89 -2.00
CA ASP A 9 -10.71 14.57 -1.35
C ASP A 9 -9.54 13.74 -1.88
N VAL A 10 -9.23 13.91 -3.16
CA VAL A 10 -8.13 13.17 -3.78
C VAL A 10 -6.80 13.54 -3.16
N TYR A 11 -6.61 14.85 -2.90
CA TYR A 11 -5.38 15.35 -2.31
C TYR A 11 -5.29 14.98 -0.83
N GLN A 12 -6.41 15.09 -0.12
CA GLN A 12 -6.45 14.78 1.30
C GLN A 12 -6.12 13.30 1.57
N ARG A 13 -6.63 12.43 0.72
CA ARG A 13 -6.41 10.99 0.87
C ARG A 13 -5.14 10.50 0.13
N SER A 14 -4.53 11.34 -0.70
CA SER A 14 -3.33 10.93 -1.45
C SER A 14 -2.06 11.57 -0.87
N TYR A 15 -2.18 12.75 -0.28
CA TYR A 15 -1.03 13.46 0.29
C TYR A 15 -0.28 12.60 1.31
N CYS A 16 1.06 12.68 1.25
CA CYS A 16 1.96 11.93 2.16
C CYS A 16 1.47 11.87 3.61
N HIS A 17 0.89 10.72 3.98
CA HIS A 17 0.38 10.49 5.33
C HIS A 17 0.49 9.01 5.71
N PRO A 18 0.29 8.65 7.00
CA PRO A 18 0.38 7.25 7.43
C PRO A 18 -0.81 6.42 6.95
N ILE A 19 -0.53 5.40 6.14
CA ILE A 19 -1.58 4.53 5.61
C ILE A 19 -1.24 3.06 5.84
N GLU A 20 -2.27 2.24 6.05
CA GLU A 20 -2.07 0.82 6.30
C GLU A 20 -1.52 0.13 5.04
N THR A 21 -0.31 -0.41 5.15
CA THR A 21 0.33 -1.08 4.02
C THR A 21 0.94 -2.42 4.44
N LEU A 22 0.82 -3.43 3.57
CA LEU A 22 1.37 -4.75 3.86
C LEU A 22 2.84 -4.82 3.44
N VAL A 23 3.65 -5.47 4.28
CA VAL A 23 5.08 -5.61 3.99
C VAL A 23 5.51 -7.07 3.99
N ASP A 24 6.36 -7.43 3.02
CA ASP A 24 6.85 -8.80 2.91
C ASP A 24 7.92 -9.07 3.96
N ILE A 25 7.82 -10.23 4.62
CA ILE A 25 8.77 -10.60 5.67
C ILE A 25 10.16 -10.82 5.08
N PHE A 26 10.22 -11.40 3.87
CA PHE A 26 11.49 -11.64 3.20
C PHE A 26 12.24 -10.33 2.92
N GLN A 27 11.49 -9.23 2.77
CA GLN A 27 12.09 -7.93 2.48
C GLN A 27 12.76 -7.36 3.73
N GLU A 28 12.23 -7.69 4.90
CA GLU A 28 12.79 -7.21 6.16
C GLU A 28 13.85 -8.18 6.69
N TYR A 29 13.57 -9.46 6.55
CA TYR A 29 14.49 -10.51 7.01
C TYR A 29 15.11 -11.22 5.80
N PRO A 30 16.08 -10.59 5.09
CA PRO A 30 16.70 -11.22 3.91
C PRO A 30 17.66 -12.36 4.25
N ASP A 31 18.08 -12.44 5.52
CA ASP A 31 19.01 -13.50 5.94
C ASP A 31 18.27 -14.72 6.51
N GLU A 32 17.02 -14.91 6.11
CA GLU A 32 16.23 -16.04 6.58
C GLU A 32 15.32 -16.56 5.47
N ILE A 33 15.82 -17.55 4.71
CA ILE A 33 15.06 -18.13 3.61
C ILE A 33 14.65 -19.57 3.91
N GLU A 34 15.55 -20.31 4.54
CA GLU A 34 15.30 -21.71 4.87
C GLU A 34 14.17 -21.88 5.89
N TYR A 35 13.78 -20.79 6.58
CA TYR A 35 12.72 -20.86 7.58
C TYR A 35 11.44 -20.24 7.03
N ILE A 36 10.57 -21.08 6.45
CA ILE A 36 9.31 -20.62 5.87
C ILE A 36 8.43 -19.98 6.95
N PHE A 37 8.05 -18.73 6.73
CA PHE A 37 7.20 -18.01 7.68
C PHE A 37 5.74 -18.03 7.23
N LYS A 38 4.83 -18.21 8.18
CA LYS A 38 3.40 -18.25 7.89
C LYS A 38 2.62 -17.34 8.86
N PRO A 39 2.01 -16.22 8.39
CA PRO A 39 1.99 -15.78 6.98
C PRO A 39 3.34 -15.21 6.52
N SER A 40 3.52 -15.11 5.21
CA SER A 40 4.77 -14.59 4.64
C SER A 40 4.81 -13.06 4.61
N CYS A 41 3.70 -12.39 4.98
CA CYS A 41 3.66 -10.93 4.97
C CYS A 41 2.94 -10.42 6.22
N VAL A 42 3.15 -9.14 6.57
CA VAL A 42 2.52 -8.57 7.75
C VAL A 42 2.04 -7.13 7.51
N PRO A 43 0.89 -6.72 8.12
CA PRO A 43 0.37 -5.36 7.95
C PRO A 43 1.09 -4.36 8.85
N LEU A 44 1.61 -3.29 8.25
CA LEU A 44 2.33 -2.26 9.01
C LEU A 44 1.93 -0.87 8.54
N MET A 45 1.90 0.08 9.47
CA MET A 45 1.54 1.46 9.16
C MET A 45 2.74 2.22 8.60
N ARG A 46 2.73 2.47 7.29
CA ARG A 46 3.82 3.18 6.63
C ARG A 46 3.31 4.43 5.92
N CYS A 47 4.22 5.30 5.51
CA CYS A 47 3.86 6.53 4.81
C CYS A 47 3.86 6.29 3.30
N GLY A 48 2.78 6.71 2.64
CA GLY A 48 2.66 6.53 1.21
C GLY A 48 1.96 7.71 0.55
N GLY A 49 2.06 7.79 -0.78
CA GLY A 49 1.42 8.88 -1.51
C GLY A 49 2.41 9.72 -2.28
N CYS A 50 2.20 11.03 -2.29
CA CYS A 50 3.08 11.95 -3.00
C CYS A 50 3.11 13.32 -2.32
N CYS A 51 4.19 14.07 -2.54
CA CYS A 51 4.35 15.39 -1.94
C CYS A 51 3.76 16.49 -2.84
N ASN A 52 3.89 17.73 -2.41
CA ASN A 52 3.36 18.87 -3.15
C ASN A 52 4.22 19.25 -4.36
N ASP A 53 5.53 19.03 -4.26
CA ASP A 53 6.45 19.38 -5.34
C ASP A 53 7.32 18.19 -5.75
N GLU A 54 7.99 18.33 -6.89
CA GLU A 54 8.86 17.28 -7.41
C GLU A 54 10.15 17.20 -6.60
N GLY A 55 10.61 18.35 -6.10
CA GLY A 55 11.84 18.39 -5.32
C GLY A 55 11.69 17.95 -3.87
N LEU A 56 10.50 17.45 -3.49
CA LEU A 56 10.27 16.98 -2.12
C LEU A 56 10.28 15.46 -2.06
N GLU A 57 10.22 14.91 -0.85
CA GLU A 57 10.21 13.46 -0.68
C GLU A 57 9.37 13.05 0.53
N CYS A 58 8.50 12.07 0.33
CA CYS A 58 7.63 11.58 1.39
C CYS A 58 8.39 10.60 2.29
N VAL A 59 8.82 11.08 3.46
CA VAL A 59 9.58 10.27 4.40
C VAL A 59 8.98 10.36 5.81
N PRO A 60 9.28 9.39 6.71
CA PRO A 60 8.74 9.39 8.08
C PRO A 60 9.57 10.24 9.03
N THR A 61 8.92 10.84 10.02
CA THR A 61 9.59 11.66 11.01
C THR A 61 9.71 10.94 12.35
N GLU A 62 8.79 10.02 12.62
CA GLU A 62 8.79 9.25 13.85
C GLU A 62 8.58 7.77 13.56
N GLU A 63 9.27 6.90 14.31
CA GLU A 63 9.16 5.45 14.09
C GLU A 63 8.74 4.72 15.35
N SER A 64 8.52 3.41 15.21
CA SER A 64 8.11 2.56 16.33
C SER A 64 8.07 1.10 15.90
N ASN A 65 8.43 0.19 16.80
CA ASN A 65 8.43 -1.24 16.49
C ASN A 65 7.11 -1.89 16.90
N ILE A 66 6.81 -3.02 16.26
CA ILE A 66 5.58 -3.76 16.55
C ILE A 66 5.82 -5.26 16.48
N THR A 67 5.44 -5.97 17.54
CA THR A 67 5.62 -7.43 17.60
C THR A 67 4.41 -8.15 17.03
N MET A 68 4.66 -9.30 16.41
CA MET A 68 3.58 -10.09 15.81
C MET A 68 3.90 -11.58 15.90
N GLN A 69 2.85 -12.40 15.87
CA GLN A 69 3.01 -13.85 15.95
C GLN A 69 3.13 -14.46 14.55
N ILE A 70 4.24 -15.16 14.30
CA ILE A 70 4.47 -15.79 13.00
C ILE A 70 4.79 -17.27 13.16
N MET A 71 4.36 -18.08 12.19
CA MET A 71 4.60 -19.52 12.22
C MET A 71 5.88 -19.86 11.47
N ARG A 72 6.92 -20.24 12.22
CA ARG A 72 8.21 -20.60 11.63
C ARG A 72 8.27 -22.09 11.32
N ILE A 73 8.26 -22.43 10.03
CA ILE A 73 8.31 -23.83 9.60
C ILE A 73 9.67 -24.16 8.96
N LYS A 74 10.06 -25.43 9.04
CA LYS A 74 11.34 -25.87 8.48
C LYS A 74 11.18 -27.23 7.79
N PRO A 75 11.69 -27.41 6.54
CA PRO A 75 11.59 -28.70 5.84
C PRO A 75 12.22 -29.84 6.63
N HIS A 76 11.56 -31.00 6.62
CA HIS A 76 12.01 -32.20 7.33
C HIS A 76 11.89 -32.10 8.86
N GLN A 77 11.38 -30.98 9.38
CA GLN A 77 11.23 -30.80 10.82
C GLN A 77 9.73 -30.56 11.18
N GLY A 78 9.37 -29.42 11.82
CA GLY A 78 7.97 -29.18 12.15
C GLY A 78 7.59 -27.71 12.06
N GLN A 79 6.75 -27.25 12.99
CA GLN A 79 6.31 -25.86 13.02
C GLN A 79 6.42 -25.31 14.43
N HIS A 80 6.55 -23.98 14.54
CA HIS A 80 6.66 -23.34 15.84
C HIS A 80 6.34 -21.84 15.75
N ILE A 81 5.51 -21.36 16.67
CA ILE A 81 5.14 -19.95 16.70
C ILE A 81 6.27 -19.11 17.28
N GLY A 82 6.55 -17.97 16.63
CA GLY A 82 7.61 -17.10 17.09
C GLY A 82 7.21 -15.63 17.05
N GLU A 83 7.92 -14.81 17.82
CA GLU A 83 7.65 -13.38 17.86
C GLU A 83 8.61 -12.61 16.96
N MET A 84 8.05 -11.84 16.03
CA MET A 84 8.84 -11.04 15.11
C MET A 84 8.45 -9.57 15.18
N SER A 85 9.43 -8.72 15.45
CA SER A 85 9.18 -7.29 15.55
C SER A 85 9.47 -6.60 14.22
N PHE A 86 8.62 -5.65 13.86
CA PHE A 86 8.78 -4.89 12.62
C PHE A 86 8.73 -3.40 12.88
N LEU A 87 9.42 -2.63 12.05
CA LEU A 87 9.45 -1.18 12.20
C LEU A 87 8.31 -0.52 11.43
N GLN A 88 7.63 0.43 12.07
CA GLN A 88 6.51 1.13 11.45
C GLN A 88 6.74 2.64 11.49
N HIS A 89 5.92 3.39 10.75
CA HIS A 89 6.03 4.84 10.71
C HIS A 89 4.89 5.48 11.49
N ASN A 90 5.25 6.29 12.49
CA ASN A 90 4.27 6.96 13.34
C ASN A 90 3.89 8.33 12.77
N LYS A 91 4.90 9.06 12.28
CA LYS A 91 4.68 10.39 11.71
C LYS A 91 5.30 10.50 10.32
N CYS A 92 4.68 11.28 9.44
CA CYS A 92 5.18 11.46 8.08
C CYS A 92 5.27 12.95 7.72
N GLU A 93 6.17 13.27 6.80
CA GLU A 93 6.37 14.66 6.37
C GLU A 93 7.20 14.72 5.09
N CYS A 94 7.05 15.82 4.34
CA CYS A 94 7.78 16.01 3.09
C CYS A 94 8.95 16.99 3.28
N ARG A 95 10.07 16.71 2.61
CA ARG A 95 11.25 17.58 2.72
C ARG A 95 12.03 17.61 1.39
N PRO A 96 12.89 18.63 1.15
CA PRO A 96 13.67 18.73 -0.09
C PRO A 96 14.63 17.56 -0.29
N LYS A 97 14.75 17.10 -1.54
CA LYS A 97 15.63 16.00 -1.87
C LYS A 97 17.10 16.42 -1.79
N LYS A 98 17.88 15.70 -1.00
CA LYS A 98 19.30 16.01 -0.85
C LYS A 98 20.08 14.78 -0.36
N ASP A 99 20.75 14.10 -1.30
CA ASP A 99 21.53 12.92 -0.96
C ASP A 99 22.71 13.27 -0.06
N HIS B 1 3.30 -9.41 26.24
CA HIS B 1 3.39 -8.49 27.40
C HIS B 1 3.53 -7.04 26.94
N HIS B 2 4.20 -6.84 25.82
CA HIS B 2 4.42 -5.50 25.28
C HIS B 2 3.27 -5.09 24.36
N GLU B 3 3.22 -5.69 23.17
CA GLU B 3 2.16 -5.39 22.21
C GLU B 3 2.20 -6.38 21.03
N VAL B 4 1.96 -7.66 21.35
CA VAL B 4 1.96 -8.71 20.32
C VAL B 4 0.57 -8.84 19.69
N VAL B 5 0.54 -8.94 18.36
CA VAL B 5 -0.72 -9.08 17.63
C VAL B 5 -1.13 -10.55 17.56
N LYS B 6 -2.44 -10.79 17.57
CA LYS B 6 -2.96 -12.15 17.50
C LYS B 6 -2.61 -12.79 16.16
N PHE B 7 -2.24 -14.07 16.19
CA PHE B 7 -1.86 -14.81 14.99
C PHE B 7 -2.97 -14.78 13.92
N MET B 8 -4.16 -15.24 14.30
CA MET B 8 -5.30 -15.28 13.38
C MET B 8 -5.61 -13.92 12.76
N ASP B 9 -5.23 -12.84 13.44
CA ASP B 9 -5.47 -11.50 12.95
C ASP B 9 -4.45 -11.08 11.90
N VAL B 10 -3.22 -11.54 12.06
CA VAL B 10 -2.15 -11.22 11.13
C VAL B 10 -2.43 -11.81 9.74
N TYR B 11 -2.93 -13.04 9.73
CA TYR B 11 -3.24 -13.73 8.48
C TYR B 11 -4.49 -13.14 7.83
N GLN B 12 -5.49 -12.82 8.64
CA GLN B 12 -6.75 -12.26 8.15
C GLN B 12 -6.53 -10.90 7.50
N ARG B 13 -5.67 -10.08 8.10
CA ARG B 13 -5.37 -8.75 7.58
C ARG B 13 -4.21 -8.73 6.58
N SER B 14 -3.50 -9.86 6.42
CA SER B 14 -2.37 -9.91 5.50
C SER B 14 -2.68 -10.72 4.23
N TYR B 15 -3.57 -11.71 4.36
CA TYR B 15 -3.93 -12.57 3.24
C TYR B 15 -4.45 -11.77 2.04
N CYS B 16 -4.03 -12.18 0.83
CA CYS B 16 -4.43 -11.53 -0.45
C CYS B 16 -5.89 -11.07 -0.48
N HIS B 17 -6.10 -9.77 -0.28
CA HIS B 17 -7.44 -9.19 -0.30
C HIS B 17 -7.38 -7.73 -0.79
N PRO B 18 -8.54 -7.09 -1.10
CA PRO B 18 -8.55 -5.71 -1.57
C PRO B 18 -8.25 -4.71 -0.44
N ILE B 19 -7.19 -3.92 -0.64
CA ILE B 19 -6.79 -2.94 0.36
C ILE B 19 -6.52 -1.58 -0.30
N GLU B 20 -6.83 -0.50 0.42
CA GLU B 20 -6.64 0.85 -0.09
C GLU B 20 -5.16 1.14 -0.28
N THR B 21 -4.77 1.45 -1.51
CA THR B 21 -3.37 1.73 -1.82
C THR B 21 -3.23 2.94 -2.74
N LEU B 22 -2.23 3.76 -2.50
CA LEU B 22 -1.98 4.95 -3.31
C LEU B 22 -1.14 4.60 -4.54
N VAL B 23 -1.54 5.12 -5.71
CA VAL B 23 -0.83 4.84 -6.94
C VAL B 23 -0.33 6.14 -7.60
N ASP B 24 0.88 6.09 -8.15
CA ASP B 24 1.47 7.25 -8.82
C ASP B 24 0.87 7.42 -10.21
N ILE B 25 0.52 8.65 -10.55
CA ILE B 25 -0.07 8.95 -11.86
C ILE B 25 0.95 8.69 -12.97
N PHE B 26 2.21 9.03 -12.72
CA PHE B 26 3.27 8.83 -13.70
C PHE B 26 3.42 7.34 -14.07
N GLN B 27 3.07 6.46 -13.14
CA GLN B 27 3.18 5.01 -13.37
C GLN B 27 2.08 4.52 -14.31
N GLU B 28 0.93 5.21 -14.31
CA GLU B 28 -0.19 4.83 -15.15
C GLU B 28 -0.12 5.57 -16.48
N TYR B 29 0.26 6.85 -16.40
CA TYR B 29 0.39 7.69 -17.59
C TYR B 29 1.87 8.02 -17.84
N PRO B 30 2.67 7.05 -18.37
CA PRO B 30 4.10 7.27 -18.61
C PRO B 30 4.39 8.19 -19.81
N ASP B 31 3.39 8.38 -20.68
CA ASP B 31 3.57 9.23 -21.87
C ASP B 31 3.37 10.72 -21.56
N GLU B 32 2.71 11.04 -20.45
CA GLU B 32 2.47 12.44 -20.08
C GLU B 32 3.40 12.89 -18.97
N ILE B 33 4.47 13.61 -19.34
CA ILE B 33 5.44 14.11 -18.37
C ILE B 33 5.43 15.64 -18.32
N GLU B 34 5.33 16.26 -19.50
CA GLU B 34 5.31 17.72 -19.60
C GLU B 34 4.09 18.35 -18.92
N TYR B 35 3.06 17.55 -18.63
CA TYR B 35 1.85 18.06 -17.99
C TYR B 35 1.84 17.70 -16.50
N ILE B 36 2.32 18.61 -15.66
CA ILE B 36 2.37 18.38 -14.21
C ILE B 36 0.95 18.19 -13.64
N PHE B 37 0.74 17.06 -12.99
CA PHE B 37 -0.56 16.75 -12.40
C PHE B 37 -0.57 17.05 -10.91
N LYS B 38 -1.67 17.61 -10.42
CA LYS B 38 -1.81 17.95 -9.01
C LYS B 38 -3.16 17.45 -8.46
N PRO B 39 -3.19 16.44 -7.53
CA PRO B 39 -2.00 15.77 -6.96
C PRO B 39 -1.33 14.83 -7.96
N SER B 40 -0.07 14.49 -7.68
CA SER B 40 0.69 13.59 -8.54
C SER B 40 0.36 12.11 -8.30
N CYS B 41 -0.47 11.80 -7.30
CA CYS B 41 -0.84 10.42 -7.01
C CYS B 41 -2.34 10.33 -6.70
N VAL B 42 -2.91 9.12 -6.76
CA VAL B 42 -4.33 8.94 -6.50
C VAL B 42 -4.62 7.64 -5.73
N PRO B 43 -5.61 7.62 -4.80
CA PRO B 43 -5.93 6.42 -4.04
C PRO B 43 -6.81 5.45 -4.84
N LEU B 44 -6.37 4.20 -4.91
CA LEU B 44 -7.09 3.17 -5.64
C LEU B 44 -7.11 1.85 -4.87
N MET B 45 -8.23 1.14 -4.96
CA MET B 45 -8.37 -0.14 -4.28
C MET B 45 -7.69 -1.26 -5.07
N ARG B 46 -6.57 -1.74 -4.54
CA ARG B 46 -5.81 -2.81 -5.19
C ARG B 46 -5.60 -3.99 -4.24
N CYS B 47 -5.19 -5.13 -4.79
CA CYS B 47 -4.94 -6.32 -3.99
C CYS B 47 -3.50 -6.34 -3.51
N GLY B 48 -3.31 -6.56 -2.21
CA GLY B 48 -1.97 -6.60 -1.64
C GLY B 48 -1.84 -7.66 -0.56
N GLY B 49 -0.60 -8.02 -0.24
CA GLY B 49 -0.35 -9.03 0.78
C GLY B 49 0.43 -10.21 0.25
N CYS B 50 0.05 -11.41 0.68
CA CYS B 50 0.73 -12.63 0.24
C CYS B 50 -0.23 -13.82 0.23
N CYS B 51 0.10 -14.84 -0.57
CA CYS B 51 -0.74 -16.03 -0.68
C CYS B 51 -0.36 -17.07 0.36
N ASN B 52 -1.05 -18.22 0.33
CA ASN B 52 -0.80 -19.30 1.28
C ASN B 52 0.47 -20.09 0.96
N ASP B 53 0.80 -20.20 -0.33
CA ASP B 53 1.99 -20.96 -0.75
C ASP B 53 2.92 -20.13 -1.63
N GLU B 54 4.15 -20.61 -1.78
CA GLU B 54 5.15 -19.92 -2.59
C GLU B 54 4.80 -20.03 -4.09
N GLY B 55 4.20 -21.16 -4.46
CA GLY B 55 3.83 -21.38 -5.85
C GLY B 55 2.55 -20.67 -6.29
N LEU B 56 1.98 -19.83 -5.41
CA LEU B 56 0.75 -19.10 -5.75
C LEU B 56 1.07 -17.64 -6.06
N GLU B 57 0.08 -16.89 -6.50
CA GLU B 57 0.27 -15.48 -6.81
C GLU B 57 -1.00 -14.68 -6.52
N CYS B 58 -0.83 -13.57 -5.82
CA CYS B 58 -1.95 -12.69 -5.46
C CYS B 58 -2.30 -11.78 -6.63
N VAL B 59 -3.36 -12.14 -7.36
CA VAL B 59 -3.81 -11.37 -8.52
C VAL B 59 -5.31 -11.06 -8.43
N PRO B 60 -5.81 -10.04 -9.16
CA PRO B 60 -7.23 -9.68 -9.12
C PRO B 60 -8.07 -10.52 -10.08
N THR B 61 -9.33 -10.75 -9.71
CA THR B 61 -10.24 -11.53 -10.53
C THR B 61 -11.27 -10.64 -11.22
N GLU B 62 -11.57 -9.49 -10.61
CA GLU B 62 -12.54 -8.54 -11.18
C GLU B 62 -11.95 -7.13 -11.15
N GLU B 63 -12.21 -6.34 -12.19
CA GLU B 63 -11.69 -4.98 -12.27
C GLU B 63 -12.80 -3.95 -12.43
N SER B 64 -12.41 -2.67 -12.44
CA SER B 64 -13.35 -1.56 -12.59
C SER B 64 -12.61 -0.23 -12.66
N ASN B 65 -13.12 0.71 -13.46
CA ASN B 65 -12.49 2.01 -13.60
C ASN B 65 -13.08 3.03 -12.64
N ILE B 66 -12.30 4.07 -12.33
CA ILE B 66 -12.75 5.12 -11.43
C ILE B 66 -12.25 6.49 -11.89
N THR B 67 -13.17 7.45 -12.01
CA THR B 67 -12.82 8.80 -12.45
C THR B 67 -12.45 9.68 -11.27
N MET B 68 -11.53 10.62 -11.50
CA MET B 68 -11.08 11.52 -10.44
C MET B 68 -10.70 12.89 -11.03
N GLN B 69 -10.80 13.92 -10.20
CA GLN B 69 -10.46 15.28 -10.63
C GLN B 69 -8.98 15.58 -10.37
N ILE B 70 -8.26 15.92 -11.44
CA ILE B 70 -6.84 16.23 -11.33
C ILE B 70 -6.52 17.60 -11.94
N MET B 71 -5.58 18.31 -11.34
CA MET B 71 -5.18 19.63 -11.83
C MET B 71 -4.02 19.52 -12.81
N ARG B 72 -4.31 19.73 -14.09
CA ARG B 72 -3.28 19.65 -15.13
C ARG B 72 -2.61 21.00 -15.35
N ILE B 73 -1.34 21.10 -14.97
CA ILE B 73 -0.58 22.34 -15.12
C ILE B 73 0.48 22.21 -16.22
N LYS B 74 0.86 23.34 -16.82
CA LYS B 74 1.85 23.35 -17.89
C LYS B 74 2.77 24.58 -17.76
N PRO B 75 4.11 24.40 -17.83
CA PRO B 75 5.05 25.53 -17.73
C PRO B 75 4.79 26.59 -18.79
N HIS B 76 4.89 27.86 -18.39
CA HIS B 76 4.66 29.02 -19.27
C HIS B 76 3.19 29.22 -19.65
N GLN B 77 2.29 28.38 -19.14
CA GLN B 77 0.86 28.50 -19.46
C GLN B 77 0.03 28.69 -18.16
N GLY B 78 -0.95 27.83 -17.85
CA GLY B 78 -1.73 28.01 -16.62
C GLY B 78 -2.10 26.68 -15.99
N GLN B 79 -3.32 26.60 -15.45
CA GLN B 79 -3.80 25.37 -14.81
C GLN B 79 -5.21 25.06 -15.28
N HIS B 80 -5.60 23.80 -15.20
CA HIS B 80 -6.94 23.38 -15.63
C HIS B 80 -7.32 22.02 -15.04
N ILE B 81 -8.53 21.94 -14.50
CA ILE B 81 -9.01 20.69 -13.92
C ILE B 81 -9.42 19.70 -15.02
N GLY B 82 -9.04 18.44 -14.84
CA GLY B 82 -9.36 17.42 -15.84
C GLY B 82 -9.79 16.12 -15.20
N GLU B 83 -10.52 15.31 -15.97
CA GLU B 83 -10.99 14.02 -15.47
C GLU B 83 -10.06 12.90 -15.91
N MET B 84 -9.57 12.12 -14.95
CA MET B 84 -8.67 11.01 -15.24
C MET B 84 -9.21 9.71 -14.65
N SER B 85 -9.40 8.72 -15.50
CA SER B 85 -9.92 7.43 -15.06
C SER B 85 -8.77 6.46 -14.76
N PHE B 86 -8.91 5.71 -13.68
CA PHE B 86 -7.89 4.74 -13.27
C PHE B 86 -8.53 3.37 -13.05
N LEU B 87 -7.74 2.32 -13.26
CA LEU B 87 -8.22 0.96 -13.08
C LEU B 87 -8.02 0.48 -11.65
N GLN B 88 -9.03 -0.16 -11.07
CA GLN B 88 -8.96 -0.66 -9.70
C GLN B 88 -9.30 -2.14 -9.65
N HIS B 89 -9.04 -2.78 -8.52
CA HIS B 89 -9.32 -4.20 -8.35
C HIS B 89 -10.53 -4.41 -7.44
N ASN B 90 -11.55 -5.08 -7.97
CA ASN B 90 -12.77 -5.33 -7.21
C ASN B 90 -12.70 -6.64 -6.44
N LYS B 91 -12.14 -7.67 -7.07
CA LYS B 91 -12.02 -8.98 -6.45
C LYS B 91 -10.57 -9.49 -6.53
N CYS B 92 -10.14 -10.25 -5.52
CA CYS B 92 -8.79 -10.79 -5.48
C CYS B 92 -8.80 -12.29 -5.20
N GLU B 93 -7.76 -12.99 -5.65
CA GLU B 93 -7.65 -14.43 -5.45
C GLU B 93 -6.23 -14.94 -5.75
N CYS B 94 -5.90 -16.11 -5.21
CA CYS B 94 -4.58 -16.71 -5.43
C CYS B 94 -4.66 -17.87 -6.42
N ARG B 95 -3.68 -17.97 -7.31
CA ARG B 95 -3.65 -19.04 -8.30
C ARG B 95 -2.20 -19.52 -8.55
N PRO B 96 -2.01 -20.76 -9.07
CA PRO B 96 -0.66 -21.31 -9.32
C PRO B 96 0.13 -20.47 -10.32
N LYS B 97 1.42 -20.28 -10.02
CA LYS B 97 2.31 -19.49 -10.87
C LYS B 97 2.61 -20.18 -12.20
N LYS B 98 2.40 -19.45 -13.29
CA LYS B 98 2.68 -19.96 -14.63
C LYS B 98 3.39 -18.87 -15.43
N ASP B 99 3.33 -18.90 -16.76
CA ASP B 99 3.99 -17.88 -17.59
C ASP B 99 3.57 -18.02 -19.05
N GLY C 1 -16.36 -34.25 10.68
CA GLY C 1 -15.97 -33.12 9.79
C GLY C 1 -15.90 -33.53 8.33
N GLY C 2 -16.22 -32.60 7.44
CA GLY C 2 -16.17 -32.88 6.02
C GLY C 2 -15.83 -31.65 5.19
N ASN C 3 -14.66 -31.07 5.45
CA ASN C 3 -14.22 -29.88 4.73
C ASN C 3 -12.76 -30.03 4.30
N GLU C 4 -12.53 -29.97 2.99
CA GLU C 4 -11.18 -30.10 2.45
C GLU C 4 -10.40 -28.80 2.62
N CYS C 5 -9.07 -28.92 2.67
CA CYS C 5 -8.21 -27.76 2.83
C CYS C 5 -7.75 -27.22 1.48
N ASP C 6 -8.43 -26.19 1.00
CA ASP C 6 -8.09 -25.58 -0.29
C ASP C 6 -6.82 -24.74 -0.17
N ILE C 7 -5.89 -24.94 -1.10
CA ILE C 7 -4.62 -24.21 -1.08
C ILE C 7 -4.83 -22.70 -1.23
N ALA C 8 -5.80 -22.32 -2.06
CA ALA C 8 -6.10 -20.90 -2.28
C ALA C 8 -7.30 -20.46 -1.44
N ARG C 9 -7.48 -21.06 -0.27
CA ARG C 9 -8.57 -20.74 0.63
C ARG C 9 -8.08 -20.60 2.07
N MET C 10 -8.86 -19.92 2.91
CA MET C 10 -8.50 -19.70 4.30
C MET C 10 -8.17 -21.00 5.04
N TRP C 11 -6.87 -21.32 5.12
CA TRP C 11 -6.40 -22.52 5.80
C TRP C 11 -6.59 -22.39 7.31
N GLU C 12 -7.76 -22.81 7.81
CA GLU C 12 -8.07 -22.73 9.24
C GLU C 12 -7.02 -23.46 10.10
N TRP C 13 -7.32 -23.64 11.38
CA TRP C 13 -6.40 -24.29 12.32
C TRP C 13 -6.02 -25.70 11.87
N GLU C 14 -7.02 -26.54 11.59
CA GLU C 14 -6.77 -27.93 11.17
C GLU C 14 -5.87 -27.99 9.93
N CYS C 15 -6.09 -27.06 9.00
CA CYS C 15 -5.27 -27.02 7.78
C CYS C 15 -3.85 -26.59 8.10
N PHE C 16 -3.70 -25.74 9.12
CA PHE C 16 -2.38 -25.25 9.53
C PHE C 16 -1.53 -26.37 10.12
N GLU C 17 -2.18 -27.34 10.76
CA GLU C 17 -1.48 -28.46 11.39
C GLU C 17 -0.98 -29.44 10.33
N ARG C 18 -1.83 -29.75 9.36
CA ARG C 18 -1.46 -30.67 8.28
C ARG C 18 -1.00 -29.90 7.05
N LEU C 19 0.07 -29.12 7.22
CA LEU C 19 0.64 -28.32 6.14
C LEU C 19 1.67 -29.12 5.35
N GLY D 1 -6.20 38.29 5.84
CA GLY D 1 -5.53 36.97 5.99
C GLY D 1 -4.04 37.09 6.27
N GLY D 2 -3.50 36.12 6.99
CA GLY D 2 -2.08 36.13 7.32
C GLY D 2 -1.52 34.73 7.47
N ASN D 3 -1.62 33.93 6.41
CA ASN D 3 -1.11 32.57 6.42
C ASN D 3 -0.27 32.29 5.17
N GLU D 4 0.99 31.94 5.38
CA GLU D 4 1.90 31.66 4.27
C GLU D 4 1.66 30.25 3.71
N CYS D 5 1.94 30.07 2.42
CA CYS D 5 1.76 28.78 1.76
C CYS D 5 3.02 27.93 1.88
N ASP D 6 3.06 27.05 2.87
CA ASP D 6 4.21 26.18 3.07
C ASP D 6 4.27 25.10 1.99
N ILE D 7 5.44 24.92 1.40
CA ILE D 7 5.62 23.93 0.34
C ILE D 7 5.35 22.51 0.84
N ALA D 8 5.76 22.21 2.07
CA ALA D 8 5.54 20.89 2.65
C ALA D 8 4.33 20.88 3.59
N ARG D 9 3.33 21.70 3.26
CA ARG D 9 2.12 21.79 4.05
C ARG D 9 0.87 21.79 3.16
N MET D 10 -0.28 21.46 3.72
CA MET D 10 -1.54 21.40 2.97
C MET D 10 -1.82 22.70 2.21
N TRP D 11 -1.47 22.71 0.92
CA TRP D 11 -1.69 23.88 0.07
C TRP D 11 -3.19 24.06 -0.21
N GLU D 12 -3.87 24.83 0.65
CA GLU D 12 -5.29 25.07 0.51
C GLU D 12 -5.64 25.67 -0.86
N TRP D 13 -6.88 26.15 -1.02
CA TRP D 13 -7.34 26.72 -2.29
C TRP D 13 -6.47 27.89 -2.75
N GLU D 14 -6.33 28.91 -1.89
CA GLU D 14 -5.53 30.10 -2.23
C GLU D 14 -4.11 29.74 -2.67
N CYS D 15 -3.55 28.70 -2.07
CA CYS D 15 -2.21 28.25 -2.42
C CYS D 15 -2.21 27.55 -3.78
N PHE D 16 -3.32 26.88 -4.09
CA PHE D 16 -3.45 26.16 -5.36
C PHE D 16 -3.51 27.14 -6.54
N GLU D 17 -4.11 28.31 -6.31
CA GLU D 17 -4.24 29.33 -7.35
C GLU D 17 -2.88 29.96 -7.66
N ARG D 18 -2.16 30.35 -6.62
CA ARG D 18 -0.84 30.96 -6.79
C ARG D 18 0.26 29.92 -6.61
N LEU D 19 0.30 28.96 -7.53
CA LEU D 19 1.29 27.89 -7.50
C LEU D 19 2.53 28.28 -8.30
N HIS A 1 -23.67 6.48 -5.39
CA HIS A 1 -22.31 6.39 -4.77
C HIS A 1 -21.31 7.32 -5.48
N HIS A 2 -21.80 8.40 -6.07
CA HIS A 2 -20.95 9.35 -6.78
C HIS A 2 -20.14 8.67 -7.89
N GLU A 3 -19.41 9.49 -8.67
CA GLU A 3 -18.59 8.96 -9.76
C GLU A 3 -17.21 9.63 -9.75
N VAL A 4 -17.20 10.94 -9.98
CA VAL A 4 -15.96 11.71 -9.99
C VAL A 4 -15.60 12.19 -8.59
N VAL A 5 -14.41 11.83 -8.12
CA VAL A 5 -13.97 12.23 -6.80
C VAL A 5 -13.64 13.72 -6.76
N LYS A 6 -14.04 14.38 -5.67
CA LYS A 6 -13.80 15.81 -5.51
C LYS A 6 -12.29 16.10 -5.43
N PHE A 7 -11.86 17.17 -6.12
CA PHE A 7 -10.46 17.56 -6.16
C PHE A 7 -9.84 17.68 -4.77
N MET A 8 -10.45 18.48 -3.91
CA MET A 8 -9.93 18.70 -2.55
C MET A 8 -9.82 17.39 -1.76
N ASP A 9 -10.62 16.39 -2.13
CA ASP A 9 -10.60 15.10 -1.45
C ASP A 9 -9.45 14.23 -1.96
N VAL A 10 -9.14 14.35 -3.26
CA VAL A 10 -8.06 13.58 -3.86
C VAL A 10 -6.71 13.98 -3.27
N TYR A 11 -6.52 15.28 -3.09
CA TYR A 11 -5.27 15.80 -2.54
C TYR A 11 -5.15 15.49 -1.06
N GLN A 12 -6.27 15.61 -0.33
CA GLN A 12 -6.28 15.34 1.10
C GLN A 12 -5.98 13.88 1.40
N ARG A 13 -6.57 12.97 0.61
CA ARG A 13 -6.38 11.53 0.81
C ARG A 13 -5.14 10.98 0.10
N SER A 14 -4.53 11.77 -0.80
CA SER A 14 -3.35 11.30 -1.54
C SER A 14 -2.04 11.83 -0.94
N TYR A 15 -2.10 12.98 -0.26
CA TYR A 15 -0.90 13.59 0.34
C TYR A 15 -0.22 12.62 1.32
N CYS A 16 1.14 12.59 1.28
CA CYS A 16 1.97 11.73 2.13
C CYS A 16 1.47 11.65 3.60
N HIS A 17 0.87 10.51 3.95
CA HIS A 17 0.36 10.28 5.30
C HIS A 17 0.45 8.80 5.67
N PRO A 18 0.25 8.42 6.96
CA PRO A 18 0.33 7.03 7.39
C PRO A 18 -0.89 6.21 6.93
N ILE A 19 -0.64 5.25 6.03
CA ILE A 19 -1.70 4.40 5.50
C ILE A 19 -1.37 2.93 5.73
N GLU A 20 -2.41 2.11 5.96
CA GLU A 20 -2.22 0.69 6.21
C GLU A 20 -1.62 0.00 4.98
N THR A 21 -0.45 -0.60 5.16
CA THR A 21 0.24 -1.29 4.07
C THR A 21 0.82 -2.62 4.53
N LEU A 22 0.81 -3.60 3.64
CA LEU A 22 1.34 -4.93 3.95
C LEU A 22 2.83 -5.01 3.58
N VAL A 23 3.65 -5.46 4.51
CA VAL A 23 5.09 -5.59 4.28
C VAL A 23 5.55 -7.04 4.30
N ASP A 24 6.36 -7.41 3.32
CA ASP A 24 6.88 -8.77 3.21
C ASP A 24 7.92 -9.03 4.29
N ILE A 25 7.84 -10.20 4.93
CA ILE A 25 8.78 -10.55 5.99
C ILE A 25 10.19 -10.71 5.43
N PHE A 26 10.27 -11.25 4.22
CA PHE A 26 11.57 -11.46 3.56
C PHE A 26 12.27 -10.13 3.30
N GLN A 27 11.50 -9.05 3.14
CA GLN A 27 12.06 -7.73 2.88
C GLN A 27 12.68 -7.14 4.14
N GLU A 28 12.13 -7.49 5.30
CA GLU A 28 12.64 -6.98 6.57
C GLU A 28 13.72 -7.91 7.12
N TYR A 29 13.50 -9.21 6.95
CA TYR A 29 14.46 -10.22 7.41
C TYR A 29 15.22 -10.81 6.22
N PRO A 30 16.24 -10.10 5.67
CA PRO A 30 17.00 -10.60 4.51
C PRO A 30 17.96 -11.74 4.85
N ASP A 31 18.36 -11.82 6.11
CA ASP A 31 19.29 -12.86 6.55
C ASP A 31 18.55 -14.16 6.90
N GLU A 32 17.30 -14.03 7.33
CA GLU A 32 16.49 -15.20 7.70
C GLU A 32 15.65 -15.69 6.53
N ILE A 33 16.18 -16.64 5.77
CA ILE A 33 15.49 -17.21 4.61
C ILE A 33 15.18 -18.69 4.82
N GLU A 34 16.12 -19.41 5.43
CA GLU A 34 15.96 -20.84 5.68
C GLU A 34 14.71 -21.15 6.52
N TYR A 35 14.18 -20.15 7.24
CA TYR A 35 13.00 -20.36 8.08
C TYR A 35 11.74 -19.82 7.40
N ILE A 36 10.98 -20.72 6.76
CA ILE A 36 9.74 -20.34 6.08
C ILE A 36 8.74 -19.73 7.07
N PHE A 37 8.31 -18.51 6.79
CA PHE A 37 7.37 -17.79 7.65
C PHE A 37 5.93 -17.92 7.15
N LYS A 38 5.01 -18.17 8.09
CA LYS A 38 3.59 -18.29 7.75
C LYS A 38 2.75 -17.45 8.73
N PRO A 39 2.09 -16.34 8.27
CA PRO A 39 2.10 -15.86 6.87
C PRO A 39 3.44 -15.26 6.46
N SER A 40 3.66 -15.14 5.16
CA SER A 40 4.90 -14.58 4.63
C SER A 40 4.93 -13.04 4.68
N CYS A 41 3.79 -12.41 5.00
CA CYS A 41 3.74 -10.95 5.08
C CYS A 41 2.97 -10.50 6.33
N VAL A 42 3.15 -9.25 6.73
CA VAL A 42 2.46 -8.72 7.92
C VAL A 42 1.92 -7.31 7.68
N PRO A 43 0.74 -6.96 8.26
CA PRO A 43 0.15 -5.63 8.09
C PRO A 43 0.83 -4.58 8.98
N LEU A 44 1.28 -3.49 8.36
CA LEU A 44 1.95 -2.42 9.10
C LEU A 44 1.55 -1.05 8.58
N MET A 45 1.49 -0.07 9.48
CA MET A 45 1.14 1.30 9.10
C MET A 45 2.36 2.05 8.58
N ARG A 46 2.44 2.20 7.26
CA ARG A 46 3.56 2.88 6.63
C ARG A 46 3.11 4.13 5.88
N CYS A 47 4.06 4.96 5.48
CA CYS A 47 3.75 6.19 4.75
C CYS A 47 3.74 5.94 3.24
N GLY A 48 2.69 6.44 2.57
CA GLY A 48 2.57 6.26 1.14
C GLY A 48 1.89 7.43 0.45
N GLY A 49 2.10 7.56 -0.85
CA GLY A 49 1.48 8.63 -1.62
C GLY A 49 2.48 9.45 -2.42
N CYS A 50 2.29 10.76 -2.43
CA CYS A 50 3.18 11.67 -3.17
C CYS A 50 3.30 13.02 -2.46
N CYS A 51 4.16 13.90 -3.00
CA CYS A 51 4.38 15.21 -2.40
C CYS A 51 3.78 16.33 -3.27
N ASN A 52 3.95 17.57 -2.82
CA ASN A 52 3.42 18.73 -3.52
C ASN A 52 4.23 19.08 -4.77
N ASP A 53 5.53 18.83 -4.72
CA ASP A 53 6.42 19.14 -5.85
C ASP A 53 7.28 17.94 -6.23
N GLU A 54 7.91 18.02 -7.40
CA GLU A 54 8.76 16.95 -7.90
C GLU A 54 10.03 16.81 -7.05
N GLY A 55 10.47 17.93 -6.46
CA GLY A 55 11.68 17.91 -5.64
C GLY A 55 11.45 17.49 -4.19
N LEU A 56 10.27 16.94 -3.88
CA LEU A 56 9.97 16.48 -2.52
C LEU A 56 9.78 14.97 -2.49
N GLU A 57 9.94 14.37 -1.31
CA GLU A 57 9.78 12.92 -1.17
C GLU A 57 9.01 12.57 0.10
N CYS A 58 8.18 11.55 0.01
CA CYS A 58 7.38 11.10 1.14
C CYS A 58 8.21 10.22 2.08
N VAL A 59 8.59 10.79 3.23
CA VAL A 59 9.40 10.07 4.22
C VAL A 59 8.80 10.21 5.63
N PRO A 60 9.09 9.25 6.55
CA PRO A 60 8.56 9.30 7.92
C PRO A 60 9.42 10.15 8.86
N THR A 61 8.78 10.73 9.87
CA THR A 61 9.49 11.57 10.84
C THR A 61 9.69 10.82 12.15
N GLU A 62 8.79 9.89 12.46
CA GLU A 62 8.88 9.09 13.68
C GLU A 62 8.63 7.62 13.37
N GLU A 63 9.14 6.71 14.21
CA GLU A 63 8.97 5.27 13.98
C GLU A 63 8.57 4.54 15.26
N SER A 64 8.37 3.22 15.14
CA SER A 64 7.99 2.39 16.27
C SER A 64 8.05 0.91 15.90
N ASN A 65 8.01 0.05 16.92
CA ASN A 65 8.07 -1.40 16.72
C ASN A 65 6.75 -2.07 17.09
N ILE A 66 6.47 -3.21 16.45
CA ILE A 66 5.24 -3.96 16.71
C ILE A 66 5.49 -5.46 16.63
N THR A 67 5.16 -6.17 17.70
CA THR A 67 5.37 -7.62 17.76
C THR A 67 4.23 -8.37 17.08
N MET A 68 4.52 -9.57 16.59
CA MET A 68 3.52 -10.39 15.91
C MET A 68 3.91 -11.87 15.98
N GLN A 69 2.91 -12.75 15.90
CA GLN A 69 3.14 -14.18 15.95
C GLN A 69 3.32 -14.76 14.54
N ILE A 70 4.45 -15.42 14.32
CA ILE A 70 4.75 -16.01 13.00
C ILE A 70 5.14 -17.48 13.15
N MET A 71 4.76 -18.29 12.16
CA MET A 71 5.07 -19.71 12.17
C MET A 71 6.33 -20.01 11.34
N ARG A 72 7.38 -20.45 12.02
CA ARG A 72 8.64 -20.77 11.35
C ARG A 72 8.69 -22.26 11.00
N ILE A 73 8.76 -22.57 9.71
CA ILE A 73 8.81 -23.96 9.24
C ILE A 73 10.10 -24.23 8.48
N LYS A 74 10.83 -25.26 8.90
CA LYS A 74 12.08 -25.62 8.25
C LYS A 74 11.84 -26.70 7.18
N PRO A 75 12.54 -26.65 6.02
CA PRO A 75 12.33 -27.63 4.95
C PRO A 75 12.56 -29.07 5.39
N HIS A 76 11.52 -29.89 5.26
CA HIS A 76 11.60 -31.31 5.63
C HIS A 76 12.00 -31.50 7.11
N GLN A 77 11.71 -30.50 7.95
CA GLN A 77 12.04 -30.56 9.37
C GLN A 77 10.79 -30.37 10.26
N GLY A 78 10.73 -29.35 11.15
CA GLY A 78 9.55 -29.15 11.99
C GLY A 78 9.12 -27.69 12.02
N GLN A 79 7.91 -27.41 12.54
CA GLN A 79 7.40 -26.04 12.60
C GLN A 79 7.11 -25.59 14.03
N HIS A 80 7.17 -24.28 14.27
CA HIS A 80 6.91 -23.72 15.59
C HIS A 80 6.53 -22.24 15.50
N ILE A 81 5.88 -21.73 16.55
CA ILE A 81 5.46 -20.33 16.60
C ILE A 81 6.53 -19.45 17.23
N GLY A 82 6.75 -18.28 16.66
CA GLY A 82 7.76 -17.36 17.17
C GLY A 82 7.31 -15.92 17.15
N GLU A 83 7.96 -15.08 17.97
CA GLU A 83 7.62 -13.67 18.03
C GLU A 83 8.58 -12.84 17.18
N MET A 84 8.03 -12.02 16.28
CA MET A 84 8.85 -11.19 15.39
C MET A 84 8.43 -9.73 15.48
N SER A 85 9.39 -8.85 15.72
CA SER A 85 9.12 -7.42 15.82
C SER A 85 9.33 -6.75 14.46
N PHE A 86 8.44 -5.81 14.13
CA PHE A 86 8.54 -5.08 12.86
C PHE A 86 8.47 -3.58 13.11
N LEU A 87 9.11 -2.81 12.25
CA LEU A 87 9.12 -1.35 12.36
C LEU A 87 8.05 -0.73 11.46
N GLN A 88 7.26 0.18 12.01
CA GLN A 88 6.23 0.88 11.25
C GLN A 88 6.36 2.39 11.43
N HIS A 89 5.85 3.14 10.47
CA HIS A 89 5.94 4.61 10.50
C HIS A 89 4.77 5.24 11.26
N ASN A 90 5.11 6.11 12.22
CA ASN A 90 4.11 6.80 13.03
C ASN A 90 3.66 8.09 12.35
N LYS A 91 4.62 8.97 12.06
CA LYS A 91 4.33 10.24 11.40
C LYS A 91 4.94 10.28 10.00
N CYS A 92 4.35 11.09 9.12
CA CYS A 92 4.83 11.21 7.74
C CYS A 92 4.83 12.68 7.29
N GLU A 93 5.87 13.07 6.54
CA GLU A 93 5.99 14.44 6.03
C GLU A 93 6.85 14.48 4.78
N CYS A 94 6.69 15.54 3.97
CA CYS A 94 7.46 15.69 2.74
C CYS A 94 8.67 16.59 2.97
N ARG A 95 9.79 16.25 2.33
CA ARG A 95 11.02 17.04 2.47
C ARG A 95 11.82 17.04 1.16
N PRO A 96 12.77 17.99 0.97
CA PRO A 96 13.58 18.06 -0.25
C PRO A 96 14.49 16.85 -0.45
N LYS A 97 14.54 16.35 -1.67
CA LYS A 97 15.36 15.18 -2.00
C LYS A 97 16.85 15.52 -1.94
N LYS A 98 17.69 14.50 -2.05
CA LYS A 98 19.14 14.69 -2.02
C LYS A 98 19.80 13.87 -3.13
N ASP A 99 19.78 12.54 -2.98
CA ASP A 99 20.38 11.65 -3.96
C ASP A 99 19.31 10.98 -4.82
N HIS B 1 -3.73 -0.77 25.19
CA HIS B 1 -3.69 -1.37 23.82
C HIS B 1 -2.82 -2.63 23.79
N HIS B 2 -3.21 -3.57 22.94
CA HIS B 2 -2.47 -4.83 22.81
C HIS B 2 -1.05 -4.57 22.27
N GLU B 3 -0.17 -5.56 22.45
CA GLU B 3 1.22 -5.46 21.96
C GLU B 3 1.45 -6.49 20.86
N VAL B 4 1.44 -7.77 21.23
CA VAL B 4 1.63 -8.85 20.26
C VAL B 4 0.33 -9.17 19.54
N VAL B 5 0.35 -9.09 18.21
CA VAL B 5 -0.84 -9.37 17.41
C VAL B 5 -1.14 -10.87 17.38
N LYS B 6 -2.42 -11.22 17.46
CA LYS B 6 -2.84 -12.61 17.43
C LYS B 6 -2.56 -13.25 16.07
N PHE B 7 -2.04 -14.47 16.08
CA PHE B 7 -1.70 -15.21 14.85
C PHE B 7 -2.86 -15.23 13.85
N MET B 8 -4.02 -15.70 14.29
CA MET B 8 -5.20 -15.79 13.43
C MET B 8 -5.56 -14.43 12.80
N ASP B 9 -5.19 -13.34 13.47
CA ASP B 9 -5.49 -12.00 12.96
C ASP B 9 -4.46 -11.55 11.92
N VAL B 10 -3.20 -11.96 12.11
CA VAL B 10 -2.13 -11.60 11.18
C VAL B 10 -2.38 -12.21 9.81
N TYR B 11 -2.83 -13.45 9.80
CA TYR B 11 -3.11 -14.17 8.56
C TYR B 11 -4.37 -13.64 7.89
N GLN B 12 -5.40 -13.37 8.70
CA GLN B 12 -6.66 -12.86 8.18
C GLN B 12 -6.50 -11.48 7.54
N ARG B 13 -5.70 -10.63 8.17
CA ARG B 13 -5.48 -9.28 7.67
C ARG B 13 -4.33 -9.20 6.65
N SER B 14 -3.52 -10.25 6.54
CA SER B 14 -2.38 -10.24 5.61
C SER B 14 -2.68 -10.99 4.31
N TYR B 15 -3.62 -11.95 4.36
CA TYR B 15 -3.98 -12.73 3.17
C TYR B 15 -4.46 -11.83 2.03
N CYS B 16 -4.02 -12.15 0.79
CA CYS B 16 -4.37 -11.39 -0.43
C CYS B 16 -5.83 -10.91 -0.46
N HIS B 17 -6.03 -9.60 -0.29
CA HIS B 17 -7.37 -9.00 -0.30
C HIS B 17 -7.30 -7.54 -0.77
N PRO B 18 -8.46 -6.90 -1.09
CA PRO B 18 -8.49 -5.51 -1.56
C PRO B 18 -8.21 -4.52 -0.42
N ILE B 19 -7.09 -3.80 -0.51
CA ILE B 19 -6.71 -2.83 0.50
C ILE B 19 -6.46 -1.45 -0.14
N GLU B 20 -6.79 -0.39 0.60
CA GLU B 20 -6.61 0.97 0.10
C GLU B 20 -5.13 1.27 -0.15
N THR B 21 -4.79 1.61 -1.39
CA THR B 21 -3.41 1.91 -1.75
C THR B 21 -3.33 3.10 -2.70
N LEU B 22 -2.26 3.89 -2.57
CA LEU B 22 -2.06 5.07 -3.40
C LEU B 22 -1.26 4.71 -4.65
N VAL B 23 -1.77 5.11 -5.82
CA VAL B 23 -1.10 4.83 -7.09
C VAL B 23 -0.62 6.11 -7.77
N ASP B 24 0.61 6.08 -8.27
CA ASP B 24 1.18 7.23 -8.95
C ASP B 24 0.55 7.41 -10.33
N ILE B 25 0.22 8.65 -10.67
CA ILE B 25 -0.38 8.96 -11.96
C ILE B 25 0.59 8.67 -13.09
N PHE B 26 1.88 8.95 -12.86
CA PHE B 26 2.90 8.71 -13.87
C PHE B 26 3.03 7.22 -14.20
N GLN B 27 2.68 6.36 -13.23
CA GLN B 27 2.76 4.92 -13.43
C GLN B 27 1.63 4.41 -14.33
N GLU B 28 0.49 5.09 -14.29
CA GLU B 28 -0.66 4.71 -15.10
C GLU B 28 -0.63 5.42 -16.45
N TYR B 29 -0.21 6.69 -16.43
CA TYR B 29 -0.12 7.49 -17.65
C TYR B 29 1.36 7.66 -18.04
N PRO B 30 1.99 6.63 -18.67
CA PRO B 30 3.41 6.72 -19.06
C PRO B 30 3.65 7.64 -20.26
N ASP B 31 2.62 7.84 -21.08
CA ASP B 31 2.76 8.69 -22.26
C ASP B 31 2.53 10.17 -21.94
N GLU B 32 1.74 10.43 -20.89
CA GLU B 32 1.46 11.80 -20.48
C GLU B 32 2.41 12.27 -19.38
N ILE B 33 3.51 12.92 -19.79
CA ILE B 33 4.50 13.41 -18.84
C ILE B 33 4.58 14.94 -18.89
N GLU B 34 4.48 15.50 -20.10
CA GLU B 34 4.56 16.95 -20.28
C GLU B 34 3.49 17.71 -19.48
N TYR B 35 2.43 17.01 -19.07
CA TYR B 35 1.35 17.64 -18.31
C TYR B 35 1.46 17.33 -16.82
N ILE B 36 2.04 18.26 -16.06
CA ILE B 36 2.21 18.08 -14.61
C ILE B 36 0.85 17.93 -13.93
N PHE B 37 0.69 16.82 -13.20
CA PHE B 37 -0.57 16.53 -12.51
C PHE B 37 -0.49 16.91 -11.04
N LYS B 38 -1.56 17.53 -10.53
CA LYS B 38 -1.63 17.94 -9.14
C LYS B 38 -2.99 17.53 -8.54
N PRO B 39 -3.05 16.56 -7.58
CA PRO B 39 -1.88 15.83 -7.03
C PRO B 39 -1.26 14.86 -8.03
N SER B 40 -0.02 14.47 -7.77
CA SER B 40 0.69 13.54 -8.65
C SER B 40 0.28 12.08 -8.43
N CYS B 41 -0.51 11.79 -7.38
CA CYS B 41 -0.94 10.43 -7.11
C CYS B 41 -2.42 10.41 -6.73
N VAL B 42 -3.06 9.24 -6.82
CA VAL B 42 -4.48 9.11 -6.50
C VAL B 42 -4.77 7.85 -5.66
N PRO B 43 -5.73 7.91 -4.71
CA PRO B 43 -6.06 6.75 -3.87
C PRO B 43 -6.94 5.75 -4.61
N LEU B 44 -6.52 4.49 -4.63
CA LEU B 44 -7.27 3.44 -5.31
C LEU B 44 -7.23 2.14 -4.52
N MET B 45 -8.32 1.37 -4.60
CA MET B 45 -8.42 0.09 -3.90
C MET B 45 -7.76 -1.03 -4.72
N ARG B 46 -6.56 -1.42 -4.33
CA ARG B 46 -5.82 -2.47 -5.03
C ARG B 46 -5.57 -3.67 -4.14
N CYS B 47 -5.12 -4.77 -4.73
CA CYS B 47 -4.85 -6.00 -3.98
C CYS B 47 -3.40 -6.01 -3.50
N GLY B 48 -3.21 -6.35 -2.22
CA GLY B 48 -1.88 -6.40 -1.65
C GLY B 48 -1.73 -7.46 -0.57
N GLY B 49 -0.50 -7.85 -0.28
CA GLY B 49 -0.25 -8.86 0.74
C GLY B 49 0.61 -10.01 0.24
N CYS B 50 0.20 -11.23 0.59
CA CYS B 50 0.93 -12.44 0.17
C CYS B 50 -0.01 -13.63 0.09
N CYS B 51 0.52 -14.77 -0.37
CA CYS B 51 -0.27 -16.00 -0.52
C CYS B 51 0.08 -17.03 0.55
N ASN B 52 -0.56 -18.19 0.47
CA ASN B 52 -0.34 -19.27 1.44
C ASN B 52 0.96 -20.03 1.16
N ASP B 53 1.34 -20.10 -0.12
CA ASP B 53 2.55 -20.82 -0.51
C ASP B 53 3.45 -19.95 -1.39
N GLU B 54 4.69 -20.39 -1.56
CA GLU B 54 5.66 -19.67 -2.38
C GLU B 54 5.29 -19.72 -3.87
N GLY B 55 4.60 -20.78 -4.28
CA GLY B 55 4.20 -20.92 -5.67
C GLY B 55 2.89 -20.21 -6.03
N LEU B 56 2.40 -19.34 -5.15
CA LEU B 56 1.16 -18.59 -5.41
C LEU B 56 1.45 -17.11 -5.50
N GLU B 57 0.58 -16.36 -6.17
CA GLU B 57 0.75 -14.92 -6.33
C GLU B 57 -0.57 -14.19 -6.14
N CYS B 58 -0.52 -13.05 -5.46
CA CYS B 58 -1.70 -12.23 -5.21
C CYS B 58 -2.08 -11.43 -6.45
N VAL B 59 -3.17 -11.84 -7.10
CA VAL B 59 -3.64 -11.17 -8.32
C VAL B 59 -5.14 -10.88 -8.23
N PRO B 60 -5.67 -9.89 -9.00
CA PRO B 60 -7.09 -9.54 -8.97
C PRO B 60 -7.93 -10.40 -9.92
N THR B 61 -9.19 -10.63 -9.55
CA THR B 61 -10.09 -11.43 -10.36
C THR B 61 -11.06 -10.54 -11.15
N GLU B 62 -11.38 -9.37 -10.58
CA GLU B 62 -12.29 -8.43 -11.23
C GLU B 62 -11.72 -7.01 -11.14
N GLU B 63 -12.08 -6.15 -12.09
CA GLU B 63 -11.59 -4.77 -12.11
C GLU B 63 -12.71 -3.76 -12.29
N SER B 64 -12.32 -2.48 -12.29
CA SER B 64 -13.28 -1.39 -12.45
C SER B 64 -12.56 -0.06 -12.67
N ASN B 65 -13.31 0.95 -13.14
CA ASN B 65 -12.74 2.28 -13.40
C ASN B 65 -13.30 3.30 -12.43
N ILE B 66 -12.51 4.35 -12.14
CA ILE B 66 -12.93 5.40 -11.23
C ILE B 66 -12.39 6.76 -11.69
N THR B 67 -13.31 7.70 -11.94
CA THR B 67 -12.92 9.04 -12.40
C THR B 67 -12.49 9.92 -11.24
N MET B 68 -11.64 10.90 -11.53
CA MET B 68 -11.14 11.82 -10.50
C MET B 68 -10.73 13.15 -11.12
N GLN B 69 -10.74 14.20 -10.31
CA GLN B 69 -10.37 15.54 -10.78
C GLN B 69 -8.87 15.80 -10.56
N ILE B 70 -8.17 16.11 -11.66
CA ILE B 70 -6.73 16.38 -11.58
C ILE B 70 -6.39 17.72 -12.25
N MET B 71 -5.39 18.40 -11.72
CA MET B 71 -4.96 19.69 -12.27
C MET B 71 -3.76 19.52 -13.19
N ARG B 72 -3.96 19.80 -14.47
CA ARG B 72 -2.88 19.69 -15.46
C ARG B 72 -2.19 21.05 -15.65
N ILE B 73 -0.89 21.10 -15.33
CA ILE B 73 -0.11 22.33 -15.46
C ILE B 73 1.05 22.13 -16.42
N LYS B 74 1.14 22.98 -17.44
CA LYS B 74 2.21 22.89 -18.44
C LYS B 74 3.39 23.77 -18.02
N PRO B 75 4.66 23.33 -18.28
CA PRO B 75 5.84 24.12 -17.91
C PRO B 75 5.82 25.52 -18.51
N HIS B 76 5.89 26.53 -17.64
CA HIS B 76 5.87 27.92 -18.08
C HIS B 76 4.58 28.25 -18.85
N GLN B 77 3.50 27.50 -18.56
CA GLN B 77 2.22 27.72 -19.22
C GLN B 77 1.07 27.65 -18.21
N GLY B 78 -0.14 27.97 -18.66
CA GLY B 78 -1.31 27.97 -17.79
C GLY B 78 -1.63 26.61 -17.17
N GLN B 79 -2.76 26.55 -16.45
CA GLN B 79 -3.21 25.32 -15.80
C GLN B 79 -4.72 25.16 -15.93
N HIS B 80 -5.21 23.94 -15.73
CA HIS B 80 -6.64 23.66 -15.83
C HIS B 80 -7.01 22.32 -15.17
N ILE B 81 -8.30 22.15 -14.86
CA ILE B 81 -8.79 20.92 -14.24
C ILE B 81 -9.29 19.94 -15.30
N GLY B 82 -8.96 18.66 -15.11
CA GLY B 82 -9.38 17.63 -16.06
C GLY B 82 -9.84 16.36 -15.38
N GLU B 83 -10.61 15.55 -16.10
CA GLU B 83 -11.12 14.30 -15.56
C GLU B 83 -10.24 13.13 -16.01
N MET B 84 -9.75 12.35 -15.06
CA MET B 84 -8.90 11.19 -15.36
C MET B 84 -9.47 9.92 -14.74
N SER B 85 -9.62 8.89 -15.57
CA SER B 85 -10.14 7.61 -15.11
C SER B 85 -9.00 6.67 -14.73
N PHE B 86 -9.17 5.96 -13.62
CA PHE B 86 -8.15 5.02 -13.15
C PHE B 86 -8.77 3.64 -12.91
N LEU B 87 -7.96 2.60 -13.07
CA LEU B 87 -8.44 1.24 -12.87
C LEU B 87 -8.06 0.73 -11.47
N GLN B 88 -9.03 0.14 -10.76
CA GLN B 88 -8.79 -0.39 -9.42
C GLN B 88 -9.28 -1.83 -9.33
N HIS B 89 -8.73 -2.59 -8.39
CA HIS B 89 -9.10 -3.99 -8.22
C HIS B 89 -10.29 -4.18 -7.29
N ASN B 90 -11.30 -4.90 -7.76
CA ASN B 90 -12.51 -5.16 -6.99
C ASN B 90 -12.35 -6.41 -6.13
N LYS B 91 -12.01 -7.53 -6.78
CA LYS B 91 -11.82 -8.80 -6.07
C LYS B 91 -10.37 -9.25 -6.15
N CYS B 92 -9.92 -10.00 -5.14
CA CYS B 92 -8.54 -10.49 -5.09
C CYS B 92 -8.51 -11.98 -4.77
N GLU B 93 -7.49 -12.68 -5.26
CA GLU B 93 -7.36 -14.12 -5.03
C GLU B 93 -5.96 -14.61 -5.42
N CYS B 94 -5.52 -15.70 -4.79
CA CYS B 94 -4.20 -16.27 -5.08
C CYS B 94 -4.29 -17.40 -6.11
N ARG B 95 -3.29 -17.48 -6.99
CA ARG B 95 -3.26 -18.51 -8.02
C ARG B 95 -1.81 -18.95 -8.31
N PRO B 96 -1.59 -20.12 -8.96
CA PRO B 96 -0.25 -20.62 -9.27
C PRO B 96 0.50 -19.72 -10.26
N LYS B 97 1.77 -19.46 -9.95
CA LYS B 97 2.61 -18.61 -10.80
C LYS B 97 2.90 -19.29 -12.14
N LYS B 98 3.52 -18.54 -13.05
CA LYS B 98 3.87 -19.06 -14.36
C LYS B 98 5.29 -18.65 -14.75
N ASP B 99 5.49 -17.35 -15.00
CA ASP B 99 6.79 -16.82 -15.37
C ASP B 99 7.43 -16.08 -14.20
N GLY C 1 -15.20 -30.67 -0.53
CA GLY C 1 -16.64 -30.27 -0.62
C GLY C 1 -17.10 -29.46 0.58
N GLY C 2 -16.18 -28.71 1.17
CA GLY C 2 -16.50 -27.89 2.33
C GLY C 2 -15.48 -28.03 3.44
N ASN C 3 -15.10 -29.26 3.75
CA ASN C 3 -14.12 -29.53 4.81
C ASN C 3 -12.73 -29.79 4.23
N GLU C 4 -12.44 -29.19 3.07
CA GLU C 4 -11.13 -29.36 2.43
C GLU C 4 -10.31 -28.08 2.52
N CYS C 5 -9.03 -28.23 2.84
CA CYS C 5 -8.14 -27.07 2.96
C CYS C 5 -7.56 -26.68 1.61
N ASP C 6 -8.18 -25.69 0.96
CA ASP C 6 -7.70 -25.22 -0.33
C ASP C 6 -6.42 -24.38 -0.15
N ILE C 7 -5.43 -24.62 -1.01
CA ILE C 7 -4.16 -23.90 -0.91
C ILE C 7 -4.34 -22.39 -1.06
N ALA C 8 -5.24 -21.98 -1.96
CA ALA C 8 -5.49 -20.55 -2.20
C ALA C 8 -6.70 -20.06 -1.41
N ARG C 9 -6.89 -20.60 -0.21
CA ARG C 9 -8.00 -20.20 0.65
C ARG C 9 -7.50 -19.99 2.08
N MET C 10 -8.28 -19.28 2.89
CA MET C 10 -7.89 -18.99 4.28
C MET C 10 -7.65 -20.28 5.07
N TRP C 11 -6.38 -20.66 5.18
CA TRP C 11 -5.97 -21.87 5.90
C TRP C 11 -6.15 -21.73 7.42
N GLU C 12 -7.33 -22.10 7.93
CA GLU C 12 -7.62 -22.02 9.36
C GLU C 12 -6.62 -22.86 10.18
N TRP C 13 -6.97 -23.15 11.44
CA TRP C 13 -6.09 -23.93 12.33
C TRP C 13 -5.75 -25.30 11.75
N GLU C 14 -6.76 -26.11 11.44
CA GLU C 14 -6.56 -27.46 10.90
C GLU C 14 -5.64 -27.46 9.67
N CYS C 15 -5.79 -26.46 8.80
CA CYS C 15 -4.96 -26.35 7.61
C CYS C 15 -3.52 -26.03 8.00
N PHE C 16 -3.36 -25.25 9.06
CA PHE C 16 -2.05 -24.86 9.55
C PHE C 16 -1.29 -26.08 10.11
N GLU C 17 -2.04 -27.01 10.69
CA GLU C 17 -1.45 -28.21 11.27
C GLU C 17 -0.85 -29.12 10.21
N ARG C 18 -1.61 -29.37 9.14
CA ARG C 18 -1.14 -30.22 8.06
C ARG C 18 -0.44 -29.41 6.96
N LEU C 19 0.53 -28.59 7.37
CA LEU C 19 1.28 -27.76 6.44
C LEU C 19 2.37 -28.58 5.75
N GLY D 1 3.98 33.01 8.83
CA GLY D 1 3.51 33.05 10.24
C GLY D 1 2.05 32.64 10.37
N GLY D 2 1.61 31.71 9.53
CA GLY D 2 0.23 31.24 9.56
C GLY D 2 -0.44 31.34 8.21
N ASN D 3 -0.27 32.47 7.54
CA ASN D 3 -0.87 32.69 6.23
C ASN D 3 0.12 32.47 5.09
N GLU D 4 1.13 31.62 5.32
CA GLU D 4 2.14 31.33 4.31
C GLU D 4 1.97 29.92 3.76
N CYS D 5 2.04 29.79 2.44
CA CYS D 5 1.88 28.49 1.80
C CYS D 5 3.19 27.71 1.78
N ASP D 6 3.34 26.78 2.72
CA ASP D 6 4.54 25.97 2.80
C ASP D 6 4.51 24.90 1.71
N ILE D 7 5.64 24.69 1.04
CA ILE D 7 5.72 23.72 -0.04
C ILE D 7 5.43 22.29 0.45
N ALA D 8 5.86 21.97 1.66
CA ALA D 8 5.63 20.65 2.24
C ALA D 8 4.42 20.65 3.18
N ARG D 9 3.41 21.43 2.84
CA ARG D 9 2.19 21.51 3.65
C ARG D 9 0.95 21.49 2.75
N MET D 10 -0.20 21.19 3.35
CA MET D 10 -1.47 21.11 2.62
C MET D 10 -1.76 22.41 1.85
N TRP D 11 -1.38 22.42 0.57
CA TRP D 11 -1.60 23.59 -0.29
C TRP D 11 -3.08 23.77 -0.62
N GLU D 12 -3.79 24.54 0.21
CA GLU D 12 -5.21 24.79 0.00
C GLU D 12 -5.46 25.49 -1.35
N TRP D 13 -6.65 26.09 -1.51
CA TRP D 13 -7.01 26.77 -2.76
C TRP D 13 -6.01 27.88 -3.12
N GLU D 14 -5.78 28.81 -2.21
CA GLU D 14 -4.87 29.94 -2.44
C GLU D 14 -3.48 29.46 -2.89
N CYS D 15 -2.97 28.42 -2.23
CA CYS D 15 -1.66 27.86 -2.57
C CYS D 15 -1.70 27.27 -3.97
N PHE D 16 -2.83 26.69 -4.35
CA PHE D 16 -2.99 26.10 -5.67
C PHE D 16 -2.93 27.16 -6.75
N GLU D 17 -3.44 28.36 -6.43
CA GLU D 17 -3.44 29.47 -7.37
C GLU D 17 -2.05 30.05 -7.57
N ARG D 18 -1.21 29.94 -6.54
CA ARG D 18 0.16 30.46 -6.61
C ARG D 18 1.17 29.40 -7.04
N LEU D 19 0.71 28.41 -7.81
CA LEU D 19 1.60 27.35 -8.28
C LEU D 19 2.58 27.87 -9.31
N HIS A 1 -23.40 13.91 -15.90
CA HIS A 1 -23.45 13.14 -14.63
C HIS A 1 -22.11 12.38 -14.41
N HIS A 2 -22.09 11.03 -14.45
CA HIS A 2 -20.84 10.28 -14.24
C HIS A 2 -20.32 10.47 -12.82
N GLU A 3 -19.94 9.37 -12.17
CA GLU A 3 -19.43 9.43 -10.80
C GLU A 3 -17.94 9.75 -10.78
N VAL A 4 -17.62 10.99 -10.43
CA VAL A 4 -16.23 11.42 -10.35
C VAL A 4 -15.85 11.78 -8.92
N VAL A 5 -14.61 11.48 -8.52
CA VAL A 5 -14.15 11.77 -7.17
C VAL A 5 -13.87 13.25 -7.00
N LYS A 6 -14.23 13.79 -5.84
CA LYS A 6 -14.02 15.21 -5.55
C LYS A 6 -12.53 15.55 -5.50
N PHE A 7 -12.16 16.68 -6.09
CA PHE A 7 -10.76 17.13 -6.12
C PHE A 7 -10.16 17.24 -4.71
N MET A 8 -10.81 18.03 -3.86
CA MET A 8 -10.35 18.24 -2.48
C MET A 8 -10.15 16.92 -1.72
N ASP A 9 -10.87 15.88 -2.13
CA ASP A 9 -10.78 14.58 -1.47
C ASP A 9 -9.59 13.77 -2.00
N VAL A 10 -9.25 13.97 -3.28
CA VAL A 10 -8.14 13.25 -3.88
C VAL A 10 -6.80 13.69 -3.27
N TYR A 11 -6.65 14.99 -3.09
CA TYR A 11 -5.43 15.56 -2.53
C TYR A 11 -5.30 15.27 -1.03
N GLN A 12 -6.40 15.45 -0.30
CA GLN A 12 -6.41 15.22 1.14
C GLN A 12 -6.14 13.77 1.51
N ARG A 13 -6.63 12.84 0.67
CA ARG A 13 -6.47 11.41 0.94
C ARG A 13 -5.21 10.83 0.30
N SER A 14 -4.67 11.51 -0.72
CA SER A 14 -3.49 11.02 -1.42
C SER A 14 -2.18 11.63 -0.87
N TYR A 15 -2.29 12.81 -0.26
CA TYR A 15 -1.12 13.52 0.31
C TYR A 15 -0.32 12.61 1.27
N CYS A 16 1.02 12.64 1.13
CA CYS A 16 1.95 11.83 1.96
C CYS A 16 1.53 11.74 3.44
N HIS A 17 0.92 10.62 3.80
CA HIS A 17 0.47 10.38 5.17
C HIS A 17 0.61 8.89 5.53
N PRO A 18 0.40 8.50 6.81
CA PRO A 18 0.52 7.10 7.21
C PRO A 18 -0.68 6.27 6.79
N ILE A 19 -0.44 5.27 5.93
CA ILE A 19 -1.49 4.39 5.43
C ILE A 19 -1.15 2.93 5.72
N GLU A 20 -2.18 2.15 6.07
CA GLU A 20 -2.00 0.74 6.38
C GLU A 20 -1.53 -0.02 5.14
N THR A 21 -0.32 -0.58 5.21
CA THR A 21 0.26 -1.31 4.08
C THR A 21 0.82 -2.65 4.52
N LEU A 22 0.65 -3.66 3.67
CA LEU A 22 1.15 -5.01 3.95
C LEU A 22 2.61 -5.14 3.49
N VAL A 23 3.49 -5.51 4.41
CA VAL A 23 4.91 -5.65 4.10
C VAL A 23 5.36 -7.11 4.11
N ASP A 24 6.21 -7.48 3.16
CA ASP A 24 6.73 -8.84 3.06
C ASP A 24 7.79 -9.08 4.12
N ILE A 25 7.71 -10.22 4.80
CA ILE A 25 8.67 -10.57 5.84
C ILE A 25 10.06 -10.79 5.24
N PHE A 26 10.12 -11.41 4.07
CA PHE A 26 11.39 -11.68 3.39
C PHE A 26 12.15 -10.39 3.08
N GLN A 27 11.42 -9.27 2.96
CA GLN A 27 12.05 -7.98 2.67
C GLN A 27 12.67 -7.36 3.92
N GLU A 28 12.12 -7.69 5.09
CA GLU A 28 12.62 -7.15 6.35
C GLU A 28 13.70 -8.07 6.92
N TYR A 29 13.44 -9.38 6.84
CA TYR A 29 14.39 -10.37 7.32
C TYR A 29 15.10 -11.05 6.13
N PRO A 30 16.05 -10.37 5.45
CA PRO A 30 16.75 -10.95 4.30
C PRO A 30 17.73 -12.05 4.68
N ASP A 31 18.15 -12.10 5.94
CA ASP A 31 19.09 -13.12 6.40
C ASP A 31 18.39 -14.36 7.00
N GLU A 32 17.07 -14.45 6.87
CA GLU A 32 16.33 -15.60 7.39
C GLU A 32 15.39 -16.17 6.32
N ILE A 33 15.86 -17.21 5.63
CA ILE A 33 15.08 -17.84 4.57
C ILE A 33 14.79 -19.31 4.86
N GLU A 34 15.75 -20.01 5.49
CA GLU A 34 15.61 -21.42 5.81
C GLU A 34 14.35 -21.71 6.65
N TYR A 35 13.83 -20.68 7.34
CA TYR A 35 12.64 -20.86 8.17
C TYR A 35 11.42 -20.21 7.51
N ILE A 36 10.61 -21.03 6.83
CA ILE A 36 9.41 -20.53 6.15
C ILE A 36 8.44 -19.89 7.15
N PHE A 37 8.06 -18.64 6.88
CA PHE A 37 7.15 -17.91 7.76
C PHE A 37 5.71 -17.98 7.26
N LYS A 38 4.78 -18.17 8.19
CA LYS A 38 3.35 -18.26 7.86
C LYS A 38 2.55 -17.32 8.78
N PRO A 39 1.96 -16.20 8.27
CA PRO A 39 2.02 -15.77 6.86
C PRO A 39 3.38 -15.19 6.48
N SER A 40 3.59 -15.00 5.17
CA SER A 40 4.84 -14.46 4.67
C SER A 40 4.85 -12.91 4.66
N CYS A 41 3.76 -12.27 5.09
CA CYS A 41 3.69 -10.81 5.12
C CYS A 41 2.96 -10.34 6.38
N VAL A 42 3.16 -9.08 6.76
CA VAL A 42 2.52 -8.52 7.96
C VAL A 42 2.04 -7.10 7.73
N PRO A 43 0.87 -6.70 8.31
CA PRO A 43 0.34 -5.35 8.14
C PRO A 43 1.08 -4.32 9.00
N LEU A 44 1.65 -3.30 8.36
CA LEU A 44 2.38 -2.25 9.06
C LEU A 44 1.97 -0.88 8.56
N MET A 45 1.96 0.10 9.46
CA MET A 45 1.59 1.46 9.11
C MET A 45 2.78 2.21 8.49
N ARG A 46 2.77 2.31 7.17
CA ARG A 46 3.85 2.99 6.45
C ARG A 46 3.31 4.19 5.68
N CYS A 47 4.20 5.10 5.29
CA CYS A 47 3.80 6.30 4.55
C CYS A 47 3.75 6.02 3.06
N GLY A 48 2.67 6.46 2.42
CA GLY A 48 2.50 6.25 0.99
C GLY A 48 1.79 7.42 0.32
N GLY A 49 1.89 7.51 -1.00
CA GLY A 49 1.25 8.59 -1.74
C GLY A 49 2.24 9.43 -2.52
N CYS A 50 2.09 10.75 -2.43
CA CYS A 50 2.98 11.67 -3.13
C CYS A 50 3.06 13.01 -2.41
N CYS A 51 4.18 13.72 -2.58
CA CYS A 51 4.38 15.01 -1.91
C CYS A 51 3.63 16.14 -2.64
N ASN A 52 3.76 17.35 -2.11
CA ASN A 52 3.09 18.53 -2.67
C ASN A 52 3.79 19.04 -3.94
N ASP A 53 5.12 18.95 -3.98
CA ASP A 53 5.89 19.43 -5.13
C ASP A 53 6.78 18.34 -5.70
N GLU A 54 7.36 18.61 -6.86
CA GLU A 54 8.24 17.65 -7.54
C GLU A 54 9.57 17.47 -6.80
N GLY A 55 10.09 18.55 -6.22
CA GLY A 55 11.38 18.49 -5.53
C GLY A 55 11.29 18.03 -4.07
N LEU A 56 10.17 17.45 -3.66
CA LEU A 56 10.00 16.98 -2.29
C LEU A 56 10.22 15.47 -2.20
N GLU A 57 10.24 14.96 -0.97
CA GLU A 57 10.41 13.52 -0.74
C GLU A 57 9.56 13.07 0.45
N CYS A 58 8.67 12.12 0.19
CA CYS A 58 7.77 11.58 1.21
C CYS A 58 8.51 10.56 2.09
N VAL A 59 8.90 11.00 3.29
CA VAL A 59 9.61 10.14 4.24
C VAL A 59 8.97 10.19 5.63
N PRO A 60 9.21 9.17 6.50
CA PRO A 60 8.63 9.16 7.85
C PRO A 60 9.43 9.99 8.84
N THR A 61 8.73 10.61 9.79
CA THR A 61 9.39 11.45 10.80
C THR A 61 9.48 10.74 12.15
N GLU A 62 8.56 9.81 12.41
CA GLU A 62 8.55 9.07 13.67
C GLU A 62 8.46 7.56 13.40
N GLU A 63 9.09 6.76 14.26
CA GLU A 63 9.08 5.30 14.09
C GLU A 63 8.67 4.57 15.37
N SER A 64 8.50 3.25 15.25
CA SER A 64 8.11 2.42 16.38
C SER A 64 8.10 0.94 15.97
N ASN A 65 8.44 0.06 16.91
CA ASN A 65 8.47 -1.38 16.62
C ASN A 65 7.19 -2.07 17.11
N ILE A 66 6.85 -3.18 16.47
CA ILE A 66 5.66 -3.93 16.83
C ILE A 66 5.91 -5.44 16.74
N THR A 67 5.55 -6.16 17.80
CA THR A 67 5.74 -7.61 17.84
C THR A 67 4.54 -8.33 17.24
N MET A 68 4.80 -9.42 16.53
CA MET A 68 3.73 -10.19 15.89
C MET A 68 3.99 -11.69 16.02
N GLN A 69 2.93 -12.48 15.94
CA GLN A 69 3.03 -13.93 16.04
C GLN A 69 3.14 -14.56 14.66
N ILE A 70 4.22 -15.28 14.41
CA ILE A 70 4.44 -15.94 13.12
C ILE A 70 4.76 -17.42 13.30
N MET A 71 4.33 -18.24 12.35
CA MET A 71 4.58 -19.67 12.40
C MET A 71 5.84 -20.02 11.60
N ARG A 72 6.89 -20.42 12.32
CA ARG A 72 8.16 -20.78 11.68
C ARG A 72 8.21 -22.27 11.35
N ILE A 73 8.31 -22.59 10.07
CA ILE A 73 8.38 -23.98 9.61
C ILE A 73 9.80 -24.32 9.12
N LYS A 74 10.17 -25.60 9.20
CA LYS A 74 11.50 -26.04 8.76
C LYS A 74 11.39 -27.34 7.93
N PRO A 75 12.10 -27.45 6.77
CA PRO A 75 12.05 -28.65 5.92
C PRO A 75 12.47 -29.93 6.66
N HIS A 76 11.62 -30.95 6.56
CA HIS A 76 11.88 -32.25 7.19
C HIS A 76 11.96 -32.18 8.72
N GLN A 77 11.55 -31.06 9.32
CA GLN A 77 11.58 -30.90 10.78
C GLN A 77 10.16 -30.59 11.30
N GLY A 78 9.88 -29.40 11.87
CA GLY A 78 8.54 -29.11 12.35
C GLY A 78 8.17 -27.65 12.24
N GLN A 79 7.03 -27.28 12.82
CA GLN A 79 6.56 -25.90 12.80
C GLN A 79 6.22 -25.44 14.21
N HIS A 80 6.34 -24.15 14.45
CA HIS A 80 6.06 -23.58 15.77
C HIS A 80 5.78 -22.09 15.69
N ILE A 81 5.32 -21.52 16.80
CA ILE A 81 5.02 -20.09 16.86
C ILE A 81 6.20 -19.31 17.42
N GLY A 82 6.54 -18.22 16.75
CA GLY A 82 7.66 -17.39 17.17
C GLY A 82 7.29 -15.91 17.20
N GLU A 83 8.06 -15.12 17.95
CA GLU A 83 7.81 -13.69 18.06
C GLU A 83 8.76 -12.90 17.16
N MET A 84 8.19 -12.11 16.26
CA MET A 84 8.98 -11.29 15.34
C MET A 84 8.58 -9.82 15.45
N SER A 85 9.57 -8.95 15.67
CA SER A 85 9.32 -7.53 15.78
C SER A 85 9.58 -6.82 14.45
N PHE A 86 8.71 -5.88 14.11
CA PHE A 86 8.84 -5.13 12.86
C PHE A 86 8.78 -3.63 13.13
N LEU A 87 9.45 -2.86 12.28
CA LEU A 87 9.47 -1.40 12.42
C LEU A 87 8.39 -0.77 11.55
N GLN A 88 7.63 0.16 12.12
CA GLN A 88 6.56 0.84 11.41
C GLN A 88 6.77 2.36 11.42
N HIS A 89 6.06 3.07 10.55
CA HIS A 89 6.15 4.51 10.49
C HIS A 89 4.93 5.14 11.18
N ASN A 90 5.21 5.93 12.22
CA ASN A 90 4.15 6.58 12.97
C ASN A 90 3.70 7.89 12.35
N LYS A 91 4.66 8.77 12.07
CA LYS A 91 4.37 10.07 11.46
C LYS A 91 5.04 10.20 10.09
N CYS A 92 4.45 11.03 9.22
CA CYS A 92 4.99 11.23 7.87
C CYS A 92 5.10 12.72 7.57
N GLU A 93 6.00 13.07 6.62
CA GLU A 93 6.21 14.46 6.24
C GLU A 93 7.03 14.56 4.95
N CYS A 94 6.91 15.71 4.27
CA CYS A 94 7.65 15.94 3.02
C CYS A 94 8.73 17.00 3.20
N ARG A 95 9.94 16.73 2.70
CA ARG A 95 11.04 17.68 2.80
C ARG A 95 11.84 17.75 1.49
N PRO A 96 12.57 18.87 1.22
CA PRO A 96 13.35 19.01 -0.02
C PRO A 96 14.39 17.91 -0.21
N LYS A 97 14.56 17.49 -1.46
CA LYS A 97 15.52 16.44 -1.79
C LYS A 97 16.97 16.90 -1.63
N LYS A 98 17.72 16.20 -0.77
CA LYS A 98 19.13 16.52 -0.54
C LYS A 98 20.03 15.49 -1.20
N ASP A 99 21.33 15.57 -0.95
CA ASP A 99 22.29 14.64 -1.53
C ASP A 99 23.28 14.16 -0.47
N HIS B 1 4.41 -9.13 30.54
CA HIS B 1 3.82 -9.41 29.20
C HIS B 1 4.43 -8.52 28.13
N HIS B 2 3.83 -8.52 26.95
CA HIS B 2 4.32 -7.71 25.83
C HIS B 2 3.20 -7.45 24.83
N GLU B 3 3.25 -6.29 24.19
CA GLU B 3 2.24 -5.92 23.21
C GLU B 3 2.49 -6.64 21.88
N VAL B 4 1.91 -7.84 21.74
CA VAL B 4 2.07 -8.63 20.53
C VAL B 4 0.73 -8.78 19.79
N VAL B 5 0.79 -8.85 18.46
CA VAL B 5 -0.42 -9.00 17.66
C VAL B 5 -0.88 -10.46 17.60
N LYS B 6 -2.19 -10.66 17.58
CA LYS B 6 -2.75 -12.01 17.53
C LYS B 6 -2.43 -12.68 16.20
N PHE B 7 -2.08 -13.97 16.27
CA PHE B 7 -1.74 -14.74 15.07
C PHE B 7 -2.89 -14.75 14.04
N MET B 8 -4.07 -15.20 14.48
CA MET B 8 -5.24 -15.28 13.61
C MET B 8 -5.56 -13.93 12.94
N ASP B 9 -5.14 -12.84 13.57
CA ASP B 9 -5.40 -11.50 13.03
C ASP B 9 -4.36 -11.12 11.97
N VAL B 10 -3.13 -11.60 12.14
CA VAL B 10 -2.06 -11.29 11.19
C VAL B 10 -2.34 -11.92 9.83
N TYR B 11 -2.79 -13.18 9.84
CA TYR B 11 -3.08 -13.90 8.61
C TYR B 11 -4.35 -13.39 7.94
N GLN B 12 -5.40 -13.19 8.74
CA GLN B 12 -6.68 -12.72 8.21
C GLN B 12 -6.57 -11.32 7.58
N ARG B 13 -5.73 -10.47 8.15
CA ARG B 13 -5.56 -9.11 7.65
C ARG B 13 -4.44 -8.98 6.62
N SER B 14 -3.54 -9.97 6.57
CA SER B 14 -2.42 -9.93 5.62
C SER B 14 -2.71 -10.72 4.34
N TYR B 15 -3.59 -11.72 4.44
CA TYR B 15 -3.96 -12.57 3.29
C TYR B 15 -4.40 -11.74 2.07
N CYS B 16 -3.88 -12.10 0.88
CA CYS B 16 -4.19 -11.43 -0.41
C CYS B 16 -5.65 -10.96 -0.52
N HIS B 17 -5.88 -9.67 -0.28
CA HIS B 17 -7.21 -9.09 -0.36
C HIS B 17 -7.14 -7.64 -0.87
N PRO B 18 -8.27 -6.99 -1.19
CA PRO B 18 -8.27 -5.61 -1.68
C PRO B 18 -8.01 -4.59 -0.56
N ILE B 19 -6.90 -3.88 -0.66
CA ILE B 19 -6.53 -2.88 0.34
C ILE B 19 -6.35 -1.50 -0.32
N GLU B 20 -6.79 -0.46 0.39
CA GLU B 20 -6.68 0.90 -0.14
C GLU B 20 -5.21 1.30 -0.28
N THR B 21 -4.78 1.51 -1.52
CA THR B 21 -3.39 1.88 -1.80
C THR B 21 -3.30 3.10 -2.71
N LEU B 22 -2.31 3.96 -2.44
CA LEU B 22 -2.11 5.16 -3.24
C LEU B 22 -1.22 4.85 -4.44
N VAL B 23 -1.72 5.18 -5.64
CA VAL B 23 -0.98 4.91 -6.88
C VAL B 23 -0.49 6.21 -7.54
N ASP B 24 0.72 6.17 -8.08
CA ASP B 24 1.31 7.32 -8.76
C ASP B 24 0.70 7.47 -10.15
N ILE B 25 0.36 8.71 -10.51
CA ILE B 25 -0.24 8.99 -11.81
C ILE B 25 0.78 8.75 -12.93
N PHE B 26 2.03 9.13 -12.69
CA PHE B 26 3.09 8.94 -13.67
C PHE B 26 3.28 7.46 -14.04
N GLN B 27 2.89 6.56 -13.14
CA GLN B 27 3.01 5.13 -13.39
C GLN B 27 1.89 4.62 -14.29
N GLU B 28 0.73 5.26 -14.21
CA GLU B 28 -0.42 4.87 -15.03
C GLU B 28 -0.37 5.57 -16.38
N TYR B 29 -0.05 6.87 -16.35
CA TYR B 29 0.05 7.66 -17.57
C TYR B 29 1.53 7.93 -17.89
N PRO B 30 2.27 6.92 -18.43
CA PRO B 30 3.70 7.09 -18.75
C PRO B 30 3.96 7.99 -19.95
N ASP B 31 2.94 8.20 -20.79
CA ASP B 31 3.10 9.03 -21.98
C ASP B 31 2.79 10.51 -21.70
N GLU B 32 2.00 10.78 -20.65
CA GLU B 32 1.66 12.16 -20.30
C GLU B 32 2.55 12.70 -19.19
N ILE B 33 3.59 13.45 -19.58
CA ILE B 33 4.53 14.02 -18.62
C ILE B 33 4.56 15.56 -18.70
N GLU B 34 4.45 16.09 -19.92
CA GLU B 34 4.49 17.54 -20.13
C GLU B 34 3.42 18.28 -19.31
N TYR B 35 2.38 17.59 -18.88
CA TYR B 35 1.30 18.20 -18.09
C TYR B 35 1.41 17.77 -16.63
N ILE B 36 1.99 18.64 -15.79
CA ILE B 36 2.15 18.35 -14.37
C ILE B 36 0.79 18.16 -13.70
N PHE B 37 0.62 17.01 -13.04
CA PHE B 37 -0.64 16.69 -12.37
C PHE B 37 -0.57 17.03 -10.88
N LYS B 38 -1.67 17.60 -10.37
CA LYS B 38 -1.76 17.97 -8.96
C LYS B 38 -3.07 17.43 -8.35
N PRO B 39 -3.04 16.42 -7.45
CA PRO B 39 -1.82 15.76 -6.93
C PRO B 39 -1.20 14.81 -7.95
N SER B 40 -0.01 14.31 -7.64
CA SER B 40 0.70 13.39 -8.52
C SER B 40 0.41 11.91 -8.18
N CYS B 41 -0.68 11.66 -7.46
CA CYS B 41 -1.05 10.30 -7.09
C CYS B 41 -2.54 10.24 -6.75
N VAL B 42 -3.13 9.05 -6.81
CA VAL B 42 -4.56 8.89 -6.52
C VAL B 42 -4.84 7.60 -5.74
N PRO B 43 -5.81 7.62 -4.79
CA PRO B 43 -6.14 6.42 -4.00
C PRO B 43 -6.97 5.41 -4.80
N LEU B 44 -6.45 4.20 -4.92
CA LEU B 44 -7.15 3.13 -5.65
C LEU B 44 -7.14 1.83 -4.85
N MET B 45 -8.23 1.07 -4.98
CA MET B 45 -8.35 -0.20 -4.28
C MET B 45 -7.61 -1.31 -5.04
N ARG B 46 -6.40 -1.64 -4.57
CA ARG B 46 -5.59 -2.67 -5.20
C ARG B 46 -5.36 -3.83 -4.25
N CYS B 47 -4.89 -4.96 -4.79
CA CYS B 47 -4.63 -6.14 -3.98
C CYS B 47 -3.19 -6.14 -3.45
N GLY B 48 -3.04 -6.39 -2.16
CA GLY B 48 -1.72 -6.41 -1.55
C GLY B 48 -1.61 -7.47 -0.47
N GLY B 49 -0.37 -7.82 -0.12
CA GLY B 49 -0.15 -8.84 0.92
C GLY B 49 0.67 -10.02 0.41
N CYS B 50 0.22 -11.22 0.72
CA CYS B 50 0.92 -12.43 0.29
C CYS B 50 -0.05 -13.62 0.22
N CYS B 51 0.27 -14.59 -0.64
CA CYS B 51 -0.59 -15.77 -0.81
C CYS B 51 -0.43 -16.74 0.35
N ASN B 52 -1.16 -17.86 0.28
CA ASN B 52 -1.13 -18.88 1.34
C ASN B 52 0.10 -19.78 1.29
N ASP B 53 0.61 -20.06 0.09
CA ASP B 53 1.77 -20.97 -0.05
C ASP B 53 2.80 -20.46 -1.05
N GLU B 54 3.99 -21.06 -0.99
CA GLU B 54 5.07 -20.71 -1.93
C GLU B 54 4.78 -21.36 -3.27
N GLY B 55 4.35 -20.54 -4.22
CA GLY B 55 4.00 -21.03 -5.54
C GLY B 55 2.74 -20.39 -6.10
N LEU B 56 1.98 -19.65 -5.26
CA LEU B 56 0.77 -18.98 -5.71
C LEU B 56 1.11 -17.60 -6.24
N GLU B 57 0.09 -16.89 -6.68
CA GLU B 57 0.27 -15.53 -7.20
C GLU B 57 -0.96 -14.67 -6.85
N CYS B 58 -0.72 -13.65 -6.03
CA CYS B 58 -1.78 -12.74 -5.60
C CYS B 58 -2.13 -11.78 -6.74
N VAL B 59 -3.21 -12.09 -7.46
CA VAL B 59 -3.66 -11.27 -8.58
C VAL B 59 -5.14 -10.91 -8.44
N PRO B 60 -5.63 -9.84 -9.13
CA PRO B 60 -7.03 -9.43 -9.04
C PRO B 60 -7.93 -10.25 -9.95
N THR B 61 -9.16 -10.51 -9.51
CA THR B 61 -10.11 -11.30 -10.30
C THR B 61 -11.17 -10.42 -10.95
N GLU B 62 -11.44 -9.25 -10.37
CA GLU B 62 -12.43 -8.32 -10.90
C GLU B 62 -11.83 -6.92 -11.00
N GLU B 63 -12.23 -6.15 -12.02
CA GLU B 63 -11.71 -4.80 -12.22
C GLU B 63 -12.82 -3.77 -12.39
N SER B 64 -12.43 -2.50 -12.44
CA SER B 64 -13.38 -1.40 -12.60
C SER B 64 -12.64 -0.07 -12.75
N ASN B 65 -13.21 0.87 -13.51
CA ASN B 65 -12.58 2.18 -13.71
C ASN B 65 -13.23 3.24 -12.83
N ILE B 66 -12.46 4.25 -12.45
CA ILE B 66 -12.95 5.32 -11.60
C ILE B 66 -12.41 6.68 -12.07
N THR B 67 -13.31 7.64 -12.24
CA THR B 67 -12.93 8.99 -12.69
C THR B 67 -12.55 9.87 -11.49
N MET B 68 -11.52 10.69 -11.68
CA MET B 68 -11.06 11.58 -10.61
C MET B 68 -10.73 12.97 -11.16
N GLN B 69 -10.78 13.97 -10.28
CA GLN B 69 -10.49 15.35 -10.67
C GLN B 69 -9.02 15.67 -10.41
N ILE B 70 -8.29 16.03 -11.47
CA ILE B 70 -6.87 16.36 -11.36
C ILE B 70 -6.57 17.72 -11.98
N MET B 71 -5.64 18.45 -11.38
CA MET B 71 -5.25 19.77 -11.88
C MET B 71 -4.07 19.66 -12.84
N ARG B 72 -4.34 19.89 -14.13
CA ARG B 72 -3.31 19.81 -15.15
C ARG B 72 -2.63 21.17 -15.34
N ILE B 73 -1.34 21.23 -15.03
CA ILE B 73 -0.56 22.46 -15.18
C ILE B 73 0.39 22.36 -16.36
N LYS B 74 0.66 23.49 -17.01
CA LYS B 74 1.56 23.52 -18.17
C LYS B 74 2.59 24.66 -18.01
N PRO B 75 3.89 24.41 -18.29
CA PRO B 75 4.93 25.45 -18.14
C PRO B 75 4.66 26.69 -18.99
N HIS B 76 4.62 27.85 -18.32
CA HIS B 76 4.39 29.13 -19.00
C HIS B 76 3.01 29.23 -19.68
N GLN B 77 2.09 28.30 -19.37
CA GLN B 77 0.76 28.31 -19.99
C GLN B 77 -0.37 28.53 -18.96
N GLY B 78 -0.25 27.89 -17.81
CA GLY B 78 -1.27 28.02 -16.76
C GLY B 78 -1.63 26.72 -16.10
N GLN B 79 -2.90 26.57 -15.71
CA GLN B 79 -3.39 25.37 -15.04
C GLN B 79 -4.92 25.27 -15.13
N HIS B 80 -5.44 24.05 -15.03
CA HIS B 80 -6.88 23.82 -15.10
C HIS B 80 -7.26 22.45 -14.55
N ILE B 81 -8.57 22.20 -14.44
CA ILE B 81 -9.07 20.93 -13.92
C ILE B 81 -9.43 19.97 -15.06
N GLY B 82 -9.01 18.72 -14.93
CA GLY B 82 -9.28 17.72 -15.94
C GLY B 82 -9.79 16.42 -15.34
N GLU B 83 -10.45 15.61 -16.15
CA GLU B 83 -10.99 14.32 -15.70
C GLU B 83 -10.07 13.18 -16.12
N MET B 84 -9.64 12.38 -15.15
CA MET B 84 -8.75 11.25 -15.41
C MET B 84 -9.37 9.95 -14.86
N SER B 85 -9.45 8.95 -15.72
CA SER B 85 -10.00 7.66 -15.34
C SER B 85 -8.88 6.68 -15.00
N PHE B 86 -9.04 5.95 -13.89
CA PHE B 86 -8.04 4.98 -13.45
C PHE B 86 -8.68 3.62 -13.23
N LEU B 87 -7.88 2.56 -13.40
CA LEU B 87 -8.36 1.20 -13.21
C LEU B 87 -8.04 0.73 -11.79
N GLN B 88 -9.04 0.12 -11.13
CA GLN B 88 -8.85 -0.39 -9.77
C GLN B 88 -9.18 -1.88 -9.70
N HIS B 89 -8.75 -2.53 -8.62
CA HIS B 89 -9.04 -3.94 -8.44
C HIS B 89 -10.17 -4.13 -7.44
N ASN B 90 -11.25 -4.76 -7.90
CA ASN B 90 -12.42 -4.98 -7.06
C ASN B 90 -12.29 -6.23 -6.21
N LYS B 91 -11.96 -7.36 -6.85
CA LYS B 91 -11.81 -8.63 -6.14
C LYS B 91 -10.37 -9.15 -6.27
N CYS B 92 -9.95 -9.94 -5.29
CA CYS B 92 -8.59 -10.50 -5.29
C CYS B 92 -8.61 -12.00 -4.99
N GLU B 93 -7.61 -12.73 -5.48
CA GLU B 93 -7.52 -14.17 -5.26
C GLU B 93 -6.13 -14.70 -5.63
N CYS B 94 -5.77 -15.84 -5.06
CA CYS B 94 -4.47 -16.46 -5.33
C CYS B 94 -4.61 -17.71 -6.20
N ARG B 95 -3.71 -17.88 -7.17
CA ARG B 95 -3.75 -19.05 -8.04
C ARG B 95 -2.33 -19.57 -8.33
N PRO B 96 -2.17 -20.86 -8.73
CA PRO B 96 -0.84 -21.43 -9.01
C PRO B 96 -0.07 -20.65 -10.09
N LYS B 97 1.24 -20.51 -9.88
CA LYS B 97 2.10 -19.79 -10.82
C LYS B 97 2.28 -20.55 -12.12
N LYS B 98 1.90 -19.92 -13.23
CA LYS B 98 2.05 -20.53 -14.55
C LYS B 98 3.20 -19.86 -15.33
N ASP B 99 3.36 -20.24 -16.59
CA ASP B 99 4.42 -19.69 -17.42
C ASP B 99 3.87 -19.23 -18.77
N GLY C 1 -16.26 -37.18 3.52
CA GLY C 1 -16.23 -35.79 3.01
C GLY C 1 -16.58 -34.78 4.08
N GLY C 2 -15.98 -33.59 4.00
CA GLY C 2 -16.25 -32.54 4.97
C GLY C 2 -15.09 -31.57 5.13
N ASN C 3 -15.35 -30.30 4.85
CA ASN C 3 -14.33 -29.25 4.97
C ASN C 3 -13.12 -29.54 4.08
N GLU C 4 -13.00 -28.79 3.00
CA GLU C 4 -11.88 -28.95 2.06
C GLU C 4 -10.88 -27.81 2.22
N CYS C 5 -9.67 -28.14 2.68
CA CYS C 5 -8.62 -27.14 2.88
C CYS C 5 -8.04 -26.69 1.53
N ASP C 6 -8.66 -25.67 0.93
CA ASP C 6 -8.21 -25.15 -0.35
C ASP C 6 -6.93 -24.32 -0.16
N ILE C 7 -5.97 -24.49 -1.06
CA ILE C 7 -4.70 -23.77 -0.96
C ILE C 7 -4.91 -22.25 -1.12
N ALA C 8 -5.83 -21.84 -1.99
CA ALA C 8 -6.12 -20.43 -2.20
C ALA C 8 -7.35 -19.98 -1.39
N ARG C 9 -7.51 -20.56 -0.21
CA ARG C 9 -8.64 -20.23 0.66
C ARG C 9 -8.17 -20.06 2.11
N MET C 10 -8.98 -19.39 2.92
CA MET C 10 -8.65 -19.14 4.32
C MET C 10 -8.36 -20.44 5.08
N TRP C 11 -7.07 -20.74 5.23
CA TRP C 11 -6.64 -21.95 5.95
C TRP C 11 -6.91 -21.83 7.44
N GLU C 12 -8.10 -22.27 7.88
CA GLU C 12 -8.46 -22.21 9.29
C GLU C 12 -7.46 -22.97 10.16
N TRP C 13 -7.78 -23.14 11.45
CA TRP C 13 -6.90 -23.84 12.39
C TRP C 13 -6.52 -25.26 11.92
N GLU C 14 -7.54 -26.09 11.67
CA GLU C 14 -7.31 -27.47 11.24
C GLU C 14 -6.42 -27.55 10.00
N CYS C 15 -6.61 -26.65 9.05
CA CYS C 15 -5.81 -26.63 7.83
C CYS C 15 -4.35 -26.29 8.16
N PHE C 16 -4.15 -25.47 9.20
CA PHE C 16 -2.81 -25.06 9.62
C PHE C 16 -2.06 -26.24 10.25
N GLU C 17 -2.78 -27.06 11.02
CA GLU C 17 -2.18 -28.21 11.68
C GLU C 17 -1.64 -29.21 10.67
N ARG C 18 -2.38 -29.41 9.58
CA ARG C 18 -1.99 -30.35 8.53
C ARG C 18 -1.62 -29.60 7.25
N LEU C 19 -0.53 -28.85 7.31
CA LEU C 19 -0.06 -28.07 6.16
C LEU C 19 0.77 -28.94 5.23
N GLY D 1 0.06 39.96 7.79
CA GLY D 1 0.28 38.51 8.03
C GLY D 1 -1.02 37.72 8.11
N GLY D 2 -0.92 36.40 7.94
CA GLY D 2 -2.09 35.55 8.00
C GLY D 2 -1.77 34.10 7.71
N ASN D 3 -2.54 33.49 6.81
CA ASN D 3 -2.34 32.10 6.44
C ASN D 3 -1.06 31.91 5.62
N GLU D 4 -0.18 31.04 6.10
CA GLU D 4 1.09 30.77 5.42
C GLU D 4 1.02 29.44 4.65
N CYS D 5 1.04 29.53 3.32
CA CYS D 5 0.99 28.34 2.48
C CYS D 5 2.34 27.62 2.46
N ASP D 6 2.53 26.70 3.40
CA ASP D 6 3.77 25.95 3.49
C ASP D 6 3.83 24.88 2.39
N ILE D 7 5.00 24.70 1.80
CA ILE D 7 5.17 23.72 0.71
C ILE D 7 4.90 22.28 1.18
N ALA D 8 5.30 21.96 2.41
CA ALA D 8 5.08 20.63 2.95
C ALA D 8 3.86 20.59 3.87
N ARG D 9 2.85 21.38 3.52
CA ARG D 9 1.61 21.44 4.30
C ARG D 9 0.39 21.40 3.38
N MET D 10 -0.77 21.03 3.94
CA MET D 10 -2.01 20.92 3.18
C MET D 10 -2.34 22.22 2.43
N TRP D 11 -2.00 22.25 1.13
CA TRP D 11 -2.26 23.42 0.28
C TRP D 11 -3.75 23.58 0.01
N GLU D 12 -4.44 24.33 0.86
CA GLU D 12 -5.88 24.57 0.69
C GLU D 12 -6.18 25.22 -0.67
N TRP D 13 -7.43 25.66 -0.87
CA TRP D 13 -7.85 26.28 -2.12
C TRP D 13 -6.98 27.48 -2.51
N GLU D 14 -6.92 28.49 -1.62
CA GLU D 14 -6.15 29.71 -1.89
C GLU D 14 -4.69 29.41 -2.28
N CYS D 15 -4.09 28.43 -1.61
CA CYS D 15 -2.70 28.05 -1.91
C CYS D 15 -2.60 27.45 -3.32
N PHE D 16 -3.66 26.77 -3.75
CA PHE D 16 -3.69 26.16 -5.08
C PHE D 16 -3.76 27.23 -6.17
N GLU D 17 -4.52 28.29 -5.91
CA GLU D 17 -4.68 29.37 -6.88
C GLU D 17 -3.35 30.07 -7.14
N ARG D 18 -2.56 30.25 -6.08
CA ARG D 18 -1.26 30.91 -6.20
C ARG D 18 -0.13 29.90 -5.95
N LEU D 19 0.01 28.95 -6.87
CA LEU D 19 1.05 27.93 -6.76
C LEU D 19 2.38 28.44 -7.31
N HIS A 1 -23.08 6.00 -14.46
CA HIS A 1 -23.36 7.07 -15.45
C HIS A 1 -22.40 8.25 -15.25
N HIS A 2 -22.43 8.84 -14.08
CA HIS A 2 -21.57 9.98 -13.77
C HIS A 2 -21.11 9.93 -12.31
N GLU A 3 -19.88 9.46 -12.10
CA GLU A 3 -19.32 9.35 -10.75
C GLU A 3 -17.84 9.73 -10.76
N VAL A 4 -17.54 10.99 -10.45
CA VAL A 4 -16.17 11.48 -10.41
C VAL A 4 -15.78 11.92 -9.01
N VAL A 5 -14.55 11.61 -8.62
CA VAL A 5 -14.06 11.98 -7.29
C VAL A 5 -13.75 13.47 -7.23
N LYS A 6 -14.15 14.11 -6.14
CA LYS A 6 -13.92 15.54 -5.97
C LYS A 6 -12.43 15.87 -5.88
N PHE A 7 -12.04 17.00 -6.46
CA PHE A 7 -10.65 17.46 -6.46
C PHE A 7 -10.09 17.56 -5.04
N MET A 8 -10.77 18.36 -4.20
CA MET A 8 -10.35 18.56 -2.82
C MET A 8 -10.21 17.25 -2.04
N ASP A 9 -10.95 16.22 -2.47
CA ASP A 9 -10.90 14.92 -1.80
C ASP A 9 -9.73 14.09 -2.30
N VAL A 10 -9.43 14.21 -3.60
CA VAL A 10 -8.33 13.47 -4.21
C VAL A 10 -7.00 13.91 -3.61
N TYR A 11 -6.87 15.22 -3.38
CA TYR A 11 -5.65 15.77 -2.81
C TYR A 11 -5.52 15.40 -1.33
N GLN A 12 -6.61 15.54 -0.59
CA GLN A 12 -6.61 15.22 0.84
C GLN A 12 -6.31 13.75 1.10
N ARG A 13 -6.95 12.88 0.33
CA ARG A 13 -6.77 11.43 0.49
C ARG A 13 -5.45 10.93 -0.12
N SER A 14 -4.86 11.70 -1.03
CA SER A 14 -3.62 11.29 -1.69
C SER A 14 -2.37 11.88 -1.02
N TYR A 15 -2.52 13.02 -0.35
CA TYR A 15 -1.39 13.68 0.32
C TYR A 15 -0.70 12.74 1.31
N CYS A 16 0.65 12.74 1.28
CA CYS A 16 1.49 11.90 2.16
C CYS A 16 0.97 11.78 3.60
N HIS A 17 0.41 10.61 3.93
CA HIS A 17 -0.12 10.35 5.27
C HIS A 17 0.03 8.87 5.63
N PRO A 18 -0.19 8.47 6.91
CA PRO A 18 -0.07 7.07 7.32
C PRO A 18 -1.22 6.20 6.80
N ILE A 19 -0.88 5.24 5.94
CA ILE A 19 -1.88 4.34 5.36
C ILE A 19 -1.50 2.88 5.60
N GLU A 20 -2.51 2.02 5.72
CA GLU A 20 -2.29 0.59 5.96
C GLU A 20 -1.56 -0.05 4.79
N THR A 21 -0.42 -0.67 5.08
CA THR A 21 0.37 -1.33 4.03
C THR A 21 0.95 -2.64 4.54
N LEU A 22 0.85 -3.68 3.72
CA LEU A 22 1.37 -5.00 4.06
C LEU A 22 2.83 -5.13 3.64
N VAL A 23 3.68 -5.63 4.54
CA VAL A 23 5.10 -5.79 4.25
C VAL A 23 5.52 -7.26 4.25
N ASP A 24 6.23 -7.66 3.20
CA ASP A 24 6.70 -9.04 3.07
C ASP A 24 7.83 -9.30 4.07
N ILE A 25 7.77 -10.43 4.76
CA ILE A 25 8.79 -10.78 5.74
C ILE A 25 10.13 -11.02 5.07
N PHE A 26 10.11 -11.66 3.89
CA PHE A 26 11.33 -11.94 3.16
C PHE A 26 12.02 -10.64 2.70
N GLN A 27 11.26 -9.56 2.57
CA GLN A 27 11.82 -8.27 2.15
C GLN A 27 12.65 -7.62 3.26
N GLU A 28 12.27 -7.88 4.51
CA GLU A 28 12.97 -7.31 5.66
C GLU A 28 13.95 -8.32 6.26
N TYR A 29 13.60 -9.59 6.19
CA TYR A 29 14.44 -10.66 6.73
C TYR A 29 15.10 -11.45 5.58
N PRO A 30 16.11 -10.89 4.88
CA PRO A 30 16.77 -11.58 3.76
C PRO A 30 17.71 -12.71 4.19
N ASP A 31 18.04 -12.79 5.48
CA ASP A 31 18.94 -13.83 5.98
C ASP A 31 18.18 -15.11 6.34
N GLU A 32 16.91 -14.97 6.70
CA GLU A 32 16.10 -16.14 7.06
C GLU A 32 15.40 -16.70 5.83
N ILE A 33 16.03 -17.69 5.19
CA ILE A 33 15.47 -18.33 4.01
C ILE A 33 15.07 -19.77 4.30
N GLU A 34 15.93 -20.49 5.00
CA GLU A 34 15.67 -21.88 5.35
C GLU A 34 14.51 -22.04 6.33
N TYR A 35 14.09 -20.94 6.99
CA TYR A 35 12.98 -21.00 7.94
C TYR A 35 11.72 -20.38 7.34
N ILE A 36 10.89 -21.22 6.71
CA ILE A 36 9.64 -20.74 6.10
C ILE A 36 8.73 -20.08 7.13
N PHE A 37 8.26 -18.88 6.82
CA PHE A 37 7.37 -18.14 7.72
C PHE A 37 5.93 -18.17 7.25
N LYS A 38 5.01 -18.35 8.20
CA LYS A 38 3.58 -18.38 7.90
C LYS A 38 2.82 -17.49 8.90
N PRO A 39 2.17 -16.38 8.48
CA PRO A 39 2.12 -15.90 7.08
C PRO A 39 3.45 -15.32 6.61
N SER A 40 3.63 -15.27 5.30
CA SER A 40 4.85 -14.74 4.71
C SER A 40 4.92 -13.20 4.74
N CYS A 41 3.81 -12.53 5.11
CA CYS A 41 3.79 -11.07 5.16
C CYS A 41 3.06 -10.60 6.43
N VAL A 42 3.26 -9.34 6.82
CA VAL A 42 2.63 -8.80 8.02
C VAL A 42 2.08 -7.39 7.77
N PRO A 43 0.93 -7.01 8.40
CA PRO A 43 0.35 -5.68 8.22
C PRO A 43 1.02 -4.62 9.09
N LEU A 44 1.50 -3.55 8.45
CA LEU A 44 2.17 -2.48 9.17
C LEU A 44 1.75 -1.12 8.63
N MET A 45 1.59 -0.15 9.53
CA MET A 45 1.19 1.20 9.14
C MET A 45 2.37 1.95 8.54
N ARG A 46 2.32 2.18 7.22
CA ARG A 46 3.39 2.88 6.52
C ARG A 46 2.85 4.09 5.76
N CYS A 47 3.72 5.05 5.50
CA CYS A 47 3.33 6.26 4.77
C CYS A 47 3.36 6.01 3.27
N GLY A 48 2.36 6.51 2.56
CA GLY A 48 2.28 6.33 1.12
C GLY A 48 1.59 7.49 0.41
N GLY A 49 1.83 7.60 -0.89
CA GLY A 49 1.22 8.67 -1.68
C GLY A 49 2.26 9.51 -2.40
N CYS A 50 2.01 10.82 -2.44
CA CYS A 50 2.92 11.75 -3.10
C CYS A 50 3.04 13.06 -2.31
N CYS A 51 3.83 14.00 -2.83
CA CYS A 51 4.03 15.28 -2.15
C CYS A 51 3.46 16.44 -2.96
N ASN A 52 3.63 17.66 -2.43
CA ASN A 52 3.12 18.87 -3.08
C ASN A 52 3.93 19.24 -4.33
N ASP A 53 5.25 19.02 -4.27
CA ASP A 53 6.12 19.36 -5.39
C ASP A 53 6.94 18.16 -5.86
N GLU A 54 7.50 18.27 -7.06
CA GLU A 54 8.31 17.20 -7.64
C GLU A 54 9.60 17.00 -6.84
N GLY A 55 10.10 18.07 -6.23
CA GLY A 55 11.33 17.99 -5.45
C GLY A 55 11.12 17.55 -4.01
N LEU A 56 9.94 17.02 -3.67
CA LEU A 56 9.66 16.56 -2.32
C LEU A 56 9.55 15.03 -2.30
N GLU A 57 9.71 14.43 -1.12
CA GLU A 57 9.63 12.98 -0.98
C GLU A 57 8.79 12.59 0.24
N CYS A 58 7.81 11.71 0.02
CA CYS A 58 6.94 11.25 1.10
C CYS A 58 7.69 10.23 1.96
N VAL A 59 8.20 10.69 3.10
CA VAL A 59 8.94 9.82 4.02
C VAL A 59 8.44 10.00 5.45
N PRO A 60 8.71 9.02 6.36
CA PRO A 60 8.26 9.10 7.75
C PRO A 60 9.19 9.94 8.63
N THR A 61 8.64 10.51 9.69
CA THR A 61 9.43 11.32 10.62
C THR A 61 9.67 10.58 11.93
N GLU A 62 8.76 9.67 12.29
CA GLU A 62 8.89 8.87 13.50
C GLU A 62 8.65 7.39 13.20
N GLU A 63 9.27 6.51 14.00
CA GLU A 63 9.12 5.07 13.78
C GLU A 63 8.76 4.33 15.08
N SER A 64 8.62 3.02 14.97
CA SER A 64 8.29 2.18 16.13
C SER A 64 8.34 0.70 15.76
N ASN A 65 8.46 -0.16 16.79
CA ASN A 65 8.52 -1.60 16.58
C ASN A 65 7.21 -2.28 17.01
N ILE A 66 6.92 -3.41 16.39
CA ILE A 66 5.71 -4.16 16.69
C ILE A 66 5.95 -5.67 16.63
N THR A 67 5.69 -6.36 17.74
CA THR A 67 5.89 -7.80 17.83
C THR A 67 4.69 -8.54 17.23
N MET A 68 4.96 -9.66 16.56
CA MET A 68 3.90 -10.45 15.94
C MET A 68 4.23 -11.93 15.97
N GLN A 69 3.19 -12.76 16.06
CA GLN A 69 3.37 -14.21 16.09
C GLN A 69 3.44 -14.77 14.68
N ILE A 70 4.53 -15.46 14.36
CA ILE A 70 4.72 -16.06 13.04
C ILE A 70 5.09 -17.53 13.15
N MET A 71 4.61 -18.34 12.20
CA MET A 71 4.89 -19.77 12.18
C MET A 71 6.22 -20.05 11.48
N ARG A 72 7.24 -20.41 12.25
CA ARG A 72 8.55 -20.72 11.70
C ARG A 72 8.69 -22.20 11.43
N ILE A 73 8.62 -22.59 10.16
CA ILE A 73 8.74 -23.99 9.77
C ILE A 73 10.14 -24.30 9.24
N LYS A 74 10.57 -25.54 9.40
CA LYS A 74 11.89 -25.97 8.95
C LYS A 74 11.84 -27.41 8.41
N PRO A 75 12.21 -27.66 7.13
CA PRO A 75 12.18 -29.01 6.56
C PRO A 75 13.10 -29.98 7.32
N HIS A 76 12.57 -31.18 7.62
CA HIS A 76 13.32 -32.24 8.35
C HIS A 76 13.28 -32.06 9.88
N GLN A 77 12.86 -30.88 10.36
CA GLN A 77 12.81 -30.63 11.81
C GLN A 77 11.36 -30.53 12.30
N GLY A 78 10.52 -29.84 11.54
CA GLY A 78 9.12 -29.69 11.93
C GLY A 78 8.61 -28.28 11.76
N GLN A 79 7.90 -27.78 12.77
CA GLN A 79 7.33 -26.43 12.74
C GLN A 79 7.00 -25.94 14.14
N HIS A 80 6.96 -24.62 14.31
CA HIS A 80 6.66 -24.03 15.62
C HIS A 80 6.37 -22.53 15.50
N ILE A 81 5.82 -21.95 16.56
CA ILE A 81 5.48 -20.53 16.56
C ILE A 81 6.66 -19.69 17.08
N GLY A 82 6.83 -18.50 16.51
CA GLY A 82 7.91 -17.62 16.91
C GLY A 82 7.49 -16.15 16.93
N GLU A 83 8.21 -15.34 17.70
CA GLU A 83 7.91 -13.92 17.79
C GLU A 83 8.91 -13.10 16.97
N MET A 84 8.38 -12.19 16.15
CA MET A 84 9.21 -11.33 15.31
C MET A 84 8.72 -9.89 15.35
N SER A 85 9.63 -8.96 15.62
CA SER A 85 9.29 -7.54 15.67
C SER A 85 9.49 -6.88 14.30
N PHE A 86 8.65 -5.90 13.99
CA PHE A 86 8.74 -5.19 12.72
C PHE A 86 8.68 -3.68 12.95
N LEU A 87 9.33 -2.92 12.06
CA LEU A 87 9.34 -1.47 12.16
C LEU A 87 8.23 -0.86 11.32
N GLN A 88 7.47 0.06 11.91
CA GLN A 88 6.38 0.73 11.19
C GLN A 88 6.49 2.24 11.36
N HIS A 89 5.90 2.99 10.43
CA HIS A 89 5.95 4.45 10.46
C HIS A 89 4.80 5.04 11.26
N ASN A 90 5.13 5.85 12.25
CA ASN A 90 4.14 6.48 13.12
C ASN A 90 3.71 7.84 12.58
N LYS A 91 4.69 8.62 12.13
CA LYS A 91 4.43 9.95 11.59
C LYS A 91 4.91 10.05 10.14
N CYS A 92 4.26 10.93 9.37
CA CYS A 92 4.62 11.11 7.96
C CYS A 92 4.78 12.60 7.63
N GLU A 93 5.61 12.90 6.64
CA GLU A 93 5.84 14.28 6.22
C GLU A 93 6.65 14.34 4.92
N CYS A 94 6.56 15.46 4.21
CA CYS A 94 7.29 15.65 2.96
C CYS A 94 8.52 16.52 3.18
N ARG A 95 9.64 16.13 2.56
CA ARG A 95 10.89 16.88 2.69
C ARG A 95 11.60 17.03 1.34
N PRO A 96 12.37 18.12 1.12
CA PRO A 96 13.07 18.34 -0.16
C PRO A 96 14.09 17.24 -0.45
N LYS A 97 14.18 16.85 -1.72
CA LYS A 97 15.10 15.81 -2.14
C LYS A 97 16.53 16.34 -2.17
N LYS A 98 17.47 15.46 -2.50
CA LYS A 98 18.89 15.83 -2.57
C LYS A 98 19.12 16.88 -3.65
N ASP A 99 20.32 17.47 -3.64
CA ASP A 99 20.68 18.50 -4.61
C ASP A 99 22.16 18.86 -4.50
N HIS B 1 5.06 -2.64 27.32
CA HIS B 1 5.65 -3.78 28.09
C HIS B 1 5.47 -5.10 27.34
N HIS B 2 4.23 -5.44 27.07
CA HIS B 2 3.90 -6.68 26.37
C HIS B 2 2.72 -6.47 25.43
N GLU B 3 3.01 -6.30 24.14
CA GLU B 3 1.96 -6.09 23.14
C GLU B 3 2.30 -6.82 21.84
N VAL B 4 1.79 -8.04 21.70
CA VAL B 4 2.04 -8.84 20.50
C VAL B 4 0.74 -9.11 19.75
N VAL B 5 0.80 -9.03 18.42
CA VAL B 5 -0.37 -9.28 17.59
C VAL B 5 -0.71 -10.77 17.55
N LYS B 6 -1.99 -11.08 17.68
CA LYS B 6 -2.44 -12.47 17.67
C LYS B 6 -2.14 -13.14 16.34
N PHE B 7 -1.83 -14.44 16.39
CA PHE B 7 -1.50 -15.21 15.21
C PHE B 7 -2.66 -15.20 14.20
N MET B 8 -3.84 -15.64 14.65
CA MET B 8 -5.03 -15.70 13.80
C MET B 8 -5.37 -14.34 13.19
N ASP B 9 -4.93 -13.26 13.83
CA ASP B 9 -5.21 -11.91 13.34
C ASP B 9 -4.20 -11.48 12.27
N VAL B 10 -2.94 -11.92 12.43
CA VAL B 10 -1.90 -11.58 11.47
C VAL B 10 -2.18 -12.23 10.12
N TYR B 11 -2.70 -13.46 10.16
CA TYR B 11 -3.01 -14.20 8.96
C TYR B 11 -4.25 -13.62 8.26
N GLN B 12 -5.27 -13.31 9.05
CA GLN B 12 -6.51 -12.75 8.52
C GLN B 12 -6.29 -11.38 7.88
N ARG B 13 -5.54 -10.53 8.57
CA ARG B 13 -5.27 -9.17 8.09
C ARG B 13 -4.18 -9.14 6.99
N SER B 14 -3.37 -10.19 6.91
CA SER B 14 -2.29 -10.24 5.93
C SER B 14 -2.70 -10.97 4.64
N TYR B 15 -3.66 -11.88 4.74
CA TYR B 15 -4.13 -12.65 3.57
C TYR B 15 -4.58 -11.73 2.42
N CYS B 16 -4.15 -12.06 1.20
CA CYS B 16 -4.48 -11.29 -0.02
C CYS B 16 -5.94 -10.81 -0.06
N HIS B 17 -6.13 -9.50 0.16
CA HIS B 17 -7.46 -8.89 0.15
C HIS B 17 -7.38 -7.45 -0.38
N PRO B 18 -8.53 -6.80 -0.68
CA PRO B 18 -8.54 -5.42 -1.19
C PRO B 18 -8.19 -4.40 -0.10
N ILE B 19 -7.06 -3.74 -0.26
CA ILE B 19 -6.60 -2.74 0.71
C ILE B 19 -6.34 -1.39 0.03
N GLU B 20 -6.55 -0.30 0.77
CA GLU B 20 -6.35 1.04 0.22
C GLU B 20 -4.90 1.26 -0.17
N THR B 21 -4.67 1.63 -1.42
CA THR B 21 -3.32 1.87 -1.92
C THR B 21 -3.28 3.07 -2.86
N LEU B 22 -2.28 3.93 -2.67
CA LEU B 22 -2.13 5.11 -3.51
C LEU B 22 -1.29 4.80 -4.74
N VAL B 23 -1.72 5.26 -5.92
CA VAL B 23 -1.01 5.01 -7.16
C VAL B 23 -0.52 6.31 -7.79
N ASP B 24 0.77 6.32 -8.17
CA ASP B 24 1.36 7.49 -8.81
C ASP B 24 0.85 7.63 -10.23
N ILE B 25 0.46 8.85 -10.62
CA ILE B 25 -0.06 9.11 -11.95
C ILE B 25 1.03 8.88 -13.00
N PHE B 26 2.25 9.33 -12.69
CA PHE B 26 3.38 9.17 -13.61
C PHE B 26 3.69 7.69 -13.86
N GLN B 27 3.30 6.81 -12.93
CA GLN B 27 3.54 5.38 -13.07
C GLN B 27 2.57 4.74 -14.06
N GLU B 28 1.37 5.31 -14.16
CA GLU B 28 0.36 4.78 -15.08
C GLU B 28 0.39 5.50 -16.41
N TYR B 29 0.57 6.82 -16.36
CA TYR B 29 0.62 7.63 -17.58
C TYR B 29 2.07 8.10 -17.85
N PRO B 30 2.92 7.24 -18.46
CA PRO B 30 4.33 7.61 -18.74
C PRO B 30 4.49 8.53 -19.96
N ASP B 31 3.42 8.75 -20.73
CA ASP B 31 3.49 9.60 -21.91
C ASP B 31 3.26 11.07 -21.56
N GLU B 32 2.50 11.32 -20.51
CA GLU B 32 2.21 12.68 -20.07
C GLU B 32 3.28 13.18 -19.10
N ILE B 33 4.31 13.84 -19.64
CA ILE B 33 5.40 14.37 -18.83
C ILE B 33 5.37 15.89 -18.81
N GLU B 34 5.13 16.50 -19.96
CA GLU B 34 5.07 17.95 -20.08
C GLU B 34 3.85 18.55 -19.37
N TYR B 35 2.86 17.72 -19.02
CA TYR B 35 1.66 18.20 -18.34
C TYR B 35 1.70 17.82 -16.86
N ILE B 36 2.20 18.71 -16.02
CA ILE B 36 2.30 18.46 -14.58
C ILE B 36 0.91 18.24 -13.98
N PHE B 37 0.76 17.15 -13.22
CA PHE B 37 -0.52 16.83 -12.59
C PHE B 37 -0.52 17.14 -11.10
N LYS B 38 -1.64 17.69 -10.61
CA LYS B 38 -1.78 18.02 -9.19
C LYS B 38 -3.16 17.54 -8.68
N PRO B 39 -3.24 16.56 -7.75
CA PRO B 39 -2.08 15.87 -7.14
C PRO B 39 -1.39 14.92 -8.10
N SER B 40 -0.13 14.61 -7.80
CA SER B 40 0.67 13.72 -8.64
C SER B 40 0.28 12.24 -8.46
N CYS B 41 -0.55 11.93 -7.46
CA CYS B 41 -0.96 10.55 -7.22
C CYS B 41 -2.45 10.50 -6.89
N VAL B 42 -3.05 9.31 -6.97
CA VAL B 42 -4.48 9.14 -6.69
C VAL B 42 -4.75 7.89 -5.84
N PRO B 43 -5.77 7.91 -4.94
CA PRO B 43 -6.10 6.76 -4.10
C PRO B 43 -6.97 5.74 -4.84
N LEU B 44 -6.50 4.49 -4.88
CA LEU B 44 -7.24 3.43 -5.56
C LEU B 44 -7.20 2.14 -4.74
N MET B 45 -8.32 1.42 -4.72
CA MET B 45 -8.41 0.17 -3.99
C MET B 45 -7.72 -0.96 -4.75
N ARG B 46 -6.56 -1.39 -4.22
CA ARG B 46 -5.79 -2.45 -4.85
C ARG B 46 -5.59 -3.62 -3.88
N CYS B 47 -5.18 -4.76 -4.43
CA CYS B 47 -4.94 -5.95 -3.62
C CYS B 47 -3.48 -6.01 -3.17
N GLY B 48 -3.27 -6.37 -1.90
CA GLY B 48 -1.92 -6.45 -1.36
C GLY B 48 -1.78 -7.50 -0.28
N GLY B 49 -0.54 -7.93 -0.03
CA GLY B 49 -0.28 -8.94 0.98
C GLY B 49 0.48 -10.13 0.44
N CYS B 50 0.12 -11.32 0.90
CA CYS B 50 0.77 -12.55 0.45
C CYS B 50 -0.24 -13.70 0.34
N CYS B 51 0.21 -14.86 -0.15
CA CYS B 51 -0.67 -16.02 -0.32
C CYS B 51 -0.35 -17.12 0.69
N ASN B 52 -1.09 -18.22 0.60
CA ASN B 52 -0.94 -19.36 1.51
C ASN B 52 0.36 -20.13 1.24
N ASP B 53 0.75 -20.23 -0.03
CA ASP B 53 1.96 -20.97 -0.39
C ASP B 53 2.92 -20.11 -1.22
N GLU B 54 4.16 -20.56 -1.32
CA GLU B 54 5.19 -19.85 -2.07
C GLU B 54 4.86 -19.82 -3.57
N GLY B 55 4.15 -20.86 -4.04
CA GLY B 55 3.80 -20.93 -5.45
C GLY B 55 2.50 -20.21 -5.80
N LEU B 56 2.02 -19.34 -4.92
CA LEU B 56 0.79 -18.59 -5.17
C LEU B 56 1.11 -17.10 -5.34
N GLU B 57 0.25 -16.37 -6.04
CA GLU B 57 0.47 -14.94 -6.27
C GLU B 57 -0.80 -14.13 -5.98
N CYS B 58 -0.65 -13.08 -5.19
CA CYS B 58 -1.77 -12.22 -4.83
C CYS B 58 -2.09 -11.29 -6.00
N VAL B 59 -3.14 -11.64 -6.75
CA VAL B 59 -3.55 -10.84 -7.91
C VAL B 59 -5.07 -10.64 -7.90
N PRO B 60 -5.59 -9.61 -8.63
CA PRO B 60 -7.03 -9.34 -8.66
C PRO B 60 -7.77 -10.21 -9.68
N THR B 61 -9.06 -10.42 -9.44
CA THR B 61 -9.89 -11.22 -10.34
C THR B 61 -10.85 -10.34 -11.13
N GLU B 62 -11.21 -9.17 -10.57
CA GLU B 62 -12.11 -8.24 -11.24
C GLU B 62 -11.53 -6.82 -11.16
N GLU B 63 -11.81 -6.01 -12.18
CA GLU B 63 -11.30 -4.64 -12.21
C GLU B 63 -12.42 -3.61 -12.44
N SER B 64 -12.04 -2.34 -12.50
CA SER B 64 -13.00 -1.26 -12.71
C SER B 64 -12.28 0.07 -12.90
N ASN B 65 -12.99 1.04 -13.48
CA ASN B 65 -12.41 2.37 -13.73
C ASN B 65 -13.04 3.42 -12.80
N ILE B 66 -12.27 4.46 -12.51
CA ILE B 66 -12.74 5.53 -11.63
C ILE B 66 -12.21 6.89 -12.09
N THR B 67 -13.13 7.82 -12.34
CA THR B 67 -12.77 9.16 -12.79
C THR B 67 -12.39 10.05 -11.60
N MET B 68 -11.48 10.99 -11.85
CA MET B 68 -11.04 11.90 -10.79
C MET B 68 -10.61 13.24 -11.38
N GLN B 69 -10.76 14.30 -10.58
CA GLN B 69 -10.39 15.64 -11.01
C GLN B 69 -8.94 15.94 -10.68
N ILE B 70 -8.14 16.22 -11.71
CA ILE B 70 -6.72 16.53 -11.52
C ILE B 70 -6.35 17.85 -12.18
N MET B 71 -5.39 18.56 -11.58
CA MET B 71 -4.94 19.84 -12.11
C MET B 71 -3.82 19.65 -13.13
N ARG B 72 -4.14 19.88 -14.41
CA ARG B 72 -3.16 19.75 -15.47
C ARG B 72 -2.50 21.09 -15.78
N ILE B 73 -1.26 21.24 -15.35
CA ILE B 73 -0.50 22.47 -15.56
C ILE B 73 0.48 22.32 -16.73
N LYS B 74 0.77 23.42 -17.41
CA LYS B 74 1.69 23.41 -18.54
C LYS B 74 2.52 24.70 -18.57
N PRO B 75 3.88 24.61 -18.52
CA PRO B 75 4.72 25.81 -18.53
C PRO B 75 4.55 26.64 -19.79
N HIS B 76 4.41 27.96 -19.64
CA HIS B 76 4.22 28.92 -20.75
C HIS B 76 2.75 29.04 -21.20
N GLN B 77 1.89 28.11 -20.79
CA GLN B 77 0.48 28.15 -21.18
C GLN B 77 -0.43 28.50 -20.00
N GLY B 78 -0.14 27.93 -18.83
CA GLY B 78 -0.94 28.19 -17.64
C GLY B 78 -1.29 26.93 -16.87
N GLN B 79 -2.55 26.83 -16.47
CA GLN B 79 -3.03 25.68 -15.70
C GLN B 79 -4.54 25.54 -15.81
N HIS B 80 -5.06 24.33 -15.60
CA HIS B 80 -6.49 24.08 -15.66
C HIS B 80 -6.83 22.72 -15.08
N ILE B 81 -8.13 22.48 -14.85
CA ILE B 81 -8.59 21.21 -14.30
C ILE B 81 -8.92 20.21 -15.40
N GLY B 82 -8.69 18.93 -15.13
CA GLY B 82 -8.95 17.89 -16.10
C GLY B 82 -9.43 16.60 -15.46
N GLU B 83 -10.15 15.79 -16.23
CA GLU B 83 -10.67 14.52 -15.73
C GLU B 83 -9.81 13.35 -16.21
N MET B 84 -9.51 12.44 -15.28
CA MET B 84 -8.69 11.28 -15.61
C MET B 84 -9.24 10.02 -14.93
N SER B 85 -9.43 8.97 -15.72
CA SER B 85 -9.95 7.71 -15.22
C SER B 85 -8.79 6.75 -14.90
N PHE B 86 -8.91 6.03 -13.77
CA PHE B 86 -7.89 5.09 -13.35
C PHE B 86 -8.50 3.72 -13.08
N LEU B 87 -7.69 2.68 -13.23
CA LEU B 87 -8.16 1.31 -13.00
C LEU B 87 -7.84 0.85 -11.58
N GLN B 88 -8.83 0.25 -10.92
CA GLN B 88 -8.66 -0.25 -9.56
C GLN B 88 -9.16 -1.68 -9.46
N HIS B 89 -8.65 -2.43 -8.48
CA HIS B 89 -9.03 -3.82 -8.29
C HIS B 89 -10.27 -3.95 -7.40
N ASN B 90 -11.29 -4.64 -7.92
CA ASN B 90 -12.54 -4.83 -7.20
C ASN B 90 -12.51 -6.12 -6.38
N LYS B 91 -11.96 -7.18 -6.96
CA LYS B 91 -11.88 -8.48 -6.30
C LYS B 91 -10.42 -8.95 -6.22
N CYS B 92 -10.12 -9.74 -5.20
CA CYS B 92 -8.77 -10.26 -5.01
C CYS B 92 -8.78 -11.78 -4.75
N GLU B 93 -7.72 -12.46 -5.16
CA GLU B 93 -7.61 -13.90 -4.97
C GLU B 93 -6.21 -14.40 -5.28
N CYS B 94 -5.87 -15.58 -4.76
CA CYS B 94 -4.55 -16.17 -4.98
C CYS B 94 -4.62 -17.26 -6.05
N ARG B 95 -3.61 -17.28 -6.93
CA ARG B 95 -3.56 -18.28 -8.00
C ARG B 95 -2.14 -18.85 -8.17
N PRO B 96 -1.98 -20.13 -8.60
CA PRO B 96 -0.66 -20.73 -8.77
C PRO B 96 0.19 -19.99 -9.81
N LYS B 97 1.48 -19.88 -9.53
CA LYS B 97 2.40 -19.18 -10.43
C LYS B 97 2.71 -20.05 -11.66
N LYS B 98 3.50 -19.51 -12.57
CA LYS B 98 3.88 -20.22 -13.78
C LYS B 98 4.68 -21.47 -13.47
N ASP B 99 4.89 -22.31 -14.47
CA ASP B 99 5.64 -23.54 -14.30
C ASP B 99 5.87 -24.22 -15.65
N GLY C 1 -16.82 -35.58 1.59
CA GLY C 1 -16.12 -34.77 0.57
C GLY C 1 -14.66 -35.12 0.43
N GLY C 2 -14.06 -34.76 -0.70
CA GLY C 2 -12.65 -35.05 -0.93
C GLY C 2 -11.74 -33.94 -0.46
N ASN C 3 -11.84 -32.78 -1.09
CA ASN C 3 -11.01 -31.63 -0.73
C ASN C 3 -11.67 -30.80 0.36
N GLU C 4 -10.86 -30.27 1.26
CA GLU C 4 -11.37 -29.46 2.37
C GLU C 4 -10.51 -28.21 2.56
N CYS C 5 -9.21 -28.42 2.78
CA CYS C 5 -8.29 -27.30 2.97
C CYS C 5 -7.78 -26.77 1.63
N ASP C 6 -8.54 -25.86 1.03
CA ASP C 6 -8.16 -25.27 -0.24
C ASP C 6 -6.91 -24.42 -0.08
N ILE C 7 -5.95 -24.59 -0.99
CA ILE C 7 -4.69 -23.86 -0.94
C ILE C 7 -4.91 -22.35 -1.09
N ALA C 8 -5.88 -21.95 -1.90
CA ALA C 8 -6.18 -20.54 -2.12
C ALA C 8 -7.36 -20.06 -1.26
N ARG C 9 -7.48 -20.63 -0.07
CA ARG C 9 -8.58 -20.26 0.84
C ARG C 9 -8.10 -20.21 2.29
N MET C 10 -8.93 -19.59 3.15
CA MET C 10 -8.61 -19.46 4.57
C MET C 10 -8.26 -20.79 5.25
N TRP C 11 -6.97 -21.09 5.30
CA TRP C 11 -6.49 -22.32 5.94
C TRP C 11 -6.67 -22.25 7.47
N GLU C 12 -7.83 -22.70 7.94
CA GLU C 12 -8.15 -22.69 9.38
C GLU C 12 -7.09 -23.44 10.21
N TRP C 13 -7.39 -23.66 11.49
CA TRP C 13 -6.46 -24.35 12.40
C TRP C 13 -6.06 -25.73 11.87
N GLU C 14 -7.05 -26.56 11.54
CA GLU C 14 -6.79 -27.92 11.04
C GLU C 14 -5.81 -27.93 9.86
N CYS C 15 -5.98 -26.98 8.94
CA CYS C 15 -5.10 -26.89 7.78
C CYS C 15 -3.69 -26.49 8.19
N PHE C 16 -3.58 -25.68 9.25
CA PHE C 16 -2.29 -25.24 9.74
C PHE C 16 -1.47 -26.43 10.25
N GLU C 17 -2.11 -27.29 11.03
CA GLU C 17 -1.45 -28.46 11.58
C GLU C 17 -1.20 -29.52 10.49
N ARG C 18 -1.91 -29.44 9.36
CA ARG C 18 -1.74 -30.41 8.28
C ARG C 18 -0.71 -29.93 7.25
N LEU C 19 0.20 -29.04 7.65
CA LEU C 19 1.22 -28.52 6.75
C LEU C 19 2.38 -29.50 6.61
N GLY D 1 2.83 38.29 8.65
CA GLY D 1 3.75 37.13 8.47
C GLY D 1 4.39 37.10 7.09
N GLY D 2 5.52 36.42 6.98
CA GLY D 2 6.21 36.31 5.71
C GLY D 2 5.78 35.11 4.89
N ASN D 3 6.05 33.92 5.42
CA ASN D 3 5.68 32.68 4.74
C ASN D 3 4.28 32.24 5.12
N GLU D 4 3.54 31.69 4.15
CA GLU D 4 2.18 31.23 4.40
C GLU D 4 1.95 29.87 3.74
N CYS D 5 2.19 29.79 2.44
CA CYS D 5 2.00 28.55 1.69
C CYS D 5 3.27 27.69 1.76
N ASP D 6 3.40 26.92 2.85
CA ASP D 6 4.54 26.06 3.04
C ASP D 6 4.56 24.95 1.99
N ILE D 7 5.71 24.74 1.36
CA ILE D 7 5.86 23.72 0.32
C ILE D 7 5.54 22.32 0.84
N ALA D 8 5.96 22.03 2.07
CA ALA D 8 5.72 20.72 2.67
C ALA D 8 4.49 20.71 3.58
N ARG D 9 3.48 21.48 3.21
CA ARG D 9 2.24 21.55 3.99
C ARG D 9 1.01 21.62 3.09
N MET D 10 -0.16 21.39 3.69
CA MET D 10 -1.43 21.40 2.95
C MET D 10 -1.66 22.70 2.16
N TRP D 11 -1.27 22.70 0.90
CA TRP D 11 -1.45 23.86 0.02
C TRP D 11 -2.93 24.09 -0.29
N GLU D 12 -3.59 24.88 0.56
CA GLU D 12 -5.02 25.19 0.38
C GLU D 12 -5.31 25.80 -1.00
N TRP D 13 -6.53 26.31 -1.18
CA TRP D 13 -6.95 26.90 -2.45
C TRP D 13 -6.02 28.03 -2.91
N GLU D 14 -5.76 29.01 -2.04
CA GLU D 14 -4.88 30.14 -2.38
C GLU D 14 -3.53 29.68 -2.93
N CYS D 15 -2.96 28.66 -2.30
CA CYS D 15 -1.67 28.13 -2.73
C CYS D 15 -1.77 27.47 -4.11
N PHE D 16 -2.92 26.87 -4.38
CA PHE D 16 -3.14 26.22 -5.67
C PHE D 16 -3.11 27.23 -6.80
N GLU D 17 -3.80 28.34 -6.61
CA GLU D 17 -3.84 29.41 -7.62
C GLU D 17 -2.52 30.18 -7.68
N ARG D 18 -1.67 30.06 -6.65
CA ARG D 18 -0.39 30.77 -6.63
C ARG D 18 0.74 29.88 -7.15
N LEU D 19 0.41 28.89 -7.98
CA LEU D 19 1.42 27.99 -8.55
C LEU D 19 2.11 28.63 -9.75
N HIS A 1 -20.44 13.99 -7.38
CA HIS A 1 -20.15 13.77 -5.94
C HIS A 1 -20.26 12.30 -5.55
N HIS A 2 -20.03 11.40 -6.51
CA HIS A 2 -20.10 9.97 -6.26
C HIS A 2 -19.28 9.21 -7.30
N GLU A 3 -19.51 9.52 -8.58
CA GLU A 3 -18.78 8.89 -9.67
C GLU A 3 -17.38 9.47 -9.78
N VAL A 4 -17.32 10.79 -9.96
CA VAL A 4 -16.05 11.48 -10.07
C VAL A 4 -15.58 11.96 -8.69
N VAL A 5 -14.38 11.55 -8.29
CA VAL A 5 -13.84 11.93 -6.99
C VAL A 5 -13.56 13.43 -6.93
N LYS A 6 -13.97 14.06 -5.83
CA LYS A 6 -13.77 15.49 -5.65
C LYS A 6 -12.28 15.81 -5.50
N PHE A 7 -11.84 16.88 -6.16
CA PHE A 7 -10.43 17.31 -6.14
C PHE A 7 -9.90 17.44 -4.70
N MET A 8 -10.56 18.25 -3.88
CA MET A 8 -10.16 18.48 -2.49
C MET A 8 -9.98 17.16 -1.72
N ASP A 9 -10.75 16.14 -2.10
CA ASP A 9 -10.69 14.84 -1.44
C ASP A 9 -9.53 14.01 -1.96
N VAL A 10 -9.21 14.16 -3.25
CA VAL A 10 -8.12 13.43 -3.86
C VAL A 10 -6.78 13.86 -3.27
N TYR A 11 -6.66 15.15 -2.99
CA TYR A 11 -5.44 15.71 -2.42
C TYR A 11 -5.28 15.30 -0.96
N GLN A 12 -6.38 15.37 -0.21
CA GLN A 12 -6.35 15.00 1.20
C GLN A 12 -6.02 13.53 1.40
N ARG A 13 -6.70 12.67 0.66
CA ARG A 13 -6.50 11.22 0.77
C ARG A 13 -5.20 10.74 0.11
N SER A 14 -4.61 11.56 -0.76
CA SER A 14 -3.39 11.17 -1.46
C SER A 14 -2.13 11.76 -0.82
N TYR A 15 -2.27 12.91 -0.16
CA TYR A 15 -1.14 13.58 0.49
C TYR A 15 -0.39 12.66 1.46
N CYS A 16 0.94 12.64 1.36
CA CYS A 16 1.84 11.82 2.21
C CYS A 16 1.37 11.70 3.67
N HIS A 17 0.83 10.52 4.02
CA HIS A 17 0.35 10.24 5.37
C HIS A 17 0.46 8.74 5.68
N PRO A 18 0.34 8.33 6.97
CA PRO A 18 0.44 6.91 7.35
C PRO A 18 -0.77 6.09 6.89
N ILE A 19 -0.52 5.13 6.00
CA ILE A 19 -1.57 4.27 5.48
C ILE A 19 -1.26 2.79 5.73
N GLU A 20 -2.30 2.00 5.98
CA GLU A 20 -2.12 0.57 6.26
C GLU A 20 -1.53 -0.14 5.03
N THR A 21 -0.27 -0.54 5.13
CA THR A 21 0.40 -1.23 4.04
C THR A 21 1.00 -2.56 4.50
N LEU A 22 0.93 -3.57 3.63
CA LEU A 22 1.46 -4.88 3.94
C LEU A 22 2.93 -4.98 3.53
N VAL A 23 3.76 -5.52 4.42
CA VAL A 23 5.19 -5.66 4.15
C VAL A 23 5.63 -7.12 4.16
N ASP A 24 6.53 -7.46 3.25
CA ASP A 24 7.06 -8.82 3.15
C ASP A 24 8.08 -9.08 4.27
N ILE A 25 7.98 -10.25 4.89
CA ILE A 25 8.90 -10.61 5.97
C ILE A 25 10.32 -10.78 5.44
N PHE A 26 10.45 -11.32 4.24
CA PHE A 26 11.75 -11.52 3.62
C PHE A 26 12.46 -10.19 3.38
N GLN A 27 11.70 -9.11 3.22
CA GLN A 27 12.28 -7.79 2.99
C GLN A 27 12.86 -7.19 4.27
N GLU A 28 12.28 -7.57 5.41
CA GLU A 28 12.76 -7.08 6.70
C GLU A 28 13.84 -7.99 7.25
N TYR A 29 13.64 -9.30 7.09
CA TYR A 29 14.60 -10.29 7.56
C TYR A 29 15.30 -10.97 6.37
N PRO A 30 16.43 -10.41 5.87
CA PRO A 30 17.14 -10.98 4.73
C PRO A 30 18.00 -12.20 5.09
N ASP A 31 18.36 -12.32 6.37
CA ASP A 31 19.18 -13.45 6.81
C ASP A 31 18.33 -14.67 7.13
N GLU A 32 17.11 -14.42 7.63
CA GLU A 32 16.21 -15.51 7.97
C GLU A 32 15.38 -15.94 6.75
N ILE A 33 15.92 -16.87 5.97
CA ILE A 33 15.24 -17.36 4.77
C ILE A 33 14.94 -18.85 4.87
N GLU A 34 15.87 -19.61 5.44
CA GLU A 34 15.70 -21.06 5.59
C GLU A 34 14.49 -21.42 6.46
N TYR A 35 13.96 -20.46 7.22
CA TYR A 35 12.80 -20.73 8.09
C TYR A 35 11.53 -20.18 7.46
N ILE A 36 10.73 -21.06 6.86
CA ILE A 36 9.48 -20.67 6.21
C ILE A 36 8.53 -20.02 7.22
N PHE A 37 8.12 -18.78 6.93
CA PHE A 37 7.22 -18.04 7.82
C PHE A 37 5.77 -18.08 7.31
N LYS A 38 4.84 -18.29 8.25
CA LYS A 38 3.41 -18.33 7.91
C LYS A 38 2.62 -17.39 8.83
N PRO A 39 2.02 -16.27 8.33
CA PRO A 39 2.05 -15.86 6.91
C PRO A 39 3.41 -15.29 6.49
N SER A 40 3.60 -15.14 5.19
CA SER A 40 4.86 -14.61 4.64
C SER A 40 4.92 -13.08 4.69
N CYS A 41 3.81 -12.42 5.04
CA CYS A 41 3.79 -10.95 5.12
C CYS A 41 3.04 -10.48 6.35
N VAL A 42 3.21 -9.21 6.72
CA VAL A 42 2.55 -8.66 7.91
C VAL A 42 2.03 -7.23 7.65
N PRO A 43 0.86 -6.84 8.23
CA PRO A 43 0.31 -5.50 8.03
C PRO A 43 0.98 -4.47 8.93
N LEU A 44 1.57 -3.44 8.31
CA LEU A 44 2.25 -2.38 9.05
C LEU A 44 1.82 -1.00 8.55
N MET A 45 1.79 -0.03 9.46
CA MET A 45 1.42 1.33 9.10
C MET A 45 2.62 2.12 8.58
N ARG A 46 2.69 2.27 7.27
CA ARG A 46 3.78 3.00 6.63
C ARG A 46 3.27 4.20 5.85
N CYS A 47 4.19 5.07 5.41
CA CYS A 47 3.83 6.26 4.65
C CYS A 47 3.74 5.96 3.16
N GLY A 48 2.67 6.43 2.53
CA GLY A 48 2.48 6.23 1.10
C GLY A 48 1.77 7.39 0.42
N GLY A 49 1.98 7.53 -0.89
CA GLY A 49 1.35 8.60 -1.64
C GLY A 49 2.35 9.42 -2.45
N CYS A 50 2.25 10.73 -2.37
CA CYS A 50 3.14 11.63 -3.10
C CYS A 50 3.20 13.00 -2.44
N CYS A 51 4.19 13.81 -2.84
CA CYS A 51 4.36 15.15 -2.28
C CYS A 51 3.74 16.21 -3.19
N ASN A 52 3.87 17.48 -2.78
CA ASN A 52 3.31 18.61 -3.54
C ASN A 52 4.14 18.95 -4.77
N ASP A 53 5.45 18.69 -4.71
CA ASP A 53 6.34 19.02 -5.83
C ASP A 53 7.26 17.84 -6.17
N GLU A 54 7.89 17.93 -7.33
CA GLU A 54 8.79 16.87 -7.80
C GLU A 54 10.06 16.83 -6.95
N GLY A 55 10.49 17.98 -6.44
CA GLY A 55 11.70 18.05 -5.64
C GLY A 55 11.51 17.63 -4.18
N LEU A 56 10.34 17.09 -3.83
CA LEU A 56 10.08 16.65 -2.45
C LEU A 56 10.05 15.12 -2.40
N GLU A 57 9.92 14.58 -1.19
CA GLU A 57 9.87 13.13 -1.01
C GLU A 57 9.07 12.76 0.25
N CYS A 58 8.21 11.75 0.11
CA CYS A 58 7.38 11.30 1.23
C CYS A 58 8.17 10.35 2.13
N VAL A 59 8.59 10.86 3.30
CA VAL A 59 9.36 10.07 4.26
C VAL A 59 8.75 10.16 5.67
N PRO A 60 9.07 9.21 6.58
CA PRO A 60 8.53 9.23 7.94
C PRO A 60 9.35 10.09 8.90
N THR A 61 8.68 10.70 9.86
CA THR A 61 9.34 11.56 10.84
C THR A 61 9.51 10.83 12.18
N GLU A 62 8.60 9.90 12.47
CA GLU A 62 8.66 9.14 13.72
C GLU A 62 8.40 7.66 13.44
N GLU A 63 9.17 6.77 14.07
CA GLU A 63 9.03 5.33 13.86
C GLU A 63 8.61 4.61 15.14
N SER A 64 8.46 3.29 15.04
CA SER A 64 8.07 2.47 16.17
C SER A 64 8.17 0.98 15.84
N ASN A 65 8.17 0.13 16.87
CA ASN A 65 8.27 -1.31 16.69
C ASN A 65 6.96 -2.01 17.07
N ILE A 66 6.71 -3.16 16.45
CA ILE A 66 5.50 -3.93 16.72
C ILE A 66 5.76 -5.43 16.65
N THR A 67 5.37 -6.15 17.70
CA THR A 67 5.58 -7.61 17.76
C THR A 67 4.42 -8.34 17.11
N MET A 68 4.72 -9.49 16.48
CA MET A 68 3.69 -10.29 15.82
C MET A 68 3.97 -11.78 15.98
N GLN A 69 2.91 -12.59 15.92
CA GLN A 69 3.03 -14.04 16.05
C GLN A 69 3.08 -14.70 14.67
N ILE A 70 4.15 -15.46 14.41
CA ILE A 70 4.31 -16.13 13.12
C ILE A 70 4.70 -17.59 13.31
N MET A 71 4.39 -18.43 12.31
CA MET A 71 4.71 -19.85 12.37
C MET A 71 6.03 -20.13 11.66
N ARG A 72 7.06 -20.48 12.42
CA ARG A 72 8.37 -20.77 11.87
C ARG A 72 8.48 -22.26 11.52
N ILE A 73 8.32 -22.57 10.23
CA ILE A 73 8.38 -23.96 9.77
C ILE A 73 9.73 -24.27 9.10
N LYS A 74 10.26 -25.46 9.38
CA LYS A 74 11.54 -25.89 8.81
C LYS A 74 11.41 -27.31 8.21
N PRO A 75 11.82 -27.51 6.93
CA PRO A 75 11.71 -28.85 6.30
C PRO A 75 12.51 -29.91 7.06
N HIS A 76 11.86 -31.05 7.32
CA HIS A 76 12.45 -32.20 8.03
C HIS A 76 12.58 -31.98 9.56
N GLN A 77 12.28 -30.78 10.06
CA GLN A 77 12.41 -30.51 11.50
C GLN A 77 11.03 -30.38 12.17
N GLY A 78 10.10 -29.71 11.49
CA GLY A 78 8.75 -29.53 12.02
C GLY A 78 8.25 -28.11 11.88
N GLN A 79 7.64 -27.60 12.95
CA GLN A 79 7.11 -26.24 12.95
C GLN A 79 6.99 -25.71 14.38
N HIS A 80 6.97 -24.38 14.52
CA HIS A 80 6.87 -23.77 15.84
C HIS A 80 6.57 -22.27 15.74
N ILE A 81 5.69 -21.78 16.63
CA ILE A 81 5.30 -20.37 16.64
C ILE A 81 6.41 -19.52 17.27
N GLY A 82 6.69 -18.37 16.65
CA GLY A 82 7.72 -17.49 17.16
C GLY A 82 7.30 -16.03 17.12
N GLU A 83 7.96 -15.19 17.91
CA GLU A 83 7.64 -13.76 17.96
C GLU A 83 8.60 -12.97 17.08
N MET A 84 8.06 -12.05 16.29
CA MET A 84 8.87 -11.23 15.40
C MET A 84 8.48 -9.76 15.49
N SER A 85 9.46 -8.91 15.72
CA SER A 85 9.22 -7.47 15.82
C SER A 85 9.46 -6.79 14.48
N PHE A 86 8.63 -5.82 14.14
CA PHE A 86 8.76 -5.09 12.89
C PHE A 86 8.67 -3.58 13.12
N LEU A 87 9.30 -2.82 12.23
CA LEU A 87 9.29 -1.36 12.33
C LEU A 87 8.24 -0.75 11.41
N GLN A 88 7.46 0.20 11.94
CA GLN A 88 6.43 0.88 11.15
C GLN A 88 6.53 2.39 11.35
N HIS A 89 5.98 3.14 10.42
CA HIS A 89 6.03 4.61 10.49
C HIS A 89 4.83 5.21 11.22
N ASN A 90 5.12 6.04 12.22
CA ASN A 90 4.09 6.71 13.01
C ASN A 90 3.59 7.98 12.30
N LYS A 91 4.52 8.90 12.01
CA LYS A 91 4.18 10.15 11.34
C LYS A 91 4.89 10.25 9.98
N CYS A 92 4.34 11.10 9.10
CA CYS A 92 4.91 11.30 7.77
C CYS A 92 5.05 12.79 7.45
N GLU A 93 5.96 13.11 6.53
CA GLU A 93 6.20 14.50 6.14
C GLU A 93 7.02 14.58 4.85
N CYS A 94 6.83 15.66 4.08
CA CYS A 94 7.57 15.85 2.83
C CYS A 94 8.79 16.73 3.05
N ARG A 95 9.88 16.42 2.35
CA ARG A 95 11.12 17.20 2.48
C ARG A 95 11.90 17.21 1.15
N PRO A 96 12.75 18.24 0.89
CA PRO A 96 13.52 18.32 -0.35
C PRO A 96 14.42 17.11 -0.60
N LYS A 97 14.38 16.58 -1.83
CA LYS A 97 15.17 15.42 -2.20
C LYS A 97 16.66 15.70 -2.06
N LYS A 98 17.46 14.63 -2.07
CA LYS A 98 18.91 14.74 -1.96
C LYS A 98 19.55 14.66 -3.34
N ASP A 99 19.22 15.61 -4.21
CA ASP A 99 19.75 15.66 -5.57
C ASP A 99 21.27 15.76 -5.56
N HIS B 1 -2.67 -9.65 23.89
CA HIS B 1 -3.86 -9.25 23.07
C HIS B 1 -3.87 -7.75 22.78
N HIS B 2 -2.70 -7.13 22.76
CA HIS B 2 -2.60 -5.70 22.49
C HIS B 2 -1.21 -5.35 21.96
N GLU B 3 -0.18 -5.83 22.66
CA GLU B 3 1.19 -5.59 22.25
C GLU B 3 1.57 -6.52 21.09
N VAL B 4 1.43 -7.81 21.32
CA VAL B 4 1.72 -8.81 20.30
C VAL B 4 0.47 -9.14 19.50
N VAL B 5 0.54 -9.00 18.18
CA VAL B 5 -0.59 -9.27 17.31
C VAL B 5 -0.95 -10.75 17.32
N LYS B 6 -2.24 -11.04 17.45
CA LYS B 6 -2.71 -12.43 17.46
C LYS B 6 -2.48 -13.08 16.11
N PHE B 7 -2.03 -14.33 16.11
CA PHE B 7 -1.75 -15.08 14.89
C PHE B 7 -2.93 -15.06 13.89
N MET B 8 -4.10 -15.49 14.36
CA MET B 8 -5.29 -15.55 13.50
C MET B 8 -5.60 -14.20 12.84
N ASP B 9 -5.23 -13.11 13.51
CA ASP B 9 -5.49 -11.77 13.00
C ASP B 9 -4.46 -11.35 11.96
N VAL B 10 -3.21 -11.80 12.14
CA VAL B 10 -2.13 -11.46 11.22
C VAL B 10 -2.39 -12.06 9.84
N TYR B 11 -2.94 -13.28 9.81
CA TYR B 11 -3.24 -13.95 8.56
C TYR B 11 -4.47 -13.33 7.89
N GLN B 12 -5.50 -13.06 8.68
CA GLN B 12 -6.74 -12.47 8.16
C GLN B 12 -6.48 -11.11 7.52
N ARG B 13 -5.72 -10.26 8.22
CA ARG B 13 -5.42 -8.91 7.72
C ARG B 13 -4.31 -8.89 6.66
N SER B 14 -3.54 -9.97 6.57
CA SER B 14 -2.44 -10.03 5.60
C SER B 14 -2.81 -10.79 4.32
N TYR B 15 -3.73 -11.75 4.44
CA TYR B 15 -4.16 -12.56 3.30
C TYR B 15 -4.63 -11.70 2.11
N CYS B 16 -4.15 -12.06 0.90
CA CYS B 16 -4.47 -11.35 -0.36
C CYS B 16 -5.92 -10.84 -0.43
N HIS B 17 -6.10 -9.54 -0.27
CA HIS B 17 -7.42 -8.91 -0.33
C HIS B 17 -7.31 -7.45 -0.80
N PRO B 18 -8.43 -6.80 -1.20
CA PRO B 18 -8.40 -5.40 -1.68
C PRO B 18 -8.13 -4.41 -0.54
N ILE B 19 -6.99 -3.72 -0.63
CA ILE B 19 -6.61 -2.73 0.39
C ILE B 19 -6.38 -1.36 -0.26
N GLU B 20 -6.71 -0.30 0.48
CA GLU B 20 -6.55 1.06 -0.02
C GLU B 20 -5.07 1.38 -0.26
N THR B 21 -4.68 1.50 -1.52
CA THR B 21 -3.30 1.80 -1.88
C THR B 21 -3.23 2.99 -2.84
N LEU B 22 -2.21 3.82 -2.66
CA LEU B 22 -2.01 4.99 -3.51
C LEU B 22 -1.19 4.64 -4.75
N VAL B 23 -1.62 5.13 -5.91
CA VAL B 23 -0.92 4.85 -7.16
C VAL B 23 -0.45 6.14 -7.84
N ASP B 24 0.77 6.10 -8.40
CA ASP B 24 1.34 7.25 -9.09
C ASP B 24 0.67 7.44 -10.45
N ILE B 25 0.35 8.70 -10.78
CA ILE B 25 -0.29 9.00 -12.05
C ILE B 25 0.65 8.71 -13.22
N PHE B 26 1.94 8.98 -13.02
CA PHE B 26 2.94 8.74 -14.06
C PHE B 26 3.04 7.26 -14.41
N GLN B 27 2.69 6.38 -13.45
CA GLN B 27 2.74 4.95 -13.68
C GLN B 27 1.57 4.47 -14.53
N GLU B 28 0.44 5.17 -14.44
CA GLU B 28 -0.74 4.81 -15.22
C GLU B 28 -0.72 5.52 -16.57
N TYR B 29 -0.31 6.78 -16.57
CA TYR B 29 -0.22 7.58 -17.79
C TYR B 29 1.24 7.84 -18.14
N PRO B 30 1.91 6.92 -18.88
CA PRO B 30 3.33 7.10 -19.25
C PRO B 30 3.55 8.08 -20.40
N ASP B 31 2.49 8.34 -21.18
CA ASP B 31 2.60 9.25 -22.32
C ASP B 31 2.35 10.69 -21.89
N GLU B 32 1.50 10.88 -20.89
CA GLU B 32 1.20 12.21 -20.38
C GLU B 32 2.18 12.60 -19.27
N ILE B 33 3.28 13.24 -19.67
CA ILE B 33 4.30 13.67 -18.71
C ILE B 33 4.49 15.19 -18.73
N GLU B 34 4.42 15.78 -19.91
CA GLU B 34 4.59 17.22 -20.07
C GLU B 34 3.54 18.03 -19.31
N TYR B 35 2.43 17.38 -18.92
CA TYR B 35 1.37 18.07 -18.17
C TYR B 35 1.45 17.75 -16.68
N ILE B 36 2.01 18.68 -15.90
CA ILE B 36 2.14 18.50 -14.45
C ILE B 36 0.77 18.28 -13.80
N PHE B 37 0.60 17.14 -13.15
CA PHE B 37 -0.65 16.80 -12.48
C PHE B 37 -0.60 17.11 -10.99
N LYS B 38 -1.67 17.70 -10.47
CA LYS B 38 -1.75 18.04 -9.05
C LYS B 38 -3.09 17.52 -8.47
N PRO B 39 -3.09 16.52 -7.54
CA PRO B 39 -1.88 15.86 -7.00
C PRO B 39 -1.23 14.91 -8.01
N SER B 40 -0.01 14.47 -7.69
CA SER B 40 0.73 13.57 -8.57
C SER B 40 0.33 12.10 -8.39
N CYS B 41 -0.49 11.79 -7.38
CA CYS B 41 -0.93 10.41 -7.14
C CYS B 41 -2.41 10.37 -6.78
N VAL B 42 -3.01 9.18 -6.85
CA VAL B 42 -4.43 9.02 -6.54
C VAL B 42 -4.70 7.75 -5.72
N PRO B 43 -5.66 7.78 -4.76
CA PRO B 43 -5.98 6.61 -3.95
C PRO B 43 -6.86 5.61 -4.69
N LEU B 44 -6.39 4.36 -4.81
CA LEU B 44 -7.12 3.32 -5.51
C LEU B 44 -7.13 2.03 -4.70
N MET B 45 -8.21 1.25 -4.83
CA MET B 45 -8.35 -0.02 -4.12
C MET B 45 -7.70 -1.15 -4.92
N ARG B 46 -6.50 -1.55 -4.50
CA ARG B 46 -5.77 -2.62 -5.19
C ARG B 46 -5.50 -3.78 -4.23
N CYS B 47 -5.05 -4.91 -4.78
CA CYS B 47 -4.75 -6.10 -3.98
C CYS B 47 -3.33 -6.06 -3.44
N GLY B 48 -3.18 -6.37 -2.16
CA GLY B 48 -1.86 -6.37 -1.53
C GLY B 48 -1.73 -7.45 -0.47
N GLY B 49 -0.49 -7.85 -0.18
CA GLY B 49 -0.24 -8.87 0.83
C GLY B 49 0.58 -10.04 0.31
N CYS B 50 0.18 -11.25 0.69
CA CYS B 50 0.89 -12.46 0.27
C CYS B 50 -0.05 -13.66 0.20
N CYS B 51 0.39 -14.73 -0.44
CA CYS B 51 -0.42 -15.94 -0.58
C CYS B 51 -0.04 -16.99 0.46
N ASN B 52 -0.71 -18.15 0.40
CA ASN B 52 -0.46 -19.24 1.35
C ASN B 52 0.86 -19.97 1.08
N ASP B 53 1.27 -20.01 -0.18
CA ASP B 53 2.50 -20.72 -0.55
C ASP B 53 3.38 -19.86 -1.46
N GLU B 54 4.63 -20.31 -1.64
CA GLU B 54 5.59 -19.59 -2.48
C GLU B 54 5.21 -19.70 -3.96
N GLY B 55 4.59 -20.82 -4.34
CA GLY B 55 4.20 -21.03 -5.73
C GLY B 55 2.91 -20.33 -6.14
N LEU B 56 2.36 -19.49 -5.26
CA LEU B 56 1.12 -18.76 -5.57
C LEU B 56 1.42 -17.29 -5.83
N GLU B 57 0.39 -16.53 -6.19
CA GLU B 57 0.56 -15.10 -6.47
C GLU B 57 -0.74 -14.34 -6.24
N CYS B 58 -0.64 -13.21 -5.53
CA CYS B 58 -1.80 -12.39 -5.23
C CYS B 58 -2.16 -11.52 -6.44
N VAL B 59 -3.25 -11.89 -7.13
CA VAL B 59 -3.69 -11.16 -8.31
C VAL B 59 -5.20 -10.84 -8.23
N PRO B 60 -5.70 -9.85 -8.99
CA PRO B 60 -7.12 -9.48 -8.95
C PRO B 60 -7.98 -10.34 -9.88
N THR B 61 -9.23 -10.59 -9.47
CA THR B 61 -10.15 -11.39 -10.27
C THR B 61 -11.14 -10.51 -11.01
N GLU B 62 -11.47 -9.35 -10.44
CA GLU B 62 -12.41 -8.42 -11.06
C GLU B 62 -11.86 -7.00 -10.98
N GLU B 63 -12.00 -6.23 -12.06
CA GLU B 63 -11.50 -4.86 -12.11
C GLU B 63 -12.63 -3.83 -12.27
N SER B 64 -12.25 -2.56 -12.32
CA SER B 64 -13.20 -1.47 -12.47
C SER B 64 -12.49 -0.14 -12.71
N ASN B 65 -13.23 0.85 -13.22
CA ASN B 65 -12.67 2.17 -13.50
C ASN B 65 -13.24 3.22 -12.56
N ILE B 66 -12.46 4.27 -12.30
CA ILE B 66 -12.89 5.34 -11.41
C ILE B 66 -12.37 6.70 -11.88
N THR B 67 -13.28 7.65 -12.07
CA THR B 67 -12.92 8.99 -12.52
C THR B 67 -12.47 9.86 -11.35
N MET B 68 -11.53 10.77 -11.62
CA MET B 68 -11.01 11.66 -10.58
C MET B 68 -10.71 13.05 -11.14
N GLN B 69 -10.80 14.06 -10.28
CA GLN B 69 -10.54 15.43 -10.69
C GLN B 69 -9.07 15.80 -10.41
N ILE B 70 -8.36 16.23 -11.44
CA ILE B 70 -6.95 16.61 -11.31
C ILE B 70 -6.69 17.97 -11.95
N MET B 71 -5.67 18.68 -11.46
CA MET B 71 -5.32 19.99 -12.01
C MET B 71 -4.12 19.88 -12.94
N ARG B 72 -4.37 20.01 -14.25
CA ARG B 72 -3.31 19.92 -15.24
C ARG B 72 -2.63 21.28 -15.42
N ILE B 73 -1.37 21.37 -14.99
CA ILE B 73 -0.60 22.61 -15.11
C ILE B 73 0.51 22.46 -16.15
N LYS B 74 0.62 23.46 -17.04
CA LYS B 74 1.64 23.44 -18.09
C LYS B 74 2.50 24.71 -18.03
N PRO B 75 3.85 24.60 -18.02
CA PRO B 75 4.72 25.79 -17.96
C PRO B 75 4.51 26.73 -19.13
N HIS B 76 4.36 28.03 -18.82
CA HIS B 76 4.14 29.10 -19.80
C HIS B 76 2.72 29.13 -20.40
N GLN B 77 1.87 28.15 -20.07
CA GLN B 77 0.50 28.11 -20.62
C GLN B 77 -0.54 28.45 -19.54
N GLY B 78 -0.34 27.93 -18.33
CA GLY B 78 -1.27 28.19 -17.23
C GLY B 78 -1.64 26.93 -16.46
N GLN B 79 -2.94 26.74 -16.23
CA GLN B 79 -3.44 25.58 -15.50
C GLN B 79 -4.92 25.35 -15.78
N HIS B 80 -5.38 24.11 -15.63
CA HIS B 80 -6.78 23.77 -15.88
C HIS B 80 -7.14 22.41 -15.30
N ILE B 81 -8.35 22.30 -14.75
CA ILE B 81 -8.84 21.05 -14.16
C ILE B 81 -9.31 20.08 -15.24
N GLY B 82 -8.98 18.80 -15.07
CA GLY B 82 -9.38 17.79 -16.03
C GLY B 82 -9.80 16.50 -15.36
N GLU B 83 -10.57 15.68 -16.06
CA GLU B 83 -11.03 14.41 -15.53
C GLU B 83 -10.13 13.27 -15.98
N MET B 84 -9.75 12.40 -15.05
CA MET B 84 -8.89 11.27 -15.36
C MET B 84 -9.46 9.98 -14.77
N SER B 85 -9.58 8.95 -15.62
CA SER B 85 -10.10 7.67 -15.19
C SER B 85 -8.95 6.72 -14.85
N PHE B 86 -9.14 5.95 -13.78
CA PHE B 86 -8.11 4.99 -13.35
C PHE B 86 -8.74 3.63 -13.08
N LEU B 87 -7.94 2.58 -13.25
CA LEU B 87 -8.41 1.21 -13.04
C LEU B 87 -7.98 0.70 -11.66
N GLN B 88 -8.91 0.08 -10.94
CA GLN B 88 -8.62 -0.47 -9.62
C GLN B 88 -9.17 -1.89 -9.50
N HIS B 89 -8.66 -2.64 -8.53
CA HIS B 89 -9.07 -4.03 -8.35
C HIS B 89 -10.25 -4.18 -7.39
N ASN B 90 -11.30 -4.87 -7.85
CA ASN B 90 -12.49 -5.09 -7.04
C ASN B 90 -12.29 -6.30 -6.13
N LYS B 91 -12.01 -7.46 -6.72
CA LYS B 91 -11.81 -8.70 -5.96
C LYS B 91 -10.37 -9.20 -6.12
N CYS B 92 -9.93 -10.03 -5.17
CA CYS B 92 -8.57 -10.59 -5.20
C CYS B 92 -8.61 -12.10 -4.99
N GLU B 93 -7.55 -12.79 -5.44
CA GLU B 93 -7.46 -14.24 -5.30
C GLU B 93 -6.04 -14.73 -5.61
N CYS B 94 -5.65 -15.84 -4.99
CA CYS B 94 -4.33 -16.41 -5.22
C CYS B 94 -4.38 -17.52 -6.26
N ARG B 95 -3.33 -17.64 -7.07
CA ARG B 95 -3.28 -18.67 -8.11
C ARG B 95 -1.82 -19.11 -8.37
N PRO B 96 -1.59 -20.35 -8.88
CA PRO B 96 -0.22 -20.84 -9.14
C PRO B 96 0.54 -19.96 -10.12
N LYS B 97 1.81 -19.70 -9.80
CA LYS B 97 2.67 -18.88 -10.66
C LYS B 97 2.89 -19.54 -12.02
N LYS B 98 3.45 -18.78 -12.95
CA LYS B 98 3.73 -19.27 -14.29
C LYS B 98 5.01 -20.13 -14.31
N ASP B 99 5.97 -19.76 -13.47
CA ASP B 99 7.24 -20.48 -13.38
C ASP B 99 7.93 -20.61 -14.75
N GLY C 1 -15.58 -25.15 7.67
CA GLY C 1 -16.76 -25.77 7.00
C GLY C 1 -16.37 -26.58 5.77
N GLY C 2 -15.43 -27.50 5.95
CA GLY C 2 -14.99 -28.33 4.84
C GLY C 2 -13.91 -29.32 5.26
N ASN C 3 -13.60 -30.26 4.36
CA ASN C 3 -12.58 -31.27 4.63
C ASN C 3 -11.34 -31.05 3.79
N GLU C 4 -11.53 -30.73 2.51
CA GLU C 4 -10.42 -30.48 1.60
C GLU C 4 -9.88 -29.07 1.77
N CYS C 5 -8.62 -28.97 2.16
CA CYS C 5 -7.98 -27.67 2.35
C CYS C 5 -7.35 -27.17 1.06
N ASP C 6 -8.05 -26.26 0.37
CA ASP C 6 -7.54 -25.70 -0.88
C ASP C 6 -6.33 -24.81 -0.60
N ILE C 7 -5.31 -24.92 -1.45
CA ILE C 7 -4.09 -24.14 -1.29
C ILE C 7 -4.35 -22.63 -1.40
N ALA C 8 -5.26 -22.24 -2.29
CA ALA C 8 -5.60 -20.84 -2.48
C ALA C 8 -6.85 -20.42 -1.69
N ARG C 9 -7.05 -21.04 -0.53
CA ARG C 9 -8.19 -20.74 0.32
C ARG C 9 -7.76 -20.57 1.78
N MET C 10 -8.59 -19.90 2.58
CA MET C 10 -8.29 -19.64 3.99
C MET C 10 -7.94 -20.93 4.74
N TRP C 11 -6.65 -21.20 4.88
CA TRP C 11 -6.18 -22.38 5.59
C TRP C 11 -6.43 -22.24 7.10
N GLU C 12 -7.61 -22.70 7.54
CA GLU C 12 -7.98 -22.62 8.95
C GLU C 12 -6.98 -23.41 9.83
N TRP C 13 -7.35 -23.64 11.08
CA TRP C 13 -6.48 -24.36 12.03
C TRP C 13 -6.09 -25.75 11.51
N GLU C 14 -7.10 -26.58 11.21
CA GLU C 14 -6.88 -27.95 10.72
C GLU C 14 -5.92 -27.99 9.53
N CYS C 15 -6.05 -27.01 8.62
CA CYS C 15 -5.20 -26.96 7.44
C CYS C 15 -3.78 -26.52 7.84
N PHE C 16 -3.69 -25.67 8.87
CA PHE C 16 -2.40 -25.18 9.35
C PHE C 16 -1.57 -26.33 9.92
N GLU C 17 -2.23 -27.35 10.46
CA GLU C 17 -1.53 -28.50 11.05
C GLU C 17 -1.01 -29.43 9.96
N ARG C 18 -1.86 -29.74 8.98
CA ARG C 18 -1.48 -30.63 7.88
C ARG C 18 -1.10 -29.83 6.63
N LEU C 19 -0.06 -29.02 6.74
CA LEU C 19 0.40 -28.20 5.63
C LEU C 19 1.27 -29.03 4.68
N GLY D 1 -5.99 28.98 7.46
CA GLY D 1 -5.57 29.72 8.68
C GLY D 1 -4.14 30.21 8.60
N GLY D 2 -3.81 30.88 7.50
CA GLY D 2 -2.46 31.39 7.31
C GLY D 2 -2.31 32.18 6.03
N ASN D 3 -1.16 32.83 5.85
CA ASN D 3 -0.89 33.62 4.66
C ASN D 3 0.20 32.97 3.81
N GLU D 4 1.26 32.51 4.47
CA GLU D 4 2.37 31.87 3.76
C GLU D 4 2.05 30.41 3.43
N CYS D 5 2.06 30.09 2.14
CA CYS D 5 1.76 28.74 1.70
C CYS D 5 3.04 27.89 1.64
N ASP D 6 3.24 27.05 2.65
CA ASP D 6 4.42 26.19 2.71
C ASP D 6 4.32 25.09 1.65
N ILE D 7 5.43 24.83 0.97
CA ILE D 7 5.46 23.82 -0.09
C ILE D 7 5.15 22.41 0.45
N ALA D 8 5.64 22.11 1.66
CA ALA D 8 5.40 20.80 2.28
C ALA D 8 4.21 20.83 3.24
N ARG D 9 3.21 21.65 2.93
CA ARG D 9 2.02 21.76 3.77
C ARG D 9 0.75 21.73 2.92
N MET D 10 -0.38 21.40 3.55
CA MET D 10 -1.66 21.33 2.85
C MET D 10 -1.98 22.59 2.06
N TRP D 11 -1.67 22.57 0.76
CA TRP D 11 -1.92 23.71 -0.11
C TRP D 11 -3.43 23.88 -0.35
N GLU D 12 -4.07 24.68 0.51
CA GLU D 12 -5.51 24.93 0.40
C GLU D 12 -5.85 25.60 -0.94
N TRP D 13 -7.06 26.13 -1.06
CA TRP D 13 -7.51 26.77 -2.29
C TRP D 13 -6.60 27.94 -2.71
N GLU D 14 -6.44 28.92 -1.82
CA GLU D 14 -5.60 30.10 -2.09
C GLU D 14 -4.21 29.72 -2.58
N CYS D 15 -3.65 28.65 -2.03
CA CYS D 15 -2.32 28.20 -2.42
C CYS D 15 -2.37 27.55 -3.80
N PHE D 16 -3.48 26.89 -4.10
CA PHE D 16 -3.66 26.23 -5.39
C PHE D 16 -3.69 27.24 -6.53
N GLU D 17 -4.19 28.44 -6.25
CA GLU D 17 -4.28 29.49 -7.26
C GLU D 17 -2.90 30.10 -7.54
N ARG D 18 -2.18 30.44 -6.48
CA ARG D 18 -0.85 31.03 -6.61
C ARG D 18 0.25 29.97 -6.41
N LEU D 19 0.26 28.98 -7.30
CA LEU D 19 1.26 27.91 -7.24
C LEU D 19 2.57 28.34 -7.89
N HIS A 1 -20.39 7.65 -17.59
CA HIS A 1 -19.91 8.67 -16.62
C HIS A 1 -19.86 8.10 -15.21
N HIS A 2 -18.72 7.49 -14.86
CA HIS A 2 -18.53 6.89 -13.54
C HIS A 2 -18.65 7.95 -12.44
N GLU A 3 -18.49 7.52 -11.18
CA GLU A 3 -18.57 8.42 -10.04
C GLU A 3 -17.29 9.22 -9.90
N VAL A 4 -17.34 10.48 -10.31
CA VAL A 4 -16.17 11.36 -10.23
C VAL A 4 -15.88 11.76 -8.78
N VAL A 5 -14.64 11.56 -8.35
CA VAL A 5 -14.24 11.90 -6.98
C VAL A 5 -13.94 13.39 -6.87
N LYS A 6 -14.33 13.99 -5.75
CA LYS A 6 -14.10 15.41 -5.51
C LYS A 6 -12.59 15.69 -5.39
N PHE A 7 -12.15 16.74 -6.09
CA PHE A 7 -10.74 17.15 -6.09
C PHE A 7 -10.17 17.28 -4.66
N MET A 8 -10.81 18.12 -3.85
CA MET A 8 -10.38 18.34 -2.45
C MET A 8 -10.21 17.02 -1.67
N ASP A 9 -10.91 15.97 -2.10
CA ASP A 9 -10.82 14.67 -1.43
C ASP A 9 -9.65 13.84 -1.96
N VAL A 10 -9.33 14.03 -3.24
CA VAL A 10 -8.22 13.29 -3.87
C VAL A 10 -6.89 13.75 -3.29
N TYR A 11 -6.76 15.06 -3.06
CA TYR A 11 -5.54 15.64 -2.52
C TYR A 11 -5.41 15.34 -1.02
N GLN A 12 -6.48 15.59 -0.28
CA GLN A 12 -6.48 15.37 1.17
C GLN A 12 -6.25 13.90 1.54
N ARG A 13 -6.75 12.99 0.72
CA ARG A 13 -6.61 11.55 0.99
C ARG A 13 -5.34 10.95 0.38
N SER A 14 -4.78 11.60 -0.63
CA SER A 14 -3.58 11.10 -1.30
C SER A 14 -2.29 11.69 -0.72
N TYR A 15 -2.39 12.86 -0.08
CA TYR A 15 -1.21 13.53 0.51
C TYR A 15 -0.46 12.62 1.49
N CYS A 16 0.89 12.61 1.38
CA CYS A 16 1.78 11.81 2.23
C CYS A 16 1.31 11.69 3.69
N HIS A 17 0.77 10.53 4.05
CA HIS A 17 0.30 10.27 5.41
C HIS A 17 0.42 8.78 5.75
N PRO A 18 0.33 8.39 7.05
CA PRO A 18 0.46 6.98 7.45
C PRO A 18 -0.75 6.15 7.03
N ILE A 19 -0.53 5.23 6.08
CA ILE A 19 -1.60 4.37 5.58
C ILE A 19 -1.26 2.90 5.80
N GLU A 20 -2.29 2.06 5.93
CA GLU A 20 -2.10 0.64 6.15
C GLU A 20 -1.42 -0.01 4.94
N THR A 21 -0.25 -0.61 5.18
CA THR A 21 0.50 -1.25 4.11
C THR A 21 1.07 -2.60 4.57
N LEU A 22 0.87 -3.63 3.75
CA LEU A 22 1.36 -4.97 4.07
C LEU A 22 2.82 -5.12 3.62
N VAL A 23 3.67 -5.54 4.54
CA VAL A 23 5.09 -5.70 4.25
C VAL A 23 5.50 -7.18 4.25
N ASP A 24 6.26 -7.57 3.23
CA ASP A 24 6.74 -8.94 3.11
C ASP A 24 7.81 -9.21 4.17
N ILE A 25 7.72 -10.36 4.83
CA ILE A 25 8.68 -10.72 5.87
C ILE A 25 10.06 -10.94 5.27
N PHE A 26 10.10 -11.57 4.10
CA PHE A 26 11.36 -11.84 3.41
C PHE A 26 12.08 -10.54 3.03
N GLN A 27 11.33 -9.45 2.89
CA GLN A 27 11.92 -8.16 2.52
C GLN A 27 12.68 -7.53 3.70
N GLU A 28 12.22 -7.83 4.92
CA GLU A 28 12.86 -7.30 6.13
C GLU A 28 13.82 -8.31 6.74
N TYR A 29 13.50 -9.59 6.59
CA TYR A 29 14.32 -10.67 7.12
C TYR A 29 15.04 -11.40 5.96
N PRO A 30 16.03 -10.76 5.29
CA PRO A 30 16.74 -11.37 4.17
C PRO A 30 17.65 -12.54 4.57
N ASP A 31 17.99 -12.62 5.86
CA ASP A 31 18.87 -13.68 6.35
C ASP A 31 18.08 -14.87 6.91
N GLU A 32 16.83 -15.03 6.49
CA GLU A 32 16.00 -16.13 6.97
C GLU A 32 15.19 -16.73 5.82
N ILE A 33 15.75 -17.74 5.17
CA ILE A 33 15.08 -18.40 4.04
C ILE A 33 14.71 -19.83 4.37
N GLU A 34 15.60 -20.52 5.08
CA GLU A 34 15.38 -21.93 5.45
C GLU A 34 14.19 -22.10 6.41
N TYR A 35 13.74 -21.01 7.05
CA TYR A 35 12.61 -21.09 7.99
C TYR A 35 11.36 -20.43 7.42
N ILE A 36 10.50 -21.23 6.80
CA ILE A 36 9.26 -20.73 6.20
C ILE A 36 8.37 -20.06 7.26
N PHE A 37 7.93 -18.84 6.96
CA PHE A 37 7.08 -18.09 7.88
C PHE A 37 5.61 -18.10 7.42
N LYS A 38 4.70 -18.29 8.37
CA LYS A 38 3.27 -18.30 8.07
C LYS A 38 2.50 -17.33 8.99
N PRO A 39 1.91 -16.22 8.48
CA PRO A 39 1.92 -15.84 7.05
C PRO A 39 3.27 -15.31 6.59
N SER A 40 3.42 -15.11 5.29
CA SER A 40 4.67 -14.62 4.72
C SER A 40 4.76 -13.07 4.73
N CYS A 41 3.69 -12.39 5.17
CA CYS A 41 3.69 -10.92 5.21
C CYS A 41 2.99 -10.43 6.47
N VAL A 42 3.16 -9.15 6.81
CA VAL A 42 2.53 -8.57 8.00
C VAL A 42 2.05 -7.14 7.75
N PRO A 43 0.87 -6.74 8.30
CA PRO A 43 0.34 -5.39 8.11
C PRO A 43 1.01 -4.37 9.02
N LEU A 44 1.66 -3.37 8.43
CA LEU A 44 2.34 -2.33 9.18
C LEU A 44 1.95 -0.95 8.68
N MET A 45 1.87 0.02 9.59
CA MET A 45 1.51 1.38 9.23
C MET A 45 2.71 2.14 8.69
N ARG A 46 2.72 2.36 7.37
CA ARG A 46 3.82 3.08 6.72
C ARG A 46 3.29 4.30 5.98
N CYS A 47 4.20 5.12 5.46
CA CYS A 47 3.83 6.33 4.73
C CYS A 47 3.74 6.04 3.24
N GLY A 48 2.66 6.52 2.60
CA GLY A 48 2.47 6.29 1.18
C GLY A 48 1.76 7.45 0.50
N GLY A 49 1.90 7.52 -0.82
CA GLY A 49 1.26 8.59 -1.59
C GLY A 49 2.26 9.45 -2.35
N CYS A 50 1.98 10.74 -2.43
CA CYS A 50 2.87 11.68 -3.13
C CYS A 50 2.94 13.01 -2.37
N CYS A 51 3.80 13.91 -2.84
CA CYS A 51 3.97 15.22 -2.20
C CYS A 51 3.37 16.35 -3.04
N ASN A 52 3.50 17.58 -2.54
CA ASN A 52 2.97 18.76 -3.22
C ASN A 52 3.75 19.09 -4.49
N ASP A 53 5.04 18.80 -4.50
CA ASP A 53 5.89 19.09 -5.66
C ASP A 53 6.71 17.88 -6.07
N GLU A 54 7.21 17.91 -7.30
CA GLU A 54 8.02 16.81 -7.83
C GLU A 54 9.38 16.74 -7.12
N GLY A 55 9.88 17.90 -6.70
CA GLY A 55 11.18 17.95 -6.04
C GLY A 55 11.15 17.51 -4.57
N LEU A 56 9.99 17.07 -4.07
CA LEU A 56 9.87 16.62 -2.68
C LEU A 56 9.85 15.10 -2.62
N GLU A 57 9.71 14.55 -1.40
CA GLU A 57 9.67 13.10 -1.22
C GLU A 57 8.91 12.73 0.04
N CYS A 58 8.05 11.72 -0.08
CA CYS A 58 7.26 11.24 1.05
C CYS A 58 8.06 10.24 1.88
N VAL A 59 8.60 10.71 3.01
CA VAL A 59 9.41 9.86 3.89
C VAL A 59 8.96 10.00 5.35
N PRO A 60 9.30 9.01 6.23
CA PRO A 60 8.90 9.07 7.64
C PRO A 60 9.86 9.91 8.49
N THR A 61 9.32 10.51 9.55
CA THR A 61 10.11 11.34 10.45
C THR A 61 10.36 10.63 11.78
N GLU A 62 9.41 9.79 12.19
CA GLU A 62 9.53 9.04 13.44
C GLU A 62 9.27 7.55 13.17
N GLU A 63 9.77 6.68 14.05
CA GLU A 63 9.60 5.23 13.86
C GLU A 63 9.19 4.53 15.15
N SER A 64 9.02 3.22 15.06
CA SER A 64 8.62 2.39 16.21
C SER A 64 8.68 0.91 15.85
N ASN A 65 8.53 0.06 16.87
CA ASN A 65 8.57 -1.39 16.68
C ASN A 65 7.26 -2.05 17.09
N ILE A 66 6.94 -3.18 16.46
CA ILE A 66 5.70 -3.91 16.76
C ILE A 66 5.95 -5.42 16.70
N THR A 67 5.49 -6.13 17.73
CA THR A 67 5.66 -7.58 17.80
C THR A 67 4.47 -8.30 17.17
N MET A 68 4.71 -9.51 16.68
CA MET A 68 3.65 -10.30 16.05
C MET A 68 3.93 -11.80 16.19
N GLN A 69 2.87 -12.60 16.03
CA GLN A 69 2.99 -14.06 16.16
C GLN A 69 3.13 -14.71 14.78
N ILE A 70 4.22 -15.45 14.58
CA ILE A 70 4.47 -16.13 13.30
C ILE A 70 4.80 -17.60 13.51
N MET A 71 4.33 -18.45 12.58
CA MET A 71 4.60 -19.88 12.66
C MET A 71 5.77 -20.27 11.78
N ARG A 72 6.87 -20.66 12.40
CA ARG A 72 8.07 -21.05 11.67
C ARG A 72 8.05 -22.55 11.34
N ILE A 73 8.12 -22.86 10.04
CA ILE A 73 8.12 -24.25 9.59
C ILE A 73 9.43 -24.58 8.88
N LYS A 74 10.01 -25.73 9.23
CA LYS A 74 11.27 -26.18 8.64
C LYS A 74 11.08 -27.52 7.92
N PRO A 75 11.53 -27.66 6.64
CA PRO A 75 11.38 -28.93 5.90
C PRO A 75 12.05 -30.09 6.63
N HIS A 76 11.37 -31.25 6.64
CA HIS A 76 11.88 -32.47 7.30
C HIS A 76 11.82 -32.39 8.84
N GLN A 77 11.31 -31.28 9.41
CA GLN A 77 11.21 -31.13 10.86
C GLN A 77 9.75 -30.88 11.29
N GLY A 78 9.42 -29.72 11.91
CA GLY A 78 8.04 -29.47 12.32
C GLY A 78 7.68 -27.99 12.34
N GLN A 79 6.55 -27.65 12.95
CA GLN A 79 6.09 -26.27 13.04
C GLN A 79 6.21 -25.74 14.46
N HIS A 80 6.29 -24.41 14.60
CA HIS A 80 6.42 -23.78 15.90
C HIS A 80 6.06 -22.29 15.85
N ILE A 81 5.44 -21.78 16.92
CA ILE A 81 5.06 -20.38 16.99
C ILE A 81 6.19 -19.54 17.62
N GLY A 82 6.52 -18.43 16.98
CA GLY A 82 7.58 -17.56 17.47
C GLY A 82 7.19 -16.10 17.44
N GLU A 83 7.96 -15.27 18.15
CA GLU A 83 7.70 -13.84 18.21
C GLU A 83 8.71 -13.07 17.34
N MET A 84 8.18 -12.21 16.46
CA MET A 84 9.02 -11.42 15.58
C MET A 84 8.56 -9.97 15.56
N SER A 85 9.49 -9.05 15.77
CA SER A 85 9.17 -7.63 15.79
C SER A 85 9.44 -6.98 14.43
N PHE A 86 8.73 -5.91 14.15
CA PHE A 86 8.87 -5.18 12.89
C PHE A 86 8.86 -3.67 13.13
N LEU A 87 9.52 -2.93 12.25
CA LEU A 87 9.59 -1.47 12.39
C LEU A 87 8.48 -0.80 11.58
N GLN A 88 7.80 0.18 12.18
CA GLN A 88 6.72 0.90 11.50
C GLN A 88 7.00 2.40 11.47
N HIS A 89 6.18 3.14 10.73
CA HIS A 89 6.33 4.59 10.63
C HIS A 89 5.22 5.30 11.41
N ASN A 90 5.62 6.16 12.34
CA ASN A 90 4.67 6.89 13.17
C ASN A 90 4.28 8.22 12.54
N LYS A 91 5.27 9.01 12.14
CA LYS A 91 5.03 10.32 11.53
C LYS A 91 5.55 10.36 10.09
N CYS A 92 4.89 11.16 9.25
CA CYS A 92 5.29 11.31 7.85
C CYS A 92 5.29 12.77 7.44
N GLU A 93 6.19 13.13 6.51
CA GLU A 93 6.28 14.50 6.03
C GLU A 93 7.00 14.57 4.68
N CYS A 94 6.90 15.71 4.00
CA CYS A 94 7.53 15.90 2.69
C CYS A 94 8.74 16.83 2.78
N ARG A 95 9.86 16.42 2.17
CA ARG A 95 11.08 17.23 2.15
C ARG A 95 11.76 17.14 0.78
N PRO A 96 12.56 18.16 0.38
CA PRO A 96 13.24 18.16 -0.93
C PRO A 96 14.17 16.96 -1.12
N LYS A 97 14.20 16.44 -2.35
CA LYS A 97 15.04 15.29 -2.69
C LYS A 97 16.52 15.71 -2.79
N LYS A 98 17.38 14.74 -3.08
CA LYS A 98 18.81 15.00 -3.21
C LYS A 98 19.10 15.86 -4.43
N ASP A 99 20.36 16.25 -4.59
CA ASP A 99 20.78 17.08 -5.72
C ASP A 99 22.25 16.83 -6.05
N HIS B 1 8.29 -5.40 25.92
CA HIS B 1 7.56 -6.53 25.29
C HIS B 1 6.63 -6.05 24.17
N HIS B 2 6.16 -4.81 24.27
CA HIS B 2 5.26 -4.24 23.26
C HIS B 2 3.97 -5.05 23.14
N GLU B 3 3.03 -4.55 22.35
CA GLU B 3 1.75 -5.22 22.15
C GLU B 3 1.84 -6.26 21.05
N VAL B 4 1.81 -7.54 21.42
CA VAL B 4 1.90 -8.63 20.46
C VAL B 4 0.55 -8.82 19.76
N VAL B 5 0.58 -8.90 18.43
CA VAL B 5 -0.63 -9.09 17.64
C VAL B 5 -1.02 -10.56 17.60
N LYS B 6 -2.32 -10.82 17.70
CA LYS B 6 -2.83 -12.19 17.67
C LYS B 6 -2.58 -12.84 16.31
N PHE B 7 -2.12 -14.09 16.31
CA PHE B 7 -1.82 -14.83 15.08
C PHE B 7 -2.99 -14.81 14.09
N MET B 8 -4.16 -15.24 14.54
CA MET B 8 -5.36 -15.30 13.69
C MET B 8 -5.68 -13.95 13.04
N ASP B 9 -5.20 -12.85 13.65
CA ASP B 9 -5.44 -11.51 13.12
C ASP B 9 -4.41 -11.12 12.07
N VAL B 10 -3.18 -11.60 12.23
CA VAL B 10 -2.10 -11.30 11.29
C VAL B 10 -2.37 -11.96 9.94
N TYR B 11 -2.88 -13.18 9.97
CA TYR B 11 -3.18 -13.93 8.76
C TYR B 11 -4.46 -13.42 8.09
N GLN B 12 -5.53 -13.29 8.87
CA GLN B 12 -6.82 -12.83 8.36
C GLN B 12 -6.73 -11.43 7.74
N ARG B 13 -5.84 -10.59 8.29
CA ARG B 13 -5.69 -9.21 7.81
C ARG B 13 -4.61 -9.08 6.74
N SER B 14 -3.67 -10.04 6.69
CA SER B 14 -2.57 -9.97 5.72
C SER B 14 -2.88 -10.75 4.43
N TYR B 15 -3.80 -11.71 4.49
CA TYR B 15 -4.15 -12.53 3.32
C TYR B 15 -4.61 -11.66 2.14
N CYS B 16 -4.13 -11.99 0.93
CA CYS B 16 -4.44 -11.28 -0.33
C CYS B 16 -5.91 -10.80 -0.41
N HIS B 17 -6.11 -9.50 -0.21
CA HIS B 17 -7.45 -8.91 -0.26
C HIS B 17 -7.36 -7.46 -0.77
N PRO B 18 -8.50 -6.84 -1.19
CA PRO B 18 -8.51 -5.46 -1.69
C PRO B 18 -8.25 -4.44 -0.57
N ILE B 19 -7.09 -3.78 -0.62
CA ILE B 19 -6.73 -2.79 0.38
C ILE B 19 -6.46 -1.43 -0.28
N GLU B 20 -6.68 -0.36 0.49
CA GLU B 20 -6.46 0.99 -0.02
C GLU B 20 -5.00 1.22 -0.37
N THR B 21 -4.73 1.53 -1.63
CA THR B 21 -3.36 1.77 -2.10
C THR B 21 -3.29 3.00 -3.00
N LEU B 22 -2.33 3.89 -2.70
CA LEU B 22 -2.15 5.09 -3.48
C LEU B 22 -1.28 4.80 -4.71
N VAL B 23 -1.77 5.19 -5.88
CA VAL B 23 -1.05 4.94 -7.14
C VAL B 23 -0.56 6.24 -7.77
N ASP B 24 0.70 6.25 -8.19
CA ASP B 24 1.28 7.42 -8.85
C ASP B 24 0.71 7.59 -10.25
N ILE B 25 0.34 8.82 -10.60
CA ILE B 25 -0.24 9.10 -11.91
C ILE B 25 0.79 8.87 -13.01
N PHE B 26 2.03 9.28 -12.74
CA PHE B 26 3.11 9.11 -13.71
C PHE B 26 3.37 7.62 -14.01
N GLN B 27 3.01 6.74 -13.07
CA GLN B 27 3.21 5.30 -13.26
C GLN B 27 2.17 4.72 -14.23
N GLU B 28 0.99 5.32 -14.26
CA GLU B 28 -0.08 4.85 -15.15
C GLU B 28 -0.03 5.60 -16.48
N TYR B 29 0.19 6.91 -16.40
CA TYR B 29 0.28 7.74 -17.61
C TYR B 29 1.74 8.12 -17.87
N PRO B 30 2.57 7.19 -18.43
CA PRO B 30 3.99 7.48 -18.71
C PRO B 30 4.20 8.44 -19.89
N ASP B 31 3.17 8.72 -20.66
CA ASP B 31 3.29 9.60 -21.82
C ASP B 31 3.04 11.07 -21.45
N GLU B 32 2.32 11.31 -20.35
CA GLU B 32 2.02 12.68 -19.92
C GLU B 32 3.06 13.19 -18.92
N ILE B 33 4.07 13.89 -19.41
CA ILE B 33 5.12 14.45 -18.57
C ILE B 33 5.11 15.98 -18.58
N GLU B 34 4.88 16.56 -19.74
CA GLU B 34 4.85 18.01 -19.89
C GLU B 34 3.67 18.66 -19.14
N TYR B 35 2.67 17.87 -18.76
CA TYR B 35 1.51 18.40 -18.05
C TYR B 35 1.52 17.98 -16.58
N ILE B 36 2.04 18.86 -15.71
CA ILE B 36 2.11 18.58 -14.27
C ILE B 36 0.71 18.34 -13.69
N PHE B 37 0.53 17.23 -12.98
CA PHE B 37 -0.75 16.90 -12.37
C PHE B 37 -0.75 17.19 -10.87
N LYS B 38 -1.85 17.75 -10.38
CA LYS B 38 -1.99 18.07 -8.96
C LYS B 38 -3.30 17.50 -8.40
N PRO B 39 -3.27 16.50 -7.47
CA PRO B 39 -2.03 15.89 -6.92
C PRO B 39 -1.32 14.99 -7.93
N SER B 40 -0.16 14.48 -7.54
CA SER B 40 0.61 13.59 -8.41
C SER B 40 0.35 12.11 -8.09
N CYS B 41 -0.79 11.81 -7.49
CA CYS B 41 -1.14 10.44 -7.14
C CYS B 41 -2.62 10.34 -6.80
N VAL B 42 -3.18 9.12 -6.84
CA VAL B 42 -4.59 8.93 -6.55
C VAL B 42 -4.84 7.64 -5.76
N PRO B 43 -5.78 7.64 -4.77
CA PRO B 43 -6.08 6.45 -3.98
C PRO B 43 -7.00 5.48 -4.72
N LEU B 44 -6.50 4.27 -4.97
CA LEU B 44 -7.28 3.25 -5.66
C LEU B 44 -7.28 1.94 -4.88
N MET B 45 -8.38 1.20 -4.98
CA MET B 45 -8.51 -0.07 -4.28
C MET B 45 -7.82 -1.20 -5.05
N ARG B 46 -6.65 -1.60 -4.59
CA ARG B 46 -5.88 -2.67 -5.24
C ARG B 46 -5.66 -3.85 -4.28
N CYS B 47 -5.11 -4.93 -4.81
CA CYS B 47 -4.84 -6.12 -4.01
C CYS B 47 -3.41 -6.09 -3.46
N GLY B 48 -3.27 -6.38 -2.17
CA GLY B 48 -1.95 -6.37 -1.55
C GLY B 48 -1.82 -7.42 -0.45
N GLY B 49 -0.57 -7.78 -0.13
CA GLY B 49 -0.31 -8.77 0.90
C GLY B 49 0.47 -9.96 0.38
N CYS B 50 0.12 -11.15 0.86
CA CYS B 50 0.79 -12.37 0.43
C CYS B 50 -0.20 -13.53 0.33
N CYS B 51 0.29 -14.70 -0.12
CA CYS B 51 -0.56 -15.87 -0.28
C CYS B 51 -0.26 -16.94 0.77
N ASN B 52 -0.97 -18.06 0.69
CA ASN B 52 -0.79 -19.16 1.64
C ASN B 52 0.53 -19.90 1.41
N ASP B 53 0.98 -19.96 0.16
CA ASP B 53 2.21 -20.65 -0.17
C ASP B 53 3.14 -19.78 -1.02
N GLU B 54 4.42 -20.14 -1.05
CA GLU B 54 5.41 -19.40 -1.81
C GLU B 54 5.16 -19.53 -3.31
N GLY B 55 4.64 -20.69 -3.72
CA GLY B 55 4.38 -20.93 -5.12
C GLY B 55 3.12 -20.25 -5.67
N LEU B 56 2.44 -19.45 -4.84
CA LEU B 56 1.23 -18.74 -5.29
C LEU B 56 1.55 -17.28 -5.57
N GLU B 57 0.53 -16.51 -5.94
CA GLU B 57 0.72 -15.09 -6.23
C GLU B 57 -0.58 -14.31 -6.01
N CYS B 58 -0.46 -13.16 -5.36
CA CYS B 58 -1.62 -12.31 -5.09
C CYS B 58 -1.90 -11.41 -6.29
N VAL B 59 -2.90 -11.78 -7.08
CA VAL B 59 -3.27 -11.01 -8.27
C VAL B 59 -4.79 -10.78 -8.34
N PRO B 60 -5.26 -9.77 -9.11
CA PRO B 60 -6.69 -9.48 -9.21
C PRO B 60 -7.41 -10.37 -10.23
N THR B 61 -8.70 -10.61 -10.00
CA THR B 61 -9.50 -11.44 -10.90
C THR B 61 -10.48 -10.58 -11.70
N GLU B 62 -10.93 -9.48 -11.11
CA GLU B 62 -11.86 -8.57 -11.78
C GLU B 62 -11.32 -7.14 -11.71
N GLU B 63 -11.77 -6.27 -12.62
CA GLU B 63 -11.30 -4.88 -12.65
C GLU B 63 -12.44 -3.87 -12.85
N SER B 64 -12.08 -2.60 -12.89
CA SER B 64 -13.05 -1.52 -13.08
C SER B 64 -12.34 -0.17 -13.24
N ASN B 65 -13.11 0.86 -13.63
CA ASN B 65 -12.55 2.20 -13.82
C ASN B 65 -13.16 3.21 -12.85
N ILE B 66 -12.39 4.24 -12.52
CA ILE B 66 -12.85 5.28 -11.59
C ILE B 66 -12.37 6.67 -12.04
N THR B 67 -13.32 7.60 -12.17
CA THR B 67 -12.99 8.96 -12.59
C THR B 67 -12.56 9.81 -11.40
N MET B 68 -11.74 10.84 -11.66
CA MET B 68 -11.26 11.72 -10.61
C MET B 68 -10.94 13.10 -11.17
N GLN B 69 -10.90 14.10 -10.29
CA GLN B 69 -10.62 15.47 -10.69
C GLN B 69 -9.14 15.82 -10.47
N ILE B 70 -8.47 16.23 -11.54
CA ILE B 70 -7.05 16.59 -11.46
C ILE B 70 -6.78 17.96 -12.08
N MET B 71 -5.85 18.70 -11.50
CA MET B 71 -5.49 20.03 -12.00
C MET B 71 -4.22 19.97 -12.84
N ARG B 72 -4.36 20.18 -14.14
CA ARG B 72 -3.23 20.14 -15.06
C ARG B 72 -2.56 21.51 -15.18
N ILE B 73 -1.27 21.57 -14.88
CA ILE B 73 -0.51 22.81 -14.97
C ILE B 73 0.60 22.69 -16.00
N LYS B 74 0.74 23.71 -16.86
CA LYS B 74 1.77 23.71 -17.90
C LYS B 74 2.71 24.92 -17.72
N PRO B 75 4.06 24.71 -17.73
CA PRO B 75 5.00 25.82 -17.57
C PRO B 75 4.82 26.90 -18.64
N HIS B 76 4.89 28.16 -18.22
CA HIS B 76 4.74 29.32 -19.12
C HIS B 76 3.28 29.54 -19.58
N GLN B 77 2.34 28.71 -19.11
CA GLN B 77 0.94 28.85 -19.49
C GLN B 77 0.04 29.05 -18.23
N GLY B 78 -0.91 28.14 -17.92
CA GLY B 78 -1.75 28.30 -16.73
C GLY B 78 -2.24 26.98 -16.16
N GLN B 79 -3.23 27.06 -15.26
CA GLN B 79 -3.78 25.86 -14.62
C GLN B 79 -5.20 25.60 -15.11
N HIS B 80 -5.60 24.33 -15.04
CA HIS B 80 -6.94 23.92 -15.49
C HIS B 80 -7.36 22.59 -14.87
N ILE B 81 -8.67 22.41 -14.68
CA ILE B 81 -9.20 21.18 -14.10
C ILE B 81 -9.61 20.20 -15.21
N GLY B 82 -9.23 18.94 -15.03
CA GLY B 82 -9.55 17.91 -16.01
C GLY B 82 -10.01 16.60 -15.38
N GLU B 83 -10.67 15.77 -16.19
CA GLU B 83 -11.16 14.48 -15.71
C GLU B 83 -10.30 13.34 -16.23
N MET B 84 -9.83 12.50 -15.31
CA MET B 84 -8.98 11.36 -15.66
C MET B 84 -9.45 10.11 -14.93
N SER B 85 -9.67 9.04 -15.69
CA SER B 85 -10.14 7.78 -15.12
C SER B 85 -8.98 6.80 -14.90
N PHE B 86 -9.05 6.03 -13.82
CA PHE B 86 -8.01 5.05 -13.50
C PHE B 86 -8.63 3.67 -13.30
N LEU B 87 -7.82 2.63 -13.46
CA LEU B 87 -8.29 1.25 -13.31
C LEU B 87 -8.02 0.74 -11.89
N GLN B 88 -9.02 0.08 -11.30
CA GLN B 88 -8.87 -0.48 -9.94
C GLN B 88 -9.14 -1.98 -9.93
N HIS B 89 -8.89 -2.61 -8.79
CA HIS B 89 -9.11 -4.05 -8.63
C HIS B 89 -10.33 -4.30 -7.76
N ASN B 90 -11.30 -5.05 -8.30
CA ASN B 90 -12.52 -5.36 -7.57
C ASN B 90 -12.40 -6.65 -6.78
N LYS B 91 -11.89 -7.70 -7.41
CA LYS B 91 -11.73 -9.00 -6.76
C LYS B 91 -10.26 -9.44 -6.74
N CYS B 92 -9.89 -10.19 -5.70
CA CYS B 92 -8.51 -10.67 -5.56
C CYS B 92 -8.49 -12.14 -5.18
N GLU B 93 -7.46 -12.86 -5.61
CA GLU B 93 -7.31 -14.28 -5.31
C GLU B 93 -5.87 -14.75 -5.53
N CYS B 94 -5.54 -15.91 -4.98
CA CYS B 94 -4.18 -16.47 -5.11
C CYS B 94 -4.16 -17.66 -6.07
N ARG B 95 -3.17 -17.67 -6.96
CA ARG B 95 -3.01 -18.78 -7.92
C ARG B 95 -1.53 -19.11 -8.12
N PRO B 96 -1.18 -20.35 -8.54
CA PRO B 96 0.23 -20.76 -8.73
C PRO B 96 0.96 -19.89 -9.74
N LYS B 97 2.24 -19.62 -9.44
CA LYS B 97 3.09 -18.80 -10.32
C LYS B 97 3.50 -19.57 -11.56
N LYS B 98 4.27 -18.92 -12.42
CA LYS B 98 4.74 -19.55 -13.66
C LYS B 98 5.76 -20.64 -13.35
N ASP B 99 6.21 -21.34 -14.39
CA ASP B 99 7.18 -22.41 -14.24
C ASP B 99 7.99 -22.60 -15.52
N GLY C 1 -10.25 -35.93 9.62
CA GLY C 1 -9.77 -34.53 9.76
C GLY C 1 -10.89 -33.52 9.59
N GLY C 2 -11.22 -33.21 8.34
CA GLY C 2 -12.29 -32.26 8.05
C GLY C 2 -12.98 -32.55 6.74
N ASN C 3 -12.73 -31.70 5.73
CA ASN C 3 -13.33 -31.87 4.41
C ASN C 3 -12.30 -31.69 3.31
N GLU C 4 -11.77 -30.47 3.18
CA GLU C 4 -10.76 -30.18 2.17
C GLU C 4 -10.22 -28.75 2.33
N CYS C 5 -8.96 -28.64 2.75
CA CYS C 5 -8.32 -27.35 2.93
C CYS C 5 -7.72 -26.84 1.64
N ASP C 6 -8.38 -25.88 1.01
CA ASP C 6 -7.91 -25.30 -0.24
C ASP C 6 -6.65 -24.46 -0.02
N ILE C 7 -5.66 -24.61 -0.88
CA ILE C 7 -4.41 -23.86 -0.75
C ILE C 7 -4.64 -22.35 -0.87
N ALA C 8 -5.53 -21.96 -1.79
CA ALA C 8 -5.85 -20.54 -1.99
C ALA C 8 -7.13 -20.14 -1.24
N ARG C 9 -7.34 -20.75 -0.08
CA ARG C 9 -8.51 -20.47 0.74
C ARG C 9 -8.12 -20.25 2.20
N MET C 10 -8.96 -19.52 2.95
CA MET C 10 -8.69 -19.22 4.35
C MET C 10 -8.33 -20.46 5.17
N TRP C 11 -7.03 -20.71 5.31
CA TRP C 11 -6.54 -21.87 6.06
C TRP C 11 -6.80 -21.70 7.56
N GLU C 12 -7.96 -22.16 8.02
CA GLU C 12 -8.31 -22.07 9.44
C GLU C 12 -7.32 -22.85 10.31
N TRP C 13 -7.63 -23.00 11.59
CA TRP C 13 -6.75 -23.71 12.54
C TRP C 13 -6.39 -25.12 12.05
N GLU C 14 -7.41 -25.96 11.83
CA GLU C 14 -7.21 -27.35 11.38
C GLU C 14 -6.28 -27.45 10.16
N CYS C 15 -6.43 -26.51 9.22
CA CYS C 15 -5.60 -26.50 8.03
C CYS C 15 -4.16 -26.14 8.38
N PHE C 16 -3.99 -25.29 9.39
CA PHE C 16 -2.67 -24.87 9.83
C PHE C 16 -1.92 -26.04 10.48
N GLU C 17 -2.65 -26.91 11.16
CA GLU C 17 -2.07 -28.07 11.82
C GLU C 17 -1.46 -29.04 10.82
N ARG C 18 -2.25 -29.42 9.81
CA ARG C 18 -1.81 -30.35 8.79
C ARG C 18 -1.16 -29.61 7.62
N LEU C 19 -0.15 -28.80 7.93
CA LEU C 19 0.55 -28.02 6.91
C LEU C 19 1.69 -28.84 6.29
N GLY D 1 -2.98 38.68 -0.47
CA GLY D 1 -3.34 37.24 -0.64
C GLY D 1 -3.71 36.57 0.68
N GLY D 2 -2.69 36.13 1.42
CA GLY D 2 -2.93 35.48 2.71
C GLY D 2 -1.78 35.69 3.68
N ASN D 3 -1.11 34.60 4.05
CA ASN D 3 0.01 34.67 4.98
C ASN D 3 1.26 34.04 4.37
N GLU D 4 1.21 32.73 4.13
CA GLU D 4 2.33 32.01 3.55
C GLU D 4 1.96 30.56 3.25
N CYS D 5 2.03 30.19 1.97
CA CYS D 5 1.71 28.83 1.54
C CYS D 5 2.95 27.96 1.56
N ASP D 6 3.08 27.12 2.58
CA ASP D 6 4.23 26.22 2.71
C ASP D 6 4.16 25.12 1.66
N ILE D 7 5.30 24.84 1.02
CA ILE D 7 5.35 23.81 -0.01
C ILE D 7 5.00 22.42 0.54
N ALA D 8 5.51 22.10 1.74
CA ALA D 8 5.23 20.82 2.38
C ALA D 8 4.07 20.93 3.37
N ARG D 9 3.10 21.78 3.07
CA ARG D 9 1.93 22.00 3.93
C ARG D 9 0.65 21.95 3.11
N MET D 10 -0.46 21.56 3.76
CA MET D 10 -1.77 21.45 3.08
C MET D 10 -2.12 22.70 2.25
N TRP D 11 -1.83 22.63 0.94
CA TRP D 11 -2.09 23.74 0.03
C TRP D 11 -3.59 23.93 -0.19
N GLU D 12 -4.22 24.76 0.64
CA GLU D 12 -5.66 25.02 0.54
C GLU D 12 -6.00 25.64 -0.83
N TRP D 13 -7.24 26.09 -1.00
CA TRP D 13 -7.70 26.67 -2.26
C TRP D 13 -6.80 27.83 -2.72
N GLU D 14 -6.64 28.84 -1.86
CA GLU D 14 -5.83 30.02 -2.18
C GLU D 14 -4.42 29.64 -2.66
N CYS D 15 -3.83 28.63 -2.05
CA CYS D 15 -2.49 28.18 -2.42
C CYS D 15 -2.51 27.54 -3.81
N PHE D 16 -3.62 26.88 -4.13
CA PHE D 16 -3.77 26.22 -5.44
C PHE D 16 -3.86 27.25 -6.56
N GLU D 17 -4.48 28.39 -6.26
CA GLU D 17 -4.65 29.46 -7.24
C GLU D 17 -3.31 30.05 -7.66
N ARG D 18 -2.51 30.44 -6.66
CA ARG D 18 -1.20 31.03 -6.92
C ARG D 18 -0.11 29.95 -6.99
N LEU D 19 -0.32 28.96 -7.84
CA LEU D 19 0.63 27.86 -8.01
C LEU D 19 1.71 28.23 -9.02
N HIS A 1 -22.56 4.41 -12.79
CA HIS A 1 -21.21 3.79 -12.92
C HIS A 1 -20.20 4.79 -13.50
N HIS A 2 -20.40 6.07 -13.23
CA HIS A 2 -19.50 7.11 -13.72
C HIS A 2 -19.45 8.27 -12.72
N GLU A 3 -19.01 7.96 -11.51
CA GLU A 3 -18.90 8.97 -10.45
C GLU A 3 -17.47 9.49 -10.36
N VAL A 4 -17.33 10.81 -10.24
CA VAL A 4 -16.03 11.44 -10.13
C VAL A 4 -15.74 11.85 -8.69
N VAL A 5 -14.48 11.73 -8.28
CA VAL A 5 -14.08 12.10 -6.93
C VAL A 5 -13.81 13.59 -6.84
N LYS A 6 -14.24 14.21 -5.74
CA LYS A 6 -14.05 15.65 -5.55
C LYS A 6 -12.55 15.98 -5.46
N PHE A 7 -12.16 17.08 -6.10
CA PHE A 7 -10.76 17.52 -6.13
C PHE A 7 -10.15 17.62 -4.72
N MET A 8 -10.78 18.41 -3.87
CA MET A 8 -10.32 18.60 -2.50
C MET A 8 -10.22 17.28 -1.73
N ASP A 9 -11.06 16.30 -2.09
CA ASP A 9 -11.06 15.00 -1.42
C ASP A 9 -9.87 14.16 -1.85
N VAL A 10 -9.48 14.27 -3.13
CA VAL A 10 -8.34 13.52 -3.64
C VAL A 10 -7.05 13.93 -2.92
N TYR A 11 -6.65 15.18 -3.09
CA TYR A 11 -5.42 15.70 -2.46
C TYR A 11 -5.38 15.42 -0.94
N GLN A 12 -6.49 15.64 -0.26
CA GLN A 12 -6.56 15.45 1.20
C GLN A 12 -6.34 13.98 1.59
N ARG A 13 -6.74 13.06 0.72
CA ARG A 13 -6.60 11.63 0.99
C ARG A 13 -5.35 11.04 0.33
N SER A 14 -4.83 11.69 -0.71
CA SER A 14 -3.66 11.19 -1.43
C SER A 14 -2.35 11.80 -0.90
N TYR A 15 -2.43 12.98 -0.26
CA TYR A 15 -1.24 13.65 0.29
C TYR A 15 -0.46 12.75 1.26
N CYS A 16 0.89 12.74 1.13
CA CYS A 16 1.80 11.93 1.97
C CYS A 16 1.36 11.82 3.44
N HIS A 17 0.75 10.69 3.78
CA HIS A 17 0.27 10.44 5.14
C HIS A 17 0.41 8.94 5.48
N PRO A 18 0.23 8.55 6.76
CA PRO A 18 0.33 7.14 7.17
C PRO A 18 -0.85 6.31 6.68
N ILE A 19 -0.57 5.37 5.76
CA ILE A 19 -1.61 4.50 5.21
C ILE A 19 -1.29 3.03 5.46
N GLU A 20 -2.33 2.23 5.71
CA GLU A 20 -2.15 0.81 5.96
C GLU A 20 -1.57 0.11 4.74
N THR A 21 -0.44 -0.56 4.93
CA THR A 21 0.22 -1.26 3.83
C THR A 21 0.81 -2.59 4.30
N LEU A 22 0.67 -3.62 3.46
CA LEU A 22 1.19 -4.95 3.78
C LEU A 22 2.65 -5.05 3.35
N VAL A 23 3.51 -5.51 4.26
CA VAL A 23 4.94 -5.65 3.98
C VAL A 23 5.36 -7.11 3.98
N ASP A 24 6.12 -7.49 2.94
CA ASP A 24 6.61 -8.86 2.82
C ASP A 24 7.68 -9.13 3.87
N ILE A 25 7.60 -10.29 4.52
CA ILE A 25 8.56 -10.65 5.56
C ILE A 25 9.95 -10.83 4.96
N PHE A 26 10.00 -11.41 3.76
CA PHE A 26 11.26 -11.63 3.06
C PHE A 26 11.96 -10.31 2.75
N GLN A 27 11.18 -9.24 2.57
CA GLN A 27 11.73 -7.92 2.26
C GLN A 27 12.46 -7.32 3.47
N GLU A 28 11.99 -7.66 4.67
CA GLU A 28 12.59 -7.14 5.90
C GLU A 28 13.67 -8.10 6.41
N TYR A 29 13.44 -9.40 6.22
CA TYR A 29 14.40 -10.41 6.65
C TYR A 29 14.86 -11.24 5.44
N PRO A 30 15.73 -10.67 4.56
CA PRO A 30 16.21 -11.38 3.36
C PRO A 30 17.23 -12.49 3.68
N ASP A 31 17.72 -12.56 4.93
CA ASP A 31 18.69 -13.58 5.32
C ASP A 31 18.01 -14.84 5.84
N GLU A 32 16.83 -14.69 6.43
CA GLU A 32 16.09 -15.83 6.98
C GLU A 32 15.15 -16.40 5.92
N ILE A 33 15.59 -17.46 5.24
CA ILE A 33 14.80 -18.11 4.21
C ILE A 33 14.49 -19.56 4.56
N GLU A 34 15.45 -20.25 5.17
CA GLU A 34 15.28 -21.66 5.56
C GLU A 34 14.07 -21.87 6.47
N TYR A 35 13.61 -20.80 7.14
CA TYR A 35 12.46 -20.90 8.04
C TYR A 35 11.21 -20.31 7.39
N ILE A 36 10.41 -21.18 6.75
CA ILE A 36 9.19 -20.73 6.08
C ILE A 36 8.23 -20.07 7.07
N PHE A 37 7.89 -18.81 6.81
CA PHE A 37 6.99 -18.07 7.68
C PHE A 37 5.55 -18.12 7.19
N LYS A 38 4.62 -18.31 8.12
CA LYS A 38 3.19 -18.36 7.80
C LYS A 38 2.41 -17.43 8.76
N PRO A 39 1.82 -16.30 8.29
CA PRO A 39 1.83 -15.86 6.88
C PRO A 39 3.19 -15.32 6.44
N SER A 40 3.33 -15.06 5.14
CA SER A 40 4.58 -14.55 4.59
C SER A 40 4.52 -13.03 4.41
N CYS A 41 3.72 -12.36 5.24
CA CYS A 41 3.59 -10.90 5.17
C CYS A 41 2.87 -10.38 6.42
N VAL A 42 3.04 -9.10 6.71
CA VAL A 42 2.40 -8.50 7.89
C VAL A 42 1.87 -7.09 7.60
N PRO A 43 0.70 -6.70 8.18
CA PRO A 43 0.15 -5.37 7.96
C PRO A 43 0.82 -4.31 8.82
N LEU A 44 1.43 -3.32 8.18
CA LEU A 44 2.12 -2.25 8.89
C LEU A 44 1.70 -0.88 8.38
N MET A 45 1.72 0.12 9.26
CA MET A 45 1.35 1.48 8.91
C MET A 45 2.56 2.22 8.34
N ARG A 46 2.63 2.32 7.02
CA ARG A 46 3.73 2.99 6.35
C ARG A 46 3.26 4.23 5.60
N CYS A 47 4.19 5.14 5.32
CA CYS A 47 3.87 6.37 4.60
C CYS A 47 3.83 6.11 3.10
N GLY A 48 2.76 6.56 2.46
CA GLY A 48 2.62 6.37 1.02
C GLY A 48 1.92 7.54 0.35
N GLY A 49 2.12 7.68 -0.96
CA GLY A 49 1.50 8.77 -1.71
C GLY A 49 2.50 9.62 -2.45
N CYS A 50 2.21 10.92 -2.54
CA CYS A 50 3.09 11.86 -3.24
C CYS A 50 3.18 13.19 -2.48
N CYS A 51 3.96 14.13 -3.03
CA CYS A 51 4.14 15.44 -2.41
C CYS A 51 3.53 16.56 -3.27
N ASN A 52 3.70 17.80 -2.83
CA ASN A 52 3.15 18.96 -3.53
C ASN A 52 3.95 19.33 -4.78
N ASP A 53 5.27 19.12 -4.75
CA ASP A 53 6.12 19.46 -5.89
C ASP A 53 6.98 18.28 -6.34
N GLU A 54 7.60 18.44 -7.51
CA GLU A 54 8.46 17.39 -8.07
C GLU A 54 9.75 17.25 -7.26
N GLY A 55 10.21 18.37 -6.69
CA GLY A 55 11.44 18.33 -5.92
C GLY A 55 11.26 17.91 -4.47
N LEU A 56 10.07 17.40 -4.11
CA LEU A 56 9.81 16.95 -2.75
C LEU A 56 9.82 15.42 -2.68
N GLU A 57 9.78 14.87 -1.47
CA GLU A 57 9.78 13.42 -1.31
C GLU A 57 9.01 13.02 -0.05
N CYS A 58 8.18 11.99 -0.18
CA CYS A 58 7.38 11.51 0.94
C CYS A 58 8.19 10.56 1.82
N VAL A 59 8.65 11.05 2.96
CA VAL A 59 9.46 10.25 3.89
C VAL A 59 8.86 10.28 5.30
N PRO A 60 9.17 9.28 6.16
CA PRO A 60 8.64 9.23 7.52
C PRO A 60 9.46 10.08 8.50
N THR A 61 8.78 10.67 9.48
CA THR A 61 9.45 11.51 10.48
C THR A 61 9.63 10.76 11.80
N GLU A 62 8.73 9.82 12.08
CA GLU A 62 8.80 9.04 13.32
C GLU A 62 8.61 7.56 13.00
N GLU A 63 9.22 6.70 13.82
CA GLU A 63 9.12 5.25 13.61
C GLU A 63 8.70 4.52 14.89
N SER A 64 8.50 3.21 14.76
CA SER A 64 8.10 2.38 15.89
C SER A 64 8.12 0.90 15.52
N ASN A 65 8.24 0.03 16.51
CA ASN A 65 8.27 -1.42 16.29
C ASN A 65 6.96 -2.06 16.72
N ILE A 66 6.61 -3.16 16.07
CA ILE A 66 5.37 -3.88 16.38
C ILE A 66 5.59 -5.39 16.35
N THR A 67 5.30 -6.05 17.47
CA THR A 67 5.47 -7.49 17.58
C THR A 67 4.28 -8.22 16.95
N MET A 68 4.58 -9.35 16.30
CA MET A 68 3.53 -10.14 15.65
C MET A 68 3.84 -11.63 15.76
N GLN A 69 2.80 -12.44 15.83
CA GLN A 69 2.96 -13.89 15.94
C GLN A 69 3.00 -14.53 14.56
N ILE A 70 4.08 -15.24 14.27
CA ILE A 70 4.25 -15.92 12.98
C ILE A 70 4.61 -17.39 13.19
N MET A 71 4.23 -18.22 12.22
CA MET A 71 4.52 -19.65 12.29
C MET A 71 5.79 -19.98 11.52
N ARG A 72 6.83 -20.39 12.25
CA ARG A 72 8.10 -20.75 11.63
C ARG A 72 8.16 -22.24 11.35
N ILE A 73 8.10 -22.59 10.07
CA ILE A 73 8.14 -23.99 9.65
C ILE A 73 9.53 -24.33 9.09
N LYS A 74 9.94 -25.58 9.27
CA LYS A 74 11.25 -26.03 8.79
C LYS A 74 11.14 -27.44 8.19
N PRO A 75 11.55 -27.66 6.91
CA PRO A 75 11.46 -28.99 6.29
C PRO A 75 12.31 -30.03 7.02
N HIS A 76 11.71 -31.19 7.32
CA HIS A 76 12.37 -32.31 8.02
C HIS A 76 12.40 -32.13 9.55
N GLN A 77 12.04 -30.93 10.05
CA GLN A 77 12.05 -30.68 11.50
C GLN A 77 10.63 -30.56 12.06
N GLY A 78 9.76 -29.86 11.33
CA GLY A 78 8.39 -29.68 11.77
C GLY A 78 7.91 -28.24 11.64
N GLN A 79 7.27 -27.73 12.68
CA GLN A 79 6.75 -26.36 12.68
C GLN A 79 6.56 -25.84 14.10
N HIS A 80 6.50 -24.51 14.25
CA HIS A 80 6.33 -23.89 15.55
C HIS A 80 5.93 -22.41 15.42
N ILE A 81 5.60 -21.79 16.54
CA ILE A 81 5.22 -20.38 16.55
C ILE A 81 6.39 -19.52 17.02
N GLY A 82 6.46 -18.28 16.53
CA GLY A 82 7.53 -17.38 16.91
C GLY A 82 7.11 -15.92 16.88
N GLU A 83 7.78 -15.10 17.69
CA GLU A 83 7.48 -13.68 17.75
C GLU A 83 8.47 -12.87 16.91
N MET A 84 7.95 -11.99 16.08
CA MET A 84 8.78 -11.16 15.21
C MET A 84 8.32 -9.71 15.24
N SER A 85 9.25 -8.80 15.53
CA SER A 85 8.94 -7.38 15.58
C SER A 85 9.31 -6.69 14.27
N PHE A 86 8.43 -5.83 13.78
CA PHE A 86 8.65 -5.11 12.53
C PHE A 86 8.57 -3.61 12.76
N LEU A 87 9.28 -2.84 11.92
CA LEU A 87 9.28 -1.40 12.04
C LEU A 87 8.26 -0.77 11.10
N GLN A 88 7.49 0.18 11.62
CA GLN A 88 6.47 0.87 10.82
C GLN A 88 6.57 2.38 11.02
N HIS A 89 6.11 3.13 10.03
CA HIS A 89 6.17 4.59 10.08
C HIS A 89 4.95 5.18 10.81
N ASN A 90 5.22 5.98 11.84
CA ASN A 90 4.18 6.60 12.64
C ASN A 90 3.72 7.92 12.02
N LYS A 91 4.66 8.83 11.79
CA LYS A 91 4.36 10.14 11.21
C LYS A 91 4.96 10.27 9.82
N CYS A 92 4.39 11.14 8.99
CA CYS A 92 4.88 11.35 7.63
C CYS A 92 4.98 12.84 7.29
N GLU A 93 5.81 13.17 6.32
CA GLU A 93 6.00 14.56 5.90
C GLU A 93 6.82 14.65 4.61
N CYS A 94 6.68 15.75 3.89
CA CYS A 94 7.41 15.96 2.64
C CYS A 94 8.57 16.94 2.83
N ARG A 95 9.67 16.71 2.11
CA ARG A 95 10.84 17.60 2.20
C ARG A 95 11.63 17.59 0.88
N PRO A 96 12.39 18.66 0.57
CA PRO A 96 13.17 18.73 -0.68
C PRO A 96 14.15 17.58 -0.83
N LYS A 97 14.33 17.11 -2.07
CA LYS A 97 15.25 16.02 -2.36
C LYS A 97 16.70 16.50 -2.30
N LYS A 98 17.63 15.57 -2.53
CA LYS A 98 19.06 15.89 -2.50
C LYS A 98 19.41 16.93 -3.56
N ASP A 99 20.60 17.52 -3.42
CA ASP A 99 21.07 18.53 -4.36
C ASP A 99 22.57 18.43 -4.57
N HIS B 1 4.03 -0.84 26.02
CA HIS B 1 4.72 -0.61 24.72
C HIS B 1 5.31 -1.91 24.15
N HIS B 2 4.67 -3.04 24.48
CA HIS B 2 5.14 -4.33 24.00
C HIS B 2 3.95 -5.29 23.80
N GLU B 3 3.05 -4.91 22.90
CA GLU B 3 1.86 -5.72 22.61
C GLU B 3 2.07 -6.55 21.36
N VAL B 4 1.67 -7.82 21.43
CA VAL B 4 1.81 -8.73 20.29
C VAL B 4 0.46 -8.95 19.61
N VAL B 5 0.48 -9.02 18.28
CA VAL B 5 -0.75 -9.23 17.51
C VAL B 5 -1.10 -10.72 17.49
N LYS B 6 -2.39 -11.02 17.60
CA LYS B 6 -2.85 -12.40 17.59
C LYS B 6 -2.54 -13.08 16.25
N PHE B 7 -2.16 -14.35 16.29
CA PHE B 7 -1.80 -15.10 15.09
C PHE B 7 -2.95 -15.11 14.06
N MET B 8 -4.12 -15.55 14.50
CA MET B 8 -5.29 -15.63 13.63
C MET B 8 -5.64 -14.27 13.01
N ASP B 9 -5.24 -13.18 13.66
CA ASP B 9 -5.54 -11.84 13.18
C ASP B 9 -4.57 -11.41 12.08
N VAL B 10 -3.30 -11.82 12.21
CA VAL B 10 -2.27 -11.47 11.22
C VAL B 10 -2.60 -12.09 9.86
N TYR B 11 -2.88 -13.39 9.86
CA TYR B 11 -3.19 -14.10 8.63
C TYR B 11 -4.50 -13.58 8.01
N GLN B 12 -5.53 -13.43 8.82
CA GLN B 12 -6.83 -12.97 8.35
C GLN B 12 -6.76 -11.56 7.75
N ARG B 13 -5.88 -10.73 8.29
CA ARG B 13 -5.74 -9.35 7.81
C ARG B 13 -4.63 -9.19 6.77
N SER B 14 -3.69 -10.14 6.73
CA SER B 14 -2.57 -10.07 5.79
C SER B 14 -2.81 -10.89 4.52
N TYR B 15 -3.70 -11.89 4.59
CA TYR B 15 -3.99 -12.74 3.42
C TYR B 15 -4.47 -11.90 2.22
N CYS B 16 -3.99 -12.26 1.01
CA CYS B 16 -4.33 -11.56 -0.26
C CYS B 16 -5.78 -11.08 -0.33
N HIS B 17 -5.97 -9.78 -0.10
CA HIS B 17 -7.30 -9.16 -0.14
C HIS B 17 -7.19 -7.70 -0.63
N PRO B 18 -8.32 -7.04 -0.97
CA PRO B 18 -8.29 -5.66 -1.44
C PRO B 18 -7.98 -4.67 -0.32
N ILE B 19 -6.87 -3.95 -0.46
CA ILE B 19 -6.44 -2.98 0.54
C ILE B 19 -6.22 -1.61 -0.10
N GLU B 20 -6.55 -0.54 0.64
CA GLU B 20 -6.39 0.82 0.14
C GLU B 20 -4.91 1.12 -0.11
N THR B 21 -4.58 1.48 -1.35
CA THR B 21 -3.20 1.78 -1.71
C THR B 21 -3.13 3.00 -2.63
N LEU B 22 -2.11 3.83 -2.41
CA LEU B 22 -1.91 5.02 -3.23
C LEU B 22 -1.10 4.68 -4.47
N VAL B 23 -1.56 5.14 -5.63
CA VAL B 23 -0.86 4.88 -6.90
C VAL B 23 -0.36 6.17 -7.55
N ASP B 24 0.90 6.16 -7.98
CA ASP B 24 1.49 7.32 -8.63
C ASP B 24 0.89 7.50 -10.02
N ILE B 25 0.56 8.75 -10.36
CA ILE B 25 -0.02 9.05 -11.66
C ILE B 25 0.98 8.77 -12.77
N PHE B 26 2.24 9.09 -12.51
CA PHE B 26 3.31 8.85 -13.48
C PHE B 26 3.48 7.36 -13.79
N GLN B 27 3.15 6.52 -12.81
CA GLN B 27 3.28 5.07 -12.99
C GLN B 27 2.22 4.54 -13.96
N GLU B 28 1.06 5.18 -13.99
CA GLU B 28 -0.03 4.77 -14.88
C GLU B 28 0.06 5.49 -16.21
N TYR B 29 0.46 6.76 -16.17
CA TYR B 29 0.61 7.58 -17.37
C TYR B 29 2.07 8.02 -17.54
N PRO B 30 3.00 7.12 -17.94
CA PRO B 30 4.41 7.46 -18.11
C PRO B 30 4.70 8.32 -19.35
N ASP B 31 3.71 8.49 -20.23
CA ASP B 31 3.89 9.29 -21.44
C ASP B 31 3.53 10.75 -21.21
N GLU B 32 2.59 11.01 -20.30
CA GLU B 32 2.16 12.37 -19.99
C GLU B 32 3.00 12.97 -18.86
N ILE B 33 4.01 13.76 -19.24
CA ILE B 33 4.90 14.39 -18.27
C ILE B 33 4.84 15.91 -18.35
N GLU B 34 4.74 16.43 -19.57
CA GLU B 34 4.67 17.88 -19.80
C GLU B 34 3.51 18.54 -19.03
N TYR B 35 2.51 17.75 -18.66
CA TYR B 35 1.35 18.27 -17.92
C TYR B 35 1.45 17.91 -16.44
N ILE B 36 2.01 18.81 -15.64
CA ILE B 36 2.16 18.59 -14.20
C ILE B 36 0.81 18.36 -13.53
N PHE B 37 0.65 17.19 -12.93
CA PHE B 37 -0.61 16.84 -12.26
C PHE B 37 -0.56 17.17 -10.78
N LYS B 38 -1.65 17.74 -10.26
CA LYS B 38 -1.75 18.09 -8.85
C LYS B 38 -3.08 17.56 -8.28
N PRO B 39 -3.09 16.55 -7.36
CA PRO B 39 -1.89 15.89 -6.82
C PRO B 39 -1.20 14.97 -7.83
N SER B 40 -0.01 14.49 -7.49
CA SER B 40 0.74 13.60 -8.36
C SER B 40 0.52 12.12 -8.00
N CYS B 41 -0.63 11.82 -7.39
CA CYS B 41 -0.96 10.46 -6.99
C CYS B 41 -2.44 10.36 -6.66
N VAL B 42 -3.00 9.15 -6.71
CA VAL B 42 -4.42 8.97 -6.41
C VAL B 42 -4.66 7.71 -5.55
N PRO B 43 -5.65 7.74 -4.61
CA PRO B 43 -5.94 6.59 -3.75
C PRO B 43 -6.83 5.56 -4.45
N LEU B 44 -6.31 4.35 -4.61
CA LEU B 44 -7.06 3.28 -5.28
C LEU B 44 -7.05 2.00 -4.46
N MET B 45 -8.06 1.16 -4.65
CA MET B 45 -8.16 -0.11 -3.96
C MET B 45 -7.48 -1.22 -4.75
N ARG B 46 -6.27 -1.60 -4.33
CA ARG B 46 -5.51 -2.65 -5.01
C ARG B 46 -5.25 -3.83 -4.08
N CYS B 47 -4.98 -4.99 -4.68
CA CYS B 47 -4.70 -6.20 -3.91
C CYS B 47 -3.26 -6.20 -3.39
N GLY B 48 -3.09 -6.51 -2.12
CA GLY B 48 -1.76 -6.55 -1.52
C GLY B 48 -1.65 -7.61 -0.44
N GLY B 49 -0.42 -8.01 -0.14
CA GLY B 49 -0.19 -9.02 0.90
C GLY B 49 0.61 -10.21 0.39
N CYS B 50 0.26 -11.40 0.86
CA CYS B 50 0.96 -12.63 0.46
C CYS B 50 -0.04 -13.79 0.32
N CYS B 51 0.48 -14.95 -0.09
CA CYS B 51 -0.36 -16.14 -0.27
C CYS B 51 -0.04 -17.22 0.78
N ASN B 52 -0.71 -18.36 0.67
CA ASN B 52 -0.53 -19.46 1.61
C ASN B 52 0.77 -20.24 1.38
N ASP B 53 1.19 -20.35 0.12
CA ASP B 53 2.41 -21.09 -0.22
C ASP B 53 3.38 -20.26 -1.05
N GLU B 54 4.61 -20.74 -1.19
CA GLU B 54 5.63 -20.06 -1.96
C GLU B 54 5.31 -20.09 -3.46
N GLY B 55 4.65 -21.15 -3.90
CA GLY B 55 4.30 -21.30 -5.30
C GLY B 55 3.00 -20.59 -5.69
N LEU B 56 2.46 -19.74 -4.82
CA LEU B 56 1.23 -19.02 -5.13
C LEU B 56 1.55 -17.55 -5.43
N GLU B 57 0.55 -16.81 -5.89
CA GLU B 57 0.74 -15.39 -6.22
C GLU B 57 -0.55 -14.62 -6.01
N CYS B 58 -0.45 -13.48 -5.33
CA CYS B 58 -1.61 -12.64 -5.07
C CYS B 58 -1.93 -11.77 -6.27
N VAL B 59 -2.98 -12.14 -7.02
CA VAL B 59 -3.38 -11.40 -8.21
C VAL B 59 -4.86 -11.03 -8.15
N PRO B 60 -5.31 -9.99 -8.90
CA PRO B 60 -6.72 -9.58 -8.89
C PRO B 60 -7.58 -10.42 -9.83
N THR B 61 -8.84 -10.65 -9.43
CA THR B 61 -9.76 -11.44 -10.25
C THR B 61 -10.74 -10.55 -11.00
N GLU B 62 -11.06 -9.38 -10.42
CA GLU B 62 -11.97 -8.44 -11.06
C GLU B 62 -11.38 -7.02 -11.03
N GLU B 63 -11.72 -6.21 -12.03
CA GLU B 63 -11.21 -4.85 -12.12
C GLU B 63 -12.32 -3.82 -12.29
N SER B 64 -11.94 -2.55 -12.30
CA SER B 64 -12.90 -1.46 -12.47
C SER B 64 -12.19 -0.12 -12.61
N ASN B 65 -12.87 0.85 -13.21
CA ASN B 65 -12.30 2.17 -13.42
C ASN B 65 -12.93 3.20 -12.47
N ILE B 66 -12.17 4.23 -12.13
CA ILE B 66 -12.64 5.28 -11.23
C ILE B 66 -12.16 6.65 -11.69
N THR B 67 -13.10 7.57 -11.89
CA THR B 67 -12.76 8.92 -12.34
C THR B 67 -12.35 9.79 -11.16
N MET B 68 -11.36 10.66 -11.41
CA MET B 68 -10.86 11.56 -10.37
C MET B 68 -10.56 12.94 -10.95
N GLN B 69 -10.72 13.97 -10.12
CA GLN B 69 -10.47 15.34 -10.55
C GLN B 69 -9.02 15.72 -10.23
N ILE B 70 -8.27 16.06 -11.27
CA ILE B 70 -6.86 16.43 -11.12
C ILE B 70 -6.57 17.78 -11.76
N MET B 71 -5.60 18.50 -11.21
CA MET B 71 -5.22 19.80 -11.76
C MET B 71 -4.09 19.67 -12.76
N ARG B 72 -4.41 19.91 -14.03
CA ARG B 72 -3.43 19.82 -15.11
C ARG B 72 -2.75 21.17 -15.34
N ILE B 73 -1.51 21.28 -14.89
CA ILE B 73 -0.74 22.52 -15.05
C ILE B 73 0.26 22.41 -16.20
N LYS B 74 0.58 23.53 -16.82
CA LYS B 74 1.53 23.55 -17.93
C LYS B 74 2.39 24.82 -17.88
N PRO B 75 3.74 24.70 -17.86
CA PRO B 75 4.63 25.87 -17.81
C PRO B 75 4.45 26.79 -19.02
N HIS B 76 4.31 28.10 -18.76
CA HIS B 76 4.13 29.14 -19.81
C HIS B 76 2.69 29.23 -20.33
N GLN B 77 1.81 28.28 -19.95
CA GLN B 77 0.42 28.30 -20.42
C GLN B 77 -0.56 28.62 -19.29
N GLY B 78 -0.30 28.05 -18.11
CA GLY B 78 -1.16 28.30 -16.95
C GLY B 78 -1.52 27.02 -16.20
N GLN B 79 -2.80 26.87 -15.87
CA GLN B 79 -3.28 25.70 -15.15
C GLN B 79 -4.78 25.50 -15.37
N HIS B 80 -5.26 24.29 -15.11
CA HIS B 80 -6.68 23.97 -15.28
C HIS B 80 -7.03 22.65 -14.61
N ILE B 81 -8.31 22.30 -14.62
CA ILE B 81 -8.78 21.05 -14.02
C ILE B 81 -9.08 20.03 -15.11
N GLY B 82 -8.89 18.74 -14.78
CA GLY B 82 -9.15 17.68 -15.75
C GLY B 82 -9.61 16.40 -15.09
N GLU B 83 -10.34 15.59 -15.85
CA GLU B 83 -10.85 14.32 -15.34
C GLU B 83 -10.01 13.16 -15.86
N MET B 84 -9.58 12.29 -14.95
CA MET B 84 -8.76 11.13 -15.33
C MET B 84 -9.25 9.88 -14.62
N SER B 85 -9.52 8.84 -15.40
CA SER B 85 -9.99 7.57 -14.85
C SER B 85 -8.83 6.61 -14.62
N PHE B 86 -8.87 5.91 -13.49
CA PHE B 86 -7.82 4.95 -13.14
C PHE B 86 -8.42 3.58 -12.87
N LEU B 87 -7.63 2.54 -13.11
CA LEU B 87 -8.08 1.17 -12.90
C LEU B 87 -7.67 0.66 -11.52
N GLN B 88 -8.60 0.03 -10.82
CA GLN B 88 -8.33 -0.51 -9.49
C GLN B 88 -8.85 -1.94 -9.39
N HIS B 89 -8.26 -2.71 -8.47
CA HIS B 89 -8.66 -4.11 -8.29
C HIS B 89 -9.83 -4.25 -7.31
N ASN B 90 -10.90 -4.89 -7.77
CA ASN B 90 -12.09 -5.09 -6.95
C ASN B 90 -11.97 -6.34 -6.09
N LYS B 91 -11.73 -7.48 -6.74
CA LYS B 91 -11.60 -8.76 -6.02
C LYS B 91 -10.17 -9.27 -6.08
N CYS B 92 -9.80 -10.11 -5.13
CA CYS B 92 -8.43 -10.67 -5.07
C CYS B 92 -8.47 -12.18 -4.79
N GLU B 93 -7.38 -12.86 -5.17
CA GLU B 93 -7.28 -14.30 -4.97
C GLU B 93 -5.87 -14.80 -5.28
N CYS B 94 -5.50 -15.95 -4.70
CA CYS B 94 -4.17 -16.54 -4.92
C CYS B 94 -4.27 -17.72 -5.88
N ARG B 95 -3.22 -17.91 -6.68
CA ARG B 95 -3.18 -19.02 -7.65
C ARG B 95 -1.74 -19.44 -7.92
N PRO B 96 -1.49 -20.72 -8.34
CA PRO B 96 -0.13 -21.20 -8.61
C PRO B 96 0.58 -20.38 -9.68
N LYS B 97 1.89 -20.19 -9.50
CA LYS B 97 2.70 -19.41 -10.44
C LYS B 97 2.95 -20.21 -11.72
N LYS B 98 3.67 -19.61 -12.65
CA LYS B 98 3.99 -20.26 -13.93
C LYS B 98 4.81 -21.53 -13.70
N ASP B 99 4.90 -22.35 -14.75
CA ASP B 99 5.65 -23.60 -14.68
C ASP B 99 6.31 -23.91 -16.02
N GLY C 1 -18.99 -32.85 9.02
CA GLY C 1 -19.05 -33.33 7.62
C GLY C 1 -17.72 -33.84 7.11
N GLY C 2 -16.74 -32.93 7.03
CA GLY C 2 -15.41 -33.30 6.56
C GLY C 2 -14.36 -32.25 6.91
N ASN C 3 -13.37 -32.12 6.04
CA ASN C 3 -12.31 -31.14 6.25
C ASN C 3 -11.77 -30.62 4.92
N GLU C 4 -12.19 -29.40 4.57
CA GLU C 4 -11.76 -28.78 3.31
C GLU C 4 -10.65 -27.77 3.58
N CYS C 5 -9.52 -27.93 2.88
CA CYS C 5 -8.38 -27.04 3.04
C CYS C 5 -7.69 -26.80 1.70
N ASP C 6 -8.20 -25.84 0.93
CA ASP C 6 -7.64 -25.51 -0.37
C ASP C 6 -6.39 -24.66 -0.18
N ILE C 7 -5.40 -24.85 -1.06
CA ILE C 7 -4.14 -24.12 -0.98
C ILE C 7 -4.36 -22.60 -1.10
N ALA C 8 -5.29 -22.20 -1.96
CA ALA C 8 -5.60 -20.79 -2.17
C ALA C 8 -6.85 -20.37 -1.40
N ARG C 9 -7.05 -20.94 -0.21
CA ARG C 9 -8.20 -20.62 0.62
C ARG C 9 -7.79 -20.45 2.09
N MET C 10 -8.65 -19.79 2.86
CA MET C 10 -8.39 -19.55 4.29
C MET C 10 -8.08 -20.84 5.06
N TRP C 11 -6.78 -21.15 5.17
CA TRP C 11 -6.35 -22.34 5.90
C TRP C 11 -6.58 -22.18 7.40
N GLU C 12 -7.75 -22.60 7.87
CA GLU C 12 -8.11 -22.51 9.29
C GLU C 12 -7.11 -23.31 10.15
N TRP C 13 -7.41 -23.48 11.45
CA TRP C 13 -6.52 -24.22 12.37
C TRP C 13 -6.15 -25.61 11.83
N GLU C 14 -7.15 -26.43 11.50
CA GLU C 14 -6.91 -27.78 10.99
C GLU C 14 -6.01 -27.75 9.75
N CYS C 15 -6.23 -26.79 8.87
CA CYS C 15 -5.43 -26.66 7.66
C CYS C 15 -3.99 -26.32 8.01
N PHE C 16 -3.80 -25.54 9.06
CA PHE C 16 -2.47 -25.16 9.51
C PHE C 16 -1.71 -26.39 10.00
N GLU C 17 -2.43 -27.31 10.63
CA GLU C 17 -1.84 -28.54 11.15
C GLU C 17 -1.41 -29.47 10.00
N ARG C 18 -2.10 -29.38 8.87
CA ARG C 18 -1.79 -30.23 7.72
C ARG C 18 -0.79 -29.55 6.77
N LEU C 19 -0.02 -28.57 7.26
CA LEU C 19 0.96 -27.88 6.43
C LEU C 19 2.08 -28.82 6.01
N GLY D 1 -5.70 37.79 8.57
CA GLY D 1 -4.30 37.98 9.04
C GLY D 1 -3.31 38.02 7.89
N GLY D 2 -3.19 36.91 7.18
CA GLY D 2 -2.28 36.83 6.04
C GLY D 2 -2.54 35.64 5.16
N ASN D 3 -1.49 35.08 4.57
CA ASN D 3 -1.61 33.93 3.69
C ASN D 3 -0.38 33.04 3.76
N GLU D 4 -0.47 31.94 4.50
CA GLU D 4 0.63 31.00 4.64
C GLU D 4 0.48 29.82 3.71
N CYS D 5 1.48 29.60 2.85
CA CYS D 5 1.45 28.49 1.90
C CYS D 5 2.82 27.85 1.77
N ASP D 6 3.12 26.91 2.66
CA ASP D 6 4.40 26.21 2.64
C ASP D 6 4.38 25.11 1.58
N ILE D 7 5.52 24.89 0.94
CA ILE D 7 5.63 23.88 -0.12
C ILE D 7 5.28 22.48 0.39
N ALA D 8 5.72 22.16 1.61
CA ALA D 8 5.46 20.86 2.21
C ALA D 8 4.28 20.90 3.17
N ARG D 9 3.29 21.73 2.85
CA ARG D 9 2.10 21.87 3.69
C ARG D 9 0.83 21.88 2.83
N MET D 10 -0.32 21.63 3.47
CA MET D 10 -1.61 21.59 2.77
C MET D 10 -1.90 22.89 2.02
N TRP D 11 -1.55 22.90 0.73
CA TRP D 11 -1.79 24.05 -0.13
C TRP D 11 -3.28 24.23 -0.40
N GLU D 12 -3.95 25.01 0.45
CA GLU D 12 -5.39 25.26 0.29
C GLU D 12 -5.69 25.93 -1.06
N TRP D 13 -6.92 26.41 -1.25
CA TRP D 13 -7.33 27.05 -2.50
C TRP D 13 -6.38 28.18 -2.93
N GLU D 14 -6.13 29.13 -2.02
CA GLU D 14 -5.24 30.26 -2.31
C GLU D 14 -3.84 29.79 -2.72
N CYS D 15 -3.33 28.76 -2.04
CA CYS D 15 -2.02 28.22 -2.34
C CYS D 15 -2.00 27.61 -3.74
N PHE D 16 -3.13 27.02 -4.13
CA PHE D 16 -3.26 26.42 -5.46
C PHE D 16 -3.16 27.48 -6.54
N GLU D 17 -3.71 28.66 -6.24
CA GLU D 17 -3.69 29.78 -7.18
C GLU D 17 -2.26 30.33 -7.33
N ARG D 18 -1.44 30.18 -6.29
CA ARG D 18 -0.06 30.66 -6.32
C ARG D 18 0.92 29.58 -6.80
N LEU D 19 0.44 28.58 -7.54
CA LEU D 19 1.30 27.52 -8.04
C LEU D 19 2.25 28.05 -9.10
N HIS A 1 -24.60 12.77 -11.37
CA HIS A 1 -23.36 11.96 -11.47
C HIS A 1 -22.42 12.23 -10.30
N HIS A 2 -22.41 11.30 -9.33
CA HIS A 2 -21.57 11.43 -8.14
C HIS A 2 -20.49 10.35 -8.12
N GLU A 3 -19.92 10.06 -9.30
CA GLU A 3 -18.87 9.05 -9.42
C GLU A 3 -17.50 9.70 -9.45
N VAL A 4 -17.43 10.89 -10.06
CA VAL A 4 -16.17 11.62 -10.15
C VAL A 4 -15.75 12.16 -8.79
N VAL A 5 -14.61 11.69 -8.30
CA VAL A 5 -14.11 12.13 -7.00
C VAL A 5 -13.77 13.62 -7.01
N LYS A 6 -14.13 14.31 -5.93
CA LYS A 6 -13.88 15.74 -5.82
C LYS A 6 -12.38 16.01 -5.74
N PHE A 7 -11.95 17.07 -6.43
CA PHE A 7 -10.53 17.47 -6.45
C PHE A 7 -9.94 17.61 -5.03
N MET A 8 -10.56 18.47 -4.24
CA MET A 8 -10.13 18.73 -2.86
C MET A 8 -10.04 17.42 -2.03
N ASP A 9 -10.84 16.42 -2.42
CA ASP A 9 -10.86 15.14 -1.71
C ASP A 9 -9.69 14.24 -2.15
N VAL A 10 -9.35 14.31 -3.44
CA VAL A 10 -8.25 13.50 -3.98
C VAL A 10 -6.93 13.87 -3.32
N TYR A 11 -6.69 15.17 -3.17
CA TYR A 11 -5.47 15.66 -2.56
C TYR A 11 -5.43 15.37 -1.07
N GLN A 12 -6.56 15.55 -0.40
CA GLN A 12 -6.66 15.32 1.04
C GLN A 12 -6.37 13.86 1.39
N ARG A 13 -6.86 12.94 0.55
CA ARG A 13 -6.66 11.51 0.78
C ARG A 13 -5.39 10.97 0.10
N SER A 14 -4.77 11.75 -0.80
CA SER A 14 -3.57 11.30 -1.51
C SER A 14 -2.28 11.84 -0.87
N TYR A 15 -2.37 12.96 -0.15
CA TYR A 15 -1.20 13.58 0.48
C TYR A 15 -0.49 12.59 1.43
N CYS A 16 0.85 12.56 1.36
CA CYS A 16 1.69 11.69 2.20
C CYS A 16 1.23 11.60 3.66
N HIS A 17 0.64 10.46 4.02
CA HIS A 17 0.16 10.24 5.38
C HIS A 17 0.29 8.76 5.77
N PRO A 18 0.15 8.39 7.07
CA PRO A 18 0.26 7.01 7.52
C PRO A 18 -0.94 6.17 7.11
N ILE A 19 -0.74 5.28 6.14
CA ILE A 19 -1.81 4.40 5.64
C ILE A 19 -1.45 2.93 5.88
N GLU A 20 -2.45 2.10 6.12
CA GLU A 20 -2.25 0.68 6.36
C GLU A 20 -1.68 0.00 5.12
N THR A 21 -0.52 -0.63 5.26
CA THR A 21 0.13 -1.31 4.14
C THR A 21 0.76 -2.62 4.60
N LEU A 22 0.70 -3.63 3.73
CA LEU A 22 1.27 -4.94 4.03
C LEU A 22 2.72 -5.02 3.55
N VAL A 23 3.58 -5.65 4.35
CA VAL A 23 5.00 -5.78 4.00
C VAL A 23 5.45 -7.24 4.01
N ASP A 24 6.31 -7.58 3.05
CA ASP A 24 6.83 -8.94 2.93
C ASP A 24 7.87 -9.21 4.02
N ILE A 25 7.78 -10.37 4.66
CA ILE A 25 8.72 -10.73 5.72
C ILE A 25 10.13 -10.94 5.15
N PHE A 26 10.19 -11.51 3.95
CA PHE A 26 11.47 -11.76 3.29
C PHE A 26 12.24 -10.45 3.02
N GLN A 27 11.51 -9.33 2.91
CA GLN A 27 12.15 -8.04 2.65
C GLN A 27 12.74 -7.44 3.92
N GLU A 28 12.15 -7.77 5.08
CA GLU A 28 12.63 -7.25 6.36
C GLU A 28 13.68 -8.20 6.95
N TYR A 29 13.42 -9.49 6.84
CA TYR A 29 14.34 -10.52 7.34
C TYR A 29 15.08 -11.20 6.18
N PRO A 30 16.14 -10.57 5.62
CA PRO A 30 16.89 -11.15 4.48
C PRO A 30 17.78 -12.33 4.87
N ASP A 31 18.12 -12.44 6.16
CA ASP A 31 18.98 -13.53 6.62
C ASP A 31 18.16 -14.79 6.94
N GLU A 32 16.91 -14.60 7.38
CA GLU A 32 16.05 -15.73 7.72
C GLU A 32 15.20 -16.14 6.51
N ILE A 33 15.72 -17.08 5.73
CA ILE A 33 15.01 -17.58 4.54
C ILE A 33 14.73 -19.07 4.64
N GLU A 34 15.70 -19.83 5.16
CA GLU A 34 15.55 -21.27 5.30
C GLU A 34 14.34 -21.67 6.16
N TYR A 35 13.82 -20.74 6.97
CA TYR A 35 12.66 -21.02 7.81
C TYR A 35 11.39 -20.40 7.21
N ILE A 36 10.58 -21.24 6.58
CA ILE A 36 9.33 -20.79 5.95
C ILE A 36 8.40 -20.14 6.99
N PHE A 37 8.10 -18.86 6.77
CA PHE A 37 7.23 -18.12 7.68
C PHE A 37 5.79 -18.14 7.19
N LYS A 38 4.85 -18.32 8.12
CA LYS A 38 3.43 -18.36 7.79
C LYS A 38 2.64 -17.44 8.73
N PRO A 39 2.01 -16.33 8.24
CA PRO A 39 1.99 -15.92 6.82
C PRO A 39 3.33 -15.37 6.36
N SER A 40 3.44 -15.09 5.05
CA SER A 40 4.67 -14.57 4.48
C SER A 40 4.64 -13.04 4.37
N CYS A 41 3.83 -12.38 5.20
CA CYS A 41 3.73 -10.93 5.20
C CYS A 41 3.00 -10.46 6.46
N VAL A 42 3.18 -9.19 6.81
CA VAL A 42 2.54 -8.63 8.01
C VAL A 42 2.00 -7.22 7.77
N PRO A 43 0.83 -6.86 8.38
CA PRO A 43 0.26 -5.52 8.20
C PRO A 43 0.96 -4.47 9.07
N LEU A 44 1.45 -3.41 8.44
CA LEU A 44 2.15 -2.35 9.16
C LEU A 44 1.70 -0.97 8.69
N MET A 45 1.71 0.00 9.61
CA MET A 45 1.30 1.36 9.30
C MET A 45 2.47 2.13 8.69
N ARG A 46 2.46 2.25 7.36
CA ARG A 46 3.53 2.95 6.65
C ARG A 46 2.99 4.19 5.93
N CYS A 47 3.89 5.00 5.40
CA CYS A 47 3.51 6.21 4.67
C CYS A 47 3.45 5.97 3.17
N GLY A 48 2.39 6.45 2.54
CA GLY A 48 2.23 6.28 1.11
C GLY A 48 1.54 7.46 0.44
N GLY A 49 1.78 7.62 -0.87
CA GLY A 49 1.17 8.71 -1.62
C GLY A 49 2.19 9.51 -2.43
N CYS A 50 2.10 10.83 -2.33
CA CYS A 50 3.00 11.71 -3.05
C CYS A 50 3.10 13.08 -2.38
N CYS A 51 4.00 13.93 -2.87
CA CYS A 51 4.20 15.27 -2.31
C CYS A 51 3.65 16.35 -3.24
N ASN A 52 3.81 17.61 -2.83
CA ASN A 52 3.32 18.74 -3.62
C ASN A 52 4.23 19.07 -4.80
N ASP A 53 5.53 18.79 -4.65
CA ASP A 53 6.50 19.09 -5.71
C ASP A 53 7.32 17.86 -6.09
N GLU A 54 7.89 17.90 -7.29
CA GLU A 54 8.70 16.79 -7.80
C GLU A 54 9.98 16.63 -6.98
N GLY A 55 10.47 17.74 -6.41
CA GLY A 55 11.69 17.71 -5.61
C GLY A 55 11.47 17.31 -4.15
N LEU A 56 10.27 16.80 -3.82
CA LEU A 56 9.98 16.37 -2.45
C LEU A 56 9.81 14.86 -2.42
N GLU A 57 9.84 14.27 -1.21
CA GLU A 57 9.69 12.82 -1.08
C GLU A 57 8.90 12.48 0.17
N CYS A 58 8.02 11.48 0.03
CA CYS A 58 7.19 11.03 1.14
C CYS A 58 7.97 10.07 2.03
N VAL A 59 8.42 10.56 3.19
CA VAL A 59 9.20 9.75 4.13
C VAL A 59 8.67 9.92 5.56
N PRO A 60 8.97 8.98 6.49
CA PRO A 60 8.50 9.06 7.87
C PRO A 60 9.40 9.92 8.75
N THR A 61 8.81 10.54 9.78
CA THR A 61 9.56 11.38 10.71
C THR A 61 9.74 10.66 12.06
N GLU A 62 8.79 9.81 12.42
CA GLU A 62 8.86 9.06 13.67
C GLU A 62 8.58 7.58 13.39
N GLU A 63 9.31 6.69 14.08
CA GLU A 63 9.14 5.24 13.86
C GLU A 63 8.75 4.52 15.15
N SER A 64 8.58 3.20 15.05
CA SER A 64 8.21 2.36 16.18
C SER A 64 8.25 0.89 15.80
N ASN A 65 8.39 0.03 16.81
CA ASN A 65 8.45 -1.42 16.57
C ASN A 65 7.16 -2.10 17.02
N ILE A 66 6.84 -3.23 16.40
CA ILE A 66 5.64 -3.98 16.72
C ILE A 66 5.88 -5.48 16.64
N THR A 67 5.56 -6.19 17.72
CA THR A 67 5.75 -7.64 17.78
C THR A 67 4.57 -8.37 17.15
N MET A 68 4.82 -9.56 16.63
CA MET A 68 3.78 -10.37 16.01
C MET A 68 4.08 -11.86 16.12
N GLN A 69 3.06 -12.69 15.93
CA GLN A 69 3.22 -14.14 16.02
C GLN A 69 3.36 -14.76 14.63
N ILE A 70 4.48 -15.44 14.39
CA ILE A 70 4.74 -16.07 13.10
C ILE A 70 5.12 -17.54 13.29
N MET A 71 4.75 -18.37 12.31
CA MET A 71 5.05 -19.80 12.36
C MET A 71 6.26 -20.13 11.48
N ARG A 72 7.35 -20.54 12.12
CA ARG A 72 8.57 -20.89 11.39
C ARG A 72 8.63 -22.39 11.13
N ILE A 73 8.59 -22.77 9.85
CA ILE A 73 8.63 -24.18 9.46
C ILE A 73 9.98 -24.53 8.84
N LYS A 74 10.32 -25.81 8.85
CA LYS A 74 11.58 -26.28 8.28
C LYS A 74 11.38 -27.57 7.47
N PRO A 75 11.97 -27.70 6.26
CA PRO A 75 11.79 -28.91 5.44
C PRO A 75 12.25 -30.18 6.15
N HIS A 76 11.35 -31.18 6.18
CA HIS A 76 11.64 -32.47 6.81
C HIS A 76 11.85 -32.36 8.33
N GLN A 77 11.52 -31.21 8.94
CA GLN A 77 11.69 -31.02 10.38
C GLN A 77 10.32 -30.68 11.04
N GLY A 78 10.14 -29.50 11.67
CA GLY A 78 8.86 -29.18 12.29
C GLY A 78 8.49 -27.71 12.18
N GLN A 79 7.46 -27.30 12.90
CA GLN A 79 7.01 -25.91 12.90
C GLN A 79 6.76 -25.42 14.33
N HIS A 80 6.82 -24.10 14.52
CA HIS A 80 6.60 -23.51 15.83
C HIS A 80 6.30 -22.02 15.72
N ILE A 81 5.67 -21.47 16.75
CA ILE A 81 5.33 -20.06 16.77
C ILE A 81 6.43 -19.24 17.43
N GLY A 82 6.78 -18.11 16.80
CA GLY A 82 7.83 -17.25 17.33
C GLY A 82 7.43 -15.79 17.32
N GLU A 83 8.14 -14.97 18.09
CA GLU A 83 7.86 -13.54 18.16
C GLU A 83 8.80 -12.76 17.23
N MET A 84 8.21 -12.05 16.27
CA MET A 84 8.98 -11.25 15.32
C MET A 84 8.53 -9.80 15.36
N SER A 85 9.49 -8.89 15.57
CA SER A 85 9.19 -7.47 15.64
C SER A 85 9.44 -6.81 14.29
N PHE A 86 8.63 -5.79 13.99
CA PHE A 86 8.75 -5.06 12.72
C PHE A 86 8.70 -3.56 12.97
N LEU A 87 9.38 -2.80 12.12
CA LEU A 87 9.40 -1.35 12.25
C LEU A 87 8.30 -0.71 11.39
N GLN A 88 7.56 0.23 11.99
CA GLN A 88 6.47 0.92 11.29
C GLN A 88 6.69 2.43 11.32
N HIS A 89 5.85 3.15 10.58
CA HIS A 89 5.94 4.61 10.53
C HIS A 89 4.79 5.25 11.32
N ASN A 90 5.15 6.06 12.31
CA ASN A 90 4.16 6.74 13.14
C ASN A 90 3.75 8.08 12.54
N LYS A 91 4.73 8.85 12.07
CA LYS A 91 4.46 10.16 11.46
C LYS A 91 5.06 10.25 10.07
N CYS A 92 4.43 11.02 9.19
CA CYS A 92 4.90 11.19 7.81
C CYS A 92 5.05 12.67 7.47
N GLU A 93 5.90 12.98 6.49
CA GLU A 93 6.12 14.36 6.08
C GLU A 93 6.90 14.42 4.76
N CYS A 94 6.77 15.56 4.06
CA CYS A 94 7.46 15.76 2.79
C CYS A 94 8.73 16.57 2.98
N ARG A 95 9.84 16.11 2.41
CA ARG A 95 11.12 16.82 2.53
C ARG A 95 11.86 16.86 1.19
N PRO A 96 12.65 17.93 0.90
CA PRO A 96 13.39 18.05 -0.37
C PRO A 96 14.36 16.90 -0.59
N LYS A 97 14.46 16.46 -1.85
CA LYS A 97 15.36 15.37 -2.21
C LYS A 97 16.80 15.85 -2.33
N LYS A 98 17.70 14.94 -2.71
CA LYS A 98 19.16 15.22 -2.84
C LYS A 98 19.45 16.57 -3.53
N ASP A 99 20.23 17.43 -2.85
CA ASP A 99 20.60 18.74 -3.41
C ASP A 99 21.49 18.57 -4.66
N HIS B 1 1.26 -8.96 28.13
CA HIS B 1 0.70 -7.69 27.60
C HIS B 1 -0.09 -7.93 26.32
N HIS B 2 -0.78 -6.90 25.84
CA HIS B 2 -1.60 -6.99 24.64
C HIS B 2 -0.95 -6.23 23.47
N GLU B 3 0.36 -6.36 23.33
CA GLU B 3 1.09 -5.69 22.25
C GLU B 3 1.36 -6.66 21.10
N VAL B 4 1.57 -7.94 21.44
CA VAL B 4 1.83 -8.96 20.43
C VAL B 4 0.55 -9.32 19.68
N VAL B 5 0.54 -9.08 18.37
CA VAL B 5 -0.62 -9.38 17.55
C VAL B 5 -0.91 -10.87 17.53
N LYS B 6 -2.19 -11.22 17.63
CA LYS B 6 -2.59 -12.62 17.62
C LYS B 6 -2.31 -13.26 16.26
N PHE B 7 -1.89 -14.52 16.28
CA PHE B 7 -1.56 -15.26 15.05
C PHE B 7 -2.71 -15.24 14.04
N MET B 8 -3.87 -15.71 14.47
CA MET B 8 -5.04 -15.77 13.59
C MET B 8 -5.42 -14.40 13.01
N ASP B 9 -5.02 -13.32 13.68
CA ASP B 9 -5.33 -11.97 13.22
C ASP B 9 -4.34 -11.50 12.16
N VAL B 10 -3.09 -11.92 12.28
CA VAL B 10 -2.05 -11.53 11.33
C VAL B 10 -2.37 -12.08 9.94
N TYR B 11 -2.78 -13.34 9.88
CA TYR B 11 -3.10 -13.99 8.62
C TYR B 11 -4.42 -13.42 8.04
N GLN B 12 -5.41 -13.24 8.90
CA GLN B 12 -6.71 -12.72 8.47
C GLN B 12 -6.59 -11.34 7.84
N ARG B 13 -5.73 -10.50 8.41
CA ARG B 13 -5.52 -9.14 7.90
C ARG B 13 -4.38 -9.06 6.87
N SER B 14 -3.57 -10.11 6.74
CA SER B 14 -2.46 -10.09 5.79
C SER B 14 -2.78 -10.83 4.49
N TYR B 15 -3.74 -11.76 4.53
CA TYR B 15 -4.13 -12.54 3.34
C TYR B 15 -4.56 -11.62 2.18
N CYS B 16 -4.09 -11.94 0.96
CA CYS B 16 -4.40 -11.16 -0.27
C CYS B 16 -5.87 -10.71 -0.35
N HIS B 17 -6.10 -9.42 -0.10
CA HIS B 17 -7.44 -8.84 -0.15
C HIS B 17 -7.40 -7.39 -0.67
N PRO B 18 -8.55 -6.79 -1.05
CA PRO B 18 -8.57 -5.41 -1.55
C PRO B 18 -8.34 -4.38 -0.45
N ILE B 19 -7.16 -3.76 -0.47
CA ILE B 19 -6.80 -2.75 0.53
C ILE B 19 -6.56 -1.40 -0.15
N GLU B 20 -6.87 -0.33 0.58
CA GLU B 20 -6.70 1.04 0.04
C GLU B 20 -5.22 1.33 -0.16
N THR B 21 -4.85 1.65 -1.41
CA THR B 21 -3.46 1.94 -1.74
C THR B 21 -3.36 3.12 -2.72
N LEU B 22 -2.34 3.94 -2.54
CA LEU B 22 -2.11 5.09 -3.40
C LEU B 22 -1.22 4.72 -4.58
N VAL B 23 -1.56 5.22 -5.77
CA VAL B 23 -0.79 4.94 -6.98
C VAL B 23 -0.31 6.23 -7.65
N ASP B 24 0.88 6.17 -8.22
CA ASP B 24 1.46 7.33 -8.90
C ASP B 24 0.84 7.52 -10.28
N ILE B 25 0.48 8.76 -10.60
CA ILE B 25 -0.13 9.07 -11.89
C ILE B 25 0.87 8.83 -13.04
N PHE B 26 2.13 9.15 -12.79
CA PHE B 26 3.18 8.98 -13.80
C PHE B 26 3.33 7.50 -14.20
N GLN B 27 2.97 6.59 -13.29
CA GLN B 27 3.08 5.15 -13.57
C GLN B 27 1.92 4.65 -14.43
N GLU B 28 0.77 5.31 -14.32
CA GLU B 28 -0.41 4.92 -15.09
C GLU B 28 -0.43 5.66 -16.43
N TYR B 29 -0.09 6.94 -16.39
CA TYR B 29 -0.04 7.77 -17.59
C TYR B 29 1.42 8.03 -18.00
N PRO B 30 2.08 7.07 -18.70
CA PRO B 30 3.48 7.24 -19.12
C PRO B 30 3.67 8.21 -20.28
N ASP B 31 2.61 8.46 -21.04
CA ASP B 31 2.69 9.37 -22.19
C ASP B 31 2.46 10.83 -21.77
N GLU B 32 1.67 11.03 -20.73
CA GLU B 32 1.38 12.38 -20.24
C GLU B 32 2.35 12.77 -19.12
N ILE B 33 3.47 13.40 -19.50
CA ILE B 33 4.49 13.84 -18.55
C ILE B 33 4.68 15.35 -18.58
N GLU B 34 4.66 15.91 -19.79
CA GLU B 34 4.85 17.36 -19.96
C GLU B 34 3.81 18.18 -19.20
N TYR B 35 2.68 17.57 -18.81
CA TYR B 35 1.64 18.27 -18.08
C TYR B 35 1.68 17.90 -16.60
N ILE B 36 2.23 18.79 -15.78
CA ILE B 36 2.35 18.55 -14.33
C ILE B 36 0.96 18.33 -13.70
N PHE B 37 0.75 17.14 -13.15
CA PHE B 37 -0.52 16.81 -12.51
C PHE B 37 -0.47 17.09 -11.02
N LYS B 38 -1.55 17.63 -10.48
CA LYS B 38 -1.66 17.95 -9.05
C LYS B 38 -3.01 17.45 -8.49
N PRO B 39 -3.03 16.48 -7.53
CA PRO B 39 -1.84 15.83 -6.94
C PRO B 39 -1.15 14.89 -7.92
N SER B 40 0.05 14.44 -7.56
CA SER B 40 0.82 13.53 -8.40
C SER B 40 0.50 12.05 -8.11
N CYS B 41 -0.60 11.78 -7.39
CA CYS B 41 -0.98 10.41 -7.08
C CYS B 41 -2.47 10.37 -6.74
N VAL B 42 -3.09 9.18 -6.85
CA VAL B 42 -4.51 9.03 -6.57
C VAL B 42 -4.79 7.78 -5.73
N PRO B 43 -5.77 7.83 -4.79
CA PRO B 43 -6.11 6.67 -3.95
C PRO B 43 -6.97 5.66 -4.70
N LEU B 44 -6.50 4.42 -4.76
CA LEU B 44 -7.23 3.35 -5.46
C LEU B 44 -7.27 2.07 -4.63
N MET B 45 -8.34 1.30 -4.80
CA MET B 45 -8.51 0.04 -4.08
C MET B 45 -7.80 -1.09 -4.82
N ARG B 46 -6.60 -1.44 -4.36
CA ARG B 46 -5.81 -2.50 -4.99
C ARG B 46 -5.60 -3.68 -4.02
N CYS B 47 -5.06 -4.78 -4.54
CA CYS B 47 -4.81 -5.97 -3.73
C CYS B 47 -3.38 -5.98 -3.20
N GLY B 48 -3.22 -6.31 -1.92
CA GLY B 48 -1.91 -6.36 -1.32
C GLY B 48 -1.78 -7.46 -0.27
N GLY B 49 -0.54 -7.88 -0.01
CA GLY B 49 -0.29 -8.92 0.98
C GLY B 49 0.54 -10.07 0.45
N CYS B 50 0.14 -11.30 0.82
CA CYS B 50 0.85 -12.50 0.38
C CYS B 50 -0.09 -13.70 0.32
N CYS B 51 0.40 -14.81 -0.25
CA CYS B 51 -0.41 -16.03 -0.39
C CYS B 51 0.02 -17.09 0.62
N ASN B 52 -0.62 -18.26 0.54
CA ASN B 52 -0.32 -19.36 1.44
C ASN B 52 0.97 -20.09 1.07
N ASP B 53 1.29 -20.12 -0.23
CA ASP B 53 2.49 -20.80 -0.71
C ASP B 53 3.38 -19.88 -1.52
N GLU B 54 4.64 -20.27 -1.67
CA GLU B 54 5.61 -19.48 -2.43
C GLU B 54 5.27 -19.48 -3.91
N GLY B 55 4.63 -20.55 -4.38
CA GLY B 55 4.27 -20.67 -5.78
C GLY B 55 2.95 -19.98 -6.14
N LEU B 56 2.40 -19.17 -5.23
CA LEU B 56 1.14 -18.45 -5.49
C LEU B 56 1.42 -16.95 -5.57
N GLU B 57 0.54 -16.20 -6.22
CA GLU B 57 0.71 -14.76 -6.36
C GLU B 57 -0.60 -14.02 -6.10
N CYS B 58 -0.49 -12.88 -5.42
CA CYS B 58 -1.66 -12.06 -5.11
C CYS B 58 -2.02 -11.18 -6.30
N VAL B 59 -3.09 -11.56 -7.01
CA VAL B 59 -3.54 -10.82 -8.19
C VAL B 59 -5.06 -10.59 -8.14
N PRO B 60 -5.59 -9.60 -8.90
CA PRO B 60 -7.03 -9.32 -8.91
C PRO B 60 -7.81 -10.20 -9.87
N THR B 61 -9.08 -10.46 -9.55
CA THR B 61 -9.93 -11.30 -10.39
C THR B 61 -10.94 -10.43 -11.15
N GLU B 62 -11.35 -9.32 -10.54
CA GLU B 62 -12.30 -8.40 -11.17
C GLU B 62 -11.76 -6.97 -11.09
N GLU B 63 -11.97 -6.18 -12.15
CA GLU B 63 -11.47 -4.80 -12.19
C GLU B 63 -12.58 -3.79 -12.40
N SER B 64 -12.21 -2.51 -12.44
CA SER B 64 -13.16 -1.43 -12.63
C SER B 64 -12.44 -0.09 -12.82
N ASN B 65 -13.12 0.87 -13.44
CA ASN B 65 -12.54 2.20 -13.67
C ASN B 65 -13.15 3.24 -12.74
N ILE B 66 -12.38 4.28 -12.45
CA ILE B 66 -12.85 5.35 -11.57
C ILE B 66 -12.33 6.72 -12.02
N THR B 67 -13.24 7.66 -12.23
CA THR B 67 -12.88 9.00 -12.69
C THR B 67 -12.46 9.87 -11.50
N MET B 68 -11.61 10.86 -11.77
CA MET B 68 -11.14 11.77 -10.72
C MET B 68 -10.80 13.13 -11.30
N GLN B 69 -10.70 14.13 -10.44
CA GLN B 69 -10.38 15.49 -10.85
C GLN B 69 -8.90 15.80 -10.62
N ILE B 70 -8.19 16.12 -11.70
CA ILE B 70 -6.76 16.43 -11.62
C ILE B 70 -6.46 17.78 -12.28
N MET B 71 -5.46 18.47 -11.77
CA MET B 71 -5.06 19.78 -12.32
C MET B 71 -3.82 19.64 -13.20
N ARG B 72 -3.98 19.89 -14.50
CA ARG B 72 -2.87 19.81 -15.43
C ARG B 72 -2.25 21.18 -15.66
N ILE B 73 -0.98 21.32 -15.28
CA ILE B 73 -0.26 22.57 -15.44
C ILE B 73 0.79 22.46 -16.55
N LYS B 74 1.20 23.61 -17.10
CA LYS B 74 2.20 23.64 -18.17
C LYS B 74 3.20 24.77 -17.92
N PRO B 75 4.53 24.53 -18.10
CA PRO B 75 5.55 25.57 -17.87
C PRO B 75 5.32 26.81 -18.75
N HIS B 76 5.29 27.97 -18.11
CA HIS B 76 5.10 29.25 -18.81
C HIS B 76 3.73 29.36 -19.50
N GLN B 77 2.79 28.44 -19.19
CA GLN B 77 1.46 28.48 -19.79
C GLN B 77 0.37 28.63 -18.69
N GLY B 78 -0.55 27.65 -18.51
CA GLY B 78 -1.57 27.78 -17.48
C GLY B 78 -1.95 26.45 -16.85
N GLN B 79 -3.02 26.45 -16.07
CA GLN B 79 -3.49 25.24 -15.39
C GLN B 79 -5.00 25.09 -15.54
N HIS B 80 -5.49 23.86 -15.44
CA HIS B 80 -6.91 23.59 -15.57
C HIS B 80 -7.26 22.22 -14.99
N ILE B 81 -8.54 22.02 -14.67
CA ILE B 81 -9.01 20.77 -14.10
C ILE B 81 -9.49 19.83 -15.21
N GLY B 82 -9.09 18.56 -15.12
CA GLY B 82 -9.48 17.58 -16.12
C GLY B 82 -9.94 16.28 -15.49
N GLU B 83 -10.66 15.47 -16.27
CA GLU B 83 -11.16 14.18 -15.78
C GLU B 83 -10.22 13.05 -16.19
N MET B 84 -9.69 12.33 -15.20
CA MET B 84 -8.78 11.22 -15.45
C MET B 84 -9.30 9.95 -14.79
N SER B 85 -9.47 8.90 -15.59
CA SER B 85 -9.96 7.63 -15.08
C SER B 85 -8.80 6.70 -14.74
N PHE B 86 -9.01 5.87 -13.72
CA PHE B 86 -7.99 4.91 -13.28
C PHE B 86 -8.61 3.54 -13.04
N LEU B 87 -7.81 2.50 -13.22
CA LEU B 87 -8.28 1.13 -13.03
C LEU B 87 -7.97 0.64 -11.62
N GLN B 88 -8.95 0.03 -10.98
CA GLN B 88 -8.79 -0.49 -9.62
C GLN B 88 -9.14 -1.98 -9.57
N HIS B 89 -8.87 -2.59 -8.42
CA HIS B 89 -9.16 -4.02 -8.22
C HIS B 89 -10.37 -4.21 -7.31
N ASN B 90 -11.39 -4.88 -7.84
CA ASN B 90 -12.61 -5.12 -7.08
C ASN B 90 -12.51 -6.41 -6.26
N LYS B 91 -11.96 -7.45 -6.87
CA LYS B 91 -11.80 -8.74 -6.20
C LYS B 91 -10.35 -9.21 -6.28
N CYS B 92 -9.91 -9.97 -5.27
CA CYS B 92 -8.54 -10.48 -5.23
C CYS B 92 -8.54 -11.98 -5.00
N GLU B 93 -7.46 -12.65 -5.43
CA GLU B 93 -7.34 -14.10 -5.26
C GLU B 93 -5.90 -14.56 -5.56
N CYS B 94 -5.51 -15.69 -4.99
CA CYS B 94 -4.18 -16.24 -5.20
C CYS B 94 -4.21 -17.34 -6.26
N ARG B 95 -3.24 -17.31 -7.17
CA ARG B 95 -3.15 -18.30 -8.23
C ARG B 95 -1.69 -18.75 -8.47
N PRO B 96 -1.46 -20.01 -8.93
CA PRO B 96 -0.09 -20.51 -9.15
C PRO B 96 0.70 -19.68 -10.16
N LYS B 97 1.99 -19.47 -9.86
CA LYS B 97 2.87 -18.70 -10.74
C LYS B 97 3.55 -19.60 -11.76
N LYS B 98 3.35 -19.29 -13.06
CA LYS B 98 3.98 -20.05 -14.17
C LYS B 98 3.88 -21.58 -13.98
N ASP B 99 4.56 -22.34 -14.83
CA ASP B 99 4.55 -23.80 -14.74
C ASP B 99 5.89 -24.39 -15.17
N GLY C 1 -13.58 -37.49 1.16
CA GLY C 1 -12.73 -37.55 2.38
C GLY C 1 -12.43 -36.18 2.96
N GLY C 2 -11.34 -35.58 2.49
CA GLY C 2 -10.95 -34.26 2.96
C GLY C 2 -10.25 -33.44 1.89
N ASN C 3 -10.78 -32.25 1.63
CA ASN C 3 -10.22 -31.37 0.62
C ASN C 3 -10.81 -29.96 0.77
N GLU C 4 -11.02 -29.56 2.01
CA GLU C 4 -11.59 -28.24 2.31
C GLU C 4 -10.51 -27.17 2.36
N CYS C 5 -9.33 -27.54 2.86
CA CYS C 5 -8.22 -26.61 2.98
C CYS C 5 -7.61 -26.31 1.61
N ASP C 6 -8.22 -25.36 0.90
CA ASP C 6 -7.73 -24.97 -0.42
C ASP C 6 -6.45 -24.14 -0.28
N ILE C 7 -5.51 -24.33 -1.19
CA ILE C 7 -4.23 -23.62 -1.15
C ILE C 7 -4.43 -22.10 -1.18
N ALA C 8 -5.49 -21.66 -1.86
CA ALA C 8 -5.80 -20.23 -1.96
C ALA C 8 -7.04 -19.89 -1.15
N ARG C 9 -7.16 -20.51 0.02
CA ARG C 9 -8.30 -20.29 0.90
C ARG C 9 -7.85 -20.13 2.35
N MET C 10 -8.67 -19.43 3.15
CA MET C 10 -8.36 -19.17 4.56
C MET C 10 -8.02 -20.45 5.34
N TRP C 11 -6.73 -20.77 5.41
CA TRP C 11 -6.27 -21.95 6.11
C TRP C 11 -6.42 -21.80 7.64
N GLU C 12 -7.61 -22.12 8.15
CA GLU C 12 -7.88 -22.03 9.60
C GLU C 12 -6.91 -22.93 10.39
N TRP C 13 -7.22 -23.17 11.67
CA TRP C 13 -6.36 -23.99 12.54
C TRP C 13 -6.04 -25.36 11.93
N GLU C 14 -7.08 -26.14 11.58
CA GLU C 14 -6.89 -27.48 10.99
C GLU C 14 -5.94 -27.46 9.79
N CYS C 15 -6.08 -26.45 8.94
CA CYS C 15 -5.23 -26.33 7.75
C CYS C 15 -3.80 -26.00 8.17
N PHE C 16 -3.66 -25.22 9.24
CA PHE C 16 -2.34 -24.83 9.75
C PHE C 16 -1.59 -26.04 10.30
N GLU C 17 -2.32 -27.02 10.82
CA GLU C 17 -1.70 -28.22 11.37
C GLU C 17 -1.14 -29.10 10.27
N ARG C 18 -1.92 -29.31 9.22
CA ARG C 18 -1.51 -30.14 8.10
C ARG C 18 -1.08 -29.28 6.90
N LEU C 19 -0.08 -28.42 7.13
CA LEU C 19 0.43 -27.55 6.10
C LEU C 19 1.28 -28.32 5.09
N GLY D 1 3.85 39.61 5.05
CA GLY D 1 2.94 39.54 3.87
C GLY D 1 2.11 38.26 3.86
N GLY D 2 2.65 37.22 3.24
CA GLY D 2 1.95 35.94 3.16
C GLY D 2 2.80 34.79 3.68
N ASN D 3 3.31 33.96 2.77
CA ASN D 3 4.14 32.82 3.13
C ASN D 3 3.37 31.82 4.00
N GLU D 4 2.08 31.67 3.71
CA GLU D 4 1.23 30.74 4.45
C GLU D 4 1.19 29.38 3.77
N CYS D 5 1.27 29.37 2.44
CA CYS D 5 1.24 28.14 1.67
C CYS D 5 2.62 27.48 1.65
N ASP D 6 2.87 26.60 2.63
CA ASP D 6 4.15 25.89 2.71
C ASP D 6 4.20 24.80 1.64
N ILE D 7 5.39 24.57 1.07
CA ILE D 7 5.56 23.56 0.03
C ILE D 7 5.14 22.17 0.50
N ALA D 8 5.31 21.88 1.80
CA ALA D 8 4.94 20.59 2.37
C ALA D 8 3.68 20.71 3.24
N ARG D 9 2.77 21.59 2.85
CA ARG D 9 1.52 21.80 3.61
C ARG D 9 0.30 21.83 2.68
N MET D 10 -0.88 21.52 3.23
CA MET D 10 -2.14 21.51 2.47
C MET D 10 -2.33 22.76 1.59
N TRP D 11 -1.94 22.62 0.32
CA TRP D 11 -2.05 23.69 -0.67
C TRP D 11 -3.50 23.91 -1.13
N GLU D 12 -4.33 24.52 -0.27
CA GLU D 12 -5.75 24.78 -0.57
C GLU D 12 -5.92 25.55 -1.90
N TRP D 13 -7.13 26.04 -2.17
CA TRP D 13 -7.43 26.79 -3.41
C TRP D 13 -6.42 27.91 -3.70
N GLU D 14 -6.25 28.83 -2.73
CA GLU D 14 -5.33 29.97 -2.89
C GLU D 14 -3.92 29.51 -3.28
N CYS D 15 -3.43 28.46 -2.61
CA CYS D 15 -2.10 27.92 -2.90
C CYS D 15 -2.07 27.33 -4.30
N PHE D 16 -3.19 26.73 -4.72
CA PHE D 16 -3.30 26.13 -6.04
C PHE D 16 -3.22 27.19 -7.14
N GLU D 17 -3.67 28.41 -6.83
CA GLU D 17 -3.66 29.49 -7.80
C GLU D 17 -2.24 29.97 -8.09
N ARG D 18 -1.50 30.32 -7.03
CA ARG D 18 -0.13 30.81 -7.19
C ARG D 18 0.89 29.67 -7.02
N LEU D 19 0.70 28.60 -7.80
CA LEU D 19 1.61 27.44 -7.73
C LEU D 19 2.97 27.79 -8.32
N HIS A 1 -22.37 2.80 -9.21
CA HIS A 1 -20.90 2.91 -8.96
C HIS A 1 -20.53 4.33 -8.56
N HIS A 2 -19.27 4.51 -8.16
CA HIS A 2 -18.77 5.82 -7.75
C HIS A 2 -18.51 6.72 -8.96
N GLU A 3 -19.12 7.91 -8.94
CA GLU A 3 -18.96 8.87 -10.03
C GLU A 3 -17.66 9.66 -9.85
N VAL A 4 -17.53 10.79 -10.56
CA VAL A 4 -16.34 11.63 -10.47
C VAL A 4 -16.07 12.09 -9.03
N VAL A 5 -14.85 11.83 -8.55
CA VAL A 5 -14.48 12.22 -7.19
C VAL A 5 -14.17 13.71 -7.12
N LYS A 6 -14.24 14.26 -5.91
CA LYS A 6 -13.97 15.68 -5.69
C LYS A 6 -12.46 15.96 -5.68
N PHE A 7 -12.07 17.04 -6.36
CA PHE A 7 -10.66 17.44 -6.46
C PHE A 7 -10.04 17.61 -5.04
N MET A 8 -10.63 18.46 -4.23
CA MET A 8 -10.14 18.72 -2.88
C MET A 8 -10.04 17.44 -2.04
N ASP A 9 -10.81 16.42 -2.40
CA ASP A 9 -10.80 15.15 -1.67
C ASP A 9 -9.65 14.25 -2.13
N VAL A 10 -9.33 14.31 -3.42
CA VAL A 10 -8.26 13.50 -3.97
C VAL A 10 -6.90 13.90 -3.41
N TYR A 11 -6.74 15.20 -3.14
CA TYR A 11 -5.50 15.72 -2.59
C TYR A 11 -5.39 15.47 -1.08
N GLN A 12 -6.48 15.74 -0.37
CA GLN A 12 -6.51 15.55 1.08
C GLN A 12 -6.25 14.10 1.48
N ARG A 13 -6.66 13.17 0.63
CA ARG A 13 -6.48 11.74 0.91
C ARG A 13 -5.21 11.17 0.29
N SER A 14 -4.66 11.85 -0.72
CA SER A 14 -3.46 11.37 -1.40
C SER A 14 -2.16 11.96 -0.81
N TYR A 15 -2.27 13.09 -0.12
CA TYR A 15 -1.10 13.74 0.49
C TYR A 15 -0.35 12.79 1.45
N CYS A 16 0.99 12.79 1.34
CA CYS A 16 1.88 11.93 2.16
C CYS A 16 1.41 11.81 3.63
N HIS A 17 0.92 10.62 3.99
CA HIS A 17 0.45 10.34 5.34
C HIS A 17 0.49 8.84 5.63
N PRO A 18 0.33 8.41 6.91
CA PRO A 18 0.38 6.98 7.27
C PRO A 18 -0.86 6.23 6.77
N ILE A 19 -0.63 5.12 6.06
CA ILE A 19 -1.70 4.30 5.53
C ILE A 19 -1.40 2.82 5.72
N GLU A 20 -2.45 2.00 5.83
CA GLU A 20 -2.28 0.56 6.03
C GLU A 20 -1.60 -0.09 4.84
N THR A 21 -0.46 -0.71 5.08
CA THR A 21 0.30 -1.38 4.02
C THR A 21 0.90 -2.70 4.50
N LEU A 22 0.78 -3.74 3.67
CA LEU A 22 1.31 -5.05 4.01
C LEU A 22 2.77 -5.17 3.56
N VAL A 23 3.64 -5.62 4.47
CA VAL A 23 5.07 -5.75 4.16
C VAL A 23 5.49 -7.22 4.16
N ASP A 24 6.31 -7.59 3.18
CA ASP A 24 6.81 -8.96 3.07
C ASP A 24 7.92 -9.21 4.07
N ILE A 25 7.86 -10.34 4.77
CA ILE A 25 8.87 -10.68 5.76
C ILE A 25 10.23 -10.91 5.09
N PHE A 26 10.20 -11.58 3.94
CA PHE A 26 11.43 -11.85 3.18
C PHE A 26 12.10 -10.56 2.72
N GLN A 27 11.32 -9.49 2.57
CA GLN A 27 11.85 -8.19 2.13
C GLN A 27 12.63 -7.51 3.26
N GLU A 28 12.22 -7.76 4.49
CA GLU A 28 12.88 -7.18 5.65
C GLU A 28 14.02 -8.08 6.14
N TYR A 29 13.73 -9.38 6.16
CA TYR A 29 14.72 -10.38 6.58
C TYR A 29 15.05 -11.35 5.43
N PRO A 30 15.94 -10.95 4.49
CA PRO A 30 16.28 -11.81 3.34
C PRO A 30 17.30 -12.91 3.66
N ASP A 31 17.77 -12.98 4.90
CA ASP A 31 18.75 -14.00 5.29
C ASP A 31 18.08 -15.25 5.83
N GLU A 32 16.91 -15.08 6.46
CA GLU A 32 16.18 -16.21 7.01
C GLU A 32 15.30 -16.87 5.94
N ILE A 33 15.80 -17.97 5.37
CA ILE A 33 15.08 -18.69 4.32
C ILE A 33 14.74 -20.12 4.76
N GLU A 34 15.68 -20.76 5.44
CA GLU A 34 15.49 -22.14 5.91
C GLU A 34 14.23 -22.31 6.77
N TYR A 35 13.76 -21.23 7.36
CA TYR A 35 12.57 -21.28 8.21
C TYR A 35 11.37 -20.59 7.54
N ILE A 36 10.53 -21.38 6.85
CA ILE A 36 9.36 -20.84 6.15
C ILE A 36 8.43 -20.12 7.14
N PHE A 37 8.12 -18.87 6.83
CA PHE A 37 7.25 -18.05 7.69
C PHE A 37 5.80 -18.11 7.23
N LYS A 38 4.90 -18.28 8.19
CA LYS A 38 3.46 -18.34 7.90
C LYS A 38 2.69 -17.46 8.89
N PRO A 39 2.06 -16.33 8.47
CA PRO A 39 2.02 -15.85 7.07
C PRO A 39 3.37 -15.27 6.62
N SER A 40 3.58 -15.26 5.32
CA SER A 40 4.83 -14.74 4.74
C SER A 40 4.89 -13.20 4.79
N CYS A 41 3.75 -12.53 5.04
CA CYS A 41 3.72 -11.08 5.10
C CYS A 41 2.99 -10.61 6.36
N VAL A 42 3.19 -9.34 6.73
CA VAL A 42 2.55 -8.79 7.93
C VAL A 42 2.04 -7.37 7.69
N PRO A 43 0.87 -6.98 8.28
CA PRO A 43 0.31 -5.64 8.11
C PRO A 43 1.02 -4.60 8.98
N LEU A 44 1.52 -3.54 8.35
CA LEU A 44 2.22 -2.48 9.07
C LEU A 44 1.83 -1.12 8.53
N MET A 45 1.77 -0.13 9.42
CA MET A 45 1.41 1.24 9.04
C MET A 45 2.63 1.98 8.48
N ARG A 46 2.63 2.21 7.17
CA ARG A 46 3.73 2.90 6.51
C ARG A 46 3.22 4.16 5.79
N CYS A 47 4.15 4.95 5.26
CA CYS A 47 3.80 6.18 4.55
C CYS A 47 3.66 5.91 3.05
N GLY A 48 2.56 6.39 2.47
CA GLY A 48 2.33 6.19 1.05
C GLY A 48 1.66 7.38 0.39
N GLY A 49 1.85 7.53 -0.92
CA GLY A 49 1.26 8.63 -1.66
C GLY A 49 2.28 9.44 -2.44
N CYS A 50 2.18 10.75 -2.35
CA CYS A 50 3.10 11.64 -3.06
C CYS A 50 3.20 12.99 -2.35
N CYS A 51 4.18 13.79 -2.75
CA CYS A 51 4.39 15.11 -2.14
C CYS A 51 3.74 16.21 -2.97
N ASN A 52 3.89 17.45 -2.51
CA ASN A 52 3.31 18.60 -3.19
C ASN A 52 4.09 18.97 -4.45
N ASP A 53 5.41 18.72 -4.42
CA ASP A 53 6.27 19.03 -5.57
C ASP A 53 7.08 17.82 -5.99
N GLU A 54 7.68 17.91 -7.17
CA GLU A 54 8.49 16.82 -7.70
C GLU A 54 9.83 16.70 -6.97
N GLY A 55 10.33 17.82 -6.47
CA GLY A 55 11.61 17.83 -5.77
C GLY A 55 11.52 17.41 -4.30
N LEU A 56 10.36 16.92 -3.86
CA LEU A 56 10.18 16.48 -2.48
C LEU A 56 10.17 14.96 -2.39
N GLU A 57 10.03 14.43 -1.18
CA GLU A 57 9.99 12.99 -0.97
C GLU A 57 9.18 12.64 0.27
N CYS A 58 8.28 11.68 0.13
CA CYS A 58 7.44 11.24 1.24
C CYS A 58 8.20 10.26 2.14
N VAL A 59 8.63 10.75 3.31
CA VAL A 59 9.38 9.93 4.27
C VAL A 59 8.80 10.05 5.68
N PRO A 60 9.08 9.09 6.59
CA PRO A 60 8.56 9.13 7.96
C PRO A 60 9.40 10.00 8.89
N THR A 61 8.75 10.61 9.88
CA THR A 61 9.45 11.48 10.84
C THR A 61 9.62 10.77 12.19
N GLU A 62 8.70 9.87 12.52
CA GLU A 62 8.76 9.12 13.77
C GLU A 62 8.46 7.64 13.50
N GLU A 63 9.26 6.76 14.10
CA GLU A 63 9.08 5.32 13.90
C GLU A 63 8.71 4.59 15.20
N SER A 64 8.53 3.28 15.08
CA SER A 64 8.17 2.45 16.23
C SER A 64 8.16 0.97 15.85
N ASN A 65 8.46 0.10 16.81
CA ASN A 65 8.48 -1.34 16.56
C ASN A 65 7.20 -2.00 17.05
N ILE A 66 6.86 -3.13 16.43
CA ILE A 66 5.65 -3.87 16.79
C ILE A 66 5.90 -5.38 16.76
N THR A 67 5.53 -6.05 17.86
CA THR A 67 5.73 -7.49 17.97
C THR A 67 4.54 -8.25 17.37
N MET A 68 4.82 -9.38 16.72
CA MET A 68 3.77 -10.19 16.11
C MET A 68 4.06 -11.68 16.28
N GLN A 69 3.05 -12.50 15.99
CA GLN A 69 3.20 -13.95 16.10
C GLN A 69 3.30 -14.60 14.71
N ILE A 70 4.37 -15.33 14.47
CA ILE A 70 4.58 -16.00 13.19
C ILE A 70 4.89 -17.48 13.39
N MET A 71 4.38 -18.32 12.50
CA MET A 71 4.60 -19.76 12.57
C MET A 71 5.82 -20.18 11.73
N ARG A 72 6.90 -20.54 12.41
CA ARG A 72 8.12 -20.96 11.72
C ARG A 72 8.11 -22.46 11.46
N ILE A 73 8.05 -22.85 10.19
CA ILE A 73 8.05 -24.25 9.81
C ILE A 73 9.29 -24.59 8.97
N LYS A 74 9.96 -25.68 9.32
CA LYS A 74 11.17 -26.11 8.60
C LYS A 74 10.96 -27.47 7.93
N PRO A 75 11.29 -27.63 6.63
CA PRO A 75 11.10 -28.92 5.93
C PRO A 75 11.88 -30.06 6.60
N HIS A 76 11.27 -31.24 6.64
CA HIS A 76 11.87 -32.45 7.25
C HIS A 76 11.89 -32.41 8.78
N GLN A 77 11.38 -31.33 9.40
CA GLN A 77 11.37 -31.23 10.86
C GLN A 77 9.92 -30.99 11.38
N GLY A 78 9.62 -29.83 12.02
CA GLY A 78 8.26 -29.59 12.51
C GLY A 78 7.91 -28.11 12.53
N GLN A 79 6.78 -27.77 13.16
CA GLN A 79 6.34 -26.38 13.25
C GLN A 79 6.73 -25.76 14.59
N HIS A 80 6.67 -24.44 14.67
CA HIS A 80 7.01 -23.74 15.91
C HIS A 80 6.64 -22.26 15.82
N ILE A 81 5.86 -21.78 16.79
CA ILE A 81 5.45 -20.38 16.82
C ILE A 81 6.54 -19.50 17.43
N GLY A 82 6.73 -18.33 16.85
CA GLY A 82 7.75 -17.41 17.34
C GLY A 82 7.32 -15.96 17.26
N GLU A 83 7.98 -15.11 18.04
CA GLU A 83 7.67 -13.68 18.06
C GLU A 83 8.62 -12.91 17.15
N MET A 84 8.07 -12.02 16.33
CA MET A 84 8.88 -11.22 15.41
C MET A 84 8.49 -9.75 15.48
N SER A 85 9.48 -8.89 15.65
CA SER A 85 9.24 -7.45 15.74
C SER A 85 9.49 -6.78 14.39
N PHE A 86 8.67 -5.79 14.07
CA PHE A 86 8.79 -5.06 12.81
C PHE A 86 8.70 -3.56 13.04
N LEU A 87 9.37 -2.79 12.17
CA LEU A 87 9.36 -1.35 12.27
C LEU A 87 8.24 -0.73 11.44
N GLN A 88 7.52 0.22 12.04
CA GLN A 88 6.41 0.89 11.35
C GLN A 88 6.62 2.39 11.36
N HIS A 89 5.79 3.11 10.60
CA HIS A 89 5.89 4.57 10.52
C HIS A 89 4.72 5.24 11.26
N ASN A 90 5.07 6.10 12.21
CA ASN A 90 4.06 6.81 13.01
C ASN A 90 3.64 8.11 12.33
N LYS A 91 4.62 8.92 11.95
CA LYS A 91 4.34 10.20 11.29
C LYS A 91 5.06 10.29 9.95
N CYS A 92 4.46 11.03 9.02
CA CYS A 92 5.03 11.21 7.67
C CYS A 92 5.17 12.69 7.35
N GLU A 93 6.15 13.02 6.52
CA GLU A 93 6.39 14.41 6.11
C GLU A 93 7.22 14.46 4.83
N CYS A 94 7.08 15.55 4.08
CA CYS A 94 7.81 15.71 2.83
C CYS A 94 9.03 16.62 3.01
N ARG A 95 10.11 16.30 2.30
CA ARG A 95 11.33 17.09 2.38
C ARG A 95 12.07 17.08 1.03
N PRO A 96 12.94 18.08 0.74
CA PRO A 96 13.66 18.15 -0.53
C PRO A 96 14.53 16.92 -0.78
N LYS A 97 14.47 16.39 -2.01
CA LYS A 97 15.25 15.22 -2.39
C LYS A 97 16.73 15.57 -2.54
N LYS A 98 17.54 14.55 -2.83
CA LYS A 98 18.98 14.75 -3.00
C LYS A 98 19.50 13.90 -4.15
N ASP A 99 19.41 12.58 -3.99
CA ASP A 99 19.87 11.65 -5.01
C ASP A 99 18.91 10.47 -5.14
N HIS B 1 1.54 1.04 24.45
CA HIS B 1 1.51 0.76 22.98
C HIS B 1 0.87 -0.59 22.70
N HIS B 2 0.83 -0.98 21.43
CA HIS B 2 0.24 -2.26 21.04
C HIS B 2 1.19 -3.41 21.34
N GLU B 3 0.72 -4.36 22.15
CA GLU B 3 1.52 -5.52 22.52
C GLU B 3 1.53 -6.56 21.39
N VAL B 4 1.95 -7.78 21.71
CA VAL B 4 2.01 -8.86 20.71
C VAL B 4 0.64 -9.12 20.07
N VAL B 5 0.61 -9.10 18.74
CA VAL B 5 -0.64 -9.32 18.00
C VAL B 5 -0.97 -10.81 17.95
N LYS B 6 -2.26 -11.11 17.71
CA LYS B 6 -2.72 -12.49 17.65
C LYS B 6 -2.36 -13.13 16.31
N PHE B 7 -1.87 -14.38 16.35
CA PHE B 7 -1.48 -15.12 15.16
C PHE B 7 -2.62 -15.18 14.13
N MET B 8 -3.78 -15.69 14.55
CA MET B 8 -4.94 -15.81 13.67
C MET B 8 -5.36 -14.45 13.06
N ASP B 9 -4.97 -13.35 13.71
CA ASP B 9 -5.32 -12.02 13.23
C ASP B 9 -4.34 -11.54 12.16
N VAL B 10 -3.07 -11.90 12.32
CA VAL B 10 -2.04 -11.50 11.37
C VAL B 10 -2.28 -12.13 9.99
N TYR B 11 -2.81 -13.35 10.00
CA TYR B 11 -3.09 -14.07 8.77
C TYR B 11 -4.38 -13.59 8.11
N GLN B 12 -5.44 -13.46 8.91
CA GLN B 12 -6.74 -13.02 8.41
C GLN B 12 -6.66 -11.62 7.79
N ARG B 13 -5.75 -10.80 8.28
CA ARG B 13 -5.61 -9.43 7.78
C ARG B 13 -4.51 -9.31 6.71
N SER B 14 -3.59 -10.27 6.66
CA SER B 14 -2.50 -10.23 5.69
C SER B 14 -2.83 -10.99 4.40
N TYR B 15 -3.77 -11.94 4.46
CA TYR B 15 -4.15 -12.73 3.28
C TYR B 15 -4.59 -11.83 2.11
N CYS B 16 -4.10 -12.16 0.89
CA CYS B 16 -4.40 -11.42 -0.35
C CYS B 16 -5.86 -10.93 -0.44
N HIS B 17 -6.04 -9.61 -0.31
CA HIS B 17 -7.37 -9.00 -0.38
C HIS B 17 -7.25 -7.53 -0.79
N PRO B 18 -8.37 -6.86 -1.18
CA PRO B 18 -8.34 -5.45 -1.59
C PRO B 18 -8.06 -4.51 -0.41
N ILE B 19 -7.04 -3.65 -0.57
CA ILE B 19 -6.67 -2.70 0.46
C ILE B 19 -6.39 -1.33 -0.15
N GLU B 20 -6.60 -0.27 0.64
CA GLU B 20 -6.40 1.10 0.17
C GLU B 20 -4.93 1.34 -0.18
N THR B 21 -4.67 1.70 -1.44
CA THR B 21 -3.30 1.96 -1.89
C THR B 21 -3.26 3.16 -2.83
N LEU B 22 -2.28 4.03 -2.62
CA LEU B 22 -2.10 5.22 -3.46
C LEU B 22 -1.23 4.89 -4.67
N VAL B 23 -1.72 5.24 -5.86
CA VAL B 23 -0.98 4.98 -7.10
C VAL B 23 -0.49 6.27 -7.75
N ASP B 24 0.75 6.26 -8.23
CA ASP B 24 1.33 7.43 -8.88
C ASP B 24 0.79 7.56 -10.31
N ILE B 25 0.42 8.78 -10.70
CA ILE B 25 -0.11 9.02 -12.04
C ILE B 25 0.97 8.79 -13.08
N PHE B 26 2.18 9.25 -12.78
CA PHE B 26 3.32 9.09 -13.69
C PHE B 26 3.65 7.61 -13.92
N GLN B 27 3.26 6.75 -12.97
CA GLN B 27 3.52 5.31 -13.10
C GLN B 27 2.54 4.65 -14.06
N GLU B 28 1.33 5.21 -14.16
CA GLU B 28 0.32 4.68 -15.07
C GLU B 28 0.43 5.35 -16.44
N TYR B 29 0.63 6.66 -16.42
CA TYR B 29 0.77 7.43 -17.66
C TYR B 29 2.18 8.06 -17.73
N PRO B 30 3.21 7.30 -18.16
CA PRO B 30 4.58 7.83 -18.23
C PRO B 30 4.86 8.68 -19.48
N ASP B 31 3.86 8.89 -20.33
CA ASP B 31 4.03 9.69 -21.54
C ASP B 31 3.62 11.16 -21.31
N GLU B 32 2.70 11.39 -20.38
CA GLU B 32 2.24 12.74 -20.08
C GLU B 32 3.09 13.40 -19.01
N ILE B 33 4.08 14.20 -19.44
CA ILE B 33 4.98 14.90 -18.52
C ILE B 33 4.85 16.43 -18.68
N GLU B 34 4.65 16.89 -19.92
CA GLU B 34 4.52 18.33 -20.18
C GLU B 34 3.39 18.97 -19.37
N TYR B 35 2.42 18.17 -18.94
CA TYR B 35 1.29 18.68 -18.14
C TYR B 35 1.38 18.20 -16.69
N ILE B 36 1.98 19.03 -15.83
CA ILE B 36 2.14 18.68 -14.41
C ILE B 36 0.77 18.40 -13.76
N PHE B 37 0.65 17.20 -13.18
CA PHE B 37 -0.60 16.80 -12.53
C PHE B 37 -0.56 17.09 -11.04
N LYS B 38 -1.66 17.64 -10.52
CA LYS B 38 -1.77 17.97 -9.11
C LYS B 38 -3.15 17.53 -8.57
N PRO B 39 -3.22 16.55 -7.62
CA PRO B 39 -2.07 15.83 -7.04
C PRO B 39 -1.40 14.87 -8.02
N SER B 40 -0.12 14.59 -7.79
CA SER B 40 0.63 13.69 -8.65
C SER B 40 0.23 12.22 -8.46
N CYS B 41 -0.51 11.91 -7.40
CA CYS B 41 -0.94 10.53 -7.13
C CYS B 41 -2.43 10.49 -6.81
N VAL B 42 -3.02 9.31 -6.88
CA VAL B 42 -4.45 9.15 -6.60
C VAL B 42 -4.74 7.88 -5.80
N PRO B 43 -5.71 7.91 -4.84
CA PRO B 43 -6.04 6.73 -4.04
C PRO B 43 -6.88 5.72 -4.81
N LEU B 44 -6.42 4.48 -4.85
CA LEU B 44 -7.14 3.42 -5.56
C LEU B 44 -7.10 2.10 -4.77
N MET B 45 -8.18 1.34 -4.86
CA MET B 45 -8.28 0.06 -4.15
C MET B 45 -7.58 -1.04 -4.96
N ARG B 46 -6.43 -1.47 -4.47
CA ARG B 46 -5.65 -2.52 -5.13
C ARG B 46 -5.46 -3.72 -4.22
N CYS B 47 -4.88 -4.78 -4.75
CA CYS B 47 -4.63 -5.99 -3.97
C CYS B 47 -3.22 -5.97 -3.39
N GLY B 48 -3.11 -6.30 -2.10
CA GLY B 48 -1.83 -6.31 -1.43
C GLY B 48 -1.71 -7.39 -0.37
N GLY B 49 -0.49 -7.83 -0.09
CA GLY B 49 -0.26 -8.87 0.91
C GLY B 49 0.57 -10.02 0.37
N CYS B 50 0.13 -11.24 0.67
CA CYS B 50 0.83 -12.44 0.21
C CYS B 50 -0.13 -13.62 0.13
N CYS B 51 0.35 -14.73 -0.45
CA CYS B 51 -0.46 -15.93 -0.61
C CYS B 51 -0.14 -16.97 0.45
N ASN B 52 -0.82 -18.12 0.38
CA ASN B 52 -0.61 -19.20 1.33
C ASN B 52 0.72 -19.93 1.09
N ASP B 53 1.12 -20.01 -0.18
CA ASP B 53 2.36 -20.69 -0.54
C ASP B 53 3.26 -19.81 -1.38
N GLU B 54 4.52 -20.22 -1.52
CA GLU B 54 5.49 -19.47 -2.30
C GLU B 54 5.22 -19.56 -3.80
N GLY B 55 4.63 -20.67 -4.22
CA GLY B 55 4.34 -20.88 -5.64
C GLY B 55 3.06 -20.20 -6.12
N LEU B 56 2.43 -19.37 -5.28
CA LEU B 56 1.21 -18.66 -5.67
C LEU B 56 1.50 -17.19 -5.92
N GLU B 57 0.47 -16.43 -6.31
CA GLU B 57 0.62 -15.01 -6.57
C GLU B 57 -0.69 -14.27 -6.31
N CYS B 58 -0.58 -13.13 -5.62
CA CYS B 58 -1.74 -12.32 -5.29
C CYS B 58 -2.11 -11.42 -6.48
N VAL B 59 -3.20 -11.77 -7.16
CA VAL B 59 -3.65 -11.01 -8.33
C VAL B 59 -5.16 -10.74 -8.26
N PRO B 60 -5.68 -9.73 -9.00
CA PRO B 60 -7.11 -9.40 -8.99
C PRO B 60 -7.93 -10.28 -9.93
N THR B 61 -9.19 -10.53 -9.56
CA THR B 61 -10.08 -11.35 -10.37
C THR B 61 -11.10 -10.48 -11.11
N GLU B 62 -11.45 -9.34 -10.53
CA GLU B 62 -12.41 -8.42 -11.14
C GLU B 62 -11.89 -6.99 -11.04
N GLU B 63 -12.00 -6.23 -12.13
CA GLU B 63 -11.51 -4.85 -12.16
C GLU B 63 -12.64 -3.84 -12.37
N SER B 64 -12.27 -2.56 -12.39
CA SER B 64 -13.23 -1.48 -12.60
C SER B 64 -12.52 -0.14 -12.70
N ASN B 65 -13.07 0.78 -13.50
CA ASN B 65 -12.47 2.09 -13.69
C ASN B 65 -13.14 3.12 -12.78
N ILE B 66 -12.39 4.19 -12.46
CA ILE B 66 -12.91 5.24 -11.59
C ILE B 66 -12.45 6.62 -12.08
N THR B 67 -13.39 7.54 -12.22
CA THR B 67 -13.08 8.90 -12.69
C THR B 67 -12.70 9.80 -11.52
N MET B 68 -11.75 10.71 -11.75
CA MET B 68 -11.30 11.63 -10.72
C MET B 68 -10.99 13.00 -11.31
N GLN B 69 -10.82 14.00 -10.44
CA GLN B 69 -10.51 15.35 -10.88
C GLN B 69 -9.04 15.70 -10.61
N ILE B 70 -8.33 16.09 -11.66
CA ILE B 70 -6.91 16.44 -11.53
C ILE B 70 -6.64 17.81 -12.14
N MET B 71 -5.75 18.58 -11.51
CA MET B 71 -5.41 19.91 -11.99
C MET B 71 -4.18 19.86 -12.90
N ARG B 72 -4.39 20.08 -14.19
CA ARG B 72 -3.29 20.06 -15.16
C ARG B 72 -2.69 21.45 -15.33
N ILE B 73 -1.44 21.60 -14.90
CA ILE B 73 -0.73 22.88 -15.01
C ILE B 73 0.48 22.75 -15.93
N LYS B 74 0.63 23.68 -16.86
CA LYS B 74 1.76 23.67 -17.80
C LYS B 74 2.65 24.90 -17.62
N PRO B 75 3.99 24.76 -17.52
CA PRO B 75 4.89 25.91 -17.35
C PRO B 75 4.78 26.91 -18.50
N HIS B 76 4.84 28.20 -18.16
CA HIS B 76 4.76 29.30 -19.14
C HIS B 76 3.32 29.53 -19.67
N GLN B 77 2.35 28.73 -19.23
CA GLN B 77 0.97 28.88 -19.69
C GLN B 77 0.01 29.09 -18.48
N GLY B 78 -0.97 28.19 -18.23
CA GLY B 78 -1.87 28.38 -17.09
C GLY B 78 -2.35 27.06 -16.50
N GLN B 79 -3.36 27.12 -15.64
CA GLN B 79 -3.91 25.93 -15.01
C GLN B 79 -5.19 25.48 -15.70
N HIS B 80 -5.60 24.25 -15.45
CA HIS B 80 -6.82 23.71 -16.05
C HIS B 80 -7.20 22.38 -15.42
N ILE B 81 -8.45 22.27 -14.96
CA ILE B 81 -8.94 21.05 -14.34
C ILE B 81 -9.40 20.05 -15.40
N GLY B 82 -9.09 18.77 -15.17
CA GLY B 82 -9.47 17.73 -16.12
C GLY B 82 -9.88 16.44 -15.43
N GLU B 83 -10.63 15.60 -16.16
CA GLU B 83 -11.08 14.33 -15.62
C GLU B 83 -10.15 13.20 -16.05
N MET B 84 -9.78 12.35 -15.11
CA MET B 84 -8.89 11.22 -15.40
C MET B 84 -9.44 9.93 -14.80
N SER B 85 -9.52 8.90 -15.63
CA SER B 85 -10.02 7.60 -15.18
C SER B 85 -8.87 6.68 -14.82
N PHE B 86 -9.06 5.86 -13.80
CA PHE B 86 -8.04 4.93 -13.35
C PHE B 86 -8.64 3.56 -13.08
N LEU B 87 -7.84 2.51 -13.27
CA LEU B 87 -8.30 1.14 -13.05
C LEU B 87 -8.00 0.69 -11.63
N GLN B 88 -8.99 0.07 -10.99
CA GLN B 88 -8.84 -0.42 -9.62
C GLN B 88 -9.16 -1.91 -9.55
N HIS B 89 -8.88 -2.52 -8.39
CA HIS B 89 -9.13 -3.94 -8.19
C HIS B 89 -10.32 -4.17 -7.26
N ASN B 90 -11.31 -4.92 -7.74
CA ASN B 90 -12.51 -5.21 -6.97
C ASN B 90 -12.33 -6.45 -6.10
N LYS B 91 -11.89 -7.54 -6.73
CA LYS B 91 -11.68 -8.81 -6.02
C LYS B 91 -10.24 -9.31 -6.22
N CYS B 92 -9.73 -10.04 -5.22
CA CYS B 92 -8.37 -10.57 -5.27
C CYS B 92 -8.38 -12.08 -5.01
N GLU B 93 -7.41 -12.78 -5.59
CA GLU B 93 -7.31 -14.23 -5.42
C GLU B 93 -5.90 -14.72 -5.72
N CYS B 94 -5.54 -15.87 -5.15
CA CYS B 94 -4.21 -16.45 -5.36
C CYS B 94 -4.24 -17.57 -6.41
N ARG B 95 -3.19 -17.63 -7.22
CA ARG B 95 -3.08 -18.67 -8.27
C ARG B 95 -1.61 -19.07 -8.48
N PRO B 96 -1.34 -20.28 -9.01
CA PRO B 96 0.04 -20.74 -9.24
C PRO B 96 0.82 -19.82 -10.18
N LYS B 97 2.06 -19.52 -9.80
CA LYS B 97 2.92 -18.65 -10.60
C LYS B 97 3.40 -19.37 -11.85
N LYS B 98 4.17 -18.67 -12.68
CA LYS B 98 4.69 -19.24 -13.91
C LYS B 98 6.12 -18.75 -14.16
N ASP B 99 6.27 -17.44 -14.36
CA ASP B 99 7.58 -16.86 -14.61
C ASP B 99 7.70 -15.51 -13.91
N GLY C 1 -19.71 -32.81 2.98
CA GLY C 1 -18.76 -32.75 1.82
C GLY C 1 -17.39 -33.30 2.17
N GLY C 2 -16.73 -32.68 3.14
CA GLY C 2 -15.41 -33.13 3.54
C GLY C 2 -14.53 -31.97 4.01
N ASN C 3 -13.54 -32.29 4.83
CA ASN C 3 -12.63 -31.28 5.35
C ASN C 3 -11.42 -31.12 4.42
N GLU C 4 -11.69 -30.64 3.20
CA GLU C 4 -10.64 -30.44 2.21
C GLU C 4 -10.03 -29.04 2.35
N CYS C 5 -8.72 -28.98 2.44
CA CYS C 5 -8.01 -27.71 2.59
C CYS C 5 -7.54 -27.16 1.25
N ASP C 6 -8.09 -26.02 0.85
CA ASP C 6 -7.72 -25.39 -0.41
C ASP C 6 -6.47 -24.52 -0.22
N ILE C 7 -5.48 -24.72 -1.08
CA ILE C 7 -4.22 -23.97 -0.98
C ILE C 7 -4.45 -22.47 -1.14
N ALA C 8 -5.34 -22.08 -2.04
CA ALA C 8 -5.65 -20.67 -2.28
C ALA C 8 -6.91 -20.23 -1.53
N ARG C 9 -7.11 -20.81 -0.34
CA ARG C 9 -8.28 -20.47 0.48
C ARG C 9 -7.89 -20.32 1.95
N MET C 10 -8.77 -19.69 2.74
CA MET C 10 -8.51 -19.47 4.17
C MET C 10 -8.19 -20.76 4.91
N TRP C 11 -6.90 -21.03 5.08
CA TRP C 11 -6.45 -22.24 5.78
C TRP C 11 -6.76 -22.16 7.28
N GLU C 12 -7.94 -22.63 7.67
CA GLU C 12 -8.35 -22.62 9.08
C GLU C 12 -7.35 -23.37 9.97
N TRP C 13 -7.70 -23.58 11.24
CA TRP C 13 -6.81 -24.28 12.18
C TRP C 13 -6.39 -25.67 11.67
N GLU C 14 -7.37 -26.51 11.33
CA GLU C 14 -7.08 -27.87 10.84
C GLU C 14 -6.06 -27.88 9.70
N CYS C 15 -6.18 -26.93 8.78
CA CYS C 15 -5.27 -26.82 7.64
C CYS C 15 -3.87 -26.44 8.12
N PHE C 16 -3.81 -25.61 9.17
CA PHE C 16 -2.54 -25.17 9.72
C PHE C 16 -1.78 -26.37 10.32
N GLU C 17 -2.53 -27.26 10.95
CA GLU C 17 -1.94 -28.46 11.56
C GLU C 17 -1.45 -29.42 10.49
N ARG C 18 -2.06 -29.38 9.30
CA ARG C 18 -1.68 -30.26 8.20
C ARG C 18 -0.63 -29.64 7.28
N LEU C 19 0.12 -28.66 7.79
CA LEU C 19 1.16 -28.01 7.00
C LEU C 19 2.39 -28.90 6.88
N GLY D 1 -0.50 36.71 11.22
CA GLY D 1 0.84 36.20 10.83
C GLY D 1 1.14 36.41 9.36
N GLY D 2 0.32 35.82 8.49
CA GLY D 2 0.51 35.95 7.06
C GLY D 2 0.06 34.73 6.29
N ASN D 3 -0.29 34.92 5.02
CA ASN D 3 -0.75 33.82 4.18
C ASN D 3 0.43 33.17 3.44
N GLU D 4 1.33 32.54 4.20
CA GLU D 4 2.49 31.88 3.62
C GLU D 4 2.14 30.45 3.22
N CYS D 5 2.53 30.06 2.01
CA CYS D 5 2.24 28.73 1.50
C CYS D 5 3.45 27.80 1.66
N ASP D 6 3.38 26.90 2.64
CA ASP D 6 4.46 25.95 2.88
C ASP D 6 4.43 24.86 1.82
N ILE D 7 5.58 24.62 1.19
CA ILE D 7 5.68 23.61 0.13
C ILE D 7 5.37 22.21 0.66
N ALA D 8 5.79 21.92 1.88
CA ALA D 8 5.55 20.61 2.49
C ALA D 8 4.35 20.67 3.44
N ARG D 9 3.35 21.48 3.10
CA ARG D 9 2.15 21.62 3.93
C ARG D 9 0.90 21.67 3.06
N MET D 10 -0.26 21.39 3.67
CA MET D 10 -1.54 21.38 2.97
C MET D 10 -1.78 22.67 2.18
N TRP D 11 -1.46 22.63 0.89
CA TRP D 11 -1.64 23.78 0.00
C TRP D 11 -3.13 24.07 -0.25
N GLU D 12 -3.73 24.90 0.60
CA GLU D 12 -5.15 25.27 0.47
C GLU D 12 -5.44 25.88 -0.91
N TRP D 13 -6.65 26.41 -1.10
CA TRP D 13 -7.05 27.01 -2.37
C TRP D 13 -6.09 28.13 -2.82
N GLU D 14 -5.80 29.09 -1.94
CA GLU D 14 -4.91 30.21 -2.26
C GLU D 14 -3.56 29.73 -2.81
N CYS D 15 -3.03 28.67 -2.21
CA CYS D 15 -1.74 28.12 -2.64
C CYS D 15 -1.88 27.48 -4.02
N PHE D 16 -3.05 26.88 -4.27
CA PHE D 16 -3.31 26.24 -5.55
C PHE D 16 -3.30 27.26 -6.68
N GLU D 17 -3.76 28.47 -6.37
CA GLU D 17 -3.80 29.54 -7.36
C GLU D 17 -2.41 30.15 -7.58
N ARG D 18 -1.54 30.04 -6.58
CA ARG D 18 -0.19 30.59 -6.68
C ARG D 18 0.83 29.56 -7.19
N LEU D 19 0.35 28.54 -7.90
CA LEU D 19 1.24 27.50 -8.43
C LEU D 19 1.96 28.01 -9.68
N HIS A 1 -20.50 11.44 -7.74
CA HIS A 1 -21.76 10.65 -7.76
C HIS A 1 -21.57 9.33 -8.53
N HIS A 2 -20.70 8.47 -7.98
CA HIS A 2 -20.39 7.17 -8.58
C HIS A 2 -19.70 7.26 -9.94
N GLU A 3 -19.27 8.47 -10.35
CA GLU A 3 -18.62 8.63 -11.66
C GLU A 3 -17.48 9.69 -11.68
N VAL A 4 -17.14 10.27 -10.51
CA VAL A 4 -16.05 11.26 -10.38
C VAL A 4 -15.72 11.47 -8.90
N VAL A 5 -14.44 11.61 -8.58
CA VAL A 5 -14.03 11.84 -7.19
C VAL A 5 -13.75 13.33 -6.99
N LYS A 6 -14.21 13.87 -5.87
CA LYS A 6 -14.02 15.29 -5.56
C LYS A 6 -12.53 15.64 -5.47
N PHE A 7 -12.16 16.79 -6.05
CA PHE A 7 -10.77 17.26 -6.05
C PHE A 7 -10.18 17.33 -4.63
N MET A 8 -10.82 18.13 -3.78
CA MET A 8 -10.36 18.31 -2.39
C MET A 8 -10.20 16.97 -1.64
N ASP A 9 -10.93 15.95 -2.07
CA ASP A 9 -10.86 14.64 -1.41
C ASP A 9 -9.67 13.82 -1.91
N VAL A 10 -9.33 13.97 -3.19
CA VAL A 10 -8.21 13.24 -3.77
C VAL A 10 -6.89 13.69 -3.17
N TYR A 11 -6.78 14.99 -2.90
CA TYR A 11 -5.57 15.55 -2.33
C TYR A 11 -5.44 15.22 -0.85
N GLN A 12 -6.55 15.33 -0.12
CA GLN A 12 -6.57 15.04 1.31
C GLN A 12 -6.22 13.57 1.59
N ARG A 13 -6.71 12.67 0.76
CA ARG A 13 -6.46 11.23 0.94
C ARG A 13 -5.18 10.75 0.24
N SER A 14 -4.58 11.57 -0.62
CA SER A 14 -3.37 11.18 -1.35
C SER A 14 -2.09 11.76 -0.73
N TYR A 15 -2.21 12.91 -0.08
CA TYR A 15 -1.07 13.57 0.55
C TYR A 15 -0.32 12.64 1.53
N CYS A 16 1.02 12.65 1.44
CA CYS A 16 1.91 11.82 2.28
C CYS A 16 1.45 11.74 3.75
N HIS A 17 0.85 10.61 4.12
CA HIS A 17 0.36 10.37 5.48
C HIS A 17 0.47 8.89 5.85
N PRO A 18 0.34 8.52 7.14
CA PRO A 18 0.43 7.12 7.57
C PRO A 18 -0.79 6.30 7.12
N ILE A 19 -0.53 5.22 6.39
CA ILE A 19 -1.60 4.36 5.90
C ILE A 19 -1.25 2.88 6.11
N GLU A 20 -2.28 2.07 6.35
CA GLU A 20 -2.09 0.64 6.59
C GLU A 20 -1.56 -0.04 5.33
N THR A 21 -0.32 -0.52 5.39
CA THR A 21 0.32 -1.18 4.25
C THR A 21 0.93 -2.52 4.67
N LEU A 22 0.77 -3.52 3.80
CA LEU A 22 1.31 -4.85 4.06
C LEU A 22 2.76 -4.94 3.60
N VAL A 23 3.64 -5.46 4.47
CA VAL A 23 5.06 -5.59 4.16
C VAL A 23 5.51 -7.05 4.18
N ASP A 24 6.34 -7.43 3.22
CA ASP A 24 6.86 -8.79 3.14
C ASP A 24 7.89 -9.03 4.25
N ILE A 25 7.81 -10.19 4.89
CA ILE A 25 8.73 -10.53 5.96
C ILE A 25 10.15 -10.72 5.41
N PHE A 26 10.24 -11.30 4.22
CA PHE A 26 11.52 -11.54 3.58
C PHE A 26 12.27 -10.22 3.32
N GLN A 27 11.52 -9.11 3.20
CA GLN A 27 12.13 -7.81 2.95
C GLN A 27 12.73 -7.22 4.22
N GLU A 28 12.18 -7.59 5.38
CA GLU A 28 12.68 -7.11 6.67
C GLU A 28 13.74 -8.07 7.20
N TYR A 29 13.46 -9.36 7.08
CA TYR A 29 14.39 -10.40 7.54
C TYR A 29 15.00 -11.12 6.32
N PRO A 30 15.86 -10.45 5.52
CA PRO A 30 16.48 -11.06 4.33
C PRO A 30 17.46 -12.19 4.65
N ASP A 31 17.92 -12.26 5.89
CA ASP A 31 18.88 -13.29 6.29
C ASP A 31 18.20 -14.63 6.64
N GLU A 32 16.88 -14.60 6.88
CA GLU A 32 16.15 -15.83 7.23
C GLU A 32 15.35 -16.35 6.03
N ILE A 33 15.90 -17.34 5.34
CA ILE A 33 15.23 -17.94 4.18
C ILE A 33 14.90 -19.41 4.43
N GLU A 34 15.83 -20.13 5.05
CA GLU A 34 15.65 -21.55 5.34
C GLU A 34 14.44 -21.80 6.26
N TYR A 35 13.96 -20.76 6.95
CA TYR A 35 12.81 -20.90 7.84
C TYR A 35 11.58 -20.25 7.24
N ILE A 36 10.72 -21.06 6.61
CA ILE A 36 9.50 -20.55 5.98
C ILE A 36 8.58 -19.91 7.02
N PHE A 37 8.28 -18.63 6.82
CA PHE A 37 7.41 -17.89 7.74
C PHE A 37 5.96 -17.91 7.25
N LYS A 38 5.02 -18.05 8.18
CA LYS A 38 3.60 -18.08 7.86
C LYS A 38 2.80 -17.18 8.82
N PRO A 39 2.12 -16.09 8.33
CA PRO A 39 2.06 -15.70 6.91
C PRO A 39 3.38 -15.11 6.41
N SER A 40 3.51 -15.02 5.09
CA SER A 40 4.73 -14.48 4.49
C SER A 40 4.79 -12.94 4.55
N CYS A 41 3.69 -12.29 4.91
CA CYS A 41 3.65 -10.83 5.00
C CYS A 41 2.92 -10.38 6.27
N VAL A 42 3.14 -9.12 6.67
CA VAL A 42 2.50 -8.60 7.87
C VAL A 42 1.99 -7.16 7.66
N PRO A 43 0.81 -6.80 8.25
CA PRO A 43 0.26 -5.44 8.09
C PRO A 43 0.94 -4.43 9.02
N LEU A 44 1.52 -3.39 8.43
CA LEU A 44 2.20 -2.35 9.18
C LEU A 44 1.79 -0.96 8.69
N MET A 45 1.75 0.00 9.61
CA MET A 45 1.37 1.36 9.27
C MET A 45 2.56 2.13 8.72
N ARG A 46 2.62 2.26 7.38
CA ARG A 46 3.71 2.97 6.72
C ARG A 46 3.19 4.18 5.95
N CYS A 47 4.10 5.06 5.55
CA CYS A 47 3.74 6.26 4.80
C CYS A 47 3.62 5.95 3.31
N GLY A 48 2.52 6.39 2.71
CA GLY A 48 2.29 6.15 1.29
C GLY A 48 1.61 7.32 0.60
N GLY A 49 1.81 7.43 -0.70
CA GLY A 49 1.20 8.52 -1.46
C GLY A 49 2.22 9.32 -2.24
N CYS A 50 2.14 10.65 -2.15
CA CYS A 50 3.06 11.53 -2.85
C CYS A 50 3.14 12.90 -2.17
N CYS A 51 4.09 13.73 -2.62
CA CYS A 51 4.27 15.06 -2.04
C CYS A 51 3.65 16.15 -2.93
N ASN A 52 3.79 17.41 -2.50
CA ASN A 52 3.24 18.54 -3.24
C ASN A 52 4.09 18.90 -4.47
N ASP A 53 5.40 18.66 -4.37
CA ASP A 53 6.31 18.99 -5.46
C ASP A 53 7.13 17.77 -5.89
N GLU A 54 7.64 17.81 -7.11
CA GLU A 54 8.44 16.70 -7.65
C GLU A 54 9.78 16.61 -6.94
N GLY A 55 10.31 17.74 -6.49
CA GLY A 55 11.59 17.77 -5.80
C GLY A 55 11.53 17.35 -4.33
N LEU A 56 10.36 16.90 -3.86
CA LEU A 56 10.22 16.47 -2.46
C LEU A 56 10.19 14.95 -2.37
N GLU A 57 10.04 14.42 -1.16
CA GLU A 57 9.99 12.98 -0.95
C GLU A 57 9.19 12.63 0.29
N CYS A 58 8.32 11.63 0.18
CA CYS A 58 7.49 11.20 1.30
C CYS A 58 8.27 10.23 2.20
N VAL A 59 8.71 10.73 3.36
CA VAL A 59 9.48 9.93 4.31
C VAL A 59 8.92 10.07 5.73
N PRO A 60 9.23 9.14 6.66
CA PRO A 60 8.73 9.20 8.03
C PRO A 60 9.61 10.04 8.96
N THR A 61 8.99 10.62 9.99
CA THR A 61 9.73 11.45 10.96
C THR A 61 9.90 10.72 12.28
N GLU A 62 8.97 9.83 12.62
CA GLU A 62 9.03 9.08 13.86
C GLU A 62 8.71 7.61 13.58
N GLU A 63 9.56 6.70 14.08
CA GLU A 63 9.38 5.27 13.85
C GLU A 63 8.99 4.52 15.14
N SER A 64 8.82 3.21 15.01
CA SER A 64 8.45 2.36 16.15
C SER A 64 8.48 0.89 15.77
N ASN A 65 8.59 0.03 16.77
CA ASN A 65 8.62 -1.41 16.55
C ASN A 65 7.34 -2.07 17.04
N ILE A 66 6.96 -3.18 16.39
CA ILE A 66 5.74 -3.90 16.76
C ILE A 66 5.94 -5.41 16.64
N THR A 67 5.73 -6.13 17.74
CA THR A 67 5.89 -7.57 17.77
C THR A 67 4.68 -8.28 17.16
N MET A 68 4.92 -9.39 16.47
CA MET A 68 3.85 -10.15 15.83
C MET A 68 4.10 -11.65 15.96
N GLN A 69 3.03 -12.44 15.87
CA GLN A 69 3.13 -13.89 15.97
C GLN A 69 3.23 -14.51 14.57
N ILE A 70 4.33 -15.22 14.33
CA ILE A 70 4.56 -15.86 13.03
C ILE A 70 4.88 -17.34 13.19
N MET A 71 4.45 -18.15 12.24
CA MET A 71 4.70 -19.59 12.27
C MET A 71 5.99 -19.94 11.53
N ARG A 72 6.97 -20.45 12.28
CA ARG A 72 8.26 -20.82 11.70
C ARG A 72 8.30 -22.31 11.35
N ILE A 73 8.32 -22.63 10.05
CA ILE A 73 8.36 -24.01 9.59
C ILE A 73 9.72 -24.33 8.94
N LYS A 74 10.09 -25.61 8.94
CA LYS A 74 11.35 -26.04 8.35
C LYS A 74 11.17 -27.32 7.52
N PRO A 75 11.81 -27.43 6.32
CA PRO A 75 11.66 -28.62 5.47
C PRO A 75 12.10 -29.90 6.17
N HIS A 76 11.24 -30.92 6.09
CA HIS A 76 11.51 -32.23 6.70
C HIS A 76 11.63 -32.17 8.24
N GLN A 77 11.23 -31.04 8.85
CA GLN A 77 11.31 -30.90 10.32
C GLN A 77 9.88 -30.67 10.90
N GLY A 78 9.61 -29.54 11.60
CA GLY A 78 8.28 -29.32 12.15
C GLY A 78 7.82 -27.89 12.01
N GLN A 79 7.14 -27.37 13.04
CA GLN A 79 6.65 -25.99 13.01
C GLN A 79 6.46 -25.48 14.44
N HIS A 80 6.54 -24.16 14.61
CA HIS A 80 6.38 -23.54 15.92
C HIS A 80 6.11 -22.04 15.79
N ILE A 81 5.40 -21.49 16.78
CA ILE A 81 5.08 -20.07 16.78
C ILE A 81 6.20 -19.24 17.41
N GLY A 82 6.59 -18.17 16.74
CA GLY A 82 7.65 -17.30 17.24
C GLY A 82 7.26 -15.84 17.24
N GLU A 83 8.01 -15.03 17.98
CA GLU A 83 7.75 -13.59 18.06
C GLU A 83 8.70 -12.82 17.13
N MET A 84 8.14 -11.93 16.32
CA MET A 84 8.93 -11.13 15.39
C MET A 84 8.58 -9.66 15.48
N SER A 85 9.60 -8.83 15.64
CA SER A 85 9.39 -7.38 15.73
C SER A 85 9.59 -6.71 14.37
N PHE A 86 8.68 -5.80 14.04
CA PHE A 86 8.75 -5.08 12.76
C PHE A 86 8.71 -3.58 13.00
N LEU A 87 9.38 -2.82 12.15
CA LEU A 87 9.41 -1.36 12.25
C LEU A 87 8.33 -0.74 11.39
N GLN A 88 7.57 0.21 11.97
CA GLN A 88 6.51 0.90 11.24
C GLN A 88 6.69 2.41 11.37
N HIS A 89 6.03 3.18 10.51
CA HIS A 89 6.13 4.63 10.53
C HIS A 89 4.97 5.25 11.32
N ASN A 90 5.32 6.05 12.32
CA ASN A 90 4.32 6.72 13.16
C ASN A 90 3.86 8.03 12.51
N LYS A 91 4.81 8.89 12.20
CA LYS A 91 4.50 10.18 11.57
C LYS A 91 5.17 10.28 10.20
N CYS A 92 4.57 11.07 9.30
CA CYS A 92 5.10 11.25 7.95
C CYS A 92 5.30 12.73 7.61
N GLU A 93 6.02 13.00 6.53
CA GLU A 93 6.27 14.38 6.11
C GLU A 93 6.89 14.43 4.71
N CYS A 94 7.06 15.65 4.19
CA CYS A 94 7.65 15.86 2.87
C CYS A 94 8.85 16.81 2.94
N ARG A 95 9.98 16.39 2.36
CA ARG A 95 11.19 17.21 2.35
C ARG A 95 11.93 17.07 1.02
N PRO A 96 12.78 18.05 0.64
CA PRO A 96 13.52 18.01 -0.64
C PRO A 96 14.42 16.77 -0.76
N LYS A 97 14.46 16.20 -1.97
CA LYS A 97 15.27 15.01 -2.23
C LYS A 97 16.75 15.29 -2.00
N LYS A 98 17.54 14.23 -1.89
CA LYS A 98 18.97 14.34 -1.66
C LYS A 98 19.74 14.21 -2.98
N ASP A 99 19.44 15.12 -3.93
CA ASP A 99 20.09 15.11 -5.23
C ASP A 99 20.64 16.49 -5.56
N HIS B 1 -1.60 -7.33 23.60
CA HIS B 1 -1.86 -6.24 24.58
C HIS B 1 -0.80 -5.15 24.46
N HIS B 2 -0.93 -4.32 23.42
CA HIS B 2 0.01 -3.23 23.19
C HIS B 2 1.45 -3.71 23.02
N GLU B 3 1.60 -4.97 22.62
CA GLU B 3 2.94 -5.53 22.41
C GLU B 3 2.92 -6.54 21.25
N VAL B 4 2.46 -7.76 21.49
CA VAL B 4 2.39 -8.79 20.44
C VAL B 4 1.00 -8.82 19.80
N VAL B 5 0.96 -9.10 18.50
CA VAL B 5 -0.31 -9.17 17.77
C VAL B 5 -0.81 -10.61 17.71
N LYS B 6 -2.12 -10.77 17.62
CA LYS B 6 -2.73 -12.10 17.57
C LYS B 6 -2.44 -12.79 16.23
N PHE B 7 -2.11 -14.08 16.30
CA PHE B 7 -1.78 -14.87 15.11
C PHE B 7 -2.93 -14.86 14.09
N MET B 8 -4.11 -15.30 14.53
CA MET B 8 -5.28 -15.37 13.66
C MET B 8 -5.62 -14.02 13.02
N ASP B 9 -5.22 -12.93 13.66
CA ASP B 9 -5.49 -11.58 13.14
C ASP B 9 -4.48 -11.17 12.06
N VAL B 10 -3.24 -11.61 12.22
CA VAL B 10 -2.19 -11.28 11.25
C VAL B 10 -2.47 -11.92 9.90
N TYR B 11 -3.01 -13.14 9.93
CA TYR B 11 -3.32 -13.87 8.71
C TYR B 11 -4.58 -13.34 8.04
N GLN B 12 -5.59 -13.03 8.84
CA GLN B 12 -6.85 -12.51 8.32
C GLN B 12 -6.67 -11.14 7.63
N ARG B 13 -5.80 -10.31 8.20
CA ARG B 13 -5.56 -8.97 7.65
C ARG B 13 -4.44 -8.94 6.61
N SER B 14 -3.64 -10.01 6.52
CA SER B 14 -2.52 -10.05 5.56
C SER B 14 -2.87 -10.82 4.28
N TYR B 15 -3.81 -11.77 4.38
CA TYR B 15 -4.21 -12.58 3.22
C TYR B 15 -4.66 -11.71 2.03
N CYS B 16 -4.19 -12.07 0.82
CA CYS B 16 -4.51 -11.36 -0.43
C CYS B 16 -5.97 -10.90 -0.52
N HIS B 17 -6.19 -9.60 -0.30
CA HIS B 17 -7.53 -9.01 -0.35
C HIS B 17 -7.46 -7.56 -0.85
N PRO B 18 -8.60 -6.93 -1.23
CA PRO B 18 -8.61 -5.55 -1.72
C PRO B 18 -8.38 -4.55 -0.60
N ILE B 19 -7.34 -3.72 -0.75
CA ILE B 19 -6.99 -2.72 0.24
C ILE B 19 -6.72 -1.36 -0.42
N GLU B 20 -7.07 -0.28 0.28
CA GLU B 20 -6.87 1.06 -0.24
C GLU B 20 -5.39 1.36 -0.42
N THR B 21 -4.96 1.52 -1.68
CA THR B 21 -3.56 1.79 -1.99
C THR B 21 -3.43 2.99 -2.92
N LEU B 22 -2.43 3.83 -2.67
CA LEU B 22 -2.18 5.01 -3.49
C LEU B 22 -1.31 4.69 -4.69
N VAL B 23 -1.75 5.07 -5.89
CA VAL B 23 -0.99 4.82 -7.11
C VAL B 23 -0.51 6.11 -7.75
N ASP B 24 0.72 6.08 -8.27
CA ASP B 24 1.29 7.25 -8.94
C ASP B 24 0.64 7.43 -10.31
N ILE B 25 0.30 8.67 -10.66
CA ILE B 25 -0.34 8.95 -11.94
C ILE B 25 0.64 8.72 -13.10
N PHE B 26 1.91 9.02 -12.85
CA PHE B 26 2.94 8.82 -13.86
C PHE B 26 3.09 7.35 -14.24
N GLN B 27 2.71 6.44 -13.34
CA GLN B 27 2.80 5.01 -13.60
C GLN B 27 1.62 4.51 -14.44
N GLU B 28 0.47 5.20 -14.34
CA GLU B 28 -0.70 4.83 -15.12
C GLU B 28 -0.65 5.54 -16.47
N TYR B 29 -0.33 6.83 -16.42
CA TYR B 29 -0.21 7.66 -17.62
C TYR B 29 1.27 8.00 -17.88
N PRO B 30 2.10 7.03 -18.32
CA PRO B 30 3.54 7.27 -18.55
C PRO B 30 3.82 8.16 -19.77
N ASP B 31 2.82 8.35 -20.63
CA ASP B 31 3.00 9.18 -21.84
C ASP B 31 2.82 10.68 -21.57
N GLU B 32 2.17 11.02 -20.45
CA GLU B 32 1.93 12.43 -20.11
C GLU B 32 2.93 12.91 -19.06
N ILE B 33 3.97 13.61 -19.50
CA ILE B 33 4.99 14.13 -18.60
C ILE B 33 5.04 15.66 -18.64
N GLU B 34 4.90 16.22 -19.84
CA GLU B 34 4.93 17.67 -20.01
C GLU B 34 3.80 18.39 -19.26
N TYR B 35 2.76 17.65 -18.87
CA TYR B 35 1.63 18.24 -18.15
C TYR B 35 1.65 17.85 -16.68
N ILE B 36 2.17 18.74 -15.83
CA ILE B 36 2.26 18.48 -14.39
C ILE B 36 0.87 18.20 -13.79
N PHE B 37 0.71 17.02 -13.21
CA PHE B 37 -0.56 16.63 -12.59
C PHE B 37 -0.54 16.89 -11.08
N LYS B 38 -1.65 17.42 -10.57
CA LYS B 38 -1.76 17.72 -9.14
C LYS B 38 -3.11 17.21 -8.59
N PRO B 39 -3.12 16.25 -7.61
CA PRO B 39 -1.93 15.64 -7.00
C PRO B 39 -1.22 14.67 -7.94
N SER B 40 0.03 14.34 -7.61
CA SER B 40 0.83 13.43 -8.44
C SER B 40 0.41 11.96 -8.27
N CYS B 41 -0.43 11.66 -7.26
CA CYS B 41 -0.88 10.30 -7.02
C CYS B 41 -2.37 10.27 -6.69
N VAL B 42 -2.98 9.09 -6.78
CA VAL B 42 -4.42 8.95 -6.51
C VAL B 42 -4.72 7.67 -5.71
N PRO B 43 -5.68 7.72 -4.75
CA PRO B 43 -6.04 6.52 -3.97
C PRO B 43 -6.95 5.56 -4.73
N LEU B 44 -6.49 4.32 -4.88
CA LEU B 44 -7.25 3.30 -5.60
C LEU B 44 -7.26 2.00 -4.80
N MET B 45 -8.38 1.26 -4.87
CA MET B 45 -8.50 -0.01 -4.17
C MET B 45 -7.83 -1.12 -4.96
N ARG B 46 -6.62 -1.50 -4.53
CA ARG B 46 -5.86 -2.55 -5.20
C ARG B 46 -5.60 -3.73 -4.25
N CYS B 47 -5.15 -4.84 -4.80
CA CYS B 47 -4.86 -6.04 -4.01
C CYS B 47 -3.45 -5.98 -3.44
N GLY B 48 -3.34 -6.24 -2.14
CA GLY B 48 -2.04 -6.21 -1.48
C GLY B 48 -1.90 -7.28 -0.41
N GLY B 49 -0.66 -7.67 -0.12
CA GLY B 49 -0.40 -8.68 0.89
C GLY B 49 0.42 -9.84 0.36
N CYS B 50 -0.03 -11.06 0.63
CA CYS B 50 0.67 -12.26 0.18
C CYS B 50 -0.29 -13.46 0.09
N CYS B 51 0.19 -14.57 -0.46
CA CYS B 51 -0.62 -15.77 -0.62
C CYS B 51 -0.28 -16.82 0.44
N ASN B 52 -0.95 -17.97 0.37
CA ASN B 52 -0.74 -19.07 1.31
C ASN B 52 0.55 -19.84 1.03
N ASP B 53 0.92 -19.93 -0.25
CA ASP B 53 2.12 -20.66 -0.64
C ASP B 53 3.06 -19.78 -1.48
N GLU B 54 4.34 -20.14 -1.48
CA GLU B 54 5.36 -19.40 -2.22
C GLU B 54 5.12 -19.51 -3.73
N GLY B 55 4.56 -20.64 -4.15
CA GLY B 55 4.31 -20.86 -5.58
C GLY B 55 3.04 -20.19 -6.09
N LEU B 56 2.38 -19.39 -5.27
CA LEU B 56 1.15 -18.69 -5.69
C LEU B 56 1.44 -17.23 -5.97
N GLU B 57 0.41 -16.47 -6.33
CA GLU B 57 0.56 -15.04 -6.61
C GLU B 57 -0.74 -14.29 -6.36
N CYS B 58 -0.64 -13.16 -5.68
CA CYS B 58 -1.82 -12.34 -5.37
C CYS B 58 -2.16 -11.45 -6.56
N VAL B 59 -3.24 -11.80 -7.28
CA VAL B 59 -3.68 -11.06 -8.45
C VAL B 59 -5.19 -10.80 -8.41
N PRO B 60 -5.71 -9.80 -9.17
CA PRO B 60 -7.14 -9.50 -9.17
C PRO B 60 -7.95 -10.35 -10.16
N THR B 61 -9.22 -10.58 -9.84
CA THR B 61 -10.10 -11.38 -10.68
C THR B 61 -11.10 -10.50 -11.42
N GLU B 62 -11.45 -9.36 -10.82
CA GLU B 62 -12.40 -8.42 -11.44
C GLU B 62 -11.88 -6.99 -11.32
N GLU B 63 -11.86 -6.27 -12.43
CA GLU B 63 -11.36 -4.89 -12.44
C GLU B 63 -12.47 -3.87 -12.66
N SER B 64 -12.10 -2.59 -12.67
CA SER B 64 -13.05 -1.50 -12.88
C SER B 64 -12.33 -0.16 -13.03
N ASN B 65 -13.01 0.81 -13.63
CA ASN B 65 -12.45 2.14 -13.84
C ASN B 65 -13.12 3.17 -12.93
N ILE B 66 -12.37 4.21 -12.58
CA ILE B 66 -12.89 5.27 -11.71
C ILE B 66 -12.35 6.64 -12.12
N THR B 67 -13.25 7.58 -12.37
CA THR B 67 -12.87 8.93 -12.78
C THR B 67 -12.44 9.76 -11.57
N MET B 68 -11.56 10.73 -11.81
CA MET B 68 -11.05 11.60 -10.74
C MET B 68 -10.75 12.99 -11.28
N GLN B 69 -10.70 13.97 -10.38
CA GLN B 69 -10.40 15.35 -10.75
C GLN B 69 -8.94 15.67 -10.48
N ILE B 70 -8.20 16.02 -11.54
CA ILE B 70 -6.78 16.36 -11.41
C ILE B 70 -6.47 17.72 -12.02
N MET B 71 -5.52 18.43 -11.43
CA MET B 71 -5.13 19.75 -11.92
C MET B 71 -3.98 19.64 -12.93
N ARG B 72 -4.26 20.01 -14.17
CA ARG B 72 -3.27 19.94 -15.24
C ARG B 72 -2.57 21.29 -15.43
N ILE B 73 -1.29 21.37 -15.05
CA ILE B 73 -0.53 22.60 -15.19
C ILE B 73 0.55 22.46 -16.27
N LYS B 74 1.03 23.58 -16.80
CA LYS B 74 2.05 23.56 -17.85
C LYS B 74 3.11 24.65 -17.59
N PRO B 75 4.42 24.37 -17.82
CA PRO B 75 5.48 25.36 -17.59
C PRO B 75 5.30 26.61 -18.44
N HIS B 76 5.34 27.77 -17.79
CA HIS B 76 5.19 29.07 -18.46
C HIS B 76 3.81 29.22 -19.13
N GLN B 77 2.86 28.35 -18.79
CA GLN B 77 1.52 28.41 -19.38
C GLN B 77 0.45 28.66 -18.29
N GLY B 78 -0.60 27.80 -18.16
CA GLY B 78 -1.60 28.03 -17.12
C GLY B 78 -1.96 26.75 -16.37
N GLN B 79 -3.22 26.64 -15.95
CA GLN B 79 -3.69 25.47 -15.21
C GLN B 79 -5.18 25.25 -15.44
N HIS B 80 -5.64 24.01 -15.25
CA HIS B 80 -7.05 23.68 -15.45
C HIS B 80 -7.39 22.30 -14.89
N ILE B 81 -8.64 22.13 -14.47
CA ILE B 81 -9.08 20.84 -13.92
C ILE B 81 -9.54 19.90 -15.02
N GLY B 82 -9.08 18.65 -14.95
CA GLY B 82 -9.45 17.66 -15.95
C GLY B 82 -9.92 16.35 -15.33
N GLU B 83 -10.58 15.51 -16.14
CA GLU B 83 -11.08 14.23 -15.67
C GLU B 83 -10.15 13.10 -16.10
N MET B 84 -9.78 12.24 -15.15
CA MET B 84 -8.90 11.11 -15.44
C MET B 84 -9.46 9.82 -14.87
N SER B 85 -9.48 8.77 -15.70
CA SER B 85 -9.99 7.48 -15.28
C SER B 85 -8.84 6.55 -14.89
N PHE B 86 -9.01 5.84 -13.79
CA PHE B 86 -7.99 4.92 -13.30
C PHE B 86 -8.59 3.53 -13.07
N LEU B 87 -7.77 2.51 -13.27
CA LEU B 87 -8.22 1.13 -13.09
C LEU B 87 -7.90 0.65 -11.68
N GLN B 88 -8.88 0.05 -11.02
CA GLN B 88 -8.70 -0.47 -9.65
C GLN B 88 -9.20 -1.91 -9.58
N HIS B 89 -8.72 -2.66 -8.59
CA HIS B 89 -9.10 -4.06 -8.44
C HIS B 89 -10.32 -4.22 -7.53
N ASN B 90 -11.34 -4.90 -8.05
CA ASN B 90 -12.58 -5.14 -7.30
C ASN B 90 -12.45 -6.37 -6.41
N LYS B 91 -12.03 -7.49 -7.01
CA LYS B 91 -11.86 -8.74 -6.28
C LYS B 91 -10.43 -9.27 -6.41
N CYS B 92 -9.96 -10.00 -5.40
CA CYS B 92 -8.61 -10.55 -5.41
C CYS B 92 -8.63 -12.06 -5.18
N GLU B 93 -7.51 -12.72 -5.48
CA GLU B 93 -7.40 -14.17 -5.31
C GLU B 93 -5.95 -14.64 -5.43
N CYS B 94 -5.73 -15.94 -5.16
CA CYS B 94 -4.39 -16.53 -5.22
C CYS B 94 -4.34 -17.70 -6.22
N ARG B 95 -3.37 -17.68 -7.12
CA ARG B 95 -3.20 -18.75 -8.11
C ARG B 95 -1.71 -19.03 -8.36
N PRO B 96 -1.35 -20.24 -8.86
CA PRO B 96 0.06 -20.60 -9.11
C PRO B 96 0.74 -19.66 -10.12
N LYS B 97 2.00 -19.34 -9.84
CA LYS B 97 2.78 -18.46 -10.72
C LYS B 97 2.93 -19.04 -12.12
N LYS B 98 3.32 -18.20 -13.06
CA LYS B 98 3.50 -18.63 -14.44
C LYS B 98 4.97 -18.93 -14.74
N ASP B 99 5.54 -19.85 -13.97
CA ASP B 99 6.94 -20.25 -14.14
C ASP B 99 7.06 -21.75 -14.36
N GLY C 1 -11.29 -38.16 3.23
CA GLY C 1 -11.30 -36.76 2.70
C GLY C 1 -10.19 -35.91 3.29
N GLY C 2 -9.03 -35.94 2.66
CA GLY C 2 -7.90 -35.16 3.14
C GLY C 2 -7.76 -33.80 2.47
N ASN C 3 -8.41 -33.62 1.31
CA ASN C 3 -8.33 -32.35 0.59
C ASN C 3 -9.50 -31.43 0.96
N GLU C 4 -9.75 -31.29 2.26
CA GLU C 4 -10.84 -30.44 2.75
C GLU C 4 -10.41 -28.98 2.79
N CYS C 5 -9.12 -28.74 3.03
CA CYS C 5 -8.59 -27.38 3.09
C CYS C 5 -8.09 -26.93 1.72
N ASP C 6 -8.56 -25.77 1.27
CA ASP C 6 -8.15 -25.23 -0.02
C ASP C 6 -6.89 -24.39 0.13
N ILE C 7 -5.91 -24.58 -0.77
CA ILE C 7 -4.65 -23.85 -0.71
C ILE C 7 -4.86 -22.34 -0.86
N ALA C 8 -5.79 -21.95 -1.72
CA ALA C 8 -6.08 -20.53 -1.95
C ALA C 8 -7.29 -20.06 -1.14
N ARG C 9 -7.46 -20.62 0.05
CA ARG C 9 -8.57 -20.26 0.93
C ARG C 9 -8.12 -20.13 2.39
N MET C 10 -8.92 -19.45 3.20
CA MET C 10 -8.62 -19.23 4.63
C MET C 10 -8.20 -20.51 5.35
N TRP C 11 -6.89 -20.74 5.42
CA TRP C 11 -6.35 -21.93 6.10
C TRP C 11 -6.53 -21.82 7.61
N GLU C 12 -7.67 -22.29 8.11
CA GLU C 12 -7.97 -22.25 9.54
C GLU C 12 -6.94 -23.05 10.35
N TRP C 13 -7.17 -23.18 11.66
CA TRP C 13 -6.25 -23.91 12.55
C TRP C 13 -5.92 -25.32 12.03
N GLU C 14 -6.95 -26.12 11.76
CA GLU C 14 -6.75 -27.49 11.28
C GLU C 14 -5.92 -27.51 10.00
N CYS C 15 -6.16 -26.54 9.12
CA CYS C 15 -5.43 -26.45 7.86
C CYS C 15 -3.97 -26.09 8.13
N PHE C 16 -3.75 -25.26 9.16
CA PHE C 16 -2.40 -24.84 9.53
C PHE C 16 -1.56 -26.04 9.97
N GLU C 17 -2.22 -27.04 10.55
CA GLU C 17 -1.52 -28.24 11.01
C GLU C 17 -1.31 -29.24 9.86
N ARG C 18 -2.15 -29.16 8.83
CA ARG C 18 -2.06 -30.07 7.69
C ARG C 18 -0.98 -29.64 6.67
N LEU C 19 -0.18 -28.62 6.98
CA LEU C 19 0.86 -28.17 6.06
C LEU C 19 1.91 -29.25 5.84
N GLY D 1 3.70 39.56 2.66
CA GLY D 1 3.87 38.15 3.10
C GLY D 1 3.38 37.16 2.07
N GLY D 2 4.25 36.81 1.13
CA GLY D 2 3.88 35.86 0.08
C GLY D 2 4.21 34.42 0.42
N ASN D 3 5.08 34.20 1.41
CA ASN D 3 5.46 32.84 1.81
C ASN D 3 4.58 32.33 2.95
N GLU D 4 3.26 32.50 2.80
CA GLU D 4 2.31 32.04 3.81
C GLU D 4 2.01 30.55 3.67
N CYS D 5 2.05 30.06 2.44
CA CYS D 5 1.78 28.64 2.16
C CYS D 5 3.07 27.83 2.20
N ASP D 6 3.10 26.80 3.05
CA ASP D 6 4.27 25.94 3.17
C ASP D 6 4.24 24.86 2.09
N ILE D 7 5.36 24.64 1.42
CA ILE D 7 5.45 23.66 0.34
C ILE D 7 5.17 22.25 0.86
N ALA D 8 5.61 21.95 2.08
CA ALA D 8 5.40 20.62 2.67
C ALA D 8 4.21 20.61 3.64
N ARG D 9 3.19 21.41 3.33
CA ARG D 9 1.99 21.47 4.16
C ARG D 9 0.73 21.48 3.31
N MET D 10 -0.42 21.21 3.94
CA MET D 10 -1.71 21.16 3.25
C MET D 10 -1.97 22.41 2.42
N TRP D 11 -1.65 22.35 1.13
CA TRP D 11 -1.87 23.48 0.22
C TRP D 11 -3.35 23.70 -0.05
N GLU D 12 -3.98 24.53 0.79
CA GLU D 12 -5.41 24.84 0.65
C GLU D 12 -5.70 25.49 -0.71
N TRP D 13 -6.94 25.94 -0.92
CA TRP D 13 -7.34 26.57 -2.18
C TRP D 13 -6.41 27.72 -2.59
N GLU D 14 -6.23 28.70 -1.71
CA GLU D 14 -5.37 29.86 -2.00
C GLU D 14 -3.96 29.43 -2.41
N CYS D 15 -3.46 28.38 -1.75
CA CYS D 15 -2.12 27.88 -2.07
C CYS D 15 -2.11 27.23 -3.44
N PHE D 16 -3.22 26.59 -3.79
CA PHE D 16 -3.35 25.93 -5.10
C PHE D 16 -3.25 26.95 -6.23
N GLU D 17 -3.68 28.18 -5.96
CA GLU D 17 -3.63 29.24 -6.95
C GLU D 17 -2.25 29.91 -6.99
N ARG D 18 -1.52 29.84 -5.88
CA ARG D 18 -0.18 30.46 -5.79
C ARG D 18 0.93 29.58 -6.38
N LEU D 19 0.58 28.48 -7.06
CA LEU D 19 1.58 27.61 -7.66
C LEU D 19 2.35 28.33 -8.76
N HIS A 1 -22.43 4.35 -11.37
CA HIS A 1 -21.22 3.52 -11.08
C HIS A 1 -19.95 4.28 -11.40
N HIS A 2 -19.79 4.67 -12.66
CA HIS A 2 -18.60 5.40 -13.09
C HIS A 2 -18.79 6.90 -12.88
N GLU A 3 -18.37 7.39 -11.71
CA GLU A 3 -18.50 8.81 -11.38
C GLU A 3 -17.13 9.46 -11.22
N VAL A 4 -17.11 10.79 -11.24
CA VAL A 4 -15.87 11.54 -11.09
C VAL A 4 -15.67 11.98 -9.64
N VAL A 5 -14.47 11.74 -9.10
CA VAL A 5 -14.17 12.11 -7.72
C VAL A 5 -13.89 13.61 -7.62
N LYS A 6 -14.13 14.18 -6.44
CA LYS A 6 -13.91 15.60 -6.21
C LYS A 6 -12.41 15.91 -6.06
N PHE A 7 -11.97 16.99 -6.70
CA PHE A 7 -10.56 17.40 -6.67
C PHE A 7 -10.04 17.53 -5.23
N MET A 8 -10.72 18.31 -4.41
CA MET A 8 -10.32 18.54 -3.03
C MET A 8 -10.22 17.22 -2.24
N ASP A 9 -10.94 16.20 -2.68
CA ASP A 9 -10.92 14.89 -2.01
C ASP A 9 -9.71 14.08 -2.43
N VAL A 10 -9.31 14.21 -3.70
CA VAL A 10 -8.17 13.47 -4.24
C VAL A 10 -6.87 13.89 -3.54
N TYR A 11 -6.78 15.18 -3.21
CA TYR A 11 -5.59 15.72 -2.56
C TYR A 11 -5.58 15.41 -1.06
N GLN A 12 -6.75 15.49 -0.43
CA GLN A 12 -6.87 15.23 1.00
C GLN A 12 -6.60 13.78 1.34
N ARG A 13 -7.09 12.86 0.51
CA ARG A 13 -6.91 11.44 0.72
C ARG A 13 -5.57 10.91 0.21
N SER A 14 -4.97 11.62 -0.74
CA SER A 14 -3.70 11.19 -1.33
C SER A 14 -2.49 11.80 -0.63
N TYR A 15 -2.67 12.95 0.04
CA TYR A 15 -1.58 13.63 0.74
C TYR A 15 -0.82 12.69 1.69
N CYS A 16 0.51 12.71 1.59
CA CYS A 16 1.43 11.88 2.42
C CYS A 16 0.97 11.77 3.88
N HIS A 17 0.52 10.57 4.27
CA HIS A 17 0.06 10.30 5.63
C HIS A 17 0.14 8.80 5.94
N PRO A 18 -0.02 8.38 7.22
CA PRO A 18 0.05 6.96 7.59
C PRO A 18 -1.17 6.18 7.10
N ILE A 19 -0.91 5.07 6.40
CA ILE A 19 -1.98 4.23 5.87
C ILE A 19 -1.66 2.75 6.07
N GLU A 20 -2.69 1.92 6.23
CA GLU A 20 -2.50 0.49 6.42
C GLU A 20 -1.87 -0.15 5.18
N THR A 21 -0.67 -0.70 5.34
CA THR A 21 0.04 -1.31 4.23
C THR A 21 0.67 -2.64 4.64
N LEU A 22 0.54 -3.65 3.78
CA LEU A 22 1.10 -4.97 4.06
C LEU A 22 2.53 -5.06 3.54
N VAL A 23 3.46 -5.43 4.42
CA VAL A 23 4.87 -5.55 4.04
C VAL A 23 5.30 -7.02 4.03
N ASP A 24 6.14 -7.37 3.05
CA ASP A 24 6.63 -8.73 2.93
C ASP A 24 7.73 -9.01 3.94
N ILE A 25 7.67 -10.17 4.58
CA ILE A 25 8.67 -10.54 5.58
C ILE A 25 10.05 -10.69 4.94
N PHE A 26 10.07 -11.23 3.72
CA PHE A 26 11.32 -11.42 2.99
C PHE A 26 12.01 -10.08 2.71
N GLN A 27 11.21 -9.02 2.58
CA GLN A 27 11.74 -7.68 2.32
C GLN A 27 12.41 -7.13 3.58
N GLU A 28 11.91 -7.52 4.75
CA GLU A 28 12.46 -7.07 6.03
C GLU A 28 13.63 -7.97 6.46
N TYR A 29 13.56 -9.24 6.07
CA TYR A 29 14.61 -10.21 6.41
C TYR A 29 15.06 -10.98 5.17
N PRO A 30 16.02 -10.43 4.38
CA PRO A 30 16.50 -11.11 3.16
C PRO A 30 17.46 -12.28 3.43
N ASP A 31 17.89 -12.44 4.68
CA ASP A 31 18.81 -13.53 5.03
C ASP A 31 18.07 -14.78 5.50
N GLU A 32 16.83 -14.61 5.97
CA GLU A 32 16.04 -15.75 6.45
C GLU A 32 15.16 -16.33 5.35
N ILE A 33 15.66 -17.38 4.69
CA ILE A 33 14.92 -18.04 3.61
C ILE A 33 14.63 -19.51 3.96
N GLU A 34 15.60 -20.17 4.61
CA GLU A 34 15.46 -21.58 4.99
C GLU A 34 14.20 -21.83 5.84
N TYR A 35 13.70 -20.78 6.50
CA TYR A 35 12.50 -20.91 7.34
C TYR A 35 11.31 -20.19 6.72
N ILE A 36 10.46 -20.95 6.02
CA ILE A 36 9.28 -20.38 5.37
C ILE A 36 8.35 -19.75 6.42
N PHE A 37 7.93 -18.51 6.17
CA PHE A 37 7.04 -17.80 7.09
C PHE A 37 5.57 -17.93 6.68
N LYS A 38 4.71 -18.19 7.66
CA LYS A 38 3.28 -18.32 7.43
C LYS A 38 2.49 -17.46 8.45
N PRO A 39 1.91 -16.30 8.05
CA PRO A 39 1.92 -15.77 6.66
C PRO A 39 3.28 -15.17 6.29
N SER A 40 3.50 -15.00 4.98
CA SER A 40 4.75 -14.42 4.49
C SER A 40 4.76 -12.89 4.49
N CYS A 41 3.70 -12.26 5.02
CA CYS A 41 3.63 -10.80 5.07
C CYS A 41 2.92 -10.35 6.35
N VAL A 42 3.16 -9.11 6.77
CA VAL A 42 2.55 -8.58 8.00
C VAL A 42 1.99 -7.18 7.81
N PRO A 43 0.82 -6.86 8.42
CA PRO A 43 0.21 -5.52 8.30
C PRO A 43 0.91 -4.49 9.18
N LEU A 44 1.39 -3.42 8.56
CA LEU A 44 2.08 -2.36 9.29
C LEU A 44 1.59 -0.99 8.86
N MET A 45 1.54 -0.05 9.80
CA MET A 45 1.08 1.30 9.51
C MET A 45 2.22 2.12 8.88
N ARG A 46 2.26 2.11 7.55
CA ARG A 46 3.29 2.85 6.81
C ARG A 46 2.65 3.98 6.02
N CYS A 47 3.45 5.00 5.71
CA CYS A 47 2.96 6.15 4.97
C CYS A 47 3.13 5.97 3.46
N GLY A 48 2.17 6.49 2.70
CA GLY A 48 2.22 6.38 1.26
C GLY A 48 1.53 7.54 0.57
N GLY A 49 1.70 7.63 -0.75
CA GLY A 49 1.08 8.71 -1.52
C GLY A 49 2.10 9.53 -2.29
N CYS A 50 1.94 10.86 -2.26
CA CYS A 50 2.85 11.76 -2.96
C CYS A 50 2.94 13.11 -2.24
N CYS A 51 3.89 13.94 -2.67
CA CYS A 51 4.09 15.25 -2.05
C CYS A 51 3.43 16.37 -2.87
N ASN A 52 3.59 17.60 -2.41
CA ASN A 52 3.02 18.76 -3.08
C ASN A 52 3.85 19.17 -4.30
N ASP A 53 5.16 18.97 -4.22
CA ASP A 53 6.06 19.34 -5.31
C ASP A 53 6.86 18.14 -5.81
N GLU A 54 7.46 18.28 -6.98
CA GLU A 54 8.25 17.21 -7.58
C GLU A 54 9.58 17.02 -6.84
N GLY A 55 10.10 18.10 -6.28
CA GLY A 55 11.37 18.04 -5.57
C GLY A 55 11.24 17.59 -4.12
N LEU A 56 10.07 17.09 -3.72
CA LEU A 56 9.87 16.62 -2.34
C LEU A 56 9.78 15.10 -2.29
N GLU A 57 9.61 14.55 -1.09
CA GLU A 57 9.51 13.11 -0.93
C GLU A 57 8.73 12.74 0.34
N CYS A 58 7.81 11.80 0.20
CA CYS A 58 6.99 11.35 1.33
C CYS A 58 7.78 10.38 2.20
N VAL A 59 8.26 10.85 3.35
CA VAL A 59 9.05 10.02 4.26
C VAL A 59 8.57 10.19 5.72
N PRO A 60 8.89 9.24 6.62
CA PRO A 60 8.45 9.33 8.02
C PRO A 60 9.42 10.15 8.87
N THR A 61 8.89 10.73 9.96
CA THR A 61 9.70 11.54 10.87
C THR A 61 9.98 10.79 12.16
N GLU A 62 9.04 9.93 12.56
CA GLU A 62 9.20 9.14 13.79
C GLU A 62 8.81 7.69 13.50
N GLU A 63 9.61 6.75 14.00
CA GLU A 63 9.35 5.32 13.76
C GLU A 63 9.01 4.57 15.05
N SER A 64 8.81 3.26 14.90
CA SER A 64 8.48 2.41 16.05
C SER A 64 8.61 0.93 15.68
N ASN A 65 8.51 0.07 16.69
CA ASN A 65 8.62 -1.38 16.49
C ASN A 65 7.33 -2.09 16.91
N ILE A 66 7.08 -3.25 16.31
CA ILE A 66 5.89 -4.04 16.62
C ILE A 66 6.16 -5.53 16.45
N THR A 67 5.96 -6.30 17.53
CA THR A 67 6.18 -7.74 17.51
C THR A 67 4.97 -8.47 16.97
N MET A 68 5.20 -9.59 16.30
CA MET A 68 4.12 -10.39 15.72
C MET A 68 4.47 -11.87 15.73
N GLN A 69 3.44 -12.72 15.70
CA GLN A 69 3.65 -14.16 15.71
C GLN A 69 3.65 -14.72 14.29
N ILE A 70 4.76 -15.38 13.91
CA ILE A 70 4.89 -15.96 12.58
C ILE A 70 5.18 -17.46 12.66
N MET A 71 4.63 -18.21 11.71
CA MET A 71 4.83 -19.66 11.68
C MET A 71 6.00 -20.03 10.76
N ARG A 72 7.07 -20.54 11.35
CA ARG A 72 8.26 -20.94 10.60
C ARG A 72 8.22 -22.42 10.24
N ILE A 73 8.18 -22.72 8.95
CA ILE A 73 8.15 -24.11 8.48
C ILE A 73 9.51 -24.49 7.88
N LYS A 74 9.86 -25.77 7.97
CA LYS A 74 11.14 -26.25 7.44
C LYS A 74 10.93 -27.51 6.58
N PRO A 75 11.55 -27.60 5.37
CA PRO A 75 11.38 -28.77 4.50
C PRO A 75 11.82 -30.06 5.19
N HIS A 76 11.01 -31.11 5.03
CA HIS A 76 11.30 -32.42 5.62
C HIS A 76 11.34 -32.39 7.16
N GLN A 77 10.85 -31.30 7.77
CA GLN A 77 10.85 -31.20 9.24
C GLN A 77 9.41 -30.90 9.76
N GLY A 78 9.14 -29.70 10.32
CA GLY A 78 7.79 -29.39 10.81
C GLY A 78 7.48 -27.91 10.76
N GLN A 79 6.97 -27.37 11.86
CA GLN A 79 6.62 -25.95 11.95
C GLN A 79 6.78 -25.45 13.38
N HIS A 80 7.06 -24.16 13.53
CA HIS A 80 7.24 -23.56 14.84
C HIS A 80 6.72 -22.12 14.88
N ILE A 81 6.43 -21.64 16.08
CA ILE A 81 5.94 -20.27 16.27
C ILE A 81 7.04 -19.39 16.84
N GLY A 82 7.23 -18.21 16.25
CA GLY A 82 8.26 -17.29 16.70
C GLY A 82 7.81 -15.84 16.64
N GLU A 83 8.46 -15.00 17.44
CA GLU A 83 8.13 -13.57 17.47
C GLU A 83 9.04 -12.79 16.54
N MET A 84 8.48 -11.81 15.83
CA MET A 84 9.23 -10.99 14.91
C MET A 84 8.81 -9.53 15.00
N SER A 85 9.79 -8.65 15.21
CA SER A 85 9.53 -7.22 15.30
C SER A 85 9.70 -6.54 13.94
N PHE A 86 8.84 -5.56 13.66
CA PHE A 86 8.90 -4.83 12.40
C PHE A 86 8.82 -3.33 12.64
N LEU A 87 9.39 -2.56 11.72
CA LEU A 87 9.41 -1.09 11.85
C LEU A 87 8.16 -0.46 11.26
N GLN A 88 7.59 0.52 11.96
CA GLN A 88 6.39 1.22 11.51
C GLN A 88 6.63 2.73 11.46
N HIS A 89 5.74 3.45 10.79
CA HIS A 89 5.85 4.90 10.67
C HIS A 89 4.79 5.59 11.53
N ASN A 90 5.23 6.36 12.53
CA ASN A 90 4.31 7.06 13.42
C ASN A 90 3.92 8.42 12.85
N LYS A 91 4.92 9.21 12.48
CA LYS A 91 4.68 10.54 11.91
C LYS A 91 5.30 10.63 10.52
N CYS A 92 4.75 11.48 9.67
CA CYS A 92 5.25 11.62 8.31
C CYS A 92 5.13 13.06 7.79
N GLU A 93 6.08 13.45 6.94
CA GLU A 93 6.10 14.79 6.36
C GLU A 93 6.85 14.80 5.02
N CYS A 94 6.64 15.87 4.26
CA CYS A 94 7.29 16.02 2.96
C CYS A 94 8.56 16.89 3.06
N ARG A 95 9.67 16.37 2.56
CA ARG A 95 10.94 17.09 2.61
C ARG A 95 11.71 16.93 1.28
N PRO A 96 12.63 17.87 0.94
CA PRO A 96 13.41 17.80 -0.31
C PRO A 96 14.28 16.56 -0.40
N LYS A 97 14.39 16.00 -1.61
CA LYS A 97 15.20 14.81 -1.85
C LYS A 97 16.67 15.11 -1.61
N LYS A 98 17.49 14.06 -1.58
CA LYS A 98 18.93 14.21 -1.35
C LYS A 98 19.63 14.74 -2.60
N ASP A 99 19.13 14.36 -3.78
CA ASP A 99 19.70 14.79 -5.04
C ASP A 99 19.02 16.05 -5.56
N HIS B 1 2.87 -0.61 25.34
CA HIS B 1 3.17 -0.07 23.99
C HIS B 1 3.65 -1.16 23.05
N HIS B 2 4.77 -1.78 23.40
CA HIS B 2 5.34 -2.85 22.58
C HIS B 2 4.73 -4.19 22.95
N GLU B 3 3.65 -4.56 22.26
CA GLU B 3 2.96 -5.82 22.51
C GLU B 3 3.06 -6.76 21.31
N VAL B 4 2.75 -8.03 21.53
CA VAL B 4 2.80 -9.03 20.46
C VAL B 4 1.40 -9.25 19.87
N VAL B 5 1.31 -9.20 18.55
CA VAL B 5 0.03 -9.39 17.87
C VAL B 5 -0.35 -10.87 17.84
N LYS B 6 -1.65 -11.15 17.76
CA LYS B 6 -2.15 -12.52 17.72
C LYS B 6 -1.91 -13.15 16.35
N PHE B 7 -1.47 -14.41 16.35
CA PHE B 7 -1.20 -15.14 15.11
C PHE B 7 -2.40 -15.14 14.17
N MET B 8 -3.55 -15.59 14.67
CA MET B 8 -4.78 -15.65 13.88
C MET B 8 -5.15 -14.29 13.28
N ASP B 9 -4.71 -13.21 13.92
CA ASP B 9 -5.00 -11.85 13.44
C ASP B 9 -4.06 -11.44 12.30
N VAL B 10 -2.82 -11.90 12.38
CA VAL B 10 -1.82 -11.57 11.36
C VAL B 10 -2.19 -12.16 10.00
N TYR B 11 -2.77 -13.36 10.03
CA TYR B 11 -3.17 -14.04 8.81
C TYR B 11 -4.47 -13.49 8.24
N GLN B 12 -5.42 -13.20 9.13
CA GLN B 12 -6.72 -12.68 8.73
C GLN B 12 -6.61 -11.30 8.09
N ARG B 13 -5.75 -10.45 8.66
CA ARG B 13 -5.57 -9.09 8.16
C ARG B 13 -4.56 -9.02 7.01
N SER B 14 -3.68 -10.01 6.90
CA SER B 14 -2.66 -10.02 5.85
C SER B 14 -3.10 -10.78 4.59
N TYR B 15 -4.06 -11.69 4.73
CA TYR B 15 -4.56 -12.49 3.60
C TYR B 15 -4.99 -11.61 2.41
N CYS B 16 -4.49 -11.95 1.21
CA CYS B 16 -4.78 -11.24 -0.05
C CYS B 16 -6.24 -10.75 -0.16
N HIS B 17 -6.43 -9.44 0.00
CA HIS B 17 -7.76 -8.83 -0.08
C HIS B 17 -7.65 -7.37 -0.53
N PRO B 18 -8.76 -6.70 -0.92
CA PRO B 18 -8.73 -5.31 -1.38
C PRO B 18 -8.45 -4.34 -0.24
N ILE B 19 -7.45 -3.48 -0.42
CA ILE B 19 -7.08 -2.51 0.60
C ILE B 19 -6.77 -1.15 -0.03
N GLU B 20 -6.95 -0.08 0.74
CA GLU B 20 -6.71 1.28 0.26
C GLU B 20 -5.22 1.47 -0.05
N THR B 21 -4.91 1.78 -1.32
CA THR B 21 -3.53 1.98 -1.74
C THR B 21 -3.40 3.20 -2.65
N LEU B 22 -2.43 4.06 -2.35
CA LEU B 22 -2.19 5.26 -3.16
C LEU B 22 -1.26 4.92 -4.32
N VAL B 23 -1.73 5.15 -5.55
CA VAL B 23 -0.94 4.86 -6.74
C VAL B 23 -0.43 6.15 -7.39
N ASP B 24 0.77 6.08 -7.96
CA ASP B 24 1.37 7.23 -8.62
C ASP B 24 0.83 7.38 -10.03
N ILE B 25 0.50 8.61 -10.41
CA ILE B 25 -0.03 8.88 -11.75
C ILE B 25 1.01 8.57 -12.82
N PHE B 26 2.27 8.87 -12.52
CA PHE B 26 3.37 8.62 -13.46
C PHE B 26 3.50 7.12 -13.76
N GLN B 27 3.12 6.28 -12.80
CA GLN B 27 3.20 4.83 -12.98
C GLN B 27 2.13 4.35 -13.95
N GLU B 28 0.98 5.03 -13.95
CA GLU B 28 -0.12 4.67 -14.84
C GLU B 28 0.04 5.33 -16.21
N TYR B 29 0.64 6.52 -16.22
CA TYR B 29 0.86 7.26 -17.46
C TYR B 29 2.32 7.69 -17.60
N PRO B 30 3.20 6.79 -18.12
CA PRO B 30 4.63 7.12 -18.28
C PRO B 30 4.92 8.06 -19.47
N ASP B 31 3.94 8.23 -20.36
CA ASP B 31 4.12 9.09 -21.53
C ASP B 31 3.80 10.56 -21.24
N GLU B 32 3.02 10.82 -20.19
CA GLU B 32 2.65 12.19 -19.84
C GLU B 32 3.55 12.77 -18.75
N ILE B 33 4.58 13.52 -19.16
CA ILE B 33 5.51 14.15 -18.21
C ILE B 33 5.44 15.68 -18.32
N GLU B 34 5.27 16.19 -19.54
CA GLU B 34 5.19 17.63 -19.78
C GLU B 34 4.09 18.31 -18.96
N TYR B 35 3.09 17.54 -18.53
CA TYR B 35 1.98 18.09 -17.74
C TYR B 35 2.05 17.62 -16.29
N ILE B 36 2.63 18.43 -15.42
CA ILE B 36 2.74 18.07 -14.00
C ILE B 36 1.35 17.90 -13.38
N PHE B 37 1.15 16.77 -12.69
CA PHE B 37 -0.12 16.47 -12.06
C PHE B 37 -0.15 16.88 -10.59
N LYS B 38 -1.25 17.51 -10.18
CA LYS B 38 -1.42 17.95 -8.79
C LYS B 38 -2.80 17.51 -8.27
N PRO B 39 -2.89 16.49 -7.38
CA PRO B 39 -1.73 15.72 -6.84
C PRO B 39 -1.15 14.76 -7.86
N SER B 40 0.09 14.32 -7.60
CA SER B 40 0.77 13.39 -8.50
C SER B 40 0.40 11.92 -8.24
N CYS B 41 -0.54 11.67 -7.31
CA CYS B 41 -0.97 10.30 -7.01
C CYS B 41 -2.47 10.26 -6.73
N VAL B 42 -3.09 9.09 -6.87
CA VAL B 42 -4.53 8.95 -6.64
C VAL B 42 -4.86 7.70 -5.81
N PRO B 43 -5.84 7.79 -4.88
CA PRO B 43 -6.22 6.64 -4.05
C PRO B 43 -7.08 5.62 -4.82
N LEU B 44 -6.64 4.37 -4.81
CA LEU B 44 -7.36 3.30 -5.51
C LEU B 44 -7.40 2.04 -4.68
N MET B 45 -8.52 1.31 -4.74
CA MET B 45 -8.68 0.07 -4.00
C MET B 45 -7.99 -1.08 -4.73
N ARG B 46 -6.80 -1.43 -4.29
CA ARG B 46 -6.02 -2.51 -4.90
C ARG B 46 -5.78 -3.65 -3.91
N CYS B 47 -5.43 -4.82 -4.43
CA CYS B 47 -5.17 -5.99 -3.60
C CYS B 47 -3.71 -5.98 -3.13
N GLY B 48 -3.51 -6.30 -1.84
CA GLY B 48 -2.16 -6.33 -1.28
C GLY B 48 -2.01 -7.38 -0.21
N GLY B 49 -0.76 -7.81 0.03
CA GLY B 49 -0.49 -8.81 1.05
C GLY B 49 0.33 -9.98 0.51
N CYS B 50 -0.06 -11.19 0.88
CA CYS B 50 0.63 -12.39 0.42
C CYS B 50 -0.33 -13.57 0.33
N CYS B 51 0.15 -14.69 -0.21
CA CYS B 51 -0.68 -15.89 -0.38
C CYS B 51 -0.37 -16.94 0.69
N ASN B 52 -1.06 -18.07 0.61
CA ASN B 52 -0.88 -19.16 1.56
C ASN B 52 0.39 -19.97 1.28
N ASP B 53 0.76 -20.09 0.01
CA ASP B 53 1.94 -20.86 -0.38
C ASP B 53 2.93 -19.99 -1.15
N GLU B 54 4.15 -20.49 -1.28
CA GLU B 54 5.20 -19.77 -1.99
C GLU B 54 4.96 -19.76 -3.50
N GLY B 55 4.34 -20.82 -4.00
CA GLY B 55 4.07 -20.93 -5.43
C GLY B 55 2.80 -20.22 -5.88
N LEU B 56 2.21 -19.39 -5.02
CA LEU B 56 1.00 -18.65 -5.38
C LEU B 56 1.30 -17.17 -5.57
N GLU B 57 0.28 -16.38 -5.93
CA GLU B 57 0.46 -14.95 -6.14
C GLU B 57 -0.86 -14.20 -5.93
N CYS B 58 -0.80 -13.11 -5.16
CA CYS B 58 -1.97 -12.30 -4.88
C CYS B 58 -2.30 -11.39 -6.07
N VAL B 59 -3.33 -11.77 -6.83
CA VAL B 59 -3.74 -11.01 -8.01
C VAL B 59 -5.26 -10.83 -8.03
N PRO B 60 -5.80 -9.84 -8.80
CA PRO B 60 -7.23 -9.59 -8.86
C PRO B 60 -7.93 -10.47 -9.90
N THR B 61 -9.23 -10.69 -9.70
CA THR B 61 -10.03 -11.50 -10.63
C THR B 61 -10.97 -10.62 -11.44
N GLU B 62 -11.39 -9.50 -10.86
CA GLU B 62 -12.28 -8.56 -11.53
C GLU B 62 -11.76 -7.14 -11.34
N GLU B 63 -11.80 -6.34 -12.41
CA GLU B 63 -11.29 -4.97 -12.36
C GLU B 63 -12.40 -3.94 -12.61
N SER B 64 -12.02 -2.67 -12.63
CA SER B 64 -12.96 -1.57 -12.86
C SER B 64 -12.22 -0.25 -13.11
N ASN B 65 -12.97 0.78 -13.48
CA ASN B 65 -12.40 2.09 -13.76
C ASN B 65 -12.98 3.16 -12.84
N ILE B 66 -12.22 4.23 -12.61
CA ILE B 66 -12.67 5.33 -11.76
C ILE B 66 -12.07 6.66 -12.21
N THR B 67 -12.93 7.61 -12.56
CA THR B 67 -12.49 8.93 -13.01
C THR B 67 -12.16 9.84 -11.83
N MET B 68 -11.18 10.71 -12.02
CA MET B 68 -10.78 11.64 -10.97
C MET B 68 -10.33 12.97 -11.57
N GLN B 69 -10.38 14.03 -10.77
CA GLN B 69 -9.98 15.35 -11.22
C GLN B 69 -8.53 15.65 -10.83
N ILE B 70 -7.69 15.91 -11.83
CA ILE B 70 -6.28 16.21 -11.60
C ILE B 70 -5.91 17.58 -12.16
N MET B 71 -4.99 18.26 -11.49
CA MET B 71 -4.55 19.58 -11.91
C MET B 71 -3.27 19.49 -12.74
N ARG B 72 -3.37 19.82 -14.03
CA ARG B 72 -2.23 19.76 -14.93
C ARG B 72 -1.55 21.13 -15.04
N ILE B 73 -0.29 21.20 -14.62
CA ILE B 73 0.48 22.44 -14.68
C ILE B 73 1.54 22.35 -15.79
N LYS B 74 1.89 23.50 -16.36
CA LYS B 74 2.88 23.56 -17.43
C LYS B 74 3.90 24.68 -17.16
N PRO B 75 5.23 24.41 -17.33
CA PRO B 75 6.26 25.43 -17.09
C PRO B 75 6.07 26.68 -17.95
N HIS B 76 6.23 27.84 -17.33
CA HIS B 76 6.10 29.13 -18.03
C HIS B 76 4.69 29.37 -18.59
N GLN B 77 3.70 28.57 -18.16
CA GLN B 77 2.32 28.72 -18.65
C GLN B 77 1.32 28.85 -17.46
N GLY B 78 0.45 27.86 -17.21
CA GLY B 78 -0.49 27.96 -16.09
C GLY B 78 -0.90 26.60 -15.56
N GLN B 79 -2.19 26.42 -15.30
CA GLN B 79 -2.71 25.16 -14.77
C GLN B 79 -4.10 24.89 -15.32
N HIS B 80 -4.49 23.62 -15.38
CA HIS B 80 -5.81 23.24 -15.90
C HIS B 80 -6.35 22.01 -15.19
N ILE B 81 -7.68 21.86 -15.21
CA ILE B 81 -8.33 20.71 -14.59
C ILE B 81 -8.77 19.71 -15.64
N GLY B 82 -8.45 18.43 -15.41
CA GLY B 82 -8.82 17.39 -16.37
C GLY B 82 -9.25 16.11 -15.68
N GLU B 83 -10.02 15.30 -16.40
CA GLU B 83 -10.50 14.03 -15.85
C GLU B 83 -9.59 12.89 -16.27
N MET B 84 -9.33 11.97 -15.34
CA MET B 84 -8.46 10.82 -15.62
C MET B 84 -9.01 9.56 -14.96
N SER B 85 -9.16 8.50 -15.74
CA SER B 85 -9.67 7.23 -15.23
C SER B 85 -8.53 6.31 -14.84
N PHE B 86 -8.72 5.55 -13.76
CA PHE B 86 -7.70 4.63 -13.28
C PHE B 86 -8.32 3.25 -13.04
N LEU B 87 -7.49 2.21 -13.13
CA LEU B 87 -7.96 0.83 -12.95
C LEU B 87 -7.93 0.44 -11.47
N GLN B 88 -9.00 -0.23 -11.02
CA GLN B 88 -9.10 -0.68 -9.63
C GLN B 88 -9.35 -2.19 -9.57
N HIS B 89 -9.11 -2.78 -8.41
CA HIS B 89 -9.33 -4.21 -8.22
C HIS B 89 -10.58 -4.44 -7.37
N ASN B 90 -11.57 -5.12 -7.96
CA ASN B 90 -12.82 -5.40 -7.27
C ASN B 90 -12.71 -6.64 -6.39
N LYS B 91 -12.29 -7.74 -7.01
CA LYS B 91 -12.13 -9.01 -6.29
C LYS B 91 -10.68 -9.47 -6.34
N CYS B 92 -10.24 -10.19 -5.30
CA CYS B 92 -8.86 -10.69 -5.24
C CYS B 92 -8.83 -12.17 -4.89
N GLU B 93 -7.85 -12.88 -5.44
CA GLU B 93 -7.71 -14.32 -5.18
C GLU B 93 -6.27 -14.78 -5.44
N CYS B 94 -5.88 -15.89 -4.82
CA CYS B 94 -4.53 -16.42 -4.98
C CYS B 94 -4.51 -17.52 -6.04
N ARG B 95 -3.50 -17.49 -6.91
CA ARG B 95 -3.35 -18.50 -7.96
C ARG B 95 -1.87 -18.78 -8.26
N PRO B 96 -1.53 -19.97 -8.83
CA PRO B 96 -0.14 -20.32 -9.12
C PRO B 96 0.55 -19.35 -10.09
N LYS B 97 1.80 -19.00 -9.80
CA LYS B 97 2.57 -18.08 -10.63
C LYS B 97 2.74 -18.61 -12.04
N LYS B 98 3.11 -17.72 -12.95
CA LYS B 98 3.32 -18.08 -14.35
C LYS B 98 4.78 -18.47 -14.61
N ASP B 99 5.26 -19.48 -13.88
CA ASP B 99 6.64 -19.94 -14.01
C ASP B 99 6.85 -21.22 -13.20
N GLY C 1 -11.13 -36.25 3.50
CA GLY C 1 -11.80 -36.19 4.83
C GLY C 1 -13.07 -35.34 4.80
N GLY C 2 -13.44 -34.81 5.95
CA GLY C 2 -14.63 -33.98 6.04
C GLY C 2 -14.32 -32.49 5.99
N ASN C 3 -13.14 -32.13 6.49
CA ASN C 3 -12.71 -30.73 6.49
C ASN C 3 -12.05 -30.36 5.17
N GLU C 4 -12.62 -29.35 4.51
CA GLU C 4 -12.09 -28.89 3.23
C GLU C 4 -11.11 -27.72 3.44
N CYS C 5 -9.83 -27.97 3.15
CA CYS C 5 -8.80 -26.94 3.31
C CYS C 5 -8.18 -26.57 1.96
N ASP C 6 -8.77 -25.57 1.31
CA ASP C 6 -8.27 -25.11 0.01
C ASP C 6 -6.98 -24.30 0.19
N ILE C 7 -6.03 -24.49 -0.73
CA ILE C 7 -4.75 -23.79 -0.67
C ILE C 7 -4.93 -22.28 -0.76
N ALA C 8 -5.87 -21.84 -1.59
CA ALA C 8 -6.13 -20.41 -1.76
C ALA C 8 -7.35 -19.97 -0.94
N ARG C 9 -7.54 -20.59 0.21
CA ARG C 9 -8.65 -20.26 1.11
C ARG C 9 -8.16 -20.11 2.55
N MET C 10 -8.93 -19.39 3.36
CA MET C 10 -8.59 -19.14 4.77
C MET C 10 -8.25 -20.43 5.52
N TRP C 11 -6.96 -20.76 5.56
CA TRP C 11 -6.49 -21.95 6.26
C TRP C 11 -6.62 -21.77 7.77
N GLU C 12 -7.76 -22.17 8.32
CA GLU C 12 -8.00 -22.05 9.76
C GLU C 12 -7.00 -22.90 10.55
N TRP C 13 -7.30 -23.18 11.82
CA TRP C 13 -6.41 -23.96 12.68
C TRP C 13 -6.13 -25.35 12.09
N GLU C 14 -7.19 -26.12 11.82
CA GLU C 14 -7.05 -27.47 11.26
C GLU C 14 -6.18 -27.48 10.00
N CYS C 15 -6.40 -26.50 9.11
CA CYS C 15 -5.64 -26.42 7.87
C CYS C 15 -4.18 -26.14 8.17
N PHE C 16 -3.92 -25.35 9.23
CA PHE C 16 -2.57 -25.03 9.63
C PHE C 16 -1.83 -26.27 10.10
N GLU C 17 -2.55 -27.13 10.83
CA GLU C 17 -1.97 -28.36 11.34
C GLU C 17 -1.64 -29.34 10.22
N ARG C 18 -2.35 -29.23 9.09
CA ARG C 18 -2.13 -30.12 7.95
C ARG C 18 -1.16 -29.52 6.94
N LEU C 19 -0.28 -28.62 7.39
CA LEU C 19 0.69 -28.00 6.51
C LEU C 19 1.75 -29.00 6.08
N GLY D 1 2.13 37.85 2.31
CA GLY D 1 0.70 38.22 2.30
C GLY D 1 0.01 37.89 3.62
N GLY D 2 -1.28 37.53 3.54
CA GLY D 2 -2.03 37.20 4.73
C GLY D 2 -2.10 35.71 4.98
N ASN D 3 -2.50 34.95 3.97
CA ASN D 3 -2.61 33.50 4.09
C ASN D 3 -1.25 32.83 3.97
N GLU D 4 -0.96 31.90 4.87
CA GLU D 4 0.30 31.19 4.87
C GLU D 4 0.20 29.87 4.10
N CYS D 5 0.87 29.80 2.96
CA CYS D 5 0.84 28.60 2.12
C CYS D 5 2.20 27.89 2.13
N ASP D 6 2.31 26.86 2.97
CA ASP D 6 3.56 26.10 3.08
C ASP D 6 3.60 25.02 1.98
N ILE D 7 4.79 24.81 1.41
CA ILE D 7 4.96 23.82 0.36
C ILE D 7 4.64 22.41 0.85
N ALA D 8 4.99 22.11 2.09
CA ALA D 8 4.73 20.80 2.68
C ALA D 8 3.49 20.82 3.56
N ARG D 9 2.52 21.65 3.20
CA ARG D 9 1.27 21.78 3.96
C ARG D 9 0.06 21.76 3.03
N MET D 10 -1.10 21.39 3.57
CA MET D 10 -2.35 21.31 2.80
C MET D 10 -2.62 22.57 1.99
N TRP D 11 -2.18 22.57 0.74
CA TRP D 11 -2.40 23.69 -0.17
C TRP D 11 -3.87 23.82 -0.56
N GLU D 12 -4.63 24.57 0.22
CA GLU D 12 -6.06 24.76 -0.04
C GLU D 12 -6.29 25.43 -1.40
N TRP D 13 -7.50 25.94 -1.63
CA TRP D 13 -7.84 26.59 -2.91
C TRP D 13 -6.89 27.76 -3.23
N GLU D 14 -6.77 28.72 -2.30
CA GLU D 14 -5.91 29.89 -2.51
C GLU D 14 -4.48 29.49 -2.90
N CYS D 15 -3.88 28.57 -2.15
CA CYS D 15 -2.52 28.13 -2.42
C CYS D 15 -2.43 27.47 -3.80
N PHE D 16 -3.51 26.81 -4.22
CA PHE D 16 -3.55 26.14 -5.52
C PHE D 16 -3.45 27.18 -6.63
N GLU D 17 -4.17 28.29 -6.44
CA GLU D 17 -4.16 29.37 -7.41
C GLU D 17 -2.79 30.05 -7.50
N ARG D 18 -2.02 29.96 -6.41
CA ARG D 18 -0.68 30.59 -6.37
C ARG D 18 0.42 29.63 -6.86
N LEU D 19 0.04 28.57 -7.59
CA LEU D 19 1.02 27.62 -8.10
C LEU D 19 1.90 28.25 -9.17
#